data_9FVE
#
_entry.id   9FVE
#
_cell.length_a   223.570
_cell.length_b   153.113
_cell.length_c   210.487
_cell.angle_alpha   90.000
_cell.angle_beta   89.999
_cell.angle_gamma   90.000
#
_symmetry.space_group_name_H-M   'C 1 2 1'
#
loop_
_entity.id
_entity.type
_entity.pdbx_description
1 polymer 'Sialic acid-binding periplasmic protein SiaP'
2 polymer VHH_VcP#2
3 non-polymer 'N-acetyl-beta-neuraminic acid'
4 non-polymer GLYCEROL
#
loop_
_entity_poly.entity_id
_entity_poly.type
_entity_poly.pdbx_seq_one_letter_code
_entity_poly.pdbx_strand_id
1 'polypeptide(L)'
;GAMGATTLKMGMQASVGSVEYNSAKMLADTLEEMSQGEIKLALYPSAQLGDDRAMLQQLTLGDLDITYAEFGRMGLAIPR
AEAVMLPYVAKDFDHLRRMFESDFGQGVRDEMLQKFNWRALDTWYNGTRETTSNRPLNSIEDFKGLKLRVPNAKQNLNYA
KLSGASPTPMSFSEVYLALQTNAVDGQENPLPTIKTMKFYEVQKNLAMTHHIVNDQMVIISESTWQKLSDTDKDIIQKAV
QKVGDAHTQTVKTQEAELVSFFKSEGINVTYPDLEPFREAMQPLYKEFDSNIGQPIVSKLAAM
;
A,C,E,G,I,K,M,O,Q,U,W,Y
2 'polypeptide(L)'
;GSQVQLVESGGRLVQTGGSLRLSCAASGDTFSNYVMGWFRQAPGKEREFVAAISWTGANSYYADSVAGRFTISRDNAKNT
VALQMNSLKPEDTAIYYCAADHFHVTHRKYDYWGQGTQVTVSS
;
B,D,F,H,J,L,N,P,R,T,V,X
#
loop_
_chem_comp.id
_chem_comp.type
_chem_comp.name
_chem_comp.formula
GOL non-polymer GLYCEROL 'C3 H8 O3'
SLB D-saccharide, beta linking 'N-acetyl-beta-neuraminic acid' 'C11 H19 N O9'
#
# COMPACT_ATOMS: atom_id res chain seq x y z
N ALA A 5 72.87 52.93 -10.86
CA ALA A 5 71.82 53.78 -11.49
C ALA A 5 70.53 53.00 -11.72
N THR A 6 69.40 53.68 -11.53
CA THR A 6 68.07 53.12 -11.73
C THR A 6 67.30 54.02 -12.69
N THR A 7 66.41 53.42 -13.48
CA THR A 7 65.57 54.18 -14.41
C THR A 7 64.16 53.62 -14.47
N LEU A 8 63.19 54.44 -14.07
CA LEU A 8 61.77 54.07 -14.02
C LEU A 8 61.00 54.54 -15.26
N LYS A 9 59.98 53.75 -15.63
CA LYS A 9 59.13 54.02 -16.78
C LYS A 9 57.68 54.27 -16.36
N MET A 10 57.10 55.38 -16.83
CA MET A 10 55.72 55.76 -16.52
C MET A 10 54.90 55.89 -17.80
N GLY A 11 53.75 55.22 -17.84
CA GLY A 11 52.83 55.29 -18.97
C GLY A 11 51.52 55.98 -18.60
N MET A 12 50.88 56.58 -19.61
CA MET A 12 49.59 57.24 -19.41
C MET A 12 48.84 57.28 -20.73
N GLN A 13 47.51 57.35 -20.64
CA GLN A 13 46.70 57.55 -21.84
C GLN A 13 46.73 58.98 -22.33
N ALA A 14 46.88 59.95 -21.43
CA ALA A 14 46.83 61.35 -21.83
C ALA A 14 48.00 61.72 -22.72
N SER A 15 47.76 62.66 -23.63
CA SER A 15 48.75 63.09 -24.60
C SER A 15 49.44 64.36 -24.14
N VAL A 16 50.52 64.73 -24.83
CA VAL A 16 51.25 65.95 -24.54
C VAL A 16 50.33 67.15 -24.63
N GLY A 17 50.54 68.12 -23.76
CA GLY A 17 49.64 69.24 -23.64
C GLY A 17 48.50 69.03 -22.68
N SER A 18 48.35 67.83 -22.14
CA SER A 18 47.32 67.53 -21.16
C SER A 18 47.77 67.96 -19.77
N VAL A 19 46.80 68.14 -18.87
CA VAL A 19 47.09 68.45 -17.47
C VAL A 19 47.88 67.30 -16.82
N GLU A 20 47.60 66.07 -17.25
CA GLU A 20 48.27 64.87 -16.75
C GLU A 20 49.71 64.81 -17.19
N TYR A 21 50.01 65.14 -18.45
CA TYR A 21 51.38 64.96 -18.91
C TYR A 21 52.33 65.93 -18.24
N ASN A 22 51.93 67.19 -18.13
CA ASN A 22 52.81 68.19 -17.55
C ASN A 22 53.27 67.79 -16.16
N SER A 23 52.38 67.18 -15.38
CA SER A 23 52.75 66.75 -14.04
C SER A 23 53.74 65.59 -14.11
N ALA A 24 53.53 64.66 -15.03
CA ALA A 24 54.50 63.58 -15.19
C ALA A 24 55.81 64.11 -15.73
N LYS A 25 55.77 65.13 -16.59
CA LYS A 25 57.02 65.74 -17.03
C LYS A 25 57.75 66.33 -15.84
N MET A 26 57.02 67.01 -14.95
CA MET A 26 57.63 67.53 -13.71
C MET A 26 58.09 66.38 -12.84
N LEU A 27 57.27 65.30 -12.72
CA LEU A 27 57.63 64.25 -11.78
C LEU A 27 59.04 63.78 -12.08
N ALA A 28 59.34 63.59 -13.36
CA ALA A 28 60.66 63.13 -13.77
C ALA A 28 61.78 64.06 -13.32
N ASP A 29 61.59 65.38 -13.43
CA ASP A 29 62.65 66.32 -13.08
C ASP A 29 63.04 66.28 -11.61
N THR A 30 62.05 66.29 -10.70
CA THR A 30 62.35 66.27 -9.28
C THR A 30 63.13 65.00 -8.94
N LEU A 31 62.76 63.87 -9.52
CA LEU A 31 63.64 62.73 -9.34
C LEU A 31 64.98 62.98 -10.05
N GLU A 32 64.96 63.60 -11.22
CA GLU A 32 66.27 63.93 -11.75
C GLU A 32 67.03 64.88 -10.82
N GLU A 33 66.34 65.80 -10.12
CA GLU A 33 67.03 66.70 -9.19
C GLU A 33 67.28 66.05 -7.81
N MET A 34 66.24 65.51 -7.16
CA MET A 34 66.47 65.04 -5.79
C MET A 34 67.37 63.81 -5.75
N SER A 35 67.45 63.07 -6.83
CA SER A 35 68.35 61.95 -6.73
C SER A 35 69.78 62.29 -7.14
N GLN A 36 70.10 63.46 -7.77
CA GLN A 36 71.40 63.77 -8.53
C GLN A 36 71.70 62.73 -9.61
N GLY A 37 70.74 62.37 -10.46
CA GLY A 37 71.16 61.55 -11.59
C GLY A 37 70.72 60.09 -11.64
N GLU A 38 69.92 59.60 -10.76
CA GLU A 38 70.30 58.25 -10.38
C GLU A 38 69.06 57.35 -10.41
N ILE A 39 67.92 57.97 -10.19
CA ILE A 39 66.62 57.45 -10.59
C ILE A 39 66.08 58.57 -11.51
N LYS A 40 65.95 58.18 -12.77
CA LYS A 40 65.48 58.87 -13.93
C LYS A 40 64.19 58.14 -14.30
N LEU A 41 63.28 58.91 -14.84
CA LEU A 41 61.93 58.47 -15.14
C LEU A 41 61.67 58.76 -16.60
N ALA A 42 61.47 57.70 -17.38
CA ALA A 42 61.07 57.82 -18.77
C ALA A 42 59.55 57.83 -18.85
N LEU A 43 59.02 58.70 -19.71
CA LEU A 43 57.59 58.91 -19.86
C LEU A 43 57.11 58.38 -21.20
N TYR A 44 55.92 57.75 -21.19
CA TYR A 44 55.32 57.15 -22.39
C TYR A 44 53.86 57.55 -22.48
N PRO A 45 53.57 58.74 -23.02
CA PRO A 45 52.19 59.23 -23.08
C PRO A 45 51.44 58.73 -24.31
N SER A 46 50.21 59.21 -24.45
CA SER A 46 49.37 58.98 -25.64
C SER A 46 49.06 57.50 -25.85
N ALA A 47 49.00 56.73 -24.76
CA ALA A 47 48.51 55.35 -24.79
C ALA A 47 49.33 54.46 -25.72
N GLN A 48 50.60 54.80 -25.93
CA GLN A 48 51.44 53.98 -26.80
C GLN A 48 51.75 52.62 -26.19
N LEU A 49 51.61 52.49 -24.87
CA LEU A 49 51.76 51.22 -24.18
C LEU A 49 50.44 50.49 -23.96
N GLY A 50 49.33 51.10 -24.37
CA GLY A 50 48.01 50.56 -24.11
C GLY A 50 47.16 51.54 -23.31
N ASP A 51 45.92 51.13 -23.07
CA ASP A 51 45.03 51.92 -22.23
C ASP A 51 45.36 51.68 -20.76
N ASP A 52 44.63 52.35 -19.87
CA ASP A 52 44.93 52.24 -18.44
C ASP A 52 44.81 50.80 -17.95
N ARG A 53 43.81 50.05 -18.46
CA ARG A 53 43.66 48.66 -18.05
C ARG A 53 44.88 47.83 -18.45
N ALA A 54 45.35 48.02 -19.69
CA ALA A 54 46.52 47.27 -20.14
C ALA A 54 47.76 47.64 -19.34
N MET A 55 47.92 48.93 -19.05
CA MET A 55 49.10 49.38 -18.30
C MET A 55 49.02 48.93 -16.84
N LEU A 56 47.84 48.97 -16.24
CA LEU A 56 47.66 48.40 -14.91
C LEU A 56 48.08 46.93 -14.89
N GLN A 57 47.70 46.18 -15.93
CA GLN A 57 48.13 44.79 -16.04
C GLN A 57 49.65 44.70 -16.13
N GLN A 58 50.28 45.68 -16.77
CA GLN A 58 51.74 45.67 -16.87
C GLN A 58 52.38 45.91 -15.52
N LEU A 59 51.79 46.79 -14.70
CA LEU A 59 52.30 46.98 -13.34
C LEU A 59 52.17 45.70 -12.54
N THR A 60 51.02 45.02 -12.65
CA THR A 60 50.81 43.80 -11.87
C THR A 60 51.90 42.78 -12.15
N LEU A 61 52.34 42.68 -13.39
CA LEU A 61 53.37 41.72 -13.78
C LEU A 61 54.78 42.31 -13.71
N GLY A 62 54.92 43.57 -13.32
CA GLY A 62 56.22 44.17 -13.15
C GLY A 62 56.89 44.65 -14.42
N ASP A 63 56.12 44.86 -15.50
CA ASP A 63 56.68 45.29 -16.76
C ASP A 63 56.65 46.79 -16.96
N LEU A 64 55.88 47.52 -16.15
CA LEU A 64 55.85 48.97 -16.17
C LEU A 64 55.86 49.44 -14.72
N ASP A 65 56.48 50.59 -14.49
CA ASP A 65 56.76 51.02 -13.12
C ASP A 65 55.66 51.90 -12.55
N ILE A 66 55.20 52.90 -13.30
CA ILE A 66 54.23 53.85 -12.80
C ILE A 66 53.13 54.06 -13.85
N THR A 67 51.91 54.28 -13.37
CA THR A 67 50.81 54.66 -14.25
C THR A 67 49.75 55.41 -13.46
N TYR A 68 48.85 56.08 -14.20
CA TYR A 68 47.68 56.72 -13.60
C TYR A 68 46.53 55.72 -13.54
N ALA A 69 45.68 55.88 -12.53
CA ALA A 69 44.38 55.22 -12.56
C ALA A 69 43.42 55.93 -11.63
N GLU A 70 42.14 55.91 -11.99
CA GLU A 70 41.10 56.39 -11.09
C GLU A 70 40.84 55.33 -10.03
N PHE A 71 40.44 55.80 -8.85
CA PHE A 71 40.15 54.89 -7.74
C PHE A 71 39.02 53.94 -8.10
N GLY A 72 38.03 54.44 -8.83
CA GLY A 72 36.93 53.60 -9.30
C GLY A 72 37.30 52.62 -10.39
N ARG A 73 38.35 52.92 -11.16
CA ARG A 73 38.80 51.98 -12.17
C ARG A 73 39.28 50.68 -11.54
N MET A 74 39.56 50.69 -10.24
CA MET A 74 39.87 49.47 -9.52
C MET A 74 38.70 48.51 -9.50
N GLY A 75 37.50 48.96 -9.85
CA GLY A 75 36.40 48.03 -10.05
C GLY A 75 36.71 46.99 -11.09
N LEU A 76 37.69 47.25 -11.95
CA LEU A 76 38.16 46.23 -12.88
C LEU A 76 38.76 45.04 -12.13
N ALA A 77 39.27 45.26 -10.91
CA ALA A 77 39.94 44.23 -10.15
C ALA A 77 39.24 43.89 -8.83
N ILE A 78 38.61 44.89 -8.20
CA ILE A 78 38.01 44.74 -6.87
C ILE A 78 36.62 45.35 -7.01
N PRO A 79 35.61 44.55 -7.37
CA PRO A 79 34.36 45.13 -7.89
C PRO A 79 33.75 46.23 -7.04
N ARG A 80 33.78 46.10 -5.71
CA ARG A 80 33.16 47.12 -4.87
C ARG A 80 33.80 48.49 -5.05
N ALA A 81 35.07 48.53 -5.48
CA ALA A 81 35.75 49.79 -5.65
C ALA A 81 35.10 50.65 -6.72
N GLU A 82 34.34 50.04 -7.64
CA GLU A 82 33.67 50.81 -8.67
C GLU A 82 32.68 51.80 -8.08
N ALA A 83 32.24 51.56 -6.84
CA ALA A 83 31.23 52.40 -6.21
C ALA A 83 31.70 53.84 -6.11
N VAL A 84 33.00 54.05 -5.94
CA VAL A 84 33.52 55.41 -5.79
C VAL A 84 33.20 56.21 -7.04
N MET A 85 32.98 55.51 -8.16
CA MET A 85 32.70 56.16 -9.43
C MET A 85 31.22 56.19 -9.83
N LEU A 86 30.30 55.61 -9.07
CA LEU A 86 28.91 55.71 -9.49
C LEU A 86 28.58 57.20 -9.72
N PRO A 87 27.88 57.54 -10.80
CA PRO A 87 27.68 58.96 -11.11
C PRO A 87 27.04 59.72 -9.95
N TYR A 88 27.66 60.85 -9.60
CA TYR A 88 27.25 61.81 -8.58
C TYR A 88 27.36 61.30 -7.16
N VAL A 89 27.84 60.08 -6.95
CA VAL A 89 28.07 59.67 -5.57
C VAL A 89 29.19 60.51 -4.98
N ALA A 90 30.25 60.72 -5.73
CA ALA A 90 31.30 61.62 -5.32
C ALA A 90 30.94 63.01 -5.81
N LYS A 91 30.84 63.96 -4.90
CA LYS A 91 30.62 65.36 -5.33
C LYS A 91 31.86 66.18 -5.70
N ASP A 92 32.94 65.88 -5.05
CA ASP A 92 34.12 66.67 -5.26
C ASP A 92 35.33 65.81 -5.01
N PHE A 93 36.49 66.42 -5.21
CA PHE A 93 37.71 65.67 -5.02
C PHE A 93 37.92 65.32 -3.56
N ASP A 94 37.70 66.29 -2.67
CA ASP A 94 37.92 66.03 -1.24
C ASP A 94 37.02 64.91 -0.74
N HIS A 95 35.75 64.91 -1.16
CA HIS A 95 34.87 63.79 -0.84
C HIS A 95 35.44 62.49 -1.39
N LEU A 96 35.86 62.51 -2.66
CA LEU A 96 36.47 61.31 -3.24
C LEU A 96 37.77 60.97 -2.52
N ARG A 97 38.56 61.99 -2.16
CA ARG A 97 39.76 61.74 -1.36
C ARG A 97 39.39 61.11 -0.04
N ARG A 98 38.25 61.52 0.54
CA ARG A 98 37.80 60.92 1.79
C ARG A 98 37.39 59.47 1.60
N MET A 99 36.71 59.16 0.49
CA MET A 99 36.42 57.76 0.16
C MET A 99 37.71 56.95 0.06
N PHE A 100 38.70 57.50 -0.64
CA PHE A 100 40.02 56.90 -0.74
C PHE A 100 40.65 56.82 0.64
N GLU A 101 40.25 57.74 1.53
CA GLU A 101 40.79 57.84 2.88
C GLU A 101 39.96 57.08 3.90
N SER A 102 38.73 56.71 3.57
CA SER A 102 37.87 56.03 4.54
C SER A 102 38.38 54.61 4.81
N ASP A 103 37.76 53.96 5.79
CA ASP A 103 38.07 52.57 6.08
C ASP A 103 37.78 51.66 4.90
N PHE A 104 36.67 51.90 4.19
CA PHE A 104 36.38 51.12 2.99
C PHE A 104 37.50 51.26 1.99
N GLY A 105 37.94 52.50 1.75
CA GLY A 105 38.99 52.77 0.81
C GLY A 105 40.27 52.04 1.13
N GLN A 106 40.72 52.05 2.38
CA GLN A 106 41.97 51.36 2.65
C GLN A 106 41.82 49.88 2.46
N GLY A 107 40.61 49.36 2.65
CA GLY A 107 40.42 47.93 2.41
C GLY A 107 40.71 47.56 0.97
N VAL A 108 40.17 48.35 0.03
CA VAL A 108 40.50 48.17 -1.37
C VAL A 108 41.98 48.44 -1.61
N ARG A 109 42.51 49.53 -1.02
CA ARG A 109 43.90 49.89 -1.28
C ARG A 109 44.82 48.75 -0.86
N ASP A 110 44.50 48.07 0.24
CA ASP A 110 45.25 46.88 0.62
C ASP A 110 45.08 45.78 -0.41
N GLU A 111 43.86 45.62 -0.93
CA GLU A 111 43.59 44.58 -1.92
C GLU A 111 44.30 44.87 -3.23
N MET A 112 44.34 46.14 -3.65
CA MET A 112 45.15 46.48 -4.82
C MET A 112 46.59 46.03 -4.62
N LEU A 113 47.18 46.35 -3.47
CA LEU A 113 48.58 46.04 -3.21
C LEU A 113 48.80 44.55 -3.04
N GLN A 114 47.92 43.88 -2.30
CA GLN A 114 48.14 42.49 -1.92
C GLN A 114 47.90 41.54 -3.08
N LYS A 115 46.82 41.76 -3.82
CA LYS A 115 46.44 40.82 -4.87
C LYS A 115 46.98 41.23 -6.24
N PHE A 116 47.32 42.50 -6.43
CA PHE A 116 47.60 43.01 -7.76
C PHE A 116 48.87 43.86 -7.86
N ASN A 117 49.69 43.91 -6.80
CA ASN A 117 50.99 44.56 -6.86
C ASN A 117 50.89 46.04 -7.22
N TRP A 118 49.84 46.68 -6.74
CA TRP A 118 49.61 48.09 -6.98
C TRP A 118 49.72 48.83 -5.66
N ARG A 119 50.73 49.68 -5.54
CA ARG A 119 50.85 50.58 -4.40
C ARG A 119 50.47 51.97 -4.86
N ALA A 120 49.31 52.44 -4.42
CA ALA A 120 48.90 53.81 -4.69
C ALA A 120 49.71 54.74 -3.79
N LEU A 121 50.59 55.54 -4.41
CA LEU A 121 51.44 56.45 -3.66
C LEU A 121 50.71 57.73 -3.29
N ASP A 122 49.77 58.15 -4.13
CA ASP A 122 49.00 59.36 -3.91
C ASP A 122 47.82 59.29 -4.87
N THR A 123 46.86 60.20 -4.67
CA THR A 123 45.80 60.39 -5.65
C THR A 123 45.58 61.88 -5.87
N TRP A 124 45.44 62.25 -7.14
CA TRP A 124 45.29 63.63 -7.58
C TRP A 124 43.90 63.82 -8.20
N TYR A 125 43.51 65.10 -8.32
CA TYR A 125 42.26 65.49 -8.98
C TYR A 125 42.47 65.59 -10.50
N ASN A 126 41.56 64.99 -11.25
CA ASN A 126 41.60 65.13 -12.70
C ASN A 126 40.38 65.84 -13.26
N GLY A 127 39.42 66.22 -12.43
CA GLY A 127 38.31 67.03 -12.88
C GLY A 127 37.01 66.25 -12.88
N THR A 128 35.90 66.99 -13.02
CA THR A 128 34.56 66.41 -13.09
C THR A 128 34.10 66.43 -14.54
N ARG A 129 33.64 65.29 -15.04
CA ARG A 129 33.35 65.12 -16.47
C ARG A 129 32.07 65.85 -16.85
N GLU A 130 32.12 66.55 -17.98
CA GLU A 130 30.99 67.23 -18.58
C GLU A 130 30.72 66.62 -19.95
N THR A 131 29.61 67.01 -20.56
CA THR A 131 29.15 66.38 -21.79
C THR A 131 29.07 67.34 -22.97
N THR A 132 29.68 66.96 -24.08
CA THR A 132 29.55 67.67 -25.33
C THR A 132 28.72 66.83 -26.31
N SER A 133 28.09 67.50 -27.28
CA SER A 133 27.20 66.84 -28.24
C SER A 133 27.05 67.71 -29.49
N ASN A 134 26.35 67.16 -30.50
CA ASN A 134 26.19 67.87 -31.78
C ASN A 134 25.02 68.87 -31.84
N ARG A 135 24.08 68.87 -30.91
CA ARG A 135 23.09 69.94 -30.78
C ARG A 135 23.03 70.26 -29.31
N PRO A 136 22.55 71.42 -28.86
CA PRO A 136 22.54 71.86 -27.46
C PRO A 136 21.84 70.84 -26.56
N LEU A 137 22.31 70.71 -25.29
CA LEU A 137 21.87 69.53 -24.53
C LEU A 137 20.45 69.72 -23.96
N ASN A 138 20.05 70.87 -23.39
CA ASN A 138 18.62 71.07 -23.09
C ASN A 138 17.96 69.98 -22.24
N SER A 139 16.70 69.62 -22.51
CA SER A 139 16.06 68.64 -21.64
C SER A 139 16.77 67.30 -21.68
N ILE A 140 16.73 66.61 -20.53
CA ILE A 140 17.23 65.25 -20.47
C ILE A 140 16.51 64.41 -21.52
N GLU A 141 15.29 64.82 -21.92
CA GLU A 141 14.55 64.03 -22.91
C GLU A 141 15.24 63.97 -24.26
N ASP A 142 16.12 64.94 -24.54
CA ASP A 142 16.86 65.04 -25.80
C ASP A 142 18.08 64.13 -25.83
N PHE A 143 18.48 63.61 -24.68
CA PHE A 143 19.52 62.60 -24.70
C PHE A 143 19.00 61.33 -25.39
N LYS A 144 17.65 61.28 -25.57
CA LYS A 144 16.98 60.22 -26.32
C LYS A 144 17.70 60.20 -27.69
N GLY A 145 18.06 59.00 -28.19
CA GLY A 145 18.61 58.84 -29.54
C GLY A 145 20.00 59.37 -29.67
N LEU A 146 20.59 59.94 -28.61
CA LEU A 146 21.96 60.45 -28.79
C LEU A 146 23.01 59.32 -28.85
N LYS A 147 23.84 59.30 -29.89
CA LYS A 147 24.94 58.32 -29.96
C LYS A 147 26.17 58.86 -29.22
N LEU A 148 26.35 58.44 -27.97
CA LEU A 148 27.35 59.04 -27.10
C LEU A 148 28.57 58.12 -26.95
N ARG A 149 29.75 58.64 -27.28
CA ARG A 149 30.97 57.89 -27.05
C ARG A 149 31.25 57.80 -25.55
N VAL A 150 31.66 56.62 -25.10
CA VAL A 150 32.06 56.43 -23.71
C VAL A 150 33.38 55.66 -23.70
N PRO A 151 34.22 55.82 -22.68
CA PRO A 151 35.36 54.89 -22.54
C PRO A 151 34.87 53.48 -22.27
N ASN A 152 35.80 52.53 -22.36
CA ASN A 152 35.47 51.15 -22.03
C ASN A 152 35.35 51.01 -20.51
N ALA A 153 34.32 51.65 -19.94
CA ALA A 153 34.11 51.67 -18.50
C ALA A 153 32.62 51.57 -18.21
N LYS A 154 32.26 50.65 -17.32
CA LYS A 154 30.85 50.32 -17.12
C LYS A 154 30.05 51.51 -16.62
N GLN A 155 30.63 52.32 -15.73
CA GLN A 155 29.87 53.39 -15.11
C GLN A 155 29.71 54.60 -16.03
N ASN A 156 30.68 54.83 -16.93
CA ASN A 156 30.47 55.80 -17.98
C ASN A 156 29.39 55.33 -18.94
N LEU A 157 29.34 54.03 -19.23
CA LEU A 157 28.27 53.49 -20.06
C LEU A 157 26.90 53.77 -19.46
N ASN A 158 26.75 53.50 -18.15
CA ASN A 158 25.47 53.72 -17.50
C ASN A 158 25.06 55.18 -17.55
N TYR A 159 26.00 56.10 -17.32
CA TYR A 159 25.66 57.52 -17.37
C TYR A 159 24.94 57.85 -18.66
N ALA A 160 25.46 57.38 -19.80
CA ALA A 160 24.78 57.56 -21.08
C ALA A 160 23.44 56.83 -21.10
N LYS A 161 23.41 55.57 -20.67
CA LYS A 161 22.13 54.88 -20.73
C LYS A 161 21.04 55.61 -19.92
N LEU A 162 21.36 56.03 -18.68
CA LEU A 162 20.41 56.61 -17.73
C LEU A 162 19.99 57.96 -18.25
N SER A 163 20.74 58.42 -19.26
CA SER A 163 20.39 59.56 -20.07
C SER A 163 19.43 59.07 -21.12
N GLY A 164 19.41 57.80 -21.59
CA GLY A 164 18.44 57.35 -22.64
C GLY A 164 19.17 57.08 -23.90
N ALA A 165 20.48 57.23 -23.83
CA ALA A 165 21.13 57.36 -25.11
C ALA A 165 21.72 56.07 -25.65
N SER A 166 22.59 56.25 -26.71
CA SER A 166 23.38 55.15 -27.30
C SER A 166 24.78 55.44 -26.77
N PRO A 167 25.28 54.69 -25.77
CA PRO A 167 26.74 54.62 -25.46
C PRO A 167 27.42 53.73 -26.51
N THR A 168 28.55 54.18 -27.04
CA THR A 168 29.31 53.43 -28.06
C THR A 168 30.76 53.32 -27.55
N PRO A 169 31.21 52.20 -26.93
CA PRO A 169 32.57 52.25 -26.35
C PRO A 169 33.64 52.34 -27.43
N MET A 170 34.58 53.27 -27.22
CA MET A 170 35.69 53.49 -28.15
C MET A 170 36.84 54.18 -27.41
N SER A 171 38.06 53.91 -27.86
CA SER A 171 39.26 54.37 -27.18
C SER A 171 39.45 55.88 -27.27
N PHE A 172 40.18 56.41 -26.28
CA PHE A 172 40.34 57.86 -26.11
C PHE A 172 41.04 58.49 -27.31
N SER A 173 41.93 57.73 -27.97
CA SER A 173 42.64 58.27 -29.13
C SER A 173 41.75 58.41 -30.36
N GLU A 174 40.69 57.62 -30.45
CA GLU A 174 39.85 57.57 -31.65
C GLU A 174 38.70 58.57 -31.63
N VAL A 175 38.53 59.32 -30.54
CA VAL A 175 37.28 60.05 -30.33
C VAL A 175 37.19 61.25 -31.27
N TYR A 176 38.25 62.05 -31.37
CA TYR A 176 38.17 63.29 -32.14
C TYR A 176 37.67 63.01 -33.55
N LEU A 177 38.23 62.01 -34.22
CA LEU A 177 37.85 61.72 -35.59
C LEU A 177 36.43 61.18 -35.67
N ALA A 178 36.03 60.34 -34.71
CA ALA A 178 34.67 59.83 -34.68
C ALA A 178 33.66 60.96 -34.50
N LEU A 179 34.05 62.02 -33.78
CA LEU A 179 33.20 63.20 -33.66
C LEU A 179 33.25 64.04 -34.93
N GLN A 180 34.43 64.15 -35.54
CA GLN A 180 34.55 64.91 -36.78
C GLN A 180 33.62 64.34 -37.85
N THR A 181 33.61 63.02 -38.00
CA THR A 181 32.73 62.35 -38.95
C THR A 181 31.33 62.12 -38.39
N ASN A 182 31.06 62.55 -37.16
CA ASN A 182 29.80 62.25 -36.47
C ASN A 182 29.46 60.76 -36.54
N ALA A 183 30.47 59.90 -36.52
CA ALA A 183 30.20 58.48 -36.31
C ALA A 183 29.57 58.27 -34.94
N VAL A 184 29.86 59.16 -33.99
CA VAL A 184 29.22 59.24 -32.70
C VAL A 184 28.76 60.68 -32.51
N ASP A 185 27.67 60.87 -31.78
CA ASP A 185 27.08 62.19 -31.60
C ASP A 185 27.68 62.99 -30.45
N GLY A 186 28.22 62.33 -29.42
CA GLY A 186 28.68 63.08 -28.26
C GLY A 186 29.77 62.36 -27.51
N GLN A 187 30.35 63.08 -26.54
CA GLN A 187 31.33 62.52 -25.62
C GLN A 187 31.27 63.27 -24.29
N GLU A 188 31.98 62.73 -23.29
CA GLU A 188 31.95 63.22 -21.92
C GLU A 188 33.33 63.11 -21.29
N ASN A 189 33.82 64.20 -20.72
CA ASN A 189 35.18 64.24 -20.21
C ASN A 189 35.33 65.43 -19.27
N PRO A 190 36.44 65.52 -18.53
CA PRO A 190 36.73 66.75 -17.79
C PRO A 190 37.15 67.83 -18.77
N LEU A 191 36.92 69.10 -18.39
CA LEU A 191 37.18 70.14 -19.40
C LEU A 191 38.63 70.29 -19.83
N PRO A 192 39.60 70.21 -18.93
CA PRO A 192 40.99 70.36 -19.37
C PRO A 192 41.36 69.40 -20.49
N THR A 193 40.81 68.17 -20.46
CA THR A 193 41.00 67.26 -21.57
C THR A 193 40.18 67.67 -22.78
N ILE A 194 38.94 68.14 -22.55
CA ILE A 194 38.11 68.61 -23.65
C ILE A 194 38.80 69.76 -24.37
N LYS A 195 39.53 70.60 -23.65
CA LYS A 195 40.34 71.62 -24.31
C LYS A 195 41.55 71.00 -24.99
N THR A 196 42.34 70.24 -24.23
CA THR A 196 43.59 69.69 -24.75
C THR A 196 43.34 68.88 -26.02
N MET A 197 42.39 67.95 -25.96
CA MET A 197 42.02 67.12 -27.11
C MET A 197 41.23 67.90 -28.14
N LYS A 198 40.80 69.11 -27.79
CA LYS A 198 40.08 69.96 -28.71
C LYS A 198 38.76 69.34 -29.16
N PHE A 199 38.03 68.60 -28.31
CA PHE A 199 36.72 68.10 -28.79
C PHE A 199 35.80 69.28 -29.15
N TYR A 200 36.04 70.46 -28.55
CA TYR A 200 35.20 71.62 -28.81
C TYR A 200 35.19 72.01 -30.29
N GLU A 201 36.21 71.61 -31.06
CA GLU A 201 36.23 71.99 -32.47
C GLU A 201 35.17 71.28 -33.33
N VAL A 202 34.79 70.06 -32.96
CA VAL A 202 33.86 69.20 -33.71
C VAL A 202 32.62 68.92 -32.90
N GLN A 203 32.60 69.46 -31.65
CA GLN A 203 31.52 69.48 -30.66
C GLN A 203 31.19 70.93 -30.35
N LYS A 204 30.03 71.41 -30.77
CA LYS A 204 29.89 72.83 -30.49
C LYS A 204 29.26 73.16 -29.15
N ASN A 205 28.86 72.16 -28.34
CA ASN A 205 28.09 72.38 -27.12
C ASN A 205 28.79 71.77 -25.92
N LEU A 206 28.54 72.35 -24.75
CA LEU A 206 29.11 71.91 -23.49
C LEU A 206 27.96 71.74 -22.51
N ALA A 207 28.14 70.82 -21.57
CA ALA A 207 27.03 70.44 -20.70
C ALA A 207 27.17 70.87 -19.24
N MET A 208 28.37 70.89 -18.66
CA MET A 208 28.50 71.21 -17.24
C MET A 208 27.64 70.24 -16.43
N THR A 209 27.89 68.94 -16.66
CA THR A 209 27.10 67.91 -16.01
C THR A 209 27.80 67.23 -14.86
N HIS A 210 29.13 67.31 -14.70
CA HIS A 210 29.51 67.12 -13.33
C HIS A 210 29.05 65.79 -12.77
N HIS A 211 28.99 64.81 -13.68
CA HIS A 211 28.33 63.54 -13.41
C HIS A 211 29.25 62.52 -12.72
N ILE A 212 30.54 62.56 -13.02
CA ILE A 212 31.50 61.70 -12.35
C ILE A 212 32.71 62.55 -12.01
N VAL A 213 33.17 62.45 -10.77
CA VAL A 213 34.37 63.12 -10.33
C VAL A 213 35.53 62.16 -10.52
N ASN A 214 36.52 62.57 -11.30
CA ASN A 214 37.67 61.74 -11.57
C ASN A 214 38.77 62.11 -10.59
N ASP A 215 39.21 61.13 -9.80
CA ASP A 215 40.49 61.27 -9.14
C ASP A 215 41.50 60.70 -10.13
N GLN A 216 42.78 60.63 -9.76
CA GLN A 216 43.77 60.02 -10.66
C GLN A 216 44.88 59.52 -9.74
N MET A 217 44.83 58.23 -9.40
CA MET A 217 45.85 57.68 -8.51
C MET A 217 47.17 57.50 -9.27
N VAL A 218 48.25 57.85 -8.60
CA VAL A 218 49.59 57.51 -9.06
C VAL A 218 49.97 56.18 -8.42
N ILE A 219 50.13 55.15 -9.25
CA ILE A 219 50.39 53.79 -8.80
C ILE A 219 51.79 53.41 -9.23
N ILE A 220 52.58 52.86 -8.30
CA ILE A 220 53.85 52.23 -8.65
C ILE A 220 53.68 50.72 -8.47
N SER A 221 54.31 49.93 -9.36
CA SER A 221 54.37 48.48 -9.20
C SER A 221 55.13 48.14 -7.91
N GLU A 222 54.54 47.30 -7.05
CA GLU A 222 55.09 47.13 -5.70
C GLU A 222 56.44 46.48 -5.72
N SER A 223 56.53 45.46 -6.63
CA SER A 223 57.67 44.58 -6.84
C SER A 223 58.80 45.32 -7.42
N THR A 224 58.52 46.50 -8.06
CA THR A 224 59.59 47.46 -8.34
C THR A 224 60.07 48.12 -7.04
N TRP A 225 59.12 48.52 -6.18
CA TRP A 225 59.39 49.23 -4.92
C TRP A 225 60.30 48.44 -3.99
N GLN A 226 60.09 47.13 -3.90
CA GLN A 226 60.75 46.27 -2.92
C GLN A 226 62.21 46.00 -3.25
N LYS A 227 62.66 46.24 -4.46
CA LYS A 227 64.11 46.31 -4.66
C LYS A 227 64.66 47.71 -4.42
N LEU A 228 63.82 48.74 -4.34
CA LEU A 228 64.34 50.08 -4.18
C LEU A 228 65.04 50.19 -2.83
N SER A 229 66.06 51.04 -2.75
CA SER A 229 66.67 51.28 -1.46
C SER A 229 65.75 52.19 -0.65
N ASP A 230 65.91 52.15 0.67
CA ASP A 230 65.06 52.99 1.50
C ASP A 230 65.20 54.43 1.10
N THR A 231 66.39 54.84 0.67
CA THR A 231 66.60 56.21 0.21
C THR A 231 65.82 56.49 -1.07
N ASP A 232 65.86 55.57 -2.04
CA ASP A 232 65.05 55.71 -3.24
C ASP A 232 63.57 55.71 -2.89
N LYS A 233 63.16 54.78 -2.04
CA LYS A 233 61.78 54.76 -1.61
C LYS A 233 61.37 56.11 -1.03
N ASP A 234 62.22 56.69 -0.19
CA ASP A 234 61.88 57.99 0.36
C ASP A 234 61.80 59.02 -0.75
N ILE A 235 62.86 59.14 -1.55
CA ILE A 235 62.90 60.18 -2.58
C ILE A 235 61.68 60.08 -3.50
N ILE A 236 61.36 58.86 -3.92
CA ILE A 236 60.30 58.67 -4.89
C ILE A 236 58.96 59.19 -4.34
N GLN A 237 58.65 58.93 -3.08
CA GLN A 237 57.33 59.42 -2.72
C GLN A 237 57.37 60.93 -2.96
N LYS A 238 58.30 61.56 -2.27
CA LYS A 238 58.51 62.99 -2.05
C LYS A 238 58.48 63.74 -3.39
N ALA A 239 58.87 63.14 -4.49
CA ALA A 239 58.36 63.67 -5.74
C ALA A 239 56.86 63.61 -5.67
N VAL A 240 56.29 62.40 -5.60
CA VAL A 240 54.90 62.24 -6.04
C VAL A 240 53.96 63.15 -5.25
N GLN A 241 54.10 63.20 -3.92
CA GLN A 241 53.27 64.13 -3.16
C GLN A 241 53.62 65.56 -3.55
N LYS A 242 54.91 65.81 -3.81
CA LYS A 242 55.37 67.12 -4.26
C LYS A 242 54.82 67.45 -5.63
N VAL A 243 54.91 66.49 -6.55
CA VAL A 243 54.49 66.71 -7.92
C VAL A 243 52.95 66.78 -8.04
N GLY A 244 52.26 65.96 -7.24
CA GLY A 244 50.81 65.88 -7.29
C GLY A 244 50.12 67.08 -6.71
N ASP A 245 50.64 67.59 -5.58
CA ASP A 245 50.08 68.81 -5.03
C ASP A 245 50.04 69.88 -6.10
N ALA A 246 51.11 69.95 -6.92
CA ALA A 246 51.12 70.86 -8.05
C ALA A 246 50.05 70.48 -9.08
N HIS A 247 50.02 69.21 -9.48
CA HIS A 247 49.00 68.79 -10.46
C HIS A 247 47.63 69.12 -9.94
N THR A 248 47.34 68.73 -8.69
CA THR A 248 46.00 68.93 -8.17
C THR A 248 45.60 70.38 -8.39
N GLN A 249 46.50 71.29 -7.99
CA GLN A 249 46.25 72.73 -8.05
C GLN A 249 46.11 73.20 -9.47
N THR A 250 46.95 72.65 -10.35
CA THR A 250 47.00 73.07 -11.74
C THR A 250 45.61 72.98 -12.35
N VAL A 251 44.89 71.93 -11.99
CA VAL A 251 43.59 71.56 -12.58
C VAL A 251 42.42 72.53 -12.22
N LYS A 252 42.35 72.93 -10.93
CA LYS A 252 41.54 73.97 -10.25
C LYS A 252 41.78 75.34 -10.90
N THR A 253 43.05 75.62 -11.20
CA THR A 253 43.38 76.87 -11.87
C THR A 253 42.69 76.89 -13.22
N GLN A 254 42.85 75.81 -13.99
CA GLN A 254 42.23 75.74 -15.30
C GLN A 254 40.71 75.74 -15.23
N GLU A 255 40.11 74.86 -14.41
CA GLU A 255 38.65 74.83 -14.36
C GLU A 255 38.07 76.19 -14.00
N ALA A 256 38.85 77.02 -13.30
CA ALA A 256 38.38 78.36 -12.98
C ALA A 256 38.40 79.25 -14.21
N GLU A 257 39.36 79.04 -15.11
CA GLU A 257 39.43 79.82 -16.34
C GLU A 257 38.77 79.12 -17.52
N LEU A 258 38.74 77.78 -17.53
CA LEU A 258 38.42 77.07 -18.75
C LEU A 258 36.99 77.34 -19.17
N VAL A 259 36.18 77.82 -18.24
CA VAL A 259 34.87 78.26 -18.67
C VAL A 259 35.03 79.37 -19.71
N SER A 260 35.99 80.29 -19.55
CA SER A 260 36.11 81.36 -20.55
C SER A 260 36.47 80.72 -21.92
N PHE A 261 37.43 79.77 -21.91
CA PHE A 261 38.12 79.40 -23.16
C PHE A 261 37.16 78.93 -24.21
N PHE A 262 36.31 77.98 -23.84
CA PHE A 262 35.24 77.57 -24.72
C PHE A 262 34.31 78.76 -24.99
N LYS A 263 34.09 79.63 -23.98
CA LYS A 263 33.16 80.74 -24.17
C LYS A 263 33.60 81.69 -25.30
N SER A 264 34.83 82.19 -25.21
CA SER A 264 35.39 83.07 -26.23
C SER A 264 35.60 82.33 -27.54
N GLU A 265 34.88 81.24 -27.81
CA GLU A 265 34.82 80.53 -29.08
C GLU A 265 33.34 80.23 -29.27
N GLY A 266 32.99 79.71 -30.41
CA GLY A 266 31.59 79.46 -30.67
C GLY A 266 30.88 78.33 -29.93
N ILE A 267 31.44 77.83 -28.80
CA ILE A 267 30.71 76.80 -28.04
C ILE A 267 29.56 77.39 -27.28
N ASN A 268 28.43 76.67 -27.27
CA ASN A 268 27.31 76.93 -26.36
C ASN A 268 27.50 76.21 -25.02
N VAL A 269 27.43 76.96 -23.91
CA VAL A 269 27.60 76.40 -22.57
C VAL A 269 26.21 76.35 -21.93
N THR A 270 25.80 75.15 -21.55
CA THR A 270 24.48 74.88 -20.99
C THR A 270 24.62 74.40 -19.55
N TYR A 271 23.96 75.09 -18.62
CA TYR A 271 23.89 74.61 -17.24
C TYR A 271 22.59 73.88 -16.92
N PRO A 272 22.37 72.67 -17.46
CA PRO A 272 21.11 71.96 -17.20
C PRO A 272 20.92 71.60 -15.73
N ASP A 273 19.68 71.27 -15.36
CA ASP A 273 19.34 70.85 -14.00
C ASP A 273 20.00 69.52 -13.63
N LEU A 274 20.61 69.47 -12.43
CA LEU A 274 21.46 68.34 -12.05
C LEU A 274 20.69 67.20 -11.36
N GLU A 275 19.51 67.46 -10.79
CA GLU A 275 18.74 66.36 -10.19
C GLU A 275 18.28 65.37 -11.24
N PRO A 276 17.73 65.80 -12.37
CA PRO A 276 17.32 64.85 -13.40
C PRO A 276 18.37 63.80 -13.68
N PHE A 277 19.64 64.13 -13.49
CA PHE A 277 20.63 63.05 -13.45
C PHE A 277 20.63 62.39 -12.08
N ARG A 278 20.75 63.17 -11.00
CA ARG A 278 20.83 62.62 -9.65
C ARG A 278 19.73 61.58 -9.48
N GLU A 279 18.59 61.85 -10.13
CA GLU A 279 17.40 61.00 -10.26
C GLU A 279 17.60 59.73 -11.07
N ALA A 280 18.38 59.75 -12.16
CA ALA A 280 18.48 58.53 -12.97
C ALA A 280 19.38 57.46 -12.36
N MET A 281 20.42 57.81 -11.59
CA MET A 281 21.33 56.78 -11.10
C MET A 281 20.93 56.12 -9.78
N GLN A 282 19.99 56.67 -9.03
CA GLN A 282 19.65 56.09 -7.73
C GLN A 282 19.18 54.63 -7.79
N PRO A 283 18.34 54.21 -8.75
CA PRO A 283 18.06 52.76 -8.83
C PRO A 283 19.31 51.96 -9.14
N LEU A 284 20.27 52.58 -9.85
CA LEU A 284 21.52 51.91 -10.13
C LEU A 284 22.31 51.67 -8.84
N TYR A 285 22.27 52.63 -7.92
CA TYR A 285 22.98 52.46 -6.67
C TYR A 285 22.54 51.17 -5.96
N LYS A 286 21.24 50.87 -5.94
CA LYS A 286 20.75 49.78 -5.08
C LYS A 286 21.26 48.47 -5.63
N GLU A 287 21.07 48.35 -6.95
CA GLU A 287 21.42 47.17 -7.70
C GLU A 287 22.88 46.86 -7.46
N PHE A 288 23.70 47.90 -7.45
CA PHE A 288 25.10 47.71 -7.17
C PHE A 288 25.28 47.13 -5.79
N ASP A 289 24.63 47.73 -4.78
CA ASP A 289 24.69 47.20 -3.43
C ASP A 289 24.34 45.71 -3.42
N SER A 290 23.27 45.35 -4.15
CA SER A 290 22.80 43.97 -4.13
C SER A 290 23.80 43.01 -4.75
N ASN A 291 24.45 43.38 -5.86
CA ASN A 291 25.39 42.46 -6.48
C ASN A 291 26.65 42.34 -5.65
N ILE A 292 27.10 43.45 -5.08
CA ILE A 292 28.27 43.46 -4.22
C ILE A 292 27.93 42.83 -2.88
N GLY A 293 26.65 42.75 -2.55
CA GLY A 293 26.20 42.23 -1.27
C GLY A 293 26.05 43.25 -0.16
N GLN A 294 27.15 43.67 0.43
CA GLN A 294 27.05 44.68 1.49
C GLN A 294 26.60 46.02 0.90
N PRO A 295 25.60 46.68 1.49
CA PRO A 295 25.25 48.03 1.01
C PRO A 295 26.43 48.97 1.20
N ILE A 296 26.69 49.83 0.22
CA ILE A 296 27.86 50.68 0.26
C ILE A 296 27.62 52.08 -0.33
N VAL A 297 26.73 52.16 -1.32
CA VAL A 297 26.52 53.45 -1.99
C VAL A 297 25.98 54.46 -0.98
N SER A 298 24.97 54.07 -0.20
CA SER A 298 24.42 54.98 0.80
C SER A 298 25.49 55.35 1.80
N LYS A 299 26.35 54.39 2.16
CA LYS A 299 27.51 54.66 3.00
C LYS A 299 28.44 55.67 2.33
N LEU A 300 28.75 55.44 1.06
CA LEU A 300 29.71 56.30 0.35
C LEU A 300 29.20 57.74 0.24
N ALA A 301 27.94 57.92 -0.13
CA ALA A 301 27.44 59.28 -0.32
C ALA A 301 27.58 60.12 0.95
N ALA A 302 27.51 59.48 2.12
CA ALA A 302 27.55 60.19 3.39
C ALA A 302 28.96 60.39 3.95
N MET A 303 29.98 59.81 3.34
CA MET A 303 31.32 59.88 3.90
C MET A 303 31.89 61.30 3.85
N SER B 2 29.96 39.54 -8.69
CA SER B 2 29.47 38.18 -8.49
C SER B 2 30.55 37.13 -8.72
N GLN B 3 30.19 35.87 -8.50
CA GLN B 3 31.10 34.75 -8.67
C GLN B 3 30.99 34.17 -10.06
N VAL B 4 32.05 33.53 -10.52
CA VAL B 4 32.11 32.90 -11.83
C VAL B 4 32.26 31.39 -11.67
N GLN B 5 31.50 30.63 -12.45
CA GLN B 5 31.56 29.17 -12.44
C GLN B 5 32.22 28.68 -13.73
N LEU B 6 33.13 27.70 -13.60
CA LEU B 6 33.90 27.19 -14.73
C LEU B 6 33.77 25.67 -14.84
N VAL B 7 33.61 25.18 -16.07
CA VAL B 7 33.47 23.75 -16.35
C VAL B 7 34.30 23.38 -17.56
N GLU B 8 35.30 22.52 -17.36
CA GLU B 8 36.14 22.05 -18.46
C GLU B 8 35.57 20.79 -19.11
N SER B 9 35.89 20.62 -20.40
CA SER B 9 35.67 19.37 -21.11
C SER B 9 36.84 19.17 -22.07
N GLY B 10 36.94 17.97 -22.63
CA GLY B 10 37.93 17.66 -23.65
C GLY B 10 38.87 16.53 -23.30
N GLY B 11 38.96 16.16 -22.02
CA GLY B 11 39.96 15.23 -21.55
C GLY B 11 39.92 13.89 -22.23
N ARG B 12 41.07 13.39 -22.69
CA ARG B 12 41.07 12.18 -23.51
C ARG B 12 42.40 11.47 -23.40
N LEU B 13 42.43 10.24 -23.90
CA LEU B 13 43.68 9.54 -24.17
C LEU B 13 44.12 9.88 -25.59
N VAL B 14 45.30 10.43 -25.72
CA VAL B 14 45.89 10.72 -27.01
C VAL B 14 47.31 10.18 -26.93
N GLN B 15 47.91 10.06 -28.12
CA GLN B 15 49.26 9.55 -28.35
C GLN B 15 50.29 10.67 -28.53
N THR B 16 51.55 10.27 -28.42
CA THR B 16 52.69 11.15 -28.69
C THR B 16 52.61 11.79 -30.08
N GLY B 17 52.91 13.09 -30.15
CA GLY B 17 52.75 13.84 -31.38
C GLY B 17 51.34 14.25 -31.71
N GLY B 18 50.37 13.78 -30.94
CA GLY B 18 48.98 14.10 -31.19
C GLY B 18 48.60 15.50 -30.75
N SER B 19 47.39 15.88 -31.16
CA SER B 19 46.79 17.16 -30.85
C SER B 19 45.45 16.94 -30.18
N LEU B 20 45.11 17.80 -29.22
CA LEU B 20 43.87 17.67 -28.46
C LEU B 20 43.29 19.05 -28.17
N ARG B 21 41.95 19.14 -28.23
CA ARG B 21 41.27 20.41 -27.97
C ARG B 21 40.53 20.36 -26.64
N LEU B 22 40.95 21.20 -25.70
CA LEU B 22 40.20 21.42 -24.47
C LEU B 22 39.33 22.66 -24.57
N SER B 23 38.18 22.62 -23.90
CA SER B 23 37.26 23.75 -23.83
C SER B 23 36.76 23.88 -22.40
N CYS B 24 36.47 25.12 -22.00
CA CYS B 24 35.97 25.45 -20.68
C CYS B 24 34.79 26.40 -20.84
N ALA B 25 33.64 26.03 -20.26
CA ALA B 25 32.44 26.83 -20.34
C ALA B 25 32.23 27.60 -19.05
N ALA B 26 32.05 28.91 -19.16
CA ALA B 26 31.94 29.78 -17.99
C ALA B 26 30.57 30.44 -17.92
N SER B 27 30.05 30.56 -16.70
CA SER B 27 28.81 31.25 -16.43
C SER B 27 28.96 32.04 -15.13
N GLY B 28 27.96 32.89 -14.85
CA GLY B 28 27.92 33.68 -13.65
C GLY B 28 28.21 35.15 -13.88
N ASP B 29 29.40 35.62 -13.53
CA ASP B 29 29.67 37.04 -13.72
C ASP B 29 30.11 37.25 -15.16
N THR B 30 30.22 38.51 -15.57
CA THR B 30 30.40 38.78 -16.99
C THR B 30 31.75 38.26 -17.45
N PHE B 31 31.71 37.39 -18.46
CA PHE B 31 32.88 36.61 -18.86
C PHE B 31 34.03 37.52 -19.30
N SER B 32 33.72 38.63 -19.96
CA SER B 32 34.76 39.54 -20.44
C SER B 32 35.40 40.36 -19.32
N ASN B 33 34.93 40.25 -18.07
CA ASN B 33 35.61 40.92 -16.97
C ASN B 33 36.84 40.17 -16.51
N TYR B 34 37.07 38.96 -17.00
CA TYR B 34 38.07 38.06 -16.44
C TYR B 34 39.10 37.64 -17.47
N VAL B 35 40.35 37.61 -17.04
CA VAL B 35 41.40 36.90 -17.77
C VAL B 35 41.23 35.41 -17.52
N MET B 36 41.29 34.62 -18.58
CA MET B 36 41.11 33.18 -18.53
C MET B 36 42.46 32.49 -18.63
N GLY B 37 42.66 31.47 -17.80
CA GLY B 37 43.92 30.77 -17.76
C GLY B 37 43.71 29.27 -17.81
N TRP B 38 44.76 28.57 -18.26
CA TRP B 38 44.81 27.11 -18.20
C TRP B 38 45.99 26.72 -17.32
N PHE B 39 45.74 25.82 -16.38
CA PHE B 39 46.76 25.29 -15.49
C PHE B 39 46.68 23.77 -15.54
N ARG B 40 47.80 23.13 -15.24
CA ARG B 40 47.87 21.68 -15.24
C ARG B 40 48.71 21.21 -14.07
N GLN B 41 48.40 20.01 -13.58
CA GLN B 41 49.17 19.38 -12.52
C GLN B 41 49.42 17.93 -12.93
N ALA B 42 50.69 17.54 -13.02
CA ALA B 42 50.98 16.12 -13.15
C ALA B 42 51.33 15.51 -11.79
N PRO B 43 51.11 14.20 -11.65
CA PRO B 43 51.39 13.54 -10.36
C PRO B 43 52.85 13.63 -10.02
N GLY B 44 53.12 14.17 -8.85
CA GLY B 44 54.49 14.48 -8.48
C GLY B 44 54.82 15.95 -8.45
N LYS B 45 54.04 16.79 -9.10
CA LYS B 45 54.35 18.20 -9.21
C LYS B 45 53.21 19.07 -8.80
N GLU B 46 53.60 20.31 -8.47
CA GLU B 46 52.78 21.49 -8.21
C GLU B 46 52.05 21.98 -9.48
N ARG B 47 50.92 22.61 -9.25
CA ARG B 47 50.11 23.05 -10.37
C ARG B 47 50.93 24.03 -11.20
N GLU B 48 51.03 23.74 -12.48
CA GLU B 48 51.82 24.48 -13.44
C GLU B 48 50.96 25.38 -14.33
N PHE B 49 51.41 26.62 -14.49
CA PHE B 49 50.80 27.53 -15.44
C PHE B 49 51.06 27.05 -16.87
N VAL B 50 50.02 27.11 -17.70
CA VAL B 50 50.11 26.74 -19.11
C VAL B 50 49.94 27.96 -20.00
N ALA B 51 48.80 28.64 -19.92
CA ALA B 51 48.52 29.77 -20.79
C ALA B 51 47.46 30.67 -20.15
N ALA B 52 47.44 31.92 -20.61
CA ALA B 52 46.44 32.89 -20.20
C ALA B 52 46.14 33.81 -21.37
N ILE B 53 44.95 34.39 -21.36
CA ILE B 53 44.45 35.22 -22.46
C ILE B 53 43.70 36.42 -21.90
N SER B 54 43.91 37.58 -22.51
CA SER B 54 43.31 38.81 -22.03
C SER B 54 41.81 38.85 -22.31
N TRP B 55 41.14 39.84 -21.73
CA TRP B 55 39.68 39.95 -21.83
C TRP B 55 39.23 39.90 -23.28
N THR B 56 39.90 40.63 -24.15
CA THR B 56 39.53 40.75 -25.55
C THR B 56 40.32 39.79 -26.44
N GLY B 57 41.26 39.04 -25.87
CA GLY B 57 42.13 38.18 -26.64
C GLY B 57 43.36 38.82 -27.19
N ALA B 58 43.64 40.09 -26.87
CA ALA B 58 44.76 40.79 -27.48
C ALA B 58 46.08 40.29 -26.91
N ASN B 59 46.14 40.07 -25.60
CA ASN B 59 47.32 39.52 -24.95
C ASN B 59 47.17 38.02 -24.76
N SER B 60 48.26 37.29 -24.98
CA SER B 60 48.34 35.88 -24.65
C SER B 60 49.64 35.64 -23.90
N TYR B 61 49.57 34.75 -22.90
CA TYR B 61 50.71 34.41 -22.06
C TYR B 61 50.90 32.90 -22.12
N TYR B 62 52.16 32.46 -22.16
CA TYR B 62 52.44 31.04 -22.29
C TYR B 62 53.63 30.64 -21.43
N ALA B 63 53.59 29.39 -20.95
CA ALA B 63 54.75 28.78 -20.33
C ALA B 63 55.76 28.40 -21.42
N ASP B 64 57.04 28.47 -21.07
CA ASP B 64 58.08 28.08 -22.02
C ASP B 64 57.95 26.62 -22.43
N SER B 65 57.42 25.78 -21.54
CA SER B 65 57.29 24.36 -21.86
C SER B 65 56.32 24.12 -23.01
N VAL B 66 55.41 25.06 -23.28
CA VAL B 66 54.38 24.83 -24.29
C VAL B 66 54.30 25.97 -25.31
N ALA B 67 55.25 26.91 -25.25
CA ALA B 67 55.08 28.17 -25.96
C ALA B 67 54.82 27.98 -27.45
N GLY B 68 55.46 27.00 -28.08
CA GLY B 68 55.30 26.82 -29.51
C GLY B 68 54.20 25.86 -29.87
N ARG B 69 53.82 25.00 -28.91
CA ARG B 69 52.91 23.90 -29.15
C ARG B 69 51.45 24.23 -28.84
N PHE B 70 51.19 24.95 -27.75
CA PHE B 70 49.82 25.20 -27.34
C PHE B 70 49.38 26.59 -27.77
N THR B 71 48.07 26.72 -28.03
CA THR B 71 47.46 28.00 -28.37
C THR B 71 46.19 28.17 -27.56
N ILE B 72 46.06 29.30 -26.89
CA ILE B 72 44.88 29.64 -26.11
C ILE B 72 44.03 30.64 -26.87
N SER B 73 42.70 30.50 -26.74
CA SER B 73 41.76 31.40 -27.39
C SER B 73 40.50 31.47 -26.53
N ARG B 74 39.69 32.50 -26.77
CA ARG B 74 38.44 32.67 -26.03
C ARG B 74 37.34 33.11 -26.99
N ASP B 75 36.11 32.87 -26.56
CA ASP B 75 34.91 33.29 -27.29
C ASP B 75 33.99 34.02 -26.31
N ASN B 76 33.95 35.34 -26.41
CA ASN B 76 33.11 36.12 -25.49
C ASN B 76 31.65 36.10 -25.89
N ALA B 77 31.31 35.58 -27.06
CA ALA B 77 29.91 35.38 -27.40
C ALA B 77 29.41 34.11 -26.77
N LYS B 78 30.17 33.02 -26.94
CA LYS B 78 29.75 31.78 -26.31
C LYS B 78 30.23 31.60 -24.90
N ASN B 79 31.05 32.53 -24.39
CA ASN B 79 31.58 32.50 -23.02
C ASN B 79 32.39 31.24 -22.77
N THR B 80 33.36 31.00 -23.65
CA THR B 80 34.25 29.85 -23.52
C THR B 80 35.71 30.28 -23.70
N VAL B 81 36.61 29.50 -23.10
CA VAL B 81 38.04 29.62 -23.35
C VAL B 81 38.52 28.26 -23.80
N ALA B 82 39.43 28.21 -24.76
CA ALA B 82 39.91 26.96 -25.32
C ALA B 82 41.43 26.90 -25.30
N LEU B 83 41.94 25.67 -25.19
CA LEU B 83 43.38 25.39 -25.28
C LEU B 83 43.61 24.33 -26.34
N GLN B 84 44.14 24.75 -27.49
CA GLN B 84 44.56 23.83 -28.54
C GLN B 84 45.96 23.32 -28.23
N MET B 85 46.09 22.01 -28.04
CA MET B 85 47.37 21.38 -27.73
C MET B 85 47.84 20.57 -28.93
N ASN B 86 49.06 20.81 -29.38
CA ASN B 86 49.67 20.07 -30.48
C ASN B 86 50.97 19.43 -30.02
N SER B 87 51.40 18.43 -30.78
CA SER B 87 52.66 17.73 -30.50
C SER B 87 52.72 17.28 -29.04
N LEU B 88 51.66 16.59 -28.60
CA LEU B 88 51.56 16.17 -27.21
C LEU B 88 52.63 15.12 -26.92
N LYS B 89 53.13 15.14 -25.70
CA LYS B 89 54.15 14.22 -25.24
C LYS B 89 53.65 13.55 -23.96
N PRO B 90 54.22 12.41 -23.56
CA PRO B 90 53.87 11.84 -22.24
C PRO B 90 54.10 12.81 -21.10
N GLU B 91 55.08 13.71 -21.25
CA GLU B 91 55.35 14.71 -20.23
C GLU B 91 54.20 15.70 -20.08
N ASP B 92 53.31 15.79 -21.05
CA ASP B 92 52.14 16.65 -20.94
C ASP B 92 50.99 16.00 -20.18
N THR B 93 51.16 14.76 -19.75
CA THR B 93 50.12 14.07 -19.00
C THR B 93 49.83 14.78 -17.69
N ALA B 94 48.59 15.22 -17.52
CA ALA B 94 48.19 15.93 -16.31
C ALA B 94 46.67 16.09 -16.33
N ILE B 95 46.14 16.48 -15.18
CA ILE B 95 44.78 17.02 -15.09
C ILE B 95 44.88 18.51 -15.37
N TYR B 96 44.13 18.99 -16.36
CA TYR B 96 44.21 20.38 -16.81
C TYR B 96 43.06 21.18 -16.25
N TYR B 97 43.37 22.34 -15.67
CA TYR B 97 42.40 23.18 -14.99
C TYR B 97 42.15 24.47 -15.75
N CYS B 98 40.87 24.81 -15.91
CA CYS B 98 40.45 26.15 -16.33
C CYS B 98 40.38 27.06 -15.12
N ALA B 99 40.89 28.28 -15.26
CA ALA B 99 40.93 29.20 -14.14
C ALA B 99 40.60 30.62 -14.62
N ALA B 100 40.03 31.40 -13.72
CA ALA B 100 39.64 32.78 -14.00
C ALA B 100 40.15 33.73 -12.92
N ASP B 101 40.56 34.92 -13.36
CA ASP B 101 40.90 36.01 -12.47
C ASP B 101 40.67 37.32 -13.24
N HIS B 102 40.61 38.43 -12.50
CA HIS B 102 40.32 39.70 -13.16
C HIS B 102 41.42 40.10 -14.15
N PHE B 103 42.68 39.82 -13.85
CA PHE B 103 43.76 39.90 -14.84
C PHE B 103 44.82 38.86 -14.44
N HIS B 104 45.74 38.62 -15.37
CA HIS B 104 46.83 37.67 -15.14
C HIS B 104 47.73 38.07 -13.98
N VAL B 105 48.01 37.09 -13.12
CA VAL B 105 48.87 37.25 -11.96
C VAL B 105 49.80 36.03 -11.92
N THR B 106 51.04 36.25 -11.45
CA THR B 106 51.99 35.18 -11.29
C THR B 106 52.49 35.04 -9.86
N HIS B 107 52.38 36.11 -9.06
CA HIS B 107 52.86 36.05 -7.69
C HIS B 107 51.84 35.44 -6.76
N ARG B 108 50.64 35.23 -7.22
CA ARG B 108 49.62 34.75 -6.30
C ARG B 108 48.74 33.77 -7.04
N LYS B 109 47.79 33.12 -6.39
CA LYS B 109 47.04 32.13 -7.18
C LYS B 109 45.68 32.65 -7.70
N TYR B 110 45.28 32.05 -8.82
CA TYR B 110 44.08 32.49 -9.47
C TYR B 110 42.90 32.35 -8.53
N ASP B 111 41.96 33.27 -8.74
CA ASP B 111 40.82 33.40 -7.86
C ASP B 111 39.83 32.26 -8.02
N TYR B 112 39.45 31.94 -9.26
CA TYR B 112 38.36 31.02 -9.52
C TYR B 112 38.87 29.87 -10.34
N TRP B 113 38.26 28.72 -10.17
CA TRP B 113 38.89 27.55 -10.72
C TRP B 113 37.89 26.59 -11.31
N GLY B 114 38.36 25.94 -12.35
CA GLY B 114 37.71 24.77 -12.83
C GLY B 114 38.10 23.63 -11.92
N GLN B 115 37.66 22.47 -12.36
CA GLN B 115 37.37 21.20 -11.69
C GLN B 115 37.77 20.02 -12.57
N GLY B 116 38.57 20.31 -13.58
CA GLY B 116 39.60 19.45 -14.10
C GLY B 116 39.11 18.53 -15.18
N THR B 117 39.97 18.38 -16.19
CA THR B 117 39.81 17.45 -17.27
C THR B 117 41.15 16.76 -17.47
N GLN B 118 41.16 15.44 -17.45
CA GLN B 118 42.38 14.66 -17.44
C GLN B 118 42.84 14.38 -18.87
N VAL B 119 44.10 14.70 -19.15
CA VAL B 119 44.72 14.39 -20.43
C VAL B 119 45.79 13.34 -20.19
N THR B 120 45.68 12.23 -20.92
CA THR B 120 46.65 11.14 -20.86
C THR B 120 47.30 11.05 -22.24
N VAL B 121 48.62 11.22 -22.30
CA VAL B 121 49.37 11.14 -23.54
C VAL B 121 50.22 9.88 -23.52
N SER B 122 49.95 8.97 -24.45
CA SER B 122 50.66 7.70 -24.54
C SER B 122 51.64 7.69 -25.69
N SER B 123 52.85 7.20 -25.43
CA SER B 123 53.87 7.04 -26.47
C SER B 123 53.52 5.76 -27.22
N ALA C 5 33.64 -7.65 38.86
CA ALA C 5 34.02 -6.49 38.01
C ALA C 5 34.87 -6.92 36.81
N THR C 6 35.11 -5.97 35.91
CA THR C 6 35.93 -6.17 34.72
C THR C 6 37.04 -5.13 34.77
N THR C 7 38.29 -5.59 34.68
CA THR C 7 39.45 -4.71 34.70
C THR C 7 40.17 -4.74 33.35
N LEU C 8 40.19 -3.61 32.67
CA LEU C 8 40.87 -3.48 31.40
C LEU C 8 42.27 -2.93 31.63
N LYS C 9 43.21 -3.38 30.81
CA LYS C 9 44.61 -3.01 30.92
C LYS C 9 45.00 -2.13 29.73
N MET C 10 45.58 -0.96 30.03
CA MET C 10 45.97 0.00 29.00
C MET C 10 47.48 0.23 29.05
N GLY C 11 48.12 0.07 27.89
CA GLY C 11 49.54 0.34 27.75
C GLY C 11 49.79 1.55 26.88
N MET C 12 50.90 2.24 27.13
CA MET C 12 51.27 3.40 26.33
C MET C 12 52.78 3.61 26.39
N GLN C 13 53.32 4.21 25.34
CA GLN C 13 54.73 4.58 25.34
C GLN C 13 55.00 5.82 26.18
N ALA C 14 54.01 6.70 26.32
CA ALA C 14 54.21 7.96 27.00
C ALA C 14 54.55 7.73 28.47
N SER C 15 55.30 8.66 29.04
CA SER C 15 55.77 8.52 30.40
C SER C 15 54.81 9.24 31.35
N VAL C 16 54.96 8.94 32.64
CA VAL C 16 54.15 9.64 33.64
C VAL C 16 54.42 11.13 33.55
N GLY C 17 53.37 11.92 33.71
CA GLY C 17 53.46 13.36 33.57
C GLY C 17 53.23 13.87 32.16
N SER C 18 53.05 12.98 31.19
CA SER C 18 52.70 13.38 29.84
C SER C 18 51.21 13.66 29.75
N VAL C 19 50.83 14.42 28.72
CA VAL C 19 49.41 14.67 28.49
C VAL C 19 48.70 13.36 28.18
N GLU C 20 49.38 12.43 27.51
CA GLU C 20 48.78 11.13 27.25
C GLU C 20 48.53 10.37 28.55
N TYR C 21 49.49 10.39 29.47
CA TYR C 21 49.28 9.67 30.72
C TYR C 21 48.23 10.36 31.58
N ASN C 22 48.30 11.69 31.70
CA ASN C 22 47.33 12.42 32.50
C ASN C 22 45.91 12.12 32.02
N SER C 23 45.73 12.02 30.70
CA SER C 23 44.42 11.69 30.16
C SER C 23 44.06 10.25 30.44
N ALA C 24 45.04 9.34 30.38
CA ALA C 24 44.78 7.94 30.68
C ALA C 24 44.43 7.74 32.15
N LYS C 25 44.99 8.54 33.06
CA LYS C 25 44.67 8.38 34.47
C LYS C 25 43.23 8.79 34.78
N MET C 26 42.77 9.91 34.16
CA MET C 26 41.37 10.34 34.28
C MET C 26 40.47 9.38 33.51
N LEU C 27 40.97 8.76 32.42
CA LEU C 27 40.12 7.74 31.82
C LEU C 27 39.88 6.69 32.87
N ALA C 28 40.96 6.27 33.54
CA ALA C 28 40.85 5.31 34.63
C ALA C 28 39.96 5.82 35.76
N ASP C 29 40.18 7.08 36.19
CA ASP C 29 39.35 7.64 37.26
C ASP C 29 37.89 7.70 36.82
N THR C 30 37.66 8.17 35.60
CA THR C 30 36.29 8.34 35.13
C THR C 30 35.55 7.02 35.05
N LEU C 31 36.22 5.96 34.58
CA LEU C 31 35.52 4.69 34.51
C LEU C 31 35.15 4.19 35.89
N GLU C 32 36.02 4.40 36.88
CA GLU C 32 35.72 3.93 38.24
C GLU C 32 34.48 4.59 38.81
N GLU C 33 34.30 5.90 38.57
CA GLU C 33 33.17 6.62 39.12
C GLU C 33 31.88 6.36 38.34
N MET C 34 31.94 6.49 37.02
CA MET C 34 30.73 6.31 36.23
C MET C 34 30.28 4.84 36.23
N SER C 35 31.19 3.92 36.53
CA SER C 35 30.87 2.51 36.63
C SER C 35 30.61 2.03 38.06
N GLN C 36 30.64 2.93 39.06
CA GLN C 36 30.42 2.53 40.45
C GLN C 36 31.33 1.37 40.86
N GLY C 37 32.59 1.43 40.40
CA GLY C 37 33.60 0.48 40.83
C GLY C 37 33.63 -0.81 40.04
N GLU C 38 32.72 -0.96 39.07
CA GLU C 38 32.63 -2.15 38.22
C GLU C 38 33.55 -2.15 37.00
N ILE C 39 34.04 -1.00 36.51
CA ILE C 39 35.07 -0.89 35.46
C ILE C 39 36.34 -0.39 36.11
N LYS C 40 37.42 -1.15 35.99
CA LYS C 40 38.74 -0.69 36.39
C LYS C 40 39.75 -0.67 35.23
N LEU C 41 40.67 0.31 35.30
CA LEU C 41 41.71 0.45 34.27
C LEU C 41 43.11 0.51 34.88
N ALA C 42 43.92 -0.52 34.61
CA ALA C 42 45.32 -0.54 35.03
C ALA C 42 46.18 0.09 33.93
N LEU C 43 47.14 0.91 34.34
CA LEU C 43 47.94 1.68 33.41
C LEU C 43 49.37 1.14 33.37
N TYR C 44 49.93 1.08 32.17
CA TYR C 44 51.29 0.58 31.94
C TYR C 44 52.02 1.58 31.06
N PRO C 45 52.54 2.66 31.65
CA PRO C 45 53.16 3.71 30.83
C PRO C 45 54.63 3.45 30.52
N SER C 46 55.26 4.39 29.83
CA SER C 46 56.69 4.36 29.55
C SER C 46 57.09 3.13 28.74
N ALA C 47 56.17 2.60 27.94
CA ALA C 47 56.49 1.53 26.97
C ALA C 47 57.00 0.26 27.64
N GLN C 48 56.58 0.01 28.88
CA GLN C 48 57.04 -1.19 29.57
C GLN C 48 56.53 -2.46 28.93
N LEU C 49 55.45 -2.38 28.14
CA LEU C 49 54.95 -3.50 27.37
C LEU C 49 55.46 -3.53 25.94
N GLY C 50 56.28 -2.56 25.54
CA GLY C 50 56.73 -2.42 24.17
C GLY C 50 56.36 -1.07 23.59
N ASP C 51 56.75 -0.87 22.34
CA ASP C 51 56.37 0.35 21.61
C ASP C 51 54.94 0.21 21.10
N ASP C 52 54.46 1.24 20.41
CA ASP C 52 53.07 1.23 19.95
C ASP C 52 52.80 0.04 19.02
N ARG C 53 53.76 -0.31 18.18
CA ARG C 53 53.57 -1.46 17.30
C ARG C 53 53.42 -2.76 18.10
N ALA C 54 54.26 -2.94 19.12
CA ALA C 54 54.18 -4.16 19.92
C ALA C 54 52.85 -4.27 20.66
N MET C 55 52.38 -3.16 21.24
CA MET C 55 51.12 -3.22 21.98
C MET C 55 49.93 -3.39 21.02
N LEU C 56 49.99 -2.74 19.86
CA LEU C 56 48.97 -2.98 18.84
C LEU C 56 48.90 -4.46 18.49
N GLN C 57 50.05 -5.12 18.37
CA GLN C 57 50.08 -6.56 18.15
C GLN C 57 49.44 -7.30 19.32
N GLN C 58 49.61 -6.78 20.53
CA GLN C 58 49.00 -7.41 21.70
C GLN C 58 47.49 -7.26 21.70
N LEU C 59 46.99 -6.11 21.24
CA LEU C 59 45.55 -5.96 21.08
C LEU C 59 45.01 -6.93 20.04
N THR C 60 45.72 -7.09 18.91
CA THR C 60 45.26 -8.00 17.87
C THR C 60 45.08 -9.42 18.40
N LEU C 61 45.98 -9.85 19.27
CA LEU C 61 45.92 -11.20 19.83
C LEU C 61 45.11 -11.26 21.12
N GLY C 62 44.57 -10.13 21.58
CA GLY C 62 43.72 -10.13 22.75
C GLY C 62 44.42 -10.16 24.09
N ASP C 63 45.70 -9.84 24.12
CA ASP C 63 46.50 -9.87 25.33
C ASP C 63 46.59 -8.53 26.03
N LEU C 64 46.21 -7.46 25.33
CA LEU C 64 46.16 -6.12 25.90
C LEU C 64 44.83 -5.52 25.47
N ASP C 65 44.26 -4.70 26.34
CA ASP C 65 42.89 -4.24 26.13
C ASP C 65 42.84 -2.90 25.39
N ILE C 66 43.65 -1.94 25.81
CA ILE C 66 43.61 -0.59 25.25
C ILE C 66 45.04 -0.09 25.00
N THR C 67 45.22 0.69 23.94
CA THR C 67 46.47 1.40 23.72
C THR C 67 46.21 2.60 22.82
N TYR C 68 47.18 3.52 22.78
CA TYR C 68 47.13 4.66 21.87
C TYR C 68 47.76 4.30 20.52
N ALA C 69 47.24 4.92 19.46
CA ALA C 69 47.94 4.92 18.18
C ALA C 69 47.45 6.09 17.34
N GLU C 70 48.35 6.62 16.52
CA GLU C 70 47.97 7.64 15.53
C GLU C 70 47.27 6.98 14.35
N PHE C 71 46.35 7.72 13.73
CA PHE C 71 45.60 7.18 12.60
C PHE C 71 46.54 6.78 11.47
N GLY C 72 47.60 7.56 11.25
CA GLY C 72 48.59 7.22 10.24
C GLY C 72 49.45 6.03 10.62
N ARG C 73 49.60 5.76 11.92
CA ARG C 73 50.34 4.58 12.35
C ARG C 73 49.68 3.30 11.89
N MET C 74 48.41 3.36 11.49
CA MET C 74 47.74 2.20 10.90
C MET C 74 48.36 1.79 9.57
N GLY C 75 49.20 2.64 8.97
CA GLY C 75 49.95 2.22 7.80
C GLY C 75 50.81 1.00 8.04
N LEU C 76 51.12 0.71 9.31
CA LEU C 76 51.82 -0.54 9.64
C LEU C 76 50.99 -1.75 9.26
N ALA C 77 49.66 -1.62 9.23
CA ALA C 77 48.75 -2.72 8.94
C ALA C 77 47.91 -2.50 7.69
N ILE C 78 47.56 -1.26 7.37
CA ILE C 78 46.64 -0.92 6.28
C ILE C 78 47.35 0.14 5.46
N PRO C 79 48.15 -0.25 4.45
CA PRO C 79 49.13 0.69 3.88
C PRO C 79 48.57 2.03 3.44
N ARG C 80 47.39 2.07 2.83
CA ARG C 80 46.86 3.35 2.38
C ARG C 80 46.69 4.33 3.53
N ALA C 81 46.50 3.81 4.75
CA ALA C 81 46.34 4.68 5.91
C ALA C 81 47.61 5.46 6.21
N GLU C 82 48.77 5.02 5.72
CA GLU C 82 50.01 5.75 5.98
C GLU C 82 50.02 7.13 5.32
N ALA C 83 49.16 7.35 4.32
CA ALA C 83 49.21 8.63 3.61
C ALA C 83 49.00 9.78 4.58
N VAL C 84 48.26 9.55 5.66
CA VAL C 84 47.97 10.65 6.56
C VAL C 84 49.27 11.20 7.18
N MET C 85 50.31 10.35 7.22
CA MET C 85 51.59 10.67 7.83
C MET C 85 52.44 11.51 6.90
N LEU C 86 52.17 11.47 5.59
CA LEU C 86 53.05 12.12 4.63
C LEU C 86 53.28 13.55 5.07
N PRO C 87 54.53 14.00 5.15
CA PRO C 87 54.78 15.31 5.74
C PRO C 87 54.00 16.42 5.04
N TYR C 88 53.33 17.23 5.85
CA TYR C 88 52.64 18.44 5.45
C TYR C 88 51.37 18.23 4.64
N VAL C 89 50.90 17.00 4.45
CA VAL C 89 49.65 16.82 3.73
C VAL C 89 48.50 17.32 4.60
N ALA C 90 48.50 16.95 5.87
CA ALA C 90 47.52 17.44 6.83
C ALA C 90 48.01 18.79 7.37
N LYS C 91 47.19 19.82 7.22
CA LYS C 91 47.59 21.17 7.61
C LYS C 91 47.35 21.42 9.10
N ASP C 92 46.28 20.88 9.66
CA ASP C 92 45.96 21.08 11.06
C ASP C 92 45.12 19.91 11.53
N PHE C 93 44.78 19.90 12.82
CA PHE C 93 44.05 18.76 13.36
C PHE C 93 42.67 18.63 12.74
N ASP C 94 41.98 19.76 12.51
CA ASP C 94 40.65 19.69 11.92
C ASP C 94 40.71 19.01 10.55
N HIS C 95 41.72 19.36 9.75
CA HIS C 95 41.93 18.68 8.47
C HIS C 95 42.18 17.20 8.69
N LEU C 96 43.07 16.87 9.63
CA LEU C 96 43.32 15.47 9.96
C LEU C 96 42.06 14.81 10.47
N ARG C 97 41.27 15.50 11.30
CA ARG C 97 40.05 14.85 11.73
C ARG C 97 39.18 14.55 10.52
N ARG C 98 39.06 15.52 9.60
CA ARG C 98 38.17 15.33 8.45
C ARG C 98 38.55 14.08 7.67
N MET C 99 39.84 13.79 7.54
CA MET C 99 40.26 12.54 6.89
C MET C 99 39.76 11.31 7.65
N PHE C 100 39.86 11.34 8.98
CA PHE C 100 39.43 10.24 9.84
C PHE C 100 37.94 9.96 9.71
N GLU C 101 37.20 11.02 9.39
CA GLU C 101 35.76 11.18 9.32
C GLU C 101 35.17 10.84 7.96
N SER C 102 35.99 10.89 6.91
CA SER C 102 35.55 10.61 5.55
C SER C 102 35.26 9.12 5.35
N ASP C 103 34.63 8.82 4.21
CA ASP C 103 34.39 7.43 3.82
C ASP C 103 35.70 6.66 3.69
N PHE C 104 36.76 7.33 3.21
CA PHE C 104 38.07 6.69 3.21
C PHE C 104 38.50 6.32 4.62
N GLY C 105 38.35 7.25 5.55
CA GLY C 105 38.69 6.95 6.94
C GLY C 105 37.88 5.80 7.48
N GLN C 106 36.57 5.83 7.26
CA GLN C 106 35.71 4.75 7.73
C GLN C 106 36.12 3.42 7.10
N GLY C 107 36.62 3.45 5.86
CA GLY C 107 37.11 2.23 5.26
C GLY C 107 38.28 1.64 6.02
N VAL C 108 39.23 2.50 6.39
CA VAL C 108 40.36 2.03 7.19
C VAL C 108 39.85 1.55 8.54
N ARG C 109 38.99 2.34 9.20
CA ARG C 109 38.52 1.98 10.53
C ARG C 109 37.77 0.65 10.49
N ASP C 110 37.03 0.40 9.41
CA ASP C 110 36.42 -0.91 9.23
C ASP C 110 37.48 -1.98 9.05
N GLU C 111 38.53 -1.68 8.28
CA GLU C 111 39.58 -2.68 8.03
C GLU C 111 40.40 -2.96 9.29
N MET C 112 40.67 -1.94 10.10
CA MET C 112 41.32 -2.19 11.38
C MET C 112 40.53 -3.20 12.20
N LEU C 113 39.22 -3.00 12.31
CA LEU C 113 38.39 -3.85 13.15
C LEU C 113 38.27 -5.26 12.58
N GLN C 114 38.07 -5.37 11.26
CA GLN C 114 37.81 -6.67 10.66
C GLN C 114 39.08 -7.51 10.55
N LYS C 115 40.20 -6.92 10.16
CA LYS C 115 41.43 -7.67 9.96
C LYS C 115 42.37 -7.68 11.17
N PHE C 116 42.25 -6.70 12.07
CA PHE C 116 43.24 -6.55 13.13
C PHE C 116 42.63 -6.34 14.51
N ASN C 117 41.31 -6.45 14.66
CA ASN C 117 40.67 -6.41 15.97
C ASN C 117 40.95 -5.11 16.71
N TRP C 118 41.02 -4.00 15.99
CA TRP C 118 41.24 -2.68 16.56
C TRP C 118 39.98 -1.86 16.34
N ARG C 119 39.33 -1.46 17.44
CA ARG C 119 38.18 -0.57 17.38
C ARG C 119 38.60 0.83 17.80
N ALA C 120 38.62 1.76 16.85
CA ALA C 120 38.89 3.16 17.15
C ALA C 120 37.66 3.78 17.82
N LEU C 121 37.79 4.12 19.10
CA LEU C 121 36.68 4.71 19.84
C LEU C 121 36.59 6.22 19.63
N ASP C 122 37.74 6.87 19.47
CA ASP C 122 37.83 8.31 19.26
C ASP C 122 39.25 8.57 18.79
N THR C 123 39.50 9.81 18.33
CA THR C 123 40.85 10.27 18.09
C THR C 123 40.99 11.68 18.61
N TRP C 124 42.11 11.95 19.30
CA TRP C 124 42.37 13.22 19.93
C TRP C 124 43.54 13.91 19.24
N TYR C 125 43.68 15.21 19.48
CA TYR C 125 44.84 15.95 19.00
C TYR C 125 46.02 15.67 19.94
N ASN C 126 47.15 15.27 19.36
CA ASN C 126 48.37 15.00 20.13
C ASN C 126 49.50 15.96 19.81
N GLY C 127 49.29 16.91 18.91
CA GLY C 127 50.24 17.97 18.67
C GLY C 127 50.86 17.88 17.28
N THR C 128 51.47 18.99 16.87
CA THR C 128 52.16 19.12 15.59
C THR C 128 53.66 19.11 15.85
N ARG C 129 54.39 18.30 15.08
CA ARG C 129 55.80 18.05 15.34
C ARG C 129 56.67 19.22 14.92
N GLU C 130 57.60 19.60 15.80
CA GLU C 130 58.63 20.59 15.53
C GLU C 130 59.98 19.90 15.66
N THR C 131 61.06 20.60 15.27
CA THR C 131 62.39 20.01 15.24
C THR C 131 63.30 20.77 16.20
N THR C 132 63.92 20.04 17.13
CA THR C 132 64.92 20.58 18.03
C THR C 132 66.31 20.07 17.63
N SER C 133 67.34 20.84 17.96
CA SER C 133 68.68 20.46 17.54
C SER C 133 69.72 21.22 18.37
N ASN C 134 70.96 20.72 18.28
CA ASN C 134 72.12 21.38 18.87
C ASN C 134 72.68 22.47 17.96
N ARG C 135 72.21 22.58 16.73
CA ARG C 135 72.58 23.65 15.81
C ARG C 135 71.34 24.45 15.41
N PRO C 136 71.49 25.73 15.08
CA PRO C 136 70.34 26.51 14.61
C PRO C 136 69.87 26.03 13.23
N LEU C 137 68.56 26.00 13.03
CA LEU C 137 67.97 25.48 11.79
C LEU C 137 67.10 26.54 11.11
N ASN C 138 67.73 27.61 10.62
CA ASN C 138 66.99 28.65 9.91
C ASN C 138 66.49 28.22 8.54
N SER C 139 67.22 27.37 7.83
CA SER C 139 66.79 26.95 6.50
C SER C 139 66.95 25.45 6.35
N ILE C 140 66.37 24.92 5.27
CA ILE C 140 66.57 23.52 4.93
C ILE C 140 68.06 23.22 4.84
N GLU C 141 68.87 24.23 4.48
CA GLU C 141 70.31 24.04 4.26
C GLU C 141 71.03 23.63 5.53
N ASP C 142 70.46 23.91 6.68
CA ASP C 142 71.07 23.52 7.94
C ASP C 142 70.86 22.05 8.31
N PHE C 143 69.94 21.35 7.61
CA PHE C 143 69.72 19.92 7.79
C PHE C 143 70.82 19.03 7.20
N LYS C 144 71.64 19.50 6.23
CA LYS C 144 72.69 18.68 5.63
C LYS C 144 73.68 18.32 6.66
N GLY C 145 73.84 17.02 6.84
CA GLY C 145 74.74 16.45 7.75
C GLY C 145 74.28 16.37 9.15
N LEU C 146 73.04 16.73 9.44
CA LEU C 146 72.51 16.62 10.80
C LEU C 146 72.10 15.19 11.10
N LYS C 147 72.64 14.60 12.16
CA LYS C 147 72.18 13.28 12.60
C LYS C 147 70.90 13.48 13.39
N LEU C 148 69.74 13.31 12.75
CA LEU C 148 68.45 13.62 13.34
C LEU C 148 67.76 12.35 13.78
N ARG C 149 67.45 12.25 15.07
CA ARG C 149 66.70 11.11 15.56
C ARG C 149 65.28 11.19 15.04
N VAL C 150 64.78 10.05 14.60
CA VAL C 150 63.39 9.97 14.20
C VAL C 150 62.80 8.75 14.88
N PRO C 151 61.51 8.67 15.07
CA PRO C 151 60.92 7.36 15.30
C PRO C 151 61.05 6.44 14.10
N ASN C 152 60.74 5.20 14.49
CA ASN C 152 60.51 3.83 14.08
C ASN C 152 59.25 3.79 13.25
N ALA C 153 59.24 4.80 12.35
CA ALA C 153 58.19 5.21 11.41
C ALA C 153 58.75 5.78 10.10
N LYS C 154 58.20 5.32 8.97
CA LYS C 154 58.73 5.64 7.64
C LYS C 154 58.64 7.12 7.31
N GLN C 155 57.50 7.76 7.61
CA GLN C 155 57.31 9.14 7.16
C GLN C 155 58.09 10.13 8.01
N ASN C 156 58.31 9.83 9.29
CA ASN C 156 59.25 10.61 10.08
C ASN C 156 60.66 10.46 9.52
N LEU C 157 61.02 9.24 9.14
CA LEU C 157 62.28 9.00 8.42
C LEU C 157 62.29 9.76 7.10
N ASN C 158 61.18 9.73 6.36
CA ASN C 158 61.13 10.44 5.09
C ASN C 158 61.32 11.94 5.29
N TYR C 159 60.66 12.51 6.30
CA TYR C 159 60.83 13.93 6.59
C TYR C 159 62.30 14.26 6.79
N ALA C 160 62.99 13.47 7.61
CA ALA C 160 64.41 13.73 7.87
C ALA C 160 65.22 13.58 6.59
N LYS C 161 65.06 12.44 5.90
CA LYS C 161 65.85 12.18 4.71
C LYS C 161 65.63 13.26 3.64
N LEU C 162 64.38 13.59 3.35
CA LEU C 162 64.09 14.48 2.24
C LEU C 162 64.37 15.95 2.57
N SER C 163 64.51 16.29 3.85
CA SER C 163 65.02 17.60 4.24
C SER C 163 66.54 17.68 4.15
N GLY C 164 67.21 16.53 4.02
CA GLY C 164 68.65 16.49 3.93
C GLY C 164 69.38 16.05 5.17
N ALA C 165 68.67 15.76 6.25
CA ALA C 165 69.32 15.26 7.46
C ALA C 165 69.68 13.79 7.29
N SER C 166 70.51 13.29 8.22
CA SER C 166 70.77 11.87 8.32
C SER C 166 69.85 11.25 9.36
N PRO C 167 68.82 10.50 8.96
CA PRO C 167 67.89 9.95 9.96
C PRO C 167 68.54 8.85 10.79
N THR C 168 68.25 8.87 12.09
CA THR C 168 68.69 7.83 13.02
C THR C 168 67.46 7.24 13.70
N PRO C 169 66.98 6.08 13.26
CA PRO C 169 65.82 5.48 13.92
C PRO C 169 66.16 5.04 15.34
N MET C 170 65.32 5.42 16.30
CA MET C 170 65.61 5.12 17.70
C MET C 170 64.33 5.19 18.52
N SER C 171 64.25 4.34 19.52
CA SER C 171 63.06 4.25 20.36
C SER C 171 62.96 5.44 21.31
N PHE C 172 61.72 5.73 21.70
CA PHE C 172 61.40 6.93 22.46
C PHE C 172 62.11 6.96 23.81
N SER C 173 62.37 5.79 24.40
CA SER C 173 63.06 5.75 25.69
C SER C 173 64.54 6.11 25.58
N GLU C 174 65.14 5.94 24.40
CA GLU C 174 66.57 6.11 24.21
C GLU C 174 66.99 7.54 23.90
N VAL C 175 66.04 8.46 23.74
CA VAL C 175 66.33 9.73 23.09
C VAL C 175 67.12 10.67 24.00
N TYR C 176 66.66 10.88 25.23
CA TYR C 176 67.25 11.92 26.07
C TYR C 176 68.77 11.78 26.17
N LEU C 177 69.25 10.57 26.43
CA LEU C 177 70.69 10.38 26.58
C LEU C 177 71.40 10.57 25.24
N ALA C 178 70.78 10.15 24.14
CA ALA C 178 71.39 10.35 22.83
C ALA C 178 71.54 11.83 22.51
N LEU C 179 70.62 12.66 23.01
CA LEU C 179 70.78 14.11 22.87
C LEU C 179 71.81 14.65 23.84
N GLN C 180 71.81 14.15 25.07
CA GLN C 180 72.77 14.58 26.08
C GLN C 180 74.21 14.31 25.65
N THR C 181 74.46 13.12 25.12
CA THR C 181 75.80 12.75 24.68
C THR C 181 76.12 13.25 23.27
N ASN C 182 75.20 14.00 22.65
CA ASN C 182 75.35 14.40 21.26
C ASN C 182 75.66 13.21 20.36
N ALA C 183 75.14 12.03 20.72
CA ALA C 183 75.17 10.90 19.79
C ALA C 183 74.31 11.18 18.57
N VAL C 184 73.25 11.96 18.72
CA VAL C 184 72.45 12.48 17.62
C VAL C 184 72.34 14.00 17.82
N ASP C 185 72.24 14.72 16.71
CA ASP C 185 72.22 16.18 16.77
C ASP C 185 70.83 16.76 16.97
N GLY C 186 69.76 16.05 16.58
CA GLY C 186 68.44 16.63 16.61
C GLY C 186 67.35 15.61 16.87
N GLN C 187 66.14 16.14 17.09
CA GLN C 187 64.95 15.34 17.34
C GLN C 187 63.72 16.12 16.85
N GLU C 188 62.60 15.41 16.76
CA GLU C 188 61.37 16.03 16.26
C GLU C 188 60.17 15.40 16.95
N ASN C 189 59.37 16.23 17.60
CA ASN C 189 58.21 15.81 18.36
C ASN C 189 57.33 17.03 18.60
N PRO C 190 56.11 16.84 19.08
CA PRO C 190 55.28 17.99 19.45
C PRO C 190 55.83 18.70 20.67
N LEU C 191 55.48 19.97 20.82
CA LEU C 191 56.05 20.77 21.90
C LEU C 191 55.69 20.23 23.28
N PRO C 192 54.45 19.81 23.55
CA PRO C 192 54.15 19.25 24.88
C PRO C 192 55.01 18.05 25.22
N THR C 193 55.35 17.23 24.23
CA THR C 193 56.25 16.10 24.47
C THR C 193 57.67 16.58 24.75
N ILE C 194 58.11 17.62 24.04
CA ILE C 194 59.46 18.15 24.24
C ILE C 194 59.62 18.64 25.68
N LYS C 195 58.58 19.25 26.25
CA LYS C 195 58.66 19.69 27.64
C LYS C 195 58.62 18.51 28.59
N THR C 196 57.62 17.64 28.44
CA THR C 196 57.46 16.53 29.38
C THR C 196 58.74 15.70 29.47
N MET C 197 59.29 15.31 28.33
CA MET C 197 60.54 14.55 28.29
C MET C 197 61.76 15.40 28.59
N LYS C 198 61.61 16.73 28.63
CA LYS C 198 62.71 17.64 28.91
C LYS C 198 63.83 17.53 27.88
N PHE C 199 63.46 17.28 26.62
CA PHE C 199 64.44 17.31 25.54
C PHE C 199 65.09 18.68 25.45
N TYR C 200 64.36 19.73 25.83
CA TYR C 200 64.89 21.09 25.76
C TYR C 200 66.11 21.27 26.66
N GLU C 201 66.26 20.43 27.69
CA GLU C 201 67.44 20.55 28.54
C GLU C 201 68.71 20.20 27.79
N VAL C 202 68.62 19.37 26.76
CA VAL C 202 69.79 18.86 26.04
C VAL C 202 69.85 19.35 24.59
N GLN C 203 68.92 20.18 24.15
CA GLN C 203 68.94 20.76 22.81
C GLN C 203 68.54 22.22 22.96
N LYS C 204 69.43 23.14 22.61
CA LYS C 204 69.17 24.56 22.82
C LYS C 204 68.55 25.26 21.61
N ASN C 205 68.20 24.55 20.54
CA ASN C 205 67.60 25.17 19.36
C ASN C 205 66.26 24.49 19.07
N LEU C 206 65.32 25.28 18.56
CA LEU C 206 63.99 24.77 18.19
C LEU C 206 63.57 25.37 16.87
N ALA C 207 63.29 24.50 15.88
CA ALA C 207 62.91 24.90 14.52
C ALA C 207 61.45 24.53 14.29
N MET C 208 60.60 25.54 14.21
CA MET C 208 59.16 25.39 13.97
C MET C 208 58.90 24.89 12.54
N THR C 209 59.05 23.58 12.35
CA THR C 209 58.94 22.98 11.02
C THR C 209 57.55 22.45 10.70
N HIS C 210 56.70 22.22 11.71
CA HIS C 210 55.30 21.87 11.49
C HIS C 210 55.13 20.74 10.49
N HIS C 211 56.02 19.75 10.51
CA HIS C 211 56.08 18.83 9.38
C HIS C 211 55.03 17.73 9.44
N ILE C 212 54.62 17.30 10.63
CA ILE C 212 53.60 16.25 10.76
C ILE C 212 52.64 16.60 11.89
N VAL C 213 51.35 16.46 11.63
CA VAL C 213 50.31 16.61 12.65
C VAL C 213 49.99 15.24 13.22
N ASN C 214 50.15 15.09 14.53
CA ASN C 214 49.87 13.83 15.21
C ASN C 214 48.49 13.86 15.86
N ASP C 215 47.66 12.90 15.50
CA ASP C 215 46.48 12.56 16.30
C ASP C 215 46.89 11.45 17.26
N GLN C 216 45.91 10.90 17.99
CA GLN C 216 46.17 9.72 18.81
C GLN C 216 44.85 9.00 19.05
N MET C 217 44.63 7.91 18.32
CA MET C 217 43.43 7.10 18.49
C MET C 217 43.46 6.34 19.81
N VAL C 218 42.30 6.25 20.44
CA VAL C 218 42.10 5.31 21.54
C VAL C 218 41.52 4.03 20.94
N ILE C 219 42.29 2.95 21.00
CA ILE C 219 41.90 1.69 20.38
C ILE C 219 41.69 0.66 21.49
N ILE C 220 40.57 -0.05 21.42
CA ILE C 220 40.27 -1.17 22.30
C ILE C 220 40.31 -2.46 21.49
N SER C 221 40.77 -3.52 22.14
CA SER C 221 40.70 -4.84 21.54
C SER C 221 39.25 -5.22 21.28
N GLU C 222 38.94 -5.58 20.03
CA GLU C 222 37.56 -5.90 19.69
C GLU C 222 37.08 -7.12 20.45
N SER C 223 37.98 -8.08 20.71
CA SER C 223 37.58 -9.24 21.50
C SER C 223 37.25 -8.84 22.93
N THR C 224 37.92 -7.81 23.46
CA THR C 224 37.55 -7.28 24.77
C THR C 224 36.23 -6.54 24.70
N TRP C 225 36.04 -5.75 23.64
CA TRP C 225 34.79 -5.02 23.45
C TRP C 225 33.60 -5.97 23.45
N GLN C 226 33.75 -7.14 22.82
CA GLN C 226 32.64 -8.08 22.70
C GLN C 226 32.27 -8.75 24.02
N LYS C 227 33.14 -8.70 25.04
CA LYS C 227 32.81 -9.23 26.36
C LYS C 227 32.12 -8.23 27.27
N LEU C 228 32.11 -6.95 26.90
CA LEU C 228 31.50 -5.91 27.71
C LEU C 228 29.98 -5.88 27.54
N SER C 229 29.29 -5.39 28.57
CA SER C 229 27.86 -5.11 28.47
C SER C 229 27.63 -3.82 27.70
N ASP C 230 26.40 -3.66 27.19
CA ASP C 230 26.07 -2.46 26.43
C ASP C 230 26.20 -1.20 27.27
N THR C 231 25.88 -1.28 28.57
CA THR C 231 26.05 -0.13 29.45
C THR C 231 27.53 0.18 29.68
N ASP C 232 28.34 -0.86 29.87
CA ASP C 232 29.78 -0.65 30.02
C ASP C 232 30.35 -0.01 28.77
N LYS C 233 29.95 -0.49 27.60
CA LYS C 233 30.39 0.10 26.34
C LYS C 233 30.05 1.59 26.27
N ASP C 234 28.85 1.98 26.68
CA ASP C 234 28.54 3.41 26.67
C ASP C 234 29.41 4.19 27.65
N ILE C 235 29.57 3.68 28.86
CA ILE C 235 30.38 4.36 29.86
C ILE C 235 31.77 4.65 29.31
N ILE C 236 32.38 3.63 28.70
CA ILE C 236 33.73 3.80 28.16
C ILE C 236 33.71 4.81 27.02
N GLN C 237 32.81 4.63 26.05
CA GLN C 237 32.71 5.57 24.94
C GLN C 237 32.49 6.98 25.45
N LYS C 238 31.62 7.14 26.46
CA LYS C 238 31.32 8.48 26.94
C LYS C 238 32.51 9.06 27.69
N ALA C 239 33.20 8.22 28.46
CA ALA C 239 34.42 8.64 29.13
C ALA C 239 35.49 9.04 28.13
N VAL C 240 35.71 8.22 27.10
CA VAL C 240 36.78 8.48 26.13
C VAL C 240 36.54 9.81 25.43
N GLN C 241 35.30 10.08 25.01
CA GLN C 241 35.00 11.33 24.34
C GLN C 241 35.18 12.50 25.29
N LYS C 242 34.87 12.29 26.58
CA LYS C 242 35.06 13.34 27.57
C LYS C 242 36.53 13.67 27.75
N VAL C 243 37.37 12.64 27.87
CA VAL C 243 38.80 12.85 28.08
C VAL C 243 39.42 13.41 26.81
N GLY C 244 38.85 13.06 25.65
CA GLY C 244 39.37 13.57 24.41
C GLY C 244 39.15 15.06 24.26
N ASP C 245 37.96 15.55 24.63
CA ASP C 245 37.70 16.98 24.58
C ASP C 245 38.71 17.76 25.41
N ALA C 246 38.96 17.31 26.64
CA ALA C 246 39.97 17.95 27.48
C ALA C 246 41.37 17.77 26.89
N HIS C 247 41.71 16.53 26.52
CA HIS C 247 43.04 16.27 25.98
C HIS C 247 43.31 17.12 24.76
N THR C 248 42.38 17.10 23.80
CA THR C 248 42.58 17.88 22.59
C THR C 248 42.90 19.33 22.96
N GLN C 249 42.20 19.92 23.94
CA GLN C 249 42.48 21.32 24.23
C GLN C 249 43.81 21.54 24.93
N THR C 250 44.12 20.71 25.92
CA THR C 250 45.33 20.98 26.68
C THR C 250 46.50 21.11 25.74
N VAL C 251 46.53 20.27 24.70
CA VAL C 251 47.60 20.35 23.72
C VAL C 251 47.59 21.72 23.02
N LYS C 252 46.39 22.21 22.67
CA LYS C 252 46.29 23.50 21.96
C LYS C 252 46.74 24.68 22.82
N THR C 253 46.29 24.72 24.08
CA THR C 253 46.73 25.77 24.99
C THR C 253 48.25 25.77 25.11
N GLN C 254 48.79 24.59 25.37
CA GLN C 254 50.22 24.34 25.55
C GLN C 254 51.03 24.70 24.30
N GLU C 255 50.57 24.25 23.14
CA GLU C 255 51.29 24.63 21.94
C GLU C 255 51.27 26.14 21.71
N ALA C 256 50.23 26.85 22.17
CA ALA C 256 50.17 28.28 21.92
C ALA C 256 51.14 29.00 22.81
N GLU C 257 51.34 28.43 24.01
CA GLU C 257 52.17 29.06 25.02
C GLU C 257 53.59 28.63 25.14
N LEU C 258 53.94 27.34 25.06
CA LEU C 258 55.22 26.96 25.64
C LEU C 258 56.32 27.52 24.75
N VAL C 259 56.02 28.02 23.52
CA VAL C 259 57.12 28.56 22.71
C VAL C 259 57.82 29.66 23.50
N SER C 260 57.02 30.46 24.19
CA SER C 260 57.52 31.46 25.11
C SER C 260 58.27 30.81 26.27
N PHE C 261 57.76 29.68 26.79
CA PHE C 261 58.46 29.02 27.89
C PHE C 261 59.87 28.62 27.47
N PHE C 262 60.00 28.03 26.28
CA PHE C 262 61.31 27.60 25.80
C PHE C 262 62.25 28.80 25.64
N LYS C 263 61.74 29.92 25.12
CA LYS C 263 62.54 31.13 25.09
C LYS C 263 63.00 31.49 26.49
N SER C 264 62.11 31.37 27.47
CA SER C 264 62.45 31.69 28.86
C SER C 264 63.46 30.71 29.45
N GLU C 265 63.64 29.54 28.83
CA GLU C 265 64.74 28.64 29.15
C GLU C 265 65.87 28.75 28.12
N GLY C 266 66.14 29.97 27.65
CA GLY C 266 67.19 30.21 26.69
C GLY C 266 67.19 29.39 25.42
N ILE C 267 66.06 28.81 25.02
CA ILE C 267 66.01 28.09 23.75
C ILE C 267 65.93 29.09 22.60
N ASN C 268 66.81 28.92 21.61
CA ASN C 268 66.77 29.71 20.38
C ASN C 268 65.72 29.12 19.42
N VAL C 269 64.73 29.94 19.06
CA VAL C 269 63.60 29.50 18.24
C VAL C 269 63.70 30.11 16.85
N THR C 270 63.72 29.25 15.84
CA THR C 270 63.87 29.63 14.44
C THR C 270 62.61 29.26 13.66
N TYR C 271 62.20 30.13 12.75
CA TYR C 271 61.07 29.85 11.87
C TYR C 271 61.47 29.72 10.40
N PRO C 272 62.11 28.62 10.01
CA PRO C 272 62.58 28.49 8.62
C PRO C 272 61.43 28.57 7.63
N ASP C 273 61.78 28.92 6.39
CA ASP C 273 60.79 28.97 5.33
C ASP C 273 60.31 27.56 5.04
N LEU C 274 59.03 27.36 5.15
CA LEU C 274 58.46 26.05 4.92
C LEU C 274 58.17 25.77 3.42
N GLU C 275 58.26 26.76 2.49
CA GLU C 275 58.19 26.43 1.07
C GLU C 275 58.95 25.14 0.81
N PRO C 276 60.24 25.11 1.10
CA PRO C 276 61.14 24.17 0.43
C PRO C 276 60.93 22.79 0.98
N PHE C 277 60.34 22.70 2.18
CA PHE C 277 60.01 21.40 2.76
C PHE C 277 58.87 20.69 2.02
N ARG C 278 57.75 21.30 1.89
CA ARG C 278 56.66 20.65 1.16
C ARG C 278 56.95 20.46 -0.36
N GLU C 279 57.67 21.40 -0.96
CA GLU C 279 58.02 21.12 -2.33
C GLU C 279 58.96 19.93 -2.36
N ALA C 280 59.66 19.61 -1.24
CA ALA C 280 60.58 18.45 -1.21
C ALA C 280 59.87 17.10 -1.06
N MET C 281 58.66 17.08 -0.52
CA MET C 281 57.84 15.88 -0.30
C MET C 281 57.06 15.45 -1.55
N GLN C 282 57.08 16.31 -2.51
CA GLN C 282 56.42 16.18 -3.79
C GLN C 282 56.83 14.96 -4.61
N PRO C 283 58.09 14.60 -4.70
CA PRO C 283 58.37 13.30 -5.25
C PRO C 283 57.85 12.17 -4.39
N LEU C 284 57.75 12.34 -3.05
CA LEU C 284 57.26 11.25 -2.19
C LEU C 284 55.78 10.98 -2.43
N TYR C 285 54.97 12.04 -2.60
CA TYR C 285 53.55 11.85 -2.82
C TYR C 285 53.30 10.97 -4.05
N LYS C 286 54.04 11.22 -5.13
CA LYS C 286 53.82 10.43 -6.34
C LYS C 286 54.17 8.97 -6.11
N GLU C 287 55.34 8.70 -5.52
CA GLU C 287 55.72 7.33 -5.20
C GLU C 287 54.68 6.66 -4.33
N PHE C 288 54.17 7.36 -3.32
CA PHE C 288 53.17 6.76 -2.44
C PHE C 288 51.93 6.37 -3.22
N ASP C 289 51.39 7.30 -4.02
CA ASP C 289 50.23 6.98 -4.86
C ASP C 289 50.52 5.77 -5.74
N SER C 290 51.70 5.71 -6.33
CA SER C 290 52.06 4.60 -7.21
C SER C 290 52.08 3.26 -6.47
N ASN C 291 52.52 3.26 -5.21
CA ASN C 291 52.65 2.01 -4.48
C ASN C 291 51.28 1.38 -4.24
N ILE C 292 50.28 2.20 -3.93
CA ILE C 292 48.94 1.69 -3.70
C ILE C 292 48.16 1.42 -4.99
N GLY C 293 48.53 2.07 -6.09
CA GLY C 293 47.75 1.94 -7.30
C GLY C 293 46.60 2.91 -7.43
N GLN C 294 46.36 3.76 -6.42
CA GLN C 294 45.27 4.71 -6.43
C GLN C 294 45.78 6.06 -5.97
N PRO C 295 45.50 7.13 -6.70
CA PRO C 295 45.87 8.47 -6.18
C PRO C 295 45.05 8.76 -4.94
N ILE C 296 45.70 9.32 -3.90
CA ILE C 296 44.94 9.72 -2.71
C ILE C 296 45.48 11.00 -2.10
N VAL C 297 46.77 11.32 -2.31
CA VAL C 297 47.36 12.45 -1.59
C VAL C 297 46.58 13.72 -1.90
N SER C 298 46.27 13.93 -3.17
CA SER C 298 45.44 15.06 -3.53
C SER C 298 44.07 14.93 -2.88
N LYS C 299 43.55 13.71 -2.77
CA LYS C 299 42.25 13.62 -2.12
C LYS C 299 42.33 14.07 -0.65
N LEU C 300 43.28 13.54 0.14
CA LEU C 300 43.37 13.94 1.55
C LEU C 300 43.61 15.43 1.66
N ALA C 301 44.50 15.98 0.83
CA ALA C 301 44.80 17.41 0.88
C ALA C 301 43.56 18.27 0.64
N ALA C 302 42.59 17.77 -0.13
CA ALA C 302 41.42 18.59 -0.48
C ALA C 302 40.27 18.48 0.52
N MET C 303 40.35 17.57 1.49
CA MET C 303 39.25 17.38 2.43
C MET C 303 39.12 18.56 3.38
N GLN D 3 52.33 -5.70 -2.19
CA GLN D 3 52.30 -7.06 -2.70
C GLN D 3 53.63 -7.78 -2.50
N VAL D 4 53.54 -8.88 -1.77
CA VAL D 4 54.67 -9.76 -1.52
C VAL D 4 54.39 -11.13 -2.16
N GLN D 5 55.46 -11.65 -2.75
CA GLN D 5 55.66 -12.94 -3.41
C GLN D 5 56.50 -13.83 -2.51
N LEU D 6 56.13 -15.08 -2.30
CA LEU D 6 56.93 -15.94 -1.43
C LEU D 6 57.29 -17.21 -2.16
N VAL D 7 58.54 -17.66 -1.97
CA VAL D 7 59.04 -18.88 -2.60
C VAL D 7 59.76 -19.71 -1.54
N GLU D 8 59.24 -20.90 -1.27
CA GLU D 8 59.85 -21.80 -0.30
C GLU D 8 60.93 -22.68 -0.95
N SER D 9 61.91 -23.05 -0.15
CA SER D 9 62.92 -24.02 -0.53
C SER D 9 63.25 -24.86 0.70
N GLY D 10 63.71 -26.10 0.46
CA GLY D 10 64.21 -26.95 1.51
C GLY D 10 63.62 -28.35 1.52
N GLY D 11 62.50 -28.57 0.85
CA GLY D 11 61.76 -29.81 0.96
C GLY D 11 62.55 -31.05 0.61
N ARG D 12 62.51 -32.08 1.44
CA ARG D 12 63.33 -33.26 1.24
C ARG D 12 62.66 -34.46 1.88
N LEU D 13 63.16 -35.64 1.54
CA LEU D 13 62.86 -36.83 2.33
C LEU D 13 63.86 -36.86 3.48
N VAL D 14 63.41 -36.83 4.73
CA VAL D 14 64.30 -36.92 5.89
C VAL D 14 63.80 -38.05 6.75
N GLN D 15 64.59 -38.51 7.75
CA GLN D 15 63.95 -39.57 8.48
C GLN D 15 63.31 -39.06 9.76
N THR D 16 62.76 -40.03 10.46
CA THR D 16 62.44 -39.88 11.86
C THR D 16 63.66 -39.53 12.69
N GLY D 17 63.50 -38.55 13.58
CA GLY D 17 64.56 -38.01 14.40
C GLY D 17 65.48 -37.04 13.69
N GLY D 18 65.34 -36.89 12.38
CA GLY D 18 66.21 -36.02 11.63
C GLY D 18 65.87 -34.54 11.76
N SER D 19 66.76 -33.72 11.23
CA SER D 19 66.61 -32.27 11.25
C SER D 19 66.62 -31.76 9.82
N LEU D 20 65.81 -30.73 9.56
CA LEU D 20 65.68 -30.16 8.23
C LEU D 20 65.51 -28.66 8.34
N ARG D 21 66.20 -27.93 7.48
CA ARG D 21 66.07 -26.48 7.42
C ARG D 21 65.35 -26.07 6.14
N LEU D 22 64.20 -25.45 6.31
CA LEU D 22 63.49 -24.81 5.20
C LEU D 22 63.83 -23.33 5.14
N SER D 23 63.79 -22.78 3.93
CA SER D 23 64.03 -21.37 3.69
C SER D 23 62.95 -20.82 2.77
N CYS D 24 62.63 -19.55 2.96
CA CYS D 24 61.62 -18.86 2.16
C CYS D 24 62.19 -17.53 1.71
N ALA D 25 62.15 -17.27 0.42
CA ALA D 25 62.65 -16.02 -0.16
C ALA D 25 61.45 -15.12 -0.47
N ALA D 26 61.53 -13.87 0.00
CA ALA D 26 60.44 -12.93 -0.13
C ALA D 26 60.84 -11.86 -1.12
N SER D 27 59.87 -11.42 -1.94
CA SER D 27 60.14 -10.39 -2.92
C SER D 27 59.00 -9.39 -2.95
N GLY D 28 59.25 -8.25 -3.56
CA GLY D 28 58.23 -7.23 -3.74
C GLY D 28 58.31 -6.08 -2.76
N ASP D 29 57.43 -6.10 -1.77
CA ASP D 29 57.33 -5.03 -0.80
C ASP D 29 58.38 -5.21 0.28
N THR D 30 58.52 -4.19 1.14
CA THR D 30 59.64 -4.18 2.07
C THR D 30 59.45 -5.29 3.10
N PHE D 31 60.45 -6.18 3.16
CA PHE D 31 60.33 -7.42 3.92
C PHE D 31 60.13 -7.17 5.40
N SER D 32 60.77 -6.12 5.94
CA SER D 32 60.65 -5.83 7.36
C SER D 32 59.30 -5.26 7.75
N ASN D 33 58.41 -4.97 6.80
CA ASN D 33 57.06 -4.53 7.12
C ASN D 33 56.16 -5.69 7.53
N TYR D 34 56.62 -6.93 7.41
CA TYR D 34 55.76 -8.09 7.53
C TYR D 34 56.19 -9.04 8.64
N VAL D 35 55.19 -9.53 9.36
CA VAL D 35 55.37 -10.73 10.18
C VAL D 35 55.37 -11.94 9.26
N MET D 36 56.37 -12.81 9.42
CA MET D 36 56.51 -14.00 8.60
C MET D 36 56.09 -15.24 9.37
N GLY D 37 55.33 -16.12 8.71
CA GLY D 37 54.82 -17.31 9.34
C GLY D 37 55.07 -18.53 8.48
N TRP D 38 55.07 -19.68 9.13
CA TRP D 38 55.10 -20.98 8.46
C TRP D 38 53.84 -21.74 8.83
N PHE D 39 53.17 -22.31 7.83
CA PHE D 39 51.97 -23.12 8.01
C PHE D 39 52.20 -24.44 7.29
N ARG D 40 51.50 -25.48 7.72
CA ARG D 40 51.67 -26.80 7.13
C ARG D 40 50.35 -27.52 6.98
N GLN D 41 50.28 -28.38 5.95
CA GLN D 41 49.10 -29.19 5.68
C GLN D 41 49.54 -30.61 5.35
N ALA D 42 49.01 -31.58 6.09
CA ALA D 42 49.12 -32.97 5.71
C ALA D 42 47.91 -33.35 4.86
N PRO D 43 48.02 -34.39 4.04
CA PRO D 43 46.91 -34.70 3.13
C PRO D 43 45.62 -34.98 3.91
N GLY D 44 44.53 -34.31 3.52
CA GLY D 44 43.22 -34.48 4.16
C GLY D 44 42.95 -33.55 5.30
N LYS D 45 43.99 -32.97 5.87
CA LYS D 45 43.98 -32.32 7.17
C LYS D 45 44.00 -30.81 6.91
N GLU D 46 43.44 -30.04 7.84
CA GLU D 46 43.39 -28.58 7.66
C GLU D 46 44.77 -27.96 7.87
N ARG D 47 44.93 -26.72 7.40
CA ARG D 47 46.19 -26.01 7.61
C ARG D 47 46.48 -25.85 9.10
N GLU D 48 47.71 -26.20 9.50
CA GLU D 48 48.17 -26.01 10.88
C GLU D 48 49.12 -24.82 10.97
N PHE D 49 48.89 -23.93 11.93
CA PHE D 49 49.90 -22.91 12.21
C PHE D 49 51.12 -23.61 12.81
N VAL D 50 52.31 -23.22 12.34
CA VAL D 50 53.56 -23.80 12.82
C VAL D 50 54.38 -22.77 13.62
N ALA D 51 54.75 -21.67 13.00
CA ALA D 51 55.59 -20.67 13.67
C ALA D 51 55.39 -19.34 12.98
N ALA D 52 55.67 -18.28 13.73
CA ALA D 52 55.63 -16.91 13.21
C ALA D 52 56.70 -16.10 13.93
N ILE D 53 57.18 -15.06 13.27
CA ILE D 53 58.27 -14.25 13.78
C ILE D 53 57.96 -12.78 13.48
N SER D 54 58.18 -11.92 14.46
CA SER D 54 57.84 -10.52 14.31
C SER D 54 58.81 -9.83 13.35
N TRP D 55 58.49 -8.57 13.02
CA TRP D 55 59.26 -7.82 12.04
C TRP D 55 60.76 -7.88 12.35
N THR D 56 61.13 -7.71 13.62
CA THR D 56 62.52 -7.62 14.03
C THR D 56 63.09 -8.93 14.53
N GLY D 57 62.26 -9.98 14.63
CA GLY D 57 62.70 -11.23 15.21
C GLY D 57 62.65 -11.30 16.72
N ALA D 58 62.13 -10.26 17.39
CA ALA D 58 62.13 -10.24 18.84
C ALA D 58 61.07 -11.18 19.41
N ASN D 59 59.89 -11.20 18.78
CA ASN D 59 58.82 -12.12 19.16
C ASN D 59 58.84 -13.34 18.25
N SER D 60 58.61 -14.51 18.84
CA SER D 60 58.39 -15.73 18.08
C SER D 60 57.18 -16.44 18.64
N TYR D 61 56.39 -17.04 17.76
CA TYR D 61 55.17 -17.75 18.10
C TYR D 61 55.30 -19.16 17.58
N TYR D 62 54.84 -20.14 18.37
CA TYR D 62 54.98 -21.53 18.00
C TYR D 62 53.73 -22.31 18.36
N ALA D 63 53.41 -23.31 17.53
CA ALA D 63 52.41 -24.29 17.87
C ALA D 63 52.95 -25.26 18.92
N ASP D 64 52.06 -25.73 19.80
CA ASP D 64 52.49 -26.70 20.81
C ASP D 64 53.02 -27.98 20.20
N SER D 65 52.54 -28.34 19.00
CA SER D 65 53.00 -29.57 18.36
C SER D 65 54.49 -29.52 18.03
N VAL D 66 55.06 -28.32 17.92
CA VAL D 66 56.45 -28.14 17.51
C VAL D 66 57.27 -27.40 18.55
N ALA D 67 56.68 -27.08 19.71
CA ALA D 67 57.40 -26.32 20.71
C ALA D 67 58.61 -27.13 21.16
N GLY D 68 59.76 -26.46 21.25
CA GLY D 68 60.99 -27.12 21.61
C GLY D 68 61.71 -27.80 20.45
N ARG D 69 60.99 -28.17 19.38
CA ARG D 69 61.58 -28.86 18.25
C ARG D 69 61.94 -27.92 17.11
N PHE D 70 61.06 -26.98 16.76
CA PHE D 70 61.25 -26.10 15.62
C PHE D 70 61.73 -24.72 16.07
N THR D 71 62.50 -24.08 15.20
CA THR D 71 62.95 -22.71 15.42
C THR D 71 62.75 -21.90 14.14
N ILE D 72 62.08 -20.76 14.29
CA ILE D 72 61.90 -19.82 13.18
C ILE D 72 62.87 -18.67 13.38
N SER D 73 63.43 -18.18 12.28
CA SER D 73 64.37 -17.07 12.30
C SER D 73 64.23 -16.32 10.98
N ARG D 74 64.69 -15.07 10.96
CA ARG D 74 64.61 -14.27 9.75
C ARG D 74 65.89 -13.48 9.53
N ASP D 75 66.09 -13.09 8.29
CA ASP D 75 67.22 -12.26 7.85
C ASP D 75 66.65 -11.13 7.02
N ASN D 76 66.61 -9.92 7.59
CA ASN D 76 66.00 -8.79 6.91
C ASN D 76 66.95 -8.15 5.89
N ALA D 77 68.22 -8.56 5.85
CA ALA D 77 69.12 -8.12 4.79
C ALA D 77 68.95 -8.98 3.54
N LYS D 78 68.94 -10.30 3.70
CA LYS D 78 68.74 -11.22 2.58
C LYS D 78 67.28 -11.43 2.25
N ASN D 79 66.35 -10.90 3.06
CA ASN D 79 64.92 -11.02 2.83
C ASN D 79 64.49 -12.49 2.80
N THR D 80 64.90 -13.23 3.82
CA THR D 80 64.57 -14.64 3.97
C THR D 80 64.12 -14.91 5.39
N VAL D 81 63.28 -15.92 5.53
CA VAL D 81 62.89 -16.47 6.82
C VAL D 81 63.20 -17.96 6.75
N ALA D 82 63.63 -18.53 7.88
CA ALA D 82 64.01 -19.94 7.93
C ALA D 82 63.23 -20.65 9.02
N LEU D 83 62.96 -21.93 8.80
CA LEU D 83 62.35 -22.81 9.78
C LEU D 83 63.31 -23.98 9.97
N GLN D 84 64.04 -23.96 11.09
CA GLN D 84 64.89 -25.08 11.46
C GLN D 84 64.05 -26.12 12.20
N MET D 85 63.94 -27.32 11.64
CA MET D 85 63.15 -28.39 12.22
C MET D 85 64.08 -29.47 12.77
N ASN D 86 63.88 -29.85 14.02
CA ASN D 86 64.60 -30.94 14.65
C ASN D 86 63.61 -31.97 15.17
N SER D 87 64.12 -33.20 15.40
CA SER D 87 63.34 -34.28 16.02
C SER D 87 61.95 -34.50 15.38
N LEU D 88 61.87 -34.55 14.01
CA LEU D 88 60.67 -34.67 13.20
C LEU D 88 60.29 -36.04 13.52
N LYS D 89 59.33 -36.49 12.86
CA LYS D 89 59.00 -37.87 12.73
C LYS D 89 57.84 -37.79 11.66
N PRO D 90 57.39 -38.96 11.20
CA PRO D 90 56.27 -38.93 10.19
C PRO D 90 55.10 -38.01 10.45
N GLU D 91 54.75 -37.69 11.70
CA GLU D 91 53.59 -36.86 11.88
C GLU D 91 53.83 -35.47 11.32
N ASP D 92 55.09 -35.09 11.13
CA ASP D 92 55.45 -33.82 10.52
C ASP D 92 55.42 -33.86 9.00
N THR D 93 55.10 -35.01 8.41
CA THR D 93 55.01 -35.11 6.96
C THR D 93 53.91 -34.19 6.45
N ALA D 94 54.27 -33.21 5.64
CA ALA D 94 53.29 -32.26 5.14
C ALA D 94 53.94 -31.38 4.08
N ILE D 95 53.10 -30.62 3.39
CA ILE D 95 53.53 -29.48 2.59
C ILE D 95 53.62 -28.27 3.51
N TYR D 96 54.79 -27.64 3.54
CA TYR D 96 55.02 -26.49 4.41
C TYR D 96 54.93 -25.21 3.61
N TYR D 97 54.13 -24.27 4.09
CA TYR D 97 53.86 -23.01 3.40
C TYR D 97 54.50 -21.85 4.15
N CYS D 98 55.21 -21.00 3.42
CA CYS D 98 55.65 -19.70 3.90
C CYS D 98 54.53 -18.69 3.67
N ALA D 99 54.27 -17.86 4.67
CA ALA D 99 53.18 -16.89 4.59
C ALA D 99 53.63 -15.58 5.23
N ALA D 100 53.05 -14.48 4.75
CA ALA D 100 53.35 -13.16 5.26
C ALA D 100 52.08 -12.39 5.58
N ASP D 101 52.14 -11.60 6.64
CA ASP D 101 51.09 -10.64 6.97
C ASP D 101 51.70 -9.48 7.74
N HIS D 102 50.99 -8.35 7.73
CA HIS D 102 51.50 -7.16 8.40
C HIS D 102 51.57 -7.34 9.90
N PHE D 103 50.69 -8.17 10.46
CA PHE D 103 50.72 -8.49 11.88
C PHE D 103 50.45 -9.98 12.02
N HIS D 104 50.94 -10.57 13.11
CA HIS D 104 50.56 -11.95 13.42
C HIS D 104 49.08 -11.97 13.76
N VAL D 105 48.34 -12.89 13.15
CA VAL D 105 46.91 -13.01 13.37
C VAL D 105 46.56 -14.47 13.54
N THR D 106 45.57 -14.73 14.40
CA THR D 106 45.08 -16.08 14.63
C THR D 106 43.60 -16.23 14.32
N HIS D 107 42.84 -15.15 14.32
CA HIS D 107 41.43 -15.24 13.99
C HIS D 107 41.20 -15.28 12.49
N ARG D 108 42.27 -15.13 11.69
CA ARG D 108 42.09 -15.08 10.25
C ARG D 108 43.30 -15.59 9.49
N LYS D 109 43.12 -15.64 8.18
CA LYS D 109 44.04 -16.22 7.21
C LYS D 109 45.09 -15.17 6.84
N TYR D 110 46.35 -15.59 6.77
CA TYR D 110 47.40 -14.64 6.39
C TYR D 110 47.11 -14.12 5.00
N ASP D 111 47.59 -12.90 4.72
CA ASP D 111 47.27 -12.28 3.44
C ASP D 111 48.04 -12.94 2.29
N TYR D 112 49.31 -13.27 2.50
CA TYR D 112 50.20 -13.69 1.43
C TYR D 112 50.80 -15.08 1.70
N TRP D 113 51.03 -15.81 0.60
CA TRP D 113 51.34 -17.23 0.63
C TRP D 113 52.20 -17.65 -0.56
N GLY D 114 52.92 -18.74 -0.34
CA GLY D 114 53.60 -19.46 -1.39
C GLY D 114 52.93 -20.69 -2.00
N GLN D 115 53.75 -21.32 -2.84
CA GLN D 115 53.63 -22.51 -3.69
C GLN D 115 53.89 -23.77 -2.89
N GLY D 116 54.49 -23.65 -1.72
CA GLY D 116 54.59 -24.78 -0.81
C GLY D 116 55.79 -25.66 -1.08
N THR D 117 56.31 -26.28 -0.02
CA THR D 117 57.41 -27.21 -0.20
C THR D 117 57.15 -28.48 0.61
N GLN D 118 57.35 -29.63 -0.01
CA GLN D 118 56.97 -30.90 0.58
C GLN D 118 58.07 -31.46 1.47
N VAL D 119 57.71 -31.81 2.71
CA VAL D 119 58.61 -32.47 3.65
C VAL D 119 58.08 -33.89 3.89
N THR D 120 58.92 -34.89 3.68
CA THR D 120 58.56 -36.30 3.92
C THR D 120 59.47 -36.90 4.98
N VAL D 121 58.87 -37.36 6.09
CA VAL D 121 59.61 -38.05 7.13
C VAL D 121 59.15 -39.51 7.11
N SER D 122 60.08 -40.41 6.79
CA SER D 122 59.85 -41.84 6.70
C SER D 122 60.31 -42.51 8.00
N SER D 123 59.66 -43.63 8.33
CA SER D 123 59.98 -44.36 9.55
C SER D 123 61.36 -45.02 9.45
N MET E 3 1.50 -39.13 17.45
CA MET E 3 1.95 -39.43 16.06
C MET E 3 2.38 -40.90 15.94
N GLY E 4 1.82 -41.57 14.96
CA GLY E 4 2.06 -42.98 14.73
C GLY E 4 0.84 -43.62 14.09
N ALA E 5 0.69 -44.93 14.31
CA ALA E 5 -0.54 -45.63 13.97
C ALA E 5 -1.61 -45.30 15.00
N THR E 6 -2.83 -45.05 14.52
CA THR E 6 -3.93 -44.68 15.41
C THR E 6 -5.13 -45.59 15.20
N THR E 7 -5.65 -46.12 16.30
CA THR E 7 -6.89 -46.91 16.31
C THR E 7 -7.95 -46.13 17.08
N LEU E 8 -9.02 -45.77 16.38
CA LEU E 8 -10.12 -45.04 16.99
C LEU E 8 -11.19 -46.01 17.47
N LYS E 9 -11.85 -45.65 18.57
CA LYS E 9 -12.87 -46.50 19.18
C LYS E 9 -14.23 -45.89 18.88
N MET E 10 -15.10 -46.67 18.25
CA MET E 10 -16.44 -46.20 17.90
C MET E 10 -17.48 -47.10 18.54
N GLY E 11 -18.40 -46.49 19.29
CA GLY E 11 -19.51 -47.20 19.90
C GLY E 11 -20.83 -46.83 19.26
N MET E 12 -21.78 -47.77 19.29
CA MET E 12 -23.12 -47.52 18.78
C MET E 12 -24.10 -48.47 19.44
N GLN E 13 -25.35 -48.04 19.54
CA GLN E 13 -26.41 -48.94 20.00
C GLN E 13 -26.82 -49.92 18.90
N ALA E 14 -26.68 -49.52 17.64
CA ALA E 14 -27.14 -50.35 16.54
C ALA E 14 -26.34 -51.65 16.48
N SER E 15 -26.99 -52.71 16.01
CA SER E 15 -26.40 -54.04 15.97
C SER E 15 -25.87 -54.36 14.57
N VAL E 16 -25.13 -55.46 14.50
CA VAL E 16 -24.67 -55.96 13.21
C VAL E 16 -25.88 -56.22 12.33
N GLY E 17 -25.75 -55.89 11.05
CA GLY E 17 -26.85 -55.99 10.12
C GLY E 17 -27.73 -54.75 10.03
N SER E 18 -27.47 -53.74 10.87
CA SER E 18 -28.18 -52.48 10.76
C SER E 18 -27.53 -51.60 9.71
N VAL E 19 -28.31 -50.63 9.20
CA VAL E 19 -27.74 -49.67 8.27
C VAL E 19 -26.71 -48.80 8.97
N GLU E 20 -26.91 -48.50 10.24
CA GLU E 20 -25.93 -47.73 10.99
C GLU E 20 -24.62 -48.50 11.11
N TYR E 21 -24.70 -49.79 11.38
CA TYR E 21 -23.48 -50.60 11.49
C TYR E 21 -22.80 -50.76 10.15
N ASN E 22 -23.57 -51.06 9.09
CA ASN E 22 -22.96 -51.24 7.78
C ASN E 22 -22.18 -50.00 7.35
N SER E 23 -22.70 -48.82 7.68
CA SER E 23 -22.00 -47.58 7.35
C SER E 23 -20.75 -47.42 8.21
N ALA E 24 -20.84 -47.77 9.49
CA ALA E 24 -19.66 -47.70 10.34
C ALA E 24 -18.61 -48.71 9.92
N LYS E 25 -19.04 -49.90 9.47
CA LYS E 25 -18.09 -50.86 8.94
C LYS E 25 -17.50 -50.38 7.63
N MET E 26 -18.33 -49.80 6.77
CA MET E 26 -17.82 -49.16 5.55
C MET E 26 -16.86 -48.02 5.90
N LEU E 27 -17.19 -47.22 6.91
CA LEU E 27 -16.28 -46.16 7.33
C LEU E 27 -14.98 -46.77 7.82
N ALA E 28 -15.08 -47.79 8.67
CA ALA E 28 -13.89 -48.53 9.06
C ALA E 28 -13.19 -49.07 7.83
N ASP E 29 -13.99 -49.60 6.89
CA ASP E 29 -13.45 -50.07 5.62
C ASP E 29 -12.79 -48.95 4.84
N THR E 30 -13.40 -47.77 4.80
CA THR E 30 -12.78 -46.68 4.04
C THR E 30 -11.50 -46.17 4.69
N LEU E 31 -11.46 -46.08 6.02
CA LEU E 31 -10.41 -45.29 6.68
C LEU E 31 -9.01 -45.90 6.52
N GLU E 32 -8.77 -47.09 7.08
CA GLU E 32 -7.40 -47.64 7.00
C GLU E 32 -6.99 -47.96 5.57
N GLU E 33 -7.90 -47.82 4.62
CA GLU E 33 -7.58 -48.01 3.21
C GLU E 33 -6.93 -46.75 2.67
N MET E 34 -7.57 -45.60 2.91
CA MET E 34 -7.06 -44.32 2.45
C MET E 34 -5.87 -43.85 3.27
N SER E 35 -5.69 -44.36 4.49
CA SER E 35 -4.55 -44.01 5.33
C SER E 35 -3.40 -45.01 5.21
N GLN E 36 -3.52 -46.00 4.33
CA GLN E 36 -2.51 -47.06 4.22
C GLN E 36 -2.23 -47.68 5.58
N GLY E 37 -3.30 -47.95 6.34
CA GLY E 37 -3.22 -48.68 7.58
C GLY E 37 -2.92 -47.87 8.82
N GLU E 38 -2.75 -46.56 8.70
CA GLU E 38 -2.38 -45.75 9.85
C GLU E 38 -3.57 -45.28 10.68
N ILE E 39 -4.77 -45.23 10.11
CA ILE E 39 -5.98 -44.94 10.84
C ILE E 39 -6.84 -46.20 10.82
N LYS E 40 -7.10 -46.76 12.00
CA LYS E 40 -7.96 -47.92 12.15
C LYS E 40 -9.14 -47.58 13.05
N LEU E 41 -10.28 -48.22 12.79
CA LEU E 41 -11.52 -47.94 13.52
C LEU E 41 -12.10 -49.23 14.08
N ALA E 42 -12.08 -49.34 15.41
CA ALA E 42 -12.71 -50.46 16.11
C ALA E 42 -14.16 -50.13 16.43
N LEU E 43 -15.04 -51.11 16.23
CA LEU E 43 -16.48 -50.93 16.39
C LEU E 43 -16.98 -51.70 17.61
N TYR E 44 -17.89 -51.08 18.35
CA TYR E 44 -18.48 -51.68 19.56
C TYR E 44 -19.99 -51.51 19.47
N PRO E 45 -20.65 -52.39 18.73
CA PRO E 45 -22.10 -52.23 18.51
C PRO E 45 -22.96 -52.83 19.60
N SER E 46 -24.27 -52.77 19.40
CA SER E 46 -25.26 -53.39 20.29
C SER E 46 -25.17 -52.83 21.71
N ALA E 47 -24.74 -51.56 21.82
CA ALA E 47 -24.80 -50.82 23.08
C ALA E 47 -24.02 -51.50 24.19
N GLN E 48 -22.98 -52.26 23.84
CA GLN E 48 -22.20 -52.94 24.86
C GLN E 48 -21.42 -51.98 25.75
N LEU E 49 -21.21 -50.75 25.29
CA LEU E 49 -20.59 -49.72 26.11
C LEU E 49 -21.61 -48.86 26.84
N GLY E 50 -22.89 -49.10 26.65
CA GLY E 50 -23.94 -48.25 27.18
C GLY E 50 -24.80 -47.68 26.07
N ASP E 51 -25.80 -46.90 26.48
CA ASP E 51 -26.67 -46.24 25.52
C ASP E 51 -25.97 -45.02 24.92
N ASP E 52 -26.67 -44.33 24.02
CA ASP E 52 -26.06 -43.19 23.34
C ASP E 52 -25.68 -42.09 24.34
N ARG E 53 -26.49 -41.88 25.37
CA ARG E 53 -26.13 -40.89 26.39
C ARG E 53 -24.85 -41.30 27.11
N ALA E 54 -24.72 -42.58 27.46
CA ALA E 54 -23.51 -43.04 28.14
C ALA E 54 -22.29 -42.92 27.24
N MET E 55 -22.44 -43.24 25.96
CA MET E 55 -21.29 -43.17 25.06
C MET E 55 -20.86 -41.73 24.81
N LEU E 56 -21.84 -40.82 24.68
CA LEU E 56 -21.51 -39.40 24.61
C LEU E 56 -20.71 -38.95 25.81
N GLN E 57 -21.11 -39.41 27.01
CA GLN E 57 -20.37 -39.08 28.22
C GLN E 57 -18.94 -39.59 28.16
N GLN E 58 -18.73 -40.74 27.53
CA GLN E 58 -17.38 -41.28 27.39
C GLN E 58 -16.55 -40.44 26.42
N LEU E 59 -17.17 -39.94 25.35
CA LEU E 59 -16.45 -39.03 24.46
C LEU E 59 -16.04 -37.77 25.21
N THR E 60 -16.95 -37.22 26.01
CA THR E 60 -16.64 -36.00 26.76
C THR E 60 -15.42 -36.20 27.64
N LEU E 61 -15.29 -37.37 28.24
CA LEU E 61 -14.19 -37.67 29.16
C LEU E 61 -12.98 -38.30 28.47
N GLY E 62 -13.04 -38.50 27.15
CA GLY E 62 -11.90 -39.02 26.43
C GLY E 62 -11.71 -40.52 26.51
N ASP E 63 -12.73 -41.27 26.91
CA ASP E 63 -12.64 -42.71 27.02
C ASP E 63 -13.13 -43.42 25.76
N LEU E 64 -13.87 -42.72 24.90
CA LEU E 64 -14.33 -43.24 23.63
C LEU E 64 -14.14 -42.13 22.58
N ASP E 65 -13.85 -42.53 21.35
CA ASP E 65 -13.46 -41.58 20.32
C ASP E 65 -14.61 -41.13 19.44
N ILE E 66 -15.44 -42.06 18.95
CA ILE E 66 -16.50 -41.74 18.01
C ILE E 66 -17.78 -42.44 18.43
N THR E 67 -18.92 -41.78 18.21
CA THR E 67 -20.22 -42.40 18.42
C THR E 67 -21.27 -41.68 17.57
N TYR E 68 -22.44 -42.30 17.44
CA TYR E 68 -23.58 -41.67 16.80
C TYR E 68 -24.40 -40.88 17.81
N ALA E 69 -25.00 -39.79 17.34
CA ALA E 69 -26.04 -39.12 18.12
C ALA E 69 -26.87 -38.26 17.16
N GLU E 70 -28.15 -38.10 17.48
CA GLU E 70 -29.00 -37.17 16.75
C GLU E 70 -28.73 -35.74 17.19
N PHE E 71 -28.92 -34.80 16.26
CA PHE E 71 -28.66 -33.40 16.58
C PHE E 71 -29.54 -32.94 17.73
N GLY E 72 -30.78 -33.42 17.78
CA GLY E 72 -31.66 -33.11 18.88
C GLY E 72 -31.29 -33.79 20.18
N ARG E 73 -30.60 -34.93 20.12
CA ARG E 73 -30.16 -35.59 21.35
C ARG E 73 -29.18 -34.73 22.12
N MET E 74 -28.59 -33.71 21.47
CA MET E 74 -27.74 -32.77 22.16
C MET E 74 -28.49 -31.96 23.22
N GLY E 75 -29.83 -31.98 23.19
CA GLY E 75 -30.61 -31.36 24.25
C GLY E 75 -30.29 -31.90 25.62
N LEU E 76 -29.70 -33.10 25.69
CA LEU E 76 -29.20 -33.61 26.96
C LEU E 76 -28.13 -32.70 27.53
N ALA E 77 -27.43 -31.96 26.67
CA ALA E 77 -26.34 -31.09 27.07
C ALA E 77 -26.60 -29.62 26.76
N ILE E 78 -27.33 -29.32 25.69
CA ILE E 78 -27.56 -27.96 25.21
C ILE E 78 -29.07 -27.83 25.02
N PRO E 79 -29.81 -27.43 26.06
CA PRO E 79 -31.27 -27.62 26.03
C PRO E 79 -31.96 -27.09 24.78
N ARG E 80 -31.55 -25.94 24.24
CA ARG E 80 -32.23 -25.41 23.06
C ARG E 80 -32.15 -26.37 21.89
N ALA E 81 -31.13 -27.22 21.84
CA ALA E 81 -30.95 -28.14 20.72
C ALA E 81 -32.06 -29.19 20.64
N GLU E 82 -32.75 -29.48 21.74
CA GLU E 82 -33.80 -30.49 21.69
C GLU E 82 -34.93 -30.08 20.75
N ALA E 83 -35.04 -28.78 20.44
CA ALA E 83 -36.17 -28.30 19.64
C ALA E 83 -36.22 -28.96 18.27
N VAL E 84 -35.06 -29.28 17.68
CA VAL E 84 -35.08 -29.89 16.36
C VAL E 84 -35.77 -31.25 16.40
N MET E 85 -35.85 -31.86 17.58
CA MET E 85 -36.44 -33.18 17.75
C MET E 85 -37.88 -33.11 18.27
N LEU E 86 -38.39 -31.93 18.55
CA LEU E 86 -39.79 -31.80 18.95
C LEU E 86 -40.69 -32.45 17.89
N PRO E 87 -41.69 -33.22 18.28
CA PRO E 87 -42.48 -33.96 17.28
C PRO E 87 -43.08 -33.04 16.23
N TYR E 88 -42.89 -33.43 14.97
CA TYR E 88 -43.44 -32.80 13.77
C TYR E 88 -42.85 -31.43 13.47
N VAL E 89 -41.90 -30.94 14.25
CA VAL E 89 -41.32 -29.63 13.96
C VAL E 89 -40.41 -29.70 12.74
N ALA E 90 -39.53 -30.71 12.70
CA ALA E 90 -38.72 -30.96 11.52
C ALA E 90 -39.56 -31.80 10.55
N LYS E 91 -39.80 -31.26 9.35
CA LYS E 91 -40.69 -31.88 8.37
C LYS E 91 -40.02 -32.96 7.54
N ASP E 92 -38.75 -32.80 7.19
CA ASP E 92 -38.03 -33.83 6.45
C ASP E 92 -36.55 -33.63 6.72
N PHE E 93 -35.72 -34.52 6.16
CA PHE E 93 -34.30 -34.45 6.45
C PHE E 93 -33.69 -33.15 5.92
N ASP E 94 -34.10 -32.72 4.73
CA ASP E 94 -33.54 -31.49 4.18
C ASP E 94 -33.80 -30.31 5.11
N HIS E 95 -35.01 -30.25 5.68
CA HIS E 95 -35.32 -29.24 6.68
C HIS E 95 -34.42 -29.37 7.90
N LEU E 96 -34.22 -30.60 8.38
CA LEU E 96 -33.35 -30.81 9.54
C LEU E 96 -31.93 -30.38 9.24
N ARG E 97 -31.41 -30.69 8.04
CA ARG E 97 -30.06 -30.26 7.70
C ARG E 97 -29.97 -28.74 7.68
N ARG E 98 -31.02 -28.06 7.22
CA ARG E 98 -31.01 -26.59 7.24
C ARG E 98 -30.95 -26.08 8.67
N MET E 99 -31.71 -26.71 9.58
CA MET E 99 -31.56 -26.39 10.99
C MET E 99 -30.15 -26.73 11.45
N PHE E 100 -29.66 -27.91 11.07
CA PHE E 100 -28.33 -28.31 11.49
C PHE E 100 -27.28 -27.31 11.00
N GLU E 101 -27.46 -26.72 9.78
CA GLU E 101 -26.39 -25.84 9.31
C GLU E 101 -26.66 -24.35 9.55
N SER E 102 -27.82 -23.95 10.05
CA SER E 102 -28.08 -22.53 10.28
C SER E 102 -27.11 -21.98 11.33
N ASP E 103 -27.15 -20.67 11.56
CA ASP E 103 -26.34 -20.08 12.63
C ASP E 103 -26.72 -20.67 13.98
N PHE E 104 -28.00 -20.96 14.19
CA PHE E 104 -28.42 -21.67 15.38
C PHE E 104 -27.72 -23.02 15.47
N GLY E 105 -27.70 -23.77 14.37
CA GLY E 105 -27.01 -25.05 14.38
C GLY E 105 -25.53 -24.93 14.69
N GLN E 106 -24.85 -24.00 14.02
CA GLN E 106 -23.43 -23.80 14.29
C GLN E 106 -23.20 -23.35 15.72
N GLY E 107 -24.14 -22.59 16.28
CA GLY E 107 -24.01 -22.20 17.67
C GLY E 107 -24.04 -23.41 18.59
N VAL E 108 -24.97 -24.34 18.34
CA VAL E 108 -25.02 -25.57 19.13
C VAL E 108 -23.74 -26.37 18.91
N ARG E 109 -23.32 -26.50 17.66
CA ARG E 109 -22.13 -27.30 17.34
C ARG E 109 -20.89 -26.71 17.99
N ASP E 110 -20.80 -25.38 18.06
CA ASP E 110 -19.69 -24.76 18.78
C ASP E 110 -19.75 -25.08 20.26
N GLU E 111 -20.95 -25.03 20.86
CA GLU E 111 -21.08 -25.32 22.27
C GLU E 111 -20.80 -26.79 22.55
N MET E 112 -21.21 -27.68 21.64
CA MET E 112 -20.81 -29.08 21.74
C MET E 112 -19.29 -29.19 21.86
N LEU E 113 -18.58 -28.46 20.99
CA LEU E 113 -17.14 -28.57 20.91
C LEU E 113 -16.44 -27.94 22.13
N GLN E 114 -16.86 -26.74 22.55
CA GLN E 114 -16.14 -26.09 23.65
C GLN E 114 -16.42 -26.78 24.98
N LYS E 115 -17.71 -27.03 25.27
CA LYS E 115 -18.17 -27.44 26.59
C LYS E 115 -18.26 -28.95 26.80
N PHE E 116 -18.37 -29.73 25.73
CA PHE E 116 -18.61 -31.16 25.87
C PHE E 116 -17.71 -32.01 24.99
N ASN E 117 -16.72 -31.41 24.32
CA ASN E 117 -15.70 -32.16 23.60
C ASN E 117 -16.28 -33.00 22.47
N TRP E 118 -17.30 -32.48 21.79
CA TRP E 118 -17.95 -33.17 20.68
C TRP E 118 -17.73 -32.38 19.39
N ARG E 119 -17.02 -32.99 18.44
CA ARG E 119 -16.85 -32.45 17.09
C ARG E 119 -17.74 -33.27 16.16
N ALA E 120 -18.85 -32.66 15.73
CA ALA E 120 -19.75 -33.25 14.74
C ALA E 120 -19.13 -33.09 13.36
N LEU E 121 -18.74 -34.21 12.74
CA LEU E 121 -18.10 -34.15 11.42
C LEU E 121 -19.12 -34.09 10.29
N ASP E 122 -20.29 -34.70 10.48
CA ASP E 122 -21.36 -34.73 9.48
C ASP E 122 -22.61 -35.19 10.22
N THR E 123 -23.74 -35.08 9.54
CA THR E 123 -24.98 -35.69 10.03
C THR E 123 -25.68 -36.38 8.86
N TRP E 124 -26.19 -37.58 9.12
CA TRP E 124 -26.82 -38.41 8.11
C TRP E 124 -28.30 -38.57 8.41
N TYR E 125 -29.06 -38.98 7.39
CA TYR E 125 -30.46 -39.33 7.57
C TYR E 125 -30.58 -40.74 8.12
N ASN E 126 -31.34 -40.91 9.20
CA ASN E 126 -31.59 -42.22 9.78
C ASN E 126 -33.06 -42.61 9.71
N GLY E 127 -33.92 -41.78 9.15
CA GLY E 127 -35.31 -42.14 8.91
C GLY E 127 -36.27 -41.35 9.77
N THR E 128 -37.55 -41.44 9.37
CA THR E 128 -38.65 -40.80 10.07
C THR E 128 -39.39 -41.88 10.86
N ARG E 129 -39.62 -41.62 12.15
CA ARG E 129 -40.14 -42.65 13.03
C ARG E 129 -41.64 -42.86 12.81
N GLU E 130 -42.03 -44.13 12.74
CA GLU E 130 -43.41 -44.55 12.63
C GLU E 130 -43.75 -45.41 13.84
N THR E 131 -45.03 -45.74 13.99
CA THR E 131 -45.53 -46.42 15.17
C THR E 131 -46.08 -47.79 14.81
N THR E 132 -45.60 -48.81 15.50
CA THR E 132 -46.11 -50.17 15.40
C THR E 132 -46.91 -50.51 16.67
N SER E 133 -47.82 -51.47 16.55
CA SER E 133 -48.67 -51.81 17.68
C SER E 133 -49.24 -53.22 17.49
N ASN E 134 -49.73 -53.78 18.60
CA ASN E 134 -50.39 -55.08 18.57
C ASN E 134 -51.87 -54.97 18.24
N ARG E 135 -52.45 -53.77 18.31
CA ARG E 135 -53.81 -53.49 17.89
C ARG E 135 -53.80 -52.39 16.83
N PRO E 136 -54.80 -52.34 15.95
CA PRO E 136 -54.78 -51.32 14.89
C PRO E 136 -54.92 -49.91 15.46
N LEU E 137 -54.19 -48.98 14.85
CA LEU E 137 -54.14 -47.57 15.25
C LEU E 137 -54.64 -46.70 14.09
N ASN E 138 -55.94 -46.76 13.84
CA ASN E 138 -56.51 -45.99 12.74
C ASN E 138 -56.48 -44.48 12.97
N SER E 139 -56.73 -44.04 14.20
CA SER E 139 -56.73 -42.60 14.49
C SER E 139 -56.01 -42.35 15.81
N ILE E 140 -55.77 -41.07 16.09
CA ILE E 140 -55.20 -40.67 17.38
C ILE E 140 -56.05 -41.21 18.53
N GLU E 141 -57.36 -41.38 18.30
CA GLU E 141 -58.23 -41.85 19.36
C GLU E 141 -57.90 -43.27 19.78
N ASP E 142 -57.27 -44.06 18.90
CA ASP E 142 -56.85 -45.41 19.23
C ASP E 142 -55.59 -45.46 20.08
N PHE E 143 -54.88 -44.33 20.22
CA PHE E 143 -53.68 -44.31 21.05
C PHE E 143 -54.00 -44.34 22.54
N LYS E 144 -55.21 -43.95 22.96
CA LYS E 144 -55.52 -43.93 24.38
C LYS E 144 -55.50 -45.35 24.94
N GLY E 145 -54.75 -45.52 26.04
CA GLY E 145 -54.56 -46.79 26.72
C GLY E 145 -53.53 -47.71 26.11
N LEU E 146 -52.85 -47.28 25.05
CA LEU E 146 -51.77 -48.05 24.47
C LEU E 146 -50.50 -47.90 25.30
N LYS E 147 -49.91 -49.02 25.72
CA LYS E 147 -48.60 -49.01 26.38
C LYS E 147 -47.55 -48.89 25.28
N LEU E 148 -47.09 -47.67 25.03
CA LEU E 148 -46.22 -47.37 23.90
C LEU E 148 -44.79 -47.27 24.43
N ARG E 149 -43.91 -48.13 23.96
CA ARG E 149 -42.52 -48.05 24.33
C ARG E 149 -41.87 -46.83 23.67
N VAL E 150 -41.05 -46.12 24.44
CA VAL E 150 -40.26 -45.00 23.92
C VAL E 150 -38.82 -45.18 24.39
N PRO E 151 -37.84 -44.64 23.68
CA PRO E 151 -36.50 -44.54 24.26
C PRO E 151 -36.49 -43.58 25.43
N ASN E 152 -35.38 -43.60 26.18
CA ASN E 152 -35.19 -42.67 27.28
C ASN E 152 -34.90 -41.27 26.72
N ALA E 153 -35.91 -40.69 26.06
CA ALA E 153 -35.79 -39.39 25.41
C ALA E 153 -37.07 -38.60 25.62
N LYS E 154 -36.94 -37.34 26.02
CA LYS E 154 -38.11 -36.56 26.44
C LYS E 154 -39.10 -36.40 25.30
N GLN E 155 -38.61 -36.18 24.07
CA GLN E 155 -39.51 -35.86 22.97
C GLN E 155 -40.20 -37.08 22.41
N ASN E 156 -39.56 -38.26 22.49
CA ASN E 156 -40.28 -39.48 22.18
C ASN E 156 -41.39 -39.73 23.20
N LEU E 157 -41.10 -39.49 24.49
CA LEU E 157 -42.14 -39.57 25.50
C LEU E 157 -43.25 -38.57 25.24
N ASN E 158 -42.90 -37.33 24.92
CA ASN E 158 -43.92 -36.31 24.69
C ASN E 158 -44.85 -36.71 23.56
N TYR E 159 -44.28 -37.24 22.45
CA TYR E 159 -45.12 -37.72 21.36
C TYR E 159 -46.11 -38.76 21.87
N ALA E 160 -45.60 -39.74 22.59
CA ALA E 160 -46.47 -40.74 23.17
C ALA E 160 -47.47 -40.12 24.13
N LYS E 161 -47.00 -39.28 25.08
CA LYS E 161 -47.91 -38.74 26.10
C LYS E 161 -49.13 -38.09 25.43
N LEU E 162 -48.90 -37.12 24.49
CA LEU E 162 -49.91 -36.23 23.87
C LEU E 162 -50.79 -36.88 22.77
N SER E 163 -50.42 -38.05 22.25
CA SER E 163 -51.35 -38.83 21.46
C SER E 163 -52.37 -39.52 22.35
N GLY E 164 -52.11 -39.57 23.66
CA GLY E 164 -52.98 -40.21 24.62
C GLY E 164 -52.54 -41.58 25.07
N ALA E 165 -51.39 -42.05 24.59
CA ALA E 165 -50.87 -43.35 24.99
C ALA E 165 -50.22 -43.28 26.37
N SER E 166 -49.97 -44.45 26.94
CA SER E 166 -49.18 -44.59 28.16
C SER E 166 -47.73 -44.87 27.81
N PRO E 167 -46.83 -43.90 27.93
CA PRO E 167 -45.43 -44.15 27.55
C PRO E 167 -44.72 -45.05 28.56
N THR E 168 -43.92 -45.98 28.04
CA THR E 168 -43.06 -46.83 28.87
C THR E 168 -41.63 -46.68 28.38
N PRO E 169 -40.82 -45.82 29.00
CA PRO E 169 -39.42 -45.68 28.55
C PRO E 169 -38.53 -46.85 28.96
N MET E 170 -37.77 -47.38 27.99
CA MET E 170 -36.83 -48.46 28.24
C MET E 170 -35.86 -48.59 27.09
N SER E 171 -34.68 -49.13 27.40
CA SER E 171 -33.57 -49.19 26.48
C SER E 171 -33.84 -50.09 25.26
N PHE E 172 -33.12 -49.76 24.18
CA PHE E 172 -33.34 -50.31 22.86
C PHE E 172 -33.10 -51.81 22.79
N SER E 173 -32.20 -52.34 23.63
CA SER E 173 -31.92 -53.77 23.58
C SER E 173 -33.07 -54.62 24.10
N GLU E 174 -33.92 -54.08 24.97
CA GLU E 174 -35.00 -54.82 25.60
C GLU E 174 -36.30 -54.80 24.79
N VAL E 175 -36.32 -54.09 23.66
CA VAL E 175 -37.59 -53.76 23.04
C VAL E 175 -38.24 -54.99 22.40
N TYR E 176 -37.47 -55.75 21.61
CA TYR E 176 -38.05 -56.85 20.84
C TYR E 176 -38.84 -57.80 21.74
N LEU E 177 -38.24 -58.17 22.86
CA LEU E 177 -38.80 -59.15 23.77
C LEU E 177 -40.03 -58.59 24.49
N ALA E 178 -39.98 -57.32 24.89
CA ALA E 178 -41.16 -56.71 25.50
C ALA E 178 -42.33 -56.65 24.52
N LEU E 179 -42.05 -56.53 23.22
CA LEU E 179 -43.12 -56.66 22.23
C LEU E 179 -43.56 -58.11 22.10
N GLN E 180 -42.61 -59.04 22.11
CA GLN E 180 -42.95 -60.46 22.05
C GLN E 180 -43.84 -60.84 23.23
N THR E 181 -43.51 -60.38 24.43
CA THR E 181 -44.29 -60.66 25.61
C THR E 181 -45.47 -59.71 25.78
N ASN E 182 -45.69 -58.81 24.83
CA ASN E 182 -46.75 -57.81 24.96
C ASN E 182 -46.69 -57.14 26.34
N ALA E 183 -45.49 -57.04 26.91
CA ALA E 183 -45.30 -56.21 28.08
C ALA E 183 -45.55 -54.75 27.73
N VAL E 184 -45.34 -54.41 26.47
CA VAL E 184 -45.70 -53.12 25.90
C VAL E 184 -46.54 -53.42 24.67
N ASP E 185 -47.46 -52.51 24.34
CA ASP E 185 -48.35 -52.76 23.21
C ASP E 185 -47.71 -52.32 21.90
N GLY E 186 -46.82 -51.34 21.95
CA GLY E 186 -46.24 -50.80 20.73
C GLY E 186 -44.89 -50.17 20.96
N GLN E 187 -44.27 -49.78 19.85
CA GLN E 187 -43.01 -49.03 19.85
C GLN E 187 -43.04 -48.14 18.61
N GLU E 188 -42.06 -47.23 18.54
CA GLU E 188 -42.01 -46.27 17.45
C GLU E 188 -40.55 -46.08 17.05
N ASN E 189 -40.29 -46.31 15.78
CA ASN E 189 -38.94 -46.28 15.25
C ASN E 189 -39.00 -46.16 13.73
N PRO E 190 -37.88 -45.95 13.06
CA PRO E 190 -37.88 -45.86 11.59
C PRO E 190 -38.01 -47.16 10.79
N LEU E 191 -38.22 -46.93 9.43
CA LEU E 191 -38.57 -47.95 8.41
C LEU E 191 -37.47 -49.00 8.42
N PRO E 192 -36.21 -48.61 8.37
CA PRO E 192 -35.10 -49.56 8.39
C PRO E 192 -34.90 -50.22 9.72
N THR E 193 -35.16 -49.51 10.82
CA THR E 193 -34.92 -50.11 12.14
C THR E 193 -35.96 -51.18 12.46
N ILE E 194 -37.23 -50.94 12.12
CA ILE E 194 -38.26 -51.96 12.38
C ILE E 194 -37.94 -53.22 11.60
N LYS E 195 -37.37 -53.07 10.40
CA LYS E 195 -36.95 -54.23 9.62
C LYS E 195 -35.71 -54.86 10.23
N THR E 196 -34.64 -54.08 10.38
CA THR E 196 -33.39 -54.65 10.89
C THR E 196 -33.59 -55.32 12.24
N MET E 197 -34.21 -54.59 13.18
CA MET E 197 -34.46 -55.15 14.51
C MET E 197 -35.57 -56.19 14.48
N LYS E 198 -36.29 -56.31 13.38
CA LYS E 198 -37.34 -57.31 13.21
C LYS E 198 -38.46 -57.13 14.24
N PHE E 199 -38.78 -55.88 14.56
CA PHE E 199 -39.96 -55.63 15.38
C PHE E 199 -41.22 -56.10 14.67
N TYR E 200 -41.23 -56.06 13.34
CA TYR E 200 -42.40 -56.48 12.57
C TYR E 200 -42.74 -57.94 12.81
N GLU E 201 -41.80 -58.75 13.29
CA GLU E 201 -42.13 -60.14 13.55
C GLU E 201 -43.16 -60.25 14.66
N VAL E 202 -43.13 -59.29 15.58
CA VAL E 202 -43.89 -59.33 16.83
C VAL E 202 -44.89 -58.20 16.93
N GLN E 203 -45.09 -57.47 15.84
CA GLN E 203 -46.03 -56.36 15.79
C GLN E 203 -46.84 -56.54 14.51
N LYS E 204 -48.15 -56.64 14.64
CA LYS E 204 -49.01 -56.88 13.48
C LYS E 204 -49.48 -55.60 12.81
N ASN E 205 -49.29 -54.44 13.41
CA ASN E 205 -49.78 -53.18 12.88
C ASN E 205 -48.67 -52.14 12.80
N LEU E 206 -48.75 -51.27 11.80
CA LEU E 206 -47.79 -50.18 11.59
C LEU E 206 -48.57 -48.93 11.20
N ALA E 207 -48.39 -47.86 11.97
CA ALA E 207 -49.12 -46.61 11.78
C ALA E 207 -48.20 -45.49 11.30
N MET E 208 -48.26 -45.21 9.99
CA MET E 208 -47.50 -44.13 9.37
C MET E 208 -47.73 -42.76 10.04
N THR E 209 -47.17 -42.55 11.23
CA THR E 209 -47.42 -41.34 12.00
C THR E 209 -46.41 -40.23 11.75
N HIS E 210 -45.24 -40.54 11.17
CA HIS E 210 -44.28 -39.53 10.72
C HIS E 210 -43.94 -38.51 11.80
N HIS E 211 -43.85 -38.95 13.05
CA HIS E 211 -43.87 -37.97 14.13
C HIS E 211 -42.50 -37.33 14.40
N ILE E 212 -41.40 -38.03 14.18
CA ILE E 212 -40.08 -37.45 14.40
C ILE E 212 -39.14 -37.87 13.28
N VAL E 213 -38.41 -36.90 12.74
CA VAL E 213 -37.37 -37.16 11.75
C VAL E 213 -36.03 -37.25 12.48
N ASN E 214 -35.36 -38.39 12.32
CA ASN E 214 -34.06 -38.64 12.95
C ASN E 214 -32.94 -38.37 11.96
N ASP E 215 -32.01 -37.51 12.36
CA ASP E 215 -30.70 -37.44 11.70
C ASP E 215 -29.76 -38.41 12.41
N GLN E 216 -28.48 -38.39 12.05
CA GLN E 216 -27.49 -39.20 12.74
C GLN E 216 -26.14 -38.51 12.59
N MET E 217 -25.74 -37.76 13.61
CA MET E 217 -24.43 -37.14 13.60
C MET E 217 -23.35 -38.17 13.84
N VAL E 218 -22.25 -38.06 13.11
CA VAL E 218 -21.01 -38.75 13.43
C VAL E 218 -20.18 -37.78 14.28
N ILE E 219 -19.94 -38.14 15.53
CA ILE E 219 -19.26 -37.26 16.47
C ILE E 219 -17.93 -37.91 16.83
N ILE E 220 -16.85 -37.12 16.74
CA ILE E 220 -15.53 -37.53 17.21
C ILE E 220 -15.19 -36.71 18.46
N SER E 221 -14.49 -37.34 19.39
CA SER E 221 -13.97 -36.63 20.55
C SER E 221 -13.01 -35.54 20.08
N GLU E 222 -13.25 -34.30 20.52
CA GLU E 222 -12.42 -33.19 20.08
C GLU E 222 -10.97 -33.34 20.52
N SER E 223 -10.74 -33.91 21.70
CA SER E 223 -9.37 -34.10 22.16
C SER E 223 -8.61 -35.12 21.31
N THR E 224 -9.31 -36.17 20.84
CA THR E 224 -8.68 -37.10 19.91
C THR E 224 -8.50 -36.45 18.53
N TRP E 225 -9.51 -35.70 18.09
CA TRP E 225 -9.41 -35.01 16.80
C TRP E 225 -8.17 -34.11 16.76
N GLN E 226 -7.94 -33.36 17.82
CA GLN E 226 -6.81 -32.42 17.88
C GLN E 226 -5.46 -33.13 17.98
N LYS E 227 -5.44 -34.43 18.25
CA LYS E 227 -4.21 -35.20 18.23
C LYS E 227 -3.84 -35.67 16.83
N LEU E 228 -4.76 -35.55 15.87
CA LEU E 228 -4.54 -35.98 14.50
C LEU E 228 -3.74 -34.95 13.70
N SER E 229 -3.06 -35.44 12.66
CA SER E 229 -2.43 -34.60 11.66
C SER E 229 -3.48 -34.02 10.71
N ASP E 230 -3.09 -32.96 9.99
CA ASP E 230 -4.03 -32.32 9.07
C ASP E 230 -4.49 -33.27 7.97
N THR E 231 -3.59 -34.12 7.47
CA THR E 231 -3.95 -35.08 6.44
C THR E 231 -4.88 -36.16 6.98
N ASP E 232 -4.62 -36.65 8.19
CA ASP E 232 -5.52 -37.62 8.81
C ASP E 232 -6.92 -37.03 8.95
N LYS E 233 -7.01 -35.78 9.40
CA LYS E 233 -8.31 -35.12 9.48
C LYS E 233 -8.99 -35.07 8.12
N ASP E 234 -8.23 -34.76 7.07
CA ASP E 234 -8.81 -34.71 5.74
C ASP E 234 -9.35 -36.07 5.32
N ILE E 235 -8.58 -37.14 5.58
CA ILE E 235 -9.05 -38.48 5.28
C ILE E 235 -10.35 -38.77 6.01
N ILE E 236 -10.36 -38.53 7.32
CA ILE E 236 -11.56 -38.82 8.09
C ILE E 236 -12.71 -37.96 7.55
N GLN E 237 -12.46 -36.66 7.32
CA GLN E 237 -13.52 -35.77 6.82
C GLN E 237 -14.04 -36.25 5.47
N LYS E 238 -13.11 -36.70 4.62
CA LYS E 238 -13.47 -37.00 3.26
C LYS E 238 -14.43 -38.20 3.29
N ALA E 239 -14.04 -39.16 4.12
CA ALA E 239 -14.62 -40.47 4.24
C ALA E 239 -15.96 -40.47 4.93
N VAL E 240 -16.07 -39.77 6.06
CA VAL E 240 -17.36 -39.72 6.74
C VAL E 240 -18.38 -39.10 5.81
N GLN E 241 -18.00 -37.99 5.18
CA GLN E 241 -18.84 -37.38 4.16
C GLN E 241 -18.99 -38.40 3.06
N LYS E 242 -17.98 -39.24 2.87
CA LYS E 242 -18.23 -40.17 1.80
C LYS E 242 -19.30 -41.15 2.17
N VAL E 243 -19.20 -41.72 3.38
CA VAL E 243 -20.12 -42.76 3.80
C VAL E 243 -21.50 -42.18 4.07
N GLY E 244 -21.58 -40.91 4.47
CA GLY E 244 -22.89 -40.35 4.77
C GLY E 244 -23.80 -40.25 3.55
N ASP E 245 -23.24 -39.87 2.40
CA ASP E 245 -24.05 -39.83 1.19
C ASP E 245 -24.68 -41.19 0.92
N ALA E 246 -23.90 -42.26 1.05
CA ALA E 246 -24.45 -43.61 0.89
C ALA E 246 -25.48 -43.92 1.97
N HIS E 247 -25.15 -43.64 3.23
CA HIS E 247 -26.08 -43.92 4.31
C HIS E 247 -27.41 -43.23 4.09
N THR E 248 -27.39 -41.91 3.87
CA THR E 248 -28.63 -41.17 3.65
C THR E 248 -29.41 -41.75 2.48
N GLN E 249 -28.72 -42.08 1.39
CA GLN E 249 -29.41 -42.64 0.22
C GLN E 249 -29.97 -44.02 0.53
N THR E 250 -29.21 -44.84 1.26
CA THR E 250 -29.69 -46.18 1.61
C THR E 250 -31.00 -46.11 2.38
N VAL E 251 -31.08 -45.19 3.35
CA VAL E 251 -32.30 -45.07 4.15
C VAL E 251 -33.47 -44.64 3.29
N LYS E 252 -33.23 -43.66 2.41
CA LYS E 252 -34.30 -43.19 1.54
C LYS E 252 -34.80 -44.32 0.65
N THR E 253 -33.87 -45.10 0.09
CA THR E 253 -34.26 -46.25 -0.72
C THR E 253 -35.11 -47.22 0.09
N GLN E 254 -34.63 -47.60 1.26
CA GLN E 254 -35.35 -48.58 2.08
C GLN E 254 -36.70 -48.05 2.52
N GLU E 255 -36.74 -46.79 3.00
CA GLU E 255 -38.01 -46.22 3.45
C GLU E 255 -39.05 -46.22 2.34
N ALA E 256 -38.63 -46.16 1.08
CA ALA E 256 -39.59 -46.17 -0.01
C ALA E 256 -40.15 -47.56 -0.28
N GLU E 257 -39.37 -48.63 -0.04
CA GLU E 257 -39.78 -49.99 -0.36
C GLU E 257 -40.32 -50.80 0.81
N LEU E 258 -39.92 -50.50 2.05
CA LEU E 258 -40.16 -51.45 3.13
C LEU E 258 -41.64 -51.61 3.43
N VAL E 259 -42.48 -50.60 3.09
CA VAL E 259 -43.93 -50.78 3.25
C VAL E 259 -44.44 -51.91 2.37
N SER E 260 -43.97 -51.98 1.12
CA SER E 260 -44.43 -53.05 0.25
C SER E 260 -44.05 -54.37 0.91
N PHE E 261 -42.86 -54.40 1.50
CA PHE E 261 -42.41 -55.58 2.22
C PHE E 261 -43.29 -55.93 3.42
N PHE E 262 -43.62 -54.96 4.28
CA PHE E 262 -44.31 -55.29 5.53
C PHE E 262 -45.68 -55.89 5.27
N LYS E 263 -46.37 -55.33 4.30
CA LYS E 263 -47.70 -55.79 3.96
C LYS E 263 -47.64 -57.20 3.41
N SER E 264 -46.63 -57.49 2.59
CA SER E 264 -46.38 -58.83 2.12
C SER E 264 -46.01 -59.78 3.27
N GLU E 265 -45.67 -59.24 4.44
CA GLU E 265 -45.55 -60.01 5.67
C GLU E 265 -46.79 -59.84 6.56
N GLY E 266 -47.96 -59.75 5.94
CA GLY E 266 -49.22 -59.59 6.66
C GLY E 266 -49.30 -58.45 7.66
N ILE E 267 -48.46 -57.43 7.55
CA ILE E 267 -48.58 -56.28 8.46
C ILE E 267 -49.75 -55.40 8.03
N ASN E 268 -50.61 -55.05 8.97
CA ASN E 268 -51.66 -54.06 8.74
C ASN E 268 -51.10 -52.64 8.89
N VAL E 269 -51.14 -51.86 7.81
CA VAL E 269 -50.59 -50.51 7.82
C VAL E 269 -51.71 -49.49 7.66
N THR E 270 -51.78 -48.56 8.60
CA THR E 270 -52.80 -47.53 8.70
C THR E 270 -52.19 -46.15 8.45
N TYR E 271 -52.91 -45.31 7.72
CA TYR E 271 -52.53 -43.92 7.50
C TYR E 271 -53.42 -42.96 8.28
N PRO E 272 -53.26 -42.87 9.59
CA PRO E 272 -54.16 -42.02 10.38
C PRO E 272 -54.05 -40.55 10.01
N ASP E 273 -55.12 -39.80 10.30
CA ASP E 273 -55.14 -38.36 10.10
C ASP E 273 -54.19 -37.71 11.11
N LEU E 274 -53.17 -37.02 10.61
CA LEU E 274 -52.12 -36.50 11.47
C LEU E 274 -52.39 -35.12 12.04
N GLU E 275 -53.33 -34.37 11.48
CA GLU E 275 -53.62 -33.05 12.04
C GLU E 275 -53.98 -33.15 13.52
N PRO E 276 -54.79 -34.11 13.97
CA PRO E 276 -55.03 -34.24 15.42
C PRO E 276 -53.78 -34.58 16.23
N PHE E 277 -52.81 -35.25 15.63
CA PHE E 277 -51.50 -35.40 16.30
C PHE E 277 -50.78 -34.07 16.33
N ARG E 278 -50.76 -33.40 15.18
CA ARG E 278 -50.34 -32.01 15.21
C ARG E 278 -51.27 -31.23 16.16
N GLU E 279 -52.46 -31.83 16.62
CA GLU E 279 -53.29 -31.07 17.58
C GLU E 279 -52.30 -30.41 18.47
N ALA E 280 -51.42 -31.28 19.01
CA ALA E 280 -51.35 -31.63 20.42
C ALA E 280 -50.04 -31.20 20.98
N MET E 281 -49.08 -31.07 20.09
CA MET E 281 -47.76 -30.55 20.32
C MET E 281 -47.82 -29.03 20.41
N GLN E 282 -48.95 -28.40 20.06
CA GLN E 282 -49.00 -26.94 20.11
C GLN E 282 -48.71 -26.42 21.52
N PRO E 283 -49.36 -26.92 22.58
CA PRO E 283 -48.98 -26.47 23.93
C PRO E 283 -47.56 -26.88 24.29
N LEU E 284 -47.07 -28.00 23.76
CA LEU E 284 -45.71 -28.43 24.04
C LEU E 284 -44.69 -27.46 23.46
N TYR E 285 -44.93 -27.00 22.23
CA TYR E 285 -44.04 -26.01 21.66
C TYR E 285 -43.98 -24.75 22.52
N LYS E 286 -45.14 -24.28 22.99
CA LYS E 286 -45.21 -23.04 23.76
C LYS E 286 -44.45 -23.16 25.09
N GLU E 287 -44.65 -24.25 25.83
CA GLU E 287 -43.83 -24.44 27.01
C GLU E 287 -42.35 -24.49 26.65
N PHE E 288 -41.99 -25.16 25.54
CA PHE E 288 -40.57 -25.27 25.21
C PHE E 288 -39.92 -23.90 25.08
N ASP E 289 -40.51 -23.02 24.27
CA ASP E 289 -40.00 -21.66 24.15
C ASP E 289 -39.92 -21.00 25.53
N SER E 290 -40.96 -21.18 26.33
CA SER E 290 -40.98 -20.57 27.66
C SER E 290 -39.86 -21.10 28.57
N ASN E 291 -39.52 -22.40 28.47
CA ASN E 291 -38.52 -22.95 29.39
C ASN E 291 -37.17 -22.32 29.11
N ILE E 292 -37.02 -21.64 27.98
CA ILE E 292 -35.63 -21.79 27.53
C ILE E 292 -35.18 -20.40 27.67
N GLY E 293 -36.18 -19.54 27.70
CA GLY E 293 -36.06 -18.17 27.96
C GLY E 293 -36.05 -17.44 26.70
N GLN E 294 -36.01 -18.16 25.57
CA GLN E 294 -35.95 -17.47 24.21
C GLN E 294 -36.74 -18.28 23.20
N PRO E 295 -37.61 -17.68 22.39
CA PRO E 295 -38.37 -18.47 21.40
C PRO E 295 -37.43 -19.06 20.35
N ILE E 296 -37.68 -20.31 19.98
CA ILE E 296 -36.85 -20.97 18.97
C ILE E 296 -37.68 -21.88 18.07
N VAL E 297 -38.76 -22.44 18.61
CA VAL E 297 -39.50 -23.46 17.87
C VAL E 297 -40.05 -22.88 16.57
N SER E 298 -40.68 -21.70 16.65
CA SER E 298 -41.22 -21.09 15.44
C SER E 298 -40.12 -20.74 14.45
N LYS E 299 -38.98 -20.27 14.94
CA LYS E 299 -37.85 -20.00 14.06
C LYS E 299 -37.41 -21.26 13.32
N LEU E 300 -37.24 -22.36 14.05
CA LEU E 300 -36.77 -23.59 13.44
C LEU E 300 -37.76 -24.12 12.41
N ALA E 301 -39.05 -24.14 12.76
CA ALA E 301 -40.06 -24.66 11.84
C ALA E 301 -40.08 -23.90 10.52
N ALA E 302 -39.68 -22.63 10.54
CA ALA E 302 -39.77 -21.78 9.36
C ALA E 302 -38.55 -21.89 8.44
N MET E 303 -37.50 -22.59 8.85
CA MET E 303 -36.29 -22.68 8.03
C MET E 303 -36.55 -23.51 6.77
N GLY F 1 -37.50 -22.79 33.70
CA GLY F 1 -36.36 -21.97 34.19
C GLY F 1 -35.09 -22.79 34.26
N SER F 2 -34.04 -22.34 33.57
CA SER F 2 -32.94 -23.23 33.21
C SER F 2 -31.84 -23.32 34.26
N GLN F 3 -31.66 -22.32 35.11
CA GLN F 3 -30.51 -22.34 36.02
C GLN F 3 -30.82 -23.16 37.25
N VAL F 4 -29.76 -23.69 37.87
CA VAL F 4 -29.85 -24.52 39.06
C VAL F 4 -29.20 -23.81 40.23
N GLN F 5 -29.89 -23.83 41.38
CA GLN F 5 -29.40 -23.26 42.63
C GLN F 5 -29.09 -24.40 43.59
N LEU F 6 -27.93 -24.33 44.25
CA LEU F 6 -27.43 -25.42 45.09
C LEU F 6 -27.11 -24.90 46.49
N VAL F 7 -27.45 -25.70 47.50
CA VAL F 7 -27.20 -25.35 48.90
C VAL F 7 -26.62 -26.58 49.61
N GLU F 8 -25.36 -26.47 50.04
CA GLU F 8 -24.73 -27.54 50.78
C GLU F 8 -24.98 -27.40 52.29
N SER F 9 -25.04 -28.53 52.97
CA SER F 9 -25.03 -28.58 54.43
C SER F 9 -24.25 -29.82 54.86
N GLY F 10 -23.80 -29.82 56.11
CA GLY F 10 -23.12 -30.96 56.70
C GLY F 10 -21.80 -30.62 57.35
N GLY F 11 -21.20 -29.48 57.00
CA GLY F 11 -19.87 -29.12 57.44
C GLY F 11 -19.72 -29.06 58.95
N ARG F 12 -18.68 -29.70 59.47
CA ARG F 12 -18.50 -29.82 60.91
C ARG F 12 -17.03 -29.95 61.23
N LEU F 13 -16.72 -29.81 62.52
CA LEU F 13 -15.44 -30.25 63.05
C LEU F 13 -15.56 -31.73 63.39
N VAL F 14 -14.71 -32.56 62.79
CA VAL F 14 -14.74 -33.99 63.00
C VAL F 14 -13.32 -34.45 63.30
N GLN F 15 -13.20 -35.69 63.78
CA GLN F 15 -11.94 -36.26 64.21
C GLN F 15 -11.32 -37.10 63.10
N THR F 16 -10.00 -37.31 63.22
CA THR F 16 -9.32 -38.24 62.33
C THR F 16 -9.95 -39.62 62.46
N GLY F 17 -10.16 -40.27 61.32
CA GLY F 17 -10.85 -41.55 61.30
C GLY F 17 -12.35 -41.45 61.39
N GLY F 18 -12.89 -40.26 61.62
CA GLY F 18 -14.33 -40.11 61.75
C GLY F 18 -15.03 -40.12 60.40
N SER F 19 -16.35 -40.15 60.47
CA SER F 19 -17.20 -40.17 59.29
C SER F 19 -18.14 -38.97 59.31
N LEU F 20 -18.38 -38.40 58.13
CA LEU F 20 -19.22 -37.23 57.98
C LEU F 20 -20.00 -37.33 56.67
N ARG F 21 -21.28 -36.97 56.73
CA ARG F 21 -22.15 -36.94 55.56
C ARG F 21 -22.47 -35.49 55.20
N LEU F 22 -22.08 -35.09 53.99
CA LEU F 22 -22.51 -33.82 53.43
C LEU F 22 -23.76 -34.04 52.60
N SER F 23 -24.62 -33.02 52.56
CA SER F 23 -25.83 -33.06 51.76
C SER F 23 -25.99 -31.74 51.01
N CYS F 24 -26.56 -31.81 49.82
CA CYS F 24 -26.75 -30.66 48.94
C CYS F 24 -28.17 -30.69 48.39
N ALA F 25 -28.88 -29.57 48.54
CA ALA F 25 -30.25 -29.43 48.06
C ALA F 25 -30.26 -28.61 46.78
N ALA F 26 -30.92 -29.11 45.76
CA ALA F 26 -30.96 -28.48 44.45
C ALA F 26 -32.35 -27.97 44.15
N SER F 27 -32.43 -26.80 43.52
CA SER F 27 -33.69 -26.22 43.09
C SER F 27 -33.50 -25.60 41.71
N GLY F 28 -34.63 -25.27 41.07
CA GLY F 28 -34.59 -24.62 39.77
C GLY F 28 -34.94 -25.53 38.61
N ASP F 29 -33.94 -25.97 37.86
CA ASP F 29 -34.18 -26.80 36.69
C ASP F 29 -34.30 -28.27 37.12
N THR F 30 -34.66 -29.13 36.17
CA THR F 30 -35.01 -30.50 36.51
C THR F 30 -33.76 -31.24 37.00
N PHE F 31 -33.84 -31.76 38.23
CA PHE F 31 -32.68 -32.28 38.92
C PHE F 31 -32.08 -33.47 38.18
N SER F 32 -32.92 -34.33 37.60
CA SER F 32 -32.42 -35.52 36.92
C SER F 32 -31.75 -35.21 35.59
N ASN F 33 -31.78 -33.96 35.14
CA ASN F 33 -31.05 -33.58 33.94
C ASN F 33 -29.55 -33.39 34.19
N TYR F 34 -29.11 -33.44 35.43
CA TYR F 34 -27.77 -33.01 35.80
C TYR F 34 -26.97 -34.12 36.44
N VAL F 35 -25.71 -34.22 36.05
CA VAL F 35 -24.71 -34.94 36.81
C VAL F 35 -24.33 -34.07 38.00
N MET F 36 -24.34 -34.65 39.19
CA MET F 36 -24.03 -33.94 40.42
C MET F 36 -22.62 -34.29 40.86
N GLY F 37 -21.87 -33.26 41.26
CA GLY F 37 -20.48 -33.43 41.62
C GLY F 37 -20.16 -32.78 42.95
N TRP F 38 -19.10 -33.28 43.57
CA TRP F 38 -18.52 -32.68 44.76
C TRP F 38 -17.09 -32.27 44.47
N PHE F 39 -16.75 -31.03 44.84
CA PHE F 39 -15.41 -30.48 44.70
C PHE F 39 -15.02 -29.90 46.05
N ARG F 40 -13.71 -29.78 46.28
CA ARG F 40 -13.22 -29.20 47.51
C ARG F 40 -12.07 -28.25 47.19
N GLN F 41 -11.94 -27.20 48.00
CA GLN F 41 -10.91 -26.19 47.76
C GLN F 41 -10.24 -25.75 49.06
N ALA F 42 -8.91 -25.82 49.09
CA ALA F 42 -8.12 -25.11 50.09
C ALA F 42 -7.70 -23.77 49.52
N PRO F 43 -7.39 -22.79 50.37
CA PRO F 43 -7.06 -21.46 49.86
C PRO F 43 -5.83 -21.52 48.97
N GLY F 44 -5.73 -20.55 48.07
CA GLY F 44 -4.66 -20.51 47.09
C GLY F 44 -4.74 -21.46 45.90
N LYS F 45 -5.52 -22.55 45.95
CA LYS F 45 -5.34 -23.68 45.05
C LYS F 45 -6.42 -23.74 43.98
N GLU F 46 -6.21 -24.32 42.78
CA GLU F 46 -7.60 -24.61 42.53
C GLU F 46 -8.11 -25.85 43.30
N ARG F 47 -9.43 -25.98 43.07
CA ARG F 47 -10.42 -26.99 43.49
C ARG F 47 -9.97 -28.35 43.03
N GLU F 48 -10.14 -29.34 43.89
CA GLU F 48 -9.97 -30.77 43.65
C GLU F 48 -11.32 -31.40 43.28
N PHE F 49 -11.36 -32.19 42.22
CA PHE F 49 -12.50 -33.06 42.01
C PHE F 49 -12.50 -34.10 43.13
N VAL F 50 -13.68 -34.34 43.71
CA VAL F 50 -13.84 -35.35 44.75
C VAL F 50 -14.64 -36.53 44.23
N ALA F 51 -15.88 -36.27 43.80
CA ALA F 51 -16.76 -37.35 43.34
C ALA F 51 -17.82 -36.75 42.44
N ALA F 52 -18.38 -37.60 41.59
CA ALA F 52 -19.49 -37.22 40.71
C ALA F 52 -20.38 -38.43 40.50
N ILE F 53 -21.65 -38.18 40.20
CA ILE F 53 -22.64 -39.23 40.04
C ILE F 53 -23.55 -38.88 38.87
N SER F 54 -23.84 -39.88 38.05
CA SER F 54 -24.62 -39.68 36.83
C SER F 54 -26.10 -39.45 37.14
N TRP F 55 -26.84 -39.12 36.08
CA TRP F 55 -28.25 -38.72 36.20
C TRP F 55 -29.06 -39.73 37.01
N THR F 56 -28.88 -41.01 36.75
CA THR F 56 -29.67 -42.05 37.41
C THR F 56 -28.95 -42.64 38.61
N GLY F 57 -27.72 -42.22 38.87
CA GLY F 57 -26.91 -42.81 39.91
C GLY F 57 -26.17 -44.07 39.49
N ALA F 58 -26.28 -44.46 38.22
CA ALA F 58 -25.68 -45.70 37.76
C ALA F 58 -24.17 -45.57 37.59
N ASN F 59 -23.71 -44.45 37.05
CA ASN F 59 -22.28 -44.14 36.96
C ASN F 59 -21.91 -43.19 38.09
N SER F 60 -20.80 -43.49 38.77
CA SER F 60 -20.22 -42.58 39.74
C SER F 60 -18.70 -42.56 39.53
N TYR F 61 -18.12 -41.38 39.75
CA TYR F 61 -16.70 -41.13 39.53
C TYR F 61 -16.07 -40.63 40.82
N TYR F 62 -14.82 -41.03 41.06
CA TYR F 62 -14.12 -40.66 42.28
C TYR F 62 -12.67 -40.28 41.97
N ALA F 63 -12.15 -39.35 42.76
CA ALA F 63 -10.72 -39.06 42.77
C ALA F 63 -9.99 -40.17 43.51
N ASP F 64 -8.75 -40.43 43.08
CA ASP F 64 -7.95 -41.44 43.77
C ASP F 64 -7.69 -41.08 45.22
N SER F 65 -7.63 -39.79 45.54
CA SER F 65 -7.36 -39.38 46.91
C SER F 65 -8.44 -39.82 47.88
N VAL F 66 -9.66 -40.06 47.41
CA VAL F 66 -10.77 -40.40 48.28
C VAL F 66 -11.43 -41.72 47.89
N ALA F 67 -10.94 -42.38 46.85
CA ALA F 67 -11.56 -43.61 46.38
C ALA F 67 -11.45 -44.66 47.48
N GLY F 68 -12.54 -45.38 47.71
CA GLY F 68 -12.61 -46.37 48.75
C GLY F 68 -13.04 -45.82 50.10
N ARG F 69 -12.81 -44.53 50.35
CA ARG F 69 -13.19 -43.89 51.59
C ARG F 69 -14.52 -43.16 51.47
N PHE F 70 -14.74 -42.46 50.37
CA PHE F 70 -15.90 -41.62 50.15
C PHE F 70 -16.91 -42.33 49.26
N THR F 71 -18.19 -42.03 49.49
CA THR F 71 -19.28 -42.52 48.65
C THR F 71 -20.22 -41.38 48.31
N ILE F 72 -20.53 -41.23 47.03
CA ILE F 72 -21.48 -40.24 46.55
C ILE F 72 -22.79 -40.94 46.21
N SER F 73 -23.90 -40.25 46.48
CA SER F 73 -25.23 -40.79 46.19
C SER F 73 -26.17 -39.62 45.91
N ARG F 74 -27.29 -39.94 45.25
CA ARG F 74 -28.29 -38.92 44.93
C ARG F 74 -29.69 -39.48 45.17
N ASP F 75 -30.64 -38.56 45.35
CA ASP F 75 -32.06 -38.88 45.50
C ASP F 75 -32.83 -37.93 44.58
N ASN F 76 -33.35 -38.49 43.47
CA ASN F 76 -34.03 -37.68 42.47
C ASN F 76 -35.46 -37.33 42.87
N ALA F 77 -35.97 -37.91 43.96
CA ALA F 77 -37.22 -37.46 44.53
C ALA F 77 -37.00 -36.24 45.43
N LYS F 78 -35.99 -36.28 46.29
CA LYS F 78 -35.74 -35.15 47.16
C LYS F 78 -34.93 -34.05 46.50
N ASN F 79 -34.39 -34.30 45.30
CA ASN F 79 -33.53 -33.35 44.61
C ASN F 79 -32.32 -33.00 45.46
N THR F 80 -31.65 -34.04 45.95
CA THR F 80 -30.48 -33.89 46.80
C THR F 80 -29.37 -34.81 46.33
N VAL F 81 -28.13 -34.40 46.58
CA VAL F 81 -26.96 -35.24 46.41
C VAL F 81 -26.21 -35.25 47.73
N ALA F 82 -25.65 -36.40 48.08
CA ALA F 82 -24.95 -36.57 49.34
C ALA F 82 -23.56 -37.15 49.10
N LEU F 83 -22.63 -36.76 49.97
CA LEU F 83 -21.28 -37.32 49.99
C LEU F 83 -21.01 -37.88 51.37
N GLN F 84 -21.01 -39.20 51.48
CA GLN F 84 -20.62 -39.88 52.72
C GLN F 84 -19.11 -39.97 52.79
N MET F 85 -18.51 -39.34 53.80
CA MET F 85 -17.07 -39.34 53.99
C MET F 85 -16.74 -40.23 55.18
N ASN F 86 -15.83 -41.18 54.96
CA ASN F 86 -15.37 -42.08 56.00
C ASN F 86 -13.85 -41.99 56.13
N SER F 87 -13.36 -42.45 57.27
CA SER F 87 -11.93 -42.51 57.52
C SER F 87 -11.28 -41.16 57.21
N LEU F 88 -11.89 -40.10 57.73
CA LEU F 88 -11.44 -38.77 57.39
C LEU F 88 -10.06 -38.54 58.01
N LYS F 89 -9.21 -37.85 57.27
CA LYS F 89 -7.87 -37.54 57.72
C LYS F 89 -7.74 -36.03 57.66
N PRO F 90 -6.78 -35.47 58.35
CA PRO F 90 -6.57 -34.03 58.20
C PRO F 90 -6.32 -33.57 56.76
N GLU F 91 -5.79 -34.39 55.81
CA GLU F 91 -5.51 -33.67 54.56
C GLU F 91 -6.82 -33.17 53.98
N ASP F 92 -7.93 -33.74 54.43
CA ASP F 92 -9.24 -33.54 53.82
C ASP F 92 -9.94 -32.25 54.26
N THR F 93 -9.31 -31.48 55.14
CA THR F 93 -9.86 -30.23 55.60
C THR F 93 -9.96 -29.28 54.42
N ALA F 94 -11.17 -28.82 54.11
CA ALA F 94 -11.37 -27.92 52.98
C ALA F 94 -12.82 -27.44 53.01
N ILE F 95 -13.11 -26.45 52.17
CA ILE F 95 -14.48 -26.13 51.82
C ILE F 95 -14.92 -27.06 50.71
N TYR F 96 -16.02 -27.77 50.91
CA TYR F 96 -16.53 -28.72 49.94
C TYR F 96 -17.69 -28.10 49.17
N TYR F 97 -17.62 -28.16 47.84
CA TYR F 97 -18.60 -27.52 46.98
C TYR F 97 -19.44 -28.57 46.26
N CYS F 98 -20.75 -28.37 46.29
CA CYS F 98 -21.68 -29.10 45.45
C CYS F 98 -21.81 -28.39 44.12
N ALA F 99 -21.80 -29.16 43.02
CA ALA F 99 -21.84 -28.61 41.69
C ALA F 99 -22.72 -29.48 40.81
N ALA F 100 -23.34 -28.85 39.81
CA ALA F 100 -24.19 -29.53 38.86
C ALA F 100 -23.77 -29.18 37.44
N ASP F 101 -23.83 -30.16 36.55
CA ASP F 101 -23.64 -29.93 35.13
C ASP F 101 -24.40 -30.99 34.35
N HIS F 102 -24.67 -30.69 33.07
CA HIS F 102 -25.42 -31.64 32.26
C HIS F 102 -24.64 -32.92 32.04
N PHE F 103 -23.31 -32.83 32.01
CA PHE F 103 -22.44 -33.99 31.87
C PHE F 103 -21.26 -33.85 32.80
N HIS F 104 -20.69 -34.99 33.19
CA HIS F 104 -19.43 -34.96 33.92
C HIS F 104 -18.35 -34.45 32.99
N VAL F 105 -17.57 -33.47 33.46
CA VAL F 105 -16.52 -32.86 32.65
C VAL F 105 -15.27 -32.73 33.49
N THR F 106 -14.13 -32.83 32.83
CA THR F 106 -12.83 -32.64 33.47
C THR F 106 -12.00 -31.55 32.83
N HIS F 107 -12.30 -31.16 31.58
CA HIS F 107 -11.57 -30.11 30.92
C HIS F 107 -12.07 -28.72 31.30
N ARG F 108 -13.13 -28.63 32.09
CA ARG F 108 -13.67 -27.35 32.51
C ARG F 108 -14.40 -27.52 33.84
N LYS F 109 -14.76 -26.37 34.41
CA LYS F 109 -15.48 -26.30 35.67
C LYS F 109 -16.98 -26.45 35.42
N TYR F 110 -17.66 -27.07 36.38
CA TYR F 110 -19.10 -27.28 36.24
C TYR F 110 -19.82 -25.94 36.09
N ASP F 111 -21.03 -26.00 35.51
CA ASP F 111 -21.79 -24.79 35.25
C ASP F 111 -22.30 -24.14 36.53
N TYR F 112 -22.81 -24.92 37.47
CA TYR F 112 -23.54 -24.39 38.63
C TYR F 112 -22.87 -24.80 39.95
N TRP F 113 -22.96 -23.95 41.00
CA TRP F 113 -22.18 -24.11 42.24
C TRP F 113 -22.94 -23.70 43.53
N GLY F 114 -22.66 -24.37 44.69
CA GLY F 114 -23.34 -24.11 46.00
C GLY F 114 -22.64 -23.08 46.92
N GLN F 115 -23.12 -22.77 48.20
CA GLN F 115 -22.48 -21.52 48.70
C GLN F 115 -21.04 -21.87 49.16
N GLY F 116 -20.76 -23.20 49.40
CA GLY F 116 -19.65 -24.01 50.01
C GLY F 116 -19.90 -24.44 51.47
N THR F 117 -19.42 -25.65 51.83
CA THR F 117 -19.60 -26.05 53.24
C THR F 117 -18.28 -26.50 53.85
N GLN F 118 -17.98 -26.00 55.05
CA GLN F 118 -16.65 -26.18 55.62
C GLN F 118 -16.54 -27.52 56.35
N VAL F 119 -15.53 -28.31 55.97
CA VAL F 119 -15.20 -29.55 56.67
C VAL F 119 -13.83 -29.37 57.32
N THR F 120 -13.77 -29.57 58.64
CA THR F 120 -12.54 -29.49 59.42
C THR F 120 -12.28 -30.85 60.05
N VAL F 121 -11.13 -31.44 59.72
CA VAL F 121 -10.72 -32.72 60.28
C VAL F 121 -9.55 -32.49 61.22
N SER F 122 -9.70 -32.89 62.48
CA SER F 122 -8.68 -32.66 63.48
C SER F 122 -7.79 -33.87 63.62
N SER F 123 -6.54 -33.61 63.98
CA SER F 123 -5.55 -34.68 64.14
C SER F 123 -5.77 -35.51 65.41
N ALA G 5 12.29 -37.94 -39.73
CA ALA G 5 12.43 -37.18 -38.46
C ALA G 5 13.00 -38.08 -37.36
N THR G 6 13.35 -37.48 -36.23
CA THR G 6 13.89 -38.20 -35.08
C THR G 6 13.06 -37.86 -33.85
N THR G 7 12.62 -38.90 -33.14
CA THR G 7 11.89 -38.76 -31.88
C THR G 7 12.82 -39.24 -30.76
N LEU G 8 13.22 -38.31 -29.90
CA LEU G 8 14.09 -38.60 -28.78
C LEU G 8 13.25 -38.79 -27.52
N LYS G 9 13.68 -39.72 -26.65
CA LYS G 9 12.97 -40.05 -25.42
C LYS G 9 13.78 -39.59 -24.22
N MET G 10 13.14 -38.81 -23.35
CA MET G 10 13.76 -38.25 -22.15
C MET G 10 13.02 -38.74 -20.92
N GLY G 11 13.77 -39.30 -19.97
CA GLY G 11 13.21 -39.74 -18.70
C GLY G 11 13.69 -38.87 -17.55
N MET G 12 12.87 -38.76 -16.51
CA MET G 12 13.23 -38.02 -15.32
C MET G 12 12.44 -38.55 -14.13
N GLN G 13 13.02 -38.41 -12.94
CA GLN G 13 12.30 -38.76 -11.72
C GLN G 13 11.26 -37.70 -11.36
N ALA G 14 11.51 -36.44 -11.75
CA ALA G 14 10.64 -35.35 -11.35
C ALA G 14 9.25 -35.51 -11.95
N SER G 15 8.26 -34.99 -11.24
CA SER G 15 6.86 -35.11 -11.62
C SER G 15 6.40 -33.85 -12.34
N VAL G 16 5.22 -33.95 -12.96
CA VAL G 16 4.62 -32.78 -13.60
C VAL G 16 4.43 -31.68 -12.57
N GLY G 17 4.65 -30.44 -12.99
CA GLY G 17 4.59 -29.30 -12.11
C GLY G 17 5.90 -28.94 -11.42
N SER G 18 6.93 -29.76 -11.59
CA SER G 18 8.25 -29.44 -11.08
C SER G 18 8.99 -28.53 -12.07
N VAL G 19 10.02 -27.86 -11.55
CA VAL G 19 10.86 -27.05 -12.42
C VAL G 19 11.60 -27.94 -13.42
N GLU G 20 11.97 -29.16 -13.02
CA GLU G 20 12.63 -30.06 -13.95
C GLU G 20 11.72 -30.43 -15.10
N TYR G 21 10.46 -30.75 -14.81
CA TYR G 21 9.54 -31.13 -15.87
C TYR G 21 9.18 -29.93 -16.74
N ASN G 22 8.86 -28.80 -16.12
CA ASN G 22 8.51 -27.61 -16.88
C ASN G 22 9.64 -27.21 -17.81
N SER G 23 10.88 -27.36 -17.35
CA SER G 23 12.02 -27.09 -18.22
C SER G 23 12.12 -28.12 -19.33
N ALA G 24 11.83 -29.39 -19.01
CA ALA G 24 11.89 -30.45 -20.03
C ALA G 24 10.79 -30.27 -21.07
N LYS G 25 9.57 -29.85 -20.69
CA LYS G 25 8.63 -29.54 -21.78
C LYS G 25 9.07 -28.35 -22.56
N MET G 26 9.51 -27.33 -21.83
CA MET G 26 9.94 -26.13 -22.51
C MET G 26 10.98 -26.49 -23.53
N LEU G 27 11.86 -27.43 -23.16
CA LEU G 27 12.81 -27.89 -24.14
C LEU G 27 12.07 -28.56 -25.28
N ALA G 28 11.23 -29.55 -24.96
CA ALA G 28 10.55 -30.31 -25.99
C ALA G 28 9.90 -29.39 -27.01
N ASP G 29 9.22 -28.35 -26.53
CA ASP G 29 8.60 -27.39 -27.44
C ASP G 29 9.65 -26.65 -28.29
N THR G 30 10.72 -26.16 -27.66
CA THR G 30 11.74 -25.42 -28.41
C THR G 30 12.32 -26.29 -29.51
N LEU G 31 12.46 -27.58 -29.25
CA LEU G 31 13.05 -28.53 -30.18
C LEU G 31 12.18 -28.71 -31.41
N GLU G 32 10.89 -28.87 -31.17
CA GLU G 32 9.96 -29.09 -32.25
C GLU G 32 9.82 -27.84 -33.09
N GLU G 33 9.87 -26.66 -32.46
CA GLU G 33 9.71 -25.41 -33.18
C GLU G 33 10.97 -25.04 -33.95
N MET G 34 12.14 -25.09 -33.29
CA MET G 34 13.38 -24.66 -33.92
C MET G 34 13.81 -25.62 -35.01
N SER G 35 13.35 -26.85 -34.92
CA SER G 35 13.59 -27.80 -35.97
C SER G 35 12.44 -27.88 -36.96
N GLN G 36 11.34 -27.15 -36.77
CA GLN G 36 10.18 -27.29 -37.68
C GLN G 36 9.61 -28.73 -37.78
N GLY G 37 9.36 -29.33 -36.62
CA GLY G 37 8.71 -30.63 -36.55
C GLY G 37 9.70 -31.78 -36.65
N GLU G 38 11.01 -31.44 -36.71
CA GLU G 38 12.13 -32.33 -37.06
C GLU G 38 12.47 -33.31 -35.96
N ILE G 39 12.60 -32.72 -34.80
CA ILE G 39 13.07 -33.28 -33.59
C ILE G 39 11.90 -33.11 -32.67
N LYS G 40 11.44 -34.21 -32.17
CA LYS G 40 10.39 -34.29 -31.18
C LYS G 40 11.04 -34.89 -29.96
N LEU G 41 10.57 -34.47 -28.79
CA LEU G 41 11.12 -34.96 -27.52
C LEU G 41 9.96 -35.53 -26.72
N ALA G 42 9.97 -36.86 -26.53
CA ALA G 42 8.97 -37.51 -25.70
C ALA G 42 9.46 -37.52 -24.26
N LEU G 43 8.57 -37.21 -23.33
CA LEU G 43 8.90 -37.06 -21.93
C LEU G 43 8.28 -38.20 -21.13
N TYR G 44 9.04 -38.73 -20.19
CA TYR G 44 8.63 -39.84 -19.32
C TYR G 44 8.92 -39.47 -17.88
N PRO G 45 8.03 -38.70 -17.25
CA PRO G 45 8.33 -38.21 -15.90
C PRO G 45 7.95 -39.18 -14.79
N SER G 46 8.15 -38.74 -13.54
CA SER G 46 7.72 -39.47 -12.35
C SER G 46 8.37 -40.85 -12.26
N ALA G 47 9.57 -40.98 -12.82
CA ALA G 47 10.41 -42.16 -12.63
C ALA G 47 9.74 -43.44 -13.13
N GLN G 48 8.87 -43.33 -14.14
CA GLN G 48 8.20 -44.51 -14.67
C GLN G 48 9.17 -45.43 -15.40
N LEU G 49 10.31 -44.93 -15.84
CA LEU G 49 11.35 -45.75 -16.46
C LEU G 49 12.40 -46.23 -15.45
N GLY G 50 12.27 -45.86 -14.19
CA GLY G 50 13.25 -46.14 -13.17
C GLY G 50 13.77 -44.86 -12.53
N ASP G 51 14.66 -45.03 -11.56
CA ASP G 51 15.28 -43.89 -10.93
C ASP G 51 16.39 -43.36 -11.86
N ASP G 52 17.06 -42.29 -11.42
CA ASP G 52 18.11 -41.69 -12.25
C ASP G 52 19.22 -42.69 -12.53
N ARG G 53 19.54 -43.55 -11.56
CA ARG G 53 20.54 -44.59 -11.77
C ARG G 53 20.12 -45.54 -12.89
N ALA G 54 18.86 -45.99 -12.86
CA ALA G 54 18.38 -46.89 -13.90
C ALA G 54 18.36 -46.21 -15.27
N MET G 55 17.94 -44.95 -15.32
CA MET G 55 17.87 -44.25 -16.59
C MET G 55 19.26 -43.96 -17.15
N LEU G 56 20.22 -43.65 -16.26
CA LEU G 56 21.60 -43.55 -16.70
C LEU G 56 22.08 -44.84 -17.35
N GLN G 57 21.74 -45.98 -16.74
CA GLN G 57 22.10 -47.26 -17.34
C GLN G 57 21.45 -47.44 -18.70
N GLN G 58 20.24 -46.92 -18.87
CA GLN G 58 19.57 -47.04 -20.15
C GLN G 58 20.26 -46.19 -21.22
N LEU G 59 20.73 -45.00 -20.85
CA LEU G 59 21.50 -44.21 -21.80
C LEU G 59 22.78 -44.93 -22.21
N THR G 60 23.48 -45.52 -21.24
CA THR G 60 24.74 -46.20 -21.54
C THR G 60 24.55 -47.29 -22.60
N LEU G 61 23.44 -48.01 -22.52
CA LEU G 61 23.16 -49.10 -23.45
C LEU G 61 22.38 -48.65 -24.68
N GLY G 62 22.06 -47.37 -24.79
CA GLY G 62 21.37 -46.88 -25.97
C GLY G 62 19.89 -47.13 -25.98
N ASP G 63 19.29 -47.42 -24.82
CA ASP G 63 17.87 -47.72 -24.74
C ASP G 63 17.04 -46.49 -24.40
N LEU G 64 17.68 -45.42 -23.92
CA LEU G 64 17.02 -44.15 -23.64
C LEU G 64 17.93 -43.05 -24.13
N ASP G 65 17.35 -41.95 -24.59
CA ASP G 65 18.13 -40.94 -25.28
C ASP G 65 18.65 -39.85 -24.34
N ILE G 66 17.79 -39.29 -23.50
CA ILE G 66 18.14 -38.16 -22.66
C ILE G 66 17.64 -38.39 -21.24
N THR G 67 18.40 -37.90 -20.25
CA THR G 67 17.93 -37.87 -18.87
C THR G 67 18.68 -36.81 -18.08
N TYR G 68 18.14 -36.48 -16.90
CA TYR G 68 18.82 -35.60 -15.96
C TYR G 68 19.71 -36.42 -15.03
N ALA G 69 20.84 -35.82 -14.63
CA ALA G 69 21.62 -36.31 -13.50
C ALA G 69 22.53 -35.19 -13.02
N GLU G 70 22.76 -35.14 -11.71
CA GLU G 70 23.74 -34.21 -11.17
C GLU G 70 25.16 -34.71 -11.34
N PHE G 71 26.09 -33.76 -11.41
CA PHE G 71 27.50 -34.08 -11.63
C PHE G 71 28.04 -35.00 -10.54
N GLY G 72 27.60 -34.81 -9.30
CA GLY G 72 28.03 -35.70 -8.23
C GLY G 72 27.47 -37.10 -8.33
N ARG G 73 26.32 -37.26 -9.00
CA ARG G 73 25.76 -38.58 -9.23
C ARG G 73 26.63 -39.43 -10.15
N MET G 74 27.54 -38.80 -10.91
CA MET G 74 28.48 -39.57 -11.71
C MET G 74 29.43 -40.40 -10.85
N GLY G 75 29.48 -40.13 -9.55
CA GLY G 75 30.25 -40.98 -8.65
C GLY G 75 29.82 -42.44 -8.68
N LEU G 76 28.60 -42.71 -9.17
CA LEU G 76 28.18 -44.09 -9.36
C LEU G 76 29.07 -44.80 -10.40
N ALA G 77 29.66 -44.04 -11.32
CA ALA G 77 30.47 -44.59 -12.41
C ALA G 77 31.92 -44.15 -12.34
N ILE G 78 32.19 -42.95 -11.83
CA ILE G 78 33.53 -42.35 -11.82
C ILE G 78 33.75 -41.92 -10.37
N PRO G 79 34.27 -42.80 -9.51
CA PRO G 79 34.19 -42.55 -8.06
C PRO G 79 34.67 -41.17 -7.63
N ARG G 80 35.74 -40.65 -8.25
CA ARG G 80 36.24 -39.34 -7.85
C ARG G 80 35.18 -38.26 -8.02
N ALA G 81 34.20 -38.47 -8.91
CA ALA G 81 33.18 -37.48 -9.14
C ALA G 81 32.28 -37.25 -7.93
N GLU G 82 32.19 -38.22 -7.01
CA GLU G 82 31.33 -38.02 -5.84
C GLU G 82 31.80 -36.86 -4.99
N ALA G 83 33.08 -36.49 -5.10
CA ALA G 83 33.62 -35.44 -4.23
C ALA G 83 32.85 -34.14 -4.37
N VAL G 84 32.33 -33.86 -5.56
CA VAL G 84 31.67 -32.58 -5.81
C VAL G 84 30.42 -32.42 -4.97
N MET G 85 29.77 -33.52 -4.57
CA MET G 85 28.57 -33.46 -3.76
C MET G 85 28.81 -33.76 -2.28
N LEU G 86 30.06 -34.00 -1.89
CA LEU G 86 30.35 -34.19 -0.48
C LEU G 86 29.73 -33.04 0.31
N PRO G 87 29.07 -33.30 1.43
CA PRO G 87 28.34 -32.22 2.11
C PRO G 87 29.23 -31.04 2.45
N TYR G 88 28.75 -29.84 2.10
CA TYR G 88 29.34 -28.54 2.39
C TYR G 88 30.65 -28.24 1.66
N VAL G 89 31.11 -29.10 0.75
CA VAL G 89 32.37 -28.80 0.06
C VAL G 89 32.16 -27.68 -0.92
N ALA G 90 31.10 -27.77 -1.73
CA ALA G 90 30.65 -26.66 -2.56
C ALA G 90 29.65 -25.82 -1.79
N LYS G 91 29.96 -24.52 -1.70
CA LYS G 91 29.15 -23.61 -0.93
C LYS G 91 27.83 -23.39 -1.66
N ASP G 92 27.96 -23.18 -2.98
CA ASP G 92 26.90 -22.66 -3.83
C ASP G 92 27.12 -23.12 -5.27
N PHE G 93 26.18 -22.75 -6.19
CA PHE G 93 26.21 -23.25 -7.58
C PHE G 93 27.40 -22.76 -8.39
N ASP G 94 27.77 -21.49 -8.24
CA ASP G 94 28.88 -20.97 -9.02
C ASP G 94 30.14 -21.78 -8.73
N HIS G 95 30.37 -22.08 -7.45
CA HIS G 95 31.48 -22.94 -7.07
C HIS G 95 31.35 -24.32 -7.71
N LEU G 96 30.17 -24.93 -7.62
CA LEU G 96 29.94 -26.23 -8.24
C LEU G 96 30.09 -26.13 -9.76
N ARG G 97 29.56 -25.08 -10.37
CA ARG G 97 29.73 -24.96 -11.81
C ARG G 97 31.21 -24.80 -12.15
N ARG G 98 31.99 -24.12 -11.31
CA ARG G 98 33.41 -23.99 -11.56
C ARG G 98 34.11 -25.34 -11.49
N MET G 99 33.70 -26.21 -10.57
CA MET G 99 34.26 -27.57 -10.49
C MET G 99 34.01 -28.36 -11.77
N PHE G 100 32.79 -28.27 -12.29
CA PHE G 100 32.37 -28.89 -13.55
C PHE G 100 33.20 -28.38 -14.73
N GLU G 101 33.63 -27.13 -14.60
CA GLU G 101 34.36 -26.27 -15.54
C GLU G 101 35.88 -26.34 -15.43
N SER G 102 36.41 -26.86 -14.32
CA SER G 102 37.84 -27.06 -14.14
C SER G 102 38.33 -28.21 -15.01
N ASP G 103 39.66 -28.39 -15.06
CA ASP G 103 40.28 -29.54 -15.73
C ASP G 103 39.85 -30.87 -15.11
N PHE G 104 39.73 -30.90 -13.78
CA PHE G 104 39.21 -32.11 -13.14
C PHE G 104 37.82 -32.46 -13.65
N GLY G 105 36.92 -31.48 -13.63
CA GLY G 105 35.59 -31.71 -14.14
C GLY G 105 35.64 -32.24 -15.56
N GLN G 106 36.61 -31.77 -16.36
CA GLN G 106 36.63 -32.23 -17.76
C GLN G 106 37.43 -33.57 -17.91
N GLY G 107 38.29 -34.00 -16.98
CA GLY G 107 38.60 -35.44 -17.04
C GLY G 107 37.32 -36.28 -16.82
N VAL G 108 36.49 -35.87 -15.86
CA VAL G 108 35.25 -36.61 -15.60
C VAL G 108 34.33 -36.56 -16.81
N ARG G 109 34.14 -35.38 -17.42
CA ARG G 109 33.23 -35.29 -18.56
C ARG G 109 33.69 -36.19 -19.71
N ASP G 110 35.01 -36.29 -19.90
CA ASP G 110 35.54 -37.19 -20.92
C ASP G 110 35.33 -38.64 -20.57
N GLU G 111 35.54 -39.02 -19.30
CA GLU G 111 35.40 -40.43 -18.92
C GLU G 111 33.94 -40.86 -19.01
N MET G 112 33.01 -39.98 -18.64
CA MET G 112 31.60 -40.25 -18.84
C MET G 112 31.31 -40.63 -20.29
N LEU G 113 31.82 -39.82 -21.23
CA LEU G 113 31.50 -40.01 -22.64
C LEU G 113 32.12 -41.30 -23.19
N GLN G 114 33.41 -41.53 -22.88
CA GLN G 114 34.09 -42.67 -23.49
C GLN G 114 33.70 -43.99 -22.84
N LYS G 115 33.60 -44.02 -21.51
CA LYS G 115 33.36 -45.29 -20.83
C LYS G 115 31.88 -45.59 -20.61
N PHE G 116 31.01 -44.58 -20.62
CA PHE G 116 29.61 -44.79 -20.27
C PHE G 116 28.63 -44.16 -21.24
N ASN G 117 29.10 -43.63 -22.37
CA ASN G 117 28.23 -43.11 -23.43
C ASN G 117 27.36 -41.97 -22.93
N TRP G 118 27.90 -41.14 -22.04
CA TRP G 118 27.16 -40.01 -21.48
C TRP G 118 27.82 -38.72 -21.95
N ARG G 119 27.10 -37.95 -22.75
CA ARG G 119 27.54 -36.62 -23.16
C ARG G 119 26.75 -35.58 -22.39
N ALA G 120 27.40 -34.92 -21.44
CA ALA G 120 26.80 -33.82 -20.70
C ALA G 120 26.79 -32.58 -21.58
N LEU G 121 25.58 -32.13 -21.96
CA LEU G 121 25.45 -30.96 -22.83
C LEU G 121 25.50 -29.66 -22.04
N ASP G 122 25.01 -29.68 -20.80
CA ASP G 122 24.98 -28.50 -19.95
C ASP G 122 24.71 -28.99 -18.54
N THR G 123 24.90 -28.11 -17.56
CA THR G 123 24.46 -28.39 -16.19
C THR G 123 23.79 -27.15 -15.63
N TRP G 124 22.66 -27.36 -14.96
CA TRP G 124 21.83 -26.29 -14.42
C TRP G 124 21.83 -26.33 -12.89
N TYR G 125 21.42 -25.22 -12.29
CA TYR G 125 21.19 -25.18 -10.85
C TYR G 125 19.83 -25.78 -10.55
N ASN G 126 19.79 -26.73 -9.62
CA ASN G 126 18.52 -27.32 -9.18
C ASN G 126 18.22 -27.02 -7.71
N GLY G 127 19.07 -26.28 -7.03
CA GLY G 127 18.79 -25.83 -5.68
C GLY G 127 19.72 -26.45 -4.64
N THR G 128 19.72 -25.82 -3.46
CA THR G 128 20.53 -26.26 -2.33
C THR G 128 19.62 -26.97 -1.33
N ARG G 129 20.03 -28.14 -0.88
CA ARG G 129 19.16 -28.99 -0.07
C ARG G 129 19.05 -28.51 1.37
N GLU G 130 17.82 -28.50 1.87
CA GLU G 130 17.48 -28.19 3.24
C GLU G 130 16.81 -29.40 3.88
N THR G 131 16.58 -29.32 5.19
CA THR G 131 16.04 -30.43 5.95
C THR G 131 14.68 -30.06 6.53
N THR G 132 13.68 -30.89 6.26
CA THR G 132 12.36 -30.78 6.87
C THR G 132 12.20 -31.88 7.92
N SER G 133 11.33 -31.66 8.90
CA SER G 133 11.19 -32.64 9.96
C SER G 133 9.86 -32.44 10.69
N ASN G 134 9.48 -33.47 11.46
CA ASN G 134 8.29 -33.37 12.30
C ASN G 134 8.57 -32.73 13.66
N ARG G 135 9.84 -32.60 14.06
CA ARG G 135 10.21 -31.88 15.27
C ARG G 135 11.19 -30.75 14.94
N PRO G 136 11.22 -29.67 15.72
CA PRO G 136 12.12 -28.56 15.41
C PRO G 136 13.60 -28.97 15.54
N LEU G 137 14.42 -28.45 14.63
CA LEU G 137 15.85 -28.75 14.54
C LEU G 137 16.70 -27.49 14.69
N ASN G 138 16.78 -26.97 15.91
CA ASN G 138 17.55 -25.75 16.16
C ASN G 138 19.05 -25.96 15.98
N SER G 139 19.60 -27.10 16.40
CA SER G 139 21.02 -27.36 16.23
C SER G 139 21.25 -28.78 15.71
N ILE G 140 22.49 -29.04 15.29
CA ILE G 140 22.90 -30.39 14.90
C ILE G 140 22.64 -31.36 16.05
N GLU G 141 22.63 -30.85 17.27
CA GLU G 141 22.38 -31.67 18.46
C GLU G 141 20.99 -32.30 18.44
N ASP G 142 20.03 -31.64 17.77
CA ASP G 142 18.62 -32.05 17.72
C ASP G 142 18.31 -33.17 16.72
N PHE G 143 19.26 -33.52 15.86
CA PHE G 143 19.03 -34.51 14.79
C PHE G 143 18.94 -35.95 15.26
N LYS G 144 19.35 -36.17 16.50
CA LYS G 144 19.69 -37.48 17.05
C LYS G 144 18.44 -38.35 17.28
N GLY G 145 18.40 -39.53 16.69
CA GLY G 145 17.18 -40.31 16.78
C GLY G 145 16.15 -39.81 15.81
N LEU G 146 16.52 -38.84 14.97
CA LEU G 146 15.64 -38.42 13.88
C LEU G 146 15.74 -39.46 12.76
N LYS G 147 14.61 -40.05 12.38
CA LYS G 147 14.55 -40.97 11.24
C LYS G 147 14.47 -40.11 9.99
N LEU G 148 15.62 -39.86 9.37
CA LEU G 148 15.75 -38.90 8.28
C LEU G 148 15.84 -39.66 6.96
N ARG G 149 14.87 -39.41 6.09
CA ARG G 149 14.90 -40.02 4.78
C ARG G 149 16.01 -39.40 3.96
N VAL G 150 16.73 -40.24 3.27
CA VAL G 150 17.70 -39.72 2.33
C VAL G 150 17.53 -40.46 1.03
N PRO G 151 17.96 -39.91 -0.08
CA PRO G 151 18.12 -40.77 -1.24
C PRO G 151 19.25 -41.80 -1.12
N ASN G 152 19.18 -42.59 -2.21
CA ASN G 152 19.75 -43.65 -3.04
C ASN G 152 20.98 -43.06 -3.72
N ALA G 153 21.73 -42.38 -2.81
CA ALA G 153 23.01 -41.66 -2.92
C ALA G 153 23.81 -41.69 -1.59
N LYS G 154 25.11 -42.01 -1.66
CA LYS G 154 25.96 -42.16 -0.48
C LYS G 154 26.17 -40.85 0.29
N GLN G 155 26.33 -39.73 -0.43
CA GLN G 155 26.71 -38.49 0.22
C GLN G 155 25.54 -37.82 0.94
N ASN G 156 24.32 -38.04 0.47
CA ASN G 156 23.16 -37.64 1.26
C ASN G 156 23.07 -38.45 2.55
N LEU G 157 23.34 -39.76 2.45
CA LEU G 157 23.41 -40.61 3.64
C LEU G 157 24.50 -40.14 4.60
N ASN G 158 25.69 -39.82 4.05
CA ASN G 158 26.78 -39.40 4.93
C ASN G 158 26.37 -38.17 5.73
N TYR G 159 25.72 -37.21 5.08
CA TYR G 159 25.21 -36.04 5.79
C TYR G 159 24.32 -36.47 6.96
N ALA G 160 23.42 -37.42 6.71
CA ALA G 160 22.50 -37.85 7.76
C ALA G 160 23.22 -38.49 8.93
N LYS G 161 24.04 -39.52 8.66
CA LYS G 161 24.71 -40.23 9.75
C LYS G 161 25.60 -39.29 10.57
N LEU G 162 26.42 -38.49 9.89
CA LEU G 162 27.39 -37.67 10.60
C LEU G 162 26.75 -36.48 11.28
N SER G 163 25.54 -36.12 10.86
CA SER G 163 24.72 -35.24 11.68
C SER G 163 24.14 -36.01 12.84
N GLY G 164 24.15 -37.34 12.74
CA GLY G 164 23.67 -38.19 13.80
C GLY G 164 22.29 -38.76 13.63
N ALA G 165 21.56 -38.41 12.58
CA ALA G 165 20.25 -39.00 12.38
C ALA G 165 20.39 -40.47 12.00
N SER G 166 19.27 -41.20 12.05
CA SER G 166 19.23 -42.57 11.55
C SER G 166 18.79 -42.50 10.09
N PRO G 167 19.68 -42.69 9.13
CA PRO G 167 19.29 -42.53 7.73
C PRO G 167 18.40 -43.66 7.25
N THR G 168 17.39 -43.30 6.46
CA THR G 168 16.51 -44.27 5.82
C THR G 168 16.54 -44.05 4.31
N PRO G 169 17.30 -44.84 3.57
CA PRO G 169 17.30 -44.69 2.09
C PRO G 169 15.93 -45.05 1.53
N MET G 170 15.43 -44.21 0.63
CA MET G 170 14.08 -44.42 0.11
C MET G 170 13.92 -43.75 -1.25
N SER G 171 13.09 -44.37 -2.09
CA SER G 171 12.87 -43.85 -3.43
C SER G 171 12.07 -42.55 -3.37
N PHE G 172 12.31 -41.70 -4.37
CA PHE G 172 11.75 -40.35 -4.35
C PHE G 172 10.23 -40.38 -4.38
N SER G 173 9.65 -41.39 -5.02
CA SER G 173 8.20 -41.50 -5.11
C SER G 173 7.54 -41.88 -3.79
N GLU G 174 8.25 -42.54 -2.89
CA GLU G 174 7.68 -43.05 -1.65
C GLU G 174 7.73 -42.03 -0.52
N VAL G 175 8.30 -40.85 -0.75
CA VAL G 175 8.66 -39.97 0.37
C VAL G 175 7.42 -39.35 1.00
N TYR G 176 6.52 -38.78 0.17
CA TYR G 176 5.36 -38.09 0.73
C TYR G 176 4.62 -38.98 1.70
N LEU G 177 4.38 -40.23 1.30
CA LEU G 177 3.63 -41.16 2.15
C LEU G 177 4.42 -41.53 3.40
N ALA G 178 5.73 -41.73 3.27
CA ALA G 178 6.54 -42.05 4.43
C ALA G 178 6.53 -40.92 5.46
N LEU G 179 6.41 -39.68 5.00
CA LEU G 179 6.23 -38.57 5.94
C LEU G 179 4.81 -38.52 6.49
N GLN G 180 3.82 -38.82 5.66
CA GLN G 180 2.43 -38.81 6.11
C GLN G 180 2.19 -39.84 7.21
N THR G 181 2.69 -41.06 7.02
CA THR G 181 2.50 -42.16 7.98
C THR G 181 3.47 -42.10 9.15
N ASN G 182 4.28 -41.05 9.23
CA ASN G 182 5.36 -40.91 10.20
C ASN G 182 6.20 -42.17 10.28
N ALA G 183 6.30 -42.92 9.17
CA ALA G 183 7.34 -43.93 9.08
C ALA G 183 8.71 -43.27 9.09
N VAL G 184 8.77 -42.01 8.63
CA VAL G 184 9.97 -41.20 8.68
C VAL G 184 9.67 -39.88 9.38
N ASP G 185 10.69 -39.34 10.05
CA ASP G 185 10.55 -38.09 10.77
C ASP G 185 10.86 -36.87 9.90
N GLY G 186 11.76 -37.00 8.93
CA GLY G 186 12.19 -35.88 8.12
C GLY G 186 12.69 -36.35 6.76
N GLN G 187 12.96 -35.38 5.90
CA GLN G 187 13.51 -35.64 4.58
C GLN G 187 14.40 -34.46 4.19
N GLU G 188 15.09 -34.60 3.06
CA GLU G 188 16.14 -33.66 2.66
C GLU G 188 16.08 -33.36 1.18
N ASN G 189 15.90 -32.08 0.86
CA ASN G 189 15.74 -31.65 -0.52
C ASN G 189 15.82 -30.14 -0.70
N PRO G 190 15.93 -29.66 -1.93
CA PRO G 190 15.82 -28.22 -2.19
C PRO G 190 14.38 -27.75 -2.02
N LEU G 191 14.24 -26.44 -1.76
CA LEU G 191 12.91 -25.90 -1.48
C LEU G 191 11.96 -25.99 -2.65
N PRO G 192 12.36 -25.73 -3.90
CA PRO G 192 11.41 -25.89 -5.01
C PRO G 192 10.85 -27.29 -5.05
N THR G 193 11.65 -28.28 -4.70
CA THR G 193 11.14 -29.65 -4.61
C THR G 193 10.20 -29.82 -3.41
N ILE G 194 10.50 -29.19 -2.27
CA ILE G 194 9.66 -29.38 -1.08
C ILE G 194 8.25 -28.92 -1.36
N LYS G 195 8.15 -27.82 -2.14
CA LYS G 195 6.92 -27.20 -2.61
C LYS G 195 6.26 -28.03 -3.62
N THR G 196 6.91 -28.29 -4.77
CA THR G 196 6.30 -29.08 -5.83
C THR G 196 5.73 -30.40 -5.31
N MET G 197 6.53 -31.14 -4.55
CA MET G 197 6.07 -32.40 -3.95
C MET G 197 5.15 -32.20 -2.77
N LYS G 198 5.00 -30.96 -2.27
CA LYS G 198 4.11 -30.67 -1.14
C LYS G 198 4.53 -31.41 0.13
N PHE G 199 5.83 -31.59 0.34
CA PHE G 199 6.29 -32.18 1.60
C PHE G 199 5.88 -31.33 2.79
N TYR G 200 5.73 -30.01 2.58
CA TYR G 200 5.38 -29.12 3.69
C TYR G 200 4.03 -29.45 4.30
N GLU G 201 3.14 -30.10 3.55
CA GLU G 201 1.85 -30.49 4.11
C GLU G 201 2.01 -31.53 5.21
N VAL G 202 3.08 -32.32 5.15
CA VAL G 202 3.31 -33.42 6.06
C VAL G 202 4.55 -33.18 6.92
N GLN G 203 5.11 -31.97 6.84
CA GLN G 203 6.30 -31.58 7.60
C GLN G 203 6.00 -30.23 8.21
N LYS G 204 6.12 -30.13 9.54
CA LYS G 204 5.87 -28.95 10.35
C LYS G 204 7.09 -28.10 10.63
N ASN G 205 8.30 -28.57 10.32
CA ASN G 205 9.51 -27.81 10.59
C ASN G 205 10.40 -27.88 9.36
N LEU G 206 11.17 -26.81 9.15
CA LEU G 206 12.10 -26.72 8.03
C LEU G 206 13.40 -26.14 8.56
N ALA G 207 14.49 -26.88 8.40
CA ALA G 207 15.81 -26.51 8.94
C ALA G 207 16.79 -26.20 7.81
N MET G 208 17.03 -24.90 7.59
CA MET G 208 17.99 -24.43 6.60
C MET G 208 19.42 -24.93 6.81
N THR G 209 19.70 -26.17 6.40
CA THR G 209 21.00 -26.77 6.63
C THR G 209 22.01 -26.59 5.49
N HIS G 210 21.54 -26.23 4.29
CA HIS G 210 22.42 -25.84 3.18
C HIS G 210 23.55 -26.86 2.95
N HIS G 211 23.25 -28.14 3.14
CA HIS G 211 24.34 -29.10 3.24
C HIS G 211 24.84 -29.60 1.89
N ILE G 212 23.98 -29.63 0.86
CA ILE G 212 24.40 -30.08 -0.46
C ILE G 212 23.82 -29.17 -1.53
N VAL G 213 24.68 -28.75 -2.46
CA VAL G 213 24.25 -27.96 -3.62
C VAL G 213 24.03 -28.91 -4.79
N ASN G 214 22.82 -28.91 -5.35
CA ASN G 214 22.47 -29.77 -6.47
C ASN G 214 22.58 -29.01 -7.78
N ASP G 215 23.40 -29.52 -8.70
CA ASP G 215 23.29 -29.15 -10.10
C ASP G 215 22.37 -30.15 -10.80
N GLN G 216 22.22 -30.03 -12.12
CA GLN G 216 21.49 -31.03 -12.89
C GLN G 216 21.96 -30.97 -14.35
N MET G 217 22.84 -31.90 -14.72
CA MET G 217 23.30 -32.00 -16.09
C MET G 217 22.22 -32.58 -17.00
N VAL G 218 22.14 -32.07 -18.21
CA VAL G 218 21.35 -32.67 -19.28
C VAL G 218 22.27 -33.62 -20.05
N ILE G 219 21.94 -34.90 -20.02
CA ILE G 219 22.77 -35.96 -20.57
C ILE G 219 22.06 -36.54 -21.79
N ILE G 220 22.78 -36.64 -22.90
CA ILE G 220 22.29 -37.35 -24.08
C ILE G 220 23.13 -38.60 -24.30
N SER G 221 22.48 -39.65 -24.78
CA SER G 221 23.18 -40.87 -25.17
C SER G 221 24.12 -40.58 -26.34
N GLU G 222 25.39 -40.97 -26.18
CA GLU G 222 26.38 -40.70 -27.22
C GLU G 222 26.04 -41.42 -28.52
N SER G 223 25.50 -42.64 -28.42
CA SER G 223 25.10 -43.33 -29.64
C SER G 223 23.92 -42.62 -30.31
N THR G 224 23.04 -42.01 -29.51
CA THR G 224 21.96 -41.21 -30.09
C THR G 224 22.50 -39.91 -30.67
N TRP G 225 23.41 -39.25 -29.95
CA TRP G 225 24.00 -38.02 -30.42
C TRP G 225 24.67 -38.23 -31.78
N GLN G 226 25.41 -39.32 -31.93
CA GLN G 226 26.14 -39.53 -33.17
C GLN G 226 25.27 -39.91 -34.38
N LYS G 227 24.01 -40.29 -34.19
CA LYS G 227 23.13 -40.52 -35.33
C LYS G 227 22.52 -39.22 -35.84
N LEU G 228 22.70 -38.14 -35.09
CA LEU G 228 22.18 -36.83 -35.45
C LEU G 228 23.05 -36.13 -36.50
N SER G 229 22.42 -35.24 -37.25
CA SER G 229 23.14 -34.32 -38.13
C SER G 229 23.74 -33.19 -37.30
N ASP G 230 24.74 -32.52 -37.87
CA ASP G 230 25.39 -31.42 -37.18
C ASP G 230 24.43 -30.29 -36.88
N THR G 231 23.44 -30.07 -37.75
CA THR G 231 22.44 -29.04 -37.48
C THR G 231 21.57 -29.42 -36.28
N ASP G 232 21.17 -30.69 -36.19
CA ASP G 232 20.41 -31.12 -35.03
C ASP G 232 21.21 -30.93 -33.75
N LYS G 233 22.49 -31.30 -33.77
CA LYS G 233 23.34 -31.10 -32.60
C LYS G 233 23.37 -29.64 -32.18
N ASP G 234 23.51 -28.73 -33.14
CA ASP G 234 23.51 -27.30 -32.82
C ASP G 234 22.18 -26.86 -32.25
N ILE G 235 21.07 -27.28 -32.88
CA ILE G 235 19.76 -26.91 -32.36
C ILE G 235 19.63 -27.36 -30.91
N ILE G 236 19.98 -28.62 -30.64
CA ILE G 236 19.85 -29.16 -29.29
C ILE G 236 20.77 -28.40 -28.36
N GLN G 237 22.04 -28.24 -28.74
CA GLN G 237 22.95 -27.51 -27.86
C GLN G 237 22.44 -26.09 -27.55
N LYS G 238 22.00 -25.32 -28.55
CA LYS G 238 21.37 -24.04 -28.22
C LYS G 238 20.16 -24.17 -27.31
N ALA G 239 19.28 -25.13 -27.56
CA ALA G 239 18.06 -25.24 -26.76
C ALA G 239 18.34 -25.48 -25.27
N VAL G 240 19.10 -26.52 -24.95
CA VAL G 240 19.37 -26.87 -23.55
C VAL G 240 20.04 -25.71 -22.83
N GLN G 241 20.96 -25.01 -23.51
CA GLN G 241 21.63 -23.88 -22.87
C GLN G 241 20.64 -22.76 -22.57
N LYS G 242 19.69 -22.55 -23.47
CA LYS G 242 18.65 -21.56 -23.25
C LYS G 242 17.68 -21.98 -22.16
N VAL G 243 17.19 -23.21 -22.14
CA VAL G 243 16.27 -23.50 -21.06
C VAL G 243 17.01 -23.54 -19.76
N GLY G 244 18.31 -23.87 -19.77
CA GLY G 244 19.03 -23.94 -18.51
C GLY G 244 19.15 -22.59 -17.85
N ASP G 245 19.44 -21.55 -18.63
CA ASP G 245 19.46 -20.19 -18.09
C ASP G 245 18.14 -19.85 -17.41
N ALA G 246 17.02 -20.18 -18.05
CA ALA G 246 15.71 -20.00 -17.42
C ALA G 246 15.57 -20.91 -16.19
N HIS G 247 15.88 -22.20 -16.35
CA HIS G 247 15.77 -23.14 -15.23
C HIS G 247 16.58 -22.64 -14.04
N THR G 248 17.86 -22.36 -14.28
CA THR G 248 18.72 -21.86 -13.19
C THR G 248 18.09 -20.64 -12.53
N GLN G 249 17.51 -19.75 -13.33
CA GLN G 249 16.92 -18.52 -12.80
C GLN G 249 15.68 -18.82 -11.97
N THR G 250 14.80 -19.70 -12.46
CA THR G 250 13.60 -20.02 -11.69
C THR G 250 13.97 -20.56 -10.32
N VAL G 251 14.99 -21.42 -10.26
CA VAL G 251 15.41 -21.97 -8.97
C VAL G 251 15.92 -20.85 -8.07
N LYS G 252 16.71 -19.94 -8.63
CA LYS G 252 17.22 -18.83 -7.84
C LYS G 252 16.08 -17.97 -7.31
N THR G 253 15.12 -17.65 -8.18
CA THR G 253 13.97 -16.86 -7.75
C THR G 253 13.15 -17.57 -6.69
N GLN G 254 12.78 -18.83 -6.94
CA GLN G 254 11.93 -19.55 -6.00
C GLN G 254 12.65 -19.71 -4.66
N GLU G 255 13.94 -20.05 -4.70
CA GLU G 255 14.70 -20.19 -3.46
C GLU G 255 14.65 -18.93 -2.62
N ALA G 256 14.52 -17.76 -3.27
CA ALA G 256 14.42 -16.51 -2.54
C ALA G 256 13.01 -16.28 -1.98
N GLU G 257 11.99 -16.85 -2.62
CA GLU G 257 10.63 -16.57 -2.21
C GLU G 257 10.09 -17.55 -1.17
N LEU G 258 10.54 -18.79 -1.19
CA LEU G 258 9.80 -19.88 -0.57
C LEU G 258 9.86 -19.90 0.95
N VAL G 259 10.90 -19.34 1.57
CA VAL G 259 10.94 -19.33 3.04
C VAL G 259 9.76 -18.55 3.59
N SER G 260 9.44 -17.41 2.99
CA SER G 260 8.30 -16.63 3.43
C SER G 260 7.01 -17.42 3.22
N PHE G 261 6.90 -18.15 2.10
CA PHE G 261 5.68 -18.90 1.79
C PHE G 261 5.40 -19.98 2.83
N PHE G 262 6.43 -20.78 3.15
CA PHE G 262 6.24 -21.89 4.08
C PHE G 262 5.81 -21.39 5.46
N LYS G 263 6.47 -20.33 5.97
CA LYS G 263 5.93 -19.42 7.01
C LYS G 263 4.47 -19.08 6.84
N SER G 264 4.03 -18.80 5.63
CA SER G 264 2.64 -18.44 5.51
C SER G 264 1.81 -19.67 5.72
N GLU G 265 2.42 -20.86 5.61
CA GLU G 265 1.77 -22.13 5.90
C GLU G 265 2.13 -22.69 7.28
N GLY G 266 2.26 -21.83 8.28
CA GLY G 266 2.60 -22.27 9.63
C GLY G 266 3.83 -23.16 9.76
N ILE G 267 4.72 -23.17 8.77
CA ILE G 267 5.95 -23.93 8.92
C ILE G 267 6.90 -23.19 9.85
N ASN G 268 7.42 -23.88 10.87
CA ASN G 268 8.47 -23.34 11.71
C ASN G 268 9.81 -23.55 11.02
N VAL G 269 10.50 -22.44 10.70
CA VAL G 269 11.77 -22.48 9.99
C VAL G 269 12.90 -22.10 10.93
N THR G 270 13.90 -22.98 11.02
CA THR G 270 15.03 -22.83 11.93
C THR G 270 16.32 -22.66 11.12
N TYR G 271 17.02 -21.57 11.36
CA TYR G 271 18.36 -21.35 10.81
C TYR G 271 19.46 -21.88 11.73
N PRO G 272 19.65 -23.20 11.82
CA PRO G 272 20.64 -23.72 12.77
C PRO G 272 22.05 -23.27 12.46
N ASP G 273 22.89 -23.33 13.50
CA ASP G 273 24.32 -23.01 13.36
C ASP G 273 25.00 -24.07 12.51
N LEU G 274 25.63 -23.65 11.41
CA LEU G 274 26.20 -24.58 10.45
C LEU G 274 27.67 -24.94 10.62
N GLU G 275 28.45 -24.25 11.44
CA GLU G 275 29.75 -24.80 11.79
C GLU G 275 29.74 -26.20 12.38
N PRO G 276 28.86 -26.55 13.32
CA PRO G 276 28.83 -27.93 13.86
C PRO G 276 28.59 -29.02 12.81
N PHE G 277 27.91 -28.71 11.70
CA PHE G 277 27.80 -29.67 10.60
C PHE G 277 29.13 -29.82 9.85
N ARG G 278 29.81 -28.70 9.55
CA ARG G 278 31.12 -28.76 8.87
C ARG G 278 32.21 -29.46 9.71
N GLU G 279 32.27 -29.32 11.03
CA GLU G 279 33.06 -30.32 11.77
C GLU G 279 32.63 -31.76 11.63
N ALA G 280 31.36 -32.04 11.42
CA ALA G 280 31.09 -33.45 11.39
C ALA G 280 31.63 -34.05 10.15
N MET G 281 31.81 -33.26 9.08
CA MET G 281 32.25 -33.79 7.79
C MET G 281 33.77 -33.87 7.66
N GLN G 282 34.52 -33.32 8.60
CA GLN G 282 35.97 -33.34 8.51
C GLN G 282 36.53 -34.74 8.36
N PRO G 283 36.11 -35.73 9.15
CA PRO G 283 36.62 -37.11 8.91
C PRO G 283 36.18 -37.68 7.58
N LEU G 284 35.01 -37.28 7.07
CA LEU G 284 34.58 -37.77 5.77
C LEU G 284 35.53 -37.27 4.67
N TYR G 285 35.97 -36.02 4.74
CA TYR G 285 36.92 -35.53 3.73
C TYR G 285 38.22 -36.32 3.79
N LYS G 286 38.71 -36.57 5.03
CA LYS G 286 39.79 -37.53 5.26
C LYS G 286 39.55 -38.85 4.61
N GLU G 287 38.44 -39.50 4.96
CA GLU G 287 38.17 -40.81 4.41
C GLU G 287 38.11 -40.76 2.90
N PHE G 288 37.46 -39.74 2.33
CA PHE G 288 37.33 -39.72 0.88
C PHE G 288 38.69 -39.68 0.20
N ASP G 289 39.51 -38.68 0.54
CA ASP G 289 40.82 -38.54 -0.08
C ASP G 289 41.64 -39.82 0.05
N SER G 290 41.62 -40.42 1.24
CA SER G 290 42.37 -41.65 1.43
C SER G 290 41.83 -42.78 0.56
N ASN G 291 40.50 -42.87 0.43
CA ASN G 291 39.94 -43.94 -0.40
C ASN G 291 40.29 -43.70 -1.86
N ILE G 292 40.37 -42.47 -2.30
CA ILE G 292 40.35 -42.47 -3.74
C ILE G 292 41.74 -42.82 -4.22
N GLY G 293 42.70 -42.45 -3.39
CA GLY G 293 44.10 -42.63 -3.62
C GLY G 293 44.80 -41.34 -3.88
N GLN G 294 44.04 -40.26 -4.09
CA GLN G 294 44.67 -38.92 -4.38
C GLN G 294 43.86 -37.78 -3.77
N PRO G 295 44.50 -36.80 -3.12
CA PRO G 295 43.73 -35.72 -2.49
C PRO G 295 42.96 -34.90 -3.52
N ILE G 296 41.72 -34.55 -3.18
CA ILE G 296 40.88 -33.79 -4.10
C ILE G 296 39.98 -32.78 -3.40
N VAL G 297 39.59 -33.05 -2.16
CA VAL G 297 38.62 -32.19 -1.51
C VAL G 297 39.19 -30.78 -1.35
N SER G 298 40.43 -30.66 -0.90
CA SER G 298 41.07 -29.35 -0.81
C SER G 298 41.20 -28.71 -2.19
N LYS G 299 41.47 -29.51 -3.22
CA LYS G 299 41.35 -29.00 -4.58
C LYS G 299 40.04 -28.27 -4.82
N LEU G 300 38.92 -29.01 -4.81
CA LEU G 300 37.61 -28.47 -5.16
C LEU G 300 37.15 -27.32 -4.26
N ALA G 301 37.33 -27.46 -2.95
CA ALA G 301 36.98 -26.38 -2.03
C ALA G 301 37.71 -25.09 -2.41
N ALA G 302 38.88 -25.19 -3.03
CA ALA G 302 39.66 -24.00 -3.36
C ALA G 302 39.34 -23.39 -4.72
N MET G 303 38.53 -24.04 -5.54
CA MET G 303 38.22 -23.54 -6.88
C MET G 303 37.34 -22.30 -6.82
N GLY H 1 43.13 -49.25 -11.95
CA GLY H 1 41.98 -49.55 -11.03
C GLY H 1 42.41 -50.36 -9.83
N SER H 2 42.35 -51.69 -9.97
CA SER H 2 42.77 -52.62 -8.93
C SER H 2 41.94 -52.51 -7.66
N GLN H 3 40.74 -51.96 -7.76
CA GLN H 3 39.90 -51.78 -6.58
C GLN H 3 39.10 -53.04 -6.24
N VAL H 4 38.74 -53.85 -7.25
CA VAL H 4 37.97 -55.06 -7.04
C VAL H 4 38.81 -56.28 -7.43
N GLN H 5 38.83 -57.28 -6.56
CA GLN H 5 39.47 -58.57 -6.81
C GLN H 5 38.41 -59.67 -6.91
N LEU H 6 38.50 -60.50 -7.95
CA LEU H 6 37.49 -61.50 -8.26
C LEU H 6 38.10 -62.89 -8.42
N VAL H 7 37.42 -63.91 -7.91
CA VAL H 7 37.89 -65.29 -7.99
C VAL H 7 36.74 -66.23 -8.36
N GLU H 8 36.86 -66.91 -9.50
CA GLU H 8 35.91 -67.91 -9.96
C GLU H 8 36.25 -69.27 -9.33
N SER H 9 35.25 -70.18 -9.27
CA SER H 9 35.53 -71.47 -8.63
C SER H 9 34.90 -72.71 -9.27
N GLY H 10 33.79 -72.59 -10.01
CA GLY H 10 32.95 -73.75 -10.30
C GLY H 10 33.44 -74.74 -11.35
N GLY H 11 34.47 -74.42 -12.13
CA GLY H 11 34.80 -75.20 -13.31
C GLY H 11 35.00 -76.69 -13.13
N ARG H 12 34.34 -77.45 -14.01
CA ARG H 12 34.33 -78.91 -13.87
C ARG H 12 34.16 -79.59 -15.23
N LEU H 13 34.36 -80.92 -15.26
CA LEU H 13 34.05 -81.77 -16.43
C LEU H 13 32.59 -82.22 -16.38
N VAL H 14 31.82 -81.99 -17.45
CA VAL H 14 30.42 -82.39 -17.47
C VAL H 14 29.82 -82.66 -18.84
N GLN H 15 28.62 -83.11 -18.70
CA GLN H 15 27.65 -83.95 -19.33
C GLN H 15 26.71 -83.12 -20.12
N THR H 16 26.65 -83.40 -21.43
CA THR H 16 25.63 -82.78 -22.26
C THR H 16 24.26 -82.93 -21.60
N GLY H 17 23.57 -81.82 -21.55
CA GLY H 17 22.37 -81.78 -20.79
C GLY H 17 22.59 -81.65 -19.30
N GLY H 18 23.84 -81.66 -18.81
CA GLY H 18 24.09 -81.52 -17.40
C GLY H 18 23.96 -80.08 -16.92
N SER H 19 24.02 -79.91 -15.59
CA SER H 19 23.92 -78.61 -14.96
C SER H 19 25.15 -78.35 -14.11
N LEU H 20 25.60 -77.09 -14.09
CA LEU H 20 26.75 -76.67 -13.31
C LEU H 20 26.52 -75.26 -12.80
N ARG H 21 26.89 -75.02 -11.54
CA ARG H 21 26.79 -73.70 -10.94
C ARG H 21 28.20 -73.15 -10.74
N LEU H 22 28.50 -72.03 -11.38
CA LEU H 22 29.72 -71.30 -11.09
C LEU H 22 29.46 -70.22 -10.04
N SER H 23 30.50 -69.92 -9.26
CA SER H 23 30.43 -68.88 -8.24
C SER H 23 31.68 -68.02 -8.31
N CYS H 24 31.52 -66.74 -7.97
CA CYS H 24 32.61 -65.76 -7.97
C CYS H 24 32.55 -64.97 -6.68
N ALA H 25 33.69 -64.91 -5.97
CA ALA H 25 33.80 -64.17 -4.73
C ALA H 25 34.53 -62.86 -5.00
N ALA H 26 33.95 -61.75 -4.54
CA ALA H 26 34.48 -60.42 -4.81
C ALA H 26 35.01 -59.81 -3.52
N SER H 27 36.12 -59.08 -3.65
CA SER H 27 36.74 -58.39 -2.52
C SER H 27 37.16 -57.00 -2.94
N GLY H 28 37.47 -56.17 -1.94
CA GLY H 28 37.96 -54.82 -2.17
C GLY H 28 36.94 -53.73 -1.96
N ASP H 29 36.41 -53.19 -3.06
CA ASP H 29 35.47 -52.09 -2.99
C ASP H 29 34.07 -52.64 -2.75
N THR H 30 33.12 -51.75 -2.49
CA THR H 30 31.81 -52.19 -2.06
C THR H 30 31.11 -52.95 -3.18
N PHE H 31 30.73 -54.19 -2.88
CA PHE H 31 30.26 -55.12 -3.91
C PHE H 31 29.02 -54.57 -4.61
N SER H 32 28.14 -53.91 -3.87
CA SER H 32 26.91 -53.38 -4.44
C SER H 32 27.15 -52.17 -5.33
N ASN H 33 28.38 -51.66 -5.41
CA ASN H 33 28.67 -50.58 -6.34
C ASN H 33 28.81 -51.05 -7.78
N TYR H 34 28.84 -52.37 -8.01
CA TYR H 34 29.24 -52.92 -9.29
C TYR H 34 28.18 -53.79 -9.91
N VAL H 35 28.01 -53.63 -11.22
CA VAL H 35 27.33 -54.62 -12.06
C VAL H 35 28.27 -55.79 -12.26
N MET H 36 27.75 -57.00 -12.04
CA MET H 36 28.54 -58.22 -12.16
C MET H 36 28.20 -58.94 -13.46
N GLY H 37 29.23 -59.43 -14.14
CA GLY H 37 29.05 -60.07 -15.42
C GLY H 37 29.76 -61.40 -15.49
N TRP H 38 29.26 -62.28 -16.36
CA TRP H 38 29.91 -63.52 -16.70
C TRP H 38 30.21 -63.52 -18.19
N PHE H 39 31.44 -63.86 -18.54
CA PHE H 39 31.89 -63.94 -19.92
C PHE H 39 32.58 -65.28 -20.13
N ARG H 40 32.63 -65.71 -21.38
CA ARG H 40 33.30 -66.96 -21.72
C ARG H 40 34.13 -66.75 -22.98
N GLN H 41 35.25 -67.46 -23.06
CA GLN H 41 36.17 -67.35 -24.18
C GLN H 41 36.62 -68.73 -24.61
N ALA H 42 36.47 -69.01 -25.88
CA ALA H 42 37.08 -70.18 -26.50
C ALA H 42 38.46 -69.81 -27.01
N PRO H 43 39.34 -70.80 -27.20
CA PRO H 43 40.73 -70.47 -27.56
C PRO H 43 40.75 -69.58 -28.79
N GLY H 44 41.50 -68.48 -28.68
CA GLY H 44 41.53 -67.47 -29.70
C GLY H 44 40.37 -66.52 -29.50
N LYS H 45 39.18 -67.09 -29.32
CA LYS H 45 37.99 -66.30 -29.56
C LYS H 45 37.85 -65.14 -28.60
N GLU H 46 37.09 -64.19 -29.11
CA GLU H 46 36.65 -62.88 -28.68
C GLU H 46 35.55 -63.08 -27.69
N ARG H 47 35.68 -62.34 -26.60
CA ARG H 47 34.91 -62.65 -25.41
C ARG H 47 33.43 -62.69 -25.73
N GLU H 48 32.79 -63.74 -25.28
CA GLU H 48 31.36 -63.86 -25.49
C GLU H 48 30.68 -63.39 -24.22
N PHE H 49 29.80 -62.40 -24.33
CA PHE H 49 28.97 -62.02 -23.20
C PHE H 49 28.00 -63.15 -22.91
N VAL H 50 27.85 -63.49 -21.63
CA VAL H 50 26.94 -64.54 -21.20
C VAL H 50 25.76 -63.96 -20.43
N ALA H 51 26.04 -63.28 -19.31
CA ALA H 51 24.98 -62.74 -18.47
C ALA H 51 25.58 -61.63 -17.61
N ALA H 52 24.72 -60.72 -17.17
CA ALA H 52 25.10 -59.67 -16.24
C ALA H 52 23.90 -59.36 -15.35
N ILE H 53 24.18 -58.84 -14.16
CA ILE H 53 23.16 -58.57 -13.16
C ILE H 53 23.48 -57.23 -12.49
N SER H 54 22.45 -56.40 -12.33
CA SER H 54 22.61 -55.06 -11.80
C SER H 54 22.85 -55.07 -10.29
N TRP H 55 23.14 -53.87 -9.76
CA TRP H 55 23.53 -53.71 -8.37
C TRP H 55 22.56 -54.40 -7.41
N THR H 56 21.26 -54.24 -7.63
CA THR H 56 20.25 -54.76 -6.72
C THR H 56 19.73 -56.12 -7.16
N GLY H 57 20.17 -56.61 -8.31
CA GLY H 57 19.67 -57.85 -8.88
C GLY H 57 18.38 -57.70 -9.67
N ALA H 58 17.87 -56.49 -9.81
CA ALA H 58 16.58 -56.31 -10.47
C ALA H 58 16.69 -56.47 -11.97
N ASN H 59 17.76 -55.95 -12.59
CA ASN H 59 17.97 -56.15 -14.01
C ASN H 59 18.91 -57.34 -14.20
N SER H 60 18.60 -58.18 -15.19
CA SER H 60 19.49 -59.23 -15.63
C SER H 60 19.58 -59.15 -17.15
N TYR H 61 20.78 -59.40 -17.67
CA TYR H 61 21.07 -59.32 -19.09
C TYR H 61 21.61 -60.67 -19.51
N TYR H 62 21.21 -61.12 -20.69
CA TYR H 62 21.61 -62.44 -21.16
C TYR H 62 21.94 -62.40 -22.65
N ALA H 63 22.88 -63.25 -23.04
CA ALA H 63 23.11 -63.51 -24.45
C ALA H 63 21.98 -64.38 -25.00
N ASP H 64 21.65 -64.18 -26.27
CA ASP H 64 20.65 -65.04 -26.90
C ASP H 64 21.11 -66.49 -26.89
N SER H 65 22.42 -66.70 -26.90
CA SER H 65 22.98 -68.05 -26.94
C SER H 65 22.65 -68.86 -25.69
N VAL H 66 22.34 -68.22 -24.57
CA VAL H 66 22.12 -68.93 -23.32
C VAL H 66 20.76 -68.64 -22.71
N ALA H 67 19.91 -67.88 -23.39
CA ALA H 67 18.65 -67.46 -22.80
C ALA H 67 17.79 -68.67 -22.47
N GLY H 68 17.25 -68.69 -21.26
CA GLY H 68 16.44 -69.79 -20.78
C GLY H 68 17.23 -70.93 -20.15
N ARG H 69 18.51 -71.08 -20.52
CA ARG H 69 19.33 -72.16 -20.01
C ARG H 69 20.12 -71.72 -18.79
N PHE H 70 20.67 -70.51 -18.82
CA PHE H 70 21.53 -70.00 -17.76
C PHE H 70 20.75 -69.02 -16.87
N THR H 71 21.14 -68.97 -15.59
CA THR H 71 20.58 -68.00 -14.65
C THR H 71 21.71 -67.38 -13.86
N ILE H 72 21.76 -66.05 -13.83
CA ILE H 72 22.74 -65.29 -13.05
C ILE H 72 22.06 -64.73 -11.82
N SER H 73 22.78 -64.72 -10.70
CA SER H 73 22.26 -64.19 -9.44
C SER H 73 23.42 -63.67 -8.61
N ARG H 74 23.09 -62.83 -7.62
CA ARG H 74 24.11 -62.28 -6.73
C ARG H 74 23.60 -62.25 -5.29
N ASP H 75 24.56 -62.22 -4.37
CA ASP H 75 24.30 -62.12 -2.94
C ASP H 75 25.19 -61.00 -2.38
N ASN H 76 24.57 -59.87 -2.05
CA ASN H 76 25.33 -58.71 -1.60
C ASN H 76 25.75 -58.80 -0.14
N ALA H 77 25.27 -59.80 0.61
CA ALA H 77 25.79 -60.02 1.95
C ALA H 77 27.08 -60.83 1.92
N LYS H 78 27.10 -61.92 1.16
CA LYS H 78 28.29 -62.73 1.01
C LYS H 78 29.24 -62.18 -0.05
N ASN H 79 28.82 -61.16 -0.79
CA ASN H 79 29.62 -60.56 -1.86
C ASN H 79 29.97 -61.58 -2.94
N THR H 80 28.95 -62.27 -3.45
CA THR H 80 29.17 -63.29 -4.47
C THR H 80 28.19 -63.12 -5.60
N VAL H 81 28.61 -63.56 -6.79
CA VAL H 81 27.75 -63.67 -7.96
C VAL H 81 27.85 -65.11 -8.47
N ALA H 82 26.74 -65.66 -8.93
CA ALA H 82 26.71 -67.04 -9.39
C ALA H 82 26.12 -67.13 -10.79
N LEU H 83 26.55 -68.16 -11.52
CA LEU H 83 25.98 -68.49 -12.83
C LEU H 83 25.52 -69.95 -12.78
N GLN H 84 24.21 -70.16 -12.70
CA GLN H 84 23.63 -71.49 -12.80
C GLN H 84 23.42 -71.82 -14.28
N MET H 85 24.11 -72.84 -14.77
CA MET H 85 24.00 -73.26 -16.16
C MET H 85 23.28 -74.60 -16.22
N ASN H 86 22.24 -74.68 -17.04
CA ASN H 86 21.49 -75.90 -17.27
C ASN H 86 21.52 -76.23 -18.76
N SER H 87 21.20 -77.49 -19.06
CA SER H 87 21.13 -77.96 -20.45
C SER H 87 22.40 -77.63 -21.22
N LEU H 88 23.54 -77.95 -20.61
CA LEU H 88 24.83 -77.60 -21.19
C LEU H 88 25.10 -78.44 -22.43
N LYS H 89 25.75 -77.84 -23.40
CA LYS H 89 26.14 -78.51 -24.65
C LYS H 89 27.61 -78.32 -24.91
N PRO H 90 28.20 -79.16 -25.78
CA PRO H 90 29.64 -79.02 -26.08
C PRO H 90 30.06 -77.63 -26.52
N GLU H 91 29.18 -76.89 -27.23
CA GLU H 91 29.55 -75.53 -27.62
C GLU H 91 29.70 -74.60 -26.43
N ASP H 92 29.21 -75.00 -25.25
CA ASP H 92 29.39 -74.19 -24.05
C ASP H 92 30.75 -74.40 -23.42
N THR H 93 31.57 -75.29 -23.96
CA THR H 93 32.91 -75.51 -23.45
C THR H 93 33.75 -74.26 -23.61
N ALA H 94 34.23 -73.71 -22.50
CA ALA H 94 35.02 -72.48 -22.54
C ALA H 94 35.59 -72.26 -21.15
N ILE H 95 36.51 -71.29 -21.07
CA ILE H 95 36.89 -70.69 -19.79
C ILE H 95 35.90 -69.56 -19.50
N TYR H 96 35.26 -69.62 -18.33
CA TYR H 96 34.26 -68.64 -17.94
C TYR H 96 34.86 -67.63 -16.98
N TYR H 97 34.69 -66.35 -17.27
CA TYR H 97 35.31 -65.27 -16.52
C TYR H 97 34.25 -64.49 -15.74
N CYS H 98 34.55 -64.22 -14.46
CA CYS H 98 33.81 -63.26 -13.67
C CYS H 98 34.35 -61.86 -13.92
N ALA H 99 33.46 -60.89 -14.09
CA ALA H 99 33.85 -59.52 -14.37
C ALA H 99 32.95 -58.56 -13.62
N ALA H 100 33.51 -57.41 -13.26
CA ALA H 100 32.80 -56.37 -12.53
C ALA H 100 32.98 -55.02 -13.23
N ASP H 101 31.93 -54.22 -13.24
CA ASP H 101 32.01 -52.85 -13.71
C ASP H 101 30.93 -52.03 -13.02
N HIS H 102 31.13 -50.71 -13.00
CA HIS H 102 30.16 -49.84 -12.36
C HIS H 102 28.81 -49.87 -13.07
N PHE H 103 28.81 -50.08 -14.38
CA PHE H 103 27.60 -50.19 -15.16
C PHE H 103 27.76 -51.31 -16.17
N HIS H 104 26.63 -51.88 -16.60
CA HIS H 104 26.66 -52.82 -17.70
C HIS H 104 27.05 -52.08 -18.97
N VAL H 105 28.02 -52.61 -19.70
CA VAL H 105 28.49 -52.00 -20.93
C VAL H 105 28.67 -53.08 -21.98
N THR H 106 28.42 -52.71 -23.23
CA THR H 106 28.62 -53.59 -24.37
C THR H 106 29.60 -53.03 -25.39
N HIS H 107 29.84 -51.71 -25.39
CA HIS H 107 30.75 -51.08 -26.33
C HIS H 107 32.19 -51.18 -25.87
N ARG H 108 32.41 -51.71 -24.67
CA ARG H 108 33.77 -51.80 -24.17
C ARG H 108 33.96 -52.92 -23.15
N LYS H 109 35.22 -53.01 -22.71
CA LYS H 109 35.66 -53.83 -21.59
C LYS H 109 34.87 -53.59 -20.33
N TYR H 110 34.61 -54.68 -19.60
CA TYR H 110 34.42 -54.55 -18.16
C TYR H 110 35.75 -54.17 -17.56
N ASP H 111 35.73 -53.41 -16.47
CA ASP H 111 36.99 -52.91 -15.90
C ASP H 111 37.75 -54.00 -15.15
N TYR H 112 37.06 -54.84 -14.38
CA TYR H 112 37.69 -55.75 -13.44
C TYR H 112 37.36 -57.19 -13.81
N TRP H 113 38.31 -58.09 -13.53
CA TRP H 113 38.25 -59.44 -14.06
C TRP H 113 38.82 -60.44 -13.08
N GLY H 114 38.25 -61.66 -13.12
CA GLY H 114 38.83 -62.79 -12.47
C GLY H 114 39.81 -63.51 -13.38
N GLN H 115 40.33 -64.63 -12.88
CA GLN H 115 41.34 -65.39 -13.60
C GLN H 115 40.73 -66.44 -14.52
N GLY H 116 39.44 -66.68 -14.43
CA GLY H 116 38.75 -67.66 -15.25
C GLY H 116 38.72 -69.04 -14.61
N THR H 117 37.63 -69.75 -14.89
CA THR H 117 37.44 -71.13 -14.45
C THR H 117 36.97 -71.92 -15.66
N GLN H 118 37.59 -73.07 -15.91
CA GLN H 118 37.38 -73.82 -17.13
C GLN H 118 36.20 -74.78 -17.01
N VAL H 119 35.28 -74.69 -17.97
CA VAL H 119 34.15 -75.60 -18.07
C VAL H 119 34.33 -76.46 -19.31
N THR H 120 34.27 -77.78 -19.13
CA THR H 120 34.37 -78.73 -20.23
C THR H 120 33.06 -79.51 -20.30
N VAL H 121 32.38 -79.43 -21.44
CA VAL H 121 31.14 -80.17 -21.68
C VAL H 121 31.46 -81.26 -22.68
N SER H 122 31.23 -82.51 -22.27
CA SER H 122 31.55 -83.68 -23.08
C SER H 122 30.31 -84.10 -23.86
N SER H 123 30.54 -84.76 -24.99
CA SER H 123 29.45 -85.10 -25.88
C SER H 123 28.55 -86.17 -25.28
N ALA I 5 -8.01 29.20 49.58
CA ALA I 5 -7.76 28.01 48.71
C ALA I 5 -7.10 26.88 49.52
N THR I 6 -6.99 25.71 48.90
CA THR I 6 -6.36 24.56 49.53
C THR I 6 -5.34 23.94 48.59
N THR I 7 -4.11 23.75 49.10
CA THR I 7 -3.06 23.03 48.38
C THR I 7 -2.74 21.76 49.15
N LEU I 8 -3.05 20.61 48.55
CA LEU I 8 -2.81 19.30 49.14
C LEU I 8 -1.49 18.73 48.66
N LYS I 9 -0.85 17.96 49.54
CA LYS I 9 0.46 17.38 49.28
C LYS I 9 0.32 15.88 49.09
N MET I 10 0.80 15.37 47.95
CA MET I 10 0.75 13.96 47.62
C MET I 10 2.16 13.43 47.40
N GLY I 11 2.51 12.36 48.11
CA GLY I 11 3.80 11.72 47.96
C GLY I 11 3.66 10.34 47.35
N MET I 12 4.69 9.90 46.64
CA MET I 12 4.68 8.57 46.05
C MET I 12 6.11 8.09 45.83
N GLN I 13 6.28 6.77 45.84
CA GLN I 13 7.58 6.19 45.50
C GLN I 13 7.83 6.23 44.00
N ALA I 14 6.76 6.17 43.19
CA ALA I 14 6.90 6.10 41.75
C ALA I 14 7.51 7.38 41.18
N SER I 15 8.21 7.22 40.07
CA SER I 15 8.94 8.32 39.42
C SER I 15 8.12 8.91 38.28
N VAL I 16 8.58 10.05 37.79
CA VAL I 16 7.94 10.67 36.64
C VAL I 16 7.94 9.71 35.46
N GLY I 17 6.84 9.68 34.72
CA GLY I 17 6.67 8.75 33.63
C GLY I 17 6.05 7.41 33.99
N SER I 18 5.75 7.15 35.26
CA SER I 18 5.12 5.89 35.69
C SER I 18 3.60 5.94 35.52
N VAL I 19 2.95 4.76 35.51
CA VAL I 19 1.49 4.78 35.37
C VAL I 19 0.96 5.60 36.52
N GLU I 20 1.58 5.40 37.70
CA GLU I 20 1.15 5.99 38.96
C GLU I 20 1.34 7.50 38.98
N TYR I 21 2.48 7.99 38.50
CA TYR I 21 2.71 9.42 38.50
C TYR I 21 1.78 10.11 37.52
N ASN I 22 1.64 9.53 36.32
CA ASN I 22 0.77 10.11 35.32
C ASN I 22 -0.66 10.24 35.84
N SER I 23 -1.12 9.24 36.61
CA SER I 23 -2.44 9.33 37.21
C SER I 23 -2.48 10.41 38.28
N ALA I 24 -1.40 10.53 39.06
CA ALA I 24 -1.35 11.57 40.08
C ALA I 24 -1.28 12.96 39.47
N LYS I 25 -0.57 13.11 38.35
CA LYS I 25 -0.55 14.40 37.66
C LYS I 25 -1.89 14.70 37.01
N MET I 26 -2.50 13.69 36.38
CA MET I 26 -3.85 13.83 35.85
C MET I 26 -4.84 14.17 36.96
N LEU I 27 -4.68 13.54 38.12
CA LEU I 27 -5.54 13.88 39.26
C LEU I 27 -5.33 15.33 39.66
N ALA I 28 -4.07 15.76 39.74
CA ALA I 28 -3.79 17.15 40.08
C ALA I 28 -4.52 18.07 39.12
N ASP I 29 -4.40 17.81 37.82
CA ASP I 29 -5.07 18.63 36.82
C ASP I 29 -6.58 18.62 37.02
N THR I 30 -7.17 17.44 37.26
CA THR I 30 -8.62 17.34 37.37
C THR I 30 -9.12 18.15 38.55
N LEU I 31 -8.43 18.04 39.69
CA LEU I 31 -8.79 18.84 40.86
C LEU I 31 -8.49 20.30 40.53
N GLU I 32 -7.46 20.52 39.73
CA GLU I 32 -6.93 21.84 39.44
C GLU I 32 -8.05 22.67 38.81
N GLU I 33 -8.71 22.01 37.86
CA GLU I 33 -9.68 22.52 36.90
C GLU I 33 -11.10 22.44 37.42
N MET I 34 -11.49 21.30 38.00
CA MET I 34 -12.89 21.18 38.41
C MET I 34 -13.22 22.14 39.53
N SER I 35 -12.21 22.60 40.27
CA SER I 35 -12.40 23.64 41.27
C SER I 35 -12.03 25.02 40.75
N GLN I 36 -11.63 25.13 39.48
CA GLN I 36 -11.16 26.40 38.93
C GLN I 36 -10.09 27.03 39.81
N GLY I 37 -9.12 26.20 40.22
CA GLY I 37 -7.96 26.66 40.94
C GLY I 37 -8.06 26.69 42.45
N GLU I 38 -9.19 26.31 43.03
CA GLU I 38 -9.34 26.35 44.47
C GLU I 38 -8.80 25.09 45.14
N ILE I 39 -8.70 23.97 44.44
CA ILE I 39 -8.00 22.79 44.96
C ILE I 39 -6.75 22.50 44.11
N LYS I 40 -5.58 22.40 44.76
CA LYS I 40 -4.28 22.07 44.18
C LYS I 40 -3.63 20.84 44.87
N LEU I 41 -2.93 20.04 44.05
CA LEU I 41 -2.23 18.83 44.49
C LEU I 41 -0.77 18.99 44.09
N ALA I 42 0.10 19.17 45.07
CA ALA I 42 1.55 19.20 44.84
C ALA I 42 2.04 17.76 44.91
N LEU I 43 2.92 17.40 43.99
CA LEU I 43 3.40 16.03 43.85
C LEU I 43 4.84 15.94 44.31
N TYR I 44 5.15 14.87 45.05
CA TYR I 44 6.49 14.63 45.58
C TYR I 44 6.85 13.19 45.25
N PRO I 45 7.30 12.95 44.01
CA PRO I 45 7.57 11.56 43.59
C PRO I 45 8.95 11.05 43.94
N SER I 46 9.23 9.82 43.49
CA SER I 46 10.55 9.19 43.62
C SER I 46 10.97 9.03 45.08
N ALA I 47 9.99 8.89 45.97
CA ALA I 47 10.26 8.55 47.37
C ALA I 47 11.14 9.58 48.05
N GLN I 48 11.07 10.84 47.59
CA GLN I 48 11.87 11.88 48.21
C GLN I 48 11.41 12.17 49.63
N LEU I 49 10.19 11.79 49.97
CA LEU I 49 9.68 11.93 51.33
C LEU I 49 9.85 10.66 52.15
N GLY I 50 10.37 9.60 51.57
CA GLY I 50 10.44 8.29 52.21
C GLY I 50 9.69 7.25 51.40
N ASP I 51 9.73 6.02 51.91
CA ASP I 51 8.99 4.95 51.25
C ASP I 51 7.50 5.04 51.62
N ASP I 52 6.71 4.11 51.10
CA ASP I 52 5.28 4.12 51.37
C ASP I 52 5.00 3.98 52.86
N ARG I 53 5.79 3.16 53.56
CA ARG I 53 5.61 3.03 55.00
C ARG I 53 5.87 4.34 55.72
N ALA I 54 6.94 5.04 55.35
CA ALA I 54 7.25 6.31 55.98
C ALA I 54 6.17 7.36 55.66
N MET I 55 5.70 7.38 54.41
CA MET I 55 4.69 8.35 54.03
C MET I 55 3.34 8.04 54.67
N LEU I 56 2.99 6.75 54.79
CA LEU I 56 1.81 6.38 55.54
C LEU I 56 1.87 6.92 56.97
N GLN I 57 3.05 6.81 57.60
CA GLN I 57 3.23 7.38 58.93
C GLN I 57 3.02 8.89 58.93
N GLN I 58 3.40 9.55 57.84
CA GLN I 58 3.21 11.00 57.76
C GLN I 58 1.73 11.35 57.68
N LEU I 59 0.95 10.56 56.96
CA LEU I 59 -0.50 10.77 56.93
C LEU I 59 -1.09 10.59 58.32
N THR I 60 -0.69 9.55 59.04
CA THR I 60 -1.24 9.29 60.36
C THR I 60 -1.04 10.48 61.29
N LEU I 61 0.12 11.14 61.18
CA LEU I 61 0.45 12.28 62.03
C LEU I 61 0.04 13.61 61.42
N GLY I 62 -0.53 13.61 60.22
CA GLY I 62 -1.02 14.83 59.62
C GLY I 62 0.02 15.69 58.93
N ASP I 63 1.17 15.15 58.61
CA ASP I 63 2.24 15.90 57.96
C ASP I 63 2.23 15.77 56.44
N LEU I 64 1.48 14.81 55.90
CA LEU I 64 1.31 14.64 54.47
C LEU I 64 -0.15 14.34 54.22
N ASP I 65 -0.67 14.80 53.08
CA ASP I 65 -2.11 14.77 52.87
C ASP I 65 -2.57 13.49 52.18
N ILE I 66 -1.90 13.09 51.09
CA ILE I 66 -2.33 11.96 50.27
C ILE I 66 -1.15 11.07 49.94
N THR I 67 -1.41 9.77 49.82
CA THR I 67 -0.40 8.84 49.35
C THR I 67 -1.05 7.61 48.72
N TYR I 68 -0.23 6.86 47.99
CA TYR I 68 -0.61 5.55 47.46
C TYR I 68 -0.30 4.48 48.49
N ALA I 69 -1.12 3.44 48.54
CA ALA I 69 -0.73 2.24 49.27
C ALA I 69 -1.55 1.06 48.78
N GLU I 70 -0.94 -0.12 48.83
CA GLU I 70 -1.64 -1.37 48.53
C GLU I 70 -2.52 -1.79 49.70
N PHE I 71 -3.62 -2.47 49.37
CA PHE I 71 -4.55 -2.93 50.38
C PHE I 71 -3.88 -3.90 51.35
N GLY I 72 -3.00 -4.77 50.82
CA GLY I 72 -2.25 -5.67 51.67
C GLY I 72 -1.17 -4.99 52.49
N ARG I 73 -0.68 -3.83 52.03
CA ARG I 73 0.30 -3.06 52.78
C ARG I 73 -0.27 -2.54 54.09
N MET I 74 -1.60 -2.50 54.23
CA MET I 74 -2.20 -2.15 55.50
C MET I 74 -1.89 -3.17 56.59
N GLY I 75 -1.42 -4.36 56.22
CA GLY I 75 -0.96 -5.33 57.20
C GLY I 75 0.13 -4.80 58.11
N LEU I 76 0.82 -3.73 57.69
CA LEU I 76 1.77 -3.08 58.58
C LEU I 76 1.07 -2.51 59.81
N ALA I 77 -0.21 -2.17 59.70
CA ALA I 77 -0.98 -1.56 60.78
C ALA I 77 -2.13 -2.43 61.26
N ILE I 78 -2.74 -3.21 60.38
CA ILE I 78 -3.93 -4.01 60.67
C ILE I 78 -3.57 -5.40 60.17
N PRO I 79 -2.94 -6.24 61.01
CA PRO I 79 -2.26 -7.43 60.48
C PRO I 79 -3.11 -8.31 59.57
N ARG I 80 -4.39 -8.48 59.87
CA ARG I 80 -5.23 -9.35 59.04
C ARG I 80 -5.30 -8.87 57.60
N ALA I 81 -5.10 -7.58 57.36
CA ALA I 81 -5.19 -7.05 56.00
C ALA I 81 -4.09 -7.60 55.09
N GLU I 82 -2.98 -8.06 55.67
CA GLU I 82 -1.90 -8.60 54.84
C GLU I 82 -2.34 -9.83 54.06
N ALA I 83 -3.40 -10.50 54.49
CA ALA I 83 -3.80 -11.75 53.86
C ALA I 83 -4.12 -11.58 52.38
N VAL I 84 -4.67 -10.43 51.99
CA VAL I 84 -5.07 -10.25 50.60
C VAL I 84 -3.88 -10.31 49.66
N MET I 85 -2.68 -10.01 50.15
CA MET I 85 -1.48 -10.03 49.32
C MET I 85 -0.66 -11.29 49.52
N LEU I 86 -1.10 -12.21 50.37
CA LEU I 86 -0.43 -13.49 50.48
C LEU I 86 -0.30 -14.09 49.07
N PRO I 87 0.84 -14.67 48.71
CA PRO I 87 1.03 -15.06 47.30
C PRO I 87 -0.07 -15.99 46.81
N TYR I 88 -0.62 -15.64 45.64
CA TYR I 88 -1.60 -16.39 44.88
C TYR I 88 -2.99 -16.47 45.53
N VAL I 89 -3.21 -15.82 46.66
CA VAL I 89 -4.54 -15.89 47.28
C VAL I 89 -5.55 -15.07 46.48
N ALA I 90 -5.17 -13.86 46.08
CA ALA I 90 -5.99 -13.04 45.20
C ALA I 90 -5.72 -13.46 43.76
N LYS I 91 -6.77 -13.83 43.03
CA LYS I 91 -6.58 -14.35 41.69
C LYS I 91 -6.40 -13.23 40.66
N ASP I 92 -7.15 -12.14 40.80
CA ASP I 92 -7.08 -11.02 39.86
C ASP I 92 -7.61 -9.79 40.58
N PHE I 93 -7.63 -8.67 39.87
CA PHE I 93 -8.05 -7.42 40.50
C PHE I 93 -9.50 -7.50 40.96
N ASP I 94 -10.38 -8.10 40.15
CA ASP I 94 -11.78 -8.20 40.53
C ASP I 94 -11.92 -8.94 41.85
N HIS I 95 -11.18 -10.03 42.03
CA HIS I 95 -11.17 -10.74 43.30
C HIS I 95 -10.68 -9.85 44.44
N LEU I 96 -9.52 -9.20 44.24
CA LEU I 96 -8.99 -8.30 45.27
C LEU I 96 -9.98 -7.17 45.54
N ARG I 97 -10.61 -6.67 44.49
CA ARG I 97 -11.58 -5.60 44.62
C ARG I 97 -12.80 -6.05 45.41
N ARG I 98 -13.19 -7.32 45.27
CA ARG I 98 -14.27 -7.83 46.09
C ARG I 98 -13.86 -7.91 47.56
N MET I 99 -12.62 -8.31 47.83
CA MET I 99 -12.11 -8.27 49.20
C MET I 99 -12.18 -6.86 49.77
N PHE I 100 -11.80 -5.86 48.97
CA PHE I 100 -11.82 -4.47 49.42
C PHE I 100 -13.23 -4.03 49.77
N GLU I 101 -14.23 -4.55 49.05
CA GLU I 101 -15.63 -4.18 49.24
C GLU I 101 -16.36 -5.08 50.23
N SER I 102 -15.77 -6.21 50.62
CA SER I 102 -16.43 -7.11 51.55
C SER I 102 -16.57 -6.48 52.94
N ASP I 103 -17.34 -7.15 53.79
CA ASP I 103 -17.45 -6.72 55.18
C ASP I 103 -16.10 -6.73 55.87
N PHE I 104 -15.26 -7.72 55.55
CA PHE I 104 -13.89 -7.74 56.02
C PHE I 104 -13.14 -6.50 55.54
N GLY I 105 -13.27 -6.17 54.25
CA GLY I 105 -12.63 -4.97 53.73
C GLY I 105 -13.13 -3.71 54.39
N GLN I 106 -14.44 -3.56 54.50
CA GLN I 106 -14.98 -2.38 55.19
C GLN I 106 -14.51 -2.34 56.63
N GLY I 107 -14.32 -3.51 57.25
CA GLY I 107 -13.85 -3.54 58.63
C GLY I 107 -12.44 -2.99 58.79
N VAL I 108 -11.51 -3.43 57.95
CA VAL I 108 -10.16 -2.88 58.00
C VAL I 108 -10.19 -1.40 57.65
N ARG I 109 -10.94 -1.03 56.61
CA ARG I 109 -10.98 0.36 56.17
C ARG I 109 -11.52 1.25 57.28
N ASP I 110 -12.47 0.75 58.06
CA ASP I 110 -12.92 1.49 59.24
C ASP I 110 -11.77 1.62 60.24
N GLU I 111 -11.01 0.54 60.43
CA GLU I 111 -9.89 0.57 61.37
C GLU I 111 -8.76 1.46 60.86
N MET I 112 -8.50 1.44 59.55
CA MET I 112 -7.54 2.39 58.99
C MET I 112 -7.91 3.82 59.38
N LEU I 113 -9.18 4.18 59.19
CA LEU I 113 -9.63 5.54 59.45
C LEU I 113 -9.61 5.87 60.94
N GLN I 114 -10.08 4.96 61.78
CA GLN I 114 -10.24 5.28 63.20
C GLN I 114 -8.90 5.28 63.94
N LYS I 115 -8.07 4.27 63.68
CA LYS I 115 -6.83 4.10 64.44
C LYS I 115 -5.62 4.77 63.79
N PHE I 116 -5.66 5.03 62.48
CA PHE I 116 -4.48 5.50 61.77
C PHE I 116 -4.75 6.70 60.87
N ASN I 117 -5.94 7.30 60.93
CA ASN I 117 -6.23 8.54 60.22
C ASN I 117 -6.08 8.37 58.71
N TRP I 118 -6.45 7.19 58.22
CA TRP I 118 -6.34 6.86 56.80
C TRP I 118 -7.73 6.63 56.22
N ARG I 119 -8.13 7.49 55.28
CA ARG I 119 -9.36 7.32 54.53
C ARG I 119 -9.04 6.85 53.12
N ALA I 120 -9.31 5.59 52.83
CA ALA I 120 -9.18 5.04 51.48
C ALA I 120 -10.37 5.50 50.64
N LEU I 121 -10.11 6.36 49.65
CA LEU I 121 -11.17 6.90 48.80
C LEU I 121 -11.52 5.96 47.66
N ASP I 122 -10.56 5.19 47.17
CA ASP I 122 -10.75 4.26 46.06
C ASP I 122 -9.54 3.35 46.07
N THR I 123 -9.60 2.28 45.29
CA THR I 123 -8.43 1.46 45.04
C THR I 123 -8.37 1.12 43.56
N TRP I 124 -7.18 1.21 42.99
CA TRP I 124 -6.98 1.00 41.56
C TRP I 124 -6.13 -0.24 41.34
N TYR I 125 -6.22 -0.78 40.13
CA TYR I 125 -5.35 -1.89 39.73
C TYR I 125 -4.00 -1.33 39.31
N ASN I 126 -2.92 -1.87 39.89
CA ASN I 126 -1.58 -1.48 39.51
C ASN I 126 -0.79 -2.61 38.87
N GLY I 127 -1.38 -3.78 38.71
CA GLY I 127 -0.76 -4.86 37.96
C GLY I 127 -0.43 -6.06 38.83
N THR I 128 -0.13 -7.16 38.15
CA THR I 128 0.25 -8.41 38.77
C THR I 128 1.76 -8.59 38.63
N ARG I 129 2.42 -8.93 39.72
CA ARG I 129 3.88 -8.94 39.75
C ARG I 129 4.43 -10.18 39.05
N GLU I 130 5.44 -9.96 38.21
CA GLU I 130 6.18 -11.00 37.52
C GLU I 130 7.64 -10.95 37.96
N THR I 131 8.43 -11.94 37.54
CA THR I 131 9.81 -12.08 38.01
C THR I 131 10.78 -11.98 36.83
N THR I 132 11.75 -11.07 36.94
CA THR I 132 12.86 -10.92 36.01
C THR I 132 14.16 -11.39 36.66
N SER I 133 15.15 -11.76 35.83
CA SER I 133 16.41 -12.30 36.33
C SER I 133 17.49 -12.18 35.25
N ASN I 134 18.75 -12.35 35.68
CA ASN I 134 19.89 -12.41 34.78
C ASN I 134 20.19 -13.76 34.13
N ARG I 135 19.59 -14.84 34.60
CA ARG I 135 19.45 -16.11 33.93
C ARG I 135 18.02 -16.70 33.93
N PRO I 136 17.73 -17.55 32.98
CA PRO I 136 16.35 -17.94 32.73
C PRO I 136 15.68 -18.76 33.83
N LEU I 137 14.38 -18.54 34.02
CA LEU I 137 13.69 -19.38 35.01
C LEU I 137 12.55 -20.27 34.46
N ASN I 138 12.95 -21.46 34.02
CA ASN I 138 12.01 -22.43 33.48
C ASN I 138 11.15 -23.11 34.54
N SER I 139 11.72 -23.47 35.69
CA SER I 139 10.97 -24.15 36.75
C SER I 139 11.29 -23.54 38.11
N ILE I 140 10.52 -23.95 39.13
CA ILE I 140 10.77 -23.48 40.49
C ILE I 140 12.18 -23.85 40.99
N GLU I 141 12.76 -24.98 40.56
CA GLU I 141 14.22 -25.10 40.74
C GLU I 141 15.06 -23.97 40.19
N ASP I 142 14.65 -23.31 39.14
CA ASP I 142 15.61 -22.34 38.68
C ASP I 142 15.75 -21.20 39.64
N PHE I 143 14.83 -21.09 40.61
CA PHE I 143 14.90 -20.12 41.67
C PHE I 143 15.94 -20.45 42.74
N LYS I 144 16.36 -21.70 42.87
CA LYS I 144 17.28 -22.06 43.94
C LYS I 144 18.61 -21.33 43.77
N GLY I 145 19.02 -20.64 44.84
CA GLY I 145 20.21 -19.81 44.83
C GLY I 145 20.09 -18.49 44.08
N LEU I 146 18.90 -18.15 43.59
CA LEU I 146 18.68 -16.85 42.95
C LEU I 146 18.60 -15.77 44.03
N LYS I 147 19.46 -14.77 43.86
CA LYS I 147 19.57 -13.52 44.59
C LYS I 147 18.44 -12.61 44.10
N LEU I 148 17.23 -12.71 44.70
CA LEU I 148 16.02 -12.05 44.20
C LEU I 148 15.74 -10.83 45.07
N ARG I 149 15.76 -9.63 44.48
CA ARG I 149 15.45 -8.43 45.24
C ARG I 149 13.96 -8.43 45.56
N VAL I 150 13.64 -8.02 46.79
CA VAL I 150 12.24 -7.85 47.18
C VAL I 150 12.15 -6.49 47.86
N PRO I 151 11.00 -5.83 47.83
CA PRO I 151 10.80 -4.66 48.69
C PRO I 151 10.80 -5.07 50.17
N ASN I 152 10.85 -4.06 51.03
CA ASN I 152 10.75 -4.32 52.46
C ASN I 152 9.31 -4.67 52.81
N ALA I 153 8.84 -5.83 52.34
CA ALA I 153 7.47 -6.27 52.52
C ALA I 153 7.47 -7.77 52.77
N LYS I 154 6.74 -8.19 53.81
CA LYS I 154 6.85 -9.57 54.28
C LYS I 154 6.40 -10.57 53.22
N GLN I 155 5.33 -10.27 52.49
CA GLN I 155 4.77 -11.26 51.58
C GLN I 155 5.58 -11.39 50.30
N ASN I 156 6.22 -10.31 49.86
CA ASN I 156 7.22 -10.45 48.81
C ASN I 156 8.40 -11.27 49.29
N LEU I 157 8.81 -11.06 50.54
CA LEU I 157 9.87 -11.87 51.14
C LEU I 157 9.48 -13.34 51.17
N ASN I 158 8.25 -13.64 51.60
CA ASN I 158 7.82 -15.04 51.66
C ASN I 158 7.83 -15.69 50.28
N TYR I 159 7.33 -14.98 49.25
CA TYR I 159 7.36 -15.53 47.90
C TYR I 159 8.77 -15.94 47.53
N ALA I 160 9.75 -15.07 47.79
CA ALA I 160 11.14 -15.39 47.47
C ALA I 160 11.61 -16.58 48.29
N LYS I 161 11.41 -16.54 49.60
CA LYS I 161 11.93 -17.59 50.47
C LYS I 161 11.40 -18.96 50.08
N LEU I 162 10.08 -19.07 49.91
CA LEU I 162 9.47 -20.38 49.71
C LEU I 162 9.62 -20.91 48.28
N SER I 163 9.94 -20.05 47.32
CA SER I 163 10.31 -20.53 45.99
C SER I 163 11.75 -21.01 45.92
N GLY I 164 12.56 -20.72 46.94
CA GLY I 164 13.94 -21.14 46.98
C GLY I 164 14.98 -20.08 46.64
N ALA I 165 14.56 -18.84 46.40
CA ALA I 165 15.52 -17.78 46.14
C ALA I 165 16.18 -17.32 47.43
N SER I 166 17.27 -16.58 47.29
CA SER I 166 17.91 -15.87 48.39
C SER I 166 17.39 -14.45 48.43
N PRO I 167 16.50 -14.12 49.37
CA PRO I 167 15.91 -12.77 49.36
C PRO I 167 16.90 -11.70 49.80
N THR I 168 16.88 -10.58 49.08
CA THR I 168 17.65 -9.40 49.44
C THR I 168 16.70 -8.21 49.52
N PRO I 169 16.26 -7.80 50.71
CA PRO I 169 15.39 -6.62 50.81
C PRO I 169 16.17 -5.37 50.39
N MET I 170 15.55 -4.55 49.54
CA MET I 170 16.25 -3.39 48.99
C MET I 170 15.25 -2.35 48.53
N SER I 171 15.63 -1.08 48.67
CA SER I 171 14.73 0.01 48.33
C SER I 171 14.55 0.12 46.82
N PHE I 172 13.38 0.65 46.44
CA PHE I 172 12.96 0.68 45.05
C PHE I 172 13.91 1.51 44.19
N SER I 173 14.52 2.55 44.77
CA SER I 173 15.41 3.41 44.00
C SER I 173 16.74 2.73 43.69
N GLU I 174 17.17 1.79 44.52
CA GLU I 174 18.48 1.17 44.38
C GLU I 174 18.47 -0.02 43.44
N VAL I 175 17.30 -0.37 42.89
CA VAL I 175 17.14 -1.66 42.23
C VAL I 175 17.83 -1.67 40.88
N TYR I 176 17.57 -0.66 40.03
CA TYR I 176 18.19 -0.66 38.72
C TYR I 176 19.70 -0.88 38.86
N LEU I 177 20.38 -0.15 39.85
CA LEU I 177 21.82 -0.35 40.06
C LEU I 177 22.01 -1.84 40.25
N ALA I 178 21.38 -2.39 41.31
CA ALA I 178 21.64 -3.72 41.84
C ALA I 178 21.50 -4.80 40.80
N LEU I 179 20.62 -4.58 39.82
CA LEU I 179 20.54 -5.45 38.65
C LEU I 179 21.69 -5.20 37.68
N GLN I 180 22.07 -3.94 37.44
CA GLN I 180 23.16 -3.74 36.49
C GLN I 180 24.46 -4.38 36.99
N THR I 181 24.84 -4.11 38.24
CA THR I 181 26.10 -4.66 38.77
C THR I 181 25.95 -6.11 39.17
N ASN I 182 24.78 -6.69 38.92
CA ASN I 182 24.48 -8.04 39.34
C ASN I 182 24.79 -8.27 40.81
N ALA I 183 24.63 -7.22 41.62
CA ALA I 183 24.65 -7.40 43.07
C ALA I 183 23.49 -8.27 43.50
N VAL I 184 22.39 -8.24 42.74
CA VAL I 184 21.27 -9.16 42.87
C VAL I 184 21.01 -9.76 41.49
N ASP I 185 20.50 -10.98 41.47
CA ASP I 185 20.29 -11.67 40.20
C ASP I 185 18.96 -11.31 39.56
N GLY I 186 17.95 -10.96 40.36
CA GLY I 186 16.63 -10.71 39.82
C GLY I 186 15.82 -9.80 40.71
N GLN I 187 14.64 -9.42 40.21
CA GLN I 187 13.68 -8.63 40.96
C GLN I 187 12.29 -9.04 40.46
N GLU I 188 11.27 -8.56 41.16
CA GLU I 188 9.89 -8.95 40.87
C GLU I 188 8.97 -7.74 41.02
N ASN I 189 8.20 -7.47 39.97
CA ASN I 189 7.32 -6.31 39.91
C ASN I 189 6.31 -6.49 38.79
N PRO I 190 5.28 -5.66 38.71
CA PRO I 190 4.36 -5.71 37.57
C PRO I 190 5.05 -5.25 36.29
N LEU I 191 4.48 -5.66 35.16
CA LEU I 191 5.11 -5.37 33.88
C LEU I 191 5.21 -3.87 33.58
N PRO I 192 4.18 -3.05 33.83
CA PRO I 192 4.35 -1.60 33.61
C PRO I 192 5.48 -1.01 34.42
N THR I 193 5.71 -1.52 35.63
CA THR I 193 6.85 -1.04 36.42
C THR I 193 8.17 -1.51 35.81
N ILE I 194 8.20 -2.73 35.29
CA ILE I 194 9.41 -3.25 34.65
C ILE I 194 9.79 -2.38 33.46
N LYS I 195 8.80 -1.89 32.71
CA LYS I 195 9.11 -1.00 31.59
C LYS I 195 9.51 0.38 32.10
N THR I 196 8.69 0.98 32.95
CA THR I 196 8.92 2.36 33.37
C THR I 196 10.33 2.56 33.93
N MET I 197 10.71 1.74 34.91
CA MET I 197 12.03 1.80 35.52
C MET I 197 13.11 1.18 34.65
N LYS I 198 12.72 0.55 33.54
CA LYS I 198 13.66 -0.01 32.57
C LYS I 198 14.50 -1.13 33.17
N PHE I 199 13.91 -1.93 34.05
CA PHE I 199 14.59 -3.13 34.51
C PHE I 199 14.90 -4.05 33.33
N TYR I 200 14.06 -4.00 32.29
CA TYR I 200 14.25 -4.86 31.12
C TYR I 200 15.57 -4.58 30.41
N GLU I 201 16.13 -3.38 30.56
CA GLU I 201 17.43 -3.13 29.94
C GLU I 201 18.51 -3.97 30.59
N VAL I 202 18.31 -4.33 31.86
CA VAL I 202 19.28 -5.05 32.67
C VAL I 202 18.75 -6.42 33.11
N GLN I 203 17.60 -6.84 32.59
CA GLN I 203 17.02 -8.12 32.99
C GLN I 203 16.75 -8.94 31.74
N LYS I 204 17.37 -10.13 31.69
CA LYS I 204 17.62 -10.66 30.37
C LYS I 204 16.45 -11.54 29.99
N ASN I 205 15.78 -12.01 31.05
CA ASN I 205 14.74 -13.02 31.14
C ASN I 205 13.57 -12.48 31.95
N LEU I 206 12.37 -12.98 31.65
CA LEU I 206 11.15 -12.63 32.38
C LEU I 206 10.33 -13.88 32.63
N ALA I 207 10.00 -14.15 33.90
CA ALA I 207 9.27 -15.35 34.32
C ALA I 207 7.86 -15.01 34.78
N MET I 208 6.88 -15.18 33.88
CA MET I 208 5.47 -14.96 34.16
C MET I 208 4.95 -15.76 35.36
N THR I 209 5.27 -15.31 36.58
CA THR I 209 4.93 -16.07 37.78
C THR I 209 3.61 -15.66 38.43
N HIS I 210 3.05 -14.50 38.09
CA HIS I 210 1.70 -14.12 38.52
C HIS I 210 1.51 -14.26 40.03
N HIS I 211 2.55 -13.95 40.82
CA HIS I 211 2.51 -14.40 42.21
C HIS I 211 1.72 -13.46 43.13
N ILE I 212 1.71 -12.15 42.86
CA ILE I 212 0.96 -11.22 43.70
C ILE I 212 0.27 -10.18 42.84
N VAL I 213 -1.01 -9.93 43.12
CA VAL I 213 -1.79 -8.89 42.47
C VAL I 213 -1.76 -7.64 43.33
N ASN I 214 -1.28 -6.53 42.76
CA ASN I 214 -1.21 -5.26 43.46
C ASN I 214 -2.39 -4.39 43.09
N ASP I 215 -3.15 -3.97 44.11
CA ASP I 215 -4.07 -2.85 43.96
C ASP I 215 -3.33 -1.58 44.34
N GLN I 216 -4.07 -0.48 44.43
CA GLN I 216 -3.45 0.76 44.89
C GLN I 216 -4.53 1.69 45.43
N MET I 217 -4.64 1.75 46.75
CA MET I 217 -5.60 2.64 47.39
C MET I 217 -5.15 4.08 47.28
N VAL I 218 -6.09 4.98 47.02
CA VAL I 218 -5.82 6.39 47.25
C VAL I 218 -6.25 6.70 48.68
N ILE I 219 -5.28 7.07 49.52
CA ILE I 219 -5.42 7.35 50.95
C ILE I 219 -5.40 8.85 51.14
N ILE I 220 -6.38 9.39 51.86
CA ILE I 220 -6.30 10.78 52.30
C ILE I 220 -6.21 10.81 53.82
N SER I 221 -5.39 11.73 54.32
CA SER I 221 -5.29 11.95 55.75
C SER I 221 -6.62 12.43 56.30
N GLU I 222 -7.10 11.74 57.33
CA GLU I 222 -8.42 12.05 57.88
C GLU I 222 -8.48 13.46 58.47
N SER I 223 -7.37 13.92 59.07
CA SER I 223 -7.37 15.29 59.59
C SER I 223 -7.45 16.30 58.46
N THR I 224 -6.87 15.98 57.30
CA THR I 224 -7.01 16.83 56.13
C THR I 224 -8.43 16.77 55.57
N TRP I 225 -8.99 15.56 55.46
CA TRP I 225 -10.33 15.39 54.92
C TRP I 225 -11.35 16.19 55.72
N GLN I 226 -11.27 16.13 57.05
CA GLN I 226 -12.25 16.80 57.88
C GLN I 226 -12.13 18.32 57.82
N LYS I 227 -11.03 18.85 57.31
CA LYS I 227 -10.90 20.29 57.09
C LYS I 227 -11.44 20.74 55.74
N LEU I 228 -11.72 19.82 54.82
CA LEU I 228 -12.25 20.19 53.52
C LEU I 228 -13.75 20.48 53.60
N SER I 229 -14.22 21.32 52.69
CA SER I 229 -15.65 21.53 52.54
C SER I 229 -16.28 20.36 51.79
N ASP I 230 -17.60 20.21 51.96
CA ASP I 230 -18.31 19.14 51.28
C ASP I 230 -18.20 19.28 49.77
N THR I 231 -18.11 20.52 49.26
CA THR I 231 -17.91 20.69 47.83
C THR I 231 -16.54 20.20 47.41
N ASP I 232 -15.51 20.53 48.19
CA ASP I 232 -14.16 20.02 47.89
C ASP I 232 -14.11 18.50 47.98
N LYS I 233 -14.69 17.94 49.05
CA LYS I 233 -14.73 16.49 49.19
C LYS I 233 -15.44 15.83 48.01
N ASP I 234 -16.54 16.43 47.56
CA ASP I 234 -17.26 15.88 46.41
C ASP I 234 -16.39 15.92 45.16
N ILE I 235 -15.71 17.05 44.92
CA ILE I 235 -14.82 17.16 43.78
C ILE I 235 -13.76 16.07 43.84
N ILE I 236 -13.11 15.93 45.00
CA ILE I 236 -12.01 14.98 45.12
C ILE I 236 -12.51 13.56 44.94
N GLN I 237 -13.56 13.19 45.69
CA GLN I 237 -14.07 11.83 45.56
C GLN I 237 -14.27 11.52 44.10
N LYS I 238 -14.71 12.51 43.35
CA LYS I 238 -15.01 12.31 41.95
C LYS I 238 -13.80 12.39 41.02
N ALA I 239 -12.79 13.20 41.32
CA ALA I 239 -11.59 13.09 40.49
C ALA I 239 -10.93 11.71 40.63
N VAL I 240 -10.76 11.23 41.86
CA VAL I 240 -10.02 9.98 42.07
C VAL I 240 -10.68 8.83 41.33
N GLN I 241 -12.01 8.75 41.36
CA GLN I 241 -12.67 7.63 40.70
C GLN I 241 -12.51 7.69 39.18
N LYS I 242 -12.63 8.87 38.55
CA LYS I 242 -12.43 8.94 37.10
C LYS I 242 -10.96 8.67 36.78
N VAL I 243 -10.03 9.23 37.58
CA VAL I 243 -8.62 8.97 37.32
C VAL I 243 -8.30 7.51 37.60
N GLY I 244 -8.98 6.91 38.57
CA GLY I 244 -8.76 5.50 38.85
C GLY I 244 -9.28 4.61 37.74
N ASP I 245 -10.47 4.92 37.21
CA ASP I 245 -10.99 4.18 36.08
C ASP I 245 -10.00 4.20 34.93
N ALA I 246 -9.42 5.37 34.67
CA ALA I 246 -8.40 5.46 33.64
C ALA I 246 -7.16 4.64 34.00
N HIS I 247 -6.67 4.78 35.24
CA HIS I 247 -5.50 4.04 35.72
C HIS I 247 -5.72 2.56 35.58
N THR I 248 -6.80 2.07 36.17
CA THR I 248 -7.09 0.67 35.98
C THR I 248 -7.08 0.34 34.49
N GLN I 249 -7.57 1.20 33.56
CA GLN I 249 -7.33 0.58 32.26
C GLN I 249 -5.84 0.45 32.07
N THR I 250 -5.18 1.58 32.30
CA THR I 250 -3.92 1.80 31.63
C THR I 250 -3.05 0.61 31.91
N VAL I 251 -3.19 0.07 33.11
CA VAL I 251 -2.44 -1.09 33.51
C VAL I 251 -2.84 -2.32 32.70
N LYS I 252 -4.16 -2.55 32.53
CA LYS I 252 -4.60 -3.74 31.81
C LYS I 252 -4.15 -3.71 30.36
N THR I 253 -4.32 -2.58 29.68
CA THR I 253 -3.84 -2.51 28.30
C THR I 253 -2.34 -2.77 28.23
N GLN I 254 -1.56 -2.01 29.03
CA GLN I 254 -0.11 -2.17 29.00
C GLN I 254 0.28 -3.60 29.37
N GLU I 255 -0.34 -4.16 30.41
CA GLU I 255 -0.03 -5.53 30.81
C GLU I 255 -0.34 -6.54 29.71
N ALA I 256 -1.32 -6.24 28.85
CA ALA I 256 -1.63 -7.06 27.69
C ALA I 256 -0.66 -6.79 26.54
N GLU I 257 -0.21 -5.52 26.48
CA GLU I 257 0.73 -4.95 25.51
C GLU I 257 2.10 -5.61 25.50
N LEU I 258 2.71 -5.55 26.69
CA LEU I 258 4.15 -5.53 26.95
C LEU I 258 4.81 -6.87 26.81
N VAL I 259 4.05 -7.96 26.87
CA VAL I 259 4.67 -9.26 26.69
C VAL I 259 5.38 -9.32 25.35
N SER I 260 4.72 -8.81 24.30
CA SER I 260 5.35 -8.74 23.00
C SER I 260 6.49 -7.72 22.97
N PHE I 261 6.30 -6.57 23.62
CA PHE I 261 7.33 -5.53 23.60
C PHE I 261 8.65 -6.05 24.16
N PHE I 262 8.61 -6.71 25.32
CA PHE I 262 9.85 -7.19 25.92
C PHE I 262 10.54 -8.19 25.01
N LYS I 263 9.77 -9.09 24.38
CA LYS I 263 10.34 -10.01 23.42
C LYS I 263 11.03 -9.26 22.29
N SER I 264 10.41 -8.18 21.79
CA SER I 264 11.02 -7.41 20.72
C SER I 264 12.26 -6.68 21.19
N GLU I 265 12.47 -6.57 22.50
CA GLU I 265 13.72 -6.10 23.08
C GLU I 265 14.60 -7.26 23.54
N GLY I 266 14.62 -8.35 22.78
CA GLY I 266 15.44 -9.51 23.09
C GLY I 266 15.30 -10.10 24.48
N ILE I 267 14.22 -9.82 25.20
CA ILE I 267 14.01 -10.43 26.52
C ILE I 267 13.50 -11.85 26.33
N ASN I 268 14.10 -12.80 27.04
CA ASN I 268 13.61 -14.18 27.07
C ASN I 268 12.48 -14.31 28.09
N VAL I 269 11.30 -14.73 27.64
CA VAL I 269 10.12 -14.85 28.50
C VAL I 269 9.81 -16.33 28.73
N THR I 270 9.78 -16.73 30.00
CA THR I 270 9.57 -18.12 30.40
C THR I 270 8.26 -18.22 31.17
N TYR I 271 7.35 -19.06 30.68
CA TYR I 271 6.13 -19.43 31.39
C TYR I 271 6.32 -20.67 32.27
N PRO I 272 7.03 -20.56 33.40
CA PRO I 272 7.27 -21.74 34.24
C PRO I 272 5.95 -22.30 34.75
N ASP I 273 5.99 -23.56 35.15
CA ASP I 273 4.84 -24.21 35.79
C ASP I 273 4.66 -23.64 37.21
N LEU I 274 3.48 -23.09 37.46
CA LEU I 274 3.16 -22.37 38.69
C LEU I 274 2.65 -23.26 39.82
N GLU I 275 2.28 -24.44 39.50
CA GLU I 275 1.76 -25.42 40.44
C GLU I 275 2.70 -25.78 41.55
N PRO I 276 3.97 -25.91 41.31
CA PRO I 276 4.87 -26.01 42.44
C PRO I 276 4.98 -24.74 43.28
N PHE I 277 4.79 -23.54 42.71
CA PHE I 277 4.82 -22.32 43.49
C PHE I 277 3.59 -22.22 44.36
N ARG I 278 2.43 -22.43 43.76
CA ARG I 278 1.26 -22.28 44.58
C ARG I 278 1.27 -23.29 45.73
N GLU I 279 1.75 -24.55 45.53
CA GLU I 279 1.76 -25.44 46.69
C GLU I 279 2.82 -24.98 47.69
N ALA I 280 3.89 -24.35 47.20
CA ALA I 280 4.99 -24.01 48.11
C ALA I 280 4.48 -23.08 49.20
N MET I 281 3.37 -22.42 48.92
CA MET I 281 2.63 -21.53 49.79
C MET I 281 1.71 -22.29 50.73
N GLN I 282 1.57 -23.60 50.57
CA GLN I 282 0.64 -24.37 51.39
C GLN I 282 0.85 -24.15 52.88
N PRO I 283 2.06 -24.27 53.42
CA PRO I 283 2.25 -23.99 54.86
C PRO I 283 2.04 -22.54 55.24
N LEU I 284 2.28 -21.60 54.32
CA LEU I 284 2.16 -20.18 54.66
C LEU I 284 0.73 -19.80 55.02
N TYR I 285 -0.24 -20.27 54.24
CA TYR I 285 -1.63 -19.98 54.59
C TYR I 285 -1.96 -20.55 55.96
N LYS I 286 -1.50 -21.77 56.25
CA LYS I 286 -1.88 -22.40 57.51
C LYS I 286 -1.35 -21.58 58.70
N GLU I 287 -0.08 -21.15 58.64
CA GLU I 287 0.46 -20.32 59.71
C GLU I 287 -0.31 -19.01 59.87
N PHE I 288 -0.62 -18.33 58.76
CA PHE I 288 -1.24 -17.02 58.84
C PHE I 288 -2.55 -17.08 59.61
N ASP I 289 -3.41 -18.04 59.26
CA ASP I 289 -4.63 -18.24 60.02
C ASP I 289 -4.28 -18.42 61.49
N SER I 290 -3.26 -19.23 61.77
CA SER I 290 -2.83 -19.48 63.15
C SER I 290 -2.29 -18.21 63.81
N ASN I 291 -1.50 -17.43 63.08
CA ASN I 291 -0.94 -16.22 63.67
C ASN I 291 -2.03 -15.20 63.94
N ILE I 292 -3.05 -15.14 63.08
CA ILE I 292 -4.15 -14.21 63.31
C ILE I 292 -5.02 -14.67 64.47
N GLY I 293 -5.03 -15.97 64.76
CA GLY I 293 -5.93 -16.53 65.75
C GLY I 293 -7.29 -16.87 65.20
N GLN I 294 -7.57 -16.51 63.94
CA GLN I 294 -8.83 -16.76 63.26
C GLN I 294 -8.63 -17.12 61.80
N PRO I 295 -9.36 -18.12 61.29
CA PRO I 295 -9.23 -18.45 59.86
C PRO I 295 -9.66 -17.26 59.00
N ILE I 296 -8.88 -16.97 57.95
CA ILE I 296 -9.21 -15.85 57.09
C ILE I 296 -8.86 -16.11 55.63
N VAL I 297 -7.81 -16.90 55.38
CA VAL I 297 -7.34 -17.09 54.01
C VAL I 297 -8.42 -17.77 53.18
N SER I 298 -9.00 -18.85 53.71
CA SER I 298 -10.03 -19.54 52.97
C SER I 298 -11.25 -18.66 52.74
N LYS I 299 -11.66 -17.88 53.76
CA LYS I 299 -12.81 -17.00 53.50
C LYS I 299 -12.49 -15.96 52.42
N LEU I 300 -11.30 -15.34 52.42
CA LEU I 300 -10.93 -14.42 51.33
C LEU I 300 -10.84 -15.13 49.96
N ALA I 301 -10.19 -16.30 49.92
CA ALA I 301 -10.04 -17.01 48.65
C ALA I 301 -11.39 -17.34 48.02
N ALA I 302 -12.42 -17.49 48.84
CA ALA I 302 -13.75 -17.87 48.36
C ALA I 302 -14.58 -16.67 47.92
N MET I 303 -14.11 -15.46 48.14
CA MET I 303 -14.86 -14.26 47.76
C MET I 303 -14.93 -14.13 46.25
N GLY J 1 -4.77 -9.34 66.92
CA GLY J 1 -3.95 -10.56 66.62
C GLY J 1 -2.94 -10.87 67.70
N SER J 2 -1.80 -11.45 67.31
CA SER J 2 -0.77 -11.77 68.27
C SER J 2 -0.30 -10.51 68.97
N GLN J 3 -0.27 -10.57 70.30
CA GLN J 3 0.13 -9.42 71.11
C GLN J 3 1.64 -9.41 71.35
N VAL J 4 2.14 -8.24 71.72
CA VAL J 4 3.53 -8.03 72.09
C VAL J 4 3.51 -7.80 73.59
N GLN J 5 4.42 -8.46 74.30
CA GLN J 5 4.52 -8.33 75.76
C GLN J 5 5.74 -7.50 76.12
N LEU J 6 5.55 -6.54 77.03
CA LEU J 6 6.59 -5.57 77.37
C LEU J 6 6.85 -5.58 78.87
N VAL J 7 8.13 -5.52 79.22
CA VAL J 7 8.57 -5.52 80.62
C VAL J 7 9.61 -4.43 80.76
N GLU J 8 9.31 -3.41 81.55
CA GLU J 8 10.26 -2.35 81.82
C GLU J 8 11.15 -2.71 83.00
N SER J 9 12.37 -2.19 82.97
CA SER J 9 13.28 -2.25 84.09
C SER J 9 14.04 -0.94 84.15
N GLY J 10 14.82 -0.75 85.21
CA GLY J 10 15.68 0.41 85.34
C GLY J 10 15.28 1.40 86.43
N GLY J 11 14.04 1.33 86.92
CA GLY J 11 13.54 2.33 87.86
C GLY J 11 14.33 2.47 89.13
N ARG J 12 14.66 3.70 89.52
CA ARG J 12 15.54 3.91 90.66
C ARG J 12 15.30 5.25 91.31
N LEU J 13 15.90 5.41 92.50
CA LEU J 13 16.04 6.71 93.14
C LEU J 13 17.32 7.35 92.63
N VAL J 14 17.18 8.54 92.04
CA VAL J 14 18.31 9.25 91.49
C VAL J 14 18.32 10.71 91.91
N GLN J 15 19.49 11.35 91.62
CA GLN J 15 19.88 12.74 91.80
C GLN J 15 18.99 13.69 91.00
N THR J 16 18.87 14.94 91.48
CA THR J 16 18.74 16.02 90.51
C THR J 16 20.06 16.11 89.72
N GLY J 17 19.95 16.28 88.41
CA GLY J 17 21.15 16.29 87.57
C GLY J 17 21.72 14.93 87.21
N GLY J 18 21.19 13.86 87.78
CA GLY J 18 21.67 12.54 87.47
C GLY J 18 21.14 12.03 86.15
N SER J 19 21.67 10.90 85.73
CA SER J 19 21.28 10.24 84.49
C SER J 19 20.80 8.83 84.80
N LEU J 20 19.77 8.38 84.07
CA LEU J 20 19.22 7.05 84.26
C LEU J 20 18.81 6.47 82.92
N ARG J 21 19.11 5.19 82.73
CA ARG J 21 18.74 4.46 81.52
C ARG J 21 17.69 3.43 81.88
N LEU J 22 16.50 3.56 81.29
CA LEU J 22 15.47 2.54 81.38
C LEU J 22 15.60 1.60 80.17
N SER J 23 15.19 0.35 80.38
CA SER J 23 15.19 -0.65 79.31
C SER J 23 13.86 -1.40 79.32
N CYS J 24 13.45 -1.84 78.13
CA CYS J 24 12.20 -2.56 77.92
C CYS J 24 12.46 -3.79 77.08
N ALA J 25 12.07 -4.95 77.57
CA ALA J 25 12.24 -6.23 76.88
C ALA J 25 10.90 -6.64 76.29
N ALA J 26 10.90 -7.02 75.01
CA ALA J 26 9.67 -7.32 74.29
C ALA J 26 9.56 -8.81 73.97
N SER J 27 8.34 -9.33 74.06
CA SER J 27 8.05 -10.71 73.72
C SER J 27 6.75 -10.76 72.93
N GLY J 28 6.50 -11.91 72.30
CA GLY J 28 5.27 -12.13 71.56
C GLY J 28 5.40 -11.98 70.07
N ASP J 29 4.93 -10.87 69.52
CA ASP J 29 5.00 -10.64 68.09
C ASP J 29 6.36 -10.04 67.75
N THR J 30 6.68 -10.01 66.45
CA THR J 30 8.02 -9.65 66.04
C THR J 30 8.26 -8.15 66.27
N PHE J 31 9.34 -7.86 67.00
CA PHE J 31 9.61 -6.53 67.54
C PHE J 31 9.75 -5.48 66.45
N SER J 32 10.32 -5.83 65.31
CA SER J 32 10.53 -4.83 64.26
C SER J 32 9.24 -4.41 63.56
N ASN J 33 8.11 -5.03 63.87
CA ASN J 33 6.84 -4.57 63.32
C ASN J 33 6.29 -3.35 64.04
N TYR J 34 6.90 -2.94 65.14
CA TYR J 34 6.29 -1.97 66.04
C TYR J 34 7.14 -0.72 66.24
N VAL J 35 6.46 0.43 66.27
CA VAL J 35 7.02 1.64 66.84
C VAL J 35 6.98 1.52 68.36
N MET J 36 8.10 1.79 69.01
CA MET J 36 8.22 1.70 70.45
C MET J 36 8.21 3.09 71.06
N GLY J 37 7.47 3.25 72.16
CA GLY J 37 7.31 4.54 72.78
C GLY J 37 7.53 4.45 74.28
N TRP J 38 7.87 5.60 74.86
CA TRP J 38 7.96 5.74 76.32
C TRP J 38 6.95 6.77 76.77
N PHE J 39 6.18 6.43 77.80
CA PHE J 39 5.17 7.31 78.39
C PHE J 39 5.40 7.34 79.89
N ARG J 40 4.96 8.42 80.53
CA ARG J 40 5.13 8.56 81.97
C ARG J 40 3.92 9.21 82.59
N GLN J 41 3.69 8.86 83.86
CA GLN J 41 2.60 9.40 84.66
C GLN J 41 3.17 9.79 86.01
N ALA J 42 3.03 11.05 86.38
CA ALA J 42 3.41 11.46 87.72
C ALA J 42 2.23 11.50 88.66
N PRO J 43 2.51 11.39 89.96
CA PRO J 43 1.43 11.48 90.97
C PRO J 43 0.78 12.86 90.94
N GLY J 44 -0.41 12.95 90.32
CA GLY J 44 -1.13 14.20 90.15
C GLY J 44 -1.73 14.44 88.78
N LYS J 45 -1.32 13.70 87.77
CA LYS J 45 -1.67 14.00 86.39
C LYS J 45 -1.76 12.74 85.54
N GLU J 46 -2.44 12.90 84.41
CA GLU J 46 -2.62 11.90 83.39
C GLU J 46 -1.30 11.60 82.68
N ARG J 47 -1.28 10.46 81.97
CA ARG J 47 -0.11 10.00 81.24
C ARG J 47 0.35 10.97 80.15
N GLU J 48 1.65 11.24 80.16
CA GLU J 48 2.35 12.10 79.20
C GLU J 48 3.21 11.30 78.23
N PHE J 49 3.14 11.66 76.95
CA PHE J 49 4.08 11.11 75.97
C PHE J 49 5.49 11.60 76.25
N VAL J 50 6.47 10.71 76.15
CA VAL J 50 7.87 11.04 76.37
C VAL J 50 8.67 10.97 75.07
N ALA J 51 8.74 9.79 74.45
CA ALA J 51 9.55 9.61 73.25
C ALA J 51 9.05 8.37 72.51
N ALA J 52 9.35 8.33 71.21
CA ALA J 52 9.03 7.17 70.39
C ALA J 52 10.10 7.02 69.32
N ILE J 53 10.24 5.79 68.83
CA ILE J 53 11.27 5.44 67.85
C ILE J 53 10.66 4.50 66.83
N SER J 54 10.97 4.74 65.55
CA SER J 54 10.38 3.99 64.45
C SER J 54 10.97 2.59 64.34
N TRP J 55 10.39 1.80 63.43
CA TRP J 55 10.75 0.40 63.28
C TRP J 55 12.25 0.19 63.14
N THR J 56 12.91 0.99 62.31
CA THR J 56 14.33 0.81 62.02
C THR J 56 15.20 1.73 62.88
N GLY J 57 14.59 2.58 63.69
CA GLY J 57 15.31 3.58 64.45
C GLY J 57 15.60 4.85 63.71
N ALA J 58 15.11 4.99 62.47
CA ALA J 58 15.45 6.16 61.67
C ALA J 58 14.72 7.39 62.17
N ASN J 59 13.45 7.25 62.53
CA ASN J 59 12.67 8.34 63.10
C ASN J 59 12.66 8.25 64.61
N SER J 60 12.80 9.40 65.26
CA SER J 60 12.60 9.52 66.71
C SER J 60 11.71 10.71 66.99
N TYR J 61 10.83 10.57 67.96
CA TYR J 61 9.89 11.60 68.35
C TYR J 61 10.08 11.89 69.83
N TYR J 62 10.00 13.16 70.21
CA TYR J 62 10.21 13.55 71.59
C TYR J 62 9.20 14.62 71.97
N ALA J 63 8.80 14.59 73.24
CA ALA J 63 8.03 15.68 73.82
C ALA J 63 8.94 16.87 74.08
N ASP J 64 8.36 18.07 73.98
CA ASP J 64 9.13 19.27 74.29
C ASP J 64 9.65 19.22 75.72
N SER J 65 8.96 18.49 76.59
CA SER J 65 9.37 18.41 77.99
C SER J 65 10.74 17.76 78.17
N VAL J 66 11.19 16.94 77.21
CA VAL J 66 12.42 16.18 77.39
C VAL J 66 13.42 16.42 76.27
N ALA J 67 13.16 17.32 75.33
CA ALA J 67 14.03 17.46 74.18
C ALA J 67 15.43 17.84 74.63
N GLY J 68 16.43 17.24 73.99
CA GLY J 68 17.82 17.50 74.33
C GLY J 68 18.33 16.74 75.54
N ARG J 69 17.43 16.35 76.45
CA ARG J 69 17.82 15.65 77.67
C ARG J 69 17.73 14.13 77.52
N PHE J 70 16.67 13.62 76.89
CA PHE J 70 16.42 12.20 76.79
C PHE J 70 16.80 11.67 75.41
N THR J 71 17.20 10.41 75.37
CA THR J 71 17.50 9.73 74.11
C THR J 71 16.81 8.40 74.12
N ILE J 72 16.02 8.13 73.08
CA ILE J 72 15.36 6.83 72.88
C ILE J 72 16.14 6.06 71.82
N SER J 73 16.26 4.74 72.02
CA SER J 73 16.97 3.88 71.09
C SER J 73 16.36 2.49 71.19
N ARG J 74 16.62 1.67 70.17
CA ARG J 74 16.13 0.31 70.17
C ARG J 74 17.22 -0.63 69.66
N ASP J 75 17.08 -1.90 70.00
CA ASP J 75 17.96 -2.97 69.54
C ASP J 75 17.07 -4.09 69.00
N ASN J 76 17.02 -4.23 67.68
CA ASN J 76 16.13 -5.19 67.05
C ASN J 76 16.69 -6.61 67.04
N ALA J 77 17.95 -6.79 67.44
CA ALA J 77 18.45 -8.15 67.65
C ALA J 77 18.04 -8.67 69.02
N LYS J 78 18.23 -7.84 70.06
CA LYS J 78 17.85 -8.21 71.42
C LYS J 78 16.38 -7.92 71.71
N ASN J 79 15.66 -7.25 70.80
CA ASN J 79 14.24 -6.95 71.00
C ASN J 79 14.03 -6.11 72.26
N THR J 80 14.77 -5.00 72.36
CA THR J 80 14.71 -4.14 73.52
C THR J 80 14.58 -2.68 73.08
N VAL J 81 14.02 -1.87 73.97
CA VAL J 81 13.97 -0.43 73.83
C VAL J 81 14.62 0.19 75.06
N ALA J 82 15.36 1.26 74.85
CA ALA J 82 16.06 1.94 75.93
C ALA J 82 15.68 3.41 75.89
N LEU J 83 15.60 4.02 77.06
CA LEU J 83 15.40 5.46 77.19
C LEU J 83 16.54 5.98 78.07
N GLN J 84 17.51 6.63 77.44
CA GLN J 84 18.56 7.27 78.22
C GLN J 84 18.04 8.61 78.67
N MET J 85 17.85 8.74 79.98
CA MET J 85 17.37 9.98 80.57
C MET J 85 18.58 10.60 81.22
N ASN J 86 18.88 11.82 80.83
CA ASN J 86 19.97 12.59 81.39
C ASN J 86 19.48 13.91 81.96
N SER J 87 20.41 14.61 82.67
CA SER J 87 20.21 16.04 83.09
C SER J 87 18.84 16.28 83.70
N LEU J 88 18.44 15.33 84.57
CA LEU J 88 17.13 15.19 85.23
C LEU J 88 16.90 16.18 86.35
N LYS J 89 15.59 16.55 86.59
CA LYS J 89 15.12 17.37 87.52
C LYS J 89 13.95 16.72 88.30
N PRO J 90 13.55 17.23 89.42
CA PRO J 90 12.41 16.66 90.14
C PRO J 90 11.12 16.52 89.36
N GLU J 91 10.76 17.36 88.38
CA GLU J 91 9.45 17.01 87.85
C GLU J 91 9.47 15.67 87.11
N ASP J 92 10.65 15.13 86.79
CA ASP J 92 10.74 13.88 86.06
C ASP J 92 10.38 12.68 86.92
N THR J 93 10.07 12.89 88.19
CA THR J 93 9.60 11.83 89.05
C THR J 93 8.27 11.32 88.52
N ALA J 94 8.22 10.04 88.13
CA ALA J 94 7.01 9.45 87.58
C ALA J 94 7.21 7.95 87.45
N ILE J 95 6.11 7.25 87.20
CA ILE J 95 6.15 5.88 86.72
C ILE J 95 6.24 5.92 85.20
N TYR J 96 7.26 5.28 84.64
CA TYR J 96 7.52 5.30 83.20
C TYR J 96 7.06 4.00 82.56
N TYR J 97 6.28 4.11 81.50
CA TYR J 97 5.69 2.96 80.82
C TYR J 97 6.31 2.77 79.44
N CYS J 98 6.69 1.53 79.13
CA CYS J 98 7.03 1.13 77.76
C CYS J 98 5.75 0.76 77.02
N ALA J 99 5.64 1.22 75.78
CA ALA J 99 4.45 0.99 74.97
C ALA J 99 4.83 0.73 73.53
N ALA J 100 4.02 -0.08 72.85
CA ALA J 100 4.25 -0.44 71.46
C ALA J 100 2.98 -0.21 70.64
N ASP J 101 3.17 0.23 69.40
CA ASP J 101 2.08 0.32 68.43
C ASP J 101 2.66 0.16 67.04
N HIS J 102 1.79 -0.20 66.09
CA HIS J 102 2.24 -0.43 64.73
C HIS J 102 2.75 0.86 64.07
N PHE J 103 2.20 2.00 64.45
CA PHE J 103 2.64 3.30 63.97
C PHE J 103 2.64 4.26 65.14
N HIS J 104 3.47 5.30 65.04
CA HIS J 104 3.40 6.38 66.01
C HIS J 104 2.06 7.08 65.83
N VAL J 105 1.34 7.28 66.94
CA VAL J 105 0.02 7.90 66.90
C VAL J 105 -0.05 8.94 68.00
N THR J 106 -0.83 9.99 67.73
CA THR J 106 -1.04 11.06 68.70
C THR J 106 -2.50 11.26 69.09
N HIS J 107 -3.44 10.85 68.26
CA HIS J 107 -4.85 10.98 68.56
C HIS J 107 -5.36 9.86 69.47
N ARG J 108 -4.50 8.88 69.83
CA ARG J 108 -4.86 7.76 70.70
C ARG J 108 -3.60 7.20 71.41
N LYS J 109 -3.77 6.83 72.69
CA LYS J 109 -3.78 5.39 73.06
C LYS J 109 -3.06 4.38 72.19
N TYR J 110 -1.79 4.12 72.55
CA TYR J 110 -1.01 3.03 71.94
C TYR J 110 -1.63 1.67 72.26
N ASP J 111 -1.39 0.65 71.41
CA ASP J 111 -2.13 -0.61 71.62
C ASP J 111 -1.64 -1.40 72.84
N TYR J 112 -0.33 -1.54 73.02
CA TYR J 112 0.27 -2.44 74.00
C TYR J 112 1.14 -1.67 74.99
N TRP J 113 1.16 -2.18 76.24
CA TRP J 113 1.72 -1.50 77.41
C TRP J 113 2.35 -2.52 78.34
N GLY J 114 3.40 -2.12 79.04
CA GLY J 114 4.00 -2.95 80.06
C GLY J 114 3.69 -2.54 81.50
N GLN J 115 4.34 -3.22 82.46
CA GLN J 115 4.10 -2.80 83.84
C GLN J 115 4.33 -1.33 84.10
N GLY J 116 5.33 -0.72 83.50
CA GLY J 116 5.78 0.54 84.05
C GLY J 116 6.85 0.34 85.11
N THR J 117 7.76 1.33 85.21
CA THR J 117 8.85 1.32 86.18
C THR J 117 9.00 2.68 86.85
N GLN J 118 9.23 2.68 88.16
CA GLN J 118 9.19 3.91 88.94
C GLN J 118 10.54 4.63 88.89
N VAL J 119 10.51 5.90 88.50
CA VAL J 119 11.68 6.76 88.55
C VAL J 119 11.39 7.82 89.61
N THR J 120 12.25 7.93 90.61
CA THR J 120 12.08 8.94 91.65
C THR J 120 13.25 9.92 91.56
N VAL J 121 12.99 11.20 91.36
CA VAL J 121 14.12 12.14 91.24
C VAL J 121 14.30 12.99 92.51
N SER J 122 15.56 13.03 93.08
CA SER J 122 15.81 13.75 94.35
C SER J 122 16.28 15.20 94.16
N SER J 123 15.73 16.03 95.00
CA SER J 123 16.19 17.36 94.94
C SER J 123 17.59 17.49 95.60
N ALA K 5 54.41 -11.34 -18.87
CA ALA K 5 52.92 -11.25 -18.82
C ALA K 5 52.42 -10.07 -19.66
N THR K 6 51.11 -9.99 -19.81
CA THR K 6 50.44 -8.93 -20.56
C THR K 6 49.39 -8.29 -19.67
N THR K 7 49.40 -6.96 -19.58
CA THR K 7 48.37 -6.22 -18.86
C THR K 7 47.55 -5.45 -19.88
N LEU K 8 46.28 -5.82 -20.00
CA LEU K 8 45.37 -5.20 -20.95
C LEU K 8 44.60 -4.09 -20.27
N LYS K 9 44.33 -3.02 -21.01
CA LYS K 9 43.70 -1.83 -20.48
C LYS K 9 42.30 -1.66 -21.06
N MET K 10 41.32 -1.51 -20.18
CA MET K 10 39.92 -1.35 -20.55
C MET K 10 39.41 -0.01 -20.04
N GLY K 11 38.78 0.76 -20.92
CA GLY K 11 38.17 2.02 -20.55
C GLY K 11 36.65 1.92 -20.60
N MET K 12 35.98 2.73 -19.79
CA MET K 12 34.53 2.75 -19.80
C MET K 12 34.02 4.08 -19.29
N GLN K 13 32.81 4.44 -19.71
CA GLN K 13 32.16 5.64 -19.19
C GLN K 13 31.60 5.38 -17.79
N ALA K 14 31.23 4.14 -17.48
CA ALA K 14 30.59 3.83 -16.20
C ALA K 14 31.55 4.06 -15.04
N SER K 15 30.99 4.41 -13.89
CA SER K 15 31.76 4.71 -12.70
C SER K 15 31.80 3.49 -11.78
N VAL K 16 32.71 3.55 -10.80
CA VAL K 16 32.79 2.49 -9.80
C VAL K 16 31.44 2.37 -9.10
N GLY K 17 31.03 1.14 -8.81
CA GLY K 17 29.74 0.89 -8.21
C GLY K 17 28.61 0.69 -9.20
N SER K 18 28.87 0.86 -10.49
CA SER K 18 27.88 0.57 -11.50
C SER K 18 27.88 -0.93 -11.81
N VAL K 19 26.80 -1.39 -12.43
CA VAL K 19 26.75 -2.78 -12.85
C VAL K 19 27.84 -3.06 -13.88
N GLU K 20 28.16 -2.07 -14.71
CA GLU K 20 29.23 -2.23 -15.70
C GLU K 20 30.59 -2.38 -15.02
N TYR K 21 30.86 -1.56 -13.99
CA TYR K 21 32.16 -1.63 -13.35
C TYR K 21 32.32 -2.94 -12.57
N ASN K 22 31.29 -3.34 -11.81
CA ASN K 22 31.40 -4.56 -11.02
C ASN K 22 31.74 -5.76 -11.89
N SER K 23 31.20 -5.80 -13.11
CA SER K 23 31.50 -6.90 -14.02
C SER K 23 32.93 -6.83 -14.53
N ALA K 24 33.44 -5.63 -14.84
CA ALA K 24 34.80 -5.52 -15.36
C ALA K 24 35.84 -5.86 -14.30
N LYS K 25 35.61 -5.45 -13.04
CA LYS K 25 36.49 -5.86 -11.95
C LYS K 25 36.35 -7.35 -11.68
N MET K 26 35.11 -7.86 -11.74
CA MET K 26 34.91 -9.31 -11.72
C MET K 26 35.60 -9.96 -12.90
N LEU K 27 35.51 -9.33 -14.08
CA LEU K 27 36.23 -9.83 -15.24
C LEU K 27 37.74 -9.75 -15.00
N ALA K 28 38.19 -8.64 -14.44
CA ALA K 28 39.60 -8.53 -14.12
C ALA K 28 40.02 -9.70 -13.25
N ASP K 29 39.26 -9.97 -12.19
CA ASP K 29 39.60 -11.06 -11.28
C ASP K 29 39.63 -12.41 -11.97
N THR K 30 38.63 -12.71 -12.82
CA THR K 30 38.53 -14.05 -13.40
C THR K 30 39.71 -14.36 -14.29
N LEU K 31 40.03 -13.47 -15.20
CA LEU K 31 41.26 -13.63 -15.94
C LEU K 31 42.40 -13.62 -14.93
N GLU K 32 42.26 -12.84 -13.87
CA GLU K 32 43.48 -12.75 -13.04
C GLU K 32 43.79 -14.11 -12.35
N GLU K 33 42.75 -14.91 -12.18
CA GLU K 33 42.82 -16.19 -11.47
C GLU K 33 43.01 -17.32 -12.42
N MET K 34 42.22 -17.35 -13.52
CA MET K 34 42.35 -18.50 -14.44
C MET K 34 43.65 -18.48 -15.25
N SER K 35 44.26 -17.32 -15.38
CA SER K 35 45.49 -17.22 -16.14
C SER K 35 46.73 -17.37 -15.27
N GLN K 36 46.54 -17.55 -13.97
CA GLN K 36 47.63 -17.61 -12.99
C GLN K 36 48.56 -16.40 -13.04
N GLY K 37 47.97 -15.22 -13.19
CA GLY K 37 48.73 -13.99 -13.15
C GLY K 37 49.33 -13.54 -14.48
N GLU K 38 49.16 -14.32 -15.54
CA GLU K 38 49.76 -13.98 -16.82
C GLU K 38 48.93 -13.02 -17.68
N ILE K 39 47.63 -12.88 -17.45
CA ILE K 39 46.84 -11.81 -18.07
C ILE K 39 46.18 -11.00 -16.95
N LYS K 40 46.50 -9.71 -16.96
CA LYS K 40 46.05 -8.67 -16.06
C LYS K 40 45.25 -7.67 -16.87
N LEU K 41 44.24 -7.11 -16.21
CA LEU K 41 43.30 -6.17 -16.79
C LEU K 41 43.27 -4.94 -15.91
N ALA K 42 43.81 -3.83 -16.41
CA ALA K 42 43.74 -2.54 -15.74
C ALA K 42 42.50 -1.80 -16.21
N LEU K 43 41.81 -1.15 -15.27
CA LEU K 43 40.54 -0.49 -15.53
C LEU K 43 40.68 1.02 -15.45
N TYR K 44 40.00 1.72 -16.36
CA TYR K 44 39.99 3.18 -16.41
C TYR K 44 38.55 3.64 -16.55
N PRO K 45 37.81 3.70 -15.44
CA PRO K 45 36.38 4.06 -15.53
C PRO K 45 36.09 5.55 -15.52
N SER K 46 34.80 5.89 -15.50
CA SER K 46 34.33 7.27 -15.37
C SER K 46 34.79 8.15 -16.52
N ALA K 47 34.99 7.55 -17.70
CA ALA K 47 35.24 8.31 -18.93
C ALA K 47 36.52 9.14 -18.84
N GLN K 48 37.47 8.71 -18.01
CA GLN K 48 38.72 9.47 -17.89
C GLN K 48 39.54 9.41 -19.16
N LEU K 49 39.30 8.42 -20.02
CA LEU K 49 39.96 8.34 -21.31
C LEU K 49 39.13 8.95 -22.45
N GLY K 50 37.93 9.43 -22.14
CA GLY K 50 37.00 9.91 -23.15
C GLY K 50 35.70 9.14 -23.13
N ASP K 51 34.78 9.56 -24.00
CA ASP K 51 33.51 8.85 -24.12
C ASP K 51 33.72 7.58 -24.94
N ASP K 52 32.64 6.81 -25.11
CA ASP K 52 32.77 5.54 -25.82
C ASP K 52 33.25 5.75 -27.25
N ARG K 53 32.80 6.84 -27.90
CA ARG K 53 33.28 7.11 -29.25
C ARG K 53 34.79 7.35 -29.25
N ALA K 54 35.28 8.13 -28.28
CA ALA K 54 36.72 8.37 -28.20
C ALA K 54 37.48 7.08 -27.91
N MET K 55 36.95 6.25 -27.01
CA MET K 55 37.62 5.00 -26.64
C MET K 55 37.56 4.00 -27.79
N LEU K 56 36.43 3.93 -28.50
CA LEU K 56 36.39 3.14 -29.71
C LEU K 56 37.47 3.58 -30.70
N GLN K 57 37.64 4.89 -30.85
CA GLN K 57 38.69 5.42 -31.72
C GLN K 57 40.06 5.01 -31.24
N GLN K 58 40.26 4.90 -29.93
CA GLN K 58 41.56 4.48 -29.41
C GLN K 58 41.82 3.02 -29.72
N LEU K 59 40.79 2.18 -29.66
CA LEU K 59 40.96 0.78 -30.03
C LEU K 59 41.35 0.66 -31.50
N THR K 60 40.68 1.41 -32.38
CA THR K 60 40.99 1.32 -33.80
C THR K 60 42.45 1.65 -34.08
N LEU K 61 43.01 2.61 -33.36
CA LEU K 61 44.39 3.02 -33.56
C LEU K 61 45.36 2.23 -32.70
N GLY K 62 44.88 1.27 -31.90
CA GLY K 62 45.75 0.42 -31.13
C GLY K 62 46.26 1.02 -29.85
N ASP K 63 45.63 2.09 -29.36
CA ASP K 63 46.07 2.79 -28.16
C ASP K 63 45.31 2.36 -26.91
N LEU K 64 44.17 1.70 -27.04
CA LEU K 64 43.43 1.18 -25.90
C LEU K 64 42.97 -0.23 -26.26
N ASP K 65 42.92 -1.10 -25.26
CA ASP K 65 42.75 -2.51 -25.55
C ASP K 65 41.30 -2.97 -25.54
N ILE K 66 40.55 -2.61 -24.52
CA ILE K 66 39.20 -3.12 -24.36
C ILE K 66 38.26 -1.97 -24.08
N THR K 67 37.04 -2.09 -24.58
CA THR K 67 36.00 -1.14 -24.25
C THR K 67 34.64 -1.80 -24.35
N TYR K 68 33.66 -1.14 -23.73
CA TYR K 68 32.24 -1.45 -23.87
C TYR K 68 31.63 -0.64 -25.03
N ALA K 69 30.70 -1.26 -25.75
CA ALA K 69 29.84 -0.49 -26.65
C ALA K 69 28.59 -1.28 -27.00
N GLU K 70 27.50 -0.55 -27.25
CA GLU K 70 26.28 -1.17 -27.73
C GLU K 70 26.41 -1.50 -29.22
N PHE K 71 25.69 -2.56 -29.63
CA PHE K 71 25.73 -2.99 -31.02
C PHE K 71 25.23 -1.89 -31.94
N GLY K 72 24.22 -1.14 -31.51
CA GLY K 72 23.74 -0.01 -32.30
C GLY K 72 24.71 1.14 -32.35
N ARG K 73 25.58 1.27 -31.35
CA ARG K 73 26.62 2.28 -31.38
C ARG K 73 27.63 2.04 -32.49
N MET K 74 27.68 0.81 -33.03
CA MET K 74 28.54 0.53 -34.17
C MET K 74 28.09 1.30 -35.40
N GLY K 75 26.87 1.84 -35.39
CA GLY K 75 26.40 2.70 -36.46
C GLY K 75 27.27 3.93 -36.68
N LEU K 76 28.07 4.30 -35.67
CA LEU K 76 29.03 5.39 -35.87
C LEU K 76 30.02 5.05 -36.98
N ALA K 77 30.27 3.76 -37.21
CA ALA K 77 31.23 3.28 -38.20
C ALA K 77 30.60 2.46 -39.31
N ILE K 78 29.52 1.74 -39.02
CA ILE K 78 28.88 0.81 -39.95
C ILE K 78 27.41 1.17 -39.97
N PRO K 79 26.98 2.11 -40.84
CA PRO K 79 25.67 2.75 -40.65
C PRO K 79 24.50 1.79 -40.47
N ARG K 80 24.47 0.67 -41.21
CA ARG K 80 23.35 -0.24 -41.08
C ARG K 80 23.18 -0.76 -39.66
N ALA K 81 24.26 -0.78 -38.87
CA ALA K 81 24.17 -1.26 -37.50
C ALA K 81 23.31 -0.38 -36.62
N GLU K 82 23.11 0.89 -36.97
CA GLU K 82 22.28 1.75 -36.15
C GLU K 82 20.85 1.25 -36.07
N ALA K 83 20.43 0.42 -37.03
CA ALA K 83 19.03 0.00 -37.08
C ALA K 83 18.61 -0.76 -35.83
N VAL K 84 19.51 -1.52 -35.22
CA VAL K 84 19.10 -2.32 -34.07
C VAL K 84 18.68 -1.47 -32.89
N MET K 85 19.17 -0.22 -32.78
CA MET K 85 18.83 0.65 -31.67
C MET K 85 17.75 1.66 -32.04
N LEU K 86 17.25 1.62 -33.27
CA LEU K 86 16.13 2.48 -33.64
C LEU K 86 15.02 2.31 -32.59
N PRO K 87 14.42 3.40 -32.11
CA PRO K 87 13.48 3.24 -30.99
C PRO K 87 12.33 2.29 -31.30
N TYR K 88 12.09 1.39 -30.37
CA TYR K 88 11.00 0.41 -30.33
C TYR K 88 11.09 -0.66 -31.38
N VAL K 89 12.12 -0.67 -32.23
CA VAL K 89 12.25 -1.73 -33.21
C VAL K 89 12.62 -3.05 -32.52
N ALA K 90 13.54 -2.99 -31.56
CA ALA K 90 13.98 -4.16 -30.80
C ALA K 90 13.00 -4.38 -29.65
N LYS K 91 12.38 -5.59 -29.55
CA LYS K 91 11.55 -5.80 -28.33
C LYS K 91 12.25 -6.14 -27.02
N ASP K 92 13.26 -7.00 -27.00
CA ASP K 92 13.79 -7.42 -25.72
C ASP K 92 15.22 -7.89 -25.96
N PHE K 93 15.88 -8.26 -24.89
CA PHE K 93 17.28 -8.57 -25.09
C PHE K 93 17.41 -9.75 -26.04
N ASP K 94 16.51 -10.73 -25.90
CA ASP K 94 16.55 -11.89 -26.77
C ASP K 94 16.42 -11.50 -28.23
N HIS K 95 15.48 -10.60 -28.54
CA HIS K 95 15.35 -10.11 -29.92
C HIS K 95 16.62 -9.42 -30.38
N LEU K 96 17.15 -8.51 -29.55
CA LEU K 96 18.38 -7.80 -29.91
C LEU K 96 19.54 -8.76 -30.06
N ARG K 97 19.66 -9.73 -29.15
CA ARG K 97 20.77 -10.67 -29.28
C ARG K 97 20.65 -11.50 -30.55
N ARG K 98 19.41 -11.82 -30.96
CA ARG K 98 19.23 -12.56 -32.20
C ARG K 98 19.74 -11.76 -33.39
N MET K 99 19.55 -10.44 -33.37
CA MET K 99 20.15 -9.58 -34.38
C MET K 99 21.67 -9.71 -34.36
N PHE K 100 22.26 -9.75 -33.17
CA PHE K 100 23.72 -9.80 -33.05
C PHE K 100 24.30 -11.06 -33.68
N GLU K 101 23.60 -12.19 -33.58
CA GLU K 101 24.08 -13.45 -34.11
C GLU K 101 23.55 -13.76 -35.51
N SER K 102 22.60 -13.00 -36.03
CA SER K 102 22.08 -13.25 -37.36
C SER K 102 23.21 -13.07 -38.39
N ASP K 103 22.92 -13.46 -39.63
CA ASP K 103 23.90 -13.25 -40.70
C ASP K 103 24.20 -11.76 -40.85
N PHE K 104 23.17 -10.92 -40.67
CA PHE K 104 23.38 -9.48 -40.62
C PHE K 104 24.32 -9.12 -39.48
N GLY K 105 24.11 -9.69 -38.30
CA GLY K 105 24.98 -9.41 -37.18
C GLY K 105 26.42 -9.82 -37.44
N GLN K 106 26.62 -11.05 -37.94
CA GLN K 106 27.97 -11.51 -38.24
C GLN K 106 28.62 -10.65 -39.32
N GLY K 107 27.82 -10.14 -40.26
CA GLY K 107 28.38 -9.26 -41.27
C GLY K 107 28.91 -7.97 -40.67
N VAL K 108 28.15 -7.37 -39.75
CA VAL K 108 28.62 -6.16 -39.07
C VAL K 108 29.88 -6.47 -38.27
N ARG K 109 29.89 -7.59 -37.55
CA ARG K 109 31.04 -7.93 -36.72
C ARG K 109 32.28 -8.18 -37.56
N ASP K 110 32.11 -8.78 -38.75
CA ASP K 110 33.26 -8.94 -39.65
C ASP K 110 33.78 -7.59 -40.11
N GLU K 111 32.87 -6.67 -40.45
CA GLU K 111 33.29 -5.35 -40.91
C GLU K 111 33.91 -4.53 -39.78
N MET K 112 33.36 -4.65 -38.57
CA MET K 112 33.96 -3.98 -37.41
C MET K 112 35.44 -4.31 -37.27
N LEU K 113 35.78 -5.60 -37.37
CA LEU K 113 37.14 -6.09 -37.09
C LEU K 113 38.17 -5.64 -38.11
N GLN K 114 37.79 -5.67 -39.38
CA GLN K 114 38.73 -5.72 -40.48
C GLN K 114 38.65 -4.46 -41.31
N LYS K 115 37.72 -3.54 -40.98
CA LYS K 115 37.91 -2.11 -41.23
C LYS K 115 38.26 -1.27 -40.00
N PHE K 116 37.92 -1.71 -38.78
CA PHE K 116 38.06 -0.84 -37.61
C PHE K 116 38.79 -1.47 -36.43
N ASN K 117 39.35 -2.66 -36.59
CA ASN K 117 40.14 -3.29 -35.54
C ASN K 117 39.37 -3.49 -34.22
N TRP K 118 38.05 -3.80 -34.27
CA TRP K 118 37.18 -4.00 -33.11
C TRP K 118 36.77 -5.48 -33.11
N ARG K 119 37.14 -6.24 -32.03
CA ARG K 119 36.63 -7.60 -31.83
C ARG K 119 35.51 -7.59 -30.75
N ALA K 120 34.26 -7.79 -31.20
CA ALA K 120 33.15 -8.00 -30.27
C ALA K 120 33.33 -9.45 -29.80
N LEU K 121 33.68 -9.66 -28.52
CA LEU K 121 33.82 -11.01 -27.96
C LEU K 121 32.49 -11.57 -27.48
N ASP K 122 31.61 -10.70 -27.00
CA ASP K 122 30.31 -11.07 -26.47
C ASP K 122 29.50 -9.79 -26.39
N THR K 123 28.19 -9.93 -26.13
CA THR K 123 27.35 -8.78 -25.82
C THR K 123 26.44 -9.15 -24.66
N TRP K 124 26.29 -8.23 -23.71
CA TRP K 124 25.51 -8.45 -22.51
C TRP K 124 24.29 -7.54 -22.53
N TYR K 125 23.29 -7.91 -21.72
CA TYR K 125 22.13 -7.05 -21.51
C TYR K 125 22.42 -5.99 -20.46
N ASN K 126 22.11 -4.73 -20.79
CA ASN K 126 22.23 -3.65 -19.82
C ASN K 126 20.89 -3.01 -19.45
N GLY K 127 19.78 -3.44 -20.02
CA GLY K 127 18.47 -2.95 -19.63
C GLY K 127 17.77 -2.17 -20.72
N THR K 128 16.48 -1.92 -20.49
CA THR K 128 15.64 -1.18 -21.43
C THR K 128 15.47 0.24 -20.92
N ARG K 129 15.68 1.21 -21.79
CA ARG K 129 15.73 2.60 -21.36
C ARG K 129 14.34 3.12 -21.05
N GLU K 130 14.21 3.78 -19.90
CA GLU K 130 13.00 4.44 -19.46
C GLU K 130 13.30 5.92 -19.33
N THR K 131 12.26 6.72 -19.11
CA THR K 131 12.38 8.17 -19.08
C THR K 131 12.04 8.68 -17.69
N THR K 132 12.95 9.45 -17.13
CA THR K 132 12.73 10.14 -15.87
C THR K 132 12.51 11.62 -16.15
N SER K 133 11.79 12.29 -15.24
CA SER K 133 11.47 13.70 -15.43
C SER K 133 11.12 14.29 -14.08
N ASN K 134 11.17 15.62 -14.01
CA ASN K 134 10.73 16.36 -12.84
C ASN K 134 9.24 16.64 -12.82
N ARG K 135 8.55 16.42 -13.93
CA ARG K 135 7.09 16.51 -14.02
C ARG K 135 6.51 15.19 -14.54
N PRO K 136 5.25 14.89 -14.21
CA PRO K 136 4.65 13.61 -14.62
C PRO K 136 4.43 13.51 -16.13
N LEU K 137 4.62 12.29 -16.66
CA LEU K 137 4.51 11.97 -18.08
C LEU K 137 3.45 10.90 -18.33
N ASN K 138 2.18 11.27 -18.13
CA ASN K 138 1.08 10.34 -18.31
C ASN K 138 0.84 9.95 -19.76
N SER K 139 0.96 10.87 -20.70
CA SER K 139 0.66 10.56 -22.10
C SER K 139 1.75 11.11 -23.00
N ILE K 140 1.64 10.76 -24.28
CA ILE K 140 2.54 11.35 -25.26
C ILE K 140 2.49 12.86 -25.20
N GLU K 141 1.36 13.46 -24.86
CA GLU K 141 1.49 14.90 -24.74
C GLU K 141 2.27 15.43 -23.54
N ASP K 142 2.50 14.68 -22.48
CA ASP K 142 3.28 15.29 -21.41
C ASP K 142 4.72 15.57 -21.81
N PHE K 143 5.16 15.02 -22.94
CA PHE K 143 6.49 15.30 -23.48
C PHE K 143 6.63 16.65 -24.19
N LYS K 144 5.53 17.28 -24.60
CA LYS K 144 5.63 18.52 -25.37
C LYS K 144 6.32 19.60 -24.55
N GLY K 145 7.38 20.18 -25.11
CA GLY K 145 8.14 21.21 -24.42
C GLY K 145 9.06 20.71 -23.33
N LEU K 146 9.17 19.39 -23.17
CA LEU K 146 10.06 18.83 -22.17
C LEU K 146 11.52 18.93 -22.60
N LYS K 147 12.34 19.52 -21.75
CA LYS K 147 13.79 19.56 -21.97
C LYS K 147 14.38 18.24 -21.52
N LEU K 148 14.56 17.31 -22.47
CA LEU K 148 14.95 15.94 -22.18
C LEU K 148 16.42 15.75 -22.54
N ARG K 149 17.21 15.39 -21.55
CA ARG K 149 18.61 15.10 -21.81
C ARG K 149 18.72 13.79 -22.57
N VAL K 150 19.59 13.80 -23.56
CA VAL K 150 19.86 12.55 -24.23
C VAL K 150 21.36 12.40 -24.34
N PRO K 151 21.89 11.21 -24.48
CA PRO K 151 23.24 11.11 -25.00
C PRO K 151 23.38 11.50 -26.46
N ASN K 152 24.68 11.48 -26.78
CA ASN K 152 25.67 11.63 -27.84
C ASN K 152 25.56 10.48 -28.80
N ALA K 153 24.27 10.28 -29.17
CA ALA K 153 23.71 9.25 -30.05
C ALA K 153 22.42 9.68 -30.77
N LYS K 154 22.37 9.44 -32.10
CA LYS K 154 21.29 9.91 -32.97
C LYS K 154 19.93 9.30 -32.61
N GLN K 155 19.89 8.02 -32.22
CA GLN K 155 18.59 7.38 -32.02
C GLN K 155 17.95 7.80 -30.70
N ASN K 156 18.76 8.12 -29.69
CA ASN K 156 18.21 8.77 -28.51
C ASN K 156 17.69 10.15 -28.85
N LEU K 157 18.41 10.88 -29.69
CA LEU K 157 17.91 12.17 -30.16
C LEU K 157 16.59 11.99 -30.90
N ASN K 158 16.50 11.00 -31.78
CA ASN K 158 15.25 10.77 -32.51
C ASN K 158 14.10 10.45 -31.58
N TYR K 159 14.34 9.59 -30.59
CA TYR K 159 13.26 9.29 -29.66
C TYR K 159 12.71 10.55 -29.00
N ALA K 160 13.60 11.41 -28.48
CA ALA K 160 13.14 12.65 -27.85
C ALA K 160 12.40 13.50 -28.88
N LYS K 161 13.01 13.68 -30.05
CA LYS K 161 12.41 14.51 -31.09
C LYS K 161 11.02 14.01 -31.46
N LEU K 162 10.84 12.70 -31.68
CA LEU K 162 9.60 12.21 -32.27
C LEU K 162 8.42 12.08 -31.31
N SER K 163 8.65 11.99 -30.00
CA SER K 163 7.59 12.10 -29.00
C SER K 163 7.32 13.56 -28.64
N GLY K 164 8.23 14.49 -29.01
CA GLY K 164 8.00 15.93 -28.84
C GLY K 164 8.75 16.76 -27.82
N ALA K 165 9.67 16.18 -27.07
CA ALA K 165 10.52 17.09 -26.35
C ALA K 165 11.51 17.77 -27.31
N SER K 166 12.16 18.84 -26.81
CA SER K 166 13.31 19.50 -27.44
C SER K 166 14.55 18.79 -26.85
N PRO K 167 15.29 17.91 -27.59
CA PRO K 167 16.39 17.18 -26.93
C PRO K 167 17.57 18.08 -26.58
N THR K 168 18.23 17.73 -25.47
CA THR K 168 19.47 18.36 -25.02
C THR K 168 20.61 17.35 -24.89
N PRO K 169 21.54 17.29 -25.86
CA PRO K 169 22.70 16.40 -25.71
C PRO K 169 23.61 16.83 -24.57
N MET K 170 24.01 15.82 -23.77
CA MET K 170 24.85 16.03 -22.60
C MET K 170 25.68 14.78 -22.28
N SER K 171 26.91 15.00 -21.83
CA SER K 171 27.80 13.89 -21.52
C SER K 171 27.32 13.20 -20.24
N PHE K 172 27.63 11.91 -20.12
CA PHE K 172 27.05 11.11 -19.03
C PHE K 172 27.47 11.63 -17.66
N SER K 173 28.66 12.22 -17.55
CA SER K 173 29.14 12.73 -16.27
C SER K 173 28.40 13.98 -15.80
N GLU K 174 27.82 14.76 -16.71
CA GLU K 174 27.19 16.02 -16.38
C GLU K 174 25.71 15.89 -16.03
N VAL K 175 25.15 14.69 -16.13
CA VAL K 175 23.69 14.57 -16.13
C VAL K 175 23.12 14.86 -14.75
N TYR K 176 23.67 14.23 -13.71
CA TYR K 176 23.07 14.40 -12.38
C TYR K 176 22.93 15.88 -12.06
N LEU K 177 23.94 16.68 -12.43
CA LEU K 177 23.88 18.10 -12.13
C LEU K 177 22.73 18.77 -12.90
N ALA K 178 22.60 18.51 -14.21
CA ALA K 178 21.55 19.18 -14.96
C ALA K 178 20.14 18.85 -14.43
N LEU K 179 19.95 17.65 -13.89
CA LEU K 179 18.67 17.31 -13.25
C LEU K 179 18.51 17.99 -11.88
N GLN K 180 19.59 18.03 -11.09
CA GLN K 180 19.53 18.65 -9.77
C GLN K 180 19.17 20.13 -9.86
N THR K 181 19.79 20.85 -10.77
CA THR K 181 19.55 22.27 -10.99
C THR K 181 18.35 22.53 -11.89
N ASN K 182 17.63 21.49 -12.32
CA ASN K 182 16.57 21.62 -13.31
C ASN K 182 17.05 22.36 -14.55
N ALA K 183 18.33 22.23 -14.88
CA ALA K 183 18.80 22.69 -16.19
C ALA K 183 18.18 21.88 -17.32
N VAL K 184 17.87 20.62 -17.06
CA VAL K 184 17.09 19.76 -17.94
C VAL K 184 15.96 19.18 -17.10
N ASP K 185 14.82 18.94 -17.75
CA ASP K 185 13.64 18.47 -17.03
C ASP K 185 13.64 16.96 -16.87
N GLY K 186 14.26 16.24 -17.80
CA GLY K 186 14.25 14.79 -17.76
C GLY K 186 15.46 14.22 -18.48
N GLN K 187 15.63 12.91 -18.33
CA GLN K 187 16.65 12.15 -19.02
C GLN K 187 16.10 10.75 -19.23
N GLU K 188 16.83 9.94 -19.99
CA GLU K 188 16.34 8.61 -20.38
C GLU K 188 17.47 7.61 -20.32
N ASN K 189 17.24 6.53 -19.58
CA ASN K 189 18.27 5.52 -19.33
C ASN K 189 17.59 4.27 -18.81
N PRO K 190 18.29 3.15 -18.76
CA PRO K 190 17.76 1.97 -18.08
C PRO K 190 17.77 2.14 -16.57
N LEU K 191 16.92 1.36 -15.91
CA LEU K 191 16.73 1.53 -14.48
C LEU K 191 17.95 1.24 -13.63
N PRO K 192 18.73 0.19 -13.87
CA PRO K 192 19.89 -0.06 -12.98
C PRO K 192 20.87 1.10 -12.92
N THR K 193 21.12 1.78 -14.04
CA THR K 193 21.95 2.98 -14.00
C THR K 193 21.22 4.13 -13.33
N ILE K 194 19.89 4.21 -13.54
CA ILE K 194 19.13 5.29 -12.94
C ILE K 194 19.32 5.32 -11.44
N LYS K 195 19.39 4.15 -10.81
CA LYS K 195 19.68 4.16 -9.37
C LYS K 195 21.16 4.41 -9.11
N THR K 196 22.04 3.60 -9.70
CA THR K 196 23.48 3.69 -9.39
C THR K 196 23.96 5.12 -9.53
N MET K 197 23.51 5.82 -10.56
CA MET K 197 23.82 7.23 -10.70
C MET K 197 23.06 8.08 -9.68
N LYS K 198 22.06 7.51 -9.00
CA LYS K 198 21.16 8.24 -8.10
C LYS K 198 20.36 9.29 -8.87
N PHE K 199 20.01 8.96 -10.12
CA PHE K 199 19.15 9.86 -10.87
C PHE K 199 17.83 10.10 -10.17
N TYR K 200 17.34 9.09 -9.44
CA TYR K 200 16.04 9.19 -8.78
C TYR K 200 15.97 10.21 -7.65
N GLU K 201 17.11 10.57 -7.03
CA GLU K 201 16.96 11.52 -5.94
C GLU K 201 16.50 12.88 -6.45
N VAL K 202 16.80 13.20 -7.71
CA VAL K 202 16.56 14.48 -8.33
C VAL K 202 15.47 14.39 -9.38
N GLN K 203 14.72 13.29 -9.39
CA GLN K 203 13.75 12.95 -10.43
C GLN K 203 12.45 12.56 -9.77
N LYS K 204 11.34 13.22 -10.07
CA LYS K 204 10.15 12.85 -9.34
C LYS K 204 9.27 11.83 -10.08
N ASN K 205 9.54 11.59 -11.36
CA ASN K 205 8.68 10.76 -12.20
C ASN K 205 9.54 9.75 -12.94
N LEU K 206 8.97 8.57 -13.23
CA LEU K 206 9.62 7.49 -13.96
C LEU K 206 8.58 7.19 -15.04
N ALA K 207 8.91 7.32 -16.32
CA ALA K 207 7.90 7.10 -17.37
C ALA K 207 8.28 5.84 -18.13
N MET K 208 7.73 4.70 -17.71
CA MET K 208 7.98 3.43 -18.39
C MET K 208 7.80 3.50 -19.91
N THR K 209 8.72 4.13 -20.66
CA THR K 209 8.60 4.26 -22.12
C THR K 209 9.28 3.15 -22.91
N HIS K 210 10.12 2.29 -22.32
CA HIS K 210 10.55 1.06 -23.01
C HIS K 210 11.04 1.36 -24.43
N HIS K 211 11.68 2.50 -24.63
CA HIS K 211 11.84 2.98 -26.00
C HIS K 211 13.05 2.38 -26.71
N ILE K 212 14.12 2.05 -25.99
CA ILE K 212 15.30 1.44 -26.59
C ILE K 212 15.85 0.36 -25.66
N VAL K 213 16.15 -0.80 -26.22
CA VAL K 213 16.83 -1.88 -25.52
C VAL K 213 18.33 -1.78 -25.77
N ASN K 214 19.13 -1.68 -24.69
CA ASN K 214 20.59 -1.56 -24.76
C ASN K 214 21.29 -2.90 -24.51
N ASP K 215 22.20 -3.29 -25.43
CA ASP K 215 23.22 -4.33 -25.20
C ASP K 215 24.54 -3.69 -24.74
N GLN K 216 25.63 -4.49 -24.56
CA GLN K 216 26.77 -4.12 -23.70
C GLN K 216 27.80 -5.15 -24.17
N MET K 217 28.24 -4.88 -25.42
CA MET K 217 29.28 -5.65 -26.10
C MET K 217 30.63 -5.39 -25.49
N VAL K 218 31.39 -6.45 -25.29
CA VAL K 218 32.79 -6.33 -24.89
C VAL K 218 33.67 -6.42 -26.13
N ILE K 219 34.37 -5.34 -26.44
CA ILE K 219 35.17 -5.24 -27.65
C ILE K 219 36.62 -5.17 -27.24
N ILE K 220 37.45 -6.01 -27.84
CA ILE K 220 38.89 -5.94 -27.68
C ILE K 220 39.49 -5.46 -29.00
N SER K 221 40.58 -4.71 -28.90
CA SER K 221 41.33 -4.30 -30.08
C SER K 221 41.86 -5.50 -30.83
N GLU K 222 41.58 -5.56 -32.14
CA GLU K 222 42.04 -6.68 -32.95
C GLU K 222 43.55 -6.76 -33.00
N SER K 223 44.23 -5.60 -32.96
CA SER K 223 45.68 -5.61 -32.92
C SER K 223 46.19 -6.19 -31.61
N THR K 224 45.49 -5.95 -30.50
CA THR K 224 45.87 -6.59 -29.24
C THR K 224 45.54 -8.08 -29.24
N TRP K 225 44.40 -8.46 -29.83
CA TRP K 225 43.96 -9.86 -29.83
C TRP K 225 44.99 -10.81 -30.45
N GLN K 226 45.63 -10.42 -31.56
CA GLN K 226 46.55 -11.27 -32.34
C GLN K 226 47.94 -11.47 -31.72
N LYS K 227 48.20 -10.65 -30.73
CA LYS K 227 49.26 -10.46 -29.78
C LYS K 227 49.19 -11.43 -28.57
N LEU K 228 48.02 -12.07 -28.35
CA LEU K 228 47.76 -13.11 -27.35
C LEU K 228 48.02 -14.49 -27.94
N SER K 229 48.36 -15.46 -27.08
CA SER K 229 48.46 -16.87 -27.45
C SER K 229 47.07 -17.50 -27.54
N ASP K 230 46.98 -18.64 -28.24
CA ASP K 230 45.69 -19.32 -28.37
C ASP K 230 45.12 -19.70 -27.01
N THR K 231 45.98 -20.02 -26.06
CA THR K 231 45.52 -20.33 -24.71
C THR K 231 44.89 -19.10 -24.05
N ASP K 232 45.56 -17.95 -24.18
CA ASP K 232 45.02 -16.71 -23.62
C ASP K 232 43.68 -16.34 -24.25
N LYS K 233 43.58 -16.48 -25.58
CA LYS K 233 42.33 -16.15 -26.26
C LYS K 233 41.15 -16.93 -25.69
N ASP K 234 41.33 -18.23 -25.44
CA ASP K 234 40.23 -19.02 -24.87
C ASP K 234 39.89 -18.54 -23.46
N ILE K 235 40.90 -18.30 -22.63
CA ILE K 235 40.63 -17.81 -21.28
C ILE K 235 39.79 -16.55 -21.33
N ILE K 236 40.17 -15.60 -22.19
CA ILE K 236 39.50 -14.31 -22.28
C ILE K 236 38.04 -14.46 -22.78
N GLN K 237 37.79 -15.28 -23.82
CA GLN K 237 36.53 -15.27 -24.61
C GLN K 237 35.24 -15.57 -23.79
N LYS K 238 35.40 -16.66 -22.93
CA LYS K 238 34.88 -17.68 -21.95
C LYS K 238 34.86 -17.15 -20.50
N ALA K 239 35.91 -16.41 -20.16
CA ALA K 239 35.85 -15.54 -19.01
C ALA K 239 34.90 -14.42 -19.30
N VAL K 240 35.01 -13.84 -20.52
CA VAL K 240 34.10 -12.76 -20.91
C VAL K 240 32.68 -13.28 -20.92
N GLN K 241 32.51 -14.50 -21.43
CA GLN K 241 31.21 -15.16 -21.41
C GLN K 241 30.79 -15.46 -19.98
N LYS K 242 31.76 -15.73 -19.10
CA LYS K 242 31.45 -16.02 -17.71
C LYS K 242 30.81 -14.82 -17.03
N VAL K 243 31.40 -13.64 -17.22
CA VAL K 243 30.90 -12.42 -16.61
C VAL K 243 29.67 -11.93 -17.34
N GLY K 244 29.61 -12.14 -18.65
CA GLY K 244 28.43 -11.74 -19.40
C GLY K 244 27.21 -12.51 -18.98
N ASP K 245 27.32 -13.83 -18.77
CA ASP K 245 26.17 -14.52 -18.24
C ASP K 245 25.69 -13.90 -16.94
N ALA K 246 26.61 -13.63 -16.03
CA ALA K 246 26.21 -13.01 -14.77
C ALA K 246 25.65 -11.60 -14.98
N HIS K 247 26.33 -10.78 -15.79
CA HIS K 247 25.96 -9.36 -15.97
C HIS K 247 24.59 -9.19 -16.59
N THR K 248 24.43 -9.67 -17.84
CA THR K 248 23.09 -9.77 -18.37
C THR K 248 22.24 -10.25 -17.23
N GLN K 249 22.75 -11.18 -16.39
CA GLN K 249 21.69 -11.76 -15.55
C GLN K 249 21.28 -10.78 -14.47
N THR K 250 22.27 -10.09 -13.95
CA THR K 250 22.07 -9.25 -12.81
C THR K 250 21.10 -8.20 -13.21
N VAL K 251 21.21 -7.74 -14.47
CA VAL K 251 20.36 -6.64 -14.91
C VAL K 251 18.88 -7.04 -14.91
N LYS K 252 18.57 -8.23 -15.40
CA LYS K 252 17.18 -8.65 -15.40
C LYS K 252 16.61 -8.67 -13.99
N THR K 253 17.38 -9.19 -13.03
CA THR K 253 16.91 -9.19 -11.65
C THR K 253 16.60 -7.77 -11.15
N GLN K 254 17.52 -6.84 -11.35
CA GLN K 254 17.31 -5.48 -10.86
C GLN K 254 16.12 -4.82 -11.55
N GLU K 255 16.04 -4.91 -12.87
CA GLU K 255 14.90 -4.29 -13.54
C GLU K 255 13.58 -4.82 -13.01
N ALA K 256 13.58 -6.07 -12.51
CA ALA K 256 12.40 -6.63 -11.88
C ALA K 256 12.19 -6.03 -10.48
N GLU K 257 13.25 -5.59 -9.78
CA GLU K 257 12.98 -5.14 -8.41
C GLU K 257 12.77 -3.63 -8.26
N LEU K 258 13.51 -2.85 -9.05
CA LEU K 258 13.83 -1.45 -8.77
C LEU K 258 12.63 -0.56 -9.03
N VAL K 259 11.64 -1.01 -9.83
CA VAL K 259 10.47 -0.14 -10.00
C VAL K 259 9.77 0.07 -8.66
N SER K 260 9.70 -1.01 -7.90
CA SER K 260 9.19 -0.95 -6.54
C SER K 260 10.10 -0.11 -5.65
N PHE K 261 11.42 -0.25 -5.81
CA PHE K 261 12.34 0.53 -4.99
C PHE K 261 12.08 2.02 -5.17
N PHE K 262 11.96 2.46 -6.42
CA PHE K 262 11.74 3.87 -6.71
C PHE K 262 10.43 4.35 -6.09
N LYS K 263 9.40 3.51 -6.11
CA LYS K 263 8.17 3.87 -5.42
C LYS K 263 8.44 4.15 -3.95
N SER K 264 9.24 3.29 -3.31
CA SER K 264 9.53 3.46 -1.88
C SER K 264 10.36 4.70 -1.62
N GLU K 265 10.94 5.28 -2.66
CA GLU K 265 11.56 6.61 -2.59
C GLU K 265 10.65 7.68 -3.19
N GLY K 266 9.35 7.58 -2.94
CA GLY K 266 8.39 8.56 -3.41
C GLY K 266 8.43 8.88 -4.89
N ILE K 267 8.98 8.01 -5.73
CA ILE K 267 8.96 8.24 -7.17
C ILE K 267 7.59 7.91 -7.74
N ASN K 268 7.05 8.84 -8.55
CA ASN K 268 5.83 8.59 -9.31
C ASN K 268 6.15 7.85 -10.61
N VAL K 269 5.55 6.67 -10.78
CA VAL K 269 5.80 5.81 -11.94
C VAL K 269 4.59 5.83 -12.85
N THR K 270 4.79 6.24 -14.11
CA THR K 270 3.73 6.40 -15.08
C THR K 270 3.93 5.45 -16.27
N TYR K 271 2.93 4.60 -16.52
CA TYR K 271 2.91 3.74 -17.70
C TYR K 271 2.15 4.34 -18.89
N PRO K 272 2.68 5.35 -19.58
CA PRO K 272 1.92 5.97 -20.67
C PRO K 272 1.61 5.00 -21.81
N ASP K 273 0.58 5.33 -22.59
CA ASP K 273 0.23 4.55 -23.77
C ASP K 273 1.30 4.71 -24.84
N LEU K 274 1.92 3.60 -25.23
CA LEU K 274 3.05 3.63 -26.15
C LEU K 274 2.66 3.60 -27.62
N GLU K 275 1.41 3.28 -27.94
CA GLU K 275 1.00 3.21 -29.33
C GLU K 275 1.31 4.48 -30.10
N PRO K 276 1.02 5.69 -29.60
CA PRO K 276 1.41 6.90 -30.34
C PRO K 276 2.92 7.05 -30.48
N PHE K 277 3.70 6.52 -29.52
CA PHE K 277 5.15 6.53 -29.66
C PHE K 277 5.61 5.63 -30.81
N ARG K 278 5.08 4.40 -30.84
CA ARG K 278 5.44 3.48 -31.93
C ARG K 278 4.98 4.02 -33.28
N GLU K 279 3.81 4.66 -33.32
CA GLU K 279 3.34 5.29 -34.55
C GLU K 279 4.21 6.46 -34.96
N ALA K 280 4.75 7.21 -34.00
CA ALA K 280 5.56 8.36 -34.35
C ALA K 280 6.85 7.94 -35.05
N MET K 281 7.25 6.67 -34.90
CA MET K 281 8.49 6.16 -35.47
C MET K 281 8.35 5.69 -36.93
N GLN K 282 7.14 5.53 -37.46
CA GLN K 282 7.01 4.96 -38.81
C GLN K 282 7.75 5.77 -39.86
N PRO K 283 7.63 7.10 -39.91
CA PRO K 283 8.42 7.85 -40.91
C PRO K 283 9.92 7.70 -40.71
N LEU K 284 10.39 7.51 -39.48
CA LEU K 284 11.83 7.33 -39.24
C LEU K 284 12.33 6.01 -39.82
N TYR K 285 11.58 4.92 -39.60
CA TYR K 285 11.98 3.63 -40.15
C TYR K 285 12.04 3.67 -41.66
N LYS K 286 10.98 4.19 -42.28
CA LYS K 286 11.00 4.29 -43.72
C LYS K 286 12.24 5.03 -44.14
N GLU K 287 12.62 6.10 -43.42
CA GLU K 287 13.58 6.98 -44.06
C GLU K 287 14.92 6.25 -44.03
N PHE K 288 15.18 5.57 -42.90
CA PHE K 288 16.42 4.83 -42.62
C PHE K 288 16.70 3.79 -43.70
N ASP K 289 15.66 3.01 -44.07
CA ASP K 289 15.82 2.08 -45.18
C ASP K 289 16.34 2.83 -46.40
N SER K 290 15.74 3.99 -46.68
CA SER K 290 16.12 4.78 -47.85
C SER K 290 17.55 5.28 -47.71
N ASN K 291 17.93 5.66 -46.49
CA ASN K 291 19.28 6.13 -46.26
C ASN K 291 20.29 5.00 -46.43
N ILE K 292 19.95 3.79 -45.99
CA ILE K 292 20.91 2.73 -46.23
C ILE K 292 20.94 2.29 -47.68
N GLY K 293 19.85 2.49 -48.41
CA GLY K 293 19.75 1.99 -49.76
C GLY K 293 19.20 0.58 -49.86
N GLN K 294 19.03 -0.12 -48.73
CA GLN K 294 18.48 -1.46 -48.66
C GLN K 294 17.63 -1.61 -47.40
N PRO K 295 16.46 -2.25 -47.50
CA PRO K 295 15.62 -2.44 -46.30
C PRO K 295 16.32 -3.34 -45.28
N ILE K 296 16.21 -2.94 -44.01
CA ILE K 296 16.80 -3.71 -42.90
C ILE K 296 15.89 -3.62 -41.67
N VAL K 297 15.21 -2.47 -41.50
CA VAL K 297 14.04 -2.36 -40.63
C VAL K 297 13.18 -3.63 -40.62
N SER K 298 12.50 -3.91 -41.72
CA SER K 298 11.49 -4.97 -41.62
C SER K 298 12.15 -6.28 -41.27
N LYS K 299 13.34 -6.53 -41.84
CA LYS K 299 14.10 -7.72 -41.52
C LYS K 299 14.43 -7.79 -40.02
N LEU K 300 15.00 -6.72 -39.45
CA LEU K 300 15.39 -6.79 -38.05
C LEU K 300 14.19 -6.95 -37.12
N ALA K 301 13.13 -6.17 -37.34
CA ALA K 301 11.97 -6.25 -36.47
C ALA K 301 11.37 -7.65 -36.45
N ALA K 302 11.54 -8.41 -37.52
CA ALA K 302 10.93 -9.73 -37.64
C ALA K 302 11.79 -10.85 -37.07
N MET K 303 13.03 -10.55 -36.66
CA MET K 303 13.94 -11.58 -36.18
C MET K 303 13.51 -12.16 -34.84
N GLY L 1 25.70 2.58 -46.88
CA GLY L 1 24.55 3.50 -47.12
C GLY L 1 24.91 4.66 -48.03
N SER L 2 24.27 5.81 -47.80
CA SER L 2 24.62 7.00 -48.56
C SER L 2 26.09 7.36 -48.31
N GLN L 3 26.78 7.75 -49.36
CA GLN L 3 28.19 8.07 -49.29
C GLN L 3 28.42 9.58 -49.36
N VAL L 4 29.69 9.96 -49.28
CA VAL L 4 30.10 11.35 -49.23
C VAL L 4 30.82 11.71 -50.53
N GLN L 5 30.48 12.87 -51.09
CA GLN L 5 31.12 13.43 -52.26
C GLN L 5 31.96 14.62 -51.81
N LEU L 6 33.21 14.67 -52.26
CA LEU L 6 34.18 15.66 -51.80
C LEU L 6 34.80 16.39 -52.98
N VAL L 7 34.97 17.71 -52.84
CA VAL L 7 35.57 18.54 -53.88
C VAL L 7 36.57 19.49 -53.22
N GLU L 8 37.85 19.34 -53.55
CA GLU L 8 38.89 20.22 -53.03
C GLU L 8 39.08 21.45 -53.90
N SER L 9 39.56 22.53 -53.28
CA SER L 9 40.00 23.72 -54.00
C SER L 9 41.21 24.29 -53.29
N GLY L 10 41.79 25.34 -53.88
CA GLY L 10 42.91 26.05 -53.29
C GLY L 10 44.25 25.78 -53.95
N GLY L 11 44.38 24.71 -54.72
CA GLY L 11 45.68 24.34 -55.26
C GLY L 11 46.31 25.42 -56.12
N ARG L 12 47.59 25.72 -55.89
CA ARG L 12 48.19 26.86 -56.56
C ARG L 12 49.70 26.70 -56.69
N LEU L 13 50.28 27.60 -57.46
CA LEU L 13 51.72 27.84 -57.44
C LEU L 13 52.08 28.83 -56.34
N VAL L 14 52.99 28.41 -55.43
CA VAL L 14 53.43 29.25 -54.32
C VAL L 14 54.95 29.18 -54.20
N GLN L 15 55.50 30.08 -53.40
CA GLN L 15 56.94 30.21 -53.22
C GLN L 15 57.38 29.53 -51.94
N THR L 16 58.68 29.22 -51.88
CA THR L 16 59.26 28.70 -50.65
C THR L 16 58.99 29.68 -49.52
N GLY L 17 58.60 29.14 -48.36
CA GLY L 17 58.21 29.95 -47.24
C GLY L 17 56.80 30.47 -47.30
N GLY L 18 56.08 30.28 -48.40
CA GLY L 18 54.74 30.78 -48.52
C GLY L 18 53.72 29.95 -47.77
N SER L 19 52.52 30.50 -47.68
CA SER L 19 51.40 29.86 -46.99
C SER L 19 50.24 29.70 -47.95
N LEU L 20 49.52 28.58 -47.82
CA LEU L 20 48.39 28.28 -48.68
C LEU L 20 47.32 27.58 -47.85
N ARG L 21 46.07 27.97 -48.05
CA ARG L 21 44.94 27.36 -47.38
C ARG L 21 44.15 26.54 -48.40
N LEU L 22 44.08 25.24 -48.18
CA LEU L 22 43.21 24.37 -48.96
C LEU L 22 41.87 24.22 -48.26
N SER L 23 40.81 24.04 -49.06
CA SER L 23 39.48 23.82 -48.56
C SER L 23 38.83 22.69 -49.34
N CYS L 24 37.96 21.95 -48.66
CA CYS L 24 37.25 20.81 -49.24
C CYS L 24 35.79 20.91 -48.85
N ALA L 25 34.89 20.84 -49.84
CA ALA L 25 33.45 20.92 -49.60
C ALA L 25 32.86 19.52 -49.68
N ALA L 26 32.09 19.15 -48.66
CA ALA L 26 31.53 17.81 -48.55
C ALA L 26 30.02 17.86 -48.73
N SER L 27 29.48 16.88 -49.46
CA SER L 27 28.05 16.76 -49.69
C SER L 27 27.67 15.28 -49.61
N GLY L 28 26.36 15.04 -49.56
CA GLY L 28 25.83 13.69 -49.54
C GLY L 28 25.38 13.26 -48.16
N ASP L 29 26.20 12.46 -47.48
CA ASP L 29 25.85 11.96 -46.16
C ASP L 29 26.23 13.00 -45.12
N THR L 30 25.82 12.76 -43.88
CA THR L 30 25.93 13.80 -42.85
C THR L 30 27.40 14.04 -42.51
N PHE L 31 27.82 15.29 -42.68
CA PHE L 31 29.23 15.66 -42.57
C PHE L 31 29.76 15.36 -41.17
N SER L 32 28.92 15.51 -40.15
CA SER L 32 29.38 15.29 -38.77
C SER L 32 29.61 13.83 -38.43
N ASN L 33 29.22 12.89 -39.29
CA ASN L 33 29.48 11.48 -39.04
C ASN L 33 30.90 11.06 -39.36
N TYR L 34 31.70 11.92 -39.97
CA TYR L 34 32.97 11.51 -40.55
C TYR L 34 34.15 12.25 -39.96
N VAL L 35 35.23 11.49 -39.73
CA VAL L 35 36.54 12.09 -39.58
C VAL L 35 37.04 12.53 -40.94
N MET L 36 37.52 13.76 -41.03
CA MET L 36 38.00 14.31 -42.29
C MET L 36 39.52 14.31 -42.29
N GLY L 37 40.10 13.90 -43.42
CA GLY L 37 41.54 13.78 -43.53
C GLY L 37 42.05 14.46 -44.78
N TRP L 38 43.33 14.82 -44.71
CA TRP L 38 44.06 15.34 -45.86
C TRP L 38 45.23 14.40 -46.16
N PHE L 39 45.39 14.05 -47.43
CA PHE L 39 46.48 13.21 -47.90
C PHE L 39 47.12 13.88 -49.11
N ARG L 40 48.38 13.54 -49.37
CA ARG L 40 49.09 14.09 -50.52
C ARG L 40 49.90 13.01 -51.20
N GLN L 41 50.04 13.14 -52.53
CA GLN L 41 50.79 12.19 -53.33
C GLN L 41 51.62 12.91 -54.38
N ALA L 42 52.90 12.59 -54.45
CA ALA L 42 53.79 12.98 -55.52
C ALA L 42 53.86 11.92 -56.60
N PRO L 43 54.33 12.28 -57.79
CA PRO L 43 54.26 11.36 -58.94
C PRO L 43 54.94 10.02 -58.65
N GLY L 44 54.11 8.97 -58.47
CA GLY L 44 54.68 7.67 -58.18
C GLY L 44 54.13 7.11 -56.88
N LYS L 45 54.78 7.67 -55.89
CA LYS L 45 54.84 7.60 -54.45
C LYS L 45 53.52 7.25 -53.86
N GLU L 46 53.69 6.66 -52.69
CA GLU L 46 52.66 5.99 -51.93
C GLU L 46 51.81 7.04 -51.22
N ARG L 47 50.54 6.73 -50.99
CA ARG L 47 49.78 7.80 -50.41
C ARG L 47 50.51 8.36 -49.20
N GLU L 48 50.57 9.67 -49.04
CA GLU L 48 51.13 10.16 -47.80
C GLU L 48 50.03 10.83 -46.98
N PHE L 49 49.84 10.36 -45.75
CA PHE L 49 48.98 11.03 -44.78
C PHE L 49 49.63 12.31 -44.31
N VAL L 50 48.84 13.38 -44.25
CA VAL L 50 49.28 14.67 -43.73
C VAL L 50 48.57 15.03 -42.43
N ALA L 51 47.24 15.05 -42.44
CA ALA L 51 46.50 15.49 -41.26
C ALA L 51 45.08 14.95 -41.28
N ALA L 52 44.50 14.87 -40.08
CA ALA L 52 43.12 14.47 -39.88
C ALA L 52 42.54 15.17 -38.66
N ILE L 53 41.21 15.29 -38.65
CA ILE L 53 40.47 15.99 -37.61
C ILE L 53 39.21 15.21 -37.27
N SER L 54 38.92 15.10 -35.97
CA SER L 54 37.79 14.29 -35.51
C SER L 54 36.46 14.99 -35.80
N TRP L 55 35.37 14.26 -35.53
CA TRP L 55 34.02 14.73 -35.85
C TRP L 55 33.77 16.13 -35.31
N THR L 56 34.15 16.38 -34.06
CA THR L 56 33.87 17.65 -33.39
C THR L 56 35.04 18.61 -33.46
N GLY L 57 36.17 18.17 -34.01
CA GLY L 57 37.37 18.97 -34.00
C GLY L 57 38.21 18.83 -32.75
N ALA L 58 37.85 17.94 -31.83
CA ALA L 58 38.56 17.86 -30.57
C ALA L 58 39.92 17.18 -30.74
N ASN L 59 39.97 16.12 -31.53
CA ASN L 59 41.21 15.43 -31.85
C ASN L 59 41.72 15.87 -33.21
N SER L 60 43.03 16.05 -33.31
CA SER L 60 43.71 16.24 -34.59
C SER L 60 44.94 15.36 -34.64
N TYR L 61 45.22 14.81 -35.81
CA TYR L 61 46.35 13.93 -36.05
C TYR L 61 47.17 14.52 -37.18
N TYR L 62 48.50 14.46 -37.06
CA TYR L 62 49.38 15.06 -38.05
C TYR L 62 50.54 14.13 -38.33
N ALA L 63 51.04 14.20 -39.58
CA ALA L 63 52.30 13.56 -39.91
C ALA L 63 53.46 14.36 -39.32
N ASP L 64 54.53 13.65 -38.96
CA ASP L 64 55.71 14.33 -38.45
C ASP L 64 56.26 15.33 -39.45
N SER L 65 56.03 15.07 -40.75
CA SER L 65 56.57 15.95 -41.78
C SER L 65 56.00 17.36 -41.71
N VAL L 66 54.80 17.51 -41.14
CA VAL L 66 54.11 18.79 -41.17
C VAL L 66 53.65 19.26 -39.80
N ALA L 67 54.09 18.58 -38.74
CA ALA L 67 53.46 18.74 -37.44
C ALA L 67 53.45 20.19 -36.97
N GLY L 68 54.49 20.96 -37.27
CA GLY L 68 54.54 22.33 -36.77
C GLY L 68 54.02 23.38 -37.72
N ARG L 69 53.99 23.07 -39.02
CA ARG L 69 53.67 24.03 -40.06
C ARG L 69 52.20 24.00 -40.48
N PHE L 70 51.58 22.82 -40.57
CA PHE L 70 50.23 22.70 -41.11
C PHE L 70 49.20 22.64 -40.00
N THR L 71 48.00 23.16 -40.29
CA THR L 71 46.88 23.12 -39.37
C THR L 71 45.61 22.71 -40.10
N ILE L 72 44.91 21.71 -39.55
CA ILE L 72 43.64 21.24 -40.08
C ILE L 72 42.50 21.76 -39.21
N SER L 73 41.38 22.09 -39.84
CA SER L 73 40.20 22.58 -39.16
C SER L 73 38.98 22.17 -39.98
N ARG L 74 37.81 22.20 -39.35
CA ARG L 74 36.58 21.85 -40.02
C ARG L 74 35.47 22.81 -39.64
N ASP L 75 34.45 22.86 -40.51
CA ASP L 75 33.25 23.68 -40.28
C ASP L 75 32.03 22.79 -40.53
N ASN L 76 31.36 22.37 -39.45
CA ASN L 76 30.21 21.48 -39.57
C ASN L 76 28.93 22.22 -39.93
N ALA L 77 28.95 23.56 -39.92
CA ALA L 77 27.81 24.31 -40.43
C ALA L 77 27.89 24.46 -41.95
N LYS L 78 29.06 24.84 -42.45
CA LYS L 78 29.30 24.96 -43.89
C LYS L 78 29.71 23.64 -44.55
N ASN L 79 29.93 22.59 -43.75
CA ASN L 79 30.30 21.27 -44.27
C ASN L 79 31.60 21.32 -45.07
N THR L 80 32.64 21.89 -44.48
CA THR L 80 33.94 22.01 -45.12
C THR L 80 35.02 21.57 -44.15
N VAL L 81 36.13 21.10 -44.72
CA VAL L 81 37.37 20.86 -43.98
C VAL L 81 38.46 21.67 -44.65
N ALA L 82 39.35 22.24 -43.85
CA ALA L 82 40.41 23.10 -44.38
C ALA L 82 41.77 22.67 -43.87
N LEU L 83 42.79 22.90 -44.70
CA LEU L 83 44.18 22.68 -44.33
C LEU L 83 44.98 23.96 -44.57
N GLN L 84 45.35 24.63 -43.49
CA GLN L 84 46.25 25.77 -43.58
C GLN L 84 47.69 25.27 -43.62
N MET L 85 48.40 25.53 -44.72
CA MET L 85 49.79 25.11 -44.88
C MET L 85 50.69 26.33 -44.80
N ASN L 86 51.68 26.29 -43.91
CA ASN L 86 52.63 27.37 -43.76
C ASN L 86 54.05 26.86 -43.97
N SER L 87 54.96 27.79 -44.26
CA SER L 87 56.39 27.48 -44.37
C SER L 87 56.60 26.27 -45.30
N LEU L 88 55.95 26.33 -46.45
CA LEU L 88 55.98 25.25 -47.42
C LEU L 88 57.39 25.15 -47.99
N LYS L 89 57.87 23.92 -48.32
CA LYS L 89 59.15 23.93 -49.01
C LYS L 89 58.83 23.22 -50.35
N PRO L 90 59.71 23.27 -51.36
CA PRO L 90 59.40 22.53 -52.60
C PRO L 90 59.04 21.06 -52.45
N GLU L 91 59.56 20.32 -51.46
CA GLU L 91 59.16 18.91 -51.28
C GLU L 91 57.71 18.77 -50.83
N ASP L 92 57.07 19.87 -50.49
CA ASP L 92 55.63 19.82 -50.20
C ASP L 92 54.82 19.82 -51.50
N THR L 93 55.49 19.91 -52.66
CA THR L 93 54.81 19.90 -53.95
C THR L 93 54.05 18.60 -54.17
N ALA L 94 52.73 18.68 -54.36
CA ALA L 94 51.97 17.46 -54.54
C ALA L 94 50.53 17.76 -54.91
N ILE L 95 49.81 16.70 -55.27
CA ILE L 95 48.36 16.72 -55.30
C ILE L 95 47.87 16.44 -53.89
N TYR L 96 47.05 17.32 -53.35
CA TYR L 96 46.54 17.15 -52.00
C TYR L 96 45.09 16.66 -52.08
N TYR L 97 44.82 15.57 -51.37
CA TYR L 97 43.55 14.88 -51.43
C TYR L 97 42.76 15.05 -50.14
N CYS L 98 41.49 15.41 -50.28
CA CYS L 98 40.52 15.36 -49.19
C CYS L 98 39.94 13.96 -49.10
N ALA L 99 39.82 13.45 -47.87
CA ALA L 99 39.30 12.11 -47.65
C ALA L 99 38.42 12.12 -46.42
N ALA L 100 37.42 11.23 -46.43
CA ALA L 100 36.49 11.10 -45.32
C ALA L 100 36.39 9.63 -44.91
N ASP L 101 36.29 9.40 -43.60
CA ASP L 101 35.99 8.09 -43.06
C ASP L 101 35.30 8.27 -41.71
N HIS L 102 34.61 7.22 -41.28
CA HIS L 102 33.86 7.29 -40.03
C HIS L 102 34.78 7.43 -38.81
N PHE L 103 35.99 6.88 -38.90
CA PHE L 103 36.98 6.99 -37.84
C PHE L 103 38.33 7.27 -38.47
N HIS L 104 39.23 7.87 -37.70
CA HIS L 104 40.60 7.99 -38.16
C HIS L 104 41.22 6.60 -38.24
N VAL L 105 41.86 6.29 -39.36
CA VAL L 105 42.44 4.97 -39.56
C VAL L 105 43.83 5.08 -40.17
N THR L 106 44.68 4.10 -39.82
CA THR L 106 46.01 3.99 -40.37
C THR L 106 46.29 2.67 -41.08
N HIS L 107 45.53 1.61 -40.77
CA HIS L 107 45.76 0.33 -41.41
C HIS L 107 45.13 0.24 -42.80
N ARG L 108 44.40 1.26 -43.24
CA ARG L 108 43.78 1.16 -44.54
C ARG L 108 43.45 2.51 -45.18
N LYS L 109 42.98 2.41 -46.44
CA LYS L 109 42.33 3.53 -47.11
C LYS L 109 41.31 4.19 -46.19
N TYR L 110 41.18 5.52 -46.30
CA TYR L 110 39.88 6.13 -46.03
C TYR L 110 38.82 5.69 -47.05
N ASP L 111 37.54 5.79 -46.66
CA ASP L 111 36.47 5.28 -47.51
C ASP L 111 36.22 6.16 -48.72
N TYR L 112 36.17 7.47 -48.54
CA TYR L 112 35.68 8.40 -49.56
C TYR L 112 36.72 9.45 -49.89
N TRP L 113 36.69 9.92 -51.15
CA TRP L 113 37.79 10.71 -51.68
C TRP L 113 37.34 11.81 -52.61
N GLY L 114 38.08 12.92 -52.57
CA GLY L 114 37.93 13.99 -53.53
C GLY L 114 38.79 13.77 -54.75
N GLN L 115 38.76 14.78 -55.63
CA GLN L 115 39.46 14.69 -56.91
C GLN L 115 40.90 15.20 -56.83
N GLY L 116 41.29 15.82 -55.72
CA GLY L 116 42.66 16.30 -55.60
C GLY L 116 42.83 17.70 -56.15
N THR L 117 43.74 18.45 -55.52
CA THR L 117 44.11 19.78 -55.98
C THR L 117 45.63 19.87 -55.95
N GLN L 118 46.21 20.36 -57.03
CA GLN L 118 47.66 20.35 -57.20
C GLN L 118 48.28 21.56 -56.52
N VAL L 119 49.26 21.31 -55.65
CA VAL L 119 50.04 22.37 -55.02
C VAL L 119 51.47 22.28 -55.54
N THR L 120 51.96 23.41 -56.08
CA THR L 120 53.32 23.52 -56.58
C THR L 120 54.05 24.56 -55.75
N VAL L 121 55.13 24.15 -55.10
CA VAL L 121 55.97 25.04 -54.30
C VAL L 121 57.26 25.25 -55.09
N SER L 122 57.57 26.51 -55.39
CA SER L 122 58.72 26.84 -56.21
C SER L 122 59.93 27.14 -55.34
N SER L 123 61.11 26.81 -55.86
CA SER L 123 62.35 26.98 -55.12
C SER L 123 62.74 28.45 -55.06
N ALA M 5 -41.47 -15.98 42.22
CA ALA M 5 -40.39 -15.46 41.33
C ALA M 5 -40.97 -14.48 40.31
N THR M 6 -40.08 -13.81 39.58
CA THR M 6 -40.45 -12.86 38.55
C THR M 6 -39.74 -13.18 37.24
N THR M 7 -40.50 -13.25 36.15
CA THR M 7 -39.95 -13.40 34.81
C THR M 7 -40.24 -12.14 34.01
N LEU M 8 -39.18 -11.42 33.65
CA LEU M 8 -39.28 -10.21 32.85
C LEU M 8 -39.06 -10.51 31.38
N LYS M 9 -39.74 -9.75 30.52
CA LYS M 9 -39.68 -9.93 29.08
C LYS M 9 -38.90 -8.78 28.45
N MET M 10 -37.86 -9.11 27.69
CA MET M 10 -37.01 -8.13 27.04
C MET M 10 -37.03 -8.35 25.53
N GLY M 11 -37.35 -7.29 24.79
CA GLY M 11 -37.35 -7.33 23.33
C GLY M 11 -36.24 -6.45 22.77
N MET M 12 -35.75 -6.84 21.59
CA MET M 12 -34.73 -6.05 20.91
C MET M 12 -34.77 -6.35 19.42
N GLN M 13 -34.33 -5.35 18.63
CA GLN M 13 -34.16 -5.57 17.20
C GLN M 13 -32.90 -6.37 16.89
N ALA M 14 -31.88 -6.26 17.74
CA ALA M 14 -30.60 -6.91 17.47
C ALA M 14 -30.77 -8.42 17.47
N SER M 15 -29.94 -9.09 16.66
CA SER M 15 -30.02 -10.52 16.48
C SER M 15 -28.99 -11.25 17.35
N VAL M 16 -29.15 -12.58 17.43
CA VAL M 16 -28.17 -13.39 18.12
C VAL M 16 -26.81 -13.18 17.48
N GLY M 17 -25.77 -13.13 18.32
CA GLY M 17 -24.43 -12.84 17.86
C GLY M 17 -24.09 -11.37 17.82
N SER M 18 -25.04 -10.49 18.10
CA SER M 18 -24.74 -9.07 18.21
C SER M 18 -24.21 -8.73 19.60
N VAL M 19 -23.52 -7.59 19.68
CA VAL M 19 -23.05 -7.12 20.98
C VAL M 19 -24.24 -6.76 21.87
N GLU M 20 -25.32 -6.26 21.28
CA GLU M 20 -26.51 -5.97 22.08
C GLU M 20 -27.11 -7.23 22.67
N TYR M 21 -27.17 -8.30 21.88
CA TYR M 21 -27.75 -9.55 22.37
C TYR M 21 -26.85 -10.19 23.43
N ASN M 22 -25.53 -10.20 23.19
CA ASN M 22 -24.63 -10.82 24.15
C ASN M 22 -24.74 -10.17 25.52
N SER M 23 -24.88 -8.85 25.57
CA SER M 23 -25.04 -8.17 26.84
C SER M 23 -26.41 -8.44 27.45
N ALA M 24 -27.46 -8.48 26.61
CA ALA M 24 -28.78 -8.82 27.12
C ALA M 24 -28.84 -10.25 27.63
N LYS M 25 -28.13 -11.16 26.95
CA LYS M 25 -28.03 -12.54 27.42
C LYS M 25 -27.19 -12.61 28.69
N MET M 26 -26.09 -11.87 28.74
CA MET M 26 -25.31 -11.77 29.97
C MET M 26 -26.15 -11.22 31.11
N LEU M 27 -27.00 -10.22 30.81
CA LEU M 27 -27.87 -9.67 31.84
C LEU M 27 -28.83 -10.73 32.36
N ALA M 28 -29.44 -11.50 31.45
CA ALA M 28 -30.36 -12.55 31.88
C ALA M 28 -29.66 -13.53 32.81
N ASP M 29 -28.46 -13.98 32.45
CA ASP M 29 -27.71 -14.88 33.31
C ASP M 29 -27.38 -14.20 34.63
N THR M 30 -26.91 -12.96 34.57
CA THR M 30 -26.50 -12.27 35.80
C THR M 30 -27.66 -12.10 36.75
N LEU M 31 -28.85 -11.81 36.23
CA LEU M 31 -30.00 -11.58 37.09
C LEU M 31 -30.41 -12.84 37.84
N GLU M 32 -30.39 -14.00 37.17
CA GLU M 32 -30.89 -15.23 37.80
C GLU M 32 -30.03 -15.70 38.97
N GLU M 33 -28.75 -15.85 38.69
CA GLU M 33 -27.60 -15.65 39.58
C GLU M 33 -27.84 -14.67 40.71
N MET M 34 -27.79 -13.39 40.41
CA MET M 34 -27.71 -12.53 41.57
C MET M 34 -28.98 -12.62 42.41
N SER M 35 -30.11 -13.08 41.84
CA SER M 35 -31.34 -13.32 42.59
C SER M 35 -31.52 -14.78 43.04
N GLN M 36 -30.55 -15.64 42.76
CA GLN M 36 -30.67 -17.07 43.06
C GLN M 36 -32.00 -17.63 42.53
N GLY M 37 -32.29 -17.30 41.28
CA GLY M 37 -33.42 -17.86 40.56
C GLY M 37 -34.73 -17.11 40.69
N GLU M 38 -34.78 -16.02 41.44
CA GLU M 38 -36.04 -15.32 41.65
C GLU M 38 -36.34 -14.31 40.55
N ILE M 39 -35.33 -13.82 39.83
CA ILE M 39 -35.53 -12.96 38.67
C ILE M 39 -35.06 -13.70 37.42
N LYS M 40 -35.94 -13.88 36.46
CA LYS M 40 -35.63 -14.46 35.17
C LYS M 40 -35.92 -13.46 34.07
N LEU M 41 -35.13 -13.52 32.99
CA LEU M 41 -35.27 -12.59 31.86
C LEU M 41 -35.40 -13.38 30.57
N ALA M 42 -36.58 -13.31 29.95
CA ALA M 42 -36.82 -13.92 28.65
C ALA M 42 -36.48 -12.93 27.55
N LEU M 43 -35.81 -13.42 26.50
CA LEU M 43 -35.31 -12.57 25.44
C LEU M 43 -36.08 -12.82 24.15
N TYR M 44 -36.39 -11.74 23.44
CA TYR M 44 -37.13 -11.78 22.17
C TYR M 44 -36.37 -10.91 21.17
N PRO M 45 -35.31 -11.43 20.59
CA PRO M 45 -34.47 -10.64 19.68
C PRO M 45 -35.01 -10.65 18.25
N SER M 46 -34.26 -10.00 17.37
CA SER M 46 -34.53 -10.00 15.93
C SER M 46 -35.88 -9.38 15.58
N ALA M 47 -36.34 -8.43 16.41
CA ALA M 47 -37.51 -7.61 16.08
C ALA M 47 -38.77 -8.46 15.90
N GLN M 48 -38.82 -9.62 16.53
CA GLN M 48 -39.99 -10.47 16.41
C GLN M 48 -41.22 -9.86 17.08
N LEU M 49 -41.03 -8.92 18.01
CA LEU M 49 -42.12 -8.19 18.62
C LEU M 49 -42.39 -6.85 17.93
N GLY M 50 -41.59 -6.50 16.92
CA GLY M 50 -41.63 -5.20 16.28
C GLY M 50 -40.31 -4.48 16.41
N ASP M 51 -40.24 -3.30 15.79
CA ASP M 51 -39.04 -2.49 15.91
C ASP M 51 -39.03 -1.77 17.26
N ASP M 52 -37.97 -0.99 17.51
CA ASP M 52 -37.84 -0.31 18.80
C ASP M 52 -39.03 0.61 19.05
N ARG M 53 -39.56 1.23 17.98
CA ARG M 53 -40.74 2.09 18.13
C ARG M 53 -41.93 1.29 18.65
N ALA M 54 -42.16 0.10 18.09
CA ALA M 54 -43.25 -0.74 18.54
C ALA M 54 -43.01 -1.26 19.95
N MET M 55 -41.77 -1.65 20.27
CA MET M 55 -41.48 -2.20 21.59
C MET M 55 -41.55 -1.13 22.67
N LEU M 56 -41.08 0.08 22.36
CA LEU M 56 -41.28 1.19 23.29
C LEU M 56 -42.77 1.38 23.58
N GLN M 57 -43.61 1.29 22.56
CA GLN M 57 -45.05 1.41 22.76
C GLN M 57 -45.59 0.29 23.64
N GLN M 58 -45.03 -0.92 23.52
CA GLN M 58 -45.51 -2.03 24.34
C GLN M 58 -45.15 -1.80 25.81
N LEU M 59 -43.97 -1.23 26.07
CA LEU M 59 -43.62 -0.87 27.42
C LEU M 59 -44.58 0.18 27.97
N THR M 60 -44.94 1.18 27.14
CA THR M 60 -45.85 2.23 27.58
C THR M 60 -47.16 1.63 28.08
N LEU M 61 -47.65 0.59 27.40
CA LEU M 61 -48.91 -0.04 27.75
C LEU M 61 -48.74 -1.20 28.72
N GLY M 62 -47.50 -1.52 29.12
CA GLY M 62 -47.28 -2.58 30.09
C GLY M 62 -47.29 -3.97 29.53
N ASP M 63 -47.15 -4.14 28.21
CA ASP M 63 -47.17 -5.44 27.57
C ASP M 63 -45.78 -6.02 27.38
N LEU M 64 -44.74 -5.21 27.51
CA LEU M 64 -43.35 -5.66 27.45
C LEU M 64 -42.61 -4.95 28.57
N ASP M 65 -41.64 -5.63 29.16
CA ASP M 65 -41.02 -5.13 30.38
C ASP M 65 -39.77 -4.30 30.11
N ILE M 66 -38.86 -4.79 29.26
CA ILE M 66 -37.59 -4.13 29.03
C ILE M 66 -37.32 -4.08 27.53
N THR M 67 -36.67 -3.01 27.08
CA THR M 67 -36.21 -2.91 25.71
C THR M 67 -35.06 -1.93 25.61
N TYR M 68 -34.36 -1.97 24.48
CA TYR M 68 -33.33 -0.99 24.17
C TYR M 68 -33.94 0.21 23.44
N ALA M 69 -33.35 1.39 23.67
CA ALA M 69 -33.62 2.54 22.83
C ALA M 69 -32.47 3.54 22.98
N GLU M 70 -32.20 4.28 21.91
CA GLU M 70 -31.26 5.39 21.99
C GLU M 70 -31.93 6.59 22.65
N PHE M 71 -31.11 7.40 23.33
CA PHE M 71 -31.65 8.57 24.01
C PHE M 71 -32.33 9.51 23.04
N GLY M 72 -31.77 9.66 21.83
CA GLY M 72 -32.41 10.48 20.83
C GLY M 72 -33.68 9.87 20.28
N ARG M 73 -33.81 8.54 20.34
CA ARG M 73 -35.05 7.91 19.90
C ARG M 73 -36.24 8.33 20.75
N MET M 74 -35.99 8.90 21.93
CA MET M 74 -37.06 9.44 22.75
C MET M 74 -37.76 10.62 22.09
N GLY M 75 -37.15 11.21 21.05
CA GLY M 75 -37.82 12.24 20.29
C GLY M 75 -39.13 11.80 19.69
N LEU M 76 -39.33 10.49 19.56
CA LEU M 76 -40.63 9.98 19.12
C LEU M 76 -41.74 10.40 20.09
N ALA M 77 -41.38 10.63 21.34
CA ALA M 77 -42.33 10.99 22.39
C ALA M 77 -42.06 12.37 22.99
N ILE M 78 -40.80 12.80 23.04
CA ILE M 78 -40.37 14.03 23.70
C ILE M 78 -39.53 14.78 22.69
N PRO M 79 -40.13 15.61 21.83
CA PRO M 79 -39.41 16.07 20.64
C PRO M 79 -38.04 16.66 20.89
N ARG M 80 -37.87 17.44 21.97
CA ARG M 80 -36.58 18.06 22.22
C ARG M 80 -35.47 17.03 22.42
N ALA M 81 -35.83 15.82 22.85
CA ALA M 81 -34.82 14.80 23.11
C ALA M 81 -34.11 14.35 21.85
N GLU M 82 -34.71 14.54 20.68
CA GLU M 82 -34.07 14.13 19.43
C GLU M 82 -32.78 14.89 19.18
N ALA M 83 -32.59 16.05 19.82
CA ALA M 83 -31.42 16.88 19.52
C ALA M 83 -30.11 16.16 19.78
N VAL M 84 -30.07 15.27 20.78
CA VAL M 84 -28.81 14.59 21.05
C VAL M 84 -28.38 13.75 19.86
N MET M 85 -29.31 13.41 18.98
CA MET M 85 -29.06 12.55 17.83
C MET M 85 -28.92 13.30 16.50
N LEU M 86 -29.10 14.61 16.48
CA LEU M 86 -28.84 15.34 15.25
C LEU M 86 -27.45 15.01 14.73
N PRO M 87 -27.28 14.79 13.42
CA PRO M 87 -25.97 14.36 12.91
C PRO M 87 -24.87 15.32 13.32
N TYR M 88 -23.78 14.76 13.83
CA TYR M 88 -22.53 15.42 14.22
C TYR M 88 -22.63 16.33 15.44
N VAL M 89 -23.79 16.41 16.11
CA VAL M 89 -23.88 17.27 17.28
C VAL M 89 -23.14 16.65 18.46
N ALA M 90 -23.33 15.36 18.69
CA ALA M 90 -22.61 14.65 19.75
C ALA M 90 -21.23 14.23 19.24
N LYS M 91 -20.19 14.62 19.97
CA LYS M 91 -18.83 14.38 19.52
C LYS M 91 -18.38 12.95 19.80
N ASP M 92 -18.71 12.42 20.96
CA ASP M 92 -18.33 11.06 21.34
C ASP M 92 -19.30 10.60 22.42
N PHE M 93 -19.12 9.36 22.88
CA PHE M 93 -20.05 8.81 23.85
C PHE M 93 -20.01 9.61 25.15
N ASP M 94 -18.83 10.04 25.58
CA ASP M 94 -18.73 10.80 26.82
C ASP M 94 -19.55 12.07 26.75
N HIS M 95 -19.47 12.79 25.63
CA HIS M 95 -20.29 13.98 25.42
C HIS M 95 -21.78 13.62 25.45
N LEU M 96 -22.17 12.56 24.73
CA LEU M 96 -23.57 12.15 24.72
C LEU M 96 -24.03 11.74 26.11
N ARG M 97 -23.19 11.04 26.87
CA ARG M 97 -23.55 10.69 28.24
C ARG M 97 -23.72 11.93 29.09
N ARG M 98 -22.93 12.98 28.83
CA ARG M 98 -23.09 14.24 29.56
C ARG M 98 -24.44 14.89 29.26
N MET M 99 -24.88 14.83 28.00
CA MET M 99 -26.25 15.28 27.69
C MET M 99 -27.26 14.46 28.48
N PHE M 100 -27.05 13.13 28.53
CA PHE M 100 -27.95 12.23 29.24
C PHE M 100 -27.97 12.54 30.73
N GLU M 101 -26.84 13.00 31.28
CA GLU M 101 -26.72 13.27 32.70
C GLU M 101 -27.06 14.72 33.08
N SER M 102 -27.17 15.61 32.10
CA SER M 102 -27.42 17.02 32.39
C SER M 102 -28.83 17.24 32.97
N ASP M 103 -29.06 18.47 33.42
CA ASP M 103 -30.40 18.84 33.87
C ASP M 103 -31.40 18.67 32.75
N PHE M 104 -31.01 19.03 31.52
CA PHE M 104 -31.84 18.74 30.36
C PHE M 104 -32.09 17.25 30.23
N GLY M 105 -31.04 16.45 30.38
CA GLY M 105 -31.20 15.00 30.32
C GLY M 105 -32.17 14.50 31.38
N GLN M 106 -32.00 14.97 32.61
CA GLN M 106 -32.92 14.56 33.68
C GLN M 106 -34.35 14.98 33.38
N GLY M 107 -34.53 16.13 32.72
CA GLY M 107 -35.89 16.55 32.37
C GLY M 107 -36.54 15.60 31.39
N VAL M 108 -35.80 15.20 30.35
CA VAL M 108 -36.33 14.23 29.40
C VAL M 108 -36.62 12.91 30.12
N ARG M 109 -35.70 12.48 30.98
CA ARG M 109 -35.88 11.21 31.68
C ARG M 109 -37.07 11.25 32.62
N ASP M 110 -37.33 12.40 33.25
CA ASP M 110 -38.53 12.52 34.07
C ASP M 110 -39.79 12.41 33.22
N GLU M 111 -39.79 13.07 32.06
CA GLU M 111 -40.96 13.04 31.20
C GLU M 111 -41.18 11.64 30.62
N MET M 112 -40.09 10.94 30.30
CA MET M 112 -40.22 9.56 29.87
C MET M 112 -40.98 8.72 30.90
N LEU M 113 -40.60 8.84 32.17
CA LEU M 113 -41.18 7.99 33.21
C LEU M 113 -42.64 8.35 33.48
N GLN M 114 -42.94 9.62 33.66
CA GLN M 114 -44.30 10.01 34.04
C GLN M 114 -45.25 9.97 32.85
N LYS M 115 -44.80 10.41 31.68
CA LYS M 115 -45.72 10.50 30.55
C LYS M 115 -45.77 9.23 29.69
N PHE M 116 -44.73 8.40 29.73
CA PHE M 116 -44.63 7.26 28.83
C PHE M 116 -44.22 5.95 29.49
N ASN M 117 -44.13 5.90 30.82
CA ASN M 117 -43.90 4.64 31.53
C ASN M 117 -42.54 4.03 31.20
N TRP M 118 -41.53 4.88 30.96
CA TRP M 118 -40.19 4.43 30.63
C TRP M 118 -39.23 4.88 31.71
N ARG M 119 -38.62 3.92 32.41
CA ARG M 119 -37.56 4.22 33.37
C ARG M 119 -36.22 3.83 32.75
N ALA M 120 -35.40 4.84 32.43
CA ALA M 120 -34.05 4.60 31.93
C ALA M 120 -33.15 4.20 33.09
N LEU M 121 -32.67 2.95 33.07
CA LEU M 121 -31.82 2.45 34.14
C LEU M 121 -30.35 2.81 33.95
N ASP M 122 -29.91 2.88 32.70
CA ASP M 122 -28.53 3.20 32.34
C ASP M 122 -28.54 3.49 30.84
N THR M 123 -27.42 3.99 30.34
CA THR M 123 -27.23 4.10 28.90
C THR M 123 -25.82 3.65 28.57
N TRP M 124 -25.70 2.86 27.49
CA TRP M 124 -24.44 2.29 27.06
C TRP M 124 -24.03 2.86 25.71
N TYR M 125 -22.75 2.70 25.39
CA TYR M 125 -22.24 3.04 24.06
C TYR M 125 -22.54 1.90 23.10
N ASN M 126 -23.15 2.21 21.96
CA ASN M 126 -23.42 1.22 20.93
C ASN M 126 -22.66 1.48 19.63
N GLY M 127 -21.84 2.53 19.57
CA GLY M 127 -20.98 2.77 18.44
C GLY M 127 -21.36 4.03 17.67
N THR M 128 -20.43 4.46 16.83
CA THR M 128 -20.60 5.62 15.96
C THR M 128 -20.87 5.16 14.55
N ARG M 129 -21.91 5.72 13.93
CA ARG M 129 -22.38 5.22 12.64
C ARG M 129 -21.48 5.67 11.49
N GLU M 130 -21.15 4.72 10.62
CA GLU M 130 -20.40 4.94 9.39
C GLU M 130 -21.27 4.52 8.21
N THR M 131 -20.78 4.79 7.00
CA THR M 131 -21.53 4.56 5.77
C THR M 131 -20.84 3.52 4.88
N THR M 132 -21.58 2.48 4.51
CA THR M 132 -21.13 1.48 3.54
C THR M 132 -21.87 1.65 2.23
N SER M 133 -21.25 1.19 1.13
CA SER M 133 -21.87 1.36 -0.17
C SER M 133 -21.27 0.40 -1.20
N ASN M 134 -21.98 0.26 -2.32
CA ASN M 134 -21.49 -0.47 -3.48
C ASN M 134 -20.64 0.41 -4.40
N ARG M 135 -20.61 1.73 -4.17
CA ARG M 135 -19.76 2.66 -4.90
C ARG M 135 -18.76 3.30 -3.94
N PRO M 136 -17.57 3.70 -4.40
CA PRO M 136 -16.64 4.40 -3.50
C PRO M 136 -17.18 5.79 -3.17
N LEU M 137 -16.99 6.19 -1.91
CA LEU M 137 -17.48 7.48 -1.40
C LEU M 137 -16.32 8.33 -0.89
N ASN M 138 -15.48 8.79 -1.81
CA ASN M 138 -14.32 9.60 -1.46
C ASN M 138 -14.71 10.98 -0.93
N SER M 139 -15.72 11.63 -1.51
CA SER M 139 -16.14 12.95 -1.06
C SER M 139 -17.65 12.96 -0.93
N ILE M 140 -18.16 14.03 -0.31
CA ILE M 140 -19.61 14.21 -0.21
C ILE M 140 -20.26 14.17 -1.59
N GLU M 141 -19.52 14.59 -2.62
CA GLU M 141 -20.08 14.62 -3.96
C GLU M 141 -20.36 13.22 -4.48
N ASP M 142 -19.67 12.21 -3.96
CA ASP M 142 -19.93 10.84 -4.35
C ASP M 142 -21.25 10.36 -3.78
N PHE M 143 -21.86 11.10 -2.87
CA PHE M 143 -23.14 10.65 -2.31
C PHE M 143 -24.34 10.86 -3.23
N LYS M 144 -24.31 11.82 -4.15
CA LYS M 144 -25.47 12.17 -4.98
C LYS M 144 -25.78 11.02 -5.94
N GLY M 145 -27.07 10.64 -5.96
CA GLY M 145 -27.59 9.47 -6.67
C GLY M 145 -27.44 8.15 -5.96
N LEU M 146 -26.90 8.17 -4.76
CA LEU M 146 -26.82 6.97 -3.93
C LEU M 146 -28.15 6.70 -3.26
N LYS M 147 -28.63 5.50 -3.43
CA LYS M 147 -29.81 5.13 -2.70
C LYS M 147 -29.44 4.57 -1.34
N LEU M 148 -29.54 5.43 -0.35
CA LEU M 148 -28.95 5.15 0.93
C LEU M 148 -30.06 4.73 1.86
N ARG M 149 -29.95 3.50 2.34
CA ARG M 149 -30.89 3.00 3.33
C ARG M 149 -30.67 3.68 4.67
N VAL M 150 -31.76 4.07 5.31
CA VAL M 150 -31.74 4.61 6.67
C VAL M 150 -32.84 3.92 7.47
N PRO M 151 -32.72 3.80 8.78
CA PRO M 151 -33.87 3.38 9.59
C PRO M 151 -34.98 4.42 9.55
N ASN M 152 -36.15 4.01 10.04
CA ASN M 152 -37.27 4.93 10.15
C ASN M 152 -37.05 5.91 11.30
N ALA M 153 -36.05 6.79 11.13
CA ALA M 153 -35.64 7.76 12.13
C ALA M 153 -35.32 9.07 11.41
N LYS M 154 -35.85 10.18 11.92
CA LYS M 154 -35.78 11.43 11.19
C LYS M 154 -34.35 11.88 10.97
N GLN M 155 -33.48 11.69 11.97
CA GLN M 155 -32.13 12.24 11.88
C GLN M 155 -31.23 11.41 10.98
N ASN M 156 -31.48 10.09 10.88
CA ASN M 156 -30.82 9.31 9.84
C ASN M 156 -31.29 9.75 8.46
N LEU M 157 -32.58 10.01 8.32
CA LEU M 157 -33.10 10.54 7.06
C LEU M 157 -32.44 11.87 6.74
N ASN M 158 -32.33 12.76 7.74
CA ASN M 158 -31.70 14.05 7.52
C ASN M 158 -30.25 13.89 7.09
N TYR M 159 -29.51 13.00 7.75
CA TYR M 159 -28.13 12.76 7.35
C TYR M 159 -28.04 12.39 5.88
N ALA M 160 -28.85 11.43 5.44
CA ALA M 160 -28.81 10.98 4.05
C ALA M 160 -29.20 12.12 3.11
N LYS M 161 -30.36 12.73 3.36
CA LYS M 161 -30.86 13.76 2.46
C LYS M 161 -29.88 14.93 2.36
N LEU M 162 -29.40 15.43 3.49
CA LEU M 162 -28.59 16.63 3.48
C LEU M 162 -27.16 16.40 3.00
N SER M 163 -26.69 15.15 2.98
CA SER M 163 -25.45 14.84 2.30
C SER M 163 -25.63 14.70 0.80
N GLY M 164 -26.88 14.64 0.32
CA GLY M 164 -27.18 14.55 -1.09
C GLY M 164 -27.60 13.18 -1.58
N ALA M 165 -27.69 12.18 -0.72
CA ALA M 165 -28.12 10.86 -1.13
C ALA M 165 -29.64 10.83 -1.32
N SER M 166 -30.12 9.75 -1.93
CA SER M 166 -31.55 9.46 -1.99
C SER M 166 -31.90 8.56 -0.81
N PRO M 167 -32.52 9.09 0.24
CA PRO M 167 -32.80 8.26 1.41
C PRO M 167 -33.92 7.26 1.15
N THR M 168 -33.73 6.04 1.64
CA THR M 168 -34.74 4.99 1.58
C THR M 168 -35.00 4.46 2.99
N PRO M 169 -36.08 4.88 3.64
CA PRO M 169 -36.39 4.32 4.96
C PRO M 169 -36.72 2.84 4.84
N MET M 170 -36.12 2.02 5.71
CA MET M 170 -36.31 0.58 5.63
C MET M 170 -36.02 -0.05 6.98
N SER M 171 -36.77 -1.10 7.31
CA SER M 171 -36.62 -1.77 8.59
C SER M 171 -35.33 -2.59 8.61
N PHE M 172 -34.82 -2.79 9.83
CA PHE M 172 -33.49 -3.38 10.01
C PHE M 172 -33.40 -4.80 9.47
N SER M 173 -34.51 -5.56 9.49
CA SER M 173 -34.47 -6.93 9.02
C SER M 173 -34.33 -7.04 7.51
N GLU M 174 -34.75 -6.02 6.76
CA GLU M 174 -34.76 -6.07 5.30
C GLU M 174 -33.46 -5.60 4.68
N VAL M 175 -32.50 -5.16 5.49
CA VAL M 175 -31.37 -4.40 4.95
C VAL M 175 -30.42 -5.31 4.19
N TYR M 176 -30.00 -6.41 4.79
CA TYR M 176 -28.97 -7.25 4.18
C TYR M 176 -29.38 -7.66 2.77
N LEU M 177 -30.61 -8.12 2.60
CA LEU M 177 -31.06 -8.59 1.29
C LEU M 177 -31.14 -7.44 0.30
N ALA M 178 -31.59 -6.27 0.77
CA ALA M 178 -31.66 -5.11 -0.12
C ALA M 178 -30.29 -4.73 -0.66
N LEU M 179 -29.22 -4.94 0.14
CA LEU M 179 -27.86 -4.73 -0.34
C LEU M 179 -27.45 -5.83 -1.29
N GLN M 180 -27.81 -7.08 -0.96
CA GLN M 180 -27.51 -8.18 -1.87
C GLN M 180 -28.12 -7.89 -3.22
N THR M 181 -29.34 -7.37 -3.25
CA THR M 181 -29.98 -7.12 -4.51
C THR M 181 -29.80 -5.74 -5.12
N ASN M 182 -29.06 -4.78 -4.54
CA ASN M 182 -28.90 -3.47 -5.23
C ASN M 182 -30.26 -2.82 -5.61
N ALA M 183 -31.34 -3.26 -4.94
CA ALA M 183 -32.40 -2.30 -4.63
C ALA M 183 -31.80 -1.17 -3.82
N VAL M 184 -30.69 -1.46 -3.15
CA VAL M 184 -29.87 -0.49 -2.44
C VAL M 184 -28.36 -0.49 -2.76
N ASP M 185 -27.81 0.72 -2.74
CA ASP M 185 -26.40 1.03 -2.93
C ASP M 185 -25.65 1.06 -1.61
N GLY M 186 -26.31 1.52 -0.54
CA GLY M 186 -25.62 1.67 0.74
C GLY M 186 -26.56 1.67 1.93
N GLN M 187 -25.92 1.60 3.11
CA GLN M 187 -26.58 1.71 4.39
C GLN M 187 -25.56 2.33 5.36
N GLU M 188 -26.04 2.67 6.56
CA GLU M 188 -25.20 3.35 7.54
C GLU M 188 -25.50 2.79 8.92
N ASN M 189 -24.46 2.36 9.61
CA ASN M 189 -24.59 1.71 10.91
C ASN M 189 -23.23 1.73 11.59
N PRO M 190 -23.17 1.42 12.88
CA PRO M 190 -21.87 1.31 13.54
C PRO M 190 -21.11 0.08 13.04
N LEU M 191 -19.79 0.13 13.22
CA LEU M 191 -18.94 -0.94 12.69
C LEU M 191 -19.28 -2.29 13.29
N PRO M 192 -19.51 -2.42 14.60
CA PRO M 192 -19.89 -3.74 15.14
C PRO M 192 -21.15 -4.31 14.52
N THR M 193 -22.11 -3.45 14.17
CA THR M 193 -23.32 -3.95 13.51
C THR M 193 -23.02 -4.41 12.09
N ILE M 194 -22.15 -3.68 11.38
CA ILE M 194 -21.77 -4.08 10.03
C ILE M 194 -21.12 -5.45 10.06
N LYS M 195 -20.34 -5.73 11.12
CA LYS M 195 -19.73 -7.04 11.27
C LYS M 195 -20.77 -8.09 11.61
N THR M 196 -21.56 -7.84 12.67
CA THR M 196 -22.54 -8.83 13.11
C THR M 196 -23.50 -9.18 11.99
N MET M 197 -24.10 -8.18 11.36
CA MET M 197 -25.04 -8.41 10.27
C MET M 197 -24.35 -8.85 8.99
N LYS M 198 -23.02 -8.76 8.93
CA LYS M 198 -22.26 -9.15 7.74
C LYS M 198 -22.63 -8.30 6.54
N PHE M 199 -22.92 -7.03 6.77
CA PHE M 199 -23.11 -6.13 5.64
C PHE M 199 -21.86 -6.04 4.75
N TYR M 200 -20.65 -6.28 5.30
CA TYR M 200 -19.38 -6.01 4.60
C TYR M 200 -19.17 -6.91 3.40
N GLU M 201 -19.65 -8.16 3.52
CA GLU M 201 -19.79 -9.19 2.49
C GLU M 201 -20.81 -8.88 1.45
N VAL M 202 -21.66 -7.87 1.65
CA VAL M 202 -22.45 -7.36 0.54
C VAL M 202 -22.14 -5.90 0.21
N GLN M 203 -21.14 -5.29 0.87
CA GLN M 203 -20.80 -3.89 0.61
C GLN M 203 -19.29 -3.79 0.44
N LYS M 204 -18.83 -3.27 -0.69
CA LYS M 204 -17.39 -3.26 -0.95
C LYS M 204 -16.67 -2.03 -0.41
N ASN M 205 -17.41 -1.01 0.06
CA ASN M 205 -16.81 0.24 0.51
C ASN M 205 -17.30 0.61 1.89
N LEU M 206 -16.44 1.28 2.65
CA LEU M 206 -16.78 1.76 3.99
C LEU M 206 -16.25 3.19 4.11
N ALA M 207 -17.15 4.13 4.38
CA ALA M 207 -16.84 5.56 4.44
C ALA M 207 -16.96 6.11 5.85
N MET M 208 -15.86 6.13 6.57
CA MET M 208 -15.79 6.68 7.92
C MET M 208 -16.38 8.08 8.06
N THR M 209 -17.70 8.20 8.07
CA THR M 209 -18.35 9.51 8.11
C THR M 209 -18.69 9.98 9.53
N HIS M 210 -18.66 9.08 10.52
CA HIS M 210 -18.82 9.44 11.93
C HIS M 210 -20.04 10.32 12.18
N HIS M 211 -21.14 10.06 11.47
CA HIS M 211 -22.17 11.10 11.45
C HIS M 211 -23.07 11.09 12.68
N ILE M 212 -23.30 9.94 13.30
CA ILE M 212 -24.15 9.88 14.50
C ILE M 212 -23.51 8.95 15.53
N VAL M 213 -23.49 9.40 16.78
CA VAL M 213 -23.05 8.57 17.91
C VAL M 213 -24.28 7.92 18.52
N ASN M 214 -24.28 6.59 18.58
CA ASN M 214 -25.39 5.84 19.16
C ASN M 214 -25.08 5.42 20.58
N ASP M 215 -25.94 5.81 21.52
CA ASP M 215 -25.99 5.16 22.82
C ASP M 215 -27.05 4.06 22.75
N GLN M 216 -27.34 3.42 23.89
CA GLN M 216 -28.46 2.49 23.97
C GLN M 216 -28.91 2.40 25.43
N MET M 217 -30.01 3.08 25.75
CA MET M 217 -30.59 2.99 27.08
C MET M 217 -31.26 1.63 27.27
N VAL M 218 -31.12 1.09 28.48
CA VAL M 218 -31.92 -0.03 28.97
C VAL M 218 -33.11 0.56 29.70
N ILE M 219 -34.31 0.35 29.16
CA ILE M 219 -35.53 0.88 29.77
C ILE M 219 -36.41 -0.28 30.22
N ILE M 220 -36.89 -0.19 31.45
CA ILE M 220 -37.88 -1.06 32.05
C ILE M 220 -39.18 -0.28 32.11
N SER M 221 -40.29 -1.00 31.92
CA SER M 221 -41.61 -0.43 32.13
C SER M 221 -41.76 0.02 33.58
N GLU M 222 -42.14 1.29 33.77
CA GLU M 222 -42.23 1.83 35.12
C GLU M 222 -43.28 1.08 35.95
N SER M 223 -44.36 0.63 35.31
CA SER M 223 -45.35 -0.15 36.04
C SER M 223 -44.77 -1.49 36.47
N THR M 224 -43.88 -2.07 35.67
CA THR M 224 -43.19 -3.29 36.08
C THR M 224 -42.20 -2.98 37.19
N TRP M 225 -41.47 -1.86 37.06
CA TRP M 225 -40.51 -1.47 38.08
C TRP M 225 -41.15 -1.33 39.44
N GLN M 226 -42.33 -0.70 39.51
CA GLN M 226 -42.96 -0.45 40.79
C GLN M 226 -43.49 -1.71 41.46
N LYS M 227 -43.59 -2.82 40.72
CA LYS M 227 -43.98 -4.11 41.30
C LYS M 227 -42.80 -4.89 41.86
N LEU M 228 -41.57 -4.49 41.55
CA LEU M 228 -40.38 -5.16 42.05
C LEU M 228 -40.09 -4.73 43.49
N SER M 229 -39.45 -5.61 44.24
CA SER M 229 -38.95 -5.28 45.56
C SER M 229 -37.69 -4.44 45.47
N ASP M 230 -37.37 -3.77 46.59
CA ASP M 230 -36.16 -2.95 46.61
C ASP M 230 -34.91 -3.78 46.36
N THR M 231 -34.90 -5.03 46.83
CA THR M 231 -33.78 -5.92 46.54
C THR M 231 -33.74 -6.28 45.07
N ASP M 232 -34.91 -6.59 44.48
CA ASP M 232 -34.95 -6.85 43.05
C ASP M 232 -34.51 -5.62 42.26
N LYS M 233 -34.98 -4.43 42.67
CA LYS M 233 -34.58 -3.19 42.01
C LYS M 233 -33.07 -3.01 42.07
N ASP M 234 -32.47 -3.24 43.24
CA ASP M 234 -31.02 -3.10 43.36
C ASP M 234 -30.29 -4.13 42.51
N ILE M 235 -30.75 -5.39 42.53
CA ILE M 235 -30.13 -6.41 41.69
C ILE M 235 -30.15 -5.97 40.24
N ILE M 236 -31.31 -5.53 39.76
CA ILE M 236 -31.44 -5.15 38.35
C ILE M 236 -30.55 -3.95 38.06
N GLN M 237 -30.64 -2.91 38.90
CA GLN M 237 -29.81 -1.74 38.70
C GLN M 237 -28.33 -2.12 38.68
N LYS M 238 -27.91 -3.00 39.59
CA LYS M 238 -26.50 -3.35 39.67
C LYS M 238 -26.11 -4.24 38.51
N ALA M 239 -26.98 -5.15 38.11
CA ALA M 239 -26.72 -5.94 36.91
C ALA M 239 -26.68 -5.06 35.67
N VAL M 240 -27.71 -4.21 35.50
CA VAL M 240 -27.79 -3.41 34.28
C VAL M 240 -26.59 -2.51 34.14
N GLN M 241 -26.19 -1.79 35.24
CA GLN M 241 -24.75 -1.87 35.50
C GLN M 241 -24.10 -2.99 34.78
N LYS M 242 -23.53 -3.93 35.58
CA LYS M 242 -22.32 -4.67 35.21
C LYS M 242 -22.17 -4.70 33.72
N VAL M 243 -23.26 -5.04 33.07
CA VAL M 243 -23.29 -5.33 31.66
C VAL M 243 -23.03 -4.09 30.81
N GLY M 244 -23.43 -2.90 31.25
CA GLY M 244 -23.15 -1.72 30.46
C GLY M 244 -21.68 -1.39 30.41
N ASP M 245 -20.99 -1.48 31.56
CA ASP M 245 -19.56 -1.23 31.56
C ASP M 245 -18.84 -2.16 30.58
N ALA M 246 -19.18 -3.45 30.61
CA ALA M 246 -18.59 -4.39 29.65
C ALA M 246 -19.02 -4.04 28.23
N HIS M 247 -20.33 -3.81 28.02
CA HIS M 247 -20.84 -3.51 26.68
C HIS M 247 -20.10 -2.32 26.08
N THR M 248 -20.05 -1.21 26.81
CA THR M 248 -19.35 -0.02 26.30
C THR M 248 -17.91 -0.34 25.94
N GLN M 249 -17.22 -1.11 26.79
CA GLN M 249 -15.82 -1.45 26.53
C GLN M 249 -15.71 -2.37 25.31
N THR M 250 -16.61 -3.35 25.21
CA THR M 250 -16.59 -4.24 24.05
C THR M 250 -16.76 -3.45 22.75
N VAL M 251 -17.68 -2.48 22.74
CA VAL M 251 -17.89 -1.71 21.53
C VAL M 251 -16.65 -0.91 21.17
N LYS M 252 -16.04 -0.27 22.17
CA LYS M 252 -14.84 0.53 21.90
C LYS M 252 -13.73 -0.35 21.35
N THR M 253 -13.52 -1.53 21.95
CA THR M 253 -12.50 -2.45 21.46
C THR M 253 -12.77 -2.83 20.01
N GLN M 254 -14.01 -3.22 19.70
CA GLN M 254 -14.33 -3.66 18.34
C GLN M 254 -14.10 -2.54 17.35
N GLU M 255 -14.54 -1.34 17.66
CA GLU M 255 -14.31 -0.21 16.75
C GLU M 255 -12.82 0.03 16.48
N ALA M 256 -11.95 -0.37 17.42
CA ALA M 256 -10.54 -0.15 17.22
C ALA M 256 -9.91 -1.14 16.25
N GLU M 257 -10.30 -2.45 16.27
CA GLU M 257 -9.70 -3.37 15.28
C GLU M 257 -10.45 -3.50 14.02
N LEU M 258 -11.75 -3.22 14.05
CA LEU M 258 -12.62 -3.71 13.01
C LEU M 258 -12.32 -3.07 11.67
N VAL M 259 -11.67 -1.90 11.68
CA VAL M 259 -11.28 -1.27 10.42
C VAL M 259 -10.27 -2.16 9.72
N SER M 260 -9.35 -2.73 10.50
CA SER M 260 -8.37 -3.65 9.96
C SER M 260 -9.03 -4.90 9.41
N PHE M 261 -10.04 -5.41 10.11
CA PHE M 261 -10.73 -6.60 9.65
C PHE M 261 -11.35 -6.40 8.28
N PHE M 262 -12.07 -5.29 8.09
CA PHE M 262 -12.75 -5.06 6.82
C PHE M 262 -11.76 -4.94 5.68
N LYS M 263 -10.63 -4.25 5.91
CA LYS M 263 -9.59 -4.20 4.88
C LYS M 263 -9.11 -5.60 4.52
N SER M 264 -8.88 -6.44 5.54
CA SER M 264 -8.43 -7.80 5.27
C SER M 264 -9.51 -8.62 4.58
N GLU M 265 -10.75 -8.13 4.59
CA GLU M 265 -11.82 -8.68 3.77
C GLU M 265 -12.02 -7.88 2.50
N GLY M 266 -10.93 -7.37 1.93
CA GLY M 266 -10.96 -6.59 0.69
C GLY M 266 -11.92 -5.41 0.64
N ILE M 267 -12.37 -4.88 1.78
CA ILE M 267 -13.21 -3.69 1.76
C ILE M 267 -12.35 -2.45 1.52
N ASN M 268 -12.78 -1.60 0.59
CA ASN M 268 -12.15 -0.29 0.38
C ASN M 268 -12.66 0.70 1.42
N VAL M 269 -11.75 1.26 2.22
CA VAL M 269 -12.10 2.17 3.32
C VAL M 269 -11.71 3.58 2.92
N THR M 270 -12.69 4.49 2.93
CA THR M 270 -12.53 5.88 2.51
C THR M 270 -12.73 6.80 3.70
N TYR M 271 -11.77 7.71 3.91
CA TYR M 271 -11.88 8.77 4.91
C TYR M 271 -12.30 10.13 4.34
N PRO M 272 -13.56 10.33 3.98
CA PRO M 272 -13.95 11.59 3.34
C PRO M 272 -13.73 12.79 4.25
N ASP M 273 -13.59 13.96 3.62
CA ASP M 273 -13.52 15.21 4.36
C ASP M 273 -14.91 15.50 4.94
N LEU M 274 -15.00 15.62 6.26
CA LEU M 274 -16.28 15.78 6.93
C LEU M 274 -16.75 17.23 6.99
N GLU M 275 -15.86 18.17 6.70
CA GLU M 275 -16.23 19.58 6.73
C GLU M 275 -17.46 19.86 5.87
N PRO M 276 -17.54 19.38 4.63
CA PRO M 276 -18.78 19.60 3.86
C PRO M 276 -19.98 18.90 4.45
N PHE M 277 -19.79 17.78 5.16
CA PHE M 277 -20.91 17.12 5.83
C PHE M 277 -21.42 17.94 7.00
N ARG M 278 -20.50 18.38 7.88
CA ARG M 278 -20.90 19.18 9.03
C ARG M 278 -21.54 20.49 8.61
N GLU M 279 -21.01 21.12 7.56
CA GLU M 279 -21.60 22.36 7.05
C GLU M 279 -23.01 22.13 6.51
N ALA M 280 -23.27 20.96 5.94
CA ALA M 280 -24.58 20.69 5.36
C ALA M 280 -25.65 20.58 6.43
N MET M 281 -25.28 20.24 7.66
CA MET M 281 -26.24 20.08 8.75
C MET M 281 -26.59 21.39 9.44
N GLN M 282 -25.85 22.47 9.18
CA GLN M 282 -26.07 23.72 9.89
C GLN M 282 -27.49 24.24 9.78
N PRO M 283 -28.11 24.31 8.60
CA PRO M 283 -29.51 24.76 8.56
C PRO M 283 -30.46 23.83 9.29
N LEU M 284 -30.14 22.55 9.39
CA LEU M 284 -31.00 21.60 10.10
C LEU M 284 -31.10 21.93 11.58
N TYR M 285 -29.97 22.28 12.21
CA TYR M 285 -30.02 22.65 13.62
C TYR M 285 -30.97 23.83 13.81
N LYS M 286 -30.90 24.82 12.92
CA LYS M 286 -31.74 26.00 13.04
C LYS M 286 -33.21 25.62 12.96
N GLU M 287 -33.57 24.76 12.00
CA GLU M 287 -34.94 24.29 11.90
C GLU M 287 -35.39 23.68 13.22
N PHE M 288 -34.54 22.82 13.80
CA PHE M 288 -34.90 22.09 15.01
C PHE M 288 -35.17 23.04 16.17
N ASP M 289 -34.24 23.96 16.44
CA ASP M 289 -34.45 24.92 17.51
C ASP M 289 -35.77 25.66 17.32
N SER M 290 -36.06 26.08 16.09
CA SER M 290 -37.30 26.79 15.81
C SER M 290 -38.51 25.89 16.04
N ASN M 291 -38.39 24.61 15.69
CA ASN M 291 -39.52 23.70 15.85
C ASN M 291 -39.82 23.43 17.32
N ILE M 292 -38.77 23.33 18.14
CA ILE M 292 -38.97 23.09 19.55
C ILE M 292 -39.48 24.35 20.26
N GLY M 293 -39.23 25.53 19.69
CA GLY M 293 -39.60 26.77 20.31
C GLY M 293 -38.60 27.32 21.29
N GLN M 294 -37.56 26.55 21.63
CA GLN M 294 -36.50 26.94 22.54
C GLN M 294 -35.17 26.41 22.02
N PRO M 295 -34.12 27.24 22.00
CA PRO M 295 -32.82 26.75 21.53
C PRO M 295 -32.29 25.64 22.43
N ILE M 296 -31.73 24.60 21.82
CA ILE M 296 -31.17 23.49 22.59
C ILE M 296 -29.93 22.91 21.94
N VAL M 297 -29.82 23.00 20.62
CA VAL M 297 -28.72 22.34 19.92
C VAL M 297 -27.37 22.91 20.38
N SER M 298 -27.25 24.23 20.41
CA SER M 298 -25.98 24.84 20.83
C SER M 298 -25.67 24.52 22.29
N LYS M 299 -26.69 24.54 23.15
CA LYS M 299 -26.48 24.18 24.56
C LYS M 299 -25.91 22.77 24.66
N LEU M 300 -26.51 21.83 23.93
CA LEU M 300 -26.06 20.44 23.97
C LEU M 300 -24.64 20.31 23.42
N ALA M 301 -24.37 20.94 22.28
CA ALA M 301 -23.04 20.82 21.67
C ALA M 301 -21.94 21.34 22.59
N ALA M 302 -22.26 22.28 23.47
CA ALA M 302 -21.27 22.89 24.35
C ALA M 302 -21.06 22.10 25.64
N MET M 303 -21.86 21.07 25.88
CA MET M 303 -21.76 20.31 27.12
C MET M 303 -20.47 19.48 27.16
N GLY N 1 -44.98 25.24 20.52
CA GLY N 1 -44.33 23.94 20.86
C GLY N 1 -45.00 22.73 20.26
N SER N 2 -44.95 22.63 18.93
CA SER N 2 -45.35 21.43 18.21
C SER N 2 -46.77 20.99 18.58
N GLN N 3 -47.68 21.94 18.70
CA GLN N 3 -49.04 21.62 19.12
C GLN N 3 -49.88 21.17 17.93
N VAL N 4 -50.89 20.36 18.22
CA VAL N 4 -51.81 19.84 17.22
C VAL N 4 -53.20 20.39 17.48
N GLN N 5 -53.85 20.84 16.41
CA GLN N 5 -55.23 21.33 16.46
C GLN N 5 -56.12 20.30 15.77
N LEU N 6 -57.23 19.95 16.43
CA LEU N 6 -58.11 18.88 15.96
C LEU N 6 -59.54 19.42 15.86
N VAL N 7 -60.23 19.04 14.78
CA VAL N 7 -61.61 19.45 14.54
C VAL N 7 -62.40 18.23 14.10
N GLU N 8 -63.33 17.79 14.94
CA GLU N 8 -64.19 16.68 14.58
C GLU N 8 -65.43 17.16 13.82
N SER N 9 -65.93 16.31 12.94
CA SER N 9 -67.22 16.51 12.29
C SER N 9 -67.87 15.15 12.13
N GLY N 10 -69.19 15.15 11.96
CA GLY N 10 -69.90 13.91 11.73
C GLY N 10 -71.11 13.75 12.62
N GLY N 11 -71.18 14.53 13.70
CA GLY N 11 -72.19 14.35 14.72
C GLY N 11 -73.60 14.43 14.17
N ARG N 12 -74.44 13.45 14.50
CA ARG N 12 -75.74 13.37 13.85
C ARG N 12 -76.76 12.65 14.73
N LEU N 13 -78.02 12.71 14.31
CA LEU N 13 -79.04 11.79 14.82
C LEU N 13 -79.13 10.57 13.88
N VAL N 14 -78.67 9.41 14.34
CA VAL N 14 -78.84 8.11 13.69
C VAL N 14 -79.07 7.12 14.83
N GLN N 15 -79.31 5.87 14.48
CA GLN N 15 -80.37 5.15 15.13
C GLN N 15 -80.24 3.62 15.15
N THR N 16 -81.00 2.96 16.04
CA THR N 16 -80.52 1.63 16.42
C THR N 16 -80.28 0.77 15.16
N GLY N 17 -79.10 0.13 15.14
CA GLY N 17 -78.64 -0.59 13.96
C GLY N 17 -78.03 0.26 12.86
N GLY N 18 -78.08 1.58 12.98
CA GLY N 18 -77.52 2.44 11.96
C GLY N 18 -76.00 2.55 12.03
N SER N 19 -75.45 3.15 10.97
CA SER N 19 -74.01 3.37 10.85
C SER N 19 -73.74 4.85 10.65
N LEU N 20 -72.64 5.31 11.24
CA LEU N 20 -72.23 6.71 11.15
C LEU N 20 -70.72 6.78 11.08
N ARG N 21 -70.21 7.65 10.22
CA ARG N 21 -68.78 7.88 10.07
C ARG N 21 -68.42 9.25 10.62
N LEU N 22 -67.57 9.27 11.65
CA LEU N 22 -66.98 10.51 12.13
C LEU N 22 -65.63 10.75 11.46
N SER N 23 -65.29 12.03 11.29
CA SER N 23 -63.99 12.41 10.73
C SER N 23 -63.41 13.54 11.58
N CYS N 24 -62.08 13.55 11.66
CA CYS N 24 -61.34 14.54 12.43
C CYS N 24 -60.19 15.06 11.58
N ALA N 25 -60.10 16.37 11.43
CA ALA N 25 -59.05 17.00 10.65
C ALA N 25 -58.00 17.57 11.60
N ALA N 26 -56.75 17.25 11.34
CA ALA N 26 -55.64 17.63 12.21
C ALA N 26 -54.76 18.65 11.50
N SER N 27 -54.31 19.65 12.25
CA SER N 27 -53.41 20.68 11.74
C SER N 27 -52.35 20.97 12.79
N GLY N 28 -51.31 21.69 12.38
CA GLY N 28 -50.24 22.08 13.28
C GLY N 28 -48.98 21.25 13.12
N ASP N 29 -48.73 20.31 14.03
CA ASP N 29 -47.53 19.51 13.98
C ASP N 29 -47.75 18.32 13.06
N THR N 30 -46.68 17.57 12.82
CA THR N 30 -46.72 16.55 11.77
C THR N 30 -47.65 15.40 12.18
N PHE N 31 -48.65 15.16 11.32
CA PHE N 31 -49.74 14.25 11.65
C PHE N 31 -49.24 12.83 11.87
N SER N 32 -48.26 12.39 11.08
CA SER N 32 -47.75 11.03 11.22
C SER N 32 -46.89 10.84 12.45
N ASN N 33 -46.58 11.91 13.19
CA ASN N 33 -45.86 11.78 14.45
C ASN N 33 -46.76 11.33 15.59
N TYR N 34 -48.07 11.29 15.39
CA TYR N 34 -49.02 11.14 16.47
C TYR N 34 -49.89 9.91 16.32
N VAL N 35 -50.11 9.23 17.45
CA VAL N 35 -51.20 8.27 17.56
C VAL N 35 -52.50 9.04 17.69
N MET N 36 -53.49 8.67 16.89
CA MET N 36 -54.80 9.30 16.90
C MET N 36 -55.80 8.39 17.59
N GLY N 37 -56.62 8.99 18.46
CA GLY N 37 -57.57 8.23 19.24
C GLY N 37 -58.95 8.87 19.17
N TRP N 38 -59.96 8.05 19.45
CA TRP N 38 -61.32 8.53 19.61
C TRP N 38 -61.78 8.23 21.03
N PHE N 39 -62.35 9.24 21.68
CA PHE N 39 -62.87 9.12 23.03
C PHE N 39 -64.29 9.66 23.06
N ARG N 40 -65.04 9.21 24.06
CA ARG N 40 -66.41 9.65 24.25
C ARG N 40 -66.64 9.91 25.72
N GLN N 41 -67.54 10.84 26.02
CA GLN N 41 -67.86 11.20 27.38
C GLN N 41 -69.36 11.27 27.57
N ALA N 42 -69.85 10.59 28.61
CA ALA N 42 -71.20 10.80 29.13
C ALA N 42 -71.15 11.97 30.10
N PRO N 43 -72.28 12.63 30.35
CA PRO N 43 -72.22 13.96 31.01
C PRO N 43 -71.56 13.99 32.39
N GLY N 44 -71.78 12.98 33.24
CA GLY N 44 -71.27 12.95 34.60
C GLY N 44 -69.86 12.45 34.73
N LYS N 45 -69.39 11.73 33.68
CA LYS N 45 -68.22 10.89 33.86
C LYS N 45 -66.86 11.23 33.28
N GLU N 46 -65.86 10.45 33.72
CA GLU N 46 -64.72 10.59 32.88
C GLU N 46 -65.01 10.00 31.51
N ARG N 47 -64.16 10.43 30.61
CA ARG N 47 -64.14 10.00 29.23
C ARG N 47 -63.83 8.52 29.12
N GLU N 48 -64.49 7.88 28.16
CA GLU N 48 -64.34 6.46 27.82
C GLU N 48 -63.45 6.32 26.57
N PHE N 49 -62.46 5.42 26.61
CA PHE N 49 -61.69 5.09 25.42
C PHE N 49 -62.55 4.33 24.42
N VAL N 50 -62.46 4.70 23.14
CA VAL N 50 -63.19 4.03 22.08
C VAL N 50 -62.26 3.27 21.13
N ALA N 51 -61.33 3.99 20.49
CA ALA N 51 -60.44 3.38 19.51
C ALA N 51 -59.21 4.27 19.37
N ALA N 52 -58.12 3.66 18.94
CA ALA N 52 -56.88 4.36 18.66
C ALA N 52 -56.19 3.68 17.50
N ILE N 53 -55.36 4.43 16.79
CA ILE N 53 -54.67 3.95 15.60
C ILE N 53 -53.24 4.47 15.65
N SER N 54 -52.28 3.59 15.37
CA SER N 54 -50.88 3.94 15.49
C SER N 54 -50.45 4.87 14.35
N TRP N 55 -49.23 5.38 14.48
CA TRP N 55 -48.71 6.33 13.51
C TRP N 55 -48.88 5.83 12.09
N THR N 56 -48.59 4.54 11.87
CA THR N 56 -48.52 3.95 10.55
C THR N 56 -49.84 3.31 10.11
N GLY N 57 -50.82 3.21 10.99
CA GLY N 57 -52.02 2.46 10.73
C GLY N 57 -51.87 0.97 10.96
N ALA N 58 -50.69 0.52 11.43
CA ALA N 58 -50.43 -0.91 11.59
C ALA N 58 -51.13 -1.47 12.83
N ASN N 59 -51.04 -0.75 13.94
CA ASN N 59 -51.74 -1.13 15.17
C ASN N 59 -53.04 -0.35 15.30
N SER N 60 -54.09 -1.04 15.72
CA SER N 60 -55.34 -0.40 16.10
C SER N 60 -55.77 -0.97 17.43
N TYR N 61 -56.35 -0.11 18.25
CA TYR N 61 -56.80 -0.46 19.60
C TYR N 61 -58.28 -0.16 19.70
N TYR N 62 -59.02 -1.03 20.38
CA TYR N 62 -60.45 -0.87 20.52
C TYR N 62 -60.86 -1.24 21.94
N ALA N 63 -61.89 -0.55 22.43
CA ALA N 63 -62.54 -0.95 23.67
C ALA N 63 -63.42 -2.18 23.41
N ASP N 64 -63.56 -3.01 24.45
CA ASP N 64 -64.42 -4.17 24.33
C ASP N 64 -65.85 -3.76 23.97
N SER N 65 -66.24 -2.55 24.36
CA SER N 65 -67.61 -2.11 24.10
C SER N 65 -67.90 -1.98 22.62
N VAL N 66 -66.87 -1.77 21.79
CA VAL N 66 -67.11 -1.48 20.38
C VAL N 66 -66.31 -2.37 19.44
N ALA N 67 -65.64 -3.39 19.98
CA ALA N 67 -64.64 -4.11 19.20
C ALA N 67 -65.20 -4.64 17.90
N GLY N 68 -66.45 -5.11 17.90
CA GLY N 68 -67.01 -5.70 16.70
C GLY N 68 -67.70 -4.69 15.81
N ARG N 69 -68.10 -3.55 16.38
CA ARG N 69 -68.92 -2.58 15.69
C ARG N 69 -68.12 -1.48 14.99
N PHE N 70 -67.07 -0.97 15.63
CA PHE N 70 -66.37 0.20 15.12
C PHE N 70 -65.07 -0.15 14.42
N THR N 71 -64.69 0.70 13.46
CA THR N 71 -63.42 0.60 12.78
C THR N 71 -62.78 1.99 12.72
N ILE N 72 -61.52 2.08 13.14
CA ILE N 72 -60.78 3.33 13.07
C ILE N 72 -59.80 3.27 11.92
N SER N 73 -59.59 4.42 11.28
CA SER N 73 -58.65 4.52 10.15
C SER N 73 -58.07 5.92 10.11
N ARG N 74 -56.96 6.06 9.39
CA ARG N 74 -56.32 7.36 9.23
C ARG N 74 -55.85 7.52 7.78
N ASP N 75 -55.68 8.78 7.39
CA ASP N 75 -55.14 9.15 6.08
C ASP N 75 -54.04 10.17 6.32
N ASN N 76 -52.79 9.74 6.15
CA ASN N 76 -51.65 10.59 6.47
C ASN N 76 -51.34 11.59 5.36
N ALA N 77 -51.98 11.48 4.20
CA ALA N 77 -51.85 12.52 3.18
C ALA N 77 -52.82 13.67 3.44
N LYS N 78 -54.08 13.34 3.71
CA LYS N 78 -55.10 14.35 4.03
C LYS N 78 -55.05 14.74 5.49
N ASN N 79 -54.26 14.06 6.31
CA ASN N 79 -54.11 14.37 7.74
C ASN N 79 -55.45 14.29 8.46
N THR N 80 -56.13 13.17 8.30
CA THR N 80 -57.42 12.94 8.92
C THR N 80 -57.45 11.54 9.56
N VAL N 81 -58.26 11.42 10.59
CA VAL N 81 -58.58 10.14 11.22
C VAL N 81 -60.09 9.98 11.19
N ALA N 82 -60.55 8.76 10.96
CA ALA N 82 -61.98 8.49 10.84
C ALA N 82 -62.39 7.36 11.78
N LEU N 83 -63.64 7.42 12.23
CA LEU N 83 -64.24 6.37 13.04
C LEU N 83 -65.54 5.93 12.38
N GLN N 84 -65.53 4.75 11.78
CA GLN N 84 -66.76 4.16 11.26
C GLN N 84 -67.47 3.42 12.39
N MET N 85 -68.68 3.86 12.72
CA MET N 85 -69.51 3.26 13.77
C MET N 85 -70.66 2.51 13.10
N ASN N 86 -70.83 1.24 13.45
CA ASN N 86 -71.92 0.44 12.91
C ASN N 86 -72.77 -0.16 14.02
N SER N 87 -74.00 -0.54 13.66
CA SER N 87 -74.92 -1.20 14.58
C SER N 87 -74.98 -0.44 15.91
N LEU N 88 -75.22 0.87 15.79
CA LEU N 88 -75.21 1.79 16.91
C LEU N 88 -76.38 1.49 17.84
N LYS N 89 -76.19 1.82 19.10
CA LYS N 89 -77.20 1.64 20.12
C LYS N 89 -77.46 2.98 20.83
N PRO N 90 -78.61 3.14 21.48
CA PRO N 90 -78.79 4.35 22.33
C PRO N 90 -77.66 4.49 23.34
N GLU N 91 -77.08 3.38 23.77
CA GLU N 91 -75.97 3.40 24.72
C GLU N 91 -74.73 4.07 24.14
N ASP N 92 -74.66 4.21 22.81
CA ASP N 92 -73.55 4.91 22.18
C ASP N 92 -73.74 6.41 22.13
N THR N 93 -74.89 6.92 22.58
CA THR N 93 -75.13 8.35 22.56
C THR N 93 -74.13 9.07 23.45
N ALA N 94 -73.34 9.96 22.85
CA ALA N 94 -72.32 10.68 23.59
C ALA N 94 -71.75 11.77 22.70
N ILE N 95 -70.97 12.66 23.31
CA ILE N 95 -70.07 13.54 22.57
C ILE N 95 -68.78 12.77 22.33
N TYR N 96 -68.38 12.65 21.07
CA TYR N 96 -67.19 11.90 20.69
C TYR N 96 -66.03 12.84 20.40
N TYR N 97 -64.88 12.55 20.99
CA TYR N 97 -63.71 13.40 20.88
C TYR N 97 -62.62 12.74 20.06
N CYS N 98 -62.04 13.52 19.13
CA CYS N 98 -60.78 13.16 18.49
C CYS N 98 -59.63 13.62 19.37
N ALA N 99 -58.62 12.76 19.51
CA ALA N 99 -57.48 13.07 20.36
C ALA N 99 -56.20 12.58 19.71
N ALA N 100 -55.11 13.30 20.00
CA ALA N 100 -53.79 12.98 19.47
C ALA N 100 -52.78 12.90 20.59
N ASP N 101 -51.86 11.94 20.49
CA ASP N 101 -50.72 11.86 21.39
C ASP N 101 -49.59 11.16 20.65
N HIS N 102 -48.37 11.36 21.14
CA HIS N 102 -47.22 10.76 20.48
C HIS N 102 -47.25 9.24 20.58
N PHE N 103 -47.85 8.71 21.65
CA PHE N 103 -48.00 7.28 21.83
C PHE N 103 -49.40 6.98 22.37
N HIS N 104 -49.86 5.76 22.12
CA HIS N 104 -51.07 5.30 22.79
C HIS N 104 -50.78 5.16 24.27
N VAL N 105 -51.64 5.77 25.10
CA VAL N 105 -51.45 5.75 26.55
C VAL N 105 -52.78 5.48 27.22
N THR N 106 -52.72 4.81 28.38
CA THR N 106 -53.91 4.54 29.18
C THR N 106 -53.83 5.05 30.60
N HIS N 107 -52.63 5.29 31.13
CA HIS N 107 -52.44 5.79 32.49
C HIS N 107 -52.53 7.30 32.64
N ARG N 108 -52.56 8.06 31.55
CA ARG N 108 -52.56 9.51 31.64
C ARG N 108 -53.44 10.00 30.51
N LYS N 109 -53.70 11.30 30.47
CA LYS N 109 -54.75 11.62 29.49
C LYS N 109 -54.06 11.94 28.15
N TYR N 110 -54.75 11.73 27.02
CA TYR N 110 -54.11 12.17 25.78
C TYR N 110 -53.81 13.68 25.85
N ASP N 111 -52.80 14.07 25.06
CA ASP N 111 -52.27 15.43 25.08
C ASP N 111 -53.19 16.45 24.41
N TYR N 112 -53.71 16.17 23.20
CA TYR N 112 -54.40 17.19 22.40
C TYR N 112 -55.81 16.72 22.09
N TRP N 113 -56.75 17.67 21.99
CA TRP N 113 -58.17 17.35 21.94
C TRP N 113 -58.90 18.34 21.03
N GLY N 114 -59.93 17.83 20.35
CA GLY N 114 -60.89 18.66 19.65
C GLY N 114 -62.00 19.10 20.58
N GLN N 115 -62.96 19.81 20.01
CA GLN N 115 -64.07 20.33 20.80
C GLN N 115 -65.19 19.31 20.98
N GLY N 116 -65.15 18.20 20.24
CA GLY N 116 -66.14 17.14 20.32
C GLY N 116 -67.29 17.33 19.35
N THR N 117 -67.85 16.20 18.92
CA THR N 117 -69.01 16.16 18.03
C THR N 117 -70.05 15.20 18.60
N GLN N 118 -71.31 15.62 18.62
CA GLN N 118 -72.36 14.88 19.30
C GLN N 118 -72.97 13.82 18.39
N VAL N 119 -73.01 12.58 18.89
CA VAL N 119 -73.69 11.47 18.24
C VAL N 119 -74.90 11.12 19.09
N THR N 120 -76.08 11.17 18.49
CA THR N 120 -77.33 10.85 19.17
C THR N 120 -77.96 9.64 18.48
N VAL N 121 -78.14 8.57 19.23
CA VAL N 121 -78.76 7.35 18.73
C VAL N 121 -80.13 7.21 19.40
N SER N 122 -81.17 7.15 18.57
CA SER N 122 -82.55 7.03 19.03
C SER N 122 -82.91 5.55 19.06
N SER N 123 -83.85 5.20 19.94
CA SER N 123 -84.19 3.80 20.13
C SER N 123 -84.96 3.23 18.94
N ALA O 5 18.05 22.98 -4.39
CA ALA O 5 18.62 22.53 -3.09
C ALA O 5 17.75 22.99 -1.93
N THR O 6 18.07 22.53 -0.73
CA THR O 6 17.38 22.97 0.48
C THR O 6 18.18 24.13 1.06
N THR O 7 17.53 25.28 1.22
CA THR O 7 18.15 26.44 1.86
C THR O 7 17.36 26.73 3.13
N LEU O 8 18.01 26.55 4.27
CA LEU O 8 17.38 26.75 5.57
C LEU O 8 17.62 28.16 6.07
N LYS O 9 16.66 28.68 6.83
CA LYS O 9 16.68 30.04 7.32
C LYS O 9 16.98 30.01 8.81
N MET O 10 18.04 30.69 9.22
CA MET O 10 18.46 30.76 10.61
C MET O 10 18.46 32.21 11.07
N GLY O 11 17.76 32.50 12.16
CA GLY O 11 17.74 33.82 12.75
C GLY O 11 18.46 33.82 14.09
N MET O 12 19.04 34.97 14.44
CA MET O 12 19.71 35.10 15.72
C MET O 12 19.75 36.55 16.14
N GLN O 13 19.81 36.78 17.44
CA GLN O 13 20.02 38.13 17.95
C GLN O 13 21.46 38.59 17.80
N ALA O 14 22.42 37.65 17.81
CA ALA O 14 23.83 38.01 17.79
C ALA O 14 24.21 38.70 16.49
N SER O 15 25.21 39.58 16.57
CA SER O 15 25.66 40.36 15.44
C SER O 15 26.89 39.71 14.80
N VAL O 16 27.24 40.20 13.61
CA VAL O 16 28.44 39.74 12.94
C VAL O 16 29.64 40.00 13.85
N GLY O 17 30.58 39.07 13.86
CA GLY O 17 31.74 39.14 14.72
C GLY O 17 31.56 38.53 16.09
N SER O 18 30.35 38.06 16.42
CA SER O 18 30.14 37.34 17.66
C SER O 18 30.54 35.89 17.49
N VAL O 19 30.79 35.22 18.61
CA VAL O 19 31.07 33.79 18.56
C VAL O 19 29.86 33.03 18.05
N GLU O 20 28.64 33.50 18.38
CA GLU O 20 27.44 32.85 17.88
C GLU O 20 27.34 32.95 16.36
N TYR O 21 27.63 34.13 15.80
CA TYR O 21 27.55 34.28 14.36
C TYR O 21 28.64 33.49 13.66
N ASN O 22 29.88 33.57 14.16
CA ASN O 22 30.97 32.82 13.57
C ASN O 22 30.68 31.33 13.58
N SER O 23 30.05 30.84 14.65
CA SER O 23 29.67 29.43 14.71
C SER O 23 28.56 29.12 13.72
N ALA O 24 27.59 30.03 13.59
CA ALA O 24 26.52 29.83 12.62
C ALA O 24 27.06 29.90 11.20
N LYS O 25 28.05 30.77 10.96
CA LYS O 25 28.68 30.79 9.64
C LYS O 25 29.49 29.53 9.41
N MET O 26 30.24 29.09 10.42
CA MET O 26 30.94 27.82 10.29
C MET O 26 29.96 26.68 10.03
N LEU O 27 28.80 26.71 10.68
CA LEU O 27 27.78 25.70 10.42
C LEU O 27 27.33 25.77 8.97
N ALA O 28 27.08 26.98 8.47
CA ALA O 28 26.70 27.13 7.06
C ALA O 28 27.77 26.51 6.17
N ASP O 29 29.05 26.76 6.47
CA ASP O 29 30.12 26.17 5.69
C ASP O 29 30.06 24.65 5.74
N THR O 30 29.97 24.10 6.95
CA THR O 30 30.04 22.65 7.11
C THR O 30 28.89 21.97 6.38
N LEU O 31 27.70 22.55 6.46
CA LEU O 31 26.56 21.94 5.80
C LEU O 31 26.72 21.94 4.28
N GLU O 32 27.18 23.07 3.70
CA GLU O 32 27.30 23.16 2.25
C GLU O 32 28.40 22.25 1.72
N GLU O 33 29.51 22.18 2.44
CA GLU O 33 30.58 21.28 2.03
C GLU O 33 30.20 19.83 2.32
N MET O 34 29.65 19.53 3.53
CA MET O 34 29.42 18.08 3.77
C MET O 34 28.25 17.52 2.91
N SER O 35 27.34 18.40 2.48
CA SER O 35 26.12 18.02 1.77
C SER O 35 26.25 18.09 0.25
N GLN O 36 27.47 18.39 -0.30
CA GLN O 36 27.71 19.01 -1.65
C GLN O 36 26.62 19.96 -2.15
N GLY O 37 26.46 21.09 -1.47
CA GLY O 37 25.67 22.15 -2.06
C GLY O 37 24.19 21.88 -1.99
N GLU O 38 23.79 20.71 -1.51
CA GLU O 38 22.40 20.34 -1.44
C GLU O 38 21.71 20.92 -0.21
N ILE O 39 22.47 21.26 0.84
CA ILE O 39 21.95 21.95 2.02
C ILE O 39 22.63 23.32 2.10
N LYS O 40 21.84 24.39 2.09
CA LYS O 40 22.35 25.74 2.30
C LYS O 40 21.70 26.36 3.54
N LEU O 41 22.45 27.24 4.21
CA LEU O 41 22.00 27.91 5.42
C LEU O 41 22.15 29.42 5.29
N ALA O 42 21.03 30.13 5.23
CA ALA O 42 21.02 31.59 5.20
C ALA O 42 20.93 32.14 6.61
N LEU O 43 21.70 33.19 6.89
CA LEU O 43 21.81 33.75 8.23
C LEU O 43 21.15 35.12 8.29
N TYR O 44 20.44 35.38 9.40
CA TYR O 44 19.73 36.63 9.62
C TYR O 44 20.08 37.12 11.02
N PRO O 45 21.22 37.80 11.17
CA PRO O 45 21.67 38.20 12.51
C PRO O 45 21.12 39.53 13.01
N SER O 46 21.56 39.93 14.19
CA SER O 46 21.25 41.23 14.78
C SER O 46 19.74 41.43 14.97
N ALA O 47 19.02 40.32 15.17
CA ALA O 47 17.61 40.37 15.54
C ALA O 47 16.77 41.06 14.48
N GLN O 48 17.18 40.97 13.21
CA GLN O 48 16.42 41.61 12.15
C GLN O 48 15.07 40.93 11.94
N LEU O 49 14.92 39.69 12.40
CA LEU O 49 13.64 39.01 12.38
C LEU O 49 12.90 39.10 13.71
N GLY O 50 13.48 39.76 14.71
CA GLY O 50 12.93 39.81 16.05
C GLY O 50 13.89 39.25 17.08
N ASP O 51 13.47 39.30 18.34
CA ASP O 51 14.28 38.75 19.42
C ASP O 51 14.12 37.22 19.45
N ASP O 52 14.84 36.58 20.38
CA ASP O 52 14.82 35.12 20.43
C ASP O 52 13.42 34.58 20.67
N ARG O 53 12.64 35.26 21.52
CA ARG O 53 11.26 34.81 21.74
C ARG O 53 10.44 34.90 20.46
N ALA O 54 10.58 36.01 19.72
CA ALA O 54 9.83 36.15 18.48
C ALA O 54 10.27 35.10 17.46
N MET O 55 11.57 34.83 17.38
CA MET O 55 12.06 33.84 16.42
C MET O 55 11.66 32.43 16.83
N LEU O 56 11.66 32.15 18.13
CA LEU O 56 11.11 30.87 18.60
C LEU O 56 9.65 30.71 18.17
N GLN O 57 8.85 31.77 18.27
CA GLN O 57 7.47 31.71 17.83
C GLN O 57 7.36 31.43 16.34
N GLN O 58 8.30 31.94 15.55
CA GLN O 58 8.28 31.69 14.11
C GLN O 58 8.61 30.24 13.80
N LEU O 59 9.52 29.63 14.55
CA LEU O 59 9.77 28.20 14.37
C LEU O 59 8.52 27.39 14.69
N THR O 60 7.82 27.73 15.77
CA THR O 60 6.63 26.99 16.15
C THR O 60 5.60 26.97 15.02
N LEU O 61 5.47 28.09 14.30
CA LEU O 61 4.51 28.22 13.22
C LEU O 61 5.08 27.80 11.87
N GLY O 62 6.35 27.41 11.81
CA GLY O 62 6.94 26.94 10.57
C GLY O 62 7.39 28.01 9.60
N ASP O 63 7.56 29.24 10.06
CA ASP O 63 7.98 30.35 9.20
C ASP O 63 9.48 30.59 9.24
N LEU O 64 10.19 30.03 10.22
CA LEU O 64 11.64 30.12 10.30
C LEU O 64 12.18 28.74 10.67
N ASP O 65 13.37 28.44 10.17
CA ASP O 65 13.88 27.08 10.27
C ASP O 65 14.76 26.84 11.49
N ILE O 66 15.70 27.75 11.77
CA ILE O 66 16.68 27.55 12.82
C ILE O 66 16.82 28.81 13.66
N THR O 67 17.04 28.63 14.96
CA THR O 67 17.38 29.75 15.82
C THR O 67 18.10 29.25 17.07
N TYR O 68 18.75 30.17 17.77
CA TYR O 68 19.38 29.89 19.05
C TYR O 68 18.37 30.13 20.19
N ALA O 69 18.52 29.36 21.25
CA ALA O 69 17.85 29.67 22.50
C ALA O 69 18.56 28.96 23.65
N GLU O 70 18.51 29.57 24.83
CA GLU O 70 19.00 28.89 26.02
C GLU O 70 17.97 27.87 26.50
N PHE O 71 18.47 26.79 27.11
CA PHE O 71 17.58 25.76 27.61
C PHE O 71 16.62 26.36 28.64
N GLY O 72 17.10 27.32 29.44
CA GLY O 72 16.23 28.00 30.38
C GLY O 72 15.22 28.93 29.74
N ARG O 73 15.49 29.41 28.53
CA ARG O 73 14.50 30.22 27.82
C ARG O 73 13.25 29.42 27.48
N MET O 74 13.34 28.09 27.51
CA MET O 74 12.16 27.25 27.30
C MET O 74 11.14 27.42 28.41
N GLY O 75 11.50 28.05 29.52
CA GLY O 75 10.49 28.39 30.52
C GLY O 75 9.39 29.27 29.98
N LEU O 76 9.63 29.96 28.86
CA LEU O 76 8.58 30.72 28.18
C LEU O 76 7.47 29.80 27.69
N ALA O 77 7.79 28.52 27.43
CA ALA O 77 6.84 27.56 26.88
C ALA O 77 6.56 26.40 27.82
N ILE O 78 7.54 26.00 28.63
CA ILE O 78 7.44 24.83 29.51
C ILE O 78 7.87 25.33 30.88
N PRO O 79 6.96 25.83 31.71
CA PRO O 79 7.38 26.61 32.89
C PRO O 79 8.44 25.94 33.76
N ARG O 80 8.37 24.61 33.98
CA ARG O 80 9.36 23.97 34.83
C ARG O 80 10.75 24.17 34.27
N ALA O 81 10.82 24.38 32.97
CA ALA O 81 12.09 24.61 32.33
C ALA O 81 12.78 25.90 32.77
N GLU O 82 12.09 26.87 33.39
CA GLU O 82 12.83 28.07 33.77
C GLU O 82 13.85 27.86 34.89
N ALA O 83 13.63 26.83 35.72
CA ALA O 83 14.53 26.57 36.81
C ALA O 83 15.99 26.42 36.31
N VAL O 84 16.23 26.02 35.03
CA VAL O 84 17.57 25.69 34.62
C VAL O 84 18.37 26.87 34.88
N MET O 85 17.69 28.02 34.74
CA MET O 85 18.21 29.37 34.61
C MET O 85 18.08 30.21 35.86
N LEU O 86 17.46 29.69 36.91
CA LEU O 86 17.40 30.42 38.16
C LEU O 86 18.81 30.83 38.60
N PRO O 87 19.00 32.06 39.08
CA PRO O 87 20.37 32.52 39.37
C PRO O 87 21.07 31.59 40.35
N TYR O 88 22.30 31.20 39.98
CA TYR O 88 23.22 30.40 40.77
C TYR O 88 22.82 28.94 40.96
N VAL O 89 21.72 28.49 40.36
CA VAL O 89 21.33 27.09 40.52
C VAL O 89 22.27 26.19 39.73
N ALA O 90 22.60 26.58 38.50
CA ALA O 90 23.57 25.86 37.66
C ALA O 90 24.97 26.27 38.07
N LYS O 91 25.81 25.29 38.39
CA LYS O 91 27.13 25.64 38.92
C LYS O 91 28.11 26.01 37.81
N ASP O 92 28.11 25.26 36.72
CA ASP O 92 29.01 25.46 35.58
C ASP O 92 28.35 24.78 34.39
N PHE O 93 29.00 24.87 33.23
CA PHE O 93 28.36 24.33 32.03
C PHE O 93 28.14 22.84 32.14
N ASP O 94 29.11 22.10 32.69
CA ASP O 94 28.94 20.65 32.83
C ASP O 94 27.71 20.34 33.67
N HIS O 95 27.52 21.10 34.75
CA HIS O 95 26.31 20.95 35.55
C HIS O 95 25.07 21.23 34.72
N LEU O 96 25.09 22.32 33.95
CA LEU O 96 23.94 22.67 33.12
C LEU O 96 23.64 21.59 32.08
N ARG O 97 24.67 21.05 31.42
CA ARG O 97 24.43 20.01 30.43
C ARG O 97 23.86 18.74 31.05
N ARG O 98 24.27 18.41 32.28
CA ARG O 98 23.70 17.22 32.93
C ARG O 98 22.20 17.39 33.14
N MET O 99 21.77 18.59 33.52
CA MET O 99 20.34 18.91 33.56
C MET O 99 19.72 18.73 32.18
N PHE O 100 20.41 19.19 31.14
CA PHE O 100 19.90 19.06 29.77
C PHE O 100 19.77 17.60 29.36
N GLU O 101 20.66 16.74 29.84
CA GLU O 101 20.66 15.33 29.43
C GLU O 101 19.84 14.43 30.34
N SER O 102 19.42 14.90 31.51
CA SER O 102 18.70 14.04 32.43
C SER O 102 17.36 13.62 31.84
N ASP O 103 16.71 12.66 32.53
CA ASP O 103 15.37 12.26 32.15
C ASP O 103 14.42 13.45 32.20
N PHE O 104 14.61 14.34 33.17
CA PHE O 104 13.86 15.59 33.19
C PHE O 104 14.13 16.41 31.93
N GLY O 105 15.39 16.54 31.55
CA GLY O 105 15.71 17.34 30.36
C GLY O 105 15.04 16.84 29.11
N GLN O 106 15.11 15.53 28.85
CA GLN O 106 14.43 15.00 27.67
C GLN O 106 12.92 15.24 27.77
N GLY O 107 12.36 15.22 28.97
CA GLY O 107 10.94 15.52 29.11
C GLY O 107 10.63 16.90 28.59
N VAL O 108 11.47 17.87 28.92
CA VAL O 108 11.34 19.18 28.31
C VAL O 108 11.57 19.07 26.80
N ARG O 109 12.60 18.33 26.39
CA ARG O 109 12.91 18.23 24.97
C ARG O 109 11.74 17.60 24.21
N ASP O 110 11.07 16.62 24.84
CA ASP O 110 9.88 16.04 24.24
C ASP O 110 8.73 17.05 24.15
N GLU O 111 8.52 17.82 25.21
CA GLU O 111 7.41 18.79 25.21
C GLU O 111 7.71 19.93 24.24
N MET O 112 8.96 20.38 24.18
CA MET O 112 9.36 21.36 23.19
C MET O 112 9.02 20.86 21.82
N LEU O 113 9.45 19.64 21.57
CA LEU O 113 9.28 19.12 20.20
C LEU O 113 7.80 19.09 19.68
N GLN O 114 6.84 18.58 20.47
CA GLN O 114 5.44 18.19 20.13
C GLN O 114 4.34 19.17 20.66
N LYS O 115 4.68 20.08 21.58
CA LYS O 115 3.74 21.15 21.82
C LYS O 115 4.17 22.39 21.09
N PHE O 116 5.44 22.50 20.71
CA PHE O 116 5.93 23.74 20.12
C PHE O 116 6.80 23.55 18.88
N ASN O 117 6.92 22.34 18.35
CA ASN O 117 7.61 22.10 17.08
C ASN O 117 9.08 22.52 17.14
N TRP O 118 9.70 22.32 18.30
CA TRP O 118 11.10 22.66 18.50
C TRP O 118 11.89 21.36 18.72
N ARG O 119 12.81 21.06 17.80
CA ARG O 119 13.75 19.95 17.96
C ARG O 119 15.12 20.54 18.29
N ALA O 120 15.53 20.42 19.56
CA ALA O 120 16.86 20.84 20.01
C ALA O 120 17.88 19.79 19.57
N LEU O 121 18.78 20.18 18.66
CA LEU O 121 19.78 19.24 18.13
C LEU O 121 20.99 19.13 19.05
N ASP O 122 21.35 20.20 19.74
CA ASP O 122 22.50 20.23 20.63
C ASP O 122 22.36 21.48 21.49
N THR O 123 23.18 21.57 22.53
CA THR O 123 23.31 22.80 23.29
C THR O 123 24.78 23.07 23.57
N TRP O 124 25.18 24.32 23.40
CA TRP O 124 26.56 24.75 23.55
C TRP O 124 26.70 25.67 24.75
N TYR O 125 27.93 25.85 25.20
CA TYR O 125 28.24 26.82 26.24
C TYR O 125 28.35 28.21 25.61
N ASN O 126 27.63 29.18 26.18
CA ASN O 126 27.72 30.56 25.72
C ASN O 126 28.30 31.49 26.77
N GLY O 127 28.67 30.99 27.94
CA GLY O 127 29.36 31.79 28.93
C GLY O 127 28.52 32.01 30.18
N THR O 128 29.22 32.46 31.22
CA THR O 128 28.61 32.77 32.51
C THR O 128 28.49 34.29 32.62
N ARG O 129 27.31 34.76 33.00
CA ARG O 129 27.01 36.18 32.96
C ARG O 129 27.66 36.90 34.14
N GLU O 130 28.32 38.01 33.85
CA GLU O 130 28.91 38.92 34.82
C GLU O 130 28.23 40.27 34.68
N THR O 131 28.53 41.17 35.61
CA THR O 131 27.87 42.47 35.67
C THR O 131 28.88 43.57 35.42
N THR O 132 28.59 44.42 34.44
CA THR O 132 29.38 45.61 34.16
C THR O 132 28.65 46.85 34.65
N SER O 133 29.40 47.89 34.96
CA SER O 133 28.77 49.10 35.48
C SER O 133 29.70 50.30 35.35
N ASN O 134 29.09 51.48 35.44
CA ASN O 134 29.80 52.76 35.52
C ASN O 134 30.18 53.12 36.96
N ARG O 135 29.71 52.34 37.95
CA ARG O 135 30.07 52.50 39.35
C ARG O 135 30.83 51.28 39.85
N PRO O 136 31.72 51.44 40.84
CA PRO O 136 32.40 50.25 41.40
C PRO O 136 31.38 49.40 42.14
N LEU O 137 31.48 48.08 41.97
CA LEU O 137 30.53 47.13 42.56
C LEU O 137 31.27 46.14 43.46
N ASN O 138 31.83 46.66 44.55
CA ASN O 138 32.54 45.84 45.52
C ASN O 138 31.61 44.95 46.33
N SER O 139 30.45 45.45 46.73
CA SER O 139 29.56 44.63 47.53
C SER O 139 28.19 44.72 46.88
N ILE O 140 27.30 43.81 47.28
CA ILE O 140 25.91 43.86 46.87
C ILE O 140 25.30 45.21 47.29
N GLU O 141 25.77 45.80 48.39
CA GLU O 141 25.24 47.08 48.85
C GLU O 141 25.54 48.17 47.84
N ASP O 142 26.55 47.95 47.02
CA ASP O 142 26.85 48.85 45.93
C ASP O 142 25.91 48.69 44.74
N PHE O 143 25.15 47.60 44.68
CA PHE O 143 24.19 47.38 43.61
C PHE O 143 23.01 48.33 43.68
N LYS O 144 22.90 49.17 44.77
CA LYS O 144 21.60 49.51 45.35
C LYS O 144 21.35 50.95 44.96
N GLY O 145 20.28 51.14 44.18
CA GLY O 145 19.99 52.30 43.37
C GLY O 145 20.64 52.28 42.00
N LEU O 146 21.29 51.18 41.63
CA LEU O 146 21.85 51.03 40.29
C LEU O 146 20.77 50.63 39.32
N LYS O 147 20.66 51.37 38.25
CA LYS O 147 19.74 50.97 37.22
C LYS O 147 20.42 49.92 36.37
N LEU O 148 20.06 48.67 36.59
CA LEU O 148 20.73 47.58 35.88
C LEU O 148 19.90 47.14 34.67
N ARG O 149 20.48 47.20 33.47
CA ARG O 149 19.76 46.70 32.32
C ARG O 149 19.68 45.19 32.41
N VAL O 150 18.52 44.65 32.12
CA VAL O 150 18.43 43.20 32.07
C VAL O 150 17.72 42.81 30.79
N PRO O 151 17.90 41.61 30.27
CA PRO O 151 16.93 41.14 29.29
C PRO O 151 15.55 40.88 29.88
N ASN O 152 14.64 40.76 28.88
CA ASN O 152 13.26 40.40 28.60
C ASN O 152 13.16 38.91 28.73
N ALA O 153 13.58 38.57 29.98
CA ALA O 153 13.73 37.30 30.72
C ALA O 153 13.52 37.47 32.24
N LYS O 154 12.69 36.58 32.84
CA LYS O 154 12.29 36.69 34.26
C LYS O 154 13.46 36.53 35.24
N GLN O 155 14.38 35.59 34.98
CA GLN O 155 15.41 35.28 35.98
C GLN O 155 16.54 36.31 35.97
N ASN O 156 16.81 36.94 34.83
CA ASN O 156 17.71 38.09 34.83
C ASN O 156 17.08 39.25 35.60
N LEU O 157 15.77 39.46 35.40
CA LEU O 157 15.05 40.45 36.19
C LEU O 157 15.12 40.13 37.68
N ASN O 158 14.92 38.86 38.04
CA ASN O 158 14.99 38.48 39.45
C ASN O 158 16.36 38.77 40.04
N TYR O 159 17.42 38.41 39.33
CA TYR O 159 18.77 38.69 39.80
C TYR O 159 18.94 40.18 40.10
N ALA O 160 18.50 41.03 39.17
CA ALA O 160 18.61 42.46 39.37
C ALA O 160 17.80 42.91 40.57
N LYS O 161 16.51 42.54 40.60
CA LYS O 161 15.63 42.98 41.69
C LYS O 161 16.15 42.52 43.04
N LEU O 162 16.49 41.23 43.16
CA LEU O 162 16.86 40.68 44.45
C LEU O 162 18.29 41.04 44.85
N SER O 163 19.12 41.43 43.88
CA SER O 163 20.41 42.03 44.19
C SER O 163 20.26 43.48 44.58
N GLY O 164 19.09 44.06 44.35
CA GLY O 164 18.80 45.41 44.78
C GLY O 164 18.91 46.47 43.71
N ALA O 165 19.24 46.11 42.48
CA ALA O 165 19.33 47.11 41.44
C ALA O 165 17.92 47.56 41.01
N SER O 166 17.88 48.65 40.25
CA SER O 166 16.66 49.05 39.59
C SER O 166 16.68 48.41 38.22
N PRO O 167 15.94 47.32 38.00
CA PRO O 167 16.00 46.64 36.71
C PRO O 167 15.33 47.46 35.62
N THR O 168 15.97 47.52 34.46
CA THR O 168 15.43 48.19 33.28
C THR O 168 15.40 47.19 32.14
N PRO O 169 14.26 46.57 31.83
CA PRO O 169 14.19 45.65 30.70
C PRO O 169 14.39 46.41 29.39
N MET O 170 15.29 45.88 28.55
CA MET O 170 15.64 46.54 27.30
C MET O 170 16.25 45.50 26.37
N SER O 171 15.94 45.62 25.09
CA SER O 171 16.43 44.70 24.08
C SER O 171 17.91 44.93 23.80
N PHE O 172 18.55 43.86 23.33
CA PHE O 172 20.00 43.79 23.19
C PHE O 172 20.57 44.85 22.25
N SER O 173 19.82 45.27 21.21
CA SER O 173 20.36 46.27 20.28
C SER O 173 20.43 47.67 20.89
N GLU O 174 19.62 47.97 21.89
CA GLU O 174 19.53 49.31 22.47
C GLU O 174 20.53 49.53 23.60
N VAL O 175 21.30 48.50 23.96
CA VAL O 175 22.04 48.52 25.21
C VAL O 175 23.23 49.47 25.13
N TYR O 176 24.02 49.37 24.06
CA TYR O 176 25.27 50.11 24.00
C TYR O 176 25.07 51.60 24.24
N LEU O 177 24.09 52.21 23.56
CA LEU O 177 23.89 53.63 23.73
C LEU O 177 23.35 53.94 25.12
N ALA O 178 22.46 53.10 25.65
CA ALA O 178 21.94 53.35 26.98
C ALA O 178 23.05 53.36 28.02
N LEU O 179 24.10 52.58 27.81
CA LEU O 179 25.28 52.68 28.66
C LEU O 179 26.10 53.92 28.32
N GLN O 180 26.23 54.23 27.03
CA GLN O 180 26.94 55.42 26.61
C GLN O 180 26.31 56.67 27.20
N THR O 181 24.98 56.73 27.20
CA THR O 181 24.24 57.87 27.69
C THR O 181 24.05 57.87 29.19
N ASN O 182 24.59 56.86 29.87
CA ASN O 182 24.34 56.67 31.30
C ASN O 182 22.85 56.75 31.62
N ALA O 183 22.00 56.41 30.64
CA ALA O 183 20.58 56.23 30.92
C ALA O 183 20.34 55.02 31.81
N VAL O 184 21.21 54.01 31.73
CA VAL O 184 21.23 52.86 32.63
C VAL O 184 22.64 52.81 33.19
N ASP O 185 22.79 52.35 34.43
CA ASP O 185 24.12 52.36 35.02
C ASP O 185 24.97 51.16 34.65
N GLY O 186 24.33 50.01 34.40
CA GLY O 186 25.07 48.80 34.15
C GLY O 186 24.25 47.85 33.30
N GLN O 187 24.90 46.76 32.91
CA GLN O 187 24.27 45.69 32.15
C GLN O 187 24.94 44.40 32.57
N GLU O 188 24.37 43.28 32.11
CA GLU O 188 24.79 41.97 32.59
C GLU O 188 24.82 40.96 31.47
N ASN O 189 25.98 40.34 31.29
CA ASN O 189 26.18 39.42 30.19
C ASN O 189 27.45 38.60 30.34
N PRO O 190 27.66 37.58 29.50
CA PRO O 190 28.94 36.88 29.48
C PRO O 190 30.01 37.80 28.92
N LEU O 191 31.25 37.52 29.29
CA LEU O 191 32.34 38.39 28.89
C LEU O 191 32.57 38.38 27.38
N PRO O 192 32.51 37.23 26.71
CA PRO O 192 32.76 37.24 25.26
C PRO O 192 31.81 38.17 24.51
N THR O 193 30.55 38.25 24.92
CA THR O 193 29.64 39.22 24.32
C THR O 193 29.98 40.62 24.78
N ILE O 194 30.42 40.77 26.04
CA ILE O 194 30.76 42.08 26.56
C ILE O 194 31.82 42.75 25.69
N LYS O 195 32.81 41.99 25.22
CA LYS O 195 33.78 42.58 24.30
C LYS O 195 33.18 42.74 22.91
N THR O 196 32.59 41.66 22.39
CA THR O 196 32.09 41.67 21.01
C THR O 196 31.19 42.89 20.81
N MET O 197 30.27 43.12 21.74
CA MET O 197 29.41 44.28 21.70
C MET O 197 30.13 45.56 22.10
N LYS O 198 31.36 45.44 22.62
CA LYS O 198 32.15 46.61 23.01
C LYS O 198 31.48 47.37 24.16
N PHE O 199 30.79 46.63 25.04
CA PHE O 199 30.26 47.25 26.24
C PHE O 199 31.36 47.81 27.12
N TYR O 200 32.54 47.18 27.11
CA TYR O 200 33.64 47.64 27.96
C TYR O 200 34.10 49.05 27.63
N GLU O 201 33.89 49.50 26.39
CA GLU O 201 34.25 50.87 26.03
C GLU O 201 33.40 51.87 26.77
N VAL O 202 32.20 51.46 27.20
CA VAL O 202 31.27 52.31 27.91
C VAL O 202 31.07 51.79 29.34
N GLN O 203 31.83 50.76 29.73
CA GLN O 203 31.74 50.19 31.08
C GLN O 203 33.13 49.88 31.69
N LYS O 204 33.43 50.63 32.79
CA LYS O 204 34.61 50.68 33.72
C LYS O 204 34.50 49.92 35.05
N ASN O 205 33.40 49.24 35.37
CA ASN O 205 33.45 48.25 36.45
C ASN O 205 32.88 46.94 35.92
N LEU O 206 33.51 45.84 36.33
CA LEU O 206 33.11 44.51 35.91
C LEU O 206 33.07 43.71 37.20
N ALA O 207 31.89 43.22 37.55
CA ALA O 207 31.66 42.57 38.83
C ALA O 207 31.41 41.09 38.56
N MET O 208 32.48 40.31 38.58
CA MET O 208 32.42 38.87 38.42
C MET O 208 31.40 38.24 39.35
N THR O 209 30.11 38.36 39.01
CA THR O 209 29.05 37.87 39.88
C THR O 209 28.62 36.43 39.57
N HIS O 210 29.00 35.91 38.40
CA HIS O 210 28.80 34.50 38.05
C HIS O 210 27.37 34.03 38.30
N HIS O 211 26.39 34.90 38.04
CA HIS O 211 25.06 34.62 38.56
C HIS O 211 24.24 33.67 37.70
N ILE O 212 24.44 33.66 36.37
CA ILE O 212 23.70 32.77 35.50
C ILE O 212 24.63 32.16 34.47
N VAL O 213 24.54 30.85 34.29
CA VAL O 213 25.28 30.14 33.25
C VAL O 213 24.38 29.99 32.03
N ASN O 214 24.85 30.50 30.88
CA ASN O 214 24.12 30.42 29.63
C ASN O 214 24.63 29.25 28.79
N ASP O 215 23.71 28.37 28.40
CA ASP O 215 23.96 27.42 27.32
C ASP O 215 23.49 28.05 26.00
N GLN O 216 23.49 27.27 24.92
CA GLN O 216 22.96 27.78 23.65
C GLN O 216 22.49 26.60 22.82
N MET O 217 21.18 26.34 22.85
CA MET O 217 20.60 25.30 22.03
C MET O 217 20.48 25.74 20.57
N VAL O 218 20.77 24.81 19.66
CA VAL O 218 20.41 24.95 18.27
C VAL O 218 19.07 24.24 18.06
N ILE O 219 18.04 25.00 17.69
CA ILE O 219 16.70 24.48 17.54
C ILE O 219 16.35 24.53 16.06
N ILE O 220 15.87 23.41 15.53
CA ILE O 220 15.33 23.36 14.18
C ILE O 220 13.82 23.16 14.26
N SER O 221 13.09 23.80 13.35
CA SER O 221 11.66 23.60 13.25
C SER O 221 11.32 22.15 12.90
N GLU O 222 10.42 21.55 13.68
CA GLU O 222 10.03 20.17 13.41
C GLU O 222 9.38 20.04 12.04
N SER O 223 8.67 21.09 11.59
CA SER O 223 8.10 21.05 10.25
C SER O 223 9.20 21.01 9.19
N THR O 224 10.33 21.65 9.46
CA THR O 224 11.47 21.58 8.54
C THR O 224 12.19 20.23 8.66
N TRP O 225 12.43 19.77 9.89
CA TRP O 225 13.17 18.53 10.10
C TRP O 225 12.52 17.34 9.42
N GLN O 226 11.19 17.21 9.55
CA GLN O 226 10.51 16.05 8.97
C GLN O 226 10.47 16.09 7.45
N LYS O 227 10.78 17.22 6.83
CA LYS O 227 10.90 17.25 5.38
C LYS O 227 12.27 16.81 4.89
N LEU O 228 13.26 16.74 5.78
CA LEU O 228 14.62 16.38 5.39
C LEU O 228 14.77 14.87 5.22
N SER O 229 15.72 14.49 4.38
CA SER O 229 16.08 13.09 4.23
C SER O 229 16.93 12.64 5.42
N ASP O 230 16.98 11.32 5.61
CA ASP O 230 17.81 10.77 6.67
C ASP O 230 19.27 11.14 6.47
N THR O 231 19.70 11.28 5.21
CA THR O 231 21.07 11.70 4.95
C THR O 231 21.27 13.15 5.39
N ASP O 232 20.34 14.03 5.01
CA ASP O 232 20.41 15.42 5.46
C ASP O 232 20.33 15.51 6.97
N LYS O 233 19.39 14.79 7.58
CA LYS O 233 19.30 14.80 9.03
C LYS O 233 20.62 14.42 9.66
N ASP O 234 21.29 13.41 9.10
CA ASP O 234 22.57 12.97 9.64
C ASP O 234 23.61 14.06 9.51
N ILE O 235 23.74 14.67 8.33
CA ILE O 235 24.74 15.71 8.10
C ILE O 235 24.59 16.83 9.13
N ILE O 236 23.34 17.26 9.35
CA ILE O 236 23.09 18.41 10.22
C ILE O 236 23.54 18.12 11.65
N GLN O 237 23.15 16.96 12.20
CA GLN O 237 23.49 16.63 13.58
C GLN O 237 24.98 16.71 13.82
N LYS O 238 25.71 17.09 12.82
CA LYS O 238 26.86 16.22 12.70
C LYS O 238 28.04 17.17 12.48
N ALA O 239 27.70 18.21 11.70
CA ALA O 239 28.03 19.63 11.86
C ALA O 239 27.58 20.28 13.18
N VAL O 240 26.33 20.08 13.64
CA VAL O 240 25.90 20.86 14.80
C VAL O 240 26.80 20.56 15.99
N GLN O 241 27.07 19.27 16.21
CA GLN O 241 27.94 18.86 17.32
C GLN O 241 29.40 19.26 17.07
N LYS O 242 29.84 19.24 15.81
CA LYS O 242 31.23 19.63 15.53
C LYS O 242 31.47 21.11 15.80
N VAL O 243 30.61 21.98 15.27
CA VAL O 243 30.80 23.42 15.49
C VAL O 243 30.48 23.76 16.94
N GLY O 244 29.58 23.01 17.56
CA GLY O 244 29.26 23.26 18.95
C GLY O 244 30.44 22.97 19.86
N ASP O 245 31.14 21.87 19.59
CA ASP O 245 32.36 21.57 20.34
C ASP O 245 33.36 22.71 20.21
N ALA O 246 33.54 23.22 18.99
CA ALA O 246 34.42 24.38 18.78
C ALA O 246 33.87 25.59 19.51
N HIS O 247 32.57 25.85 19.35
CA HIS O 247 31.94 26.98 20.04
C HIS O 247 32.18 26.91 21.54
N THR O 248 31.86 25.75 22.13
CA THR O 248 32.02 25.58 23.57
C THR O 248 33.45 25.92 24.01
N GLN O 249 34.44 25.46 23.25
CA GLN O 249 35.83 25.72 23.60
C GLN O 249 36.17 27.20 23.45
N THR O 250 35.71 27.82 22.36
CA THR O 250 36.02 29.23 22.12
C THR O 250 35.55 30.10 23.28
N VAL O 251 34.37 29.83 23.81
CA VAL O 251 33.87 30.62 24.93
C VAL O 251 34.74 30.42 26.16
N LYS O 252 35.09 29.17 26.45
CA LYS O 252 35.94 28.89 27.60
C LYS O 252 37.31 29.53 27.43
N THR O 253 37.89 29.42 26.23
CA THR O 253 39.17 30.07 25.97
C THR O 253 39.06 31.58 26.19
N GLN O 254 38.06 32.21 25.58
CA GLN O 254 37.91 33.66 25.72
C GLN O 254 37.67 34.03 27.17
N GLU O 255 36.75 33.33 27.84
CA GLU O 255 36.48 33.61 29.24
C GLU O 255 37.75 33.50 30.07
N ALA O 256 38.73 32.71 29.60
CA ALA O 256 40.00 32.57 30.28
C ALA O 256 40.90 33.78 30.09
N GLU O 257 40.83 34.46 28.95
CA GLU O 257 41.71 35.61 28.79
C GLU O 257 41.05 36.92 29.20
N LEU O 258 39.72 37.04 29.08
CA LEU O 258 39.12 38.35 28.94
C LEU O 258 39.27 39.23 30.16
N VAL O 259 39.46 38.65 31.35
CA VAL O 259 39.71 39.49 32.52
C VAL O 259 41.02 40.24 32.34
N SER O 260 42.04 39.57 31.80
CA SER O 260 43.31 40.23 31.54
C SER O 260 43.16 41.33 30.50
N PHE O 261 42.40 41.06 29.43
CA PHE O 261 42.20 42.10 28.42
C PHE O 261 41.49 43.32 28.99
N PHE O 262 40.39 43.09 29.71
CA PHE O 262 39.63 44.21 30.27
C PHE O 262 40.47 44.99 31.27
N LYS O 263 41.23 44.28 32.10
CA LYS O 263 42.17 44.98 32.96
C LYS O 263 43.14 45.80 32.13
N SER O 264 43.63 45.24 31.01
CA SER O 264 44.55 45.96 30.12
C SER O 264 43.90 47.09 29.37
N GLU O 265 42.57 47.08 29.25
CA GLU O 265 41.81 48.27 28.89
C GLU O 265 41.35 48.98 30.16
N GLY O 266 42.20 48.91 31.21
CA GLY O 266 42.02 49.42 32.55
C GLY O 266 40.94 48.75 33.34
N ILE O 267 39.81 48.43 32.68
CA ILE O 267 38.58 48.10 33.42
C ILE O 267 38.91 47.69 34.85
N ASN O 268 38.18 48.27 35.80
CA ASN O 268 38.32 47.87 37.19
C ASN O 268 37.48 46.63 37.41
N VAL O 269 38.13 45.54 37.81
CA VAL O 269 37.45 44.26 38.01
C VAL O 269 37.33 43.92 39.49
N THR O 270 36.08 43.70 39.96
CA THR O 270 35.78 43.46 41.37
C THR O 270 35.18 42.07 41.59
N TYR O 271 35.81 41.27 42.45
CA TYR O 271 35.27 39.99 42.89
C TYR O 271 34.43 40.06 44.16
N PRO O 272 33.21 40.61 44.11
CA PRO O 272 32.40 40.72 45.33
C PRO O 272 32.09 39.36 45.93
N ASP O 273 31.79 39.38 47.24
CA ASP O 273 31.39 38.16 47.94
C ASP O 273 30.01 37.73 47.46
N LEU O 274 29.92 36.49 46.95
CA LEU O 274 28.69 35.99 46.36
C LEU O 274 27.72 35.39 47.39
N GLU O 275 28.19 35.14 48.61
CA GLU O 275 27.33 34.54 49.63
C GLU O 275 26.03 35.32 49.82
N PRO O 276 26.06 36.64 49.98
CA PRO O 276 24.78 37.38 50.08
C PRO O 276 23.93 37.36 48.82
N PHE O 277 24.57 37.23 47.65
CA PHE O 277 23.81 36.96 46.45
C PHE O 277 23.13 35.60 46.56
N ARG O 278 23.83 34.56 47.09
CA ARG O 278 23.35 33.18 46.97
C ARG O 278 22.05 33.10 47.74
N GLU O 279 22.08 33.77 48.90
CA GLU O 279 21.01 33.84 49.88
C GLU O 279 19.80 34.64 49.43
N ALA O 280 20.03 35.69 48.65
CA ALA O 280 18.91 36.52 48.25
C ALA O 280 18.01 35.74 47.31
N MET O 281 18.56 34.75 46.62
CA MET O 281 17.79 33.97 45.66
C MET O 281 17.03 32.82 46.30
N GLN O 282 17.34 32.47 47.56
CA GLN O 282 16.69 31.32 48.17
C GLN O 282 15.18 31.47 48.17
N PRO O 283 14.60 32.58 48.62
CA PRO O 283 13.12 32.67 48.61
C PRO O 283 12.53 32.55 47.21
N LEU O 284 13.25 32.98 46.18
CA LEU O 284 12.77 32.78 44.80
C LEU O 284 12.70 31.31 44.47
N TYR O 285 13.75 30.55 44.84
CA TYR O 285 13.64 29.12 44.67
C TYR O 285 12.42 28.61 45.45
N LYS O 286 12.18 29.13 46.69
CA LYS O 286 11.34 28.38 47.64
C LYS O 286 10.04 28.30 46.88
N GLU O 287 9.70 29.53 46.40
CA GLU O 287 8.54 29.99 45.63
C GLU O 287 8.39 29.34 44.29
N PHE O 288 9.49 29.21 43.56
CA PHE O 288 9.41 28.64 42.23
C PHE O 288 8.85 27.22 42.31
N ASP O 289 9.40 26.42 43.22
CA ASP O 289 8.93 25.06 43.41
C ASP O 289 7.42 25.02 43.67
N SER O 290 6.93 25.91 44.54
CA SER O 290 5.50 25.91 44.85
C SER O 290 4.68 26.27 43.61
N ASN O 291 5.19 27.17 42.79
CA ASN O 291 4.46 27.59 41.60
C ASN O 291 4.35 26.46 40.59
N ILE O 292 5.40 25.65 40.46
CA ILE O 292 5.36 24.53 39.52
C ILE O 292 4.49 23.38 40.02
N GLY O 293 4.29 23.28 41.34
CA GLY O 293 3.52 22.19 41.91
C GLY O 293 4.31 20.92 42.20
N GLN O 294 5.56 20.83 41.76
CA GLN O 294 6.42 19.70 42.02
C GLN O 294 7.81 20.26 42.29
N PRO O 295 8.50 19.80 43.34
CA PRO O 295 9.84 20.32 43.61
C PRO O 295 10.80 19.98 42.48
N ILE O 296 11.65 20.94 42.10
CA ILE O 296 12.62 20.69 41.04
C ILE O 296 13.95 21.38 41.28
N VAL O 297 13.93 22.51 41.98
CA VAL O 297 15.17 23.29 42.14
C VAL O 297 16.22 22.45 42.85
N SER O 298 15.83 21.80 43.95
CA SER O 298 16.77 20.95 44.68
C SER O 298 17.20 19.75 43.83
N LYS O 299 16.26 19.15 43.09
CA LYS O 299 16.62 18.05 42.20
C LYS O 299 17.68 18.49 41.19
N LEU O 300 17.43 19.62 40.52
CA LEU O 300 18.37 20.11 39.52
C LEU O 300 19.70 20.48 40.17
N ALA O 301 19.65 21.17 41.31
CA ALA O 301 20.88 21.59 41.98
C ALA O 301 21.76 20.40 42.34
N ALA O 302 21.16 19.22 42.52
CA ALA O 302 21.91 18.04 42.94
C ALA O 302 22.50 17.26 41.77
N MET O 303 22.18 17.62 40.53
CA MET O 303 22.67 16.89 39.37
C MET O 303 24.17 17.15 39.18
N GLY P 1 0.12 29.26 40.19
CA GLY P 1 0.43 29.26 38.74
C GLY P 1 0.19 27.90 38.10
N SER P 2 0.79 27.69 36.92
CA SER P 2 0.66 26.47 36.13
C SER P 2 -0.77 26.21 35.70
N GLN P 3 -1.67 27.15 35.89
CA GLN P 3 -2.95 27.07 35.22
C GLN P 3 -3.64 28.42 35.23
N VAL P 4 -4.46 28.66 34.22
CA VAL P 4 -5.20 29.90 34.05
C VAL P 4 -6.70 29.64 34.04
N GLN P 5 -7.45 30.53 34.69
CA GLN P 5 -8.90 30.49 34.70
C GLN P 5 -9.37 31.65 33.84
N LEU P 6 -10.27 31.38 32.91
CA LEU P 6 -10.73 32.36 31.94
C LEU P 6 -12.24 32.46 32.01
N VAL P 7 -12.76 33.68 31.93
CA VAL P 7 -14.20 33.94 31.99
C VAL P 7 -14.55 34.92 30.89
N GLU P 8 -15.34 34.48 29.92
CA GLU P 8 -15.79 35.36 28.85
C GLU P 8 -17.06 36.10 29.25
N SER P 9 -17.21 37.31 28.72
CA SER P 9 -18.45 38.04 28.83
C SER P 9 -18.68 38.84 27.56
N GLY P 10 -19.94 39.13 27.27
CA GLY P 10 -20.29 39.98 26.15
C GLY P 10 -21.37 39.41 25.27
N GLY P 11 -21.57 38.09 25.36
CA GLY P 11 -22.49 37.41 24.47
C GLY P 11 -23.92 37.90 24.55
N ARG P 12 -24.49 38.23 23.40
CA ARG P 12 -25.84 38.80 23.33
C ARG P 12 -26.38 38.55 21.93
N LEU P 13 -27.65 38.89 21.74
CA LEU P 13 -28.27 38.93 20.43
C LEU P 13 -27.91 40.22 19.71
N VAL P 14 -27.41 40.08 18.48
CA VAL P 14 -26.98 41.22 17.67
C VAL P 14 -27.64 41.12 16.30
N GLN P 15 -27.60 42.22 15.58
CA GLN P 15 -28.19 42.31 14.25
C GLN P 15 -27.11 42.17 13.19
N THR P 16 -27.54 41.81 11.98
CA THR P 16 -26.63 41.82 10.85
C THR P 16 -26.09 43.23 10.65
N GLY P 17 -24.79 43.32 10.41
CA GLY P 17 -24.13 44.60 10.31
C GLY P 17 -23.80 45.25 11.65
N GLY P 18 -24.29 44.69 12.75
CA GLY P 18 -24.02 45.26 14.05
C GLY P 18 -22.62 44.93 14.55
N SER P 19 -22.25 45.58 15.64
CA SER P 19 -20.95 45.39 16.27
C SER P 19 -21.13 44.95 17.71
N LEU P 20 -20.25 44.06 18.16
CA LEU P 20 -20.27 43.53 19.51
C LEU P 20 -18.84 43.33 19.98
N ARG P 21 -18.58 43.70 21.24
CA ARG P 21 -17.27 43.53 21.85
C ARG P 21 -17.34 42.43 22.89
N LEU P 22 -16.56 41.38 22.68
CA LEU P 22 -16.38 40.35 23.70
C LEU P 22 -15.15 40.67 24.55
N SER P 23 -15.22 40.29 25.82
CA SER P 23 -14.12 40.48 26.76
C SER P 23 -13.93 39.21 27.57
N CYS P 24 -12.68 38.95 27.94
CA CYS P 24 -12.30 37.76 28.71
C CYS P 24 -11.37 38.16 29.85
N ALA P 25 -11.72 37.77 31.07
CA ALA P 25 -10.96 38.07 32.26
C ALA P 25 -10.15 36.84 32.68
N ALA P 26 -8.86 37.04 32.94
CA ALA P 26 -7.93 35.96 33.23
C ALA P 26 -7.50 35.99 34.69
N SER P 27 -7.31 34.81 35.26
CA SER P 27 -6.83 34.65 36.63
C SER P 27 -5.81 33.52 36.65
N GLY P 28 -5.10 33.39 37.77
CA GLY P 28 -4.17 32.28 37.93
C GLY P 28 -2.69 32.55 37.83
N ASP P 29 -2.09 32.23 36.68
CA ASP P 29 -0.63 32.34 36.56
C ASP P 29 -0.28 33.80 36.32
N THR P 30 0.02 34.17 35.08
CA THR P 30 0.49 35.52 34.78
C THR P 30 0.04 35.83 33.37
N PHE P 31 -0.75 36.90 33.22
CA PHE P 31 -1.41 37.15 31.94
C PHE P 31 -0.39 37.40 30.84
N SER P 32 0.69 38.11 31.16
CA SER P 32 1.69 38.45 30.16
C SER P 32 2.56 37.27 29.75
N ASN P 33 2.44 36.13 30.42
CA ASN P 33 3.16 34.95 29.98
C ASN P 33 2.48 34.23 28.83
N TYR P 34 1.26 34.62 28.47
CA TYR P 34 0.44 33.83 27.57
C TYR P 34 0.04 34.60 26.32
N VAL P 35 0.07 33.89 25.19
CA VAL P 35 -0.65 34.32 24.01
C VAL P 35 -2.13 34.06 24.25
N MET P 36 -2.95 35.08 24.02
CA MET P 36 -4.39 34.99 24.23
C MET P 36 -5.09 34.83 22.89
N GLY P 37 -6.08 33.93 22.84
CA GLY P 37 -6.74 33.60 21.61
C GLY P 37 -8.25 33.64 21.75
N TRP P 38 -8.91 33.82 20.62
CA TRP P 38 -10.36 33.70 20.51
C TRP P 38 -10.70 32.60 19.53
N PHE P 39 -11.60 31.72 19.92
CA PHE P 39 -12.08 30.63 19.10
C PHE P 39 -13.60 30.63 19.16
N ARG P 40 -14.23 30.04 18.14
CA ARG P 40 -15.68 29.96 18.10
C ARG P 40 -16.11 28.59 17.59
N GLN P 41 -17.26 28.13 18.06
CA GLN P 41 -17.79 26.83 17.67
C GLN P 41 -19.28 26.89 17.41
N ALA P 42 -19.68 26.38 16.23
CA ALA P 42 -21.05 26.05 15.86
C ALA P 42 -21.32 24.61 16.28
N PRO P 43 -22.59 24.21 16.39
CA PRO P 43 -22.87 22.90 17.00
C PRO P 43 -22.21 21.72 16.31
N GLY P 44 -22.08 21.75 14.99
CA GLY P 44 -21.57 20.58 14.30
C GLY P 44 -20.06 20.43 14.09
N LYS P 45 -19.29 21.52 14.24
CA LYS P 45 -17.96 21.68 13.64
C LYS P 45 -16.80 21.69 14.63
N GLU P 46 -15.57 21.91 14.09
CA GLU P 46 -14.56 22.24 15.08
C GLU P 46 -15.00 23.52 15.85
N ARG P 47 -14.26 23.78 16.94
CA ARG P 47 -13.79 25.12 17.29
C ARG P 47 -12.93 25.70 16.18
N GLU P 48 -13.26 26.91 15.78
CA GLU P 48 -12.87 27.45 14.49
C GLU P 48 -11.96 28.62 14.87
N PHE P 49 -10.71 28.70 14.38
CA PHE P 49 -9.83 29.76 14.89
C PHE P 49 -10.30 31.15 14.42
N VAL P 50 -10.31 32.09 15.36
CA VAL P 50 -10.72 33.47 15.08
C VAL P 50 -9.55 34.45 15.12
N ALA P 51 -8.93 34.62 16.30
CA ALA P 51 -7.86 35.61 16.42
C ALA P 51 -7.01 35.29 17.64
N ALA P 52 -5.77 35.78 17.61
CA ALA P 52 -4.84 35.63 18.71
C ALA P 52 -3.94 36.85 18.78
N ILE P 53 -3.42 37.11 19.98
CA ILE P 53 -2.62 38.30 20.24
C ILE P 53 -1.42 37.89 21.11
N SER P 54 -0.25 38.42 20.77
CA SER P 54 0.97 38.03 21.47
C SER P 54 1.03 38.64 22.86
N TRP P 55 2.04 38.21 23.62
CA TRP P 55 2.19 38.60 25.02
C TRP P 55 2.13 40.11 25.18
N THR P 56 2.80 40.85 24.31
CA THR P 56 2.91 42.30 24.41
C THR P 56 1.88 43.02 23.56
N GLY P 57 1.07 42.30 22.80
CA GLY P 57 0.15 42.91 21.86
C GLY P 57 0.78 43.29 20.55
N ALA P 58 2.07 43.00 20.36
CA ALA P 58 2.78 43.42 19.16
C ALA P 58 2.40 42.56 17.96
N ASN P 59 2.26 41.26 18.16
CA ASN P 59 1.84 40.34 17.10
C ASN P 59 0.35 40.06 17.23
N SER P 60 -0.35 40.03 16.10
CA SER P 60 -1.73 39.60 16.06
C SER P 60 -1.97 38.67 14.89
N TYR P 61 -2.82 37.67 15.10
CA TYR P 61 -3.16 36.67 14.10
C TYR P 61 -4.68 36.67 13.93
N TYR P 62 -5.14 36.55 12.69
CA TYR P 62 -6.56 36.56 12.39
C TYR P 62 -6.90 35.51 11.34
N ALA P 63 -8.11 34.97 11.45
CA ALA P 63 -8.63 34.12 10.39
C ALA P 63 -9.07 34.98 9.20
N ASP P 64 -8.93 34.43 8.00
CA ASP P 64 -9.34 35.15 6.80
C ASP P 64 -10.83 35.48 6.82
N SER P 65 -11.64 34.63 7.47
CA SER P 65 -13.08 34.86 7.51
C SER P 65 -13.45 36.13 8.27
N VAL P 66 -12.57 36.64 9.12
CA VAL P 66 -12.86 37.78 9.97
C VAL P 66 -11.90 38.94 9.75
N ALA P 67 -10.99 38.83 8.79
CA ALA P 67 -9.96 39.84 8.62
C ALA P 67 -10.62 41.17 8.30
N GLY P 68 -10.06 42.25 8.85
CA GLY P 68 -10.66 43.56 8.69
C GLY P 68 -11.93 43.79 9.47
N ARG P 69 -12.62 42.72 9.85
CA ARG P 69 -13.90 42.81 10.54
C ARG P 69 -13.72 42.80 12.06
N PHE P 70 -12.87 41.89 12.55
CA PHE P 70 -12.65 41.70 13.98
C PHE P 70 -11.31 42.32 14.37
N THR P 71 -11.23 42.80 15.61
CA THR P 71 -9.99 43.32 16.16
C THR P 71 -9.79 42.73 17.55
N ILE P 72 -8.62 42.15 17.76
CA ILE P 72 -8.25 41.58 19.05
C ILE P 72 -7.30 42.55 19.76
N SER P 73 -7.44 42.65 21.07
CA SER P 73 -6.61 43.52 21.88
C SER P 73 -6.50 42.90 23.27
N ARG P 74 -5.48 43.32 24.02
CA ARG P 74 -5.27 42.85 25.37
C ARG P 74 -4.88 44.02 26.28
N ASP P 75 -5.10 43.83 27.58
CA ASP P 75 -4.71 44.78 28.62
C ASP P 75 -3.99 44.02 29.72
N ASN P 76 -2.66 44.19 29.82
CA ASN P 76 -1.84 43.41 30.74
C ASN P 76 -1.80 43.94 32.18
N ALA P 77 -2.30 45.17 32.42
CA ALA P 77 -2.50 45.65 33.78
C ALA P 77 -3.80 45.06 34.28
N LYS P 78 -4.81 45.09 33.37
CA LYS P 78 -6.08 44.37 33.51
C LYS P 78 -6.17 42.88 33.32
N ASN P 79 -5.21 42.21 32.76
CA ASN P 79 -5.37 40.79 32.60
C ASN P 79 -6.67 40.47 31.88
N THR P 80 -6.94 41.19 30.79
CA THR P 80 -8.14 40.97 29.98
C THR P 80 -7.71 40.96 28.51
N VAL P 81 -8.44 40.21 27.71
CA VAL P 81 -8.31 40.23 26.26
C VAL P 81 -9.69 40.50 25.71
N ALA P 82 -9.76 41.28 24.63
CA ALA P 82 -11.04 41.66 24.04
C ALA P 82 -11.07 41.32 22.56
N LEU P 83 -12.27 41.04 22.07
CA LEU P 83 -12.52 40.83 20.66
C LEU P 83 -13.60 41.81 20.21
N GLN P 84 -13.20 42.85 19.48
CA GLN P 84 -14.15 43.76 18.86
C GLN P 84 -14.60 43.19 17.52
N MET P 85 -15.88 42.89 17.39
CA MET P 85 -16.45 42.35 16.17
C MET P 85 -17.32 43.42 15.51
N ASN P 86 -17.05 43.69 14.23
CA ASN P 86 -17.83 44.64 13.46
C ASN P 86 -18.40 43.94 12.24
N SER P 87 -19.43 44.56 11.66
CA SER P 87 -20.05 44.05 10.43
C SER P 87 -20.41 42.58 10.59
N LEU P 88 -21.10 42.27 11.69
CA LEU P 88 -21.42 40.88 12.01
C LEU P 88 -22.44 40.34 11.03
N LYS P 89 -22.34 39.04 10.76
CA LYS P 89 -23.21 38.33 9.84
C LYS P 89 -23.83 37.14 10.54
N PRO P 90 -24.93 36.61 10.01
CA PRO P 90 -25.49 35.39 10.58
C PRO P 90 -24.48 34.27 10.65
N GLU P 91 -23.51 34.25 9.72
CA GLU P 91 -22.48 33.23 9.73
C GLU P 91 -21.58 33.33 10.95
N ASP P 92 -21.57 34.48 11.64
CA ASP P 92 -20.77 34.65 12.85
C ASP P 92 -21.47 34.12 14.10
N THR P 93 -22.70 33.65 14.00
CA THR P 93 -23.40 33.09 15.15
C THR P 93 -22.67 31.86 15.66
N ALA P 94 -22.22 31.91 16.91
CA ALA P 94 -21.47 30.81 17.51
C ALA P 94 -21.31 31.09 19.00
N ILE P 95 -20.86 30.08 19.72
CA ILE P 95 -20.31 30.28 21.05
C ILE P 95 -18.83 30.61 20.90
N TYR P 96 -18.41 31.74 21.47
CA TYR P 96 -17.05 32.21 21.35
C TYR P 96 -16.26 31.88 22.62
N TYR P 97 -15.10 31.27 22.44
CA TYR P 97 -14.27 30.80 23.55
C TYR P 97 -12.99 31.62 23.65
N CYS P 98 -12.68 32.06 24.86
CA CYS P 98 -11.38 32.63 25.20
C CYS P 98 -10.40 31.51 25.55
N ALA P 99 -9.17 31.62 25.06
CA ALA P 99 -8.17 30.60 25.29
C ALA P 99 -6.81 31.23 25.52
N ALA P 100 -5.98 30.51 26.29
CA ALA P 100 -4.62 30.93 26.59
C ALA P 100 -3.65 29.79 26.29
N ASP P 101 -2.49 30.17 25.75
CA ASP P 101 -1.38 29.24 25.58
C ASP P 101 -0.09 30.04 25.61
N HIS P 102 1.00 29.37 25.91
CA HIS P 102 2.29 30.04 26.03
C HIS P 102 2.77 30.60 24.70
N PHE P 103 2.41 29.98 23.59
CA PHE P 103 2.75 30.46 22.26
C PHE P 103 1.53 30.28 21.38
N HIS P 104 1.43 31.10 20.33
CA HIS P 104 0.40 30.84 19.34
C HIS P 104 0.73 29.52 18.65
N VAL P 105 -0.25 28.63 18.57
CA VAL P 105 -0.05 27.32 17.96
C VAL P 105 -1.23 27.04 17.05
N THR P 106 -0.97 26.33 15.96
CA THR P 106 -2.01 25.93 15.03
C THR P 106 -2.09 24.43 14.80
N HIS P 107 -1.01 23.69 15.08
CA HIS P 107 -1.01 22.24 14.94
C HIS P 107 -1.67 21.57 16.13
N ARG P 108 -2.00 22.34 17.16
CA ARG P 108 -2.68 21.81 18.31
C ARG P 108 -3.56 22.90 18.92
N LYS P 109 -4.38 22.39 19.82
CA LYS P 109 -5.41 23.03 20.64
C LYS P 109 -4.84 23.67 21.92
N TYR P 110 -5.26 24.89 22.21
CA TYR P 110 -4.70 25.65 23.32
C TYR P 110 -4.84 24.93 24.67
N ASP P 111 -3.96 25.30 25.60
CA ASP P 111 -3.93 24.62 26.88
C ASP P 111 -5.15 24.96 27.72
N TYR P 112 -5.55 26.24 27.74
CA TYR P 112 -6.52 26.73 28.70
C TYR P 112 -7.71 27.38 28.02
N TRP P 113 -8.85 27.24 28.69
CA TRP P 113 -10.09 27.56 28.05
C TRP P 113 -11.12 28.14 28.96
N GLY P 114 -11.90 28.93 28.28
CA GLY P 114 -13.13 29.37 28.81
C GLY P 114 -14.20 28.38 28.50
N GLN P 115 -15.33 28.99 28.36
CA GLN P 115 -16.52 28.70 29.13
C GLN P 115 -17.65 28.78 28.15
N GLY P 116 -17.41 29.71 27.24
CA GLY P 116 -18.10 30.24 26.11
C GLY P 116 -19.01 31.39 26.47
N THR P 117 -19.14 32.25 25.51
CA THR P 117 -20.13 33.28 25.57
C THR P 117 -20.80 33.19 24.22
N GLN P 118 -22.12 33.15 24.26
CA GLN P 118 -22.93 32.90 23.09
C GLN P 118 -23.19 34.21 22.36
N VAL P 119 -22.87 34.22 21.08
CA VAL P 119 -23.17 35.34 20.19
C VAL P 119 -24.19 34.86 19.18
N THR P 120 -25.32 35.56 19.10
CA THR P 120 -26.39 35.28 18.15
C THR P 120 -26.55 36.49 17.25
N VAL P 121 -26.38 36.29 15.94
CA VAL P 121 -26.53 37.35 14.95
C VAL P 121 -27.80 37.09 14.17
N SER P 122 -28.71 38.06 14.18
CA SER P 122 -30.00 37.91 13.53
C SER P 122 -29.90 38.45 12.10
N SER P 123 -30.63 37.84 11.19
CA SER P 123 -30.58 38.21 9.78
C SER P 123 -31.31 39.52 9.52
N ALA Q 5 -29.34 -5.55 -12.69
CA ALA Q 5 -29.36 -7.03 -12.71
C ALA Q 5 -28.49 -7.57 -13.84
N THR Q 6 -28.29 -8.88 -13.86
CA THR Q 6 -27.50 -9.54 -14.89
C THR Q 6 -28.33 -10.67 -15.49
N THR Q 7 -28.42 -10.71 -16.82
CA THR Q 7 -29.08 -11.81 -17.52
C THR Q 7 -28.01 -12.58 -18.28
N LEU Q 8 -27.78 -13.83 -17.86
CA LEU Q 8 -26.79 -14.70 -18.48
C LEU Q 8 -27.48 -15.57 -19.52
N LYS Q 9 -26.77 -15.87 -20.60
CA LYS Q 9 -27.31 -16.61 -21.73
C LYS Q 9 -26.65 -17.99 -21.79
N MET Q 10 -27.47 -19.03 -21.80
CA MET Q 10 -27.00 -20.41 -21.84
C MET Q 10 -27.52 -21.10 -23.09
N GLY Q 11 -26.62 -21.69 -23.86
CA GLY Q 11 -26.97 -22.44 -25.05
C GLY Q 11 -26.68 -23.91 -24.85
N MET Q 12 -27.46 -24.76 -25.51
CA MET Q 12 -27.25 -26.20 -25.44
C MET Q 12 -27.82 -26.87 -26.67
N GLN Q 13 -27.26 -28.03 -27.00
CA GLN Q 13 -27.82 -28.85 -28.08
C GLN Q 13 -29.10 -29.55 -27.65
N ALA Q 14 -29.24 -29.86 -26.36
CA ALA Q 14 -30.38 -30.64 -25.89
C ALA Q 14 -31.68 -29.86 -26.05
N SER Q 15 -32.76 -30.61 -26.27
CA SER Q 15 -34.08 -30.03 -26.51
C SER Q 15 -34.91 -30.01 -25.24
N VAL Q 16 -36.04 -29.30 -25.33
CA VAL Q 16 -36.98 -29.27 -24.21
C VAL Q 16 -37.43 -30.68 -23.88
N GLY Q 17 -37.57 -30.97 -22.60
CA GLY Q 17 -37.91 -32.30 -22.14
C GLY Q 17 -36.73 -33.22 -21.92
N SER Q 18 -35.53 -32.79 -22.24
CA SER Q 18 -34.34 -33.57 -21.94
C SER Q 18 -33.90 -33.35 -20.50
N VAL Q 19 -33.10 -34.29 -19.99
CA VAL Q 19 -32.54 -34.13 -18.66
C VAL Q 19 -31.60 -32.94 -18.61
N GLU Q 20 -30.89 -32.67 -19.71
CA GLU Q 20 -30.02 -31.49 -19.75
C GLU Q 20 -30.83 -30.21 -19.69
N TYR Q 21 -31.93 -30.14 -20.46
CA TYR Q 21 -32.74 -28.92 -20.46
C TYR Q 21 -33.45 -28.74 -19.12
N ASN Q 22 -34.05 -29.81 -18.60
CA ASN Q 22 -34.74 -29.73 -17.32
C ASN Q 22 -33.81 -29.24 -16.23
N SER Q 23 -32.56 -29.70 -16.26
CA SER Q 23 -31.59 -29.24 -15.26
C SER Q 23 -31.25 -27.76 -15.47
N ALA Q 24 -31.12 -27.33 -16.73
CA ALA Q 24 -30.84 -25.94 -17.00
C ALA Q 24 -32.02 -25.05 -16.63
N LYS Q 25 -33.26 -25.52 -16.84
CA LYS Q 25 -34.41 -24.75 -16.42
C LYS Q 25 -34.50 -24.70 -14.89
N MET Q 26 -34.23 -25.83 -14.23
CA MET Q 26 -34.12 -25.82 -12.78
C MET Q 26 -33.05 -24.84 -12.33
N LEU Q 27 -31.93 -24.80 -13.05
CA LEU Q 27 -30.88 -23.84 -12.73
C LEU Q 27 -31.36 -22.41 -12.90
N ALA Q 28 -32.04 -22.13 -14.02
CA ALA Q 28 -32.57 -20.79 -14.25
C ALA Q 28 -33.54 -20.38 -13.15
N ASP Q 29 -34.46 -21.26 -12.78
CA ASP Q 29 -35.40 -20.96 -11.70
C ASP Q 29 -34.64 -20.73 -10.39
N THR Q 30 -33.70 -21.62 -10.08
CA THR Q 30 -32.98 -21.53 -8.82
C THR Q 30 -32.18 -20.24 -8.74
N LEU Q 31 -31.53 -19.85 -9.83
CA LEU Q 31 -30.72 -18.64 -9.80
C LEU Q 31 -31.59 -17.40 -9.61
N GLU Q 32 -32.71 -17.32 -10.34
CA GLU Q 32 -33.59 -16.16 -10.19
C GLU Q 32 -34.21 -16.11 -8.81
N GLU Q 33 -34.50 -17.28 -8.24
CA GLU Q 33 -35.10 -17.34 -6.91
C GLU Q 33 -34.08 -17.03 -5.83
N MET Q 34 -32.90 -17.65 -5.92
CA MET Q 34 -31.89 -17.45 -4.89
C MET Q 34 -31.29 -16.05 -4.95
N SER Q 35 -31.35 -15.38 -6.10
CA SER Q 35 -30.93 -13.99 -6.21
C SER Q 35 -32.10 -13.02 -6.14
N GLN Q 36 -33.33 -13.53 -5.96
CA GLN Q 36 -34.53 -12.70 -5.97
C GLN Q 36 -34.57 -11.78 -7.20
N GLY Q 37 -34.31 -12.38 -8.36
CA GLY Q 37 -34.48 -11.71 -9.64
C GLY Q 37 -33.26 -10.96 -10.17
N GLU Q 38 -32.14 -10.94 -9.45
CA GLU Q 38 -31.00 -10.18 -9.92
C GLU Q 38 -30.12 -10.98 -10.88
N ILE Q 39 -30.21 -12.30 -10.84
CA ILE Q 39 -29.58 -13.18 -11.83
C ILE Q 39 -30.69 -13.87 -12.61
N LYS Q 40 -30.72 -13.65 -13.92
CA LYS Q 40 -31.64 -14.33 -14.81
C LYS Q 40 -30.83 -15.15 -15.81
N LEU Q 41 -31.37 -16.29 -16.21
CA LEU Q 41 -30.69 -17.21 -17.12
C LEU Q 41 -31.62 -17.47 -18.31
N ALA Q 42 -31.24 -16.95 -19.46
CA ALA Q 42 -31.97 -17.20 -20.70
C ALA Q 42 -31.44 -18.47 -21.35
N LEU Q 43 -32.34 -19.31 -21.82
CA LEU Q 43 -32.00 -20.62 -22.35
C LEU Q 43 -32.22 -20.63 -23.86
N TYR Q 44 -31.27 -21.25 -24.57
CA TYR Q 44 -31.31 -21.34 -26.03
C TYR Q 44 -31.04 -22.79 -26.39
N PRO Q 45 -32.05 -23.65 -26.33
CA PRO Q 45 -31.81 -25.08 -26.56
C PRO Q 45 -31.86 -25.49 -28.03
N SER Q 46 -31.73 -26.80 -28.27
CA SER Q 46 -31.88 -27.38 -29.59
C SER Q 46 -30.85 -26.84 -30.58
N ALA Q 47 -29.68 -26.43 -30.09
CA ALA Q 47 -28.55 -26.07 -30.93
C ALA Q 47 -28.87 -24.92 -31.88
N GLN Q 48 -29.80 -24.04 -31.48
CA GLN Q 48 -30.14 -22.91 -32.35
C GLN Q 48 -28.97 -21.93 -32.48
N LEU Q 49 -28.03 -21.96 -31.55
CA LEU Q 49 -26.82 -21.14 -31.64
C LEU Q 49 -25.65 -21.89 -32.29
N GLY Q 50 -25.84 -23.14 -32.68
CA GLY Q 50 -24.76 -23.98 -33.18
C GLY Q 50 -24.61 -25.24 -32.33
N ASP Q 51 -23.65 -26.07 -32.74
CA ASP Q 51 -23.34 -27.25 -31.95
C ASP Q 51 -22.50 -26.85 -30.74
N ASP Q 52 -22.14 -27.83 -29.90
CA ASP Q 52 -21.38 -27.52 -28.70
C ASP Q 52 -20.03 -26.89 -29.04
N ARG Q 53 -19.39 -27.33 -30.12
CA ARG Q 53 -18.13 -26.71 -30.52
C ARG Q 53 -18.35 -25.24 -30.87
N ALA Q 54 -19.42 -24.93 -31.58
CA ALA Q 54 -19.70 -23.53 -31.93
C ALA Q 54 -19.97 -22.69 -30.68
N MET Q 55 -20.70 -23.25 -29.71
CA MET Q 55 -21.04 -22.52 -28.50
C MET Q 55 -19.81 -22.32 -27.62
N LEU Q 56 -18.94 -23.33 -27.54
CA LEU Q 56 -17.67 -23.17 -26.86
C LEU Q 56 -16.87 -22.01 -27.46
N GLN Q 57 -16.84 -21.93 -28.79
CA GLN Q 57 -16.16 -20.81 -29.45
C GLN Q 57 -16.77 -19.48 -29.07
N GLN Q 58 -18.10 -19.44 -28.87
CA GLN Q 58 -18.74 -18.19 -28.47
C GLN Q 58 -18.37 -17.79 -27.05
N LEU Q 59 -18.25 -18.75 -26.15
CA LEU Q 59 -17.78 -18.44 -24.80
C LEU Q 59 -16.37 -17.88 -24.84
N THR Q 60 -15.49 -18.49 -25.64
CA THR Q 60 -14.10 -18.03 -25.71
C THR Q 60 -14.03 -16.56 -26.11
N LEU Q 61 -14.90 -16.14 -27.02
CA LEU Q 61 -14.93 -14.76 -27.51
C LEU Q 61 -15.84 -13.86 -26.70
N GLY Q 62 -16.51 -14.38 -25.67
CA GLY Q 62 -17.34 -13.56 -24.82
C GLY Q 62 -18.73 -13.27 -25.37
N ASP Q 63 -19.19 -14.05 -26.35
CA ASP Q 63 -20.48 -13.84 -26.97
C ASP Q 63 -21.58 -14.69 -26.37
N LEU Q 64 -21.23 -15.72 -25.60
CA LEU Q 64 -22.21 -16.55 -24.90
C LEU Q 64 -21.67 -16.80 -23.51
N ASP Q 65 -22.57 -16.90 -22.54
CA ASP Q 65 -22.16 -16.92 -21.14
C ASP Q 65 -21.95 -18.34 -20.61
N ILE Q 66 -22.90 -19.24 -20.87
CA ILE Q 66 -22.88 -20.58 -20.30
C ILE Q 66 -23.16 -21.60 -21.38
N THR Q 67 -22.54 -22.77 -21.27
CA THR Q 67 -22.89 -23.90 -22.13
C THR Q 67 -22.45 -25.20 -21.48
N TYR Q 68 -22.99 -26.31 -22.00
CA TYR Q 68 -22.57 -27.65 -21.60
C TYR Q 68 -21.41 -28.11 -22.48
N ALA Q 69 -20.51 -28.89 -21.89
CA ALA Q 69 -19.53 -29.64 -22.66
C ALA Q 69 -19.02 -30.78 -21.80
N GLU Q 70 -18.64 -31.89 -22.45
CA GLU Q 70 -17.98 -32.97 -21.75
C GLU Q 70 -16.53 -32.62 -21.47
N PHE Q 71 -15.99 -33.17 -20.37
CA PHE Q 71 -14.60 -32.89 -20.03
C PHE Q 71 -13.67 -33.35 -21.15
N GLY Q 72 -13.99 -34.49 -21.77
CA GLY Q 72 -13.19 -34.94 -22.89
C GLY Q 72 -13.36 -34.10 -24.14
N ARG Q 73 -14.50 -33.41 -24.28
CA ARG Q 73 -14.68 -32.53 -25.42
C ARG Q 73 -13.66 -31.41 -25.43
N MET Q 74 -13.00 -31.16 -24.30
CA MET Q 74 -11.92 -30.18 -24.25
C MET Q 74 -10.74 -30.59 -25.11
N GLY Q 75 -10.69 -31.84 -25.57
CA GLY Q 75 -9.68 -32.25 -26.52
C GLY Q 75 -9.71 -31.43 -27.80
N LEU Q 76 -10.83 -30.76 -28.09
CA LEU Q 76 -10.87 -29.85 -29.21
C LEU Q 76 -9.88 -28.70 -29.03
N ALA Q 77 -9.57 -28.35 -27.78
CA ALA Q 77 -8.70 -27.23 -27.45
C ALA Q 77 -7.43 -27.66 -26.73
N ILE Q 78 -7.48 -28.74 -25.95
CA ILE Q 78 -6.37 -29.18 -25.09
C ILE Q 78 -6.16 -30.65 -25.42
N PRO Q 79 -5.31 -30.97 -26.39
CA PRO Q 79 -5.33 -32.34 -26.96
C PRO Q 79 -5.25 -33.46 -25.94
N ARG Q 80 -4.45 -33.31 -24.89
CA ARG Q 80 -4.31 -34.40 -23.92
C ARG Q 80 -5.63 -34.72 -23.22
N ALA Q 81 -6.53 -33.74 -23.12
CA ALA Q 81 -7.79 -33.97 -22.43
C ALA Q 81 -8.69 -34.95 -23.16
N GLU Q 82 -8.51 -35.15 -24.46
CA GLU Q 82 -9.37 -36.09 -25.18
C GLU Q 82 -9.24 -37.51 -24.65
N ALA Q 83 -8.13 -37.82 -23.97
CA ALA Q 83 -7.90 -39.18 -23.50
C ALA Q 83 -8.98 -39.65 -22.56
N VAL Q 84 -9.56 -38.74 -21.76
CA VAL Q 84 -10.58 -39.15 -20.81
C VAL Q 84 -11.77 -39.75 -21.53
N MET Q 85 -11.94 -39.42 -22.81
CA MET Q 85 -13.07 -39.86 -23.61
C MET Q 85 -12.74 -41.05 -24.51
N LEU Q 86 -11.49 -41.51 -24.51
CA LEU Q 86 -11.13 -42.69 -25.29
C LEU Q 86 -12.05 -43.85 -24.91
N PRO Q 87 -12.54 -44.62 -25.88
CA PRO Q 87 -13.52 -45.67 -25.56
C PRO Q 87 -12.99 -46.63 -24.52
N TYR Q 88 -13.81 -46.90 -23.51
CA TYR Q 88 -13.59 -47.88 -22.43
C TYR Q 88 -12.49 -47.48 -21.45
N VAL Q 89 -11.90 -46.30 -21.57
CA VAL Q 89 -10.82 -45.91 -20.65
C VAL Q 89 -11.36 -45.55 -19.28
N ALA Q 90 -12.42 -44.75 -19.23
CA ALA Q 90 -13.06 -44.38 -17.96
C ALA Q 90 -13.97 -45.53 -17.58
N LYS Q 91 -13.78 -46.22 -16.41
CA LYS Q 91 -14.73 -47.35 -16.34
C LYS Q 91 -16.12 -46.84 -15.92
N ASP Q 92 -16.27 -45.80 -15.06
CA ASP Q 92 -17.62 -45.35 -14.61
C ASP Q 92 -17.58 -43.85 -14.28
N PHE Q 93 -18.70 -43.27 -13.84
CA PHE Q 93 -18.70 -41.82 -13.61
C PHE Q 93 -17.71 -41.43 -12.51
N ASP Q 94 -17.66 -42.22 -11.44
CA ASP Q 94 -16.74 -41.93 -10.34
C ASP Q 94 -15.30 -41.90 -10.84
N HIS Q 95 -14.94 -42.84 -11.71
CA HIS Q 95 -13.61 -42.82 -12.32
C HIS Q 95 -13.40 -41.53 -13.12
N LEU Q 96 -14.40 -41.15 -13.92
CA LEU Q 96 -14.31 -39.90 -14.68
C LEU Q 96 -14.19 -38.71 -13.74
N ARG Q 97 -14.94 -38.73 -12.63
CA ARG Q 97 -14.84 -37.66 -11.65
C ARG Q 97 -13.44 -37.60 -11.05
N ARG Q 98 -12.81 -38.76 -10.87
CA ARG Q 98 -11.44 -38.78 -10.35
C ARG Q 98 -10.46 -38.18 -11.35
N MET Q 99 -10.63 -38.48 -12.64
CA MET Q 99 -9.82 -37.84 -13.67
C MET Q 99 -9.99 -36.33 -13.63
N PHE Q 100 -11.25 -35.88 -13.50
CA PHE Q 100 -11.55 -34.46 -13.48
C PHE Q 100 -10.91 -33.76 -12.29
N GLU Q 101 -10.77 -34.46 -11.17
CA GLU Q 101 -10.25 -33.90 -9.94
C GLU Q 101 -8.74 -34.08 -9.76
N SER Q 102 -8.12 -34.93 -10.57
CA SER Q 102 -6.70 -35.19 -10.41
C SER Q 102 -5.87 -33.94 -10.74
N ASP Q 103 -4.57 -34.03 -10.45
CA ASP Q 103 -3.67 -32.95 -10.84
C ASP Q 103 -3.70 -32.75 -12.34
N PHE Q 104 -3.81 -33.83 -13.10
CA PHE Q 104 -4.01 -33.74 -14.54
C PHE Q 104 -5.29 -32.97 -14.86
N GLY Q 105 -6.38 -33.30 -14.19
CA GLY Q 105 -7.63 -32.58 -14.41
C GLY Q 105 -7.53 -31.11 -14.09
N GLN Q 106 -6.97 -30.78 -12.93
CA GLN Q 106 -6.81 -29.37 -12.56
C GLN Q 106 -5.91 -28.64 -13.55
N GLY Q 107 -4.89 -29.34 -14.07
CA GLY Q 107 -4.05 -28.73 -15.08
C GLY Q 107 -4.82 -28.40 -16.34
N VAL Q 108 -5.65 -29.33 -16.82
CA VAL Q 108 -6.46 -29.06 -18.00
C VAL Q 108 -7.42 -27.92 -17.71
N ARG Q 109 -8.11 -27.98 -16.57
CA ARG Q 109 -9.09 -26.95 -16.26
C ARG Q 109 -8.43 -25.60 -16.15
N ASP Q 110 -7.20 -25.55 -15.67
CA ASP Q 110 -6.51 -24.27 -15.70
C ASP Q 110 -6.35 -23.83 -17.15
N GLU Q 111 -5.88 -24.72 -18.00
CA GLU Q 111 -5.62 -24.33 -19.39
C GLU Q 111 -6.90 -23.94 -20.09
N MET Q 112 -7.99 -24.65 -19.82
CA MET Q 112 -9.27 -24.17 -20.32
C MET Q 112 -9.47 -22.71 -19.90
N LEU Q 113 -9.21 -22.41 -18.62
CA LEU Q 113 -9.48 -21.07 -18.13
C LEU Q 113 -8.50 -20.07 -18.73
N GLN Q 114 -7.20 -20.39 -18.72
CA GLN Q 114 -6.43 -19.23 -19.11
C GLN Q 114 -6.46 -19.03 -20.62
N LYS Q 115 -6.34 -20.13 -21.37
CA LYS Q 115 -6.14 -20.05 -22.83
C LYS Q 115 -7.42 -19.99 -23.66
N PHE Q 116 -8.56 -20.42 -23.12
CA PHE Q 116 -9.79 -20.54 -23.90
C PHE Q 116 -10.97 -19.92 -23.16
N ASN Q 117 -10.73 -19.23 -22.06
CA ASN Q 117 -11.74 -18.43 -21.39
C ASN Q 117 -12.90 -19.28 -20.89
N TRP Q 118 -12.62 -20.50 -20.47
CA TRP Q 118 -13.63 -21.43 -19.99
C TRP Q 118 -13.40 -21.75 -18.52
N ARG Q 119 -14.36 -21.41 -17.68
CA ARG Q 119 -14.35 -21.81 -16.28
C ARG Q 119 -15.36 -22.94 -16.08
N ALA Q 120 -14.85 -24.15 -15.87
CA ALA Q 120 -15.71 -25.29 -15.54
C ALA Q 120 -16.12 -25.15 -14.07
N LEU Q 121 -17.42 -24.91 -13.84
CA LEU Q 121 -17.90 -24.73 -12.47
C LEU Q 121 -18.19 -26.05 -11.79
N ASP Q 122 -18.61 -27.06 -12.55
CA ASP Q 122 -18.95 -28.37 -12.02
C ASP Q 122 -19.00 -29.32 -13.20
N THR Q 123 -19.04 -30.62 -12.91
CA THR Q 123 -19.31 -31.61 -13.94
C THR Q 123 -20.29 -32.64 -13.40
N TRP Q 124 -21.25 -33.01 -14.23
CA TRP Q 124 -22.33 -33.93 -13.87
C TRP Q 124 -22.22 -35.20 -14.69
N TYR Q 125 -22.90 -36.25 -14.22
CA TYR Q 125 -23.03 -37.47 -15.00
C TYR Q 125 -24.14 -37.30 -16.02
N ASN Q 126 -23.84 -37.60 -17.29
CA ASN Q 126 -24.84 -37.54 -18.34
C ASN Q 126 -25.15 -38.89 -18.97
N GLY Q 127 -24.52 -39.96 -18.50
CA GLY Q 127 -24.86 -41.30 -18.93
C GLY Q 127 -23.73 -41.96 -19.72
N THR Q 128 -23.85 -43.28 -19.86
CA THR Q 128 -22.90 -44.10 -20.60
C THR Q 128 -23.53 -44.50 -21.93
N ARG Q 129 -22.77 -44.32 -23.01
CA ARG Q 129 -23.32 -44.49 -24.34
C ARG Q 129 -23.48 -45.97 -24.70
N GLU Q 130 -24.64 -46.29 -25.26
CA GLU Q 130 -24.97 -47.60 -25.78
C GLU Q 130 -25.26 -47.44 -27.28
N THR Q 131 -25.41 -48.56 -27.97
CA THR Q 131 -25.57 -48.56 -29.42
C THR Q 131 -26.94 -49.12 -29.79
N THR Q 132 -27.69 -48.35 -30.58
CA THR Q 132 -28.97 -48.78 -31.14
C THR Q 132 -28.81 -49.08 -32.62
N SER Q 133 -29.67 -49.93 -33.15
CA SER Q 133 -29.57 -50.28 -34.56
C SER Q 133 -30.87 -50.89 -35.06
N ASN Q 134 -31.00 -50.89 -36.40
CA ASN Q 134 -32.08 -51.59 -37.10
C ASN Q 134 -31.74 -53.06 -37.36
N ARG Q 135 -30.48 -53.46 -37.12
CA ARG Q 135 -29.99 -54.83 -37.23
C ARG Q 135 -29.53 -55.32 -35.87
N PRO Q 136 -29.73 -56.60 -35.55
CA PRO Q 136 -29.28 -57.11 -34.25
C PRO Q 136 -27.76 -57.09 -34.16
N LEU Q 137 -27.26 -56.71 -32.98
CA LEU Q 137 -25.82 -56.58 -32.74
C LEU Q 137 -25.39 -57.50 -31.61
N ASN Q 138 -25.46 -58.81 -31.86
CA ASN Q 138 -25.07 -59.79 -30.85
C ASN Q 138 -23.56 -59.79 -30.60
N SER Q 139 -22.73 -59.62 -31.63
CA SER Q 139 -21.28 -59.65 -31.45
C SER Q 139 -20.64 -58.48 -32.18
N ILE Q 140 -19.36 -58.26 -31.87
CA ILE Q 140 -18.59 -57.24 -32.57
C ILE Q 140 -18.59 -57.52 -34.07
N GLU Q 141 -18.67 -58.79 -34.46
CA GLU Q 141 -18.69 -59.12 -35.88
C GLU Q 141 -19.95 -58.61 -36.55
N ASP Q 142 -21.01 -58.37 -35.78
CA ASP Q 142 -22.25 -57.84 -36.34
C ASP Q 142 -22.16 -56.36 -36.66
N PHE Q 143 -21.14 -55.66 -36.13
CA PHE Q 143 -20.94 -54.27 -36.47
C PHE Q 143 -20.37 -54.10 -37.88
N LYS Q 144 -19.76 -55.15 -38.44
CA LYS Q 144 -19.11 -55.05 -39.75
C LYS Q 144 -20.15 -54.65 -40.78
N GLY Q 145 -19.86 -53.57 -41.51
CA GLY Q 145 -20.75 -53.05 -42.52
C GLY Q 145 -21.93 -52.30 -41.98
N LEU Q 146 -21.99 -52.09 -40.67
CA LEU Q 146 -23.05 -51.32 -40.04
C LEU Q 146 -22.85 -49.82 -40.25
N LYS Q 147 -23.88 -49.17 -40.74
CA LYS Q 147 -23.93 -47.73 -41.00
C LYS Q 147 -24.27 -47.04 -39.66
N LEU Q 148 -23.22 -46.63 -38.96
CA LEU Q 148 -23.36 -46.10 -37.59
C LEU Q 148 -23.19 -44.59 -37.59
N ARG Q 149 -24.23 -43.89 -37.17
CA ARG Q 149 -24.14 -42.45 -36.98
C ARG Q 149 -23.30 -42.15 -35.75
N VAL Q 150 -22.44 -41.14 -35.87
CA VAL Q 150 -21.68 -40.65 -34.72
C VAL Q 150 -21.77 -39.12 -34.68
N PRO Q 151 -21.65 -38.49 -33.52
CA PRO Q 151 -21.46 -37.03 -33.49
C PRO Q 151 -20.12 -36.65 -34.11
N ASN Q 152 -19.95 -35.35 -34.35
CA ASN Q 152 -18.66 -34.88 -34.85
C ASN Q 152 -17.62 -34.88 -33.74
N ALA Q 153 -17.24 -36.08 -33.28
CA ALA Q 153 -16.28 -36.26 -32.21
C ALA Q 153 -15.41 -37.47 -32.56
N LYS Q 154 -14.09 -37.31 -32.49
CA LYS Q 154 -13.20 -38.34 -33.02
C LYS Q 154 -13.37 -39.67 -32.29
N GLN Q 155 -13.57 -39.62 -30.97
CA GLN Q 155 -13.55 -40.85 -30.20
C GLN Q 155 -14.82 -41.68 -30.41
N ASN Q 156 -15.94 -41.03 -30.69
CA ASN Q 156 -17.12 -41.78 -31.15
C ASN Q 156 -16.85 -42.37 -32.53
N LEU Q 157 -16.21 -41.61 -33.41
CA LEU Q 157 -15.79 -42.14 -34.71
C LEU Q 157 -14.84 -43.32 -34.52
N ASN Q 158 -13.87 -43.19 -33.61
CA ASN Q 158 -12.93 -44.27 -33.37
C ASN Q 158 -13.68 -45.52 -32.89
N TYR Q 159 -14.63 -45.37 -31.98
CA TYR Q 159 -15.41 -46.50 -31.53
C TYR Q 159 -16.07 -47.21 -32.71
N ALA Q 160 -16.72 -46.44 -33.59
CA ALA Q 160 -17.42 -47.04 -34.72
C ALA Q 160 -16.46 -47.74 -35.68
N LYS Q 161 -15.47 -47.01 -36.20
CA LYS Q 161 -14.58 -47.59 -37.21
C LYS Q 161 -13.85 -48.80 -36.64
N LEU Q 162 -13.35 -48.69 -35.41
CA LEU Q 162 -12.58 -49.78 -34.83
C LEU Q 162 -13.45 -50.95 -34.41
N SER Q 163 -14.77 -50.78 -34.35
CA SER Q 163 -15.66 -51.91 -34.20
C SER Q 163 -15.88 -52.64 -35.52
N GLY Q 164 -15.52 -52.00 -36.64
CA GLY Q 164 -15.75 -52.54 -37.96
C GLY Q 164 -16.95 -51.92 -38.64
N ALA Q 165 -17.63 -51.00 -37.97
CA ALA Q 165 -18.76 -50.28 -38.52
C ALA Q 165 -18.27 -49.19 -39.47
N SER Q 166 -19.21 -48.67 -40.27
CA SER Q 166 -18.95 -47.50 -41.10
C SER Q 166 -19.44 -46.24 -40.40
N PRO Q 167 -18.56 -45.39 -39.87
CA PRO Q 167 -19.03 -44.18 -39.18
C PRO Q 167 -19.59 -43.17 -40.17
N THR Q 168 -20.70 -42.54 -39.78
CA THR Q 168 -21.31 -41.45 -40.53
C THR Q 168 -21.43 -40.24 -39.62
N PRO Q 169 -20.53 -39.27 -39.71
CA PRO Q 169 -20.65 -38.07 -38.87
C PRO Q 169 -21.89 -37.27 -39.26
N MET Q 170 -22.69 -36.89 -38.25
CA MET Q 170 -23.93 -36.18 -38.51
C MET Q 170 -24.37 -35.43 -37.25
N SER Q 171 -24.97 -34.27 -37.45
CA SER Q 171 -25.38 -33.42 -36.34
C SER Q 171 -26.58 -34.02 -35.61
N PHE Q 172 -26.70 -33.68 -34.34
CA PHE Q 172 -27.65 -34.32 -33.43
C PHE Q 172 -29.09 -34.11 -33.85
N SER Q 173 -29.41 -32.98 -34.48
CA SER Q 173 -30.79 -32.73 -34.87
C SER Q 173 -31.24 -33.59 -36.04
N GLU Q 174 -30.32 -34.05 -36.87
CA GLU Q 174 -30.65 -34.80 -38.08
C GLU Q 174 -30.80 -36.29 -37.84
N VAL Q 175 -30.59 -36.74 -36.60
CA VAL Q 175 -30.40 -38.16 -36.35
C VAL Q 175 -31.72 -38.91 -36.46
N TYR Q 176 -32.77 -38.43 -35.81
CA TYR Q 176 -34.01 -39.20 -35.75
C TYR Q 176 -34.48 -39.56 -37.17
N LEU Q 177 -34.45 -38.60 -38.08
CA LEU Q 177 -34.94 -38.83 -39.44
C LEU Q 177 -34.04 -39.79 -40.20
N ALA Q 178 -32.71 -39.67 -40.03
CA ALA Q 178 -31.80 -40.57 -40.73
C ALA Q 178 -31.99 -42.02 -40.30
N LEU Q 179 -32.36 -42.26 -39.05
CA LEU Q 179 -32.70 -43.60 -38.61
C LEU Q 179 -34.06 -44.04 -39.13
N GLN Q 180 -35.03 -43.13 -39.13
CA GLN Q 180 -36.37 -43.43 -39.62
C GLN Q 180 -36.34 -43.89 -41.07
N THR Q 181 -35.57 -43.19 -41.91
CA THR Q 181 -35.44 -43.54 -43.31
C THR Q 181 -34.40 -44.63 -43.56
N ASN Q 182 -33.79 -45.15 -42.49
CA ASN Q 182 -32.68 -46.10 -42.61
C ASN Q 182 -31.59 -45.58 -43.54
N ALA Q 183 -31.42 -44.25 -43.58
CA ALA Q 183 -30.23 -43.69 -44.21
C ALA Q 183 -28.98 -44.10 -43.45
N VAL Q 184 -29.13 -44.34 -42.14
CA VAL Q 184 -28.10 -44.92 -41.29
C VAL Q 184 -28.73 -46.11 -40.57
N ASP Q 185 -27.90 -47.12 -40.27
CA ASP Q 185 -28.41 -48.32 -39.64
C ASP Q 185 -28.46 -48.22 -38.12
N GLY Q 186 -27.61 -47.41 -37.51
CA GLY Q 186 -27.54 -47.35 -36.07
C GLY Q 186 -27.06 -46.01 -35.55
N GLN Q 187 -27.15 -45.86 -34.24
CA GLN Q 187 -26.68 -44.67 -33.55
C GLN Q 187 -26.26 -45.07 -32.15
N GLU Q 188 -25.59 -44.16 -31.45
CA GLU Q 188 -25.05 -44.44 -30.13
C GLU Q 188 -25.15 -43.24 -29.21
N ASN Q 189 -25.76 -43.44 -28.06
CA ASN Q 189 -25.95 -42.39 -27.07
C ASN Q 189 -26.30 -43.06 -25.75
N PRO Q 190 -26.28 -42.32 -24.65
CA PRO Q 190 -26.75 -42.88 -23.37
C PRO Q 190 -28.25 -43.10 -23.41
N LEU Q 191 -28.71 -43.97 -22.52
CA LEU Q 191 -30.12 -44.36 -22.55
C LEU Q 191 -31.07 -43.20 -22.32
N PRO Q 192 -30.83 -42.28 -21.38
CA PRO Q 192 -31.78 -41.17 -21.22
C PRO Q 192 -31.95 -40.34 -22.48
N THR Q 193 -30.89 -40.17 -23.26
CA THR Q 193 -31.01 -39.45 -24.52
C THR Q 193 -31.80 -40.25 -25.55
N ILE Q 194 -31.60 -41.57 -25.57
CA ILE Q 194 -32.34 -42.40 -26.51
C ILE Q 194 -33.84 -42.30 -26.27
N LYS Q 195 -34.26 -42.21 -25.00
CA LYS Q 195 -35.69 -42.10 -24.68
C LYS Q 195 -36.23 -40.70 -24.99
N THR Q 196 -35.66 -39.68 -24.36
CA THR Q 196 -36.17 -38.34 -24.62
C THR Q 196 -36.15 -38.05 -26.11
N MET Q 197 -35.04 -38.39 -26.78
CA MET Q 197 -35.13 -38.18 -28.24
C MET Q 197 -36.04 -39.13 -28.99
N LYS Q 198 -36.45 -40.21 -28.35
CA LYS Q 198 -37.29 -41.19 -28.97
C LYS Q 198 -36.62 -41.88 -30.15
N PHE Q 199 -35.29 -42.10 -30.09
CA PHE Q 199 -34.66 -42.92 -31.10
C PHE Q 199 -35.22 -44.34 -31.10
N TYR Q 200 -35.69 -44.82 -29.94
CA TYR Q 200 -36.23 -46.17 -29.85
C TYR Q 200 -37.44 -46.36 -30.75
N GLU Q 201 -38.12 -45.28 -31.14
CA GLU Q 201 -39.24 -45.40 -32.08
C GLU Q 201 -38.78 -45.86 -33.45
N VAL Q 202 -37.53 -45.56 -33.81
CA VAL Q 202 -36.97 -45.85 -35.12
C VAL Q 202 -35.82 -46.85 -35.04
N GLN Q 203 -35.57 -47.41 -33.86
CA GLN Q 203 -34.52 -48.39 -33.67
C GLN Q 203 -35.08 -49.54 -32.84
N LYS Q 204 -35.08 -50.75 -33.41
CA LYS Q 204 -35.63 -51.92 -32.72
C LYS Q 204 -34.59 -52.69 -31.91
N ASN Q 205 -33.31 -52.36 -32.01
CA ASN Q 205 -32.27 -53.10 -31.29
C ASN Q 205 -31.44 -52.15 -30.43
N LEU Q 206 -30.99 -52.65 -29.28
CA LEU Q 206 -30.16 -51.89 -28.36
C LEU Q 206 -29.03 -52.76 -27.85
N ALA Q 207 -27.79 -52.33 -28.04
CA ALA Q 207 -26.59 -53.10 -27.69
C ALA Q 207 -25.80 -52.47 -26.54
N MET Q 208 -26.07 -52.93 -25.32
CA MET Q 208 -25.37 -52.49 -24.12
C MET Q 208 -23.84 -52.57 -24.26
N THR Q 209 -23.24 -51.64 -25.00
CA THR Q 209 -21.82 -51.68 -25.30
C THR Q 209 -20.95 -50.84 -24.34
N HIS Q 210 -21.53 -49.91 -23.60
CA HIS Q 210 -20.82 -49.18 -22.54
C HIS Q 210 -19.50 -48.56 -23.01
N HIS Q 211 -19.47 -48.03 -24.24
CA HIS Q 211 -18.18 -47.73 -24.83
C HIS Q 211 -17.60 -46.39 -24.37
N ILE Q 212 -18.44 -45.40 -24.05
CA ILE Q 212 -17.93 -44.10 -23.58
C ILE Q 212 -18.82 -43.58 -22.45
N VAL Q 213 -18.17 -43.11 -21.38
CA VAL Q 213 -18.88 -42.47 -20.27
C VAL Q 213 -18.88 -40.97 -20.49
N ASN Q 214 -20.08 -40.38 -20.54
CA ASN Q 214 -20.23 -38.94 -20.73
C ASN Q 214 -20.47 -38.27 -19.38
N ASP Q 215 -19.61 -37.30 -19.05
CA ASP Q 215 -19.90 -36.32 -18.02
C ASP Q 215 -20.56 -35.12 -18.70
N GLN Q 216 -20.75 -34.02 -17.96
CA GLN Q 216 -21.20 -32.79 -18.59
C GLN Q 216 -20.76 -31.62 -17.71
N MET Q 217 -19.70 -30.93 -18.14
CA MET Q 217 -19.26 -29.74 -17.45
C MET Q 217 -20.22 -28.59 -17.70
N VAL Q 218 -20.50 -27.82 -16.66
CA VAL Q 218 -21.15 -26.52 -16.80
C VAL Q 218 -20.05 -25.47 -16.88
N ILE Q 219 -19.96 -24.79 -18.04
CA ILE Q 219 -18.90 -23.85 -18.32
C ILE Q 219 -19.50 -22.45 -18.38
N ILE Q 220 -18.88 -21.51 -17.68
CA ILE Q 220 -19.22 -20.09 -17.79
C ILE Q 220 -18.07 -19.38 -18.51
N SER Q 221 -18.42 -18.37 -19.30
CA SER Q 221 -17.40 -17.52 -19.90
C SER Q 221 -16.59 -16.82 -18.80
N GLU Q 222 -15.27 -16.93 -18.86
CA GLU Q 222 -14.45 -16.34 -17.82
C GLU Q 222 -14.58 -14.83 -17.80
N SER Q 223 -14.73 -14.21 -18.97
CA SER Q 223 -14.94 -12.75 -19.00
C SER Q 223 -16.27 -12.37 -18.37
N THR Q 224 -17.28 -13.23 -18.51
CA THR Q 224 -18.55 -12.99 -17.84
C THR Q 224 -18.42 -13.20 -16.34
N TRP Q 225 -17.74 -14.26 -15.94
CA TRP Q 225 -17.58 -14.59 -14.53
C TRP Q 225 -16.87 -13.49 -13.76
N GLN Q 226 -15.79 -12.94 -14.32
CA GLN Q 226 -14.95 -12.01 -13.57
C GLN Q 226 -15.63 -10.66 -13.33
N LYS Q 227 -16.66 -10.32 -14.08
CA LYS Q 227 -17.44 -9.12 -13.78
C LYS Q 227 -18.56 -9.36 -12.79
N LEU Q 228 -18.81 -10.61 -12.42
CA LEU Q 228 -19.84 -10.92 -11.44
C LEU Q 228 -19.36 -10.55 -10.04
N SER Q 229 -20.32 -10.26 -9.16
CA SER Q 229 -19.99 -10.01 -7.76
C SER Q 229 -19.72 -11.33 -7.03
N ASP Q 230 -19.03 -11.20 -5.89
CA ASP Q 230 -18.75 -12.39 -5.07
C ASP Q 230 -20.05 -13.07 -4.64
N THR Q 231 -21.11 -12.28 -4.41
CA THR Q 231 -22.40 -12.86 -4.05
C THR Q 231 -23.00 -13.61 -5.21
N ASP Q 232 -22.95 -13.04 -6.42
CA ASP Q 232 -23.44 -13.73 -7.60
C ASP Q 232 -22.65 -15.02 -7.84
N LYS Q 233 -21.33 -14.95 -7.73
CA LYS Q 233 -20.51 -16.14 -7.92
C LYS Q 233 -20.91 -17.26 -6.96
N ASP Q 234 -21.12 -16.93 -5.69
CA ASP Q 234 -21.52 -17.96 -4.72
C ASP Q 234 -22.90 -18.52 -5.06
N ILE Q 235 -23.86 -17.63 -5.36
CA ILE Q 235 -25.20 -18.10 -5.73
C ILE Q 235 -25.10 -19.09 -6.88
N ILE Q 236 -24.34 -18.73 -7.92
CA ILE Q 236 -24.24 -19.58 -9.10
C ILE Q 236 -23.57 -20.90 -8.72
N GLN Q 237 -22.43 -20.83 -8.04
CA GLN Q 237 -21.72 -22.05 -7.67
C GLN Q 237 -22.59 -22.99 -6.85
N LYS Q 238 -23.33 -22.46 -5.88
CA LYS Q 238 -24.12 -23.34 -5.01
C LYS Q 238 -25.35 -23.87 -5.75
N ALA Q 239 -25.98 -23.02 -6.56
CA ALA Q 239 -27.08 -23.50 -7.40
C ALA Q 239 -26.59 -24.57 -8.35
N VAL Q 240 -25.42 -24.34 -8.97
CA VAL Q 240 -24.90 -25.28 -9.97
C VAL Q 240 -24.72 -26.67 -9.36
N GLN Q 241 -24.15 -26.74 -8.16
CA GLN Q 241 -23.95 -28.03 -7.51
C GLN Q 241 -25.25 -28.63 -7.02
N LYS Q 242 -26.19 -27.78 -6.58
CA LYS Q 242 -27.49 -28.31 -6.16
C LYS Q 242 -28.20 -28.95 -7.33
N VAL Q 243 -28.18 -28.30 -8.50
CA VAL Q 243 -28.84 -28.86 -9.67
C VAL Q 243 -28.05 -30.05 -10.19
N GLY Q 244 -26.72 -30.04 -10.05
CA GLY Q 244 -25.93 -31.13 -10.57
C GLY Q 244 -26.16 -32.44 -9.83
N ASP Q 245 -26.27 -32.38 -8.50
CA ASP Q 245 -26.59 -33.57 -7.74
C ASP Q 245 -27.89 -34.19 -8.23
N ALA Q 246 -28.90 -33.37 -8.48
CA ALA Q 246 -30.16 -33.87 -9.03
C ALA Q 246 -29.94 -34.47 -10.42
N HIS Q 247 -29.23 -33.75 -11.28
CA HIS Q 247 -28.96 -34.24 -12.63
C HIS Q 247 -28.29 -35.61 -12.60
N THR Q 248 -27.18 -35.71 -11.86
CA THR Q 248 -26.47 -36.98 -11.79
C THR Q 248 -27.37 -38.10 -11.26
N GLN Q 249 -28.16 -37.82 -10.23
CA GLN Q 249 -29.03 -38.86 -9.66
C GLN Q 249 -30.12 -39.23 -10.65
N THR Q 250 -30.71 -38.24 -11.32
CA THR Q 250 -31.74 -38.54 -12.30
C THR Q 250 -31.20 -39.46 -13.39
N VAL Q 251 -29.98 -39.21 -13.85
CA VAL Q 251 -29.39 -40.02 -14.90
C VAL Q 251 -29.18 -41.45 -14.42
N LYS Q 252 -28.62 -41.59 -13.21
CA LYS Q 252 -28.38 -42.94 -12.67
C LYS Q 252 -29.69 -43.69 -12.49
N THR Q 253 -30.72 -43.01 -11.96
CA THR Q 253 -32.03 -43.63 -11.84
C THR Q 253 -32.54 -44.10 -13.19
N GLN Q 254 -32.45 -43.23 -14.20
CA GLN Q 254 -32.97 -43.56 -15.52
C GLN Q 254 -32.24 -44.75 -16.13
N GLU Q 255 -30.90 -44.75 -16.06
CA GLU Q 255 -30.14 -45.86 -16.64
C GLU Q 255 -30.52 -47.19 -16.01
N ALA Q 256 -30.98 -47.18 -14.76
CA ALA Q 256 -31.43 -48.43 -14.14
C ALA Q 256 -32.81 -48.85 -14.61
N GLU Q 257 -33.67 -47.89 -14.98
CA GLU Q 257 -35.04 -48.21 -15.35
C GLU Q 257 -35.23 -48.44 -16.85
N LEU Q 258 -34.42 -47.79 -17.70
CA LEU Q 258 -34.78 -47.65 -19.10
C LEU Q 258 -34.60 -48.92 -19.91
N VAL Q 259 -33.72 -49.84 -19.49
CA VAL Q 259 -33.61 -51.11 -20.20
C VAL Q 259 -34.93 -51.87 -20.10
N SER Q 260 -35.54 -51.87 -18.92
CA SER Q 260 -36.85 -52.51 -18.77
C SER Q 260 -37.89 -51.82 -19.63
N PHE Q 261 -37.87 -50.49 -19.66
CA PHE Q 261 -38.83 -49.76 -20.49
C PHE Q 261 -38.66 -50.12 -21.96
N PHE Q 262 -37.42 -50.12 -22.46
CA PHE Q 262 -37.19 -50.40 -23.87
C PHE Q 262 -37.66 -51.81 -24.22
N LYS Q 263 -37.41 -52.79 -23.33
CA LYS Q 263 -37.96 -54.12 -23.54
C LYS Q 263 -39.47 -54.06 -23.63
N SER Q 264 -40.11 -53.25 -22.76
CA SER Q 264 -41.56 -53.13 -22.79
C SER Q 264 -42.06 -52.46 -24.05
N GLU Q 265 -41.18 -51.78 -24.80
CA GLU Q 265 -41.51 -51.29 -26.13
C GLU Q 265 -40.94 -52.21 -27.23
N GLY Q 266 -41.00 -53.52 -27.01
CA GLY Q 266 -40.52 -54.50 -27.98
C GLY Q 266 -39.11 -54.33 -28.51
N ILE Q 267 -38.23 -53.60 -27.81
CA ILE Q 267 -36.85 -53.49 -28.24
C ILE Q 267 -36.08 -54.76 -27.91
N ASN Q 268 -35.34 -55.28 -28.88
CA ASN Q 268 -34.41 -56.38 -28.64
C ASN Q 268 -33.13 -55.82 -28.03
N VAL Q 269 -32.81 -56.24 -26.81
CA VAL Q 269 -31.66 -55.73 -26.07
C VAL Q 269 -30.60 -56.81 -26.02
N THR Q 270 -29.41 -56.50 -26.53
CA THR Q 270 -28.31 -57.43 -26.64
C THR Q 270 -27.19 -57.00 -25.70
N TYR Q 271 -26.46 -57.98 -25.19
CA TYR Q 271 -25.29 -57.76 -24.33
C TYR Q 271 -24.06 -58.40 -24.97
N PRO Q 272 -23.54 -57.82 -26.05
CA PRO Q 272 -22.39 -58.43 -26.72
C PRO Q 272 -21.18 -58.53 -25.79
N ASP Q 273 -20.29 -59.46 -26.12
CA ASP Q 273 -19.05 -59.62 -25.38
C ASP Q 273 -18.15 -58.41 -25.64
N LEU Q 274 -17.76 -57.71 -24.57
CA LEU Q 274 -17.02 -56.47 -24.71
C LEU Q 274 -15.51 -56.66 -24.84
N GLU Q 275 -15.01 -57.86 -24.54
CA GLU Q 275 -13.57 -58.08 -24.59
C GLU Q 275 -12.96 -57.75 -25.95
N PRO Q 276 -13.51 -58.20 -27.08
CA PRO Q 276 -12.91 -57.80 -28.37
C PRO Q 276 -12.98 -56.31 -28.66
N PHE Q 277 -13.95 -55.59 -28.08
CA PHE Q 277 -13.98 -54.14 -28.24
C PHE Q 277 -12.79 -53.49 -27.53
N ARG Q 278 -12.55 -53.89 -26.28
CA ARG Q 278 -11.42 -53.33 -25.54
C ARG Q 278 -10.09 -53.71 -26.19
N GLU Q 279 -10.01 -54.94 -26.71
CA GLU Q 279 -8.80 -55.35 -27.43
C GLU Q 279 -8.60 -54.51 -28.69
N ALA Q 280 -9.69 -54.10 -29.34
CA ALA Q 280 -9.57 -53.34 -30.58
C ALA Q 280 -9.05 -51.93 -30.32
N MET Q 281 -9.27 -51.40 -29.12
CA MET Q 281 -8.86 -50.04 -28.79
C MET Q 281 -7.41 -49.93 -28.35
N GLN Q 282 -6.75 -51.05 -28.07
CA GLN Q 282 -5.38 -51.00 -27.57
C GLN Q 282 -4.43 -50.26 -28.50
N PRO Q 283 -4.42 -50.49 -29.81
CA PRO Q 283 -3.52 -49.71 -30.66
C PRO Q 283 -3.85 -48.23 -30.67
N LEU Q 284 -5.12 -47.87 -30.46
CA LEU Q 284 -5.50 -46.47 -30.40
C LEU Q 284 -4.89 -45.81 -29.17
N TYR Q 285 -4.89 -46.51 -28.03
CA TYR Q 285 -4.26 -45.94 -26.83
C TYR Q 285 -2.79 -45.65 -27.10
N LYS Q 286 -2.09 -46.59 -27.72
CA LYS Q 286 -0.67 -46.37 -27.97
C LYS Q 286 -0.48 -45.22 -28.94
N GLU Q 287 -1.30 -45.16 -29.99
CA GLU Q 287 -1.27 -44.02 -30.91
C GLU Q 287 -1.51 -42.72 -30.16
N PHE Q 288 -2.48 -42.71 -29.25
CA PHE Q 288 -2.78 -41.48 -28.52
C PHE Q 288 -1.58 -41.01 -27.70
N ASP Q 289 -1.01 -41.90 -26.87
CA ASP Q 289 0.16 -41.55 -26.09
C ASP Q 289 1.28 -41.02 -26.97
N SER Q 290 1.54 -41.68 -28.09
CA SER Q 290 2.60 -41.21 -28.98
C SER Q 290 2.28 -39.83 -29.52
N ASN Q 291 1.01 -39.56 -29.82
CA ASN Q 291 0.64 -38.26 -30.40
C ASN Q 291 0.82 -37.15 -29.38
N ILE Q 292 0.54 -37.45 -28.11
CA ILE Q 292 0.59 -36.40 -27.12
C ILE Q 292 2.02 -36.04 -26.86
N GLY Q 293 2.90 -37.02 -27.01
CA GLY Q 293 4.29 -36.92 -26.70
C GLY Q 293 4.61 -37.35 -25.30
N GLN Q 294 3.59 -37.62 -24.47
CA GLN Q 294 3.77 -38.05 -23.04
C GLN Q 294 2.70 -39.08 -22.73
N PRO Q 295 3.04 -40.22 -22.12
CA PRO Q 295 2.00 -41.22 -21.80
C PRO Q 295 1.01 -40.69 -20.77
N ILE Q 296 -0.28 -40.97 -21.01
CA ILE Q 296 -1.32 -40.54 -20.10
C ILE Q 296 -2.42 -41.59 -19.97
N VAL Q 297 -2.64 -42.37 -21.03
CA VAL Q 297 -3.76 -43.29 -21.03
C VAL Q 297 -3.61 -44.29 -19.88
N SER Q 298 -2.41 -44.85 -19.71
CA SER Q 298 -2.21 -45.78 -18.61
C SER Q 298 -2.39 -45.10 -17.27
N LYS Q 299 -1.91 -43.86 -17.14
CA LYS Q 299 -2.12 -43.11 -15.91
C LYS Q 299 -3.59 -42.91 -15.62
N LEU Q 300 -4.36 -42.44 -16.61
CA LEU Q 300 -5.78 -42.16 -16.38
C LEU Q 300 -6.55 -43.44 -16.05
N ALA Q 301 -6.33 -44.51 -16.82
CA ALA Q 301 -7.06 -45.75 -16.59
C ALA Q 301 -6.84 -46.27 -15.19
N ALA Q 302 -5.69 -45.96 -14.57
CA ALA Q 302 -5.34 -46.49 -13.26
C ALA Q 302 -5.88 -45.64 -12.11
N MET Q 303 -6.47 -44.48 -12.40
CA MET Q 303 -6.96 -43.60 -11.34
C MET Q 303 -8.18 -44.21 -10.65
N GLY R 1 1.43 -36.18 -34.70
CA GLY R 1 2.30 -35.05 -34.29
C GLY R 1 1.55 -33.98 -33.53
N SER R 2 2.19 -33.41 -32.51
CA SER R 2 1.51 -32.53 -31.58
C SER R 2 1.43 -31.08 -32.06
N GLN R 3 2.21 -30.71 -33.08
CA GLN R 3 2.45 -29.31 -33.39
C GLN R 3 2.29 -29.09 -34.88
N VAL R 4 2.02 -27.84 -35.25
CA VAL R 4 1.75 -27.47 -36.63
C VAL R 4 2.89 -26.60 -37.16
N GLN R 5 3.33 -26.91 -38.37
CA GLN R 5 4.34 -26.15 -39.09
C GLN R 5 3.67 -25.43 -40.24
N LEU R 6 3.95 -24.13 -40.39
CA LEU R 6 3.27 -23.28 -41.35
C LEU R 6 4.29 -22.56 -42.23
N VAL R 7 3.97 -22.47 -43.52
CA VAL R 7 4.82 -21.81 -44.50
C VAL R 7 3.94 -20.91 -45.36
N GLU R 8 4.12 -19.60 -45.26
CA GLU R 8 3.40 -18.67 -46.10
C GLU R 8 4.14 -18.47 -47.41
N SER R 9 3.36 -18.20 -48.47
CA SER R 9 3.89 -17.83 -49.76
C SER R 9 2.97 -16.79 -50.38
N GLY R 10 3.53 -15.94 -51.24
CA GLY R 10 2.74 -14.96 -51.94
C GLY R 10 3.31 -13.58 -51.92
N GLY R 11 4.26 -13.33 -51.02
CA GLY R 11 4.76 -11.99 -50.80
C GLY R 11 5.30 -11.38 -52.07
N ARG R 12 4.85 -10.16 -52.37
CA ARG R 12 5.20 -9.55 -53.65
C ARG R 12 5.20 -8.03 -53.55
N LEU R 13 5.79 -7.36 -54.56
CA LEU R 13 5.63 -5.91 -54.77
C LEU R 13 4.42 -5.70 -55.66
N VAL R 14 3.47 -4.90 -55.19
CA VAL R 14 2.24 -4.61 -55.91
C VAL R 14 1.86 -3.15 -55.68
N GLN R 15 0.98 -2.65 -56.54
CA GLN R 15 0.60 -1.25 -56.59
C GLN R 15 -0.72 -1.00 -55.88
N THR R 16 -0.95 0.27 -55.58
CA THR R 16 -2.21 0.68 -54.99
C THR R 16 -3.37 0.28 -55.88
N GLY R 17 -4.44 -0.23 -55.24
CA GLY R 17 -5.58 -0.77 -55.94
C GLY R 17 -5.41 -2.18 -56.49
N GLY R 18 -4.21 -2.74 -56.44
CA GLY R 18 -4.00 -4.08 -56.95
C GLY R 18 -4.51 -5.14 -56.00
N SER R 19 -4.51 -6.37 -56.48
CA SER R 19 -4.95 -7.52 -55.71
C SER R 19 -3.83 -8.54 -55.61
N LEU R 20 -3.74 -9.21 -54.45
CA LEU R 20 -2.72 -10.19 -54.18
C LEU R 20 -3.31 -11.32 -53.34
N ARG R 21 -2.98 -12.55 -53.69
CA ARG R 21 -3.43 -13.72 -52.96
C ARG R 21 -2.24 -14.33 -52.22
N LEU R 22 -2.33 -14.37 -50.90
CA LEU R 22 -1.38 -15.10 -50.08
C LEU R 22 -1.90 -16.52 -49.82
N SER R 23 -0.97 -17.45 -49.68
CA SER R 23 -1.29 -18.84 -49.38
C SER R 23 -0.39 -19.35 -48.27
N CYS R 24 -0.93 -20.27 -47.47
CA CYS R 24 -0.21 -20.86 -46.36
C CYS R 24 -0.40 -22.37 -46.39
N ALA R 25 0.70 -23.11 -46.38
CA ALA R 25 0.69 -24.56 -46.40
C ALA R 25 0.99 -25.05 -44.99
N ALA R 26 0.16 -25.96 -44.48
CA ALA R 26 0.26 -26.42 -43.11
C ALA R 26 0.71 -27.89 -43.07
N SER R 27 1.54 -28.21 -42.09
CA SER R 27 2.00 -29.57 -41.90
C SER R 27 1.96 -29.93 -40.43
N GLY R 28 2.07 -31.23 -40.16
CA GLY R 28 2.15 -31.72 -38.79
C GLY R 28 0.86 -32.30 -38.26
N ASP R 29 0.17 -31.55 -37.42
CA ASP R 29 -1.05 -32.03 -36.80
C ASP R 29 -2.21 -31.83 -37.75
N THR R 30 -3.37 -32.38 -37.39
CA THR R 30 -4.47 -32.45 -38.33
C THR R 30 -4.99 -31.03 -38.59
N PHE R 31 -4.97 -30.65 -39.86
CA PHE R 31 -5.25 -29.27 -40.25
C PHE R 31 -6.65 -28.84 -39.85
N SER R 32 -7.62 -29.76 -39.95
CA SER R 32 -8.99 -29.43 -39.62
C SER R 32 -9.23 -29.28 -38.13
N ASN R 33 -8.23 -29.56 -37.29
CA ASN R 33 -8.36 -29.30 -35.86
C ASN R 33 -8.18 -27.84 -35.51
N TYR R 34 -7.81 -27.00 -36.47
CA TYR R 34 -7.36 -25.65 -36.18
C TYR R 34 -8.17 -24.57 -36.86
N VAL R 35 -8.41 -23.50 -36.12
CA VAL R 35 -8.79 -22.23 -36.69
C VAL R 35 -7.53 -21.61 -37.30
N MET R 36 -7.62 -21.17 -38.54
CA MET R 36 -6.49 -20.58 -39.25
C MET R 36 -6.67 -19.07 -39.30
N GLY R 37 -5.58 -18.35 -39.03
CA GLY R 37 -5.65 -16.91 -38.95
C GLY R 37 -4.55 -16.26 -39.77
N TRP R 38 -4.80 -15.01 -40.15
CA TRP R 38 -3.81 -14.16 -40.79
C TRP R 38 -3.56 -12.94 -39.93
N PHE R 39 -2.28 -12.64 -39.69
CA PHE R 39 -1.84 -11.48 -38.92
C PHE R 39 -0.80 -10.75 -39.74
N ARG R 40 -0.62 -9.46 -39.47
CA ARG R 40 0.38 -8.68 -40.16
C ARG R 40 1.10 -7.78 -39.16
N GLN R 41 2.37 -7.52 -39.43
CA GLN R 41 3.17 -6.69 -38.54
C GLN R 41 4.02 -5.72 -39.33
N ALA R 42 3.92 -4.43 -39.00
CA ALA R 42 4.88 -3.44 -39.44
C ALA R 42 5.97 -3.27 -38.39
N PRO R 43 7.14 -2.78 -38.77
CA PRO R 43 8.24 -2.66 -37.81
C PRO R 43 7.86 -1.72 -36.67
N GLY R 44 8.28 -2.09 -35.45
CA GLY R 44 7.99 -1.31 -34.26
C GLY R 44 6.67 -1.61 -33.58
N LYS R 45 5.70 -2.20 -34.27
CA LYS R 45 4.33 -2.36 -33.77
C LYS R 45 4.06 -3.83 -33.42
N GLU R 46 3.23 -4.05 -32.36
CA GLU R 46 2.09 -5.00 -32.47
C GLU R 46 1.73 -5.47 -33.86
N ARG R 47 1.67 -6.78 -33.89
CA ARG R 47 0.89 -7.58 -34.81
C ARG R 47 -0.60 -7.26 -34.82
N GLU R 48 -1.13 -7.02 -36.01
CA GLU R 48 -2.53 -6.70 -36.22
C GLU R 48 -3.27 -7.94 -36.71
N PHE R 49 -4.39 -8.24 -36.08
CA PHE R 49 -5.23 -9.31 -36.59
C PHE R 49 -5.82 -8.86 -37.93
N VAL R 50 -5.79 -9.76 -38.90
CA VAL R 50 -6.36 -9.49 -40.23
C VAL R 50 -7.63 -10.32 -40.45
N ALA R 51 -7.52 -11.65 -40.38
CA ALA R 51 -8.67 -12.50 -40.65
C ALA R 51 -8.43 -13.87 -40.01
N ALA R 52 -9.54 -14.57 -39.77
CA ALA R 52 -9.50 -15.93 -39.27
C ALA R 52 -10.69 -16.70 -39.85
N ILE R 53 -10.53 -18.02 -39.92
CA ILE R 53 -11.53 -18.90 -40.52
C ILE R 53 -11.65 -20.14 -39.65
N SER R 54 -12.89 -20.57 -39.41
CA SER R 54 -13.14 -21.70 -38.52
C SER R 54 -12.71 -23.01 -39.17
N TRP R 55 -12.77 -24.08 -38.36
CA TRP R 55 -12.28 -25.39 -38.79
C TRP R 55 -12.87 -25.80 -40.14
N THR R 56 -14.18 -25.63 -40.30
CA THR R 56 -14.90 -26.07 -41.48
C THR R 56 -15.12 -24.95 -42.50
N GLY R 57 -14.69 -23.72 -42.18
CA GLY R 57 -14.95 -22.59 -43.03
C GLY R 57 -16.29 -21.92 -42.83
N ALA R 58 -17.07 -22.35 -41.84
CA ALA R 58 -18.42 -21.80 -41.67
C ALA R 58 -18.39 -20.39 -41.10
N ASN R 59 -17.55 -20.15 -40.10
CA ASN R 59 -17.37 -18.83 -39.52
C ASN R 59 -16.09 -18.19 -40.07
N SER R 60 -16.18 -16.89 -40.35
CA SER R 60 -15.01 -16.10 -40.72
C SER R 60 -15.00 -14.80 -39.92
N TYR R 61 -13.81 -14.36 -39.56
CA TYR R 61 -13.60 -13.17 -38.74
C TYR R 61 -12.67 -12.22 -39.49
N TYR R 62 -12.96 -10.92 -39.40
CA TYR R 62 -12.19 -9.94 -40.14
C TYR R 62 -11.94 -8.69 -39.31
N ALA R 63 -10.80 -8.05 -39.55
CA ALA R 63 -10.54 -6.73 -39.01
C ALA R 63 -11.36 -5.67 -39.77
N ASP R 64 -11.76 -4.61 -39.05
CA ASP R 64 -12.50 -3.54 -39.70
C ASP R 64 -11.67 -2.87 -40.80
N SER R 65 -10.35 -2.84 -40.65
CA SER R 65 -9.47 -2.21 -41.62
C SER R 65 -9.46 -2.92 -42.97
N VAL R 66 -9.89 -4.18 -43.03
CA VAL R 66 -9.79 -4.96 -44.25
C VAL R 66 -11.15 -5.46 -44.71
N ALA R 67 -12.22 -5.04 -44.04
CA ALA R 67 -13.56 -5.55 -44.36
C ALA R 67 -13.91 -5.19 -45.80
N GLY R 68 -14.51 -6.14 -46.50
CA GLY R 68 -14.87 -5.96 -47.90
C GLY R 68 -13.70 -6.08 -48.87
N ARG R 69 -12.48 -5.84 -48.41
CA ARG R 69 -11.32 -5.87 -49.29
C ARG R 69 -10.64 -7.24 -49.28
N PHE R 70 -10.51 -7.84 -48.09
CA PHE R 70 -9.80 -9.11 -47.92
C PHE R 70 -10.80 -10.25 -47.79
N THR R 71 -10.39 -11.42 -48.27
CA THR R 71 -11.18 -12.65 -48.13
C THR R 71 -10.27 -13.77 -47.68
N ILE R 72 -10.66 -14.47 -46.62
CA ILE R 72 -9.93 -15.64 -46.13
C ILE R 72 -10.68 -16.89 -46.56
N SER R 73 -9.93 -17.95 -46.89
CA SER R 73 -10.51 -19.22 -47.29
C SER R 73 -9.56 -20.33 -46.89
N ARG R 74 -10.08 -21.55 -46.82
CA ARG R 74 -9.27 -22.71 -46.48
C ARG R 74 -9.65 -23.90 -47.35
N ASP R 75 -8.71 -24.83 -47.46
CA ASP R 75 -8.89 -26.08 -48.19
C ASP R 75 -8.40 -27.22 -47.31
N ASN R 76 -9.33 -27.99 -46.74
CA ASN R 76 -8.96 -29.03 -45.79
C ASN R 76 -8.45 -30.30 -46.46
N ALA R 77 -8.56 -30.41 -47.79
CA ALA R 77 -7.93 -31.53 -48.50
C ALA R 77 -6.46 -31.24 -48.77
N LYS R 78 -6.16 -30.04 -49.26
CA LYS R 78 -4.79 -29.63 -49.53
C LYS R 78 -4.10 -29.08 -48.28
N ASN R 79 -4.83 -28.89 -47.17
CA ASN R 79 -4.27 -28.38 -45.93
C ASN R 79 -3.63 -27.01 -46.13
N THR R 80 -4.41 -26.10 -46.73
CA THR R 80 -3.94 -24.75 -47.00
C THR R 80 -4.98 -23.75 -46.57
N VAL R 81 -4.52 -22.55 -46.22
CA VAL R 81 -5.38 -21.39 -45.99
C VAL R 81 -4.86 -20.28 -46.89
N ALA R 82 -5.77 -19.50 -47.44
CA ALA R 82 -5.44 -18.44 -48.38
C ALA R 82 -6.05 -17.13 -47.92
N LEU R 83 -5.38 -16.03 -48.27
CA LEU R 83 -5.88 -14.67 -48.03
C LEU R 83 -5.92 -13.93 -49.35
N GLN R 84 -7.13 -13.72 -49.88
CA GLN R 84 -7.30 -12.88 -51.06
C GLN R 84 -7.38 -11.43 -50.63
N MET R 85 -6.42 -10.62 -51.07
CA MET R 85 -6.37 -9.20 -50.76
C MET R 85 -6.69 -8.39 -52.01
N ASN R 86 -7.67 -7.50 -51.91
CA ASN R 86 -8.04 -6.60 -52.99
C ASN R 86 -7.95 -5.15 -52.52
N SER R 87 -7.90 -4.23 -53.48
CA SER R 87 -7.93 -2.79 -53.21
C SER R 87 -6.88 -2.42 -52.18
N LEU R 88 -5.67 -2.90 -52.39
CA LEU R 88 -4.59 -2.69 -51.43
C LEU R 88 -4.15 -1.23 -51.45
N LYS R 89 -3.74 -0.72 -50.28
CA LYS R 89 -3.11 0.59 -50.24
C LYS R 89 -1.73 0.48 -49.58
N PRO R 90 -0.90 1.53 -49.69
CA PRO R 90 0.41 1.49 -49.01
C PRO R 90 0.33 1.18 -47.52
N GLU R 91 -0.74 1.56 -46.82
CA GLU R 91 -0.82 1.20 -45.40
C GLU R 91 -0.94 -0.31 -45.18
N ASP R 92 -1.26 -1.08 -46.23
CA ASP R 92 -1.30 -2.52 -46.13
C ASP R 92 0.08 -3.15 -46.22
N THR R 93 1.12 -2.35 -46.43
CA THR R 93 2.48 -2.86 -46.47
C THR R 93 2.88 -3.41 -45.11
N ALA R 94 3.22 -4.69 -45.07
CA ALA R 94 3.59 -5.35 -43.82
C ALA R 94 4.12 -6.74 -44.15
N ILE R 95 4.70 -7.38 -43.15
CA ILE R 95 4.93 -8.82 -43.19
C ILE R 95 3.66 -9.51 -42.70
N TYR R 96 3.11 -10.41 -43.51
CA TYR R 96 1.87 -11.10 -43.19
C TYR R 96 2.19 -12.49 -42.68
N TYR R 97 1.62 -12.84 -41.53
CA TYR R 97 1.90 -14.09 -40.85
C TYR R 97 0.69 -15.02 -40.92
N CYS R 98 0.93 -16.26 -41.29
CA CYS R 98 -0.05 -17.34 -41.13
C CYS R 98 0.06 -17.89 -39.72
N ALA R 99 -1.09 -18.13 -39.09
CA ALA R 99 -1.11 -18.61 -37.72
C ALA R 99 -2.22 -19.64 -37.54
N ALA R 100 -1.99 -20.55 -36.60
CA ALA R 100 -2.96 -21.60 -36.28
C ALA R 100 -3.21 -21.64 -34.78
N ASP R 101 -4.46 -21.89 -34.41
CA ASP R 101 -4.84 -22.16 -33.03
C ASP R 101 -6.07 -23.05 -33.04
N HIS R 102 -6.29 -23.73 -31.92
CA HIS R 102 -7.42 -24.65 -31.82
C HIS R 102 -8.75 -23.90 -31.84
N PHE R 103 -8.78 -22.67 -31.35
CA PHE R 103 -9.97 -21.84 -31.39
C PHE R 103 -9.57 -20.42 -31.77
N HIS R 104 -10.50 -19.67 -32.33
CA HIS R 104 -10.26 -18.25 -32.53
C HIS R 104 -10.16 -17.58 -31.16
N VAL R 105 -9.13 -16.77 -30.96
CA VAL R 105 -8.90 -16.09 -29.70
C VAL R 105 -8.51 -14.66 -30.00
N THR R 106 -8.88 -13.76 -29.09
CA THR R 106 -8.53 -12.35 -29.20
C THR R 106 -7.74 -11.83 -28.00
N HIS R 107 -7.85 -12.48 -26.85
CA HIS R 107 -7.14 -12.11 -25.64
C HIS R 107 -5.74 -12.68 -25.60
N ARG R 108 -5.33 -13.46 -26.62
CA ARG R 108 -4.10 -14.21 -26.57
C ARG R 108 -3.50 -14.34 -27.95
N LYS R 109 -2.24 -14.79 -27.97
CA LYS R 109 -1.51 -15.03 -29.20
C LYS R 109 -1.85 -16.43 -29.72
N TYR R 110 -1.96 -16.56 -31.03
CA TYR R 110 -2.17 -17.87 -31.61
C TYR R 110 -0.99 -18.77 -31.25
N ASP R 111 -1.22 -20.08 -31.23
CA ASP R 111 -0.18 -21.00 -30.77
C ASP R 111 0.96 -21.11 -31.79
N TYR R 112 0.65 -21.26 -33.07
CA TYR R 112 1.64 -21.62 -34.07
C TYR R 112 1.73 -20.60 -35.19
N TRP R 113 2.94 -20.43 -35.73
CA TRP R 113 3.24 -19.34 -36.64
C TRP R 113 4.20 -19.87 -37.70
N GLY R 114 4.03 -19.43 -38.96
CA GLY R 114 5.06 -19.61 -39.99
C GLY R 114 5.95 -18.37 -39.80
N GLN R 115 7.10 -18.18 -40.58
CA GLN R 115 7.47 -16.76 -40.43
C GLN R 115 7.06 -15.82 -41.54
N GLY R 116 5.94 -15.96 -42.21
CA GLY R 116 5.54 -14.72 -42.82
C GLY R 116 6.13 -14.49 -44.20
N THR R 117 5.38 -13.72 -44.98
CA THR R 117 5.72 -13.28 -46.31
C THR R 117 5.52 -11.77 -46.42
N GLN R 118 6.49 -11.11 -47.03
CA GLN R 118 6.51 -9.66 -47.06
C GLN R 118 5.61 -9.18 -48.20
N VAL R 119 4.68 -8.30 -47.86
CA VAL R 119 3.80 -7.66 -48.84
C VAL R 119 4.20 -6.19 -48.89
N THR R 120 4.57 -5.73 -50.08
CA THR R 120 4.94 -4.34 -50.31
C THR R 120 3.96 -3.73 -51.31
N VAL R 121 3.25 -2.70 -50.87
CA VAL R 121 2.30 -1.98 -51.71
C VAL R 121 2.88 -0.62 -52.03
N SER R 122 3.01 -0.31 -53.31
CA SER R 122 3.61 0.93 -53.77
C SER R 122 2.52 1.97 -53.99
N SER R 123 2.89 3.23 -53.76
CA SER R 123 1.93 4.33 -53.87
C SER R 123 1.58 4.63 -55.33
N GLY S 1 -28.77 67.52 39.25
CA GLY S 1 -29.22 67.90 37.89
C GLY S 1 -29.65 66.70 37.08
N SER S 2 -30.77 66.83 36.37
CA SER S 2 -31.33 65.68 35.66
C SER S 2 -30.56 65.37 34.39
N GLN S 3 -30.28 66.39 33.58
CA GLN S 3 -29.92 66.17 32.18
C GLN S 3 -28.41 66.27 31.96
N VAL S 4 -28.03 66.04 30.70
CA VAL S 4 -26.64 65.98 30.27
C VAL S 4 -26.31 67.16 29.37
N GLN S 5 -25.15 67.76 29.60
CA GLN S 5 -24.61 68.82 28.78
C GLN S 5 -23.45 68.26 27.97
N LEU S 6 -23.46 68.51 26.66
CA LEU S 6 -22.49 67.92 25.76
C LEU S 6 -21.79 69.00 24.94
N VAL S 7 -20.48 68.84 24.78
CA VAL S 7 -19.67 69.76 23.99
C VAL S 7 -18.77 68.92 23.10
N GLU S 8 -19.05 68.89 21.80
CA GLU S 8 -18.22 68.19 20.84
C GLU S 8 -17.16 69.13 20.28
N SER S 9 -16.02 68.55 19.89
CA SER S 9 -15.02 69.30 19.16
C SER S 9 -14.36 68.41 18.13
N GLY S 10 -13.57 69.03 17.26
CA GLY S 10 -12.79 68.33 16.25
C GLY S 10 -12.97 68.87 14.85
N GLY S 11 -14.05 69.59 14.59
CA GLY S 11 -14.40 69.99 13.23
C GLY S 11 -13.39 70.86 12.51
N ARG S 12 -13.02 70.47 11.29
CA ARG S 12 -11.99 71.15 10.52
C ARG S 12 -12.20 70.82 9.05
N LEU S 13 -11.44 71.50 8.19
CA LEU S 13 -11.36 71.18 6.78
C LEU S 13 -10.43 70.00 6.56
N VAL S 14 -10.92 68.98 5.86
CA VAL S 14 -10.20 67.74 5.68
C VAL S 14 -10.15 67.36 4.21
N GLN S 15 -9.33 66.34 3.97
CA GLN S 15 -8.90 65.84 2.67
C GLN S 15 -9.77 64.66 2.29
N THR S 16 -10.18 64.60 1.01
CA THR S 16 -10.90 63.42 0.55
C THR S 16 -10.00 62.23 0.81
N GLY S 17 -10.53 61.17 1.39
CA GLY S 17 -9.69 60.07 1.82
C GLY S 17 -8.98 60.31 3.14
N GLY S 18 -9.08 61.52 3.71
CA GLY S 18 -8.42 61.83 4.95
C GLY S 18 -9.14 61.25 6.16
N SER S 19 -8.47 61.38 7.31
CA SER S 19 -9.00 60.89 8.57
C SER S 19 -9.13 62.03 9.57
N LEU S 20 -10.20 62.00 10.37
CA LEU S 20 -10.46 63.01 11.37
C LEU S 20 -11.14 62.35 12.56
N ARG S 21 -10.72 62.74 13.77
CA ARG S 21 -11.29 62.24 15.01
C ARG S 21 -12.07 63.36 15.70
N LEU S 22 -13.37 63.15 15.89
CA LEU S 22 -14.19 64.03 16.72
C LEU S 22 -14.24 63.52 18.15
N SER S 23 -14.39 64.45 19.09
CA SER S 23 -14.52 64.14 20.51
C SER S 23 -15.65 64.95 21.12
N CYS S 24 -16.29 64.37 22.15
CA CYS S 24 -17.39 65.00 22.86
C CYS S 24 -17.20 64.82 24.36
N ALA S 25 -17.24 65.92 25.10
CA ALA S 25 -17.09 65.94 26.56
C ALA S 25 -18.46 66.10 27.18
N ALA S 26 -18.78 65.24 28.15
CA ALA S 26 -20.11 65.18 28.75
C ALA S 26 -20.10 65.67 30.18
N SER S 27 -21.17 66.37 30.57
CA SER S 27 -21.34 66.85 31.93
C SER S 27 -22.79 66.63 32.36
N GLY S 28 -23.02 66.79 33.66
CA GLY S 28 -24.36 66.72 34.23
C GLY S 28 -24.69 65.43 34.95
N ASP S 29 -25.49 64.57 34.34
CA ASP S 29 -25.89 63.32 34.98
C ASP S 29 -24.82 62.26 34.72
N THR S 30 -24.98 61.10 35.34
CA THR S 30 -23.92 60.11 35.30
C THR S 30 -23.73 59.60 33.88
N PHE S 31 -22.51 59.76 33.37
CA PHE S 31 -22.24 59.52 31.95
C PHE S 31 -22.50 58.07 31.57
N SER S 32 -22.19 57.13 32.46
CA SER S 32 -22.37 55.71 32.17
C SER S 32 -23.84 55.29 32.14
N ASN S 33 -24.76 56.18 32.50
CA ASN S 33 -26.18 55.86 32.39
C ASN S 33 -26.70 55.99 30.97
N TYR S 34 -25.89 56.49 30.05
CA TYR S 34 -26.39 56.91 28.74
C TYR S 34 -25.71 56.18 27.59
N VAL S 35 -26.53 55.83 26.60
CA VAL S 35 -26.03 55.51 25.28
C VAL S 35 -25.61 56.80 24.59
N MET S 36 -24.39 56.81 24.04
CA MET S 36 -23.86 57.98 23.36
C MET S 36 -23.94 57.76 21.85
N GLY S 37 -24.36 58.80 21.12
CA GLY S 37 -24.56 58.69 19.71
C GLY S 37 -23.93 59.85 18.95
N TRP S 38 -23.63 59.58 17.69
CA TRP S 38 -23.18 60.62 16.76
C TRP S 38 -24.19 60.74 15.64
N PHE S 39 -24.59 61.97 15.34
CA PHE S 39 -25.52 62.28 14.27
C PHE S 39 -24.91 63.40 13.45
N ARG S 40 -25.33 63.49 12.19
CA ARG S 40 -24.84 64.54 11.32
C ARG S 40 -26.01 65.11 10.54
N GLN S 41 -25.91 66.40 10.23
CA GLN S 41 -26.95 67.08 9.46
C GLN S 41 -26.30 67.94 8.39
N ALA S 42 -26.67 67.71 7.14
CA ALA S 42 -26.39 68.62 6.06
C ALA S 42 -27.57 69.58 5.92
N PRO S 43 -27.35 70.76 5.34
CA PRO S 43 -28.43 71.74 5.32
C PRO S 43 -29.65 71.23 4.58
N GLY S 44 -30.83 71.64 5.04
CA GLY S 44 -32.08 71.20 4.47
C GLY S 44 -32.56 69.83 4.85
N LYS S 45 -31.71 68.95 5.39
CA LYS S 45 -32.01 67.52 5.53
C LYS S 45 -32.27 67.04 6.96
N GLU S 46 -32.71 65.79 7.02
CA GLU S 46 -33.01 65.20 8.30
C GLU S 46 -31.73 65.09 9.15
N ARG S 47 -31.89 64.95 10.47
CA ARG S 47 -30.79 64.45 11.27
C ARG S 47 -30.46 63.06 10.74
N GLU S 48 -29.20 62.82 10.40
CA GLU S 48 -28.76 61.53 9.90
C GLU S 48 -28.05 60.79 11.02
N PHE S 49 -28.45 59.56 11.28
CA PHE S 49 -27.73 58.72 12.23
C PHE S 49 -26.38 58.30 11.69
N VAL S 50 -25.35 58.40 12.52
CA VAL S 50 -24.01 57.96 12.17
C VAL S 50 -23.58 56.74 12.98
N ALA S 51 -23.54 56.86 14.30
CA ALA S 51 -23.09 55.78 15.15
C ALA S 51 -23.61 56.00 16.57
N ALA S 52 -23.67 54.90 17.32
CA ALA S 52 -24.05 54.94 18.73
C ALA S 52 -23.31 53.82 19.45
N ILE S 53 -23.11 54.01 20.76
CA ILE S 53 -22.34 53.09 21.57
C ILE S 53 -23.05 52.90 22.91
N SER S 54 -23.13 51.65 23.35
CA SER S 54 -23.85 51.31 24.57
C SER S 54 -23.09 51.77 25.81
N TRP S 55 -23.75 51.63 26.96
CA TRP S 55 -23.24 52.14 28.22
C TRP S 55 -21.82 51.68 28.49
N THR S 56 -21.54 50.39 28.30
CA THR S 56 -20.24 49.82 28.63
C THR S 56 -19.32 49.72 27.43
N GLY S 57 -19.80 50.10 26.24
CA GLY S 57 -19.05 49.89 25.03
C GLY S 57 -19.22 48.53 24.40
N ALA S 58 -20.12 47.70 24.96
CA ALA S 58 -20.25 46.33 24.46
C ALA S 58 -20.97 46.30 23.12
N ASN S 59 -22.02 47.09 22.97
CA ASN S 59 -22.74 47.24 21.71
C ASN S 59 -22.29 48.50 21.00
N SER S 60 -22.13 48.40 19.67
CA SER S 60 -21.93 49.56 18.83
C SER S 60 -22.88 49.47 17.64
N TYR S 61 -23.39 50.62 17.23
CA TYR S 61 -24.34 50.72 16.12
C TYR S 61 -23.75 51.69 15.10
N TYR S 62 -23.91 51.34 13.82
CA TYR S 62 -23.36 52.15 12.75
C TYR S 62 -24.36 52.24 11.61
N ALA S 63 -24.35 53.37 10.92
CA ALA S 63 -25.08 53.49 9.67
C ALA S 63 -24.35 52.74 8.56
N ASP S 64 -25.11 52.21 7.61
CA ASP S 64 -24.51 51.54 6.47
C ASP S 64 -23.59 52.46 5.70
N SER S 65 -23.88 53.77 5.73
CA SER S 65 -23.07 54.75 5.00
C SER S 65 -21.64 54.85 5.52
N VAL S 66 -21.41 54.47 6.77
CA VAL S 66 -20.11 54.68 7.41
C VAL S 66 -19.59 53.36 7.96
N ALA S 67 -20.18 52.24 7.51
CA ALA S 67 -20.01 50.98 8.20
C ALA S 67 -18.54 50.61 8.43
N GLY S 68 -17.73 50.66 7.38
CA GLY S 68 -16.33 50.26 7.51
C GLY S 68 -15.38 51.38 7.89
N ARG S 69 -15.81 52.61 7.67
CA ARG S 69 -14.92 53.77 7.76
C ARG S 69 -14.87 54.41 9.14
N PHE S 70 -15.99 54.51 9.85
CA PHE S 70 -16.03 55.22 11.11
C PHE S 70 -15.97 54.26 12.28
N THR S 71 -15.40 54.72 13.39
CA THR S 71 -15.34 53.96 14.63
C THR S 71 -15.77 54.85 15.78
N ILE S 72 -16.74 54.38 16.57
CA ILE S 72 -17.20 55.08 17.76
C ILE S 72 -16.63 54.39 18.99
N SER S 73 -16.27 55.18 19.99
CA SER S 73 -15.72 54.67 21.24
C SER S 73 -16.05 55.65 22.36
N ARG S 74 -15.95 55.15 23.60
CA ARG S 74 -16.21 55.98 24.76
C ARG S 74 -15.18 55.70 25.85
N ASP S 75 -15.02 56.68 26.74
CA ASP S 75 -14.16 56.57 27.91
C ASP S 75 -14.98 57.02 29.12
N ASN S 76 -15.41 56.08 29.95
CA ASN S 76 -16.29 56.39 31.07
C ASN S 76 -15.55 56.95 32.28
N ALA S 77 -14.22 56.94 32.26
CA ALA S 77 -13.47 57.65 33.30
C ALA S 77 -13.36 59.14 32.98
N LYS S 78 -12.99 59.46 31.75
CA LYS S 78 -12.92 60.84 31.30
C LYS S 78 -14.27 61.39 30.86
N ASN S 79 -15.30 60.54 30.78
CA ASN S 79 -16.64 60.96 30.37
C ASN S 79 -16.63 61.61 28.99
N THR S 80 -16.06 60.89 28.02
CA THR S 80 -15.99 61.36 26.65
C THR S 80 -16.44 60.26 25.71
N VAL S 81 -16.96 60.67 24.55
CA VAL S 81 -17.26 59.78 23.44
C VAL S 81 -16.52 60.34 22.23
N ALA S 82 -15.98 59.45 21.40
CA ALA S 82 -15.20 59.85 20.24
C ALA S 82 -15.71 59.17 18.99
N LEU S 83 -15.54 59.85 17.85
CA LEU S 83 -15.84 59.29 16.53
C LEU S 83 -14.60 59.42 15.67
N GLN S 84 -13.94 58.29 15.42
CA GLN S 84 -12.82 58.25 14.46
C GLN S 84 -13.37 58.08 13.04
N MET S 85 -13.11 59.06 12.19
CA MET S 85 -13.56 59.03 10.80
C MET S 85 -12.37 58.81 9.88
N ASN S 86 -12.46 57.80 9.01
CA ASN S 86 -11.44 57.50 8.02
C ASN S 86 -12.06 57.48 6.64
N SER S 87 -11.19 57.61 5.62
CA SER S 87 -11.61 57.55 4.22
C SER S 87 -12.78 58.50 3.96
N LEU S 88 -12.59 59.75 4.37
CA LEU S 88 -13.66 60.74 4.33
C LEU S 88 -14.00 61.13 2.89
N LYS S 89 -15.27 61.47 2.68
CA LYS S 89 -15.78 61.86 1.38
C LYS S 89 -16.45 63.22 1.45
N PRO S 90 -16.62 63.90 0.31
CA PRO S 90 -17.43 65.12 0.32
C PRO S 90 -18.83 64.90 0.85
N GLU S 91 -19.40 63.70 0.65
CA GLU S 91 -20.73 63.42 1.15
C GLU S 91 -20.77 63.40 2.68
N ASP S 92 -19.61 63.27 3.33
CA ASP S 92 -19.55 63.34 4.78
C ASP S 92 -19.50 64.77 5.30
N THR S 93 -19.45 65.76 4.40
CA THR S 93 -19.45 67.15 4.84
C THR S 93 -20.77 67.47 5.51
N ALA S 94 -20.70 67.82 6.80
CA ALA S 94 -21.89 68.11 7.59
C ALA S 94 -21.43 68.69 8.92
N ILE S 95 -22.38 69.24 9.66
CA ILE S 95 -22.18 69.51 11.08
C ILE S 95 -22.53 68.24 11.85
N TYR S 96 -21.59 67.76 12.66
CA TYR S 96 -21.75 66.50 13.40
C TYR S 96 -22.11 66.77 14.85
N TYR S 97 -23.14 66.09 15.34
CA TYR S 97 -23.67 66.32 16.67
C TYR S 97 -23.41 65.13 17.59
N CYS S 98 -22.93 65.42 18.79
CA CYS S 98 -22.89 64.46 19.88
C CYS S 98 -24.24 64.47 20.59
N ALA S 99 -24.76 63.29 20.89
CA ALA S 99 -26.07 63.15 21.51
C ALA S 99 -26.04 62.04 22.54
N ALA S 100 -26.88 62.19 23.57
CA ALA S 100 -26.99 61.21 24.64
C ALA S 100 -28.45 60.84 24.86
N ASP S 101 -28.68 59.56 25.15
CA ASP S 101 -29.98 59.08 25.58
C ASP S 101 -29.79 57.85 26.45
N HIS S 102 -30.81 57.55 27.26
CA HIS S 102 -30.70 56.41 28.17
C HIS S 102 -30.63 55.09 27.42
N PHE S 103 -31.24 55.02 26.24
CA PHE S 103 -31.20 53.83 25.41
C PHE S 103 -31.00 54.25 23.96
N HIS S 104 -30.44 53.34 23.16
CA HIS S 104 -30.43 53.57 21.73
C HIS S 104 -31.88 53.52 21.24
N VAL S 105 -32.28 54.53 20.47
CA VAL S 105 -33.64 54.62 19.97
C VAL S 105 -33.58 54.98 18.49
N THR S 106 -34.57 54.52 17.74
CA THR S 106 -34.67 54.83 16.33
C THR S 106 -35.97 55.53 15.94
N HIS S 107 -37.04 55.38 16.71
CA HIS S 107 -38.32 55.97 16.38
C HIS S 107 -38.44 57.42 16.84
N ARG S 108 -37.43 57.94 17.53
CA ARG S 108 -37.47 59.32 18.02
C ARG S 108 -36.05 59.86 18.09
N LYS S 109 -35.96 61.16 18.33
CA LYS S 109 -34.66 61.82 18.45
C LYS S 109 -34.14 61.66 19.87
N TYR S 110 -32.81 61.58 20.00
CA TYR S 110 -32.19 61.46 21.30
C TYR S 110 -32.59 62.65 22.19
N ASP S 111 -32.51 62.43 23.50
CA ASP S 111 -32.96 63.45 24.45
C ASP S 111 -32.01 64.64 24.50
N TYR S 112 -30.71 64.39 24.56
CA TYR S 112 -29.74 65.45 24.84
C TYR S 112 -28.75 65.60 23.69
N TRP S 113 -28.34 66.85 23.46
CA TRP S 113 -27.61 67.23 22.26
C TRP S 113 -26.66 68.39 22.51
N GLY S 114 -25.59 68.46 21.73
CA GLY S 114 -24.85 69.69 21.56
C GLY S 114 -25.27 70.48 20.34
N GLN S 115 -24.66 71.65 20.25
CA GLN S 115 -24.29 72.23 18.96
C GLN S 115 -23.31 71.59 18.02
N GLY S 116 -22.66 70.50 18.30
CA GLY S 116 -22.19 70.18 16.97
C GLY S 116 -20.90 70.88 16.59
N THR S 117 -20.13 70.17 15.79
CA THR S 117 -18.87 70.61 15.22
C THR S 117 -18.86 70.31 13.73
N GLN S 118 -18.45 71.30 12.93
CA GLN S 118 -18.61 71.20 11.48
C GLN S 118 -17.40 70.53 10.83
N VAL S 119 -17.67 69.52 10.00
CA VAL S 119 -16.63 68.82 9.25
C VAL S 119 -16.78 69.15 7.76
N THR S 120 -15.69 69.62 7.15
CA THR S 120 -15.66 69.95 5.73
C THR S 120 -14.66 69.05 5.03
N VAL S 121 -15.14 68.27 4.05
CA VAL S 121 -14.29 67.41 3.25
C VAL S 121 -14.22 67.99 1.83
N SER S 122 -13.02 68.34 1.39
CA SER S 122 -12.81 68.97 0.09
C SER S 122 -12.37 67.94 -0.95
N SER S 123 -12.76 68.19 -2.20
CA SER S 123 -12.42 67.29 -3.31
C SER S 123 -12.12 68.10 -4.57
N ALA T 5 18.09 14.07 -58.40
CA ALA T 5 18.76 12.76 -58.61
C ALA T 5 17.75 11.71 -59.07
N THR T 6 18.27 10.54 -59.44
CA THR T 6 17.46 9.40 -59.85
C THR T 6 17.87 8.24 -58.98
N THR T 7 16.91 7.62 -58.31
CA THR T 7 17.17 6.44 -57.48
C THR T 7 16.48 5.24 -58.13
N LEU T 8 17.28 4.29 -58.60
CA LEU T 8 16.78 3.10 -59.25
C LEU T 8 16.63 1.96 -58.26
N LYS T 9 15.61 1.13 -58.47
CA LYS T 9 15.29 0.03 -57.59
C LYS T 9 15.62 -1.28 -58.30
N MET T 10 16.44 -2.11 -57.66
CA MET T 10 16.86 -3.39 -58.20
C MET T 10 16.42 -4.50 -57.25
N GLY T 11 15.73 -5.49 -57.80
CA GLY T 11 15.31 -6.66 -57.04
C GLY T 11 16.07 -7.88 -57.49
N MET T 12 16.27 -8.83 -56.57
CA MET T 12 16.92 -10.08 -56.91
C MET T 12 16.50 -11.13 -55.90
N GLN T 13 16.52 -12.40 -56.34
CA GLN T 13 16.28 -13.50 -55.44
C GLN T 13 17.49 -13.80 -54.57
N ALA T 14 18.71 -13.50 -55.05
CA ALA T 14 19.90 -13.86 -54.30
C ALA T 14 19.94 -13.09 -52.99
N SER T 15 20.50 -13.72 -51.97
CA SER T 15 20.57 -13.15 -50.63
C SER T 15 21.93 -12.51 -50.39
N VAL T 16 22.01 -11.73 -49.32
CA VAL T 16 23.28 -11.12 -48.94
C VAL T 16 24.31 -12.21 -48.71
N GLY T 17 25.55 -11.93 -49.11
CA GLY T 17 26.62 -12.91 -49.07
C GLY T 17 26.73 -13.75 -50.31
N SER T 18 25.81 -13.61 -51.25
CA SER T 18 25.90 -14.27 -52.53
C SER T 18 26.79 -13.47 -53.49
N VAL T 19 27.29 -14.16 -54.51
CA VAL T 19 28.06 -13.49 -55.55
C VAL T 19 27.18 -12.51 -56.33
N GLU T 20 25.90 -12.86 -56.53
CA GLU T 20 25.01 -11.95 -57.24
C GLU T 20 24.79 -10.67 -56.44
N TYR T 21 24.60 -10.79 -55.12
CA TYR T 21 24.37 -9.60 -54.32
C TYR T 21 25.63 -8.73 -54.25
N ASN T 22 26.78 -9.37 -54.03
CA ASN T 22 28.03 -8.61 -53.95
C ASN T 22 28.28 -7.82 -55.23
N SER T 23 27.93 -8.41 -56.39
CA SER T 23 28.06 -7.68 -57.64
C SER T 23 27.04 -6.56 -57.73
N ALA T 24 25.82 -6.78 -57.23
CA ALA T 24 24.82 -5.73 -57.24
C ALA T 24 25.19 -4.59 -56.30
N LYS T 25 25.81 -4.91 -55.17
CA LYS T 25 26.28 -3.85 -54.27
C LYS T 25 27.46 -3.11 -54.87
N MET T 26 28.39 -3.84 -55.51
CA MET T 26 29.47 -3.17 -56.21
C MET T 26 28.93 -2.23 -57.28
N LEU T 27 27.88 -2.66 -57.99
CA LEU T 27 27.26 -1.78 -58.99
C LEU T 27 26.67 -0.55 -58.32
N ALA T 28 25.96 -0.74 -57.21
CA ALA T 28 25.38 0.39 -56.47
C ALA T 28 26.48 1.35 -56.03
N ASP T 29 27.57 0.83 -55.47
CA ASP T 29 28.66 1.69 -55.04
C ASP T 29 29.27 2.46 -56.20
N THR T 30 29.60 1.75 -57.28
CA THR T 30 30.25 2.39 -58.43
C THR T 30 29.31 3.41 -59.08
N LEU T 31 28.02 3.10 -59.18
CA LEU T 31 27.10 4.03 -59.82
C LEU T 31 27.01 5.32 -59.03
N GLU T 32 26.90 5.23 -57.70
CA GLU T 32 26.83 6.43 -56.89
C GLU T 32 28.14 7.20 -56.95
N GLU T 33 29.27 6.49 -57.05
CA GLU T 33 30.56 7.16 -57.12
C GLU T 33 30.77 7.77 -58.50
N MET T 34 30.48 7.00 -59.57
CA MET T 34 30.73 7.52 -60.90
C MET T 34 29.78 8.67 -61.24
N SER T 35 28.63 8.74 -60.58
CA SER T 35 27.69 9.84 -60.76
C SER T 35 27.81 10.92 -59.70
N GLN T 36 28.74 10.79 -58.77
CA GLN T 36 28.87 11.72 -57.65
C GLN T 36 27.51 11.90 -56.98
N GLY T 37 26.81 10.78 -56.77
CA GLY T 37 25.58 10.73 -56.02
C GLY T 37 24.29 10.94 -56.79
N GLU T 38 24.35 11.15 -58.09
CA GLU T 38 23.13 11.42 -58.85
C GLU T 38 22.42 10.16 -59.32
N ILE T 39 23.12 9.04 -59.39
CA ILE T 39 22.52 7.74 -59.67
C ILE T 39 22.66 6.92 -58.39
N LYS T 40 21.53 6.50 -57.85
CA LYS T 40 21.50 5.63 -56.67
C LYS T 40 20.82 4.32 -57.04
N LEU T 41 21.25 3.24 -56.41
CA LEU T 41 20.70 1.91 -56.67
C LEU T 41 20.27 1.31 -55.35
N ALA T 42 18.97 1.16 -55.17
CA ALA T 42 18.42 0.51 -53.99
C ALA T 42 18.30 -0.98 -54.28
N LEU T 43 18.69 -1.80 -53.31
CA LEU T 43 18.74 -3.25 -53.49
C LEU T 43 17.65 -3.90 -52.65
N TYR T 44 16.97 -4.88 -53.23
CA TYR T 44 15.88 -5.61 -52.57
C TYR T 44 16.16 -7.09 -52.78
N PRO T 45 17.05 -7.67 -51.99
CA PRO T 45 17.44 -9.07 -52.22
C PRO T 45 16.53 -10.09 -51.54
N SER T 46 16.90 -11.37 -51.65
CA SER T 46 16.22 -12.46 -50.96
C SER T 46 14.76 -12.58 -51.38
N ALA T 47 14.46 -12.17 -52.61
CA ALA T 47 13.15 -12.39 -53.23
C ALA T 47 12.04 -11.70 -52.45
N GLN T 48 12.35 -10.61 -51.77
CA GLN T 48 11.32 -9.91 -50.99
C GLN T 48 10.30 -9.22 -51.89
N LEU T 49 10.64 -8.93 -53.14
CA LEU T 49 9.69 -8.39 -54.09
C LEU T 49 9.01 -9.46 -54.94
N GLY T 50 9.37 -10.72 -54.75
CA GLY T 50 8.92 -11.82 -55.58
C GLY T 50 10.09 -12.53 -56.23
N ASP T 51 9.76 -13.59 -56.97
CA ASP T 51 10.78 -14.32 -57.71
C ASP T 51 11.14 -13.58 -59.00
N ASP T 52 12.05 -14.15 -59.78
CA ASP T 52 12.50 -13.49 -61.00
C ASP T 52 11.36 -13.23 -61.96
N ARG T 53 10.41 -14.16 -62.06
CA ARG T 53 9.27 -13.93 -62.93
C ARG T 53 8.43 -12.75 -62.45
N ALA T 54 8.18 -12.68 -61.15
CA ALA T 54 7.37 -11.59 -60.62
C ALA T 54 8.06 -10.25 -60.83
N MET T 55 9.38 -10.20 -60.63
CA MET T 55 10.11 -8.95 -60.80
C MET T 55 10.23 -8.58 -62.27
N LEU T 56 10.42 -9.57 -63.15
CA LEU T 56 10.35 -9.30 -64.57
C LEU T 56 8.99 -8.68 -64.93
N GLN T 57 7.91 -9.22 -64.37
CA GLN T 57 6.60 -8.64 -64.58
C GLN T 57 6.51 -7.21 -64.08
N GLN T 58 7.24 -6.90 -62.99
CA GLN T 58 7.23 -5.54 -62.48
C GLN T 58 7.96 -4.59 -63.42
N LEU T 59 9.07 -5.04 -64.02
CA LEU T 59 9.75 -4.22 -65.01
C LEU T 59 8.86 -3.95 -66.21
N THR T 60 8.16 -4.98 -66.68
CA THR T 60 7.29 -4.82 -67.85
C THR T 60 6.27 -3.72 -67.62
N LEU T 61 5.72 -3.64 -66.41
CA LEU T 61 4.71 -2.65 -66.07
C LEU T 61 5.30 -1.36 -65.51
N GLY T 62 6.63 -1.28 -65.39
CA GLY T 62 7.26 -0.07 -64.91
C GLY T 62 7.26 0.11 -63.42
N ASP T 63 7.06 -0.95 -62.65
CA ASP T 63 7.01 -0.87 -61.20
C ASP T 63 8.36 -1.15 -60.54
N LEU T 64 9.29 -1.77 -61.26
CA LEU T 64 10.64 -2.02 -60.78
C LEU T 64 11.60 -1.70 -61.90
N ASP T 65 12.80 -1.23 -61.55
CA ASP T 65 13.69 -0.69 -62.57
C ASP T 65 14.66 -1.72 -63.14
N ILE T 66 15.33 -2.49 -62.27
CA ILE T 66 16.38 -3.41 -62.70
C ILE T 66 16.16 -4.76 -62.02
N THR T 67 16.52 -5.84 -62.72
CA THR T 67 16.52 -7.16 -62.13
C THR T 67 17.45 -8.10 -62.88
N TYR T 68 17.77 -9.23 -62.24
CA TYR T 68 18.51 -10.31 -62.89
C TYR T 68 17.54 -11.28 -63.56
N ALA T 69 17.96 -11.84 -64.69
CA ALA T 69 17.30 -12.99 -65.28
C ALA T 69 18.28 -13.68 -66.22
N GLU T 70 18.13 -14.99 -66.35
CA GLU T 70 18.89 -15.72 -67.35
C GLU T 70 18.31 -15.50 -68.74
N PHE T 71 19.17 -15.59 -69.75
CA PHE T 71 18.70 -15.45 -71.13
C PHE T 71 17.68 -16.52 -71.44
N GLY T 72 17.85 -17.73 -70.90
CA GLY T 72 16.87 -18.78 -71.10
C GLY T 72 15.56 -18.55 -70.38
N ARG T 73 15.59 -17.77 -69.29
CA ARG T 73 14.35 -17.43 -68.60
C ARG T 73 13.44 -16.58 -69.48
N MET T 74 13.98 -15.95 -70.51
CA MET T 74 13.13 -15.19 -71.43
C MET T 74 12.14 -16.07 -72.17
N GLY T 75 12.32 -17.39 -72.12
CA GLY T 75 11.32 -18.30 -72.65
C GLY T 75 9.96 -18.14 -72.00
N LEU T 76 9.91 -17.53 -70.81
CA LEU T 76 8.63 -17.22 -70.19
C LEU T 76 7.82 -16.26 -71.05
N ALA T 77 8.48 -15.45 -71.86
CA ALA T 77 7.84 -14.45 -72.71
C ALA T 77 8.06 -14.69 -74.19
N ILE T 78 9.21 -15.25 -74.57
CA ILE T 78 9.62 -15.42 -75.97
C ILE T 78 10.02 -16.88 -76.09
N PRO T 79 9.08 -17.78 -76.40
CA PRO T 79 9.33 -19.22 -76.17
C PRO T 79 10.63 -19.75 -76.76
N ARG T 80 11.01 -19.32 -77.98
CA ARG T 80 12.21 -19.87 -78.58
C ARG T 80 13.45 -19.61 -77.76
N ALA T 81 13.44 -18.56 -76.92
CA ALA T 81 14.61 -18.23 -76.13
C ALA T 81 14.95 -19.30 -75.10
N GLU T 82 13.99 -20.13 -74.71
CA GLU T 82 14.27 -21.16 -73.71
C GLU T 82 15.30 -22.18 -74.20
N ALA T 83 15.51 -22.28 -75.52
CA ALA T 83 16.38 -23.31 -76.06
C ALA T 83 17.79 -23.21 -75.51
N VAL T 84 18.27 -21.98 -75.26
CA VAL T 84 19.62 -21.82 -74.76
C VAL T 84 19.77 -22.47 -73.40
N MET T 85 18.66 -22.71 -72.71
CA MET T 85 18.64 -23.29 -71.38
C MET T 85 18.31 -24.78 -71.37
N LEU T 86 18.02 -25.37 -72.52
CA LEU T 86 17.80 -26.81 -72.59
C LEU T 86 19.00 -27.54 -72.01
N PRO T 87 18.80 -28.59 -71.21
CA PRO T 87 19.94 -29.22 -70.55
C PRO T 87 21.01 -29.65 -71.53
N TYR T 88 22.23 -29.26 -71.23
CA TYR T 88 23.45 -29.66 -71.92
C TYR T 88 23.63 -29.10 -73.32
N VAL T 89 22.75 -28.23 -73.79
CA VAL T 89 22.91 -27.68 -75.13
C VAL T 89 24.07 -26.71 -75.17
N ALA T 90 24.16 -25.81 -74.19
CA ALA T 90 25.28 -24.88 -74.07
C ALA T 90 26.43 -25.55 -73.34
N LYS T 91 27.62 -25.54 -73.96
CA LYS T 91 28.75 -26.27 -73.38
C LYS T 91 29.44 -25.51 -72.26
N ASP T 92 29.59 -24.19 -72.42
CA ASP T 92 30.27 -23.36 -71.46
C ASP T 92 29.73 -21.95 -71.63
N PHE T 93 30.22 -21.03 -70.81
CA PHE T 93 29.67 -19.68 -70.85
C PHE T 93 29.95 -19.01 -72.19
N ASP T 94 31.14 -19.21 -72.75
CA ASP T 94 31.47 -18.59 -74.03
C ASP T 94 30.48 -19.03 -75.09
N HIS T 95 30.12 -20.31 -75.10
CA HIS T 95 29.10 -20.80 -76.01
C HIS T 95 27.78 -20.06 -75.81
N LEU T 96 27.36 -19.92 -74.54
CA LEU T 96 26.12 -19.21 -74.25
C LEU T 96 26.21 -17.75 -74.69
N ARG T 97 27.37 -17.11 -74.45
CA ARG T 97 27.54 -15.73 -74.90
C ARG T 97 27.44 -15.62 -76.42
N ARG T 98 27.93 -16.63 -77.13
CA ARG T 98 27.81 -16.63 -78.59
C ARG T 98 26.35 -16.76 -79.02
N MET T 99 25.58 -17.59 -78.34
CA MET T 99 24.14 -17.63 -78.57
C MET T 99 23.53 -16.26 -78.31
N PHE T 100 23.96 -15.62 -77.21
CA PHE T 100 23.44 -14.31 -76.83
C PHE T 100 23.79 -13.25 -77.86
N GLU T 101 24.95 -13.37 -78.51
CA GLU T 101 25.42 -12.37 -79.45
C GLU T 101 25.01 -12.66 -80.89
N SER T 102 24.49 -13.85 -81.17
CA SER T 102 24.09 -14.22 -82.52
C SER T 102 22.90 -13.40 -82.98
N ASP T 103 22.58 -13.52 -84.27
CA ASP T 103 21.38 -12.87 -84.81
C ASP T 103 20.13 -13.39 -84.12
N PHE T 104 20.09 -14.69 -83.82
CA PHE T 104 18.97 -15.22 -83.03
C PHE T 104 18.90 -14.53 -81.68
N GLY T 105 20.04 -14.45 -80.98
CA GLY T 105 20.06 -13.76 -79.71
C GLY T 105 19.64 -12.31 -79.84
N GLN T 106 20.19 -11.62 -80.85
CA GLN T 106 19.82 -10.23 -81.09
C GLN T 106 18.33 -10.10 -81.38
N GLY T 107 17.74 -11.08 -82.04
CA GLY T 107 16.31 -11.05 -82.29
C GLY T 107 15.50 -11.11 -81.02
N VAL T 108 15.88 -12.02 -80.11
CA VAL T 108 15.19 -12.12 -78.83
C VAL T 108 15.32 -10.81 -78.05
N ARG T 109 16.53 -10.24 -78.02
CA ARG T 109 16.75 -9.02 -77.24
C ARG T 109 15.87 -7.89 -77.77
N ASP T 110 15.66 -7.82 -79.08
CA ASP T 110 14.74 -6.83 -79.62
C ASP T 110 13.31 -7.09 -79.16
N GLU T 111 12.89 -8.34 -79.18
CA GLU T 111 11.52 -8.67 -78.77
C GLU T 111 11.32 -8.44 -77.29
N MET T 112 12.33 -8.73 -76.47
CA MET T 112 12.28 -8.39 -75.06
C MET T 112 11.98 -6.91 -74.88
N LEU T 113 12.72 -6.05 -75.58
CA LEU T 113 12.61 -4.61 -75.43
C LEU T 113 11.28 -4.08 -75.97
N GLN T 114 10.87 -4.55 -77.15
CA GLN T 114 9.70 -3.99 -77.80
C GLN T 114 8.42 -4.47 -77.14
N LYS T 115 8.35 -5.76 -76.82
CA LYS T 115 7.11 -6.34 -76.31
C LYS T 115 7.02 -6.38 -74.79
N PHE T 116 8.15 -6.31 -74.08
CA PHE T 116 8.13 -6.49 -72.63
C PHE T 116 8.94 -5.46 -71.86
N ASN T 117 9.44 -4.42 -72.53
CA ASN T 117 10.12 -3.32 -71.86
C ASN T 117 11.36 -3.79 -71.11
N TRP T 118 12.05 -4.78 -71.66
CA TRP T 118 13.26 -5.33 -71.04
C TRP T 118 14.44 -4.99 -71.93
N ARG T 119 15.36 -4.18 -71.42
CA ARG T 119 16.63 -3.91 -72.09
C ARG T 119 17.73 -4.65 -71.36
N ALA T 120 18.26 -5.70 -72.00
CA ALA T 120 19.39 -6.45 -71.47
C ALA T 120 20.67 -5.64 -71.69
N LEU T 121 21.28 -5.18 -70.59
CA LEU T 121 22.48 -4.36 -70.70
C LEU T 121 23.74 -5.20 -70.86
N ASP T 122 23.77 -6.39 -70.27
CA ASP T 122 24.93 -7.28 -70.31
C ASP T 122 24.43 -8.64 -69.86
N THR T 123 25.28 -9.65 -70.04
CA THR T 123 25.04 -10.96 -69.45
C THR T 123 26.33 -11.51 -68.87
N TRP T 124 26.23 -12.06 -67.67
CA TRP T 124 27.36 -12.57 -66.93
C TRP T 124 27.26 -14.08 -66.76
N TYR T 125 28.40 -14.70 -66.43
CA TYR T 125 28.42 -16.10 -66.04
C TYR T 125 28.00 -16.21 -64.58
N ASN T 126 27.02 -17.06 -64.29
CA ASN T 126 26.57 -17.30 -62.93
C ASN T 126 26.85 -18.72 -62.46
N GLY T 127 27.47 -19.54 -63.29
CA GLY T 127 27.91 -20.86 -62.90
C GLY T 127 27.16 -21.96 -63.65
N THR T 128 27.73 -23.16 -63.57
CA THR T 128 27.15 -24.36 -64.19
C THR T 128 26.53 -25.21 -63.09
N ARG T 129 25.29 -25.63 -63.31
CA ARG T 129 24.52 -26.26 -62.25
C ARG T 129 24.96 -27.70 -62.03
N GLU T 130 25.13 -28.06 -60.76
CA GLU T 130 25.47 -29.40 -60.29
C GLU T 130 24.35 -29.91 -59.39
N THR T 131 24.45 -31.17 -59.01
CA THR T 131 23.40 -31.84 -58.24
C THR T 131 23.93 -32.30 -56.89
N THR T 132 23.24 -31.90 -55.82
CA THR T 132 23.51 -32.38 -54.48
C THR T 132 22.41 -33.34 -54.04
N SER T 133 22.74 -34.22 -53.10
CA SER T 133 21.78 -35.23 -52.66
C SER T 133 22.18 -35.76 -51.29
N ASN T 134 21.24 -36.43 -50.63
CA ASN T 134 21.51 -37.11 -49.37
C ASN T 134 22.06 -38.53 -49.56
N ARG T 135 21.95 -39.08 -50.77
CA ARG T 135 22.55 -40.37 -51.12
C ARG T 135 23.48 -40.21 -52.32
N PRO T 136 24.48 -41.08 -52.46
CA PRO T 136 25.43 -40.94 -53.57
C PRO T 136 24.80 -41.20 -54.94
N LEU T 137 25.25 -40.43 -55.94
CA LEU T 137 24.75 -40.49 -57.32
C LEU T 137 25.88 -40.85 -58.28
N ASN T 138 26.34 -42.10 -58.21
CA ASN T 138 27.44 -42.55 -59.06
C ASN T 138 27.05 -42.65 -60.54
N SER T 139 25.83 -43.12 -60.85
CA SER T 139 25.41 -43.25 -62.24
C SER T 139 24.02 -42.67 -62.40
N ILE T 140 23.61 -42.50 -63.66
CA ILE T 140 22.26 -42.03 -63.92
C ILE T 140 21.23 -42.95 -63.27
N GLU T 141 21.54 -44.25 -63.13
CA GLU T 141 20.52 -45.11 -62.54
C GLU T 141 20.19 -44.70 -61.11
N ASP T 142 21.09 -44.00 -60.42
CA ASP T 142 20.88 -43.63 -59.03
C ASP T 142 19.88 -42.51 -58.85
N PHE T 143 19.51 -41.81 -59.92
CA PHE T 143 18.51 -40.75 -59.82
C PHE T 143 17.09 -41.30 -59.64
N LYS T 144 16.86 -42.57 -59.95
CA LYS T 144 15.52 -43.12 -59.88
C LYS T 144 14.98 -43.03 -58.47
N GLY T 145 13.79 -42.43 -58.35
CA GLY T 145 13.21 -42.19 -57.05
C GLY T 145 13.80 -41.04 -56.27
N LEU T 146 14.71 -40.25 -56.86
CA LEU T 146 15.27 -39.08 -56.21
C LEU T 146 14.28 -37.93 -56.28
N LYS T 147 14.01 -37.44 -55.10
CA LYS T 147 13.22 -36.32 -54.61
C LYS T 147 14.08 -35.14 -54.66
N LEU T 148 14.09 -34.56 -55.85
CA LEU T 148 15.01 -33.54 -56.31
C LEU T 148 14.23 -32.26 -56.45
N ARG T 149 14.60 -31.25 -55.69
CA ARG T 149 14.02 -29.94 -55.81
C ARG T 149 14.49 -29.30 -57.11
N VAL T 150 13.58 -28.61 -57.79
CA VAL T 150 13.94 -27.82 -58.96
C VAL T 150 13.28 -26.46 -58.80
N PRO T 151 13.84 -25.39 -59.38
CA PRO T 151 13.09 -24.14 -59.47
C PRO T 151 11.88 -24.29 -60.38
N ASN T 152 10.98 -23.30 -60.32
CA ASN T 152 9.80 -23.27 -61.18
C ASN T 152 10.22 -22.86 -62.60
N ALA T 153 10.96 -23.76 -63.25
CA ALA T 153 11.50 -23.54 -64.58
C ALA T 153 11.40 -24.85 -65.36
N LYS T 154 10.89 -24.76 -66.60
CA LYS T 154 10.56 -25.97 -67.34
C LYS T 154 11.79 -26.83 -67.59
N GLN T 155 12.93 -26.20 -67.88
CA GLN T 155 14.10 -26.97 -68.28
C GLN T 155 14.81 -27.61 -67.10
N ASN T 156 14.73 -27.00 -65.91
CA ASN T 156 15.16 -27.70 -64.72
C ASN T 156 14.24 -28.87 -64.43
N LEU T 157 12.93 -28.68 -64.60
CA LEU T 157 11.99 -29.79 -64.47
C LEU T 157 12.31 -30.90 -65.46
N ASN T 158 12.58 -30.52 -66.71
CA ASN T 158 12.91 -31.52 -67.72
C ASN T 158 14.17 -32.28 -67.36
N TYR T 159 15.21 -31.57 -66.90
CA TYR T 159 16.43 -32.25 -66.49
C TYR T 159 16.12 -33.32 -65.46
N ALA T 160 15.35 -32.94 -64.42
CA ALA T 160 14.94 -33.90 -63.39
C ALA T 160 14.00 -34.97 -63.94
N LYS T 161 12.95 -34.62 -64.62
CA LYS T 161 12.17 -35.75 -65.07
C LYS T 161 13.02 -36.74 -65.90
N LEU T 162 13.84 -36.23 -66.84
CA LEU T 162 14.63 -37.08 -67.75
C LEU T 162 15.84 -37.67 -67.04
N SER T 163 16.13 -37.09 -65.86
CA SER T 163 16.91 -37.73 -64.82
C SER T 163 16.48 -39.22 -64.73
N GLY T 164 15.18 -39.56 -64.61
CA GLY T 164 14.77 -40.67 -63.76
C GLY T 164 14.32 -40.15 -62.40
N ALA T 165 14.51 -38.85 -62.12
CA ALA T 165 14.10 -38.37 -60.78
C ALA T 165 12.63 -37.95 -60.68
N SER T 166 12.15 -37.73 -59.41
CA SER T 166 10.85 -37.13 -59.15
C SER T 166 11.00 -35.63 -58.89
N PRO T 167 10.65 -34.76 -59.83
CA PRO T 167 10.89 -33.31 -59.63
C PRO T 167 9.91 -32.69 -58.64
N THR T 168 10.44 -31.81 -57.79
CA THR T 168 9.63 -31.04 -56.84
C THR T 168 9.88 -29.55 -56.99
N PRO T 169 9.02 -28.81 -57.69
CA PRO T 169 9.20 -27.35 -57.79
C PRO T 169 8.94 -26.65 -56.47
N MET T 170 9.86 -25.76 -56.08
CA MET T 170 9.73 -25.00 -54.85
C MET T 170 10.65 -23.78 -54.94
N SER T 171 10.27 -22.73 -54.24
CA SER T 171 11.01 -21.47 -54.32
C SER T 171 12.40 -21.56 -53.68
N PHE T 172 13.29 -20.69 -54.16
CA PHE T 172 14.69 -20.71 -53.76
C PHE T 172 14.84 -20.45 -52.26
N SER T 173 13.90 -19.72 -51.66
CA SER T 173 13.98 -19.39 -50.24
C SER T 173 13.68 -20.60 -49.35
N GLU T 174 12.91 -21.58 -49.84
CA GLU T 174 12.48 -22.72 -49.05
C GLU T 174 13.44 -23.91 -49.15
N VAL T 175 14.49 -23.79 -49.96
CA VAL T 175 15.27 -24.97 -50.33
C VAL T 175 16.05 -25.51 -49.13
N TYR T 176 16.73 -24.62 -48.38
CA TYR T 176 17.58 -25.12 -47.28
C TYR T 176 16.79 -25.99 -46.27
N LEU T 177 15.55 -25.57 -45.87
CA LEU T 177 14.69 -26.14 -44.82
C LEU T 177 14.42 -27.64 -45.18
N ALA T 178 14.11 -27.78 -46.47
CA ALA T 178 13.68 -28.97 -47.16
C ALA T 178 14.75 -30.01 -47.29
N LEU T 179 15.98 -29.56 -47.40
CA LEU T 179 17.12 -30.44 -47.32
C LEU T 179 17.36 -30.85 -45.87
N GLN T 180 17.30 -29.89 -44.94
CA GLN T 180 17.47 -30.20 -43.51
C GLN T 180 16.28 -31.05 -43.07
N THR T 181 15.11 -30.82 -43.60
CA THR T 181 14.01 -31.72 -43.27
C THR T 181 14.00 -32.99 -44.12
N ASN T 182 14.90 -33.11 -45.08
CA ASN T 182 14.88 -34.19 -46.05
C ASN T 182 13.47 -34.40 -46.60
N ALA T 183 12.71 -33.31 -46.69
CA ALA T 183 11.48 -33.30 -47.46
C ALA T 183 11.76 -33.56 -48.94
N VAL T 184 12.97 -33.22 -49.38
CA VAL T 184 13.51 -33.55 -50.69
C VAL T 184 14.88 -34.18 -50.45
N ASP T 185 15.27 -35.09 -51.35
CA ASP T 185 16.56 -35.76 -51.18
C ASP T 185 17.71 -34.94 -51.74
N GLY T 186 17.42 -34.08 -52.70
CA GLY T 186 18.47 -33.34 -53.36
C GLY T 186 17.95 -32.03 -53.90
N GLN T 187 18.89 -31.24 -54.39
CA GLN T 187 18.60 -29.98 -55.05
C GLN T 187 19.67 -29.81 -56.12
N GLU T 188 19.50 -28.80 -56.97
CA GLU T 188 20.36 -28.63 -58.12
C GLU T 188 20.65 -27.15 -58.36
N ASN T 189 21.94 -26.81 -58.38
CA ASN T 189 22.37 -25.42 -58.50
C ASN T 189 23.86 -25.34 -58.84
N PRO T 190 24.34 -24.16 -59.21
CA PRO T 190 25.78 -23.99 -59.41
C PRO T 190 26.53 -24.04 -58.08
N LEU T 191 27.80 -24.36 -58.16
CA LEU T 191 28.59 -24.55 -56.94
C LEU T 191 28.70 -23.30 -56.09
N PRO T 192 28.92 -22.10 -56.65
CA PRO T 192 29.03 -20.92 -55.77
C PRO T 192 27.80 -20.66 -54.91
N THR T 193 26.60 -20.92 -55.45
CA THR T 193 25.38 -20.78 -54.64
C THR T 193 25.29 -21.88 -53.60
N ILE T 194 25.74 -23.08 -53.93
CA ILE T 194 25.70 -24.20 -52.97
C ILE T 194 26.49 -23.84 -51.71
N LYS T 195 27.61 -23.14 -51.86
CA LYS T 195 28.34 -22.69 -50.68
C LYS T 195 27.62 -21.54 -50.01
N THR T 196 27.27 -20.51 -50.78
CA THR T 196 26.67 -19.31 -50.22
C THR T 196 25.44 -19.64 -49.40
N MET T 197 24.52 -20.44 -49.96
CA MET T 197 23.33 -20.85 -49.26
C MET T 197 23.60 -21.89 -48.19
N LYS T 198 24.83 -22.41 -48.13
CA LYS T 198 25.21 -23.43 -47.17
C LYS T 198 24.41 -24.71 -47.39
N PHE T 199 24.07 -25.01 -48.64
CA PHE T 199 23.41 -26.27 -48.95
C PHE T 199 24.28 -27.46 -48.58
N TYR T 200 25.61 -27.31 -48.67
CA TYR T 200 26.52 -28.41 -48.36
C TYR T 200 26.39 -28.86 -46.92
N GLU T 201 25.91 -27.99 -46.02
CA GLU T 201 25.73 -28.39 -44.63
C GLU T 201 24.64 -29.46 -44.48
N VAL T 202 23.69 -29.49 -45.41
CA VAL T 202 22.51 -30.35 -45.35
C VAL T 202 22.48 -31.38 -46.47
N GLN T 203 23.57 -31.51 -47.22
CA GLN T 203 23.67 -32.43 -48.34
C GLN T 203 24.97 -33.20 -48.20
N LYS T 204 24.88 -34.53 -48.19
CA LYS T 204 26.07 -35.34 -48.01
C LYS T 204 26.81 -35.64 -49.30
N ASN T 205 26.19 -35.39 -50.46
CA ASN T 205 26.78 -35.75 -51.75
C ASN T 205 26.66 -34.62 -52.77
N LEU T 206 27.62 -34.60 -53.71
CA LEU T 206 27.65 -33.64 -54.80
C LEU T 206 27.96 -34.38 -56.09
N ALA T 207 27.07 -34.29 -57.07
CA ALA T 207 27.19 -35.01 -58.34
C ALA T 207 27.45 -34.03 -59.49
N MET T 208 28.73 -33.83 -59.81
CA MET T 208 29.16 -32.95 -60.90
C MET T 208 28.50 -33.29 -62.24
N THR T 209 27.24 -32.90 -62.43
CA THR T 209 26.51 -33.28 -63.63
C THR T 209 26.58 -32.25 -64.76
N HIS T 210 26.99 -31.02 -64.48
CA HIS T 210 27.25 -30.01 -65.50
C HIS T 210 26.09 -29.87 -66.49
N HIS T 211 24.85 -29.99 -66.00
CA HIS T 211 23.73 -30.20 -66.91
C HIS T 211 23.21 -28.90 -67.53
N ILE T 212 23.31 -27.77 -66.84
CA ILE T 212 22.86 -26.49 -67.40
C ILE T 212 23.85 -25.39 -67.07
N VAL T 213 24.19 -24.58 -68.06
CA VAL T 213 25.02 -23.40 -67.87
C VAL T 213 24.13 -22.19 -67.67
N ASN T 214 24.31 -21.51 -66.55
CA ASN T 214 23.55 -20.32 -66.21
C ASN T 214 24.35 -19.06 -66.55
N ASP T 215 23.75 -18.18 -67.35
CA ASP T 215 24.23 -16.81 -67.47
C ASP T 215 23.48 -15.95 -66.46
N GLN T 216 23.67 -14.64 -66.51
CA GLN T 216 22.90 -13.73 -65.65
C GLN T 216 22.84 -12.38 -66.33
N MET T 217 21.72 -12.10 -67.01
CA MET T 217 21.52 -10.81 -67.62
C MET T 217 21.20 -9.75 -66.58
N VAL T 218 21.75 -8.55 -66.77
CA VAL T 218 21.29 -7.36 -66.06
C VAL T 218 20.27 -6.68 -66.95
N ILE T 219 19.02 -6.62 -66.50
CA ILE T 219 17.92 -6.08 -67.29
C ILE T 219 17.44 -4.79 -66.63
N ILE T 220 17.31 -3.73 -67.41
CA ILE T 220 16.68 -2.50 -66.96
C ILE T 220 15.36 -2.30 -67.69
N SER T 221 14.40 -1.72 -66.97
CA SER T 221 13.14 -1.33 -67.59
C SER T 221 13.38 -0.32 -68.70
N GLU T 222 12.84 -0.60 -69.88
CA GLU T 222 13.05 0.29 -71.03
C GLU T 222 12.43 1.66 -70.78
N SER T 223 11.28 1.70 -70.09
CA SER T 223 10.68 2.98 -69.77
C SER T 223 11.54 3.77 -68.80
N THR T 224 12.24 3.09 -67.90
CA THR T 224 13.21 3.77 -67.04
C THR T 224 14.43 4.20 -67.84
N TRP T 225 14.92 3.33 -68.73
CA TRP T 225 16.09 3.64 -69.53
C TRP T 225 15.90 4.90 -70.36
N GLN T 226 14.74 5.01 -71.02
CA GLN T 226 14.51 6.16 -71.88
C GLN T 226 14.35 7.46 -71.11
N LYS T 227 14.14 7.39 -69.80
CA LYS T 227 14.08 8.55 -68.93
C LYS T 227 15.47 8.99 -68.45
N LEU T 228 16.48 8.16 -68.67
CA LEU T 228 17.83 8.50 -68.26
C LEU T 228 18.45 9.46 -69.27
N SER T 229 19.40 10.25 -68.80
CA SER T 229 20.19 11.06 -69.71
C SER T 229 21.23 10.19 -70.42
N ASP T 230 21.73 10.68 -71.55
CA ASP T 230 22.77 9.95 -72.25
C ASP T 230 23.99 9.80 -71.35
N THR T 231 24.22 10.77 -70.47
CA THR T 231 25.32 10.69 -69.52
C THR T 231 25.10 9.59 -68.48
N ASP T 232 23.87 9.53 -67.93
CA ASP T 232 23.56 8.44 -67.00
C ASP T 232 23.64 7.09 -67.69
N LYS T 233 23.08 6.99 -68.89
CA LYS T 233 23.11 5.73 -69.64
C LYS T 233 24.54 5.25 -69.84
N ASP T 234 25.46 6.16 -70.17
CA ASP T 234 26.84 5.75 -70.35
C ASP T 234 27.43 5.23 -69.04
N ILE T 235 27.20 5.95 -67.95
CA ILE T 235 27.71 5.52 -66.65
C ILE T 235 27.22 4.11 -66.33
N ILE T 236 25.92 3.88 -66.49
CA ILE T 236 25.36 2.58 -66.13
C ILE T 236 25.95 1.48 -66.99
N GLN T 237 25.95 1.69 -68.32
CA GLN T 237 26.48 0.69 -69.23
C GLN T 237 27.92 0.33 -68.86
N LYS T 238 28.73 1.33 -68.52
CA LYS T 238 30.13 1.08 -68.24
C LYS T 238 30.31 0.36 -66.91
N ALA T 239 29.53 0.77 -65.89
CA ALA T 239 29.59 0.10 -64.60
C ALA T 239 29.19 -1.37 -64.72
N VAL T 240 28.10 -1.64 -65.43
CA VAL T 240 27.58 -3.01 -65.51
C VAL T 240 28.63 -3.94 -66.10
N GLN T 241 29.29 -3.52 -67.17
CA GLN T 241 30.30 -4.37 -67.80
C GLN T 241 31.52 -4.54 -66.90
N LYS T 242 31.89 -3.48 -66.16
CA LYS T 242 33.02 -3.60 -65.25
C LYS T 242 32.70 -4.58 -64.13
N VAL T 243 31.49 -4.48 -63.57
CA VAL T 243 31.10 -5.39 -62.50
C VAL T 243 30.91 -6.78 -63.04
N GLY T 244 30.48 -6.90 -64.30
CA GLY T 244 30.29 -8.21 -64.89
C GLY T 244 31.59 -8.95 -65.08
N ASP T 245 32.62 -8.23 -65.54
CA ASP T 245 33.94 -8.85 -65.66
C ASP T 245 34.38 -9.44 -64.32
N ALA T 246 34.19 -8.68 -63.24
CA ALA T 246 34.51 -9.20 -61.91
C ALA T 246 33.62 -10.39 -61.58
N HIS T 247 32.31 -10.26 -61.81
CA HIS T 247 31.38 -11.34 -61.50
C HIS T 247 31.77 -12.62 -62.23
N THR T 248 31.92 -12.54 -63.56
CA THR T 248 32.25 -13.74 -64.33
C THR T 248 33.53 -14.38 -63.83
N GLN T 249 34.56 -13.58 -63.54
CA GLN T 249 35.83 -14.14 -63.07
C GLN T 249 35.67 -14.75 -61.68
N THR T 250 34.92 -14.07 -60.81
CA THR T 250 34.71 -14.59 -59.46
C THR T 250 34.06 -15.97 -59.51
N VAL T 251 33.06 -16.15 -60.37
CA VAL T 251 32.40 -17.45 -60.46
C VAL T 251 33.38 -18.50 -60.97
N LYS T 252 34.15 -18.16 -61.99
CA LYS T 252 35.12 -19.11 -62.52
C LYS T 252 36.17 -19.43 -61.48
N THR T 253 36.69 -18.40 -60.80
CA THR T 253 37.69 -18.63 -59.75
C THR T 253 37.13 -19.55 -58.68
N GLN T 254 35.92 -19.25 -58.19
CA GLN T 254 35.34 -20.07 -57.16
C GLN T 254 35.12 -21.50 -57.65
N GLU T 255 34.51 -21.65 -58.83
CA GLU T 255 34.20 -22.98 -59.33
C GLU T 255 35.44 -23.85 -59.45
N ALA T 256 36.61 -23.25 -59.66
CA ALA T 256 37.83 -24.05 -59.70
C ALA T 256 38.27 -24.46 -58.30
N GLU T 257 37.95 -23.63 -57.31
CA GLU T 257 38.36 -23.89 -55.94
C GLU T 257 37.31 -24.64 -55.14
N LEU T 258 36.02 -24.52 -55.46
CA LEU T 258 35.04 -24.92 -54.46
C LEU T 258 35.02 -26.44 -54.20
N VAL T 259 35.54 -27.28 -55.13
CA VAL T 259 35.43 -28.75 -54.98
C VAL T 259 36.22 -29.31 -53.80
N SER T 260 37.53 -29.02 -53.72
CA SER T 260 38.30 -29.41 -52.55
C SER T 260 37.63 -28.87 -51.29
N PHE T 261 37.00 -27.70 -51.40
CA PHE T 261 36.41 -27.14 -50.19
C PHE T 261 35.38 -28.09 -49.66
N PHE T 262 34.57 -28.60 -50.56
CA PHE T 262 33.52 -29.53 -50.19
C PHE T 262 34.08 -30.84 -49.70
N LYS T 263 35.10 -31.34 -50.36
CA LYS T 263 35.74 -32.54 -49.90
C LYS T 263 36.36 -32.33 -48.48
N SER T 264 37.07 -31.22 -48.27
CA SER T 264 37.61 -30.96 -46.93
C SER T 264 36.50 -30.68 -45.92
N GLU T 265 35.27 -30.46 -46.41
CA GLU T 265 34.08 -30.49 -45.58
C GLU T 265 33.39 -31.86 -45.66
N GLY T 266 34.16 -32.93 -45.85
CA GLY T 266 33.66 -34.29 -45.94
C GLY T 266 32.54 -34.55 -46.95
N ILE T 267 32.37 -33.72 -47.97
CA ILE T 267 31.36 -33.99 -48.98
C ILE T 267 31.85 -35.08 -49.92
N ASN T 268 30.99 -36.07 -50.18
CA ASN T 268 31.27 -37.07 -51.21
C ASN T 268 30.94 -36.51 -52.59
N VAL T 269 31.96 -36.40 -53.44
CA VAL T 269 31.83 -35.78 -54.76
C VAL T 269 31.97 -36.86 -55.83
N THR T 270 30.96 -36.99 -56.67
CA THR T 270 30.86 -38.03 -57.69
C THR T 270 30.86 -37.43 -59.09
N TYR T 271 31.79 -37.88 -59.93
CA TYR T 271 31.81 -37.57 -61.36
C TYR T 271 31.07 -38.58 -62.21
N PRO T 272 29.74 -38.64 -62.16
CA PRO T 272 29.02 -39.68 -62.92
C PRO T 272 29.22 -39.55 -64.42
N ASP T 273 28.99 -40.66 -65.12
CA ASP T 273 29.07 -40.67 -66.58
C ASP T 273 27.92 -39.86 -67.15
N LEU T 274 28.24 -38.82 -67.94
CA LEU T 274 27.20 -37.93 -68.41
C LEU T 274 26.51 -38.41 -69.67
N GLU T 275 27.13 -39.35 -70.40
CA GLU T 275 26.56 -39.80 -71.67
C GLU T 275 25.11 -40.26 -71.53
N PRO T 276 24.73 -41.07 -70.54
CA PRO T 276 23.31 -41.44 -70.41
C PRO T 276 22.41 -40.27 -70.01
N PHE T 277 22.90 -39.32 -69.22
CA PHE T 277 22.11 -38.11 -69.03
C PHE T 277 21.98 -37.45 -70.38
N ARG T 278 23.06 -37.50 -71.13
CA ARG T 278 23.06 -36.72 -72.34
C ARG T 278 22.14 -37.24 -73.41
N GLU T 279 22.14 -38.56 -73.57
CA GLU T 279 21.24 -39.20 -74.51
C GLU T 279 19.79 -39.01 -74.12
N ALA T 280 19.51 -38.87 -72.82
CA ALA T 280 18.13 -38.78 -72.36
C ALA T 280 17.48 -37.50 -72.88
N MET T 281 18.26 -36.50 -73.22
CA MET T 281 17.70 -35.25 -73.71
C MET T 281 17.45 -35.14 -75.24
N GLN T 282 17.97 -36.10 -76.05
CA GLN T 282 17.62 -36.21 -77.46
C GLN T 282 16.15 -36.19 -77.81
N PRO T 283 15.22 -36.95 -77.22
CA PRO T 283 13.75 -36.72 -77.50
C PRO T 283 13.21 -35.31 -77.12
N LEU T 284 13.77 -34.68 -76.08
CA LEU T 284 13.36 -33.35 -75.67
C LEU T 284 13.69 -32.29 -76.74
N TYR T 285 14.88 -32.37 -77.36
CA TYR T 285 15.20 -31.37 -78.39
C TYR T 285 14.22 -31.44 -79.55
N LYS T 286 13.85 -32.64 -79.98
CA LYS T 286 12.92 -32.74 -81.10
C LYS T 286 11.56 -32.13 -80.76
N GLU T 287 10.94 -32.51 -79.64
CA GLU T 287 10.02 -31.56 -78.99
C GLU T 287 10.20 -30.12 -79.41
N PHE T 288 11.24 -29.53 -78.84
CA PHE T 288 11.31 -28.11 -78.69
C PHE T 288 11.18 -27.48 -80.06
N ASP T 289 11.94 -27.99 -81.02
CA ASP T 289 11.80 -27.56 -82.39
C ASP T 289 10.35 -27.65 -82.85
N SER T 290 9.69 -28.78 -82.56
CA SER T 290 8.31 -28.94 -83.02
C SER T 290 7.37 -27.92 -82.37
N ASN T 291 7.57 -27.65 -81.07
CA ASN T 291 6.69 -26.72 -80.37
C ASN T 291 6.88 -25.30 -80.88
N ILE T 292 8.12 -24.93 -81.18
CA ILE T 292 8.41 -23.59 -81.67
C ILE T 292 8.00 -23.41 -83.13
N GLY T 293 7.90 -24.51 -83.88
CA GLY T 293 7.62 -24.43 -85.30
C GLY T 293 8.82 -24.24 -86.20
N GLN T 294 10.02 -24.02 -85.64
CA GLN T 294 11.24 -23.89 -86.41
C GLN T 294 12.35 -24.61 -85.65
N PRO T 295 13.17 -25.41 -86.32
CA PRO T 295 14.32 -26.01 -85.62
C PRO T 295 15.27 -24.93 -85.13
N ILE T 296 15.76 -25.10 -83.89
CA ILE T 296 16.66 -24.10 -83.32
C ILE T 296 17.74 -24.75 -82.47
N VAL T 297 17.43 -25.91 -81.88
CA VAL T 297 18.37 -26.53 -80.93
C VAL T 297 19.68 -26.87 -81.63
N SER T 298 19.61 -27.49 -82.81
CA SER T 298 20.83 -27.84 -83.53
C SER T 298 21.60 -26.59 -83.95
N LYS T 299 20.90 -25.55 -84.38
CA LYS T 299 21.56 -24.30 -84.74
C LYS T 299 22.33 -23.73 -83.55
N LEU T 300 21.68 -23.64 -82.39
CA LEU T 300 22.36 -23.09 -81.21
C LEU T 300 23.54 -23.95 -80.80
N ALA T 301 23.37 -25.27 -80.78
CA ALA T 301 24.45 -26.14 -80.35
C ALA T 301 25.70 -25.99 -81.22
N ALA T 302 25.53 -25.59 -82.48
CA ALA T 302 26.66 -25.49 -83.40
C ALA T 302 27.37 -24.15 -83.33
N MET T 303 26.85 -23.17 -82.60
CA MET T 303 27.45 -21.85 -82.55
C MET T 303 28.77 -21.84 -81.78
N GLY U 1 -0.43 -18.54 -87.16
CA GLY U 1 -1.57 -17.95 -86.38
C GLY U 1 -1.38 -17.93 -84.86
N SER U 2 -2.46 -17.74 -84.11
CA SER U 2 -2.39 -17.83 -82.66
C SER U 2 -1.82 -19.19 -82.23
N GLN U 3 -1.07 -19.18 -81.14
CA GLN U 3 -0.72 -20.42 -80.45
C GLN U 3 -1.74 -20.80 -79.39
N VAL U 4 -2.52 -19.83 -78.90
CA VAL U 4 -3.57 -20.08 -77.92
C VAL U 4 -4.91 -19.76 -78.58
N GLN U 5 -5.87 -20.65 -78.41
CA GLN U 5 -7.23 -20.47 -78.92
C GLN U 5 -8.15 -20.22 -77.73
N LEU U 6 -8.98 -19.18 -77.83
CA LEU U 6 -9.83 -18.74 -76.73
C LEU U 6 -11.27 -18.68 -77.20
N VAL U 7 -12.19 -19.14 -76.35
CA VAL U 7 -13.62 -19.15 -76.65
C VAL U 7 -14.36 -18.63 -75.42
N GLU U 8 -14.99 -17.47 -75.56
CA GLU U 8 -15.78 -16.90 -74.47
C GLU U 8 -17.21 -17.40 -74.53
N SER U 9 -17.83 -17.48 -73.34
CA SER U 9 -19.26 -17.73 -73.22
C SER U 9 -19.77 -16.93 -72.03
N GLY U 10 -21.10 -16.94 -71.85
CA GLY U 10 -21.74 -16.31 -70.72
C GLY U 10 -22.55 -15.07 -71.05
N GLY U 11 -22.34 -14.45 -72.22
CA GLY U 11 -22.96 -13.19 -72.54
C GLY U 11 -24.48 -13.23 -72.51
N ARG U 12 -25.09 -12.26 -71.84
CA ARG U 12 -26.54 -12.29 -71.67
C ARG U 12 -27.11 -10.90 -71.49
N LEU U 13 -28.44 -10.82 -71.54
CA LEU U 13 -29.18 -9.65 -71.09
C LEU U 13 -29.40 -9.75 -69.58
N VAL U 14 -28.93 -8.74 -68.85
CA VAL U 14 -29.07 -8.69 -67.40
C VAL U 14 -29.59 -7.32 -67.01
N GLN U 15 -30.02 -7.21 -65.75
CA GLN U 15 -30.60 -5.97 -65.23
C GLN U 15 -29.57 -5.18 -64.44
N THR U 16 -29.87 -3.89 -64.25
CA THR U 16 -29.04 -3.07 -63.39
C THR U 16 -28.98 -3.69 -62.00
N GLY U 17 -27.78 -3.71 -61.43
CA GLY U 17 -27.57 -4.39 -60.16
C GLY U 17 -27.40 -5.89 -60.26
N GLY U 18 -27.58 -6.47 -61.44
CA GLY U 18 -27.47 -7.90 -61.59
C GLY U 18 -26.03 -8.40 -61.60
N SER U 19 -25.90 -9.72 -61.52
CA SER U 19 -24.61 -10.38 -61.51
C SER U 19 -24.53 -11.36 -62.67
N LEU U 20 -23.35 -11.45 -63.29
CA LEU U 20 -23.13 -12.34 -64.42
C LEU U 20 -21.70 -12.86 -64.38
N ARG U 21 -21.53 -14.15 -64.65
CA ARG U 21 -20.22 -14.78 -64.72
C ARG U 21 -19.92 -15.11 -66.18
N LEU U 22 -18.87 -14.51 -66.71
CA LEU U 22 -18.34 -14.88 -68.02
C LEU U 22 -17.28 -15.95 -67.84
N SER U 23 -17.16 -16.82 -68.84
CA SER U 23 -16.17 -17.88 -68.82
C SER U 23 -15.46 -17.93 -70.17
N CYS U 24 -14.19 -18.32 -70.13
CA CYS U 24 -13.34 -18.42 -71.32
C CYS U 24 -12.58 -19.73 -71.27
N ALA U 25 -12.71 -20.52 -72.33
CA ALA U 25 -12.01 -21.80 -72.44
C ALA U 25 -10.83 -21.65 -73.38
N ALA U 26 -9.66 -22.08 -72.93
CA ALA U 26 -8.43 -21.92 -73.69
C ALA U 26 -7.92 -23.29 -74.14
N SER U 27 -7.42 -23.34 -75.38
CA SER U 27 -6.83 -24.54 -75.93
C SER U 27 -5.58 -24.17 -76.70
N GLY U 28 -4.78 -25.18 -77.05
CA GLY U 28 -3.58 -24.97 -77.83
C GLY U 28 -2.31 -25.03 -76.99
N ASP U 29 -1.76 -23.87 -76.66
CA ASP U 29 -0.52 -23.83 -75.91
C ASP U 29 -0.81 -23.97 -74.42
N THR U 30 0.24 -24.11 -73.61
CA THR U 30 0.05 -24.44 -72.22
C THR U 30 -0.57 -23.26 -71.49
N PHE U 31 -1.75 -23.50 -70.89
CA PHE U 31 -2.57 -22.41 -70.35
C PHE U 31 -1.85 -21.69 -69.21
N SER U 32 -1.12 -22.42 -68.38
CA SER U 32 -0.45 -21.81 -67.23
C SER U 32 0.75 -20.97 -67.65
N ASN U 33 1.11 -20.97 -68.93
CA ASN U 33 2.16 -20.08 -69.41
C ASN U 33 1.69 -18.65 -69.61
N TYR U 34 0.40 -18.40 -69.48
CA TYR U 34 -0.19 -17.14 -69.92
C TYR U 34 -0.88 -16.39 -68.80
N VAL U 35 -0.67 -15.07 -68.80
CA VAL U 35 -1.55 -14.16 -68.08
C VAL U 35 -2.84 -14.01 -68.87
N MET U 36 -3.97 -14.19 -68.20
CA MET U 36 -5.28 -14.11 -68.83
C MET U 36 -5.93 -12.78 -68.47
N GLY U 37 -6.53 -12.14 -69.47
CA GLY U 37 -7.12 -10.84 -69.28
C GLY U 37 -8.53 -10.79 -69.86
N TRP U 38 -9.31 -9.85 -69.33
CA TRP U 38 -10.63 -9.52 -69.87
C TRP U 38 -10.62 -8.07 -70.32
N PHE U 39 -11.13 -7.83 -71.52
CA PHE U 39 -11.25 -6.50 -72.08
C PHE U 39 -12.67 -6.33 -72.59
N ARG U 40 -13.10 -5.08 -72.72
CA ARG U 40 -14.44 -4.78 -73.23
C ARG U 40 -14.32 -3.65 -74.25
N GLN U 41 -15.21 -3.68 -75.23
CA GLN U 41 -15.19 -2.69 -76.31
C GLN U 41 -16.58 -2.20 -76.63
N ALA U 42 -16.76 -0.88 -76.60
CA ALA U 42 -17.91 -0.21 -77.17
C ALA U 42 -17.62 0.24 -78.59
N PRO U 43 -18.64 0.45 -79.41
CA PRO U 43 -18.38 0.82 -80.81
C PRO U 43 -17.64 2.16 -80.88
N GLY U 44 -16.74 2.27 -81.87
CA GLY U 44 -15.93 3.46 -82.06
C GLY U 44 -14.73 3.58 -81.16
N LYS U 45 -14.73 2.87 -80.03
CA LYS U 45 -13.75 2.98 -78.97
C LYS U 45 -12.78 1.81 -79.11
N GLU U 46 -11.65 1.98 -78.48
CA GLU U 46 -10.70 0.90 -78.30
C GLU U 46 -11.20 -0.07 -77.20
N ARG U 47 -10.52 -1.20 -77.12
CA ARG U 47 -10.70 -2.15 -76.03
C ARG U 47 -10.39 -1.44 -74.71
N GLU U 48 -11.26 -1.59 -73.74
CA GLU U 48 -11.04 -1.05 -72.42
C GLU U 48 -10.55 -2.21 -71.57
N PHE U 49 -9.44 -2.01 -70.86
CA PHE U 49 -8.98 -3.05 -69.95
C PHE U 49 -9.95 -3.23 -68.79
N VAL U 50 -10.26 -4.49 -68.47
CA VAL U 50 -11.16 -4.83 -67.37
C VAL U 50 -10.40 -5.49 -66.22
N ALA U 51 -9.80 -6.65 -66.48
CA ALA U 51 -9.13 -7.39 -65.42
C ALA U 51 -8.10 -8.34 -66.03
N ALA U 52 -7.11 -8.71 -65.23
CA ALA U 52 -6.11 -9.69 -65.61
C ALA U 52 -5.68 -10.46 -64.38
N ILE U 53 -5.20 -11.68 -64.61
CA ILE U 53 -4.83 -12.61 -63.55
C ILE U 53 -3.54 -13.32 -63.96
N SER U 54 -2.61 -13.44 -63.02
CA SER U 54 -1.30 -14.01 -63.32
C SER U 54 -1.39 -15.52 -63.50
N TRP U 55 -0.25 -16.10 -63.91
CA TRP U 55 -0.19 -17.52 -64.23
C TRP U 55 -0.77 -18.38 -63.12
N THR U 56 -0.43 -18.08 -61.87
CA THR U 56 -0.84 -18.89 -60.73
C THR U 56 -2.09 -18.35 -60.06
N GLY U 57 -2.61 -17.21 -60.51
CA GLY U 57 -3.71 -16.57 -59.83
C GLY U 57 -3.30 -15.69 -58.67
N ALA U 58 -2.00 -15.52 -58.43
CA ALA U 58 -1.55 -14.78 -57.27
C ALA U 58 -1.73 -13.27 -57.45
N ASN U 59 -1.40 -12.77 -58.63
CA ASN U 59 -1.62 -11.36 -58.96
C ASN U 59 -2.92 -11.22 -59.74
N SER U 60 -3.68 -10.18 -59.40
CA SER U 60 -4.84 -9.78 -60.19
C SER U 60 -4.79 -8.26 -60.40
N TYR U 61 -5.23 -7.85 -61.59
CA TYR U 61 -5.23 -6.46 -62.00
C TYR U 61 -6.66 -6.09 -62.39
N TYR U 62 -7.05 -4.87 -62.03
CA TYR U 62 -8.41 -4.41 -62.28
C TYR U 62 -8.40 -2.96 -62.72
N ALA U 63 -9.36 -2.62 -63.58
CA ALA U 63 -9.62 -1.22 -63.86
C ALA U 63 -10.35 -0.58 -62.67
N ASP U 64 -10.09 0.71 -62.46
CA ASP U 64 -10.80 1.42 -61.39
C ASP U 64 -12.30 1.40 -61.63
N SER U 65 -12.72 1.31 -62.90
CA SER U 65 -14.13 1.31 -63.22
C SER U 65 -14.86 0.08 -62.66
N VAL U 66 -14.14 -1.00 -62.39
CA VAL U 66 -14.77 -2.25 -61.97
C VAL U 66 -14.17 -2.79 -60.68
N ALA U 67 -13.31 -2.01 -60.02
CA ALA U 67 -12.44 -2.57 -59.01
C ALA U 67 -13.21 -3.29 -57.90
N GLY U 68 -14.30 -2.71 -57.42
CA GLY U 68 -15.02 -3.32 -56.32
C GLY U 68 -16.05 -4.35 -56.72
N ARG U 69 -16.50 -4.29 -57.97
CA ARG U 69 -17.62 -5.08 -58.47
C ARG U 69 -17.22 -6.38 -59.16
N PHE U 70 -16.16 -6.38 -59.95
CA PHE U 70 -15.81 -7.54 -60.75
C PHE U 70 -14.72 -8.36 -60.07
N THR U 71 -14.75 -9.67 -60.30
CA THR U 71 -13.74 -10.59 -59.80
C THR U 71 -13.31 -11.51 -60.93
N ILE U 72 -12.00 -11.59 -61.16
CA ILE U 72 -11.42 -12.48 -62.16
C ILE U 72 -10.81 -13.68 -61.45
N SER U 73 -10.94 -14.86 -62.07
CA SER U 73 -10.39 -16.08 -61.51
C SER U 73 -10.04 -17.02 -62.66
N ARG U 74 -9.18 -17.99 -62.35
CA ARG U 74 -8.77 -18.94 -63.35
C ARG U 74 -8.69 -20.32 -62.75
N ASP U 75 -8.76 -21.30 -63.62
CA ASP U 75 -8.47 -22.64 -63.15
C ASP U 75 -7.62 -23.42 -64.15
N ASN U 76 -6.45 -23.75 -63.69
CA ASN U 76 -5.42 -24.31 -64.54
C ASN U 76 -5.53 -25.81 -64.82
N ALA U 77 -6.44 -26.56 -64.18
CA ALA U 77 -6.68 -27.97 -64.50
C ALA U 77 -7.60 -28.07 -65.69
N LYS U 78 -8.73 -27.37 -65.45
CA LYS U 78 -9.79 -26.70 -66.21
C LYS U 78 -9.41 -26.14 -67.54
N ASN U 79 -8.35 -25.37 -67.50
CA ASN U 79 -7.87 -24.48 -68.54
C ASN U 79 -8.91 -23.42 -68.89
N THR U 80 -9.45 -22.78 -67.86
CA THR U 80 -10.47 -21.74 -68.03
C THR U 80 -10.16 -20.52 -67.17
N VAL U 81 -10.62 -19.37 -67.63
CA VAL U 81 -10.60 -18.13 -66.86
C VAL U 81 -12.02 -17.58 -66.82
N ALA U 82 -12.40 -17.01 -65.68
CA ALA U 82 -13.75 -16.51 -65.49
C ALA U 82 -13.72 -15.06 -65.02
N LEU U 83 -14.77 -14.32 -65.38
CA LEU U 83 -14.98 -12.95 -64.90
C LEU U 83 -16.37 -12.91 -64.27
N GLN U 84 -16.40 -12.87 -62.94
CA GLN U 84 -17.64 -12.67 -62.19
C GLN U 84 -17.94 -11.18 -62.11
N MET U 85 -19.06 -10.76 -62.67
CA MET U 85 -19.47 -9.35 -62.68
C MET U 85 -20.64 -9.17 -61.71
N ASN U 86 -20.50 -8.19 -60.82
CA ASN U 86 -21.56 -7.83 -59.88
C ASN U 86 -21.93 -6.36 -60.05
N SER U 87 -23.13 -6.01 -59.56
CA SER U 87 -23.62 -4.64 -59.54
C SER U 87 -23.50 -3.98 -60.92
N LEU U 88 -23.98 -4.67 -61.95
CA LEU U 88 -23.84 -4.18 -63.31
C LEU U 88 -24.76 -2.98 -63.58
N LYS U 89 -24.26 -2.04 -64.38
CA LYS U 89 -24.95 -0.86 -64.86
C LYS U 89 -24.78 -0.71 -66.37
N PRO U 90 -25.62 0.12 -67.02
CA PRO U 90 -25.58 0.22 -68.50
C PRO U 90 -24.25 0.64 -69.12
N GLU U 91 -23.50 1.57 -68.49
CA GLU U 91 -22.03 1.68 -68.54
C GLU U 91 -21.27 0.37 -68.55
N ASP U 92 -21.83 -0.78 -68.16
CA ASP U 92 -21.04 -1.99 -68.38
C ASP U 92 -21.41 -2.71 -69.67
N THR U 93 -22.40 -2.23 -70.39
CA THR U 93 -22.84 -2.87 -71.63
C THR U 93 -21.76 -2.81 -72.70
N ALA U 94 -21.31 -3.98 -73.16
CA ALA U 94 -20.24 -4.01 -74.16
C ALA U 94 -20.05 -5.45 -74.65
N ILE U 95 -19.23 -5.58 -75.68
CA ILE U 95 -18.64 -6.87 -76.04
C ILE U 95 -17.42 -7.10 -75.17
N TYR U 96 -17.40 -8.22 -74.44
CA TYR U 96 -16.31 -8.56 -73.55
C TYR U 96 -15.43 -9.62 -74.20
N TYR U 97 -14.13 -9.36 -74.23
CA TYR U 97 -13.16 -10.22 -74.90
C TYR U 97 -12.26 -10.92 -73.88
N CYS U 98 -12.08 -12.22 -74.06
CA CYS U 98 -11.03 -12.95 -73.35
C CYS U 98 -9.73 -12.82 -74.14
N ALA U 99 -8.63 -12.58 -73.43
CA ALA U 99 -7.34 -12.39 -74.07
C ALA U 99 -6.24 -13.06 -73.25
N ALA U 100 -5.20 -13.49 -73.94
CA ALA U 100 -4.05 -14.14 -73.33
C ALA U 100 -2.75 -13.49 -73.79
N ASP U 101 -1.79 -13.39 -72.87
CA ASP U 101 -0.44 -12.98 -73.21
C ASP U 101 0.51 -13.60 -72.18
N HIS U 102 1.78 -13.69 -72.56
CA HIS U 102 2.76 -14.29 -71.67
C HIS U 102 2.95 -13.47 -70.41
N PHE U 103 2.77 -12.16 -70.51
CA PHE U 103 2.87 -11.26 -69.37
C PHE U 103 1.75 -10.24 -69.44
N HIS U 104 1.37 -9.71 -68.28
CA HIS U 104 0.46 -8.57 -68.28
C HIS U 104 1.17 -7.38 -68.91
N VAL U 105 0.52 -6.73 -69.87
CA VAL U 105 1.10 -5.58 -70.55
C VAL U 105 0.05 -4.49 -70.67
N THR U 106 0.53 -3.24 -70.66
CA THR U 106 -0.32 -2.08 -70.83
C THR U 106 0.09 -1.22 -72.01
N HIS U 107 1.34 -1.32 -72.48
CA HIS U 107 1.82 -0.54 -73.62
C HIS U 107 1.45 -1.14 -74.97
N ARG U 108 0.85 -2.32 -75.00
CA ARG U 108 0.48 -2.96 -76.25
C ARG U 108 -0.72 -3.88 -76.04
N LYS U 109 -1.25 -4.38 -77.14
CA LYS U 109 -2.38 -5.30 -77.10
C LYS U 109 -1.90 -6.71 -76.81
N TYR U 110 -2.72 -7.47 -76.09
CA TYR U 110 -2.39 -8.86 -75.82
C TYR U 110 -2.20 -9.60 -77.14
N ASP U 111 -1.42 -10.68 -77.10
CA ASP U 111 -1.12 -11.41 -78.33
C ASP U 111 -2.34 -12.13 -78.87
N TYR U 112 -3.11 -12.78 -77.99
CA TYR U 112 -4.16 -13.70 -78.40
C TYR U 112 -5.52 -13.25 -77.85
N TRP U 113 -6.56 -13.54 -78.63
CA TRP U 113 -7.88 -12.98 -78.38
C TRP U 113 -8.97 -14.00 -78.71
N GLY U 114 -10.07 -13.94 -77.97
CA GLY U 114 -11.27 -14.65 -78.34
C GLY U 114 -12.14 -13.81 -79.25
N GLN U 115 -13.30 -14.37 -79.59
CA GLN U 115 -14.22 -13.68 -80.50
C GLN U 115 -15.20 -12.78 -79.77
N GLY U 116 -15.25 -12.84 -78.44
CA GLY U 116 -16.10 -11.95 -77.67
C GLY U 116 -17.51 -12.48 -77.43
N THR U 117 -18.08 -12.07 -76.31
CA THR U 117 -19.47 -12.34 -75.95
C THR U 117 -20.11 -11.02 -75.51
N GLN U 118 -21.31 -10.74 -76.01
CA GLN U 118 -21.95 -9.46 -75.78
C GLN U 118 -22.71 -9.49 -74.46
N VAL U 119 -22.47 -8.51 -73.60
CA VAL U 119 -23.18 -8.36 -72.34
C VAL U 119 -24.07 -7.13 -72.45
N THR U 120 -25.36 -7.31 -72.20
CA THR U 120 -26.34 -6.23 -72.27
C THR U 120 -26.94 -6.00 -70.89
N VAL U 121 -26.78 -4.78 -70.38
CA VAL U 121 -27.33 -4.37 -69.10
C VAL U 121 -28.45 -3.36 -69.35
N SER U 122 -29.64 -3.68 -68.89
CA SER U 122 -30.82 -2.85 -69.09
C SER U 122 -31.00 -1.93 -67.89
N SER U 123 -31.56 -0.77 -68.14
CA SER U 123 -31.77 0.24 -67.08
C SER U 123 -32.33 -0.39 -65.80
N ALA V 5 -75.61 -35.80 -9.56
CA ALA V 5 -74.62 -36.66 -10.25
C ALA V 5 -74.02 -35.93 -11.45
N THR V 6 -74.78 -35.75 -12.54
CA THR V 6 -74.17 -35.03 -13.66
C THR V 6 -75.17 -34.16 -14.42
N THR V 7 -75.24 -32.89 -14.01
CA THR V 7 -75.74 -31.79 -14.82
C THR V 7 -74.57 -30.82 -14.96
N LEU V 8 -74.09 -30.64 -16.19
CA LEU V 8 -72.94 -29.76 -16.41
C LEU V 8 -73.39 -28.34 -16.70
N LYS V 9 -72.65 -27.37 -16.17
CA LYS V 9 -72.95 -25.95 -16.29
C LYS V 9 -71.86 -25.30 -17.12
N MET V 10 -72.27 -24.62 -18.21
CA MET V 10 -71.35 -23.96 -19.12
C MET V 10 -71.67 -22.48 -19.22
N GLY V 11 -70.66 -21.64 -19.00
CA GLY V 11 -70.79 -20.20 -19.12
C GLY V 11 -69.99 -19.66 -20.30
N MET V 12 -70.45 -18.55 -20.85
CA MET V 12 -69.75 -17.89 -21.94
C MET V 12 -70.12 -16.41 -21.95
N GLN V 13 -69.22 -15.60 -22.50
CA GLN V 13 -69.54 -14.18 -22.70
C GLN V 13 -70.49 -13.98 -23.86
N ALA V 14 -70.47 -14.88 -24.84
CA ALA V 14 -71.27 -14.70 -26.05
C ALA V 14 -72.76 -14.75 -25.74
N SER V 15 -73.53 -14.02 -26.53
CA SER V 15 -74.97 -13.87 -26.33
C SER V 15 -75.77 -14.79 -27.23
N VAL V 16 -77.08 -14.82 -26.97
CA VAL V 16 -77.99 -15.58 -27.82
C VAL V 16 -77.86 -15.09 -29.26
N GLY V 17 -77.92 -16.05 -30.20
CA GLY V 17 -77.78 -15.73 -31.60
C GLY V 17 -76.37 -15.72 -32.12
N SER V 18 -75.38 -15.92 -31.25
CA SER V 18 -74.01 -16.02 -31.70
C SER V 18 -73.70 -17.42 -32.19
N VAL V 19 -72.63 -17.51 -32.98
CA VAL V 19 -72.12 -18.82 -33.40
C VAL V 19 -71.56 -19.58 -32.20
N GLU V 20 -70.99 -18.88 -31.22
CA GLU V 20 -70.49 -19.55 -30.02
C GLU V 20 -71.64 -20.17 -29.23
N TYR V 21 -72.74 -19.43 -29.07
CA TYR V 21 -73.87 -19.96 -28.32
C TYR V 21 -74.57 -21.08 -29.08
N ASN V 22 -74.81 -20.88 -30.39
CA ASN V 22 -75.48 -21.89 -31.18
C ASN V 22 -74.71 -23.20 -31.16
N SER V 23 -73.38 -23.13 -31.17
CA SER V 23 -72.57 -24.34 -31.08
C SER V 23 -72.72 -24.97 -29.70
N ALA V 24 -72.81 -24.16 -28.65
CA ALA V 24 -73.03 -24.68 -27.31
C ALA V 24 -74.42 -25.29 -27.20
N LYS V 25 -75.41 -24.70 -27.86
CA LYS V 25 -76.75 -25.28 -27.88
C LYS V 25 -76.78 -26.56 -28.69
N MET V 26 -76.10 -26.57 -29.85
CA MET V 26 -75.95 -27.80 -30.62
C MET V 26 -75.23 -28.87 -29.79
N LEU V 27 -74.21 -28.48 -29.03
CA LEU V 27 -73.52 -29.43 -28.17
C LEU V 27 -74.45 -29.98 -27.10
N ALA V 28 -75.22 -29.10 -26.45
CA ALA V 28 -76.15 -29.56 -25.44
C ALA V 28 -77.12 -30.58 -26.00
N ASP V 29 -77.68 -30.30 -27.18
CA ASP V 29 -78.55 -31.28 -27.83
C ASP V 29 -77.78 -32.55 -28.16
N THR V 30 -76.58 -32.39 -28.75
CA THR V 30 -75.81 -33.55 -29.17
C THR V 30 -75.43 -34.42 -27.97
N LEU V 31 -75.04 -33.78 -26.86
CA LEU V 31 -74.64 -34.53 -25.68
C LEU V 31 -75.83 -35.26 -25.07
N GLU V 32 -76.99 -34.60 -25.00
CA GLU V 32 -78.14 -35.20 -24.33
C GLU V 32 -78.68 -36.42 -25.05
N GLU V 33 -78.67 -36.43 -26.38
CA GLU V 33 -79.26 -37.56 -27.11
C GLU V 33 -78.33 -38.76 -27.13
N MET V 34 -77.05 -38.55 -27.45
CA MET V 34 -76.08 -39.63 -27.52
C MET V 34 -75.77 -40.19 -26.14
N SER V 35 -76.06 -39.45 -25.08
CA SER V 35 -75.93 -40.00 -23.75
C SER V 35 -77.23 -40.60 -23.26
N GLN V 36 -78.25 -40.69 -24.09
CA GLN V 36 -79.55 -41.19 -23.64
C GLN V 36 -80.16 -40.36 -22.51
N GLY V 37 -79.94 -39.04 -22.50
CA GLY V 37 -80.54 -38.21 -21.47
C GLY V 37 -79.77 -38.15 -20.17
N GLU V 38 -78.65 -38.88 -20.08
CA GLU V 38 -77.90 -39.00 -18.84
C GLU V 38 -76.94 -37.84 -18.64
N ILE V 39 -76.56 -37.15 -19.71
CA ILE V 39 -75.73 -35.95 -19.64
C ILE V 39 -76.59 -34.77 -20.08
N LYS V 40 -76.72 -33.78 -19.19
CA LYS V 40 -77.43 -32.55 -19.49
C LYS V 40 -76.44 -31.40 -19.40
N LEU V 41 -76.61 -30.39 -20.24
CA LEU V 41 -75.71 -29.25 -20.29
C LEU V 41 -76.53 -27.97 -20.17
N ALA V 42 -76.39 -27.28 -19.06
CA ALA V 42 -77.05 -26.00 -18.85
C ALA V 42 -76.14 -24.86 -19.32
N LEU V 43 -76.74 -23.89 -20.00
CA LEU V 43 -76.01 -22.78 -20.61
C LEU V 43 -76.31 -21.48 -19.89
N TYR V 44 -75.26 -20.68 -19.67
CA TYR V 44 -75.34 -19.39 -18.97
C TYR V 44 -74.60 -18.36 -19.82
N PRO V 45 -75.25 -17.82 -20.85
CA PRO V 45 -74.55 -16.89 -21.76
C PRO V 45 -74.54 -15.43 -21.31
N SER V 46 -73.99 -14.57 -22.18
CA SER V 46 -73.99 -13.12 -22.00
C SER V 46 -73.25 -12.68 -20.75
N ALA V 47 -72.24 -13.47 -20.35
CA ALA V 47 -71.32 -13.08 -19.28
C ALA V 47 -72.03 -12.85 -17.95
N GLN V 48 -73.17 -13.51 -17.75
CA GLN V 48 -73.87 -13.35 -16.49
C GLN V 48 -73.11 -13.99 -15.34
N LEU V 49 -72.19 -14.92 -15.62
CA LEU V 49 -71.34 -15.51 -14.60
C LEU V 49 -70.00 -14.79 -14.48
N GLY V 50 -69.75 -13.80 -15.31
CA GLY V 50 -68.46 -13.12 -15.36
C GLY V 50 -67.84 -13.22 -16.74
N ASP V 51 -66.69 -12.57 -16.89
CA ASP V 51 -65.96 -12.62 -18.14
C ASP V 51 -65.18 -13.93 -18.25
N ASP V 52 -64.48 -14.12 -19.37
CA ASP V 52 -63.77 -15.37 -19.61
C ASP V 52 -62.71 -15.63 -18.54
N ARG V 53 -62.03 -14.58 -18.09
CA ARG V 53 -61.06 -14.76 -17.01
C ARG V 53 -61.73 -15.24 -15.73
N ALA V 54 -62.87 -14.65 -15.38
CA ALA V 54 -63.58 -15.04 -14.17
C ALA V 54 -64.08 -16.47 -14.24
N MET V 55 -64.61 -16.88 -15.40
CA MET V 55 -65.13 -18.24 -15.53
C MET V 55 -64.02 -19.27 -15.52
N LEU V 56 -62.88 -18.97 -16.14
CA LEU V 56 -61.71 -19.83 -16.00
C LEU V 56 -61.34 -20.01 -14.54
N GLN V 57 -61.37 -18.91 -13.76
CA GLN V 57 -61.10 -19.01 -12.33
C GLN V 57 -62.12 -19.91 -11.65
N GLN V 58 -63.36 -19.90 -12.12
CA GLN V 58 -64.38 -20.77 -11.54
C GLN V 58 -64.13 -22.23 -11.89
N LEU V 59 -63.66 -22.50 -13.11
CA LEU V 59 -63.30 -23.85 -13.48
C LEU V 59 -62.16 -24.37 -12.61
N THR V 60 -61.13 -23.54 -12.39
CA THR V 60 -59.99 -23.96 -11.60
C THR V 60 -60.41 -24.36 -10.19
N LEU V 61 -61.37 -23.65 -9.61
CA LEU V 61 -61.81 -23.90 -8.25
C LEU V 61 -62.96 -24.91 -8.18
N GLY V 62 -63.40 -25.44 -9.32
CA GLY V 62 -64.43 -26.47 -9.33
C GLY V 62 -65.85 -25.99 -9.24
N ASP V 63 -66.10 -24.72 -9.55
CA ASP V 63 -67.41 -24.11 -9.41
C ASP V 63 -68.19 -24.03 -10.72
N LEU V 64 -67.51 -24.18 -11.85
CA LEU V 64 -68.14 -24.20 -13.16
C LEU V 64 -67.51 -25.35 -13.93
N ASP V 65 -68.29 -25.95 -14.83
CA ASP V 65 -67.85 -27.15 -15.50
C ASP V 65 -67.17 -26.87 -16.84
N ILE V 66 -67.78 -26.07 -17.70
CA ILE V 66 -67.29 -25.85 -19.05
C ILE V 66 -67.26 -24.36 -19.37
N THR V 67 -66.25 -23.93 -20.13
CA THR V 67 -66.23 -22.57 -20.64
C THR V 67 -65.34 -22.48 -21.87
N TYR V 68 -65.50 -21.38 -22.61
CA TYR V 68 -64.64 -21.07 -23.75
C TYR V 68 -63.44 -20.24 -23.33
N ALA V 69 -62.32 -20.43 -24.03
CA ALA V 69 -61.21 -19.51 -23.95
C ALA V 69 -60.32 -19.69 -25.18
N GLU V 70 -59.63 -18.61 -25.57
CA GLU V 70 -58.62 -18.75 -26.62
C GLU V 70 -57.39 -19.45 -26.07
N PHE V 71 -56.69 -20.18 -26.94
CA PHE V 71 -55.47 -20.85 -26.51
C PHE V 71 -54.44 -19.83 -26.03
N GLY V 72 -54.38 -18.68 -26.69
CA GLY V 72 -53.51 -17.60 -26.25
C GLY V 72 -53.97 -16.92 -24.98
N ARG V 73 -55.26 -17.01 -24.66
CA ARG V 73 -55.75 -16.46 -23.40
C ARG V 73 -55.17 -17.18 -22.20
N MET V 74 -54.62 -18.39 -22.40
CA MET V 74 -53.95 -19.08 -21.31
C MET V 74 -52.71 -18.35 -20.84
N GLY V 75 -52.24 -17.35 -21.60
CA GLY V 75 -51.17 -16.49 -21.11
C GLY V 75 -51.51 -15.83 -19.79
N LEU V 76 -52.79 -15.76 -19.44
CA LEU V 76 -53.16 -15.28 -18.11
C LEU V 76 -52.56 -16.18 -17.03
N ALA V 77 -52.32 -17.45 -17.34
CA ALA V 77 -51.82 -18.43 -16.39
C ALA V 77 -50.46 -19.01 -16.78
N ILE V 78 -50.19 -19.14 -18.08
CA ILE V 78 -48.99 -19.81 -18.58
C ILE V 78 -48.37 -18.82 -19.55
N PRO V 79 -47.52 -17.91 -19.07
CA PRO V 79 -47.17 -16.72 -19.89
C PRO V 79 -46.68 -17.02 -21.30
N ARG V 80 -45.88 -18.08 -21.49
CA ARG V 80 -45.36 -18.36 -22.82
C ARG V 80 -46.49 -18.62 -23.81
N ALA V 81 -47.64 -19.09 -23.33
CA ALA V 81 -48.75 -19.41 -24.23
C ALA V 81 -49.31 -18.18 -24.93
N GLU V 82 -49.10 -16.99 -24.37
CA GLU V 82 -49.64 -15.77 -24.97
C GLU V 82 -49.07 -15.50 -26.36
N ALA V 83 -47.91 -16.09 -26.69
CA ALA V 83 -47.27 -15.78 -27.97
C ALA V 83 -48.18 -16.10 -29.15
N VAL V 84 -49.01 -17.14 -29.03
CA VAL V 84 -49.89 -17.51 -30.12
C VAL V 84 -50.89 -16.40 -30.43
N MET V 85 -51.15 -15.52 -29.47
CA MET V 85 -52.08 -14.40 -29.64
C MET V 85 -51.37 -13.09 -29.96
N LEU V 86 -50.04 -13.09 -29.97
CA LEU V 86 -49.29 -11.92 -30.39
C LEU V 86 -49.75 -11.49 -31.79
N PRO V 87 -49.92 -10.19 -32.03
CA PRO V 87 -50.46 -9.77 -33.33
C PRO V 87 -49.60 -10.26 -34.49
N TYR V 88 -50.26 -10.85 -35.48
CA TYR V 88 -49.68 -11.29 -36.74
C TYR V 88 -48.73 -12.48 -36.62
N VAL V 89 -48.55 -13.06 -35.44
CA VAL V 89 -47.65 -14.20 -35.32
C VAL V 89 -48.26 -15.43 -35.97
N ALA V 90 -49.54 -15.70 -35.70
CA ALA V 90 -50.26 -16.77 -36.36
C ALA V 90 -50.83 -16.26 -37.68
N LYS V 91 -50.49 -16.94 -38.78
CA LYS V 91 -50.91 -16.46 -40.09
C LYS V 91 -52.36 -16.83 -40.38
N ASP V 92 -52.78 -18.02 -39.98
CA ASP V 92 -54.15 -18.49 -40.20
C ASP V 92 -54.48 -19.53 -39.15
N PHE V 93 -55.71 -20.03 -39.20
CA PHE V 93 -56.16 -20.97 -38.16
C PHE V 93 -55.35 -22.26 -38.20
N ASP V 94 -55.03 -22.76 -39.39
CA ASP V 94 -54.24 -23.98 -39.50
C ASP V 94 -52.89 -23.81 -38.80
N HIS V 95 -52.27 -22.64 -38.96
CA HIS V 95 -51.04 -22.36 -38.22
C HIS V 95 -51.29 -22.41 -36.72
N LEU V 96 -52.35 -21.76 -36.24
CA LEU V 96 -52.70 -21.81 -34.82
C LEU V 96 -53.01 -23.25 -34.46
N ARG V 97 -53.59 -23.95 -35.41
CA ARG V 97 -53.93 -25.31 -35.12
C ARG V 97 -52.69 -26.13 -34.90
N ARG V 98 -51.65 -25.93 -35.72
CA ARG V 98 -50.35 -26.58 -35.52
C ARG V 98 -49.67 -26.14 -34.20
N MET V 99 -49.74 -24.85 -33.84
CA MET V 99 -49.19 -24.44 -32.54
C MET V 99 -49.86 -25.20 -31.39
N PHE V 100 -51.19 -25.36 -31.47
CA PHE V 100 -51.93 -26.05 -30.44
C PHE V 100 -51.54 -27.52 -30.33
N GLU V 101 -51.20 -28.14 -31.46
CA GLU V 101 -50.87 -29.56 -31.49
C GLU V 101 -49.38 -29.83 -31.35
N SER V 102 -48.53 -28.81 -31.46
CA SER V 102 -47.09 -29.01 -31.34
C SER V 102 -46.71 -29.44 -29.93
N ASP V 103 -45.45 -29.84 -29.77
CA ASP V 103 -44.93 -30.19 -28.45
C ASP V 103 -45.05 -29.01 -27.49
N PHE V 104 -44.83 -27.80 -27.99
CA PHE V 104 -45.08 -26.60 -27.19
C PHE V 104 -46.54 -26.54 -26.78
N GLY V 105 -47.46 -26.75 -27.72
CA GLY V 105 -48.88 -26.76 -27.39
C GLY V 105 -49.21 -27.83 -26.35
N GLN V 106 -48.72 -29.04 -26.57
CA GLN V 106 -48.95 -30.11 -25.59
C GLN V 106 -48.36 -29.75 -24.24
N GLY V 107 -47.23 -29.05 -24.23
CA GLY V 107 -46.66 -28.60 -22.97
C GLY V 107 -47.55 -27.62 -22.24
N VAL V 108 -48.10 -26.65 -22.97
CA VAL V 108 -49.04 -25.70 -22.36
C VAL V 108 -50.28 -26.43 -21.85
N ARG V 109 -50.82 -27.34 -22.67
CA ARG V 109 -52.03 -28.04 -22.28
C ARG V 109 -51.81 -28.90 -21.05
N ASP V 110 -50.62 -29.50 -20.90
CA ASP V 110 -50.31 -30.24 -19.69
C ASP V 110 -50.27 -29.32 -18.47
N GLU V 111 -49.66 -28.14 -18.62
CA GLU V 111 -49.58 -27.20 -17.51
C GLU V 111 -50.96 -26.65 -17.18
N MET V 112 -51.79 -26.45 -18.19
CA MET V 112 -53.18 -26.10 -17.93
C MET V 112 -53.82 -27.12 -16.95
N LEU V 113 -53.56 -28.43 -17.13
CA LEU V 113 -54.34 -29.46 -16.41
C LEU V 113 -53.90 -29.65 -14.96
N GLN V 114 -52.59 -30.06 -14.77
CA GLN V 114 -51.63 -29.81 -13.65
C GLN V 114 -51.83 -28.58 -12.81
N LYS V 115 -51.58 -27.41 -13.37
CA LYS V 115 -51.52 -26.24 -12.53
C LYS V 115 -52.86 -25.54 -12.35
N PHE V 116 -53.83 -25.69 -13.27
CA PHE V 116 -55.06 -24.91 -13.24
C PHE V 116 -56.34 -25.72 -13.48
N ASN V 117 -56.24 -27.04 -13.54
CA ASN V 117 -57.42 -27.89 -13.63
C ASN V 117 -58.23 -27.59 -14.88
N TRP V 118 -57.56 -27.26 -15.97
CA TRP V 118 -58.20 -26.95 -17.23
C TRP V 118 -57.84 -28.05 -18.22
N ARG V 119 -58.84 -28.80 -18.67
CA ARG V 119 -58.66 -29.79 -19.72
C ARG V 119 -59.25 -29.24 -21.02
N ALA V 120 -58.37 -28.86 -21.94
CA ALA V 120 -58.77 -28.43 -23.27
C ALA V 120 -59.15 -29.66 -24.09
N LEU V 121 -60.44 -29.78 -24.42
CA LEU V 121 -60.91 -30.95 -25.17
C LEU V 121 -60.72 -30.78 -26.67
N ASP V 122 -60.78 -29.56 -27.17
CA ASP V 122 -60.65 -29.26 -28.59
C ASP V 122 -60.41 -27.77 -28.69
N THR V 123 -60.05 -27.32 -29.90
CA THR V 123 -60.03 -25.90 -30.19
C THR V 123 -60.66 -25.64 -31.55
N TRP V 124 -61.49 -24.61 -31.62
CA TRP V 124 -62.22 -24.26 -32.83
C TRP V 124 -61.76 -22.91 -33.36
N TYR V 125 -62.05 -22.66 -34.63
CA TYR V 125 -61.81 -21.35 -35.23
C TYR V 125 -62.98 -20.42 -34.86
N ASN V 126 -62.65 -19.23 -34.34
CA ASN V 126 -63.66 -18.23 -34.00
C ASN V 126 -63.55 -16.96 -34.82
N GLY V 127 -62.61 -16.89 -35.76
CA GLY V 127 -62.52 -15.76 -36.67
C GLY V 127 -61.24 -14.97 -36.46
N THR V 128 -60.96 -14.13 -37.45
CA THR V 128 -59.78 -13.27 -37.46
C THR V 128 -60.20 -11.85 -37.11
N ARG V 129 -59.46 -11.21 -36.20
CA ARG V 129 -59.90 -9.91 -35.72
C ARG V 129 -59.71 -8.88 -36.83
N GLU V 130 -60.76 -8.11 -37.09
CA GLU V 130 -60.72 -6.97 -37.99
C GLU V 130 -61.04 -5.73 -37.18
N THR V 131 -60.84 -4.56 -37.77
CA THR V 131 -60.99 -3.30 -37.05
C THR V 131 -62.11 -2.48 -37.69
N THR V 132 -63.07 -2.08 -36.86
CA THR V 132 -64.15 -1.18 -37.26
C THR V 132 -63.89 0.20 -36.65
N SER V 133 -64.46 1.23 -37.27
CA SER V 133 -64.21 2.58 -36.83
C SER V 133 -65.34 3.49 -37.29
N ASN V 134 -65.41 4.67 -36.68
CA ASN V 134 -66.37 5.69 -37.09
C ASN V 134 -65.84 6.62 -38.19
N ARG V 135 -64.53 6.67 -38.40
CA ARG V 135 -63.88 7.39 -39.49
C ARG V 135 -62.95 6.45 -40.26
N PRO V 136 -62.59 6.81 -41.50
CA PRO V 136 -61.83 5.89 -42.35
C PRO V 136 -60.42 5.61 -41.86
N LEU V 137 -60.00 4.35 -42.04
CA LEU V 137 -58.69 3.83 -41.61
C LEU V 137 -57.94 3.28 -42.82
N ASN V 138 -57.53 4.16 -43.73
CA ASN V 138 -56.84 3.72 -44.94
C ASN V 138 -55.42 3.22 -44.69
N SER V 139 -54.64 3.88 -43.83
CA SER V 139 -53.26 3.50 -43.56
C SER V 139 -53.02 3.49 -42.05
N ILE V 140 -51.86 2.98 -41.63
CA ILE V 140 -51.52 2.98 -40.21
C ILE V 140 -51.55 4.40 -39.63
N GLU V 141 -51.26 5.40 -40.45
CA GLU V 141 -51.24 6.77 -39.94
C GLU V 141 -52.63 7.27 -39.56
N ASP V 142 -53.68 6.66 -40.11
CA ASP V 142 -55.04 7.05 -39.76
C ASP V 142 -55.45 6.54 -38.39
N PHE V 143 -54.69 5.62 -37.80
CA PHE V 143 -54.97 5.17 -36.44
C PHE V 143 -54.56 6.20 -35.40
N LYS V 144 -53.72 7.16 -35.77
CA LYS V 144 -53.20 8.11 -34.79
C LYS V 144 -54.34 8.91 -34.17
N GLY V 145 -54.40 8.90 -32.85
CA GLY V 145 -55.45 9.57 -32.11
C GLY V 145 -56.78 8.85 -32.08
N LEU V 146 -56.86 7.64 -32.61
CA LEU V 146 -58.10 6.86 -32.55
C LEU V 146 -58.28 6.26 -31.16
N LYS V 147 -59.44 6.51 -30.56
CA LYS V 147 -59.83 5.89 -29.30
C LYS V 147 -60.39 4.50 -29.61
N LEU V 148 -59.55 3.48 -29.49
CA LEU V 148 -59.88 2.12 -29.92
C LEU V 148 -60.19 1.23 -28.72
N ARG V 149 -61.40 0.67 -28.69
CA ARG V 149 -61.75 -0.29 -27.65
C ARG V 149 -61.02 -1.60 -27.88
N VAL V 150 -60.55 -2.19 -26.79
CA VAL V 150 -59.95 -3.53 -26.80
C VAL V 150 -60.56 -4.31 -25.66
N PRO V 151 -60.63 -5.64 -25.72
CA PRO V 151 -60.95 -6.41 -24.51
C PRO V 151 -59.84 -6.22 -23.49
N ASN V 152 -60.13 -6.62 -22.25
CA ASN V 152 -59.12 -6.57 -21.19
C ASN V 152 -58.09 -7.66 -21.41
N ALA V 153 -57.32 -7.53 -22.50
CA ALA V 153 -56.33 -8.53 -22.91
C ALA V 153 -55.11 -7.81 -23.44
N LYS V 154 -53.93 -8.25 -23.00
CA LYS V 154 -52.69 -7.52 -23.27
C LYS V 154 -52.40 -7.39 -24.76
N GLN V 155 -52.65 -8.45 -25.53
CA GLN V 155 -52.22 -8.44 -26.93
C GLN V 155 -53.19 -7.65 -27.82
N ASN V 156 -54.47 -7.61 -27.47
CA ASN V 156 -55.35 -6.66 -28.15
C ASN V 156 -54.96 -5.23 -27.79
N LEU V 157 -54.63 -5.00 -26.52
CA LEU V 157 -54.09 -3.70 -26.12
C LEU V 157 -52.79 -3.41 -26.85
N ASN V 158 -51.91 -4.41 -26.98
CA ASN V 158 -50.64 -4.20 -27.67
C ASN V 158 -50.88 -3.81 -29.12
N TYR V 159 -51.78 -4.52 -29.80
CA TYR V 159 -52.12 -4.16 -31.17
C TYR V 159 -52.54 -2.69 -31.26
N ALA V 160 -53.41 -2.23 -30.36
CA ALA V 160 -53.96 -0.88 -30.47
C ALA V 160 -52.89 0.21 -30.31
N LYS V 161 -52.14 0.16 -29.19
CA LYS V 161 -51.02 1.02 -28.82
C LYS V 161 -49.91 0.97 -29.89
N LEU V 162 -49.62 -0.21 -30.43
CA LEU V 162 -48.53 -0.24 -31.42
C LEU V 162 -48.99 0.29 -32.77
N SER V 163 -50.32 0.37 -32.92
CA SER V 163 -51.01 1.07 -33.98
C SER V 163 -50.45 2.51 -34.07
N GLY V 164 -50.18 3.27 -32.95
CA GLY V 164 -50.50 4.70 -32.97
C GLY V 164 -51.87 4.97 -32.36
N ALA V 165 -52.67 3.92 -32.07
CA ALA V 165 -53.99 4.26 -31.52
C ALA V 165 -53.97 4.51 -30.00
N SER V 166 -55.08 5.08 -29.46
CA SER V 166 -55.27 5.20 -28.01
C SER V 166 -56.11 4.05 -27.47
N PRO V 167 -55.55 3.06 -26.79
CA PRO V 167 -56.36 1.92 -26.34
C PRO V 167 -57.26 2.26 -25.16
N THR V 168 -58.50 1.77 -25.22
CA THR V 168 -59.46 1.89 -24.12
C THR V 168 -59.97 0.50 -23.76
N PRO V 169 -59.46 -0.13 -22.69
CA PRO V 169 -59.97 -1.44 -22.30
C PRO V 169 -61.41 -1.34 -21.80
N MET V 170 -62.26 -2.25 -22.28
CA MET V 170 -63.68 -2.18 -21.93
C MET V 170 -64.35 -3.53 -22.11
N SER V 171 -65.36 -3.78 -21.28
CA SER V 171 -66.07 -5.05 -21.28
C SER V 171 -66.96 -5.20 -22.52
N PHE V 172 -67.16 -6.45 -22.90
CA PHE V 172 -67.81 -6.85 -24.15
C PHE V 172 -69.28 -6.46 -24.20
N SER V 173 -69.98 -6.52 -23.07
CA SER V 173 -71.40 -6.20 -23.09
C SER V 173 -71.64 -4.71 -23.27
N GLU V 174 -70.66 -3.89 -22.88
CA GLU V 174 -70.79 -2.45 -22.89
C GLU V 174 -70.36 -1.82 -24.22
N VAL V 175 -69.88 -2.62 -25.17
CA VAL V 175 -69.21 -2.04 -26.33
C VAL V 175 -70.22 -1.34 -27.24
N TYR V 176 -71.36 -1.99 -27.50
CA TYR V 176 -72.34 -1.42 -28.43
C TYR V 176 -72.69 0.01 -28.06
N LEU V 177 -72.94 0.25 -26.76
CA LEU V 177 -73.37 1.58 -26.34
C LEU V 177 -72.25 2.60 -26.47
N ALA V 178 -71.02 2.23 -26.11
CA ALA V 178 -69.92 3.18 -26.23
C ALA V 178 -69.65 3.56 -27.68
N LEU V 179 -69.92 2.66 -28.62
CA LEU V 179 -69.84 3.02 -30.03
C LEU V 179 -71.03 3.88 -30.44
N GLN V 180 -72.23 3.55 -29.95
CA GLN V 180 -73.41 4.35 -30.27
C GLN V 180 -73.24 5.79 -29.79
N THR V 181 -72.74 5.98 -28.58
CA THR V 181 -72.51 7.31 -28.05
C THR V 181 -71.21 7.92 -28.54
N ASN V 182 -70.46 7.21 -29.39
CA ASN V 182 -69.15 7.65 -29.87
C ASN V 182 -68.23 8.04 -28.72
N ALA V 183 -68.39 7.40 -27.57
CA ALA V 183 -67.40 7.55 -26.50
C ALA V 183 -66.05 6.95 -26.91
N VAL V 184 -66.07 5.95 -27.79
CA VAL V 184 -64.85 5.40 -28.38
C VAL V 184 -65.01 5.42 -29.89
N ASP V 185 -63.89 5.58 -30.60
CA ASP V 185 -63.92 5.72 -32.04
C ASP V 185 -63.94 4.38 -32.76
N GLY V 186 -63.38 3.33 -32.16
CA GLY V 186 -63.28 2.07 -32.87
C GLY V 186 -63.28 0.86 -31.98
N GLN V 187 -63.35 -0.29 -32.65
CA GLN V 187 -63.27 -1.59 -32.00
C GLN V 187 -62.67 -2.59 -33.00
N GLU V 188 -62.33 -3.77 -32.51
CA GLU V 188 -61.68 -4.82 -33.28
C GLU V 188 -62.24 -6.18 -32.83
N ASN V 189 -62.72 -6.96 -33.80
CA ASN V 189 -63.35 -8.24 -33.53
C ASN V 189 -63.42 -9.03 -34.82
N PRO V 190 -63.71 -10.32 -34.75
CA PRO V 190 -63.96 -11.09 -35.98
C PRO V 190 -65.29 -10.69 -36.59
N LEU V 191 -65.41 -10.92 -37.90
CA LEU V 191 -66.60 -10.47 -38.60
C LEU V 191 -67.87 -11.13 -38.10
N PRO V 192 -67.90 -12.43 -37.80
CA PRO V 192 -69.17 -13.01 -37.32
C PRO V 192 -69.74 -12.37 -36.07
N THR V 193 -68.89 -12.01 -35.09
CA THR V 193 -69.42 -11.31 -33.92
C THR V 193 -69.73 -9.85 -34.23
N ILE V 194 -68.88 -9.18 -35.02
CA ILE V 194 -69.15 -7.81 -35.41
C ILE V 194 -70.53 -7.75 -36.02
N LYS V 195 -70.86 -8.80 -36.78
CA LYS V 195 -72.18 -8.89 -37.37
C LYS V 195 -73.18 -9.32 -36.28
N THR V 196 -72.85 -10.35 -35.49
CA THR V 196 -73.74 -10.87 -34.45
C THR V 196 -74.24 -9.80 -33.48
N MET V 197 -73.31 -9.02 -32.90
CA MET V 197 -73.79 -7.95 -32.02
C MET V 197 -74.34 -6.82 -32.87
N LYS V 198 -74.09 -6.87 -34.18
CA LYS V 198 -74.52 -5.82 -35.12
C LYS V 198 -73.88 -4.47 -34.79
N PHE V 199 -72.60 -4.47 -34.48
CA PHE V 199 -71.94 -3.19 -34.35
C PHE V 199 -72.02 -2.38 -35.62
N TYR V 200 -72.14 -3.06 -36.75
CA TYR V 200 -72.11 -2.38 -38.03
C TYR V 200 -73.22 -1.35 -38.16
N GLU V 201 -74.31 -1.48 -37.41
CA GLU V 201 -75.30 -0.41 -37.48
C GLU V 201 -74.76 0.88 -36.92
N VAL V 202 -73.75 0.80 -36.06
CA VAL V 202 -73.23 1.97 -35.37
C VAL V 202 -71.86 2.37 -35.91
N GLN V 203 -71.11 1.46 -36.51
CA GLN V 203 -69.80 1.76 -37.05
C GLN V 203 -69.92 1.68 -38.56
N LYS V 204 -69.66 2.80 -39.21
CA LYS V 204 -69.68 2.92 -40.65
C LYS V 204 -68.45 2.40 -41.36
N ASN V 205 -67.39 2.05 -40.65
CA ASN V 205 -66.14 1.73 -41.32
C ASN V 205 -65.63 0.37 -40.87
N LEU V 206 -64.96 -0.29 -41.82
CA LEU V 206 -64.36 -1.60 -41.61
C LEU V 206 -62.94 -1.60 -42.16
N ALA V 207 -61.98 -1.89 -41.29
CA ALA V 207 -60.56 -1.93 -41.64
C ALA V 207 -60.02 -3.36 -41.54
N MET V 208 -60.11 -4.11 -42.64
CA MET V 208 -59.60 -5.49 -42.71
C MET V 208 -58.12 -5.61 -42.35
N THR V 209 -57.81 -5.58 -41.06
CA THR V 209 -56.42 -5.55 -40.60
C THR V 209 -55.85 -6.94 -40.27
N HIS V 210 -56.69 -7.97 -40.13
CA HIS V 210 -56.22 -9.35 -39.97
C HIS V 210 -55.17 -9.50 -38.86
N HIS V 211 -55.32 -8.75 -37.76
CA HIS V 211 -54.18 -8.61 -36.86
C HIS V 211 -54.06 -9.78 -35.87
N ILE V 212 -55.16 -10.40 -35.47
CA ILE V 212 -55.10 -11.54 -34.55
C ILE V 212 -56.08 -12.61 -34.98
N VAL V 213 -55.63 -13.87 -34.97
CA VAL V 213 -56.49 -15.02 -35.25
C VAL V 213 -57.00 -15.57 -33.94
N ASN V 214 -58.33 -15.67 -33.81
CA ASN V 214 -58.97 -16.21 -32.61
C ASN V 214 -59.34 -17.67 -32.82
N ASP V 215 -58.86 -18.54 -31.95
CA ASP V 215 -59.41 -19.88 -31.79
C ASP V 215 -60.47 -19.86 -30.69
N GLN V 216 -60.98 -21.04 -30.30
CA GLN V 216 -61.92 -21.14 -29.19
C GLN V 216 -61.80 -22.54 -28.61
N MET V 217 -61.05 -22.67 -27.51
CA MET V 217 -60.95 -23.94 -26.81
C MET V 217 -62.22 -24.23 -26.02
N VAL V 218 -62.64 -25.49 -26.03
CA VAL V 218 -63.65 -25.98 -25.10
C VAL V 218 -62.89 -26.57 -23.92
N ILE V 219 -63.05 -25.95 -22.75
CA ILE V 219 -62.32 -26.33 -21.54
C ILE V 219 -63.30 -26.88 -20.52
N ILE V 220 -62.98 -28.04 -19.97
CA ILE V 220 -63.72 -28.61 -18.85
C ILE V 220 -62.84 -28.59 -17.61
N SER V 221 -63.45 -28.32 -16.46
CA SER V 221 -62.75 -28.43 -15.19
C SER V 221 -62.29 -29.87 -14.98
N GLU V 222 -61.00 -30.05 -14.69
CA GLU V 222 -60.47 -31.41 -14.55
C GLU V 222 -61.11 -32.15 -13.38
N SER V 223 -61.46 -31.45 -12.31
CA SER V 223 -62.13 -32.13 -11.20
C SER V 223 -63.50 -32.64 -11.63
N THR V 224 -64.17 -31.92 -12.52
CA THR V 224 -65.43 -32.42 -13.09
C THR V 224 -65.18 -33.54 -14.08
N TRP V 225 -64.19 -33.34 -14.96
CA TRP V 225 -63.87 -34.39 -15.91
C TRP V 225 -63.68 -35.69 -15.16
N GLN V 226 -63.01 -35.63 -14.01
CA GLN V 226 -62.68 -36.86 -13.33
C GLN V 226 -63.85 -37.53 -12.65
N LYS V 227 -65.04 -36.88 -12.43
CA LYS V 227 -66.00 -37.76 -11.81
C LYS V 227 -66.62 -38.61 -12.87
N LEU V 228 -66.47 -38.25 -14.16
CA LEU V 228 -67.28 -38.80 -15.24
C LEU V 228 -66.84 -40.22 -15.59
N SER V 229 -67.77 -41.02 -16.10
CA SER V 229 -67.44 -42.36 -16.58
C SER V 229 -66.71 -42.33 -17.93
N ASP V 230 -66.01 -43.43 -18.21
CA ASP V 230 -65.31 -43.54 -19.49
C ASP V 230 -66.29 -43.45 -20.65
N THR V 231 -67.53 -43.91 -20.45
CA THR V 231 -68.54 -43.80 -21.49
C THR V 231 -68.94 -42.34 -21.71
N ASP V 232 -69.19 -41.60 -20.63
CA ASP V 232 -69.52 -40.19 -20.77
C ASP V 232 -68.36 -39.38 -21.33
N LYS V 233 -67.14 -39.63 -20.83
CA LYS V 233 -65.99 -38.91 -21.35
C LYS V 233 -65.87 -39.09 -22.86
N ASP V 234 -66.06 -40.30 -23.34
CA ASP V 234 -65.97 -40.51 -24.79
C ASP V 234 -67.05 -39.70 -25.48
N ILE V 235 -68.28 -39.77 -24.99
CA ILE V 235 -69.41 -39.07 -25.61
C ILE V 235 -69.09 -37.58 -25.76
N ILE V 236 -68.57 -36.97 -24.70
CA ILE V 236 -68.35 -35.53 -24.71
C ILE V 236 -67.31 -35.09 -25.75
N GLN V 237 -66.14 -35.74 -25.77
CA GLN V 237 -65.03 -35.38 -26.66
C GLN V 237 -65.50 -35.34 -28.09
N LYS V 238 -66.32 -36.32 -28.44
CA LYS V 238 -66.73 -36.59 -29.81
C LYS V 238 -67.91 -35.68 -30.15
N ALA V 239 -68.83 -35.45 -29.18
CA ALA V 239 -69.73 -34.31 -29.29
C ALA V 239 -68.90 -33.05 -29.40
N VAL V 240 -67.96 -32.88 -28.48
CA VAL V 240 -67.19 -31.64 -28.58
C VAL V 240 -66.58 -31.51 -29.98
N GLN V 241 -66.08 -32.57 -30.63
CA GLN V 241 -65.67 -32.18 -31.96
C GLN V 241 -66.86 -31.94 -32.84
N LYS V 242 -67.79 -32.89 -32.85
CA LYS V 242 -68.72 -32.92 -33.95
C LYS V 242 -69.16 -31.50 -34.17
N VAL V 243 -69.32 -30.79 -33.06
CA VAL V 243 -69.70 -29.39 -33.06
C VAL V 243 -68.54 -28.47 -33.50
N GLY V 244 -67.28 -28.81 -33.21
CA GLY V 244 -66.20 -27.92 -33.59
C GLY V 244 -66.03 -27.81 -35.09
N ASP V 245 -66.14 -28.93 -35.79
CA ASP V 245 -66.13 -28.90 -37.25
C ASP V 245 -67.22 -27.99 -37.78
N ALA V 246 -68.42 -28.09 -37.21
CA ALA V 246 -69.51 -27.19 -37.60
C ALA V 246 -69.19 -25.75 -37.26
N HIS V 247 -68.75 -25.49 -36.03
CA HIS V 247 -68.40 -24.13 -35.63
C HIS V 247 -67.32 -23.56 -36.55
N THR V 248 -66.22 -24.31 -36.71
CA THR V 248 -65.12 -23.81 -37.55
C THR V 248 -65.60 -23.48 -38.96
N GLN V 249 -66.46 -24.33 -39.54
CA GLN V 249 -66.94 -24.08 -40.89
C GLN V 249 -67.89 -22.89 -40.93
N THR V 250 -68.78 -22.78 -39.95
CA THR V 250 -69.73 -21.68 -39.92
C THR V 250 -69.02 -20.33 -39.91
N VAL V 251 -67.97 -20.20 -39.09
CA VAL V 251 -67.25 -18.94 -39.04
C VAL V 251 -66.66 -18.63 -40.40
N LYS V 252 -66.10 -19.66 -41.06
CA LYS V 252 -65.47 -19.44 -42.35
C LYS V 252 -66.48 -19.03 -43.39
N THR V 253 -67.62 -19.72 -43.44
CA THR V 253 -68.68 -19.37 -44.39
C THR V 253 -69.10 -17.92 -44.21
N GLN V 254 -69.33 -17.53 -42.95
CA GLN V 254 -69.72 -16.16 -42.65
C GLN V 254 -68.60 -15.19 -43.02
N GLU V 255 -67.37 -15.47 -42.60
CA GLU V 255 -66.27 -14.58 -42.95
C GLU V 255 -66.17 -14.42 -44.45
N ALA V 256 -66.57 -15.45 -45.20
CA ALA V 256 -66.67 -15.31 -46.64
C ALA V 256 -67.93 -14.58 -47.05
N GLU V 257 -69.01 -14.66 -46.28
CA GLU V 257 -70.19 -14.10 -46.88
C GLU V 257 -70.25 -12.62 -46.54
N LEU V 258 -69.69 -12.24 -45.36
CA LEU V 258 -70.04 -11.02 -44.63
C LEU V 258 -69.47 -9.70 -45.16
N VAL V 259 -68.37 -9.72 -45.90
CA VAL V 259 -67.77 -8.47 -46.34
C VAL V 259 -68.73 -7.71 -47.25
N SER V 260 -69.31 -8.40 -48.23
CA SER V 260 -70.31 -7.75 -49.08
C SER V 260 -71.53 -7.40 -48.25
N PHE V 261 -71.90 -8.25 -47.31
CA PHE V 261 -73.07 -7.93 -46.49
C PHE V 261 -72.86 -6.58 -45.82
N PHE V 262 -71.68 -6.37 -45.24
CA PHE V 262 -71.39 -5.11 -44.58
C PHE V 262 -71.39 -3.95 -45.58
N LYS V 263 -70.79 -4.13 -46.76
CA LYS V 263 -70.90 -3.06 -47.75
C LYS V 263 -72.37 -2.75 -47.99
N SER V 264 -73.17 -3.81 -48.15
CA SER V 264 -74.59 -3.70 -48.48
C SER V 264 -75.37 -3.03 -47.36
N GLU V 265 -74.77 -2.92 -46.18
CA GLU V 265 -75.24 -2.03 -45.13
C GLU V 265 -74.43 -0.73 -45.14
N GLY V 266 -74.11 -0.23 -46.33
CA GLY V 266 -73.35 1.00 -46.50
C GLY V 266 -72.02 1.08 -45.76
N ILE V 267 -71.42 -0.04 -45.38
CA ILE V 267 -70.13 -0.01 -44.71
C ILE V 267 -69.00 0.23 -45.71
N ASN V 268 -68.11 1.17 -45.38
CA ASN V 268 -66.87 1.37 -46.12
C ASN V 268 -65.80 0.38 -45.65
N VAL V 269 -65.32 -0.45 -46.57
CA VAL V 269 -64.29 -1.46 -46.31
C VAL V 269 -63.02 -0.94 -46.99
N THR V 270 -61.94 -0.82 -46.21
CA THR V 270 -60.78 -0.08 -46.67
C THR V 270 -59.53 -0.91 -46.96
N TYR V 271 -59.38 -2.11 -46.42
CA TYR V 271 -58.27 -3.00 -46.77
C TYR V 271 -56.96 -2.24 -46.69
N PRO V 272 -56.56 -1.76 -45.50
CA PRO V 272 -55.32 -0.98 -45.39
C PRO V 272 -54.05 -1.78 -45.66
N ASP V 273 -52.99 -1.03 -45.98
CA ASP V 273 -51.66 -1.62 -46.15
C ASP V 273 -51.12 -2.07 -44.79
N LEU V 274 -50.84 -3.36 -44.67
CA LEU V 274 -50.47 -3.98 -43.40
C LEU V 274 -48.98 -3.94 -43.10
N GLU V 275 -48.12 -3.61 -44.06
CA GLU V 275 -46.69 -3.68 -43.82
C GLU V 275 -46.23 -2.90 -42.58
N PRO V 276 -46.62 -1.64 -42.38
CA PRO V 276 -46.20 -0.95 -41.14
C PRO V 276 -46.80 -1.56 -39.88
N PHE V 277 -47.94 -2.22 -39.97
CA PHE V 277 -48.46 -2.94 -38.81
C PHE V 277 -47.48 -4.03 -38.41
N ARG V 278 -46.96 -4.73 -39.42
CA ARG V 278 -46.02 -5.82 -39.21
C ARG V 278 -44.71 -5.32 -38.59
N GLU V 279 -44.21 -4.17 -39.07
CA GLU V 279 -43.00 -3.59 -38.49
C GLU V 279 -43.23 -3.11 -37.07
N ALA V 280 -44.45 -2.71 -36.72
CA ALA V 280 -44.69 -2.19 -35.38
C ALA V 280 -44.56 -3.28 -34.32
N MET V 281 -44.77 -4.54 -34.68
CA MET V 281 -44.68 -5.63 -33.72
C MET V 281 -43.29 -6.21 -33.55
N GLN V 282 -42.35 -5.90 -34.45
CA GLN V 282 -41.01 -6.50 -34.34
C GLN V 282 -40.35 -6.20 -33.00
N PRO V 283 -40.36 -4.97 -32.49
CA PRO V 283 -39.78 -4.77 -31.15
C PRO V 283 -40.54 -5.49 -30.06
N LEU V 284 -41.86 -5.68 -30.23
CA LEU V 284 -42.65 -6.41 -29.23
C LEU V 284 -42.25 -7.88 -29.17
N TYR V 285 -42.01 -8.50 -30.32
CA TYR V 285 -41.63 -9.91 -30.32
C TYR V 285 -40.37 -10.12 -29.48
N LYS V 286 -39.36 -9.26 -29.67
CA LYS V 286 -38.13 -9.40 -28.89
C LYS V 286 -38.43 -9.21 -27.40
N GLU V 287 -39.29 -8.22 -27.09
CA GLU V 287 -39.73 -8.01 -25.72
C GLU V 287 -40.33 -9.29 -25.14
N PHE V 288 -41.19 -9.95 -25.92
CA PHE V 288 -41.84 -11.16 -25.43
C PHE V 288 -40.84 -12.27 -25.17
N ASP V 289 -39.99 -12.59 -26.15
CA ASP V 289 -38.96 -13.62 -25.95
C ASP V 289 -38.13 -13.30 -24.72
N SER V 290 -37.72 -12.05 -24.57
CA SER V 290 -36.91 -11.66 -23.43
C SER V 290 -37.65 -11.86 -22.12
N ASN V 291 -38.96 -11.61 -22.12
CA ASN V 291 -39.74 -11.78 -20.91
C ASN V 291 -39.85 -13.25 -20.53
N ILE V 292 -39.97 -14.13 -21.53
CA ILE V 292 -40.09 -15.54 -21.20
C ILE V 292 -38.77 -16.12 -20.72
N GLY V 293 -37.66 -15.54 -21.14
CA GLY V 293 -36.35 -16.09 -20.86
C GLY V 293 -35.89 -17.11 -21.88
N GLN V 294 -36.76 -17.52 -22.81
CA GLN V 294 -36.46 -18.46 -23.88
C GLN V 294 -37.19 -18.03 -25.16
N PRO V 295 -36.51 -18.03 -26.31
CA PRO V 295 -37.21 -17.69 -27.56
C PRO V 295 -38.28 -18.72 -27.88
N ILE V 296 -39.43 -18.21 -28.30
CA ILE V 296 -40.61 -19.01 -28.63
C ILE V 296 -41.21 -18.37 -29.89
N VAL V 297 -40.93 -17.06 -30.10
CA VAL V 297 -41.54 -16.34 -31.23
C VAL V 297 -41.12 -16.92 -32.57
N SER V 298 -39.82 -17.05 -32.79
CA SER V 298 -39.38 -17.53 -34.09
C SER V 298 -39.85 -18.95 -34.29
N LYS V 299 -39.81 -19.75 -33.24
CA LYS V 299 -40.29 -21.12 -33.30
C LYS V 299 -41.76 -21.20 -33.69
N LEU V 300 -42.63 -20.44 -33.01
CA LEU V 300 -44.06 -20.53 -33.31
C LEU V 300 -44.36 -20.05 -34.73
N ALA V 301 -43.78 -18.91 -35.12
CA ALA V 301 -44.05 -18.36 -36.45
C ALA V 301 -43.66 -19.33 -37.55
N ALA V 302 -42.68 -20.20 -37.30
CA ALA V 302 -42.17 -21.10 -38.32
C ALA V 302 -42.93 -22.41 -38.43
N MET V 303 -43.88 -22.68 -37.53
CA MET V 303 -44.59 -23.95 -37.55
C MET V 303 -45.51 -24.05 -38.77
N GLY W 1 -41.80 -17.37 -17.09
CA GLY W 1 -41.17 -16.04 -17.35
C GLY W 1 -40.58 -15.41 -16.11
N SER W 2 -40.70 -14.09 -16.02
CA SER W 2 -40.18 -13.38 -14.86
C SER W 2 -40.88 -13.83 -13.59
N GLN W 3 -40.12 -13.89 -12.50
CA GLN W 3 -40.63 -14.28 -11.19
C GLN W 3 -41.09 -13.04 -10.42
N VAL W 4 -41.87 -13.29 -9.38
CA VAL W 4 -42.38 -12.24 -8.50
C VAL W 4 -41.66 -12.37 -7.17
N GLN W 5 -41.18 -11.24 -6.65
CA GLN W 5 -40.49 -11.17 -5.37
C GLN W 5 -41.39 -10.47 -4.37
N LEU W 6 -41.53 -11.07 -3.18
CA LEU W 6 -42.46 -10.60 -2.17
C LEU W 6 -41.73 -10.36 -0.86
N VAL W 7 -42.09 -9.27 -0.19
CA VAL W 7 -41.50 -8.91 1.10
C VAL W 7 -42.64 -8.47 2.02
N GLU W 8 -42.87 -9.24 3.07
CA GLU W 8 -43.90 -8.90 4.04
C GLU W 8 -43.36 -7.99 5.14
N SER W 9 -44.26 -7.18 5.70
CA SER W 9 -43.95 -6.43 6.91
C SER W 9 -45.21 -6.38 7.77
N GLY W 10 -45.03 -6.07 9.05
CA GLY W 10 -46.17 -5.90 9.92
C GLY W 10 -46.10 -6.69 11.21
N GLY W 11 -45.25 -7.72 11.24
CA GLY W 11 -45.22 -8.64 12.36
C GLY W 11 -44.99 -7.96 13.69
N ARG W 12 -45.83 -8.28 14.66
CA ARG W 12 -45.79 -7.56 15.93
C ARG W 12 -46.32 -8.42 17.05
N LEU W 13 -46.04 -7.98 18.28
CA LEU W 13 -46.73 -8.47 19.46
C LEU W 13 -47.99 -7.64 19.68
N VAL W 14 -49.14 -8.30 19.75
CA VAL W 14 -50.41 -7.64 19.98
C VAL W 14 -51.14 -8.40 21.08
N GLN W 15 -52.18 -7.77 21.61
CA GLN W 15 -52.96 -8.35 22.70
C GLN W 15 -54.22 -9.00 22.13
N THR W 16 -54.79 -9.91 22.92
CA THR W 16 -56.06 -10.52 22.54
C THR W 16 -57.10 -9.44 22.31
N GLY W 17 -57.89 -9.59 21.25
CA GLY W 17 -58.82 -8.56 20.85
C GLY W 17 -58.21 -7.42 20.05
N GLY W 18 -56.89 -7.41 19.89
CA GLY W 18 -56.23 -6.35 19.16
C GLY W 18 -56.38 -6.48 17.66
N SER W 19 -55.93 -5.42 16.97
CA SER W 19 -55.99 -5.34 15.52
C SER W 19 -54.59 -5.13 14.96
N LEU W 20 -54.31 -5.74 13.81
CA LEU W 20 -53.01 -5.64 13.17
C LEU W 20 -53.17 -5.63 11.66
N ARG W 21 -52.41 -4.77 10.99
CA ARG W 21 -52.38 -4.71 9.53
C ARG W 21 -51.02 -5.22 9.04
N LEU W 22 -51.03 -6.30 8.28
CA LEU W 22 -49.84 -6.76 7.57
C LEU W 22 -49.81 -6.19 6.16
N SER W 23 -48.61 -5.98 5.63
CA SER W 23 -48.44 -5.48 4.28
C SER W 23 -47.37 -6.27 3.54
N CYS W 24 -47.56 -6.40 2.22
CA CYS W 24 -46.65 -7.12 1.34
C CYS W 24 -46.39 -6.29 0.08
N ALA W 25 -45.13 -6.05 -0.22
CA ALA W 25 -44.70 -5.30 -1.40
C ALA W 25 -44.16 -6.27 -2.44
N ALA W 26 -44.64 -6.17 -3.67
CA ALA W 26 -44.28 -7.08 -4.74
C ALA W 26 -43.46 -6.39 -5.82
N SER W 27 -42.46 -7.11 -6.33
CA SER W 27 -41.61 -6.63 -7.42
C SER W 27 -41.33 -7.78 -8.37
N GLY W 28 -40.73 -7.45 -9.51
CA GLY W 28 -40.28 -8.45 -10.47
C GLY W 28 -41.09 -8.64 -11.73
N ASP W 29 -42.40 -8.86 -11.59
CA ASP W 29 -43.29 -9.09 -12.71
C ASP W 29 -44.53 -8.24 -12.47
N THR W 30 -45.41 -8.18 -13.47
CA THR W 30 -46.51 -7.23 -13.39
C THR W 30 -47.47 -7.66 -12.28
N PHE W 31 -47.64 -6.77 -11.29
CA PHE W 31 -48.36 -7.12 -10.07
C PHE W 31 -49.82 -7.45 -10.37
N SER W 32 -50.42 -6.74 -11.31
CA SER W 32 -51.82 -6.96 -11.65
C SER W 32 -52.05 -8.25 -12.42
N ASN W 33 -51.00 -8.96 -12.80
CA ASN W 33 -51.17 -10.27 -13.43
C ASN W 33 -51.46 -11.37 -12.43
N TYR W 34 -51.39 -11.08 -11.13
CA TYR W 34 -51.37 -12.13 -10.12
C TYR W 34 -52.51 -12.01 -9.13
N VAL W 35 -53.07 -13.16 -8.78
CA VAL W 35 -53.90 -13.29 -7.58
C VAL W 35 -52.98 -13.30 -6.37
N MET W 36 -53.31 -12.48 -5.37
CA MET W 36 -52.51 -12.36 -4.16
C MET W 36 -53.17 -13.08 -3.00
N GLY W 37 -52.36 -13.82 -2.23
CA GLY W 37 -52.87 -14.62 -1.15
C GLY W 37 -52.08 -14.41 0.14
N TRP W 38 -52.74 -14.68 1.25
CA TRP W 38 -52.11 -14.70 2.56
C TRP W 38 -52.25 -16.10 3.17
N PHE W 39 -51.14 -16.61 3.69
CA PHE W 39 -51.09 -17.92 4.35
C PHE W 39 -50.38 -17.75 5.69
N ARG W 40 -50.66 -18.66 6.61
CA ARG W 40 -50.04 -18.64 7.93
C ARG W 40 -49.66 -20.04 8.35
N GLN W 41 -48.59 -20.15 9.14
CA GLN W 41 -48.09 -21.44 9.59
C GLN W 41 -47.68 -21.42 11.05
N ALA W 42 -48.17 -22.42 11.81
CA ALA W 42 -47.72 -22.80 13.13
C ALA W 42 -46.60 -23.83 12.99
N PRO W 43 -45.77 -24.01 14.02
CA PRO W 43 -44.53 -24.79 13.82
C PRO W 43 -44.73 -26.23 13.38
N GLY W 44 -45.70 -26.92 13.95
CA GLY W 44 -45.92 -28.30 13.61
C GLY W 44 -46.86 -28.38 12.43
N LYS W 45 -47.54 -27.30 12.14
CA LYS W 45 -48.70 -27.47 11.29
C LYS W 45 -48.52 -27.10 9.87
N GLU W 46 -49.61 -26.99 9.13
CA GLU W 46 -49.33 -26.74 7.73
C GLU W 46 -49.98 -25.42 7.30
N ARG W 47 -49.41 -24.95 6.22
CA ARG W 47 -49.72 -23.62 5.75
C ARG W 47 -51.22 -23.55 5.60
N GLU W 48 -51.77 -22.63 6.36
CA GLU W 48 -53.20 -22.45 6.44
C GLU W 48 -53.54 -21.30 5.51
N PHE W 49 -54.46 -21.55 4.60
CA PHE W 49 -54.98 -20.48 3.76
C PHE W 49 -55.73 -19.49 4.65
N VAL W 50 -55.48 -18.21 4.43
CA VAL W 50 -56.14 -17.14 5.17
C VAL W 50 -57.09 -16.35 4.27
N ALA W 51 -56.58 -15.73 3.22
CA ALA W 51 -57.38 -14.91 2.34
C ALA W 51 -56.67 -14.77 1.00
N ALA W 52 -57.46 -14.46 -0.03
CA ALA W 52 -56.93 -14.19 -1.35
C ALA W 52 -57.81 -13.15 -2.03
N ILE W 53 -57.23 -12.42 -2.97
CA ILE W 53 -57.90 -11.32 -3.64
C ILE W 53 -57.52 -11.36 -5.12
N SER W 54 -58.51 -11.16 -5.98
CA SER W 54 -58.30 -11.28 -7.41
C SER W 54 -57.53 -10.07 -7.94
N TRP W 55 -57.16 -10.16 -9.23
CA TRP W 55 -56.35 -9.15 -9.87
C TRP W 55 -56.92 -7.76 -9.68
N THR W 56 -58.24 -7.62 -9.81
CA THR W 56 -58.89 -6.32 -9.79
C THR W 56 -59.46 -5.96 -8.41
N GLY W 57 -59.40 -6.87 -7.45
CA GLY W 57 -60.03 -6.67 -6.16
C GLY W 57 -61.49 -7.01 -6.13
N ALA W 58 -62.06 -7.54 -7.21
CA ALA W 58 -63.48 -7.82 -7.26
C ALA W 58 -63.82 -9.07 -6.47
N ASN W 59 -62.99 -10.11 -6.59
CA ASN W 59 -63.17 -11.33 -5.82
C ASN W 59 -62.27 -11.32 -4.59
N SER W 60 -62.82 -11.79 -3.47
CA SER W 60 -62.04 -12.08 -2.27
C SER W 60 -62.44 -13.44 -1.73
N TYR W 61 -61.45 -14.16 -1.20
CA TYR W 61 -61.62 -15.48 -0.65
C TYR W 61 -61.10 -15.47 0.78
N TYR W 62 -61.80 -16.17 1.67
CA TYR W 62 -61.41 -16.17 3.08
C TYR W 62 -61.56 -17.55 3.67
N ALA W 63 -60.69 -17.87 4.64
CA ALA W 63 -60.88 -19.05 5.47
C ALA W 63 -62.00 -18.81 6.47
N ASP W 64 -62.72 -19.89 6.80
CA ASP W 64 -63.78 -19.78 7.80
C ASP W 64 -63.24 -19.33 9.15
N SER W 65 -61.99 -19.68 9.44
CA SER W 65 -61.39 -19.33 10.73
C SER W 65 -61.25 -17.82 10.92
N VAL W 66 -61.25 -17.05 9.83
CA VAL W 66 -60.98 -15.62 9.90
C VAL W 66 -62.12 -14.78 9.34
N ALA W 67 -63.24 -15.41 8.97
CA ALA W 67 -64.32 -14.69 8.32
C ALA W 67 -64.87 -13.60 9.25
N GLY W 68 -65.18 -12.44 8.67
CA GLY W 68 -65.68 -11.33 9.44
C GLY W 68 -64.63 -10.58 10.23
N ARG W 69 -63.52 -11.27 10.56
CA ARG W 69 -62.47 -10.66 11.37
C ARG W 69 -61.38 -10.05 10.50
N PHE W 70 -60.97 -10.76 9.44
CA PHE W 70 -59.88 -10.35 8.58
C PHE W 70 -60.42 -9.74 7.29
N THR W 71 -59.67 -8.79 6.74
CA THR W 71 -59.98 -8.18 5.46
C THR W 71 -58.73 -8.12 4.61
N ILE W 72 -58.81 -8.63 3.38
CA ILE W 72 -57.70 -8.56 2.43
C ILE W 72 -57.99 -7.47 1.42
N SER W 73 -56.95 -6.75 1.01
CA SER W 73 -57.08 -5.69 0.02
C SER W 73 -55.78 -5.57 -0.75
N ARG W 74 -55.85 -4.93 -1.91
CA ARG W 74 -54.67 -4.73 -2.73
C ARG W 74 -54.66 -3.32 -3.32
N ASP W 75 -53.47 -2.87 -3.69
CA ASP W 75 -53.25 -1.58 -4.34
C ASP W 75 -52.40 -1.82 -5.57
N ASN W 76 -53.00 -1.76 -6.76
CA ASN W 76 -52.28 -2.06 -7.98
C ASN W 76 -51.42 -0.91 -8.47
N ALA W 77 -51.56 0.28 -7.88
CA ALA W 77 -50.65 1.37 -8.18
C ALA W 77 -49.35 1.24 -7.40
N LYS W 78 -49.46 0.97 -6.09
CA LYS W 78 -48.29 0.78 -5.24
C LYS W 78 -47.73 -0.63 -5.29
N ASN W 79 -48.42 -1.57 -5.94
CA ASN W 79 -48.00 -2.97 -6.03
C ASN W 79 -47.89 -3.58 -4.63
N THR W 80 -48.95 -3.45 -3.85
CA THR W 80 -48.99 -3.98 -2.50
C THR W 80 -50.30 -4.72 -2.26
N VAL W 81 -50.25 -5.69 -1.35
CA VAL W 81 -51.42 -6.36 -0.82
C VAL W 81 -51.36 -6.27 0.70
N ALA W 82 -52.51 -6.09 1.34
CA ALA W 82 -52.58 -5.92 2.78
C ALA W 82 -53.57 -6.92 3.36
N LEU W 83 -53.32 -7.32 4.61
CA LEU W 83 -54.24 -8.15 5.38
C LEU W 83 -54.55 -7.44 6.69
N GLN W 84 -55.76 -6.89 6.81
CA GLN W 84 -56.23 -6.29 8.05
C GLN W 84 -56.77 -7.39 8.96
N MET W 85 -56.15 -7.56 10.12
CA MET W 85 -56.56 -8.55 11.11
C MET W 85 -57.18 -7.82 12.30
N ASN W 86 -58.42 -8.20 12.64
CA ASN W 86 -59.11 -7.64 13.78
C ASN W 86 -59.55 -8.75 14.74
N SER W 87 -59.84 -8.36 15.97
CA SER W 87 -60.34 -9.28 16.99
C SER W 87 -59.45 -10.51 17.08
N LEU W 88 -58.15 -10.25 17.20
CA LEU W 88 -57.16 -11.32 17.19
C LEU W 88 -57.23 -12.13 18.49
N LYS W 89 -56.96 -13.44 18.38
CA LYS W 89 -56.89 -14.34 19.53
C LYS W 89 -55.58 -15.12 19.53
N PRO W 90 -55.21 -15.71 20.66
CA PRO W 90 -53.95 -16.50 20.72
C PRO W 90 -53.83 -17.53 19.63
N GLU W 91 -54.96 -18.05 19.15
CA GLU W 91 -54.94 -19.03 18.07
C GLU W 91 -54.45 -18.44 16.77
N ASP W 92 -54.43 -17.10 16.64
CA ASP W 92 -53.92 -16.46 15.43
C ASP W 92 -52.41 -16.33 15.40
N THR W 93 -51.72 -16.73 16.48
CA THR W 93 -50.27 -16.65 16.50
C THR W 93 -49.66 -17.57 15.45
N ALA W 94 -48.90 -16.99 14.53
CA ALA W 94 -48.29 -17.77 13.45
C ALA W 94 -47.33 -16.86 12.70
N ILE W 95 -46.53 -17.48 11.84
CA ILE W 95 -45.81 -16.75 10.79
C ILE W 95 -46.74 -16.60 9.59
N TYR W 96 -46.94 -15.36 9.14
CA TYR W 96 -47.85 -15.07 8.04
C TYR W 96 -47.06 -14.82 6.76
N TYR W 97 -47.46 -15.51 5.69
CA TYR W 97 -46.76 -15.47 4.42
C TYR W 97 -47.60 -14.77 3.36
N CYS W 98 -46.97 -13.86 2.62
CA CYS W 98 -47.54 -13.32 1.40
C CYS W 98 -47.20 -14.24 0.23
N ALA W 99 -48.17 -14.49 -0.64
CA ALA W 99 -47.98 -15.39 -1.77
C ALA W 99 -48.69 -14.84 -2.99
N ALA W 100 -48.15 -15.15 -4.17
CA ALA W 100 -48.72 -14.72 -5.45
C ALA W 100 -48.86 -15.90 -6.39
N ASP W 101 -49.93 -15.90 -7.16
CA ASP W 101 -50.14 -16.88 -8.22
C ASP W 101 -51.03 -16.26 -9.29
N HIS W 102 -50.96 -16.83 -10.50
CA HIS W 102 -51.76 -16.30 -11.60
C HIS W 102 -53.25 -16.48 -11.37
N PHE W 103 -53.64 -17.55 -10.67
CA PHE W 103 -55.04 -17.78 -10.32
C PHE W 103 -55.09 -18.29 -8.89
N HIS W 104 -56.23 -18.06 -8.23
CA HIS W 104 -56.44 -18.68 -6.93
C HIS W 104 -56.55 -20.20 -7.11
N VAL W 105 -55.79 -20.94 -6.31
CA VAL W 105 -55.76 -22.39 -6.40
C VAL W 105 -55.81 -22.98 -5.01
N THR W 106 -56.41 -24.17 -4.91
CA THR W 106 -56.48 -24.91 -3.66
C THR W 106 -55.84 -26.29 -3.73
N HIS W 107 -55.66 -26.85 -4.93
CA HIS W 107 -55.05 -28.17 -5.09
C HIS W 107 -53.53 -28.11 -5.07
N ARG W 108 -52.93 -26.93 -5.01
CA ARG W 108 -51.49 -26.79 -4.99
C ARG W 108 -51.10 -25.50 -4.29
N LYS W 109 -49.81 -25.35 -4.03
CA LYS W 109 -49.30 -24.15 -3.38
C LYS W 109 -49.08 -23.04 -4.41
N TYR W 110 -49.26 -21.80 -3.96
CA TYR W 110 -49.01 -20.67 -4.83
C TYR W 110 -47.57 -20.71 -5.35
N ASP W 111 -47.35 -20.07 -6.50
CA ASP W 111 -46.05 -20.17 -7.15
C ASP W 111 -44.97 -19.42 -6.37
N TYR W 112 -45.30 -18.23 -5.88
CA TYR W 112 -44.31 -17.31 -5.32
C TYR W 112 -44.64 -16.95 -3.88
N TRP W 113 -43.60 -16.71 -3.08
CA TRP W 113 -43.75 -16.61 -1.64
C TRP W 113 -42.79 -15.57 -1.07
N GLY W 114 -43.25 -14.89 0.00
CA GLY W 114 -42.36 -14.11 0.82
C GLY W 114 -41.71 -15.00 1.88
N GLN W 115 -40.83 -14.41 2.65
CA GLN W 115 -40.02 -15.16 3.62
C GLN W 115 -40.65 -15.11 5.02
N GLY W 116 -41.77 -14.40 5.16
CA GLY W 116 -42.66 -14.47 6.31
C GLY W 116 -42.39 -13.45 7.40
N THR W 117 -43.47 -13.08 8.09
CA THR W 117 -43.43 -12.17 9.24
C THR W 117 -44.25 -12.74 10.39
N GLN W 118 -43.65 -12.73 11.59
CA GLN W 118 -44.22 -13.40 12.75
C GLN W 118 -45.23 -12.49 13.46
N VAL W 119 -46.44 -13.00 13.67
CA VAL W 119 -47.46 -12.33 14.44
C VAL W 119 -47.66 -13.10 15.74
N THR W 120 -47.51 -12.41 16.88
CA THR W 120 -47.67 -13.01 18.19
C THR W 120 -48.85 -12.34 18.90
N VAL W 121 -49.84 -13.14 19.26
CA VAL W 121 -51.03 -12.68 19.99
C VAL W 121 -50.93 -13.21 21.41
N SER W 122 -51.00 -12.30 22.38
CA SER W 122 -50.84 -12.63 23.78
C SER W 122 -52.21 -12.98 24.35
N SER W 123 -52.21 -13.82 25.38
CA SER W 123 -53.47 -14.30 25.95
C SER W 123 -54.20 -13.17 26.68
N ALA X 5 -49.95 32.77 10.80
CA ALA X 5 -49.66 32.80 12.26
C ALA X 5 -48.60 33.86 12.58
N THR X 6 -48.41 34.11 13.88
CA THR X 6 -47.42 35.04 14.40
C THR X 6 -46.62 34.33 15.48
N THR X 7 -45.29 34.40 15.40
CA THR X 7 -44.43 33.82 16.44
C THR X 7 -43.69 34.92 17.20
N LEU X 8 -43.98 35.03 18.49
CA LEU X 8 -43.35 36.01 19.37
C LEU X 8 -42.16 35.40 20.10
N LYS X 9 -41.14 36.22 20.34
CA LYS X 9 -39.91 35.80 21.00
C LYS X 9 -39.77 36.48 22.35
N MET X 10 -39.60 35.66 23.39
CA MET X 10 -39.46 36.11 24.76
C MET X 10 -38.10 35.68 25.29
N GLY X 11 -37.34 36.63 25.80
CA GLY X 11 -36.05 36.36 26.41
C GLY X 11 -36.13 36.61 27.91
N MET X 12 -35.31 35.87 28.67
CA MET X 12 -35.27 36.07 30.11
C MET X 12 -33.91 35.63 30.64
N GLN X 13 -33.50 36.27 31.73
CA GLN X 13 -32.30 35.84 32.43
C GLN X 13 -32.53 34.57 33.21
N ALA X 14 -33.77 34.35 33.65
CA ALA X 14 -34.06 33.21 34.51
C ALA X 14 -33.83 31.91 33.74
N SER X 15 -33.45 30.87 34.47
CA SER X 15 -33.10 29.60 33.87
C SER X 15 -34.28 28.63 33.91
N VAL X 16 -34.14 27.55 33.13
CA VAL X 16 -35.15 26.50 33.16
C VAL X 16 -35.26 25.95 34.56
N GLY X 17 -36.48 25.66 34.99
CA GLY X 17 -36.74 25.24 36.35
C GLY X 17 -37.00 26.37 37.31
N SER X 18 -36.86 27.62 36.86
CA SER X 18 -37.20 28.77 37.68
C SER X 18 -38.70 29.03 37.61
N VAL X 19 -39.21 29.76 38.61
CA VAL X 19 -40.62 30.15 38.59
C VAL X 19 -40.89 31.08 37.41
N GLU X 20 -39.92 31.93 37.08
CA GLU X 20 -40.10 32.81 35.94
C GLU X 20 -40.20 32.01 34.65
N TYR X 21 -39.35 31.00 34.49
CA TYR X 21 -39.39 30.22 33.25
C TYR X 21 -40.65 29.38 33.19
N ASN X 22 -41.01 28.71 34.29
CA ASN X 22 -42.20 27.89 34.30
C ASN X 22 -43.43 28.71 33.92
N SER X 23 -43.48 29.96 34.38
CA SER X 23 -44.60 30.83 34.01
C SER X 23 -44.54 31.21 32.54
N ALA X 24 -43.34 31.46 32.01
CA ALA X 24 -43.20 31.77 30.59
C ALA X 24 -43.56 30.57 29.73
N LYS X 25 -43.23 29.37 30.20
CA LYS X 25 -43.63 28.16 29.48
C LYS X 25 -45.13 27.95 29.58
N MET X 26 -45.72 28.21 30.75
CA MET X 26 -47.17 28.17 30.87
C MET X 26 -47.83 29.17 29.92
N LEU X 27 -47.24 30.36 29.79
CA LEU X 27 -47.79 31.37 28.89
C LEU X 27 -47.73 30.91 27.43
N ALA X 28 -46.58 30.38 27.01
CA ALA X 28 -46.46 29.91 25.63
C ALA X 28 -47.52 28.88 25.32
N ASP X 29 -47.70 27.90 26.21
CA ASP X 29 -48.75 26.91 26.01
C ASP X 29 -50.12 27.56 25.99
N THR X 30 -50.37 28.46 26.94
CA THR X 30 -51.69 29.08 27.03
C THR X 30 -52.02 29.85 25.76
N LEU X 31 -51.03 30.57 25.23
CA LEU X 31 -51.26 31.37 24.03
C LEU X 31 -51.55 30.48 22.84
N GLU X 32 -50.80 29.38 22.70
CA GLU X 32 -50.95 28.54 21.52
C GLU X 32 -52.29 27.80 21.51
N GLU X 33 -52.79 27.34 22.66
CA GLU X 33 -54.07 26.65 22.63
C GLU X 33 -55.20 27.65 22.47
N MET X 34 -55.14 28.77 23.18
CA MET X 34 -56.22 29.75 23.13
C MET X 34 -56.31 30.43 21.77
N SER X 35 -55.24 30.42 20.99
CA SER X 35 -55.26 30.95 19.62
C SER X 35 -55.51 29.86 18.60
N GLN X 36 -55.79 28.65 19.07
CA GLN X 36 -55.84 27.48 18.21
C GLN X 36 -54.61 27.44 17.30
N GLY X 37 -53.44 27.76 17.89
CA GLY X 37 -52.17 27.62 17.20
C GLY X 37 -51.67 28.79 16.37
N GLU X 38 -52.40 29.90 16.31
CA GLU X 38 -52.02 31.04 15.46
C GLU X 38 -51.02 31.96 16.15
N ILE X 39 -50.92 31.89 17.48
CA ILE X 39 -49.90 32.60 18.24
C ILE X 39 -48.96 31.57 18.85
N LYS X 40 -47.68 31.67 18.54
CA LYS X 40 -46.64 30.85 19.14
C LYS X 40 -45.63 31.75 19.85
N LEU X 41 -45.08 31.24 20.96
CA LEU X 41 -44.14 32.00 21.77
C LEU X 41 -42.87 31.17 21.99
N ALA X 42 -41.77 31.60 21.40
CA ALA X 42 -40.48 30.97 21.58
C ALA X 42 -39.75 31.61 22.77
N LEU X 43 -39.11 30.76 23.56
CA LEU X 43 -38.47 31.18 24.80
C LEU X 43 -36.95 31.10 24.66
N TYR X 44 -36.26 32.10 25.21
CA TYR X 44 -34.80 32.18 25.16
C TYR X 44 -34.29 32.49 26.56
N PRO X 45 -34.21 31.46 27.41
CA PRO X 45 -33.83 31.70 28.82
C PRO X 45 -32.34 31.71 29.09
N SER X 46 -31.99 31.85 30.37
CA SER X 46 -30.62 31.79 30.85
C SER X 46 -29.76 32.89 30.26
N ALA X 47 -30.38 34.01 29.92
CA ALA X 47 -29.67 35.23 29.52
C ALA X 47 -28.82 35.01 28.27
N GLN X 48 -29.22 34.06 27.42
CA GLN X 48 -28.45 33.80 26.21
C GLN X 48 -28.51 34.95 25.21
N LEU X 49 -29.53 35.79 25.31
CA LEU X 49 -29.62 36.98 24.47
C LEU X 49 -29.05 38.23 25.13
N GLY X 50 -28.55 38.10 26.35
CA GLY X 50 -28.07 39.22 27.15
C GLY X 50 -28.84 39.32 28.46
N ASP X 51 -28.41 40.28 29.28
CA ASP X 51 -29.09 40.52 30.55
C ASP X 51 -30.36 41.33 30.30
N ASP X 52 -31.10 41.62 31.38
CA ASP X 52 -32.38 42.31 31.24
C ASP X 52 -32.23 43.66 30.55
N ARG X 53 -31.15 44.39 30.84
CA ARG X 53 -30.94 45.66 30.15
C ARG X 53 -30.74 45.45 28.66
N ALA X 54 -29.94 44.45 28.29
CA ALA X 54 -29.69 44.20 26.87
C ALA X 54 -30.98 43.77 26.15
N MET X 55 -31.79 42.94 26.80
CA MET X 55 -33.02 42.49 26.17
C MET X 55 -34.06 43.61 26.10
N LEU X 56 -34.13 44.45 27.13
CA LEU X 56 -34.97 45.64 27.05
C LEU X 56 -34.57 46.50 25.87
N GLN X 57 -33.26 46.67 25.65
CA GLN X 57 -32.78 47.41 24.50
C GLN X 57 -33.20 46.75 23.19
N GLN X 58 -33.29 45.42 23.17
CA GLN X 58 -33.71 44.74 21.95
C GLN X 58 -35.19 44.99 21.67
N LEU X 59 -36.02 45.03 22.71
CA LEU X 59 -37.42 45.40 22.51
C LEU X 59 -37.52 46.81 21.96
N THR X 60 -36.74 47.75 22.51
CA THR X 60 -36.80 49.13 22.06
C THR X 60 -36.50 49.25 20.57
N LEU X 61 -35.55 48.45 20.08
CA LEU X 61 -35.15 48.50 18.68
C LEU X 61 -35.93 47.52 17.80
N GLY X 62 -36.86 46.75 18.37
CA GLY X 62 -37.65 45.84 17.58
C GLY X 62 -36.98 44.52 17.24
N ASP X 63 -35.93 44.14 17.97
CA ASP X 63 -35.23 42.89 17.72
C ASP X 63 -35.71 41.75 18.59
N LEU X 64 -36.42 42.04 19.68
CA LEU X 64 -37.00 41.03 20.55
C LEU X 64 -38.40 41.50 20.92
N ASP X 65 -39.31 40.54 21.14
CA ASP X 65 -40.70 40.87 21.31
C ASP X 65 -41.11 41.04 22.76
N ILE X 66 -40.71 40.11 23.63
CA ILE X 66 -41.14 40.11 25.03
C ILE X 66 -39.95 39.85 25.93
N THR X 67 -39.96 40.47 27.12
CA THR X 67 -38.99 40.14 28.16
C THR X 67 -39.57 40.55 29.50
N TYR X 68 -38.96 40.04 30.58
CA TYR X 68 -39.30 40.44 31.93
C TYR X 68 -38.49 41.67 32.34
N ALA X 69 -39.07 42.51 33.18
CA ALA X 69 -38.31 43.54 33.87
C ALA X 69 -39.10 43.96 35.11
N GLU X 70 -38.37 44.35 36.15
CA GLU X 70 -39.01 44.93 37.32
C GLU X 70 -39.47 46.36 37.01
N PHE X 71 -40.55 46.78 37.65
CA PHE X 71 -41.05 48.14 37.43
C PHE X 71 -39.98 49.15 37.79
N GLY X 72 -39.21 48.87 38.84
CA GLY X 72 -38.10 49.74 39.21
C GLY X 72 -36.92 49.70 38.27
N ARG X 73 -36.77 48.61 37.52
CA ARG X 73 -35.69 48.55 36.53
C ARG X 73 -35.88 49.58 35.43
N MET X 74 -37.09 50.15 35.30
CA MET X 74 -37.31 51.22 34.35
C MET X 74 -36.51 52.46 34.70
N GLY X 75 -35.95 52.54 35.91
CA GLY X 75 -35.03 53.61 36.23
C GLY X 75 -33.82 53.70 35.32
N LEU X 76 -33.50 52.61 34.62
CA LEU X 76 -32.44 52.66 33.61
C LEU X 76 -32.76 53.66 32.51
N ALA X 77 -34.04 53.89 32.25
CA ALA X 77 -34.51 54.79 31.19
C ALA X 77 -35.30 55.98 31.71
N ILE X 78 -36.02 55.82 32.82
CA ILE X 78 -36.96 56.81 33.32
C ILE X 78 -36.59 57.04 34.78
N PRO X 79 -35.68 57.97 35.07
CA PRO X 79 -35.03 57.97 36.40
C PRO X 79 -36.00 57.93 37.57
N ARG X 80 -37.13 58.63 37.49
CA ARG X 80 -38.04 58.66 38.63
C ARG X 80 -38.59 57.28 38.95
N ALA X 81 -38.66 56.38 37.97
CA ALA X 81 -39.22 55.05 38.21
C ALA X 81 -38.36 54.21 39.15
N GLU X 82 -37.06 54.52 39.27
CA GLU X 82 -36.21 53.73 40.15
C GLU X 82 -36.62 53.84 41.61
N ALA X 83 -37.40 54.86 41.97
CA ALA X 83 -37.76 55.07 43.38
C ALA X 83 -38.47 53.86 43.96
N VAL X 84 -39.27 53.16 43.16
CA VAL X 84 -39.94 51.96 43.65
C VAL X 84 -38.93 50.91 44.06
N MET X 85 -37.69 51.03 43.60
CA MET X 85 -36.65 50.07 43.93
C MET X 85 -35.77 50.52 45.08
N LEU X 86 -35.97 51.74 45.59
CA LEU X 86 -35.20 52.19 46.74
C LEU X 86 -35.40 51.20 47.88
N PRO X 87 -34.32 50.80 48.57
CA PRO X 87 -34.48 49.76 49.60
C PRO X 87 -35.50 50.16 50.66
N TYR X 88 -36.41 49.24 50.96
CA TYR X 88 -37.42 49.34 52.01
C TYR X 88 -38.49 50.38 51.77
N VAL X 89 -38.50 51.05 50.61
CA VAL X 89 -39.55 52.03 50.38
C VAL X 89 -40.89 51.32 50.17
N ALA X 90 -40.89 50.26 49.37
CA ALA X 90 -42.09 49.47 49.17
C ALA X 90 -42.20 48.43 50.27
N LYS X 91 -43.30 48.44 51.00
CA LYS X 91 -43.34 47.44 52.05
C LYS X 91 -43.67 46.01 51.55
N ASP X 92 -44.52 45.89 50.56
CA ASP X 92 -44.84 44.58 50.02
C ASP X 92 -45.34 44.74 48.59
N PHE X 93 -45.67 43.60 47.98
CA PHE X 93 -46.05 43.63 46.57
C PHE X 93 -47.31 44.45 46.36
N ASP X 94 -48.29 44.32 47.26
CA ASP X 94 -49.52 45.09 47.11
C ASP X 94 -49.23 46.59 47.11
N HIS X 95 -48.33 47.03 47.99
CA HIS X 95 -47.88 48.42 47.96
C HIS X 95 -47.20 48.74 46.63
N LEU X 96 -46.29 47.87 46.19
CA LEU X 96 -45.61 48.07 44.91
C LEU X 96 -46.61 48.07 43.77
N ARG X 97 -47.60 47.17 43.81
CA ARG X 97 -48.60 47.16 42.76
C ARG X 97 -49.37 48.48 42.74
N ARG X 98 -49.66 49.04 43.92
CA ARG X 98 -50.38 50.30 43.97
C ARG X 98 -49.58 51.43 43.33
N MET X 99 -48.26 51.44 43.53
CA MET X 99 -47.42 52.37 42.78
C MET X 99 -47.59 52.14 41.29
N PHE X 100 -47.63 50.87 40.88
CA PHE X 100 -47.76 50.52 39.47
C PHE X 100 -49.08 51.00 38.89
N GLU X 101 -50.14 50.99 39.69
CA GLU X 101 -51.46 51.38 39.21
C GLU X 101 -51.77 52.86 39.42
N SER X 102 -50.96 53.57 40.20
CA SER X 102 -51.20 54.97 40.48
C SER X 102 -51.02 55.84 39.23
N ASP X 103 -51.40 57.11 39.37
CA ASP X 103 -51.18 58.07 38.29
C ASP X 103 -49.69 58.20 37.97
N PHE X 104 -48.84 58.18 39.00
CA PHE X 104 -47.40 58.15 38.77
C PHE X 104 -47.01 56.92 37.98
N GLY X 105 -47.51 55.75 38.38
CA GLY X 105 -47.23 54.54 37.63
C GLY X 105 -47.71 54.61 36.20
N GLN X 106 -48.96 55.06 36.01
CA GLN X 106 -49.49 55.21 34.66
C GLN X 106 -48.65 56.18 33.84
N GLY X 107 -48.10 57.21 34.49
CA GLY X 107 -47.22 58.13 33.79
C GLY X 107 -45.94 57.46 33.33
N VAL X 108 -45.31 56.67 34.21
CA VAL X 108 -44.09 55.96 33.81
C VAL X 108 -44.39 55.01 32.67
N ARG X 109 -45.48 54.25 32.78
CA ARG X 109 -45.82 53.29 31.74
C ARG X 109 -46.11 53.99 30.43
N ASP X 110 -46.72 55.17 30.48
CA ASP X 110 -46.91 55.94 29.25
C ASP X 110 -45.56 56.35 28.65
N GLU X 111 -44.62 56.76 29.49
CA GLU X 111 -43.30 57.14 28.99
C GLU X 111 -42.54 55.93 28.47
N MET X 112 -42.66 54.78 29.15
CA MET X 112 -42.08 53.55 28.62
C MET X 112 -42.57 53.30 27.20
N LEU X 113 -43.88 53.36 27.00
CA LEU X 113 -44.47 53.04 25.71
C LEU X 113 -44.08 54.06 24.64
N GLN X 114 -44.13 55.35 24.98
CA GLN X 114 -43.93 56.38 23.96
C GLN X 114 -42.47 56.56 23.61
N LYS X 115 -41.61 56.64 24.62
CA LYS X 115 -40.22 56.94 24.35
C LYS X 115 -39.39 55.69 24.13
N PHE X 116 -39.84 54.51 24.60
CA PHE X 116 -39.01 53.32 24.62
C PHE X 116 -39.60 52.00 24.13
N ASN X 117 -40.78 51.98 23.48
CA ASN X 117 -41.30 50.73 22.90
C ASN X 117 -41.60 49.66 23.94
N TRP X 118 -42.02 50.05 25.13
CA TRP X 118 -42.36 49.07 26.16
C TRP X 118 -43.82 49.24 26.55
N ARG X 119 -44.61 48.22 26.26
CA ARG X 119 -45.98 48.14 26.75
C ARG X 119 -46.01 47.12 27.88
N ALA X 120 -46.17 47.60 29.11
CA ALA X 120 -46.33 46.73 30.26
C ALA X 120 -47.73 46.15 30.27
N LEU X 121 -47.82 44.83 30.07
CA LEU X 121 -49.13 44.17 30.01
C LEU X 121 -49.66 43.80 31.40
N ASP X 122 -48.78 43.50 32.33
CA ASP X 122 -49.14 43.09 33.69
C ASP X 122 -47.86 43.19 34.52
N THR X 123 -48.00 43.08 35.83
CA THR X 123 -46.83 42.93 36.68
C THR X 123 -47.13 41.88 37.75
N TRP X 124 -46.15 41.01 38.00
CA TRP X 124 -46.30 39.90 38.92
C TRP X 124 -45.35 40.07 40.11
N TYR X 125 -45.66 39.37 41.19
CA TYR X 125 -44.76 39.29 42.34
C TYR X 125 -43.68 38.24 42.08
N ASN X 126 -42.42 38.63 42.26
CA ASN X 126 -41.30 37.72 42.10
C ASN X 126 -40.54 37.47 43.40
N GLY X 127 -40.97 38.06 44.50
CA GLY X 127 -40.40 37.78 45.80
C GLY X 127 -39.67 38.97 46.39
N THR X 128 -39.40 38.85 47.69
CA THR X 128 -38.67 39.86 48.45
C THR X 128 -37.25 39.37 48.68
N ARG X 129 -36.28 40.25 48.41
CA ARG X 129 -34.88 39.83 48.42
C ARG X 129 -34.36 39.68 49.84
N GLU X 130 -33.67 38.57 50.08
CA GLU X 130 -32.99 38.27 51.33
C GLU X 130 -31.50 38.12 51.02
N THR X 131 -30.69 38.03 52.07
CA THR X 131 -29.25 38.01 51.94
C THR X 131 -28.67 36.68 52.42
N THR X 132 -27.89 36.02 51.57
CA THR X 132 -27.14 34.83 51.92
C THR X 132 -25.66 35.20 52.06
N SER X 133 -24.94 34.41 52.85
CA SER X 133 -23.54 34.71 53.10
C SER X 133 -22.82 33.46 53.57
N ASN X 134 -21.49 33.52 53.54
CA ASN X 134 -20.66 32.41 54.02
C ASN X 134 -20.35 32.47 55.52
N ARG X 135 -20.59 33.59 56.16
CA ARG X 135 -20.53 33.77 57.61
C ARG X 135 -21.82 34.39 58.11
N PRO X 136 -22.18 34.13 59.36
CA PRO X 136 -23.50 34.54 59.84
C PRO X 136 -23.63 36.04 59.84
N LEU X 137 -24.81 36.56 59.51
CA LEU X 137 -24.92 38.01 59.59
C LEU X 137 -26.07 38.26 60.62
N ASN X 138 -25.70 38.30 61.91
CA ASN X 138 -26.70 38.52 62.97
C ASN X 138 -27.22 39.96 63.00
N SER X 139 -26.33 40.94 62.86
CA SER X 139 -26.72 42.35 62.89
C SER X 139 -26.05 43.07 61.74
N ILE X 140 -26.44 44.32 61.53
CA ILE X 140 -25.83 45.18 60.51
C ILE X 140 -24.33 45.25 60.73
N GLU X 141 -23.89 45.06 61.97
CA GLU X 141 -22.47 45.12 62.27
C GLU X 141 -21.70 44.00 61.58
N ASP X 142 -22.37 42.91 61.26
CA ASP X 142 -21.72 41.83 60.54
C ASP X 142 -21.59 42.09 59.05
N PHE X 143 -22.33 43.08 58.50
CA PHE X 143 -22.21 43.36 57.07
C PHE X 143 -20.89 44.05 56.73
N LYS X 144 -20.24 44.69 57.70
CA LYS X 144 -19.03 45.47 57.41
C LYS X 144 -17.93 44.56 56.92
N GLY X 145 -17.38 44.90 55.76
CA GLY X 145 -16.34 44.11 55.13
C GLY X 145 -16.81 42.85 54.45
N LEU X 146 -18.12 42.60 54.40
CA LEU X 146 -18.63 41.45 53.67
C LEU X 146 -18.57 41.73 52.17
N LYS X 147 -17.92 40.84 51.43
CA LYS X 147 -17.85 40.94 49.97
C LYS X 147 -19.16 40.40 49.41
N LEU X 148 -20.10 41.30 49.14
CA LEU X 148 -21.47 40.97 48.77
C LEU X 148 -21.68 41.19 47.28
N ARG X 149 -22.07 40.13 46.58
CA ARG X 149 -22.42 40.26 45.18
C ARG X 149 -23.74 41.00 45.03
N VAL X 150 -23.80 41.88 44.04
CA VAL X 150 -25.05 42.55 43.68
C VAL X 150 -25.21 42.48 42.15
N PRO X 151 -26.43 42.50 41.62
CA PRO X 151 -26.58 42.70 40.17
C PRO X 151 -26.11 44.10 39.79
N ASN X 152 -25.94 44.30 38.48
CA ASN X 152 -25.59 45.62 37.94
C ASN X 152 -26.81 46.53 38.00
N ALA X 153 -27.19 46.86 39.24
CA ALA X 153 -28.37 47.67 39.51
C ALA X 153 -28.05 48.63 40.65
N LYS X 154 -28.41 49.90 40.46
CA LYS X 154 -27.95 50.95 41.37
C LYS X 154 -28.48 50.72 42.78
N GLN X 155 -29.73 50.29 42.92
CA GLN X 155 -30.35 50.21 44.24
C GLN X 155 -29.91 48.97 45.01
N ASN X 156 -29.60 47.88 44.31
CA ASN X 156 -28.96 46.76 44.99
C ASN X 156 -27.55 47.14 45.44
N LEU X 157 -26.82 47.86 44.58
CA LEU X 157 -25.52 48.39 44.97
C LEU X 157 -25.64 49.33 46.16
N ASN X 158 -26.66 50.21 46.14
CA ASN X 158 -26.85 51.12 47.26
C ASN X 158 -27.12 50.36 48.55
N TYR X 159 -27.98 49.33 48.49
CA TYR X 159 -28.25 48.53 49.67
C TYR X 159 -26.97 47.97 50.27
N ALA X 160 -26.12 47.37 49.43
CA ALA X 160 -24.88 46.79 49.91
C ALA X 160 -23.98 47.86 50.51
N LYS X 161 -23.73 48.93 49.75
CA LYS X 161 -22.83 49.97 50.21
C LYS X 161 -23.30 50.56 51.54
N LEU X 162 -24.58 50.90 51.62
CA LEU X 162 -25.10 51.58 52.81
C LEU X 162 -25.29 50.64 53.98
N SER X 163 -25.31 49.33 53.74
CA SER X 163 -25.26 48.36 54.82
C SER X 163 -23.85 48.17 55.36
N GLY X 164 -22.82 48.65 54.64
CA GLY X 164 -21.45 48.52 55.07
C GLY X 164 -20.68 47.42 54.38
N ALA X 165 -21.30 46.68 53.48
CA ALA X 165 -20.62 45.62 52.76
C ALA X 165 -19.73 46.22 51.66
N SER X 166 -18.87 45.37 51.11
CA SER X 166 -18.12 45.72 49.91
C SER X 166 -18.91 45.24 48.71
N PRO X 167 -19.60 46.13 47.99
CA PRO X 167 -20.41 45.68 46.85
C PRO X 167 -19.54 45.22 45.70
N THR X 168 -19.93 44.08 45.11
CA THR X 168 -19.27 43.55 43.92
C THR X 168 -20.29 43.33 42.81
N PRO X 169 -20.35 44.23 41.82
CA PRO X 169 -21.30 44.01 40.71
C PRO X 169 -20.89 42.79 39.91
N MET X 170 -21.87 41.93 39.62
CA MET X 170 -21.58 40.68 38.91
C MET X 170 -22.85 40.16 38.25
N SER X 171 -22.69 39.57 37.07
CA SER X 171 -23.83 39.08 36.32
C SER X 171 -24.41 37.83 36.96
N PHE X 172 -25.71 37.62 36.73
CA PHE X 172 -26.46 36.56 37.40
C PHE X 172 -25.91 35.18 37.08
N SER X 173 -25.36 35.00 35.87
CA SER X 173 -24.79 33.71 35.48
C SER X 173 -23.48 33.41 36.21
N GLU X 174 -22.78 34.43 36.68
CA GLU X 174 -21.46 34.26 37.29
C GLU X 174 -21.53 33.99 38.79
N VAL X 175 -22.74 33.99 39.38
CA VAL X 175 -22.84 34.07 40.83
C VAL X 175 -22.48 32.75 41.50
N TYR X 176 -23.08 31.64 41.03
CA TYR X 176 -22.89 30.37 41.73
C TYR X 176 -21.42 30.04 41.91
N LEU X 177 -20.63 30.20 40.85
CA LEU X 177 -19.22 29.86 40.93
C LEU X 177 -18.47 30.79 41.87
N ALA X 178 -18.82 32.07 41.85
CA ALA X 178 -18.18 33.02 42.76
C ALA X 178 -18.47 32.70 44.22
N LEU X 179 -19.64 32.14 44.50
CA LEU X 179 -19.95 31.70 45.85
C LEU X 179 -19.26 30.38 46.18
N GLN X 180 -19.24 29.43 45.24
CA GLN X 180 -18.56 28.16 45.47
C GLN X 180 -17.09 28.37 45.76
N THR X 181 -16.43 29.24 44.98
CA THR X 181 -15.03 29.53 45.17
C THR X 181 -14.79 30.56 46.26
N ASN X 182 -15.85 31.02 46.93
CA ASN X 182 -15.76 32.09 47.92
C ASN X 182 -14.96 33.28 47.38
N ALA X 183 -15.03 33.50 46.07
CA ALA X 183 -14.52 34.75 45.52
C ALA X 183 -15.36 35.94 45.98
N VAL X 184 -16.63 35.71 46.27
CA VAL X 184 -17.52 36.68 46.90
C VAL X 184 -18.11 35.99 48.12
N ASP X 185 -18.41 36.77 49.15
CA ASP X 185 -18.87 36.17 50.40
C ASP X 185 -20.38 35.94 50.42
N GLY X 186 -21.14 36.74 49.70
CA GLY X 186 -22.59 36.63 49.76
C GLY X 186 -23.25 37.16 48.51
N GLN X 187 -24.57 36.96 48.47
CA GLN X 187 -25.43 37.50 47.42
C GLN X 187 -26.79 37.75 48.04
N GLU X 188 -27.66 38.41 47.28
CA GLU X 188 -28.97 38.81 47.78
C GLU X 188 -29.99 38.60 46.66
N ASN X 189 -31.04 37.85 46.97
CA ASN X 189 -32.03 37.49 45.97
C ASN X 189 -33.28 37.00 46.70
N PRO X 190 -34.39 36.85 45.99
CA PRO X 190 -35.58 36.26 46.62
C PRO X 190 -35.38 34.78 46.92
N LEU X 191 -36.16 34.27 47.87
CA LEU X 191 -35.99 32.90 48.30
C LEU X 191 -36.28 31.90 47.19
N PRO X 192 -37.33 32.05 46.38
CA PRO X 192 -37.53 31.10 45.27
C PRO X 192 -36.35 31.06 44.33
N THR X 193 -35.68 32.20 44.10
CA THR X 193 -34.49 32.20 43.27
C THR X 193 -33.33 31.51 43.98
N ILE X 194 -33.20 31.73 45.30
CA ILE X 194 -32.12 31.11 46.06
C ILE X 194 -32.19 29.59 45.96
N LYS X 195 -33.40 29.03 45.97
CA LYS X 195 -33.52 27.59 45.81
C LYS X 195 -33.24 27.16 44.37
N THR X 196 -33.93 27.79 43.42
CA THR X 196 -33.82 27.37 42.03
C THR X 196 -32.36 27.29 41.61
N MET X 197 -31.59 28.34 41.92
CA MET X 197 -30.17 28.32 41.61
C MET X 197 -29.40 27.38 42.52
N LYS X 198 -30.01 26.94 43.62
CA LYS X 198 -29.31 26.14 44.62
C LYS X 198 -28.16 26.93 45.24
N PHE X 199 -28.35 28.25 45.42
CA PHE X 199 -27.34 29.04 46.11
C PHE X 199 -27.10 28.50 47.52
N TYR X 200 -28.13 27.90 48.12
CA TYR X 200 -28.01 27.39 49.50
C TYR X 200 -26.94 26.32 49.63
N GLU X 201 -26.58 25.64 48.54
CA GLU X 201 -25.52 24.64 48.62
C GLU X 201 -24.17 25.26 48.91
N VAL X 202 -23.98 26.54 48.54
CA VAL X 202 -22.70 27.25 48.65
C VAL X 202 -22.78 28.42 49.62
N GLN X 203 -23.87 28.53 50.38
CA GLN X 203 -24.05 29.61 51.33
C GLN X 203 -24.52 28.98 52.62
N LYS X 204 -23.82 29.24 53.73
CA LYS X 204 -24.26 28.59 54.96
C LYS X 204 -25.39 29.35 55.64
N ASN X 205 -25.51 30.66 55.40
CA ASN X 205 -26.35 31.51 56.23
C ASN X 205 -27.33 32.36 55.41
N LEU X 206 -28.45 32.68 56.01
CA LEU X 206 -29.50 33.42 55.29
C LEU X 206 -29.81 34.54 56.26
N ALA X 207 -29.88 35.78 55.74
CA ALA X 207 -30.16 36.97 56.56
C ALA X 207 -31.45 37.56 55.99
N MET X 208 -32.59 37.04 56.46
CA MET X 208 -33.89 37.58 56.08
C MET X 208 -33.93 39.10 56.19
N THR X 209 -33.39 39.82 55.21
CA THR X 209 -33.27 41.28 55.30
C THR X 209 -34.42 42.05 54.67
N HIS X 210 -35.25 41.43 53.84
CA HIS X 210 -36.47 42.06 53.31
C HIS X 210 -36.22 43.44 52.70
N HIS X 211 -35.07 43.61 52.04
CA HIS X 211 -34.66 44.97 51.72
C HIS X 211 -35.29 45.50 50.44
N ILE X 212 -35.59 44.63 49.46
CA ILE X 212 -36.21 45.07 48.21
C ILE X 212 -37.30 44.10 47.80
N VAL X 213 -38.46 44.63 47.41
CA VAL X 213 -39.55 43.84 46.87
C VAL X 213 -39.44 43.85 45.35
N ASN X 214 -39.32 42.66 44.76
CA ASN X 214 -39.23 42.50 43.31
C ASN X 214 -40.60 42.15 42.74
N ASP X 215 -41.09 42.98 41.83
CA ASP X 215 -42.17 42.59 40.93
C ASP X 215 -41.55 42.05 39.66
N GLN X 216 -42.38 41.76 38.64
CA GLN X 216 -41.85 41.39 37.33
C GLN X 216 -42.92 41.72 36.29
N MET X 217 -42.72 42.84 35.60
CA MET X 217 -43.61 43.20 34.50
C MET X 217 -43.35 42.28 33.31
N VAL X 218 -44.42 41.87 32.64
CA VAL X 218 -44.30 41.25 31.32
C VAL X 218 -44.43 42.36 30.29
N ILE X 219 -43.35 42.60 29.55
CA ILE X 219 -43.28 43.71 28.61
C ILE X 219 -43.25 43.16 27.20
N ILE X 220 -44.10 43.70 26.34
CA ILE X 220 -44.09 43.42 24.92
C ILE X 220 -43.62 44.66 24.17
N SER X 221 -42.90 44.45 23.08
CA SER X 221 -42.52 45.55 22.20
C SER X 221 -43.77 46.20 21.61
N GLU X 222 -43.86 47.53 21.75
CA GLU X 222 -45.05 48.22 21.25
C GLU X 222 -45.17 48.10 19.73
N SER X 223 -44.03 48.08 19.02
CA SER X 223 -44.10 47.90 17.57
C SER X 223 -44.65 46.54 17.22
N THR X 224 -44.37 45.52 18.05
CA THR X 224 -44.97 44.21 17.87
C THR X 224 -46.45 44.23 18.23
N TRP X 225 -46.81 44.91 19.31
CA TRP X 225 -48.19 44.95 19.77
C TRP X 225 -49.12 45.49 18.67
N GLN X 226 -48.73 46.59 18.04
CA GLN X 226 -49.58 47.22 17.03
C GLN X 226 -49.65 46.42 15.74
N LYS X 227 -48.79 45.42 15.54
CA LYS X 227 -48.94 44.54 14.39
C LYS X 227 -49.97 43.45 14.63
N LEU X 228 -50.39 43.26 15.87
CA LEU X 228 -51.35 42.22 16.26
C LEU X 228 -52.79 42.65 15.99
N SER X 229 -53.65 41.65 15.82
CA SER X 229 -55.09 41.82 15.75
C SER X 229 -55.67 42.04 17.16
N ASP X 230 -56.89 42.59 17.21
CA ASP X 230 -57.53 42.84 18.49
C ASP X 230 -57.79 41.55 19.26
N THR X 231 -58.10 40.47 18.55
CA THR X 231 -58.30 39.18 19.22
C THR X 231 -56.97 38.63 19.76
N ASP X 232 -55.91 38.73 18.96
CA ASP X 232 -54.59 38.33 19.45
C ASP X 232 -54.18 39.16 20.65
N LYS X 233 -54.38 40.49 20.57
CA LYS X 233 -54.12 41.34 21.72
C LYS X 233 -54.95 40.91 22.92
N ASP X 234 -56.22 40.59 22.68
CA ASP X 234 -57.09 40.12 23.76
C ASP X 234 -56.60 38.81 24.34
N ILE X 235 -56.22 37.86 23.48
CA ILE X 235 -55.70 36.58 23.96
C ILE X 235 -54.48 36.80 24.83
N ILE X 236 -53.52 37.60 24.34
CA ILE X 236 -52.27 37.78 25.06
C ILE X 236 -52.52 38.45 26.42
N GLN X 237 -53.29 39.55 26.44
CA GLN X 237 -53.55 40.28 27.68
C GLN X 237 -54.14 39.37 28.75
N LYS X 238 -55.04 38.49 28.35
CA LYS X 238 -55.72 37.57 29.26
C LYS X 238 -54.84 36.40 29.69
N ALA X 239 -54.02 35.86 28.78
CA ALA X 239 -53.11 34.79 29.19
C ALA X 239 -52.15 35.28 30.27
N VAL X 240 -51.54 36.45 30.07
CA VAL X 240 -50.55 36.96 31.02
C VAL X 240 -51.15 37.15 32.40
N GLN X 241 -52.36 37.72 32.47
CA GLN X 241 -52.99 37.92 33.77
C GLN X 241 -53.36 36.60 34.42
N LYS X 242 -53.83 35.63 33.63
CA LYS X 242 -54.14 34.32 34.17
C LYS X 242 -52.87 33.62 34.63
N VAL X 243 -51.81 33.69 33.83
CA VAL X 243 -50.55 33.10 34.24
C VAL X 243 -49.93 33.94 35.35
N GLY X 244 -50.19 35.24 35.35
CA GLY X 244 -49.63 36.10 36.38
C GLY X 244 -50.19 35.81 37.76
N ASP X 245 -51.50 35.59 37.84
CA ASP X 245 -52.11 35.23 39.12
C ASP X 245 -51.45 33.98 39.69
N ALA X 246 -51.22 32.97 38.85
CA ALA X 246 -50.55 31.75 39.30
C ALA X 246 -49.11 32.05 39.74
N HIS X 247 -48.37 32.80 38.92
CA HIS X 247 -47.00 33.13 39.27
C HIS X 247 -46.93 33.80 40.64
N THR X 248 -47.74 34.84 40.82
CA THR X 248 -47.76 35.56 42.09
C THR X 248 -48.07 34.64 43.26
N GLN X 249 -49.07 33.76 43.09
CA GLN X 249 -49.45 32.87 44.17
C GLN X 249 -48.34 31.87 44.46
N THR X 250 -47.74 31.30 43.41
CA THR X 250 -46.68 30.32 43.61
C THR X 250 -45.53 30.92 44.41
N VAL X 251 -45.17 32.17 44.10
CA VAL X 251 -44.08 32.81 44.81
C VAL X 251 -44.43 32.96 46.28
N LYS X 252 -45.66 33.39 46.59
CA LYS X 252 -46.06 33.56 47.98
C LYS X 252 -45.99 32.22 48.71
N THR X 253 -46.47 31.15 48.07
CA THR X 253 -46.39 29.82 48.67
C THR X 253 -44.95 29.45 48.98
N GLN X 254 -44.05 29.59 48.01
CA GLN X 254 -42.66 29.20 48.22
C GLN X 254 -42.03 30.01 49.34
N GLU X 255 -42.23 31.33 49.35
CA GLU X 255 -41.67 32.16 50.42
C GLU X 255 -42.18 31.70 51.78
N ALA X 256 -43.37 31.11 51.82
CA ALA X 256 -43.90 30.57 53.06
C ALA X 256 -43.27 29.22 53.40
N GLU X 257 -42.83 28.46 52.40
CA GLU X 257 -42.32 27.12 52.67
C GLU X 257 -40.82 27.09 52.93
N LEU X 258 -40.04 27.93 52.24
CA LEU X 258 -38.61 27.73 52.12
C LEU X 258 -37.83 28.11 53.36
N VAL X 259 -38.38 28.96 54.23
CA VAL X 259 -37.70 29.26 55.47
C VAL X 259 -37.46 27.97 56.24
N SER X 260 -38.47 27.10 56.27
CA SER X 260 -38.28 25.78 56.86
C SER X 260 -37.33 24.91 56.04
N PHE X 261 -37.46 24.96 54.71
CA PHE X 261 -36.64 24.09 53.84
C PHE X 261 -35.16 24.34 54.05
N PHE X 262 -34.76 25.59 54.10
CA PHE X 262 -33.34 25.87 54.21
C PHE X 262 -32.72 25.34 55.53
N LYS X 263 -33.42 25.46 56.68
CA LYS X 263 -32.87 24.96 57.95
C LYS X 263 -32.60 23.49 57.80
N SER X 264 -33.65 22.84 57.19
CA SER X 264 -33.90 21.46 56.81
C SER X 264 -32.97 21.10 55.74
N GLU X 265 -32.32 22.11 55.14
CA GLU X 265 -31.02 21.91 54.51
C GLU X 265 -29.87 22.47 55.36
N GLY X 266 -29.97 22.42 56.70
CA GLY X 266 -28.89 22.91 57.57
C GLY X 266 -28.39 24.34 57.38
N ILE X 267 -29.18 25.19 56.76
CA ILE X 267 -28.85 26.61 56.63
C ILE X 267 -29.14 27.34 57.94
N ASN X 268 -28.19 28.17 58.37
CA ASN X 268 -28.41 29.07 59.50
C ASN X 268 -29.19 30.31 59.06
N VAL X 269 -30.38 30.49 59.62
CA VAL X 269 -31.28 31.58 59.24
C VAL X 269 -31.36 32.60 60.38
N THR X 270 -31.00 33.86 60.07
CA THR X 270 -30.92 34.95 61.04
C THR X 270 -31.89 36.07 60.70
N TYR X 271 -32.72 36.45 61.67
CA TYR X 271 -33.57 37.65 61.57
C TYR X 271 -32.93 38.91 62.13
N PRO X 272 -31.96 39.51 61.46
CA PRO X 272 -31.29 40.69 62.03
C PRO X 272 -32.24 41.86 62.26
N ASP X 273 -31.83 42.76 63.16
CA ASP X 273 -32.59 43.98 63.42
C ASP X 273 -32.55 44.86 62.17
N LEU X 274 -33.72 45.15 61.61
CA LEU X 274 -33.76 45.83 60.32
C LEU X 274 -33.66 47.33 60.46
N GLU X 275 -33.90 47.85 61.63
CA GLU X 275 -33.87 49.30 61.73
C GLU X 275 -32.55 49.93 61.35
N PRO X 276 -31.39 49.48 61.84
CA PRO X 276 -30.17 50.19 61.43
C PRO X 276 -30.01 50.12 59.95
N PHE X 277 -30.56 49.08 59.34
CA PHE X 277 -30.66 49.07 57.89
C PHE X 277 -31.61 50.18 57.46
N ARG X 278 -32.75 50.27 58.15
CA ARG X 278 -33.73 51.31 57.84
C ARG X 278 -33.19 52.72 58.12
N GLU X 279 -32.20 52.92 59.11
CA GLU X 279 -31.60 54.26 59.05
C GLU X 279 -31.36 54.42 57.60
N ALA X 280 -30.56 53.45 57.13
CA ALA X 280 -29.26 53.73 56.54
C ALA X 280 -29.43 54.26 55.14
N MET X 281 -30.56 53.95 54.58
CA MET X 281 -31.10 54.35 53.33
C MET X 281 -31.77 55.71 53.45
N GLN X 282 -31.97 56.24 54.67
CA GLN X 282 -32.67 57.51 54.80
C GLN X 282 -32.01 58.64 54.02
N PRO X 283 -30.70 58.86 54.09
CA PRO X 283 -30.10 59.93 53.26
C PRO X 283 -30.25 59.66 51.77
N LEU X 284 -30.34 58.39 51.37
CA LEU X 284 -30.50 58.07 49.96
C LEU X 284 -31.84 58.55 49.42
N TYR X 285 -32.91 58.35 50.18
CA TYR X 285 -34.20 58.86 49.75
C TYR X 285 -34.13 60.38 49.58
N LYS X 286 -33.50 61.06 50.54
CA LYS X 286 -33.39 62.52 50.51
C LYS X 286 -32.65 62.95 49.26
N GLU X 287 -31.53 62.30 48.97
CA GLU X 287 -30.78 62.58 47.75
C GLU X 287 -31.61 62.32 46.50
N PHE X 288 -32.38 61.22 46.48
CA PHE X 288 -33.11 60.86 45.26
C PHE X 288 -34.09 61.96 44.85
N ASP X 289 -34.92 62.42 45.78
CA ASP X 289 -35.88 63.49 45.45
C ASP X 289 -35.18 64.70 44.85
N SER X 290 -34.07 65.12 45.47
CA SER X 290 -33.35 66.28 44.95
C SER X 290 -32.81 66.01 43.55
N ASN X 291 -32.38 64.78 43.30
CA ASN X 291 -31.82 64.43 42.00
C ASN X 291 -32.90 64.49 40.92
N ILE X 292 -34.11 64.06 41.25
CA ILE X 292 -35.19 64.11 40.27
C ILE X 292 -35.70 65.53 40.06
N GLY X 293 -35.53 66.41 41.06
CA GLY X 293 -36.05 67.75 41.00
C GLY X 293 -37.48 67.90 41.48
N GLN X 294 -38.16 66.79 41.76
CA GLN X 294 -39.54 66.79 42.25
C GLN X 294 -39.61 65.70 43.30
N PRO X 295 -40.20 65.97 44.47
CA PRO X 295 -40.30 64.92 45.50
C PRO X 295 -41.20 63.77 45.04
N ILE X 296 -40.77 62.55 45.34
CA ILE X 296 -41.54 61.38 44.95
C ILE X 296 -41.49 60.24 45.96
N VAL X 297 -40.39 60.15 46.72
CA VAL X 297 -40.22 59.01 47.62
C VAL X 297 -41.32 59.00 48.68
N SER X 298 -41.57 60.15 49.31
CA SER X 298 -42.61 60.21 50.33
C SER X 298 -43.99 59.96 49.75
N LYS X 299 -44.25 60.49 48.55
CA LYS X 299 -45.51 60.21 47.87
C LYS X 299 -45.68 58.71 47.64
N LEU X 300 -44.64 58.08 47.10
CA LEU X 300 -44.71 56.65 46.81
C LEU X 300 -44.88 55.83 48.09
N ALA X 301 -44.09 56.14 49.13
CA ALA X 301 -44.18 55.37 50.37
C ALA X 301 -45.58 55.43 50.99
N ALA X 302 -46.32 56.51 50.72
CA ALA X 302 -47.63 56.72 51.32
C ALA X 302 -48.78 56.09 50.53
N MET X 303 -48.51 55.53 49.36
CA MET X 303 -49.59 55.01 48.52
C MET X 303 -50.23 53.77 49.12
C1 SLB Y . 38.40 59.07 -21.58
C2 SLB Y . 39.24 59.25 -20.33
C3 SLB Y . 40.70 59.49 -20.73
C4 SLB Y . 41.61 59.39 -19.50
C5 SLB Y . 41.38 58.04 -18.82
C6 SLB Y . 39.90 57.89 -18.47
C7 SLB Y . 39.69 56.47 -17.98
C8 SLB Y . 38.31 56.19 -17.39
C9 SLB Y . 38.56 55.23 -16.23
C10 SLB Y . 43.42 57.16 -17.62
C11 SLB Y . 44.28 57.09 -16.35
N5 SLB Y . 42.21 57.97 -17.62
O1A SLB Y . 38.54 58.04 -22.29
O1B SLB Y . 37.54 59.93 -21.89
O4 SLB Y . 42.95 59.49 -19.89
O6 SLB Y . 39.11 58.06 -19.61
O7 SLB Y . 39.90 55.61 -19.08
O8 SLB Y . 37.72 57.37 -16.95
O9 SLB Y . 37.39 54.93 -15.55
O10 SLB Y . 43.73 56.55 -18.58
H32 SLB Y . 40.99 58.74 -21.46
H31 SLB Y . 40.79 60.48 -21.16
H4 SLB Y . 41.38 60.20 -18.82
H5 SLB Y . 41.66 57.23 -19.49
H6 SLB Y . 39.63 58.65 -17.73
H7 SLB Y . 40.38 56.31 -17.17
H8 SLB Y . 37.63 55.77 -18.12
H92 SLB Y . 39.26 55.71 -15.54
H91 SLB Y . 39.01 54.32 -16.61
H111 SLB Y . 45.01 56.29 -16.46
H113 SLB Y . 44.80 58.03 -16.23
H112 SLB Y . 43.65 56.91 -15.49
HN5 SLB Y . 41.94 58.48 -16.79
HO4 SLB Y . 43.48 59.70 -19.13
HO7 SLB Y . 39.34 55.88 -19.79
HO8 SLB Y . 38.15 57.63 -16.16
HO9 SLB Y . 36.95 55.73 -15.33
C1 SLB Z . 58.33 9.41 19.40
C2 SLB Z . 56.81 9.47 19.50
C3 SLB Z . 56.36 9.05 20.90
C4 SLB Z . 54.85 8.83 20.96
C5 SLB Z . 54.44 7.83 19.88
C6 SLB Z . 54.87 8.42 18.55
C7 SLB Z . 54.54 7.47 17.41
C8 SLB Z . 55.16 8.03 16.13
C9 SLB Z . 54.60 7.33 14.90
C10 SLB Z . 52.42 6.48 20.49
C11 SLB Z . 50.90 6.30 20.52
N5 SLB Z . 53.00 7.67 19.90
O1A SLB Z . 58.93 8.31 19.46
O1B SLB Z . 59.00 10.48 19.23
O4 SLB Z . 54.51 8.31 22.21
O6 SLB Z . 56.25 8.64 18.52
O7 SLB Z . 55.13 6.21 17.65
O8 SLB Z . 54.87 9.40 16.04
O9 SLB Z . 53.21 7.54 14.86
O10 SLB Z . 53.14 5.66 20.95
H32 SLB Z . 56.87 8.14 21.17
H31 SLB Z . 56.63 9.83 21.60
H4 SLB Z . 54.34 9.76 20.79
H5 SLB Z . 54.89 6.87 20.06
H6 SLB Z . 54.32 9.35 18.43
H7 SLB Z . 53.47 7.35 17.31
H8 SLB Z . 56.23 7.87 16.17
H92 SLB Z . 54.80 6.27 14.94
H91 SLB Z . 55.05 7.75 14.00
H111 SLB Z . 50.67 5.25 20.34
H113 SLB Z . 50.51 6.60 21.48
H112 SLB Z . 50.45 6.91 19.74
HN5 SLB Z . 52.40 8.39 19.50
HO4 SLB Z . 54.73 8.96 22.87
HO7 SLB Z . 54.49 5.54 17.51
HO8 SLB Z . 53.93 9.51 16.05
HO9 SLB Z . 53.02 8.33 14.38
C1 SLB AA . -34.66 -46.39 19.91
C2 SLB AA . -33.75 -45.62 18.95
C3 SLB AA . -32.52 -46.49 18.68
C4 SLB AA . -31.34 -45.70 18.12
C5 SLB AA . -31.11 -44.45 18.95
C6 SLB AA . -32.40 -43.64 19.03
C7 SLB AA . -32.15 -42.44 19.94
C8 SLB AA . -33.45 -41.76 20.32
C9 SLB AA . -33.21 -40.53 21.20
C10 SLB AA . -28.71 -43.65 18.83
C11 SLB AA . -27.63 -42.84 18.12
N5 SLB AA . -30.07 -43.67 18.30
O1A SLB AA . -34.31 -46.57 21.10
O1B SLB AA . -35.77 -46.84 19.50
O4 SLB AA . -30.17 -46.50 18.13
O6 SLB AA . -33.42 -44.42 19.58
O7 SLB AA . -31.57 -42.88 21.13
O8 SLB AA . -34.13 -41.39 19.15
O9 SLB AA . -32.24 -39.67 20.64
O10 SLB AA . -28.45 -44.26 19.81
H32 SLB AA . -32.21 -46.95 19.61
H31 SLB AA . -32.79 -47.26 17.97
H4 SLB AA . -31.57 -45.41 17.10
H5 SLB AA . -30.81 -44.70 19.96
H6 SLB AA . -32.71 -43.33 18.04
H7 SLB AA . -31.50 -41.76 19.40
H8 SLB AA . -34.05 -42.45 20.90
H92 SLB AA . -32.88 -40.85 22.18
H91 SLB AA . -34.14 -39.98 21.29
H111 SLB AA . -26.90 -42.50 18.84
H113 SLB AA . -27.15 -43.46 17.37
H112 SLB AA . -28.09 -41.98 17.63
HN5 SLB AA . -30.28 -43.14 17.47
HO4 SLB AA . -29.61 -46.24 17.41
HO7 SLB AA . -32.13 -43.54 21.52
HO8 SLB AA . -33.57 -40.84 18.64
HO9 SLB AA . -32.23 -39.79 19.70
C1 GOL BA . -32.33 -18.44 18.34
O1 GOL BA . -32.69 -17.16 18.87
C2 GOL BA . -31.58 -19.24 19.44
O2 GOL BA . -30.29 -18.76 19.65
C3 GOL BA . -32.48 -19.14 20.69
O3 GOL BA . -31.63 -19.22 21.79
H11 GOL BA . -31.75 -18.36 17.56
H12 GOL BA . -33.10 -18.94 18.05
HO1 GOL BA . -33.24 -16.79 18.32
H2 GOL BA . -31.46 -20.16 19.19
HO2 GOL BA . -30.15 -18.75 20.48
H31 GOL BA . -33.13 -19.85 20.66
H32 GOL BA . -32.98 -18.30 20.66
HO3 GOL BA . -32.10 -19.52 22.41
C1 SLB CA . 15.55 -37.08 -3.97
C2 SLB CA . 16.17 -36.25 -5.10
C3 SLB CA . 15.16 -36.20 -6.26
C4 SLB CA . 15.82 -35.78 -7.57
C5 SLB CA . 17.04 -36.64 -7.84
C6 SLB CA . 18.00 -36.52 -6.65
C7 SLB CA . 19.21 -37.44 -6.83
C8 SLB CA . 20.03 -37.41 -5.54
C9 SLB CA . 21.35 -38.16 -5.70
C10 SLB CA . 17.56 -36.77 -10.30
C11 SLB CA . 18.28 -36.20 -11.53
N5 SLB CA . 17.72 -36.12 -9.01
O1A SLB CA . 15.31 -38.31 -4.13
O1B SLB CA . 15.27 -36.53 -2.87
O4 SLB CA . 14.92 -35.98 -8.63
O6 SLB CA . 17.36 -36.89 -5.46
O7 SLB CA . 18.79 -38.76 -7.03
O8 SLB CA . 20.28 -36.09 -5.15
O9 SLB CA . 22.09 -37.61 -6.76
O10 SLB CA . 16.85 -37.72 -10.39
H32 SLB CA . 14.72 -37.18 -6.39
H31 SLB CA . 14.39 -35.47 -6.01
H4 SLB CA . 16.09 -34.74 -7.50
H5 SLB CA . 16.75 -37.67 -7.98
H6 SLB CA . 18.31 -35.49 -6.63
H7 SLB CA . 19.79 -37.10 -7.68
H8 SLB CA . 19.44 -37.91 -4.77
H92 SLB CA . 21.15 -39.21 -5.91
H91 SLB CA . 21.92 -38.08 -4.79
H111 SLB CA . 18.86 -36.98 -11.99
H113 SLB CA . 17.55 -35.82 -12.23
H112 SLB CA . 18.93 -35.39 -11.20
HN5 SLB CA . 18.30 -35.31 -8.93
HO4 SLB CA . 15.28 -36.58 -9.26
HO7 SLB CA . 18.14 -39.00 -6.39
HO8 SLB CA . 20.59 -35.60 -5.89
HO9 SLB CA . 21.84 -36.71 -6.88
C1 GOL DA . 42.72 -34.68 -9.65
O1 GOL DA . 42.66 -33.82 -10.74
C2 GOL DA . 41.83 -35.92 -9.92
O2 GOL DA . 42.33 -36.73 -10.90
C3 GOL DA . 41.82 -36.57 -8.52
O3 GOL DA . 41.17 -37.79 -8.62
H11 GOL DA . 42.41 -34.25 -8.83
H12 GOL DA . 43.63 -34.98 -9.47
HO1 GOL DA . 42.85 -34.28 -11.41
H2 GOL DA . 40.95 -35.69 -10.25
HO2 GOL DA . 41.99 -37.49 -10.76
H31 GOL DA . 41.40 -35.96 -7.90
H32 GOL DA . 42.74 -36.66 -8.21
HO3 GOL DA . 41.31 -38.20 -7.89
C1 SLB EA . 8.75 -2.22 44.63
C2 SLB EA . 7.30 -1.76 44.65
C3 SLB EA . 7.29 -0.27 44.29
C4 SLB EA . 5.92 0.36 44.56
C5 SLB EA . 5.47 0.06 45.97
C6 SLB EA . 5.49 -1.45 46.19
C7 SLB EA . 5.11 -1.77 47.64
C8 SLB EA . 5.32 -3.27 47.86
C9 SLB EA . 4.77 -3.69 49.23
C10 SLB EA . 3.85 1.84 46.76
C11 SLB EA . 2.42 2.34 46.90
N5 SLB EA . 4.11 0.55 46.13
O1A SLB EA . 9.55 -1.82 45.51
O1B SLB EA . 9.15 -3.01 43.75
O4 SLB EA . 6.02 1.75 44.38
O6 SLB EA . 6.77 -1.96 45.94
O7 SLB EA . 5.93 -1.06 48.52
O8 SLB EA . 4.67 -3.99 46.86
O9 SLB EA . 3.45 -3.26 49.39
O10 SLB EA . 4.76 2.50 47.15
H32 SLB EA . 8.04 0.24 44.90
H31 SLB EA . 7.54 -0.15 43.24
H4 SLB EA . 5.21 -0.06 43.86
H5 SLB EA . 6.12 0.54 46.70
H6 SLB EA . 4.77 -1.90 45.52
H7 SLB EA . 4.08 -1.49 47.81
H8 SLB EA . 6.39 -3.48 47.85
H92 SLB EA . 5.39 -3.26 50.02
H91 SLB EA . 4.81 -4.78 49.30
H111 SLB EA . 2.37 3.09 47.69
H113 SLB EA . 2.09 2.78 45.96
H112 SLB EA . 1.77 1.51 47.16
HN5 SLB EA . 3.34 0.00 45.80
HO4 SLB EA . 5.89 2.18 45.22
HO7 SLB EA . 5.40 -0.53 49.09
HO8 SLB EA . 3.74 -3.81 46.89
HO9 SLB EA . 2.93 -3.61 48.69
C1 SLB FA . 24.13 7.63 -21.29
C2 SLB FA . 24.58 6.18 -21.52
C3 SLB FA . 25.81 5.89 -20.65
C4 SLB FA . 26.43 4.55 -21.03
C5 SLB FA . 26.78 4.55 -22.51
C6 SLB FA . 25.51 4.83 -23.30
C7 SLB FA . 25.75 4.97 -24.80
C8 SLB FA . 24.47 5.42 -25.49
C9 SLB FA . 24.61 5.33 -27.01
C10 SLB FA . 28.67 3.01 -23.12
C11 SLB FA . 29.16 1.61 -23.54
N5 SLB FA . 27.25 3.23 -22.91
O1A SLB FA . 24.97 8.57 -21.27
O1B SLB FA . 22.91 7.89 -21.13
O4 SLB FA . 27.62 4.35 -20.31
O6 SLB FA . 24.90 6.05 -22.88
O7 SLB FA . 26.72 5.96 -25.03
O8 SLB FA . 23.39 4.64 -25.09
O9 SLB FA . 25.08 4.07 -27.38
O10 SLB FA . 29.43 3.89 -22.96
H32 SLB FA . 26.55 6.68 -20.80
H31 SLB FA . 25.51 5.86 -19.61
H4 SLB FA . 25.72 3.76 -20.81
H5 SLB FA . 27.54 5.29 -22.71
H6 SLB FA . 24.85 4.00 -23.11
H7 SLB FA . 26.08 4.00 -25.17
H8 SLB FA . 24.30 6.46 -25.21
H92 SLB FA . 25.31 6.09 -27.35
H91 SLB FA . 23.64 5.51 -27.47
H111 SLB FA . 29.88 1.71 -24.34
H113 SLB FA . 29.63 1.12 -22.69
H112 SLB FA . 28.31 1.02 -23.88
HN5 SLB FA . 26.59 2.49 -23.03
HO4 SLB FA . 27.40 4.02 -19.44
HO7 SLB FA . 26.62 6.65 -24.40
HO8 SLB FA . 23.49 3.78 -25.45
HO9 SLB FA . 24.43 3.42 -27.17
C1 SLB GA . -30.61 0.23 12.16
C2 SLB GA . -30.21 0.39 13.63
C3 SLB GA . -30.47 -0.95 14.33
C4 SLB GA . -30.55 -0.81 15.85
C5 SLB GA . -31.56 0.26 16.21
C6 SLB GA . -31.15 1.57 15.52
C7 SLB GA . -32.23 2.61 15.77
C8 SLB GA . -31.99 3.85 14.91
C9 SLB GA . -32.97 4.97 15.25
C10 SLB GA . -32.62 -0.14 18.45
C11 SLB GA . -32.61 0.05 19.97
N5 SLB GA . -31.56 0.45 17.65
O1A SLB GA . -31.79 -0.12 11.86
O1B SLB GA . -29.78 0.46 11.25
O4 SLB GA . -30.93 -2.03 16.40
O6 SLB GA . -31.03 1.41 14.13
O7 SLB GA . -33.48 2.10 15.40
O8 SLB GA . -30.67 4.29 15.12
O9 SLB GA . -32.93 5.25 16.63
O10 SLB GA . -33.48 -0.77 17.94
H32 SLB GA . -31.42 -1.36 13.97
H31 SLB GA . -29.67 -1.63 14.09
H4 SLB GA . -29.58 -0.52 16.24
H5 SLB GA . -32.55 -0.02 15.88
H6 SLB GA . -30.19 1.85 15.92
H7 SLB GA . -32.21 2.88 16.81
H8 SLB GA . -32.14 3.60 13.87
H92 SLB GA . -33.97 4.66 15.00
H91 SLB GA . -32.71 5.86 14.70
H111 SLB GA . -31.90 0.83 20.24
H113 SLB GA . -33.59 0.33 20.31
H112 SLB GA . -32.30 -0.88 20.45
HN5 SLB GA . -30.83 0.98 18.09
HO4 SLB GA . -30.23 -2.65 16.33
HO7 SLB GA . -33.43 1.79 14.51
HO8 SLB GA . -30.59 4.61 16.00
HO9 SLB GA . -32.05 5.51 16.87
C1 SLB HA . 21.14 39.76 26.31
C2 SLB HA . 21.38 38.32 25.84
C3 SLB HA . 21.64 38.33 24.33
C4 SLB HA . 21.62 36.92 23.75
C5 SLB HA . 20.32 36.22 24.13
C6 SLB HA . 20.16 36.25 25.65
C7 SLB HA . 18.83 35.66 26.10
C8 SLB HA . 18.68 35.86 27.61
C9 SLB HA . 17.46 35.12 28.15
C10 SLB HA . 19.66 34.36 22.56
C11 SLB HA . 19.75 32.89 22.14
N5 SLB HA . 20.39 34.82 23.72
O1A SLB HA . 20.27 40.47 25.76
O1B SLB HA . 21.82 40.22 27.26
O4 SLB HA . 21.69 36.95 22.35
O6 SLB HA . 20.22 37.58 26.11
O7 SLB HA . 17.77 36.33 25.47
O8 SLB HA . 19.82 35.40 28.27
O9 SLB HA . 17.50 33.78 27.73
O10 SLB HA . 19.00 35.12 21.93
H32 SLB HA . 20.87 38.92 23.84
H31 SLB HA . 22.61 38.77 24.14
H4 SLB HA . 22.47 36.37 24.15
H5 SLB HA . 19.49 36.72 23.66
H6 SLB HA . 20.97 35.66 26.06
H7 SLB HA . 18.81 34.61 25.85
H8 SLB HA . 18.55 36.92 27.79
H92 SLB HA . 16.56 35.58 27.78
H91 SLB HA . 17.46 35.14 29.24
H111 SLB HA . 18.80 32.56 21.72
H113 SLB HA . 20.53 32.77 21.39
H112 SLB HA . 19.99 32.28 23.01
HN5 SLB HA . 20.95 34.18 24.24
HO4 SLB HA . 20.89 36.61 21.98
HO7 SLB HA . 17.95 37.26 25.47
HO8 SLB HA . 19.87 34.46 28.20
HO9 SLB HA . 18.21 33.33 28.18
C1 SLB IA . -24.87 -36.69 -29.74
C2 SLB IA . -24.54 -36.11 -28.37
C3 SLB IA . -25.51 -34.95 -28.12
C4 SLB IA . -25.08 -34.10 -26.93
C5 SLB IA . -23.62 -33.68 -27.06
C6 SLB IA . -22.75 -34.91 -27.31
C7 SLB IA . -21.31 -34.48 -27.59
C8 SLB IA . -20.47 -35.68 -27.98
C9 SLB IA . -18.99 -35.28 -28.05
C10 SLB IA . -23.19 -31.62 -25.65
C11 SLB IA . -22.78 -31.01 -24.31
N5 SLB IA . -23.22 -33.06 -25.81
O1A SLB IA . -24.84 -35.96 -30.77
O1B SLB IA . -25.16 -37.90 -29.85
O4 SLB IA . -25.90 -32.96 -26.86
O6 SLB IA . -23.22 -35.62 -28.42
O7 SLB IA . -21.31 -33.57 -28.65
O8 SLB IA . -20.64 -36.69 -27.03
O9 SLB IA . -18.59 -34.70 -26.85
O10 SLB IA . -23.49 -30.91 -26.56
H32 SLB IA . -25.55 -34.33 -29.01
H31 SLB IA . -26.50 -35.37 -27.92
H4 SLB IA . -25.17 -34.68 -26.02
H5 SLB IA . -23.49 -32.98 -27.89
H6 SLB IA . -22.80 -35.54 -26.43
H7 SLB IA . -20.91 -34.02 -26.69
H8 SLB IA . -20.78 -36.03 -28.96
H92 SLB IA . -18.85 -34.57 -28.86
H91 SLB IA . -18.39 -36.16 -28.24
H111 SLB IA . -22.10 -30.18 -24.49
H113 SLB IA . -23.66 -30.66 -23.79
H112 SLB IA . -22.27 -31.77 -23.71
HN5 SLB IA . -22.97 -33.64 -25.03
HO4 SLB IA . -25.79 -32.54 -26.03
HO7 SLB IA . -21.90 -33.87 -29.33
HO8 SLB IA . -20.41 -36.35 -26.18
HO9 SLB IA . -18.55 -35.37 -26.17
C1 GOL JA . 0.54 -33.94 -19.16
O1 GOL JA . 0.82 -34.24 -20.49
C2 GOL JA . 0.00 -35.20 -18.43
O2 GOL JA . 0.75 -36.29 -18.72
C3 GOL JA . 0.06 -34.75 -16.95
O3 GOL JA . 0.25 -35.90 -16.20
H11 GOL JA . 1.32 -33.61 -18.68
H12 GOL JA . -0.14 -33.23 -19.08
HO1 GOL JA . 1.30 -33.58 -20.79
H2 GOL JA . -0.89 -35.46 -18.68
HO2 GOL JA . 0.91 -36.24 -19.55
H31 GOL JA . -0.76 -34.29 -16.73
H32 GOL JA . 0.76 -34.10 -16.85
HO3 GOL JA . 0.31 -36.53 -16.78
C1 SLB KA . 17.37 -21.67 -58.06
C2 SLB KA . 18.05 -20.56 -58.85
C3 SLB KA . 18.23 -19.35 -57.93
C4 SLB KA . 18.64 -18.11 -58.72
C5 SLB KA . 17.68 -17.91 -59.90
C6 SLB KA . 17.56 -19.19 -60.71
C7 SLB KA . 16.47 -18.99 -61.76
C8 SLB KA . 16.32 -20.17 -62.72
C9 SLB KA . 15.73 -19.60 -64.02
C10 SLB KA . 17.41 -15.55 -60.81
C11 SLB KA . 17.93 -14.41 -61.68
N5 SLB KA . 18.16 -16.79 -60.72
O1A SLB KA . 16.18 -21.50 -57.67
O1B SLB KA . 17.99 -22.74 -57.81
O4 SLB KA . 18.60 -16.95 -57.94
O6 SLB KA . 17.18 -20.25 -59.89
O7 SLB KA . 15.22 -18.81 -61.11
O8 SLB KA . 17.58 -20.73 -62.97
O9 SLB KA . 15.78 -20.53 -65.06
O10 SLB KA . 16.38 -15.41 -60.21
H32 SLB KA . 17.29 -19.15 -57.42
H31 SLB KA . 18.99 -19.57 -57.18
H4 SLB KA . 19.65 -18.28 -59.07
H5 SLB KA . 16.70 -17.65 -59.52
H6 SLB KA . 18.51 -19.41 -61.17
H7 SLB KA . 16.75 -18.13 -62.34
H8 SLB KA . 15.68 -20.94 -62.32
H92 SLB KA . 16.28 -18.71 -64.30
H91 SLB KA . 14.69 -19.33 -63.84
H111 SLB KA . 17.10 -13.84 -62.06
H113 SLB KA . 18.57 -13.77 -61.08
H112 SLB KA . 18.50 -14.82 -62.51
HN5 SLB KA . 19.01 -16.89 -61.23
HO4 SLB KA . 19.15 -16.27 -58.34
HO7 SLB KA . 15.05 -19.53 -60.52
HO8 SLB KA . 18.11 -20.09 -63.40
HO9 SLB KA . 16.61 -20.47 -65.50
C1 GOL LA . 34.89 -43.89 -52.99
O1 GOL LA . 34.86 -42.57 -53.43
C2 GOL LA . 36.25 -44.48 -53.41
O2 GOL LA . 37.32 -43.76 -52.90
C3 GOL LA . 36.25 -44.44 -54.94
O3 GOL LA . 37.19 -45.37 -55.35
H11 GOL LA . 34.18 -44.43 -53.38
H12 GOL LA . 34.80 -43.97 -52.04
HO1 GOL LA . 35.56 -42.20 -53.15
H2 GOL LA . 36.33 -45.37 -53.06
HO2 GOL LA . 38.00 -43.94 -53.38
H31 GOL LA . 36.45 -43.53 -55.23
H32 GOL LA . 35.36 -44.62 -55.25
HO3 GOL LA . 37.17 -45.38 -56.20
C1 GOL MA . 4.72 -32.27 -73.03
O1 GOL MA . 5.13 -33.07 -71.97
C2 GOL MA . 4.08 -33.17 -74.11
O2 GOL MA . 3.53 -32.37 -75.11
C3 GOL MA . 5.22 -34.07 -74.58
O3 GOL MA . 4.80 -34.64 -75.76
H11 GOL MA . 5.45 -31.78 -73.42
H12 GOL MA . 4.07 -31.60 -72.76
HO1 GOL MA . 4.45 -33.19 -71.50
H2 GOL MA . 3.36 -33.71 -73.79
HO2 GOL MA . 3.66 -32.74 -75.84
H31 GOL MA . 5.41 -34.71 -73.88
H32 GOL MA . 6.02 -33.54 -74.67
HO3 GOL MA . 5.42 -35.15 -76.01
C1 GOL NA . 8.06 1.30 -53.45
O1 GOL NA . 7.69 1.18 -52.10
C2 GOL NA . 8.42 -0.10 -53.99
O2 GOL NA . 8.58 -0.06 -55.36
C3 GOL NA . 9.68 -0.48 -53.23
O3 GOL NA . 10.28 -1.50 -53.97
H11 GOL NA . 8.83 1.88 -53.57
H12 GOL NA . 7.36 1.68 -54.00
HO1 GOL NA . 7.48 1.97 -51.84
H2 GOL NA . 7.72 -0.75 -53.82
HO2 GOL NA . 9.18 -0.62 -55.57
H31 GOL NA . 9.44 -0.75 -52.32
H32 GOL NA . 10.24 0.30 -53.12
HO3 GOL NA . 10.93 -1.78 -53.50
C1 SLB OA . -64.29 -9.31 -27.20
C2 SLB OA . -64.12 -10.81 -27.37
C3 SLB OA . -65.40 -11.53 -26.94
C4 SLB OA . -65.18 -13.05 -26.82
C5 SLB OA . -63.96 -13.32 -25.95
C6 SLB OA . -62.77 -12.55 -26.49
C7 SLB OA . -61.55 -12.72 -25.59
C8 SLB OA . -60.27 -12.12 -26.19
C9 SLB OA . -59.10 -12.73 -25.42
C10 SLB OA . -64.19 -15.63 -24.96
C11 SLB OA . -63.87 -17.12 -25.01
N5 SLB OA . -63.66 -14.75 -25.99
O1A SLB OA . -64.53 -8.80 -26.07
O1B SLB OA . -64.18 -8.55 -28.21
O4 SLB OA . -66.31 -13.66 -26.24
O6 SLB OA . -63.06 -11.19 -26.54
O7 SLB OA . -61.80 -12.09 -24.36
O8 SLB OA . -60.18 -12.46 -27.55
O9 SLB OA . -57.95 -11.92 -25.50
O10 SLB OA . -64.86 -15.19 -24.09
H32 SLB OA . -65.71 -11.15 -25.98
H31 SLB OA . -66.17 -11.35 -27.69
H4 SLB OA . -65.03 -13.45 -27.81
H5 SLB OA . -64.15 -13.02 -24.93
H6 SLB OA . -62.55 -12.93 -27.49
H7 SLB OA . -61.39 -13.79 -25.48
H8 SLB OA . -60.28 -11.04 -26.12
H92 SLB OA . -58.86 -13.70 -25.85
H91 SLB OA . -59.38 -12.84 -24.38
H111 SLB OA . -63.34 -17.42 -24.10
H113 SLB OA . -64.79 -17.70 -25.08
H112 SLB OA . -63.24 -17.34 -25.87
HN5 SLB OA . -63.10 -15.13 -26.72
HO4 SLB OA . -66.04 -14.10 -25.44
HO7 SLB OA . -62.22 -11.26 -24.51
HO8 SLB OA . -60.44 -13.36 -27.66
HO9 SLB OA . -57.60 -11.93 -26.38
C1 SLB PA . -30.04 38.89 40.15
C2 SLB PA . -31.49 39.10 39.72
C3 SLB PA . -31.82 38.07 38.63
C4 SLB PA . -33.18 38.38 38.01
C5 SLB PA . -33.18 39.82 37.48
C6 SLB PA . -32.82 40.77 38.62
C7 SLB PA . -32.68 42.20 38.10
C8 SLB PA . -32.29 43.13 39.25
C9 SLB PA . -32.49 44.60 38.89
C10 SLB PA . -34.77 40.21 35.58
C11 SLB PA . -36.18 40.56 35.08
N5 SLB PA . -34.51 40.14 37.00
O1A SLB PA . -29.11 38.87 39.30
O1B SLB PA . -29.77 38.74 41.37
O4 SLB PA . -33.42 37.53 36.93
O6 SLB PA . -31.61 40.41 39.22
O7 SLB PA . -31.66 42.27 37.14
O8 SLB PA . -33.08 42.82 40.36
O9 SLB PA . -33.78 44.81 38.39
O10 SLB PA . -33.90 40.00 34.80
H32 SLB PA . -31.06 38.10 37.86
H31 SLB PA . -31.85 37.09 39.08
H4 SLB PA . -33.94 38.25 38.76
H5 SLB PA . -32.45 39.90 36.68
H6 SLB PA . -33.62 40.71 39.34
H7 SLB PA . -33.63 42.49 37.66
H8 SLB PA . -31.25 42.97 39.46
H92 SLB PA . -31.77 44.88 38.13
H91 SLB PA . -32.33 45.21 39.77
H111 SLB PA . -36.11 41.22 34.22
H113 SLB PA . -36.70 39.65 34.80
H112 SLB PA . -36.72 41.06 35.87
HN5 SLB PA . -35.24 40.32 37.65
HO4 SLB PA . -34.31 37.65 36.61
HO7 SLB PA . -30.92 41.75 37.44
HO8 SLB PA . -33.98 42.89 40.14
HO9 SLB PA . -34.38 44.88 39.12
#